data_9H7V
#
_entry.id   9H7V
#
_cell.length_a   1.00
_cell.length_b   1.00
_cell.length_c   1.00
_cell.angle_alpha   90.00
_cell.angle_beta   90.00
_cell.angle_gamma   90.00
#
_symmetry.space_group_name_H-M   'P 1'
#
loop_
_entity.id
_entity.type
_entity.pdbx_description
1 polymer 'Tail tube protein'
2 polymer 'Baseplate to tube adapter protein gp41'
3 polymer 'Baseplate hub'
4 polymer 'Tail fiber protein gp42'
5 polymer 'Phate tail tape measure protein'
6 non-polymer 'MAGNESIUM ION'
7 non-polymer 'POTASSIUM ION'
8 non-polymer 'ZINC ION'
#
loop_
_entity_poly.entity_id
_entity_poly.type
_entity_poly.pdbx_seq_one_letter_code
_entity_poly.pdbx_strand_id
1 'polypeptide(L)'
;MATSPEGIWSNSGALTFEDPADDSEILFAGVRDVTITPAYEHAELYTIDSTFRDEVKRYEHNVNVEITYAKFSLEFAQEW
LGGPGATATASQDDSDPMKFNLENVTPSASGGFERTTAVENVVFPELPLDSATYGEYEEYSLTGSGRSVTNLADTSGV
;
B1,B2,B3,B4,B5,B6
2 'polypeptide(L)'
;MVDATLSRGGTSVDIPLVEEGGEILLSSTFGKPEVNVRKSGGSLNPRVIDSWSGLQTFQLVGKLYDYSTSHQLADLVKTA
STTPLELQIPQDAYPDTVTVAPAAGQASALTLEYPAGRKDLVDVSLSLTRVDPNSVRGVGDQQATTPTTTGTGPVEVTAG
GTTVQLPSSGLSVERTVGRPNDAVRRVPRQADPRYEVKAKVTNDVFTFSFETLDNIPATLNALTDNVFREQLGRDGVTLD
FNGLLGLGSVKAIPVGSSPFRQVHQAGRGWVTVPTLEFRRIYSNE
;
BA,BB,BC
3 'polypeptide(L)'
;MPQLGDSKLGESQLGSPGTLKQGVEWTVVVDGEEQNNVWDVQVVDTANPFGDYAVFKMDDRGGQAFEAYPRGTRVEAYVS
EGTEPLDNRFTGYVVERRENEQQGADVLEVEAYSFDQFLRRNTVTNDQTGNTISQALADIIQTDTPVRFNAANITVGDDQ
ELTRSYQGDPVENALRDFAFKSTNEDFGVGDDLEFFFQPRETVHIDRGVDNTQWFRYDIPELGKEAINEVEVWFDDGEES
VIVDDGTDKLDLQDSLGLPSPGTQRKELQRPLVTDISDAEDIGRKYLAFRNSTLSGTVTTYGLYDAEPGDTIDITIDPRG
IDEEFVIAAIEYRWGVDETILTVVEKRGDVDDILSELSESVQRIEMQGANRDAPKNRITTTNAAAIVSVDVDAGGTSADA
DRFVNDGRNAVRDAWTGAGNPDIANIVVGDDNSGLSRTNTTLGNQTDSVSVTESLPSAKVVEYSATLTQSGVEEIGLETS
TGTLLTRATFETPVDLSSDTVTVTLTVSNDDSVSRGVMTNDGQTAVRDVLADNSPTLPTDYGYGDDSTAVAETDTTLGNE
LANTSLEEILIQSASSVSAWNTILGTLASTYPLVVSSSGIRPAQTAWTTESDNLAQSGTALVTVGDYSNGEAEGLDSPGD
TLELSFTPEHDIPGEEFALWCRIETDLGGTDPGPEITVTLDIDGDTYSWVPIGTNTALGLNWYDLANNTFGGSSTYPDTD
IPEGSTVTLSIEATSSSVSGQGHAVDVMAPLDALTRVTGGSDATSAYTFDNNNGGSGGYLDGPELYPDQLILSLETATTR
RNVSEARFTLTANDTSGNFYVELANDGSTFNRVNNATSGSVTFASPDTNVDTNISLNRYGSRSTATPQTGFNAQEIDNWE
LYADIDAVLPDDIGVTLSRAIIPPNTSGIVGQTVREAGLKSGSTLLTRHILAEFLLDTDQRLASSESTRFTSDN
;
BD,BE,BF
4 'polypeptide(L)'
;MADTTIIDAVVFPQDDGTGVSNGDEDYDSAGYLASLARYAGDGSYVGGDSTGSPTLQFANIDTANEEVDIQPGHAFILES
GHIVQSGSQKTYDTNLPDSVPYVVILPSSVTNVPLDTDVDNDVWLAVDPTSNDSVYIRSGNGLSAPSDPSVKLGTVNSST
GSTTRPNDLADHSVDALNATTIDASDTVTGDTVDATTTLTDAAGVSHTGELEDINHGSKHEDGGSDEISVGGLSGDLADP
QDPKAHAASHSADSADEISVENLSTTGSADTVPISQGDGTLSMGS
;
BG,BH,BI,BJ,BK,BL,BM,BN,BO
5 'polypeptide(L)'
;MVAIRSEGVSETQQNLEGVENAMEDTADSAGDSAAELETFSKRFKGAMGAAVSALAIGTAGLLSQVPVVGEAMGGLGAII
DALTMKIDEDARPAVGSFTDDLYEVAEATYEADSSLEAFQTALDGVNTAIDDVAVSTLQTEIEELTGITIPKNWLDFGWD
IMTLDARQTMDNIETIINEFPEDFGTMLKSIDPRAKKGWDILTKSADMFINDLTSRIDSGVNDVRGFFTGLASDLNEWGG
NVASDAREWGTNLIDKFTGGIRSKISGLRNWLSELRNIGAEVGIDVPTIGGGGDGGGGGGNSSRQPFAGGFFGGGNATID
GRQISESTGRYRSDPSRRRGI
;
QE,QF,QG,QH,QI,QJ
#
loop_
_chem_comp.id
_chem_comp.type
_chem_comp.name
_chem_comp.formula
K non-polymer 'POTASSIUM ION' 'K 1'
MG non-polymer 'MAGNESIUM ION' 'Mg 2'
ZN non-polymer 'ZINC ION' 'Zn 2'
#
# COMPACT_ATOMS: atom_id res chain seq x y z
N ALA A 2 -86.79 -12.55 29.23
CA ALA A 2 -85.60 -12.98 30.03
C ALA A 2 -86.01 -13.33 31.45
N THR A 3 -85.20 -14.16 32.12
CA THR A 3 -85.44 -14.60 33.49
C THR A 3 -85.05 -13.48 34.45
N SER A 4 -85.88 -13.27 35.48
CA SER A 4 -85.62 -12.30 36.53
C SER A 4 -84.38 -12.70 37.32
N PRO A 5 -83.51 -11.75 37.75
CA PRO A 5 -82.44 -12.06 38.70
C PRO A 5 -83.05 -12.49 40.04
N GLU A 6 -82.41 -13.48 40.68
CA GLU A 6 -82.93 -14.13 41.86
C GLU A 6 -81.77 -14.51 42.78
N GLY A 7 -82.05 -14.58 44.09
CA GLY A 7 -81.07 -15.03 45.07
C GLY A 7 -80.69 -16.50 44.86
N ILE A 8 -79.43 -16.82 45.16
CA ILE A 8 -78.97 -18.20 45.17
C ILE A 8 -78.39 -18.50 46.55
N TRP A 9 -78.85 -19.62 47.12
CA TRP A 9 -78.48 -20.11 48.45
C TRP A 9 -77.38 -21.15 48.30
N SER A 10 -76.28 -20.95 49.05
CA SER A 10 -75.04 -21.69 48.87
C SER A 10 -75.21 -23.17 49.16
N ASN A 11 -76.08 -23.49 50.13
CA ASN A 11 -76.24 -24.83 50.65
C ASN A 11 -77.05 -25.71 49.69
N SER A 12 -77.55 -25.12 48.59
CA SER A 12 -78.38 -25.82 47.63
C SER A 12 -77.55 -26.44 46.50
N GLY A 13 -76.25 -26.12 46.45
CA GLY A 13 -75.39 -26.47 45.34
C GLY A 13 -74.88 -27.92 45.39
N ALA A 14 -75.05 -28.63 44.26
CA ALA A 14 -74.50 -29.96 44.08
C ALA A 14 -73.30 -29.89 43.13
N LEU A 15 -72.11 -30.19 43.67
CA LEU A 15 -70.87 -30.17 42.91
C LEU A 15 -70.43 -31.59 42.58
N THR A 16 -70.14 -31.81 41.29
CA THR A 16 -69.64 -33.10 40.81
C THR A 16 -68.34 -32.91 40.02
N PHE A 17 -67.42 -33.85 40.21
CA PHE A 17 -66.17 -33.93 39.47
C PHE A 17 -66.20 -35.16 38.57
N GLU A 18 -65.74 -35.00 37.33
CA GLU A 18 -65.71 -36.07 36.35
C GLU A 18 -64.32 -36.16 35.71
N ASP A 19 -63.91 -37.40 35.39
CA ASP A 19 -62.74 -37.66 34.57
C ASP A 19 -63.08 -37.29 33.12
N PRO A 20 -62.31 -36.38 32.47
CA PRO A 20 -62.56 -36.02 31.07
C PRO A 20 -62.42 -37.15 30.04
N ALA A 21 -61.81 -38.28 30.45
CA ALA A 21 -61.62 -39.42 29.57
C ALA A 21 -62.92 -40.22 29.42
N ASP A 22 -63.60 -40.47 30.54
CA ASP A 22 -64.74 -41.39 30.61
C ASP A 22 -66.06 -40.65 30.71
N ASP A 23 -66.03 -39.43 31.27
CA ASP A 23 -67.17 -38.74 31.86
C ASP A 23 -67.69 -39.53 33.07
N SER A 24 -66.76 -40.13 33.84
CA SER A 24 -67.10 -40.91 35.02
C SER A 24 -66.87 -40.09 36.29
N GLU A 25 -67.71 -40.30 37.30
CA GLU A 25 -67.69 -39.48 38.52
C GLU A 25 -66.49 -39.84 39.38
N ILE A 26 -65.78 -38.80 39.82
CA ILE A 26 -64.77 -38.86 40.85
C ILE A 26 -65.42 -38.38 42.15
N LEU A 27 -65.51 -39.29 43.13
CA LEU A 27 -66.30 -39.09 44.32
C LEU A 27 -65.76 -37.92 45.13
N PHE A 28 -66.65 -36.96 45.41
CA PHE A 28 -66.34 -35.71 46.07
C PHE A 28 -67.59 -35.28 46.82
N ALA A 29 -67.41 -34.78 48.06
CA ALA A 29 -68.52 -34.40 48.91
C ALA A 29 -68.05 -33.41 49.97
N GLY A 30 -69.03 -32.84 50.69
CA GLY A 30 -68.79 -32.04 51.89
C GLY A 30 -68.15 -30.69 51.59
N VAL A 31 -68.65 -30.02 50.54
CA VAL A 31 -68.24 -28.66 50.20
C VAL A 31 -68.78 -27.69 51.24
N ARG A 32 -68.03 -26.61 51.46
CA ARG A 32 -68.41 -25.53 52.37
C ARG A 32 -68.34 -24.20 51.64
N ASP A 33 -67.32 -24.03 50.80
CA ASP A 33 -67.18 -22.86 49.93
C ASP A 33 -66.82 -23.31 48.52
N VAL A 34 -67.41 -22.64 47.52
CA VAL A 34 -67.10 -22.84 46.10
C VAL A 34 -67.08 -21.46 45.42
N THR A 35 -65.94 -21.13 44.80
CA THR A 35 -65.82 -19.96 43.93
C THR A 35 -65.43 -20.41 42.52
N ILE A 36 -66.26 -20.06 41.54
CA ILE A 36 -65.95 -20.23 40.14
C ILE A 36 -65.97 -18.85 39.47
N THR A 37 -64.82 -18.46 38.89
CA THR A 37 -64.65 -17.15 38.28
C THR A 37 -63.94 -17.30 36.93
N PRO A 38 -64.67 -17.23 35.78
CA PRO A 38 -64.04 -16.95 34.50
C PRO A 38 -63.43 -15.55 34.46
N ALA A 39 -62.16 -15.51 34.01
CA ALA A 39 -61.34 -14.30 34.03
C ALA A 39 -60.54 -14.20 32.74
N TYR A 40 -60.51 -12.98 32.20
CA TYR A 40 -59.57 -12.60 31.16
C TYR A 40 -58.71 -11.45 31.67
N GLU A 41 -57.48 -11.36 31.14
CA GLU A 41 -56.66 -10.17 31.30
C GLU A 41 -57.16 -9.12 30.31
N HIS A 42 -57.20 -7.86 30.75
CA HIS A 42 -57.64 -6.75 29.92
C HIS A 42 -56.47 -5.85 29.56
N ALA A 43 -56.27 -5.65 28.25
CA ALA A 43 -55.35 -4.65 27.75
C ALA A 43 -56.14 -3.39 27.37
N GLU A 44 -55.87 -2.30 28.08
CA GLU A 44 -56.51 -1.02 27.85
C GLU A 44 -55.56 -0.12 27.05
N LEU A 45 -56.04 0.34 25.88
CA LEU A 45 -55.20 0.98 24.90
C LEU A 45 -55.66 2.43 24.65
N TYR A 46 -54.68 3.32 24.45
CA TYR A 46 -54.89 4.76 24.33
C TYR A 46 -54.26 5.27 23.03
N THR A 47 -54.70 6.45 22.54
CA THR A 47 -54.15 7.06 21.33
C THR A 47 -53.20 8.21 21.70
N ILE A 48 -52.64 8.88 20.68
CA ILE A 48 -51.59 9.89 20.86
C ILE A 48 -52.14 11.22 21.37
N ASP A 49 -53.41 11.54 21.08
CA ASP A 49 -53.90 12.90 21.28
C ASP A 49 -55.12 12.93 22.20
N SER A 50 -55.22 11.95 23.09
CA SER A 50 -56.40 11.79 23.94
C SER A 50 -56.03 11.14 25.27
N THR A 51 -56.69 11.59 26.33
CA THR A 51 -56.59 11.00 27.66
C THR A 51 -57.51 9.78 27.77
N PHE A 52 -58.45 9.66 26.82
CA PHE A 52 -59.49 8.64 26.85
C PHE A 52 -59.01 7.37 26.16
N ARG A 53 -59.61 6.24 26.57
CA ARG A 53 -59.29 4.90 26.13
C ARG A 53 -59.85 4.69 24.72
N ASP A 54 -58.99 4.18 23.82
CA ASP A 54 -59.37 3.89 22.44
C ASP A 54 -60.10 2.56 22.39
N GLU A 55 -59.45 1.51 22.91
CA GLU A 55 -59.98 0.16 22.90
C GLU A 55 -59.60 -0.56 24.20
N VAL A 56 -60.34 -1.64 24.46
CA VAL A 56 -59.98 -2.61 25.48
C VAL A 56 -60.17 -4.01 24.89
N LYS A 57 -59.23 -4.91 25.19
CA LYS A 57 -59.18 -6.24 24.60
C LYS A 57 -58.93 -7.29 25.68
N ARG A 58 -59.50 -8.49 25.45
CA ARG A 58 -59.38 -9.65 26.32
C ARG A 58 -58.20 -10.51 25.88
N TYR A 59 -57.43 -11.02 26.85
CA TYR A 59 -56.40 -12.01 26.60
C TYR A 59 -56.30 -13.00 27.77
N GLU A 60 -55.68 -14.16 27.50
CA GLU A 60 -55.22 -15.12 28.49
C GLU A 60 -56.38 -15.56 29.38
N HIS A 61 -57.31 -16.34 28.81
CA HIS A 61 -58.52 -16.76 29.49
C HIS A 61 -58.19 -17.81 30.56
N ASN A 62 -58.97 -17.77 31.64
CA ASN A 62 -58.74 -18.53 32.87
C ASN A 62 -60.10 -18.72 33.55
N VAL A 63 -60.27 -19.87 34.21
CA VAL A 63 -61.40 -20.05 35.12
C VAL A 63 -60.84 -20.41 36.49
N ASN A 64 -60.78 -19.41 37.38
CA ASN A 64 -60.35 -19.61 38.75
C ASN A 64 -61.41 -20.42 39.48
N VAL A 65 -61.02 -21.65 39.86
CA VAL A 65 -61.83 -22.52 40.69
C VAL A 65 -61.15 -22.60 42.05
N GLU A 66 -61.89 -22.29 43.12
CA GLU A 66 -61.42 -22.61 44.46
C GLU A 66 -62.55 -23.16 45.32
N ILE A 67 -62.22 -24.23 46.04
CA ILE A 67 -63.17 -25.04 46.79
C ILE A 67 -62.61 -25.25 48.21
N THR A 68 -63.48 -25.05 49.20
CA THR A 68 -63.24 -25.48 50.58
C THR A 68 -64.18 -26.64 50.88
N TYR A 69 -63.62 -27.75 51.39
CA TYR A 69 -64.40 -28.95 51.65
C TYR A 69 -63.88 -29.69 52.88
N ALA A 70 -64.72 -30.56 53.45
CA ALA A 70 -64.47 -31.13 54.77
C ALA A 70 -64.67 -32.65 54.83
N LYS A 71 -64.91 -33.28 53.67
CA LYS A 71 -64.95 -34.74 53.58
C LYS A 71 -63.86 -35.20 52.64
N PHE A 72 -62.95 -36.05 53.15
CA PHE A 72 -61.78 -36.47 52.38
C PHE A 72 -62.16 -37.58 51.41
N SER A 73 -61.66 -37.46 50.18
CA SER A 73 -61.87 -38.45 49.13
C SER A 73 -60.52 -39.08 48.76
N LEU A 74 -60.42 -40.39 48.97
CA LEU A 74 -59.25 -41.16 48.56
C LEU A 74 -59.17 -41.21 47.04
N GLU A 75 -60.33 -41.31 46.38
CA GLU A 75 -60.41 -41.41 44.94
C GLU A 75 -59.88 -40.14 44.29
N PHE A 76 -60.35 -38.98 44.76
CA PHE A 76 -59.96 -37.68 44.22
C PHE A 76 -58.46 -37.48 44.33
N ALA A 77 -57.91 -37.85 45.49
CA ALA A 77 -56.50 -37.66 45.81
C ALA A 77 -55.62 -38.60 44.97
N GLN A 78 -56.08 -39.84 44.79
CA GLN A 78 -55.32 -40.85 44.06
C GLN A 78 -55.38 -40.59 42.55
N GLU A 79 -56.46 -39.94 42.10
CA GLU A 79 -56.60 -39.52 40.70
C GLU A 79 -55.63 -38.37 40.42
N TRP A 80 -55.47 -37.47 41.40
CA TRP A 80 -54.57 -36.33 41.29
C TRP A 80 -53.12 -36.81 41.24
N LEU A 81 -52.80 -37.84 42.03
CA LEU A 81 -51.46 -38.41 42.11
C LEU A 81 -51.12 -39.13 40.81
N GLY A 82 -52.07 -39.91 40.29
CA GLY A 82 -51.85 -40.79 39.16
C GLY A 82 -51.71 -40.06 37.82
N GLY A 83 -52.22 -38.83 37.75
CA GLY A 83 -52.23 -38.06 36.52
C GLY A 83 -53.36 -38.48 35.59
N PRO A 84 -53.35 -38.07 34.29
CA PRO A 84 -54.39 -38.46 33.35
C PRO A 84 -54.54 -39.98 33.19
N GLY A 85 -55.77 -40.45 33.45
CA GLY A 85 -56.21 -41.80 33.12
C GLY A 85 -55.70 -42.88 34.08
N ALA A 86 -55.18 -42.49 35.24
CA ALA A 86 -54.61 -43.44 36.19
C ALA A 86 -54.79 -42.97 37.64
N THR A 87 -54.90 -43.94 38.55
CA THR A 87 -54.84 -43.72 39.99
C THR A 87 -53.52 -44.26 40.53
N ALA A 88 -52.90 -43.51 41.45
CA ALA A 88 -51.68 -43.94 42.11
C ALA A 88 -51.75 -43.66 43.61
N THR A 89 -51.05 -44.49 44.39
CA THR A 89 -50.96 -44.35 45.84
C THR A 89 -49.72 -43.56 46.24
N ALA A 90 -48.95 -43.10 45.24
CA ALA A 90 -47.70 -42.37 45.47
C ALA A 90 -47.52 -41.29 44.41
N SER A 91 -46.64 -40.32 44.69
CA SER A 91 -46.26 -39.27 43.75
C SER A 91 -45.71 -39.90 42.48
N GLN A 92 -46.13 -39.37 41.33
CA GLN A 92 -45.66 -39.85 40.04
C GLN A 92 -44.69 -38.83 39.45
N ASP A 93 -43.58 -39.34 38.90
CA ASP A 93 -42.57 -38.53 38.25
C ASP A 93 -42.91 -38.44 36.76
N ASP A 94 -43.91 -37.61 36.44
CA ASP A 94 -44.29 -37.28 35.07
C ASP A 94 -44.86 -35.86 35.01
N SER A 95 -44.92 -35.31 33.80
CA SER A 95 -45.20 -33.90 33.59
C SER A 95 -46.66 -33.61 33.24
N ASP A 96 -47.49 -34.65 33.09
CA ASP A 96 -48.89 -34.46 32.75
C ASP A 96 -49.74 -34.39 34.03
N PRO A 97 -50.39 -33.23 34.34
CA PRO A 97 -51.27 -33.13 35.50
C PRO A 97 -52.65 -33.74 35.25
N MET A 98 -53.32 -34.13 36.33
CA MET A 98 -54.69 -34.60 36.26
C MET A 98 -55.61 -33.40 36.00
N LYS A 99 -56.35 -33.49 34.89
CA LYS A 99 -57.36 -32.52 34.49
C LYS A 99 -58.72 -33.06 34.91
N PHE A 100 -59.53 -32.20 35.54
CA PHE A 100 -60.84 -32.57 36.03
C PHE A 100 -61.91 -31.76 35.29
N ASN A 101 -63.04 -32.42 34.99
CA ASN A 101 -64.23 -31.73 34.54
C ASN A 101 -65.12 -31.49 35.75
N LEU A 102 -65.59 -30.24 35.90
CA LEU A 102 -66.31 -29.80 37.08
C LEU A 102 -67.70 -29.29 36.65
N GLU A 103 -68.70 -29.60 37.47
CA GLU A 103 -70.06 -29.14 37.26
C GLU A 103 -70.70 -28.83 38.61
N ASN A 104 -71.32 -27.65 38.71
CA ASN A 104 -72.11 -27.25 39.86
C ASN A 104 -73.53 -26.95 39.41
N VAL A 105 -74.52 -27.50 40.15
CA VAL A 105 -75.93 -27.33 39.85
C VAL A 105 -76.62 -26.75 41.07
N THR A 106 -77.28 -25.58 40.89
CA THR A 106 -77.93 -24.85 41.98
C THR A 106 -79.33 -24.41 41.56
N PRO A 107 -80.39 -24.76 42.32
CA PRO A 107 -81.68 -24.05 42.23
C PRO A 107 -81.54 -22.63 42.75
N SER A 108 -82.30 -21.70 42.14
CA SER A 108 -82.47 -20.36 42.67
C SER A 108 -83.41 -20.41 43.87
N ALA A 109 -83.40 -19.35 44.69
CA ALA A 109 -84.00 -19.35 46.02
C ALA A 109 -85.53 -19.48 45.97
N SER A 110 -86.14 -19.06 44.85
CA SER A 110 -87.59 -19.12 44.69
C SER A 110 -87.99 -20.08 43.58
N GLY A 111 -87.00 -20.80 43.02
CA GLY A 111 -87.23 -21.83 42.02
C GLY A 111 -87.51 -21.27 40.63
N GLY A 112 -87.10 -20.02 40.39
CA GLY A 112 -87.25 -19.35 39.11
C GLY A 112 -86.39 -19.98 38.01
N PHE A 113 -85.20 -20.46 38.38
CA PHE A 113 -84.29 -21.12 37.46
C PHE A 113 -83.39 -22.12 38.21
N GLU A 114 -82.72 -22.96 37.43
CA GLU A 114 -81.65 -23.81 37.92
C GLU A 114 -80.37 -23.49 37.15
N ARG A 115 -79.38 -22.95 37.86
CA ARG A 115 -78.11 -22.56 37.27
C ARG A 115 -77.16 -23.76 37.25
N THR A 116 -76.76 -24.16 36.04
CA THR A 116 -75.69 -25.13 35.82
C THR A 116 -74.44 -24.40 35.32
N THR A 117 -73.34 -24.56 36.07
CA THR A 117 -72.02 -24.10 35.65
C THR A 117 -71.16 -25.34 35.39
N ALA A 118 -70.57 -25.40 34.20
CA ALA A 118 -69.67 -26.49 33.83
C ALA A 118 -68.32 -25.93 33.38
N VAL A 119 -67.24 -26.48 33.95
CA VAL A 119 -65.88 -26.03 33.70
C VAL A 119 -65.04 -27.24 33.27
N GLU A 120 -64.26 -27.06 32.20
CA GLU A 120 -63.40 -28.12 31.66
C GLU A 120 -61.97 -27.94 32.17
N ASN A 121 -61.27 -29.08 32.32
CA ASN A 121 -59.83 -29.19 32.46
C ASN A 121 -59.31 -28.34 33.63
N VAL A 122 -59.93 -28.51 34.81
CA VAL A 122 -59.49 -27.86 36.03
C VAL A 122 -58.25 -28.59 36.54
N VAL A 123 -57.14 -27.85 36.71
CA VAL A 123 -55.93 -28.40 37.28
C VAL A 123 -55.66 -27.73 38.63
N PHE A 124 -55.19 -28.54 39.58
CA PHE A 124 -54.84 -28.08 40.91
C PHE A 124 -53.32 -28.21 41.07
N PRO A 125 -52.56 -27.08 41.19
CA PRO A 125 -51.12 -27.14 41.39
C PRO A 125 -50.69 -27.88 42.65
N GLU A 126 -51.55 -27.88 43.67
CA GLU A 126 -51.28 -28.56 44.92
C GLU A 126 -52.56 -29.16 45.51
N LEU A 127 -52.39 -30.28 46.21
CA LEU A 127 -53.47 -31.05 46.80
C LEU A 127 -53.23 -31.14 48.31
N PRO A 128 -54.19 -30.68 49.17
CA PRO A 128 -54.09 -30.93 50.60
C PRO A 128 -54.49 -32.37 50.92
N LEU A 129 -53.56 -33.10 51.56
CA LEU A 129 -53.81 -34.49 51.95
C LEU A 129 -54.27 -34.53 53.40
N ASP A 130 -53.45 -33.92 54.29
CA ASP A 130 -53.77 -33.76 55.69
C ASP A 130 -53.88 -32.27 55.98
N SER A 131 -54.96 -31.87 56.66
CA SER A 131 -55.19 -30.48 57.02
C SER A 131 -55.83 -30.42 58.41
N ALA A 132 -55.04 -30.79 59.42
CA ALA A 132 -55.51 -31.04 60.76
C ALA A 132 -55.26 -29.83 61.66
N THR A 133 -56.26 -29.51 62.49
CA THR A 133 -56.21 -28.47 63.51
C THR A 133 -56.96 -28.98 64.75
N TYR A 134 -56.34 -28.79 65.92
CA TYR A 134 -56.89 -29.24 67.20
C TYR A 134 -58.31 -28.74 67.39
N GLY A 135 -59.23 -29.70 67.65
CA GLY A 135 -60.62 -29.42 67.96
C GLY A 135 -61.47 -29.13 66.73
N GLU A 136 -60.93 -29.42 65.53
CA GLU A 136 -61.62 -29.16 64.28
C GLU A 136 -61.61 -30.42 63.42
N TYR A 137 -62.62 -30.55 62.56
CA TYR A 137 -62.58 -31.49 61.45
C TYR A 137 -61.65 -30.93 60.39
N GLU A 138 -60.96 -31.84 59.68
CA GLU A 138 -60.00 -31.45 58.66
C GLU A 138 -60.73 -30.70 57.55
N GLU A 139 -60.17 -29.54 57.18
CA GLU A 139 -60.74 -28.69 56.15
C GLU A 139 -59.70 -28.46 55.06
N TYR A 140 -60.10 -28.73 53.81
CA TYR A 140 -59.22 -28.80 52.67
C TYR A 140 -59.55 -27.67 51.69
N SER A 141 -58.53 -26.92 51.28
CA SER A 141 -58.68 -25.83 50.32
C SER A 141 -57.97 -26.18 49.01
N LEU A 142 -58.74 -26.19 47.91
CA LEU A 142 -58.20 -26.39 46.57
C LEU A 142 -58.26 -25.06 45.82
N THR A 143 -57.13 -24.69 45.18
CA THR A 143 -57.09 -23.61 44.21
C THR A 143 -56.65 -24.19 42.87
N GLY A 144 -57.38 -23.85 41.80
CA GLY A 144 -57.07 -24.37 40.48
C GLY A 144 -57.54 -23.46 39.35
N SER A 145 -57.17 -23.83 38.12
CA SER A 145 -57.54 -23.09 36.92
C SER A 145 -58.11 -24.06 35.87
N GLY A 146 -59.35 -23.78 35.45
CA GLY A 146 -59.96 -24.45 34.32
C GLY A 146 -59.62 -23.72 33.02
N ARG A 147 -59.84 -24.41 31.89
CA ARG A 147 -59.56 -23.86 30.58
C ARG A 147 -60.67 -22.90 30.16
N SER A 148 -61.93 -23.35 30.32
CA SER A 148 -63.09 -22.58 29.88
C SER A 148 -64.35 -23.01 30.64
N VAL A 149 -65.39 -22.19 30.52
CA VAL A 149 -66.75 -22.55 30.92
C VAL A 149 -67.42 -23.19 29.69
N THR A 150 -67.86 -24.44 29.85
CA THR A 150 -68.47 -25.18 28.75
C THR A 150 -69.99 -24.98 28.75
N ASN A 151 -70.56 -24.70 29.93
CA ASN A 151 -71.99 -24.43 30.04
C ASN A 151 -72.29 -23.46 31.17
N LEU A 152 -73.15 -22.48 30.86
CA LEU A 152 -73.86 -21.68 31.83
C LEU A 152 -75.27 -21.43 31.30
N ALA A 153 -76.25 -22.11 31.90
CA ALA A 153 -77.61 -22.12 31.39
C ALA A 153 -78.61 -22.39 32.51
N ASP A 154 -79.89 -22.07 32.22
CA ASP A 154 -81.02 -22.52 33.00
C ASP A 154 -81.31 -23.97 32.60
N THR A 155 -81.14 -24.90 33.55
CA THR A 155 -81.32 -26.33 33.28
C THR A 155 -82.64 -26.84 33.87
N SER A 156 -83.49 -25.93 34.35
CA SER A 156 -84.80 -26.30 34.87
C SER A 156 -85.71 -26.79 33.73
N GLY A 157 -86.70 -27.61 34.10
CA GLY A 157 -87.53 -28.33 33.14
C GLY A 157 -88.46 -27.41 32.37
N ALA B 2 -65.71 -47.60 44.81
CA ALA B 2 -64.78 -46.66 45.51
C ALA B 2 -65.38 -46.23 46.85
N THR B 3 -64.49 -45.89 47.79
CA THR B 3 -64.85 -45.57 49.17
C THR B 3 -65.56 -44.22 49.22
N SER B 4 -66.67 -44.16 49.97
CA SER B 4 -67.44 -42.94 50.16
C SER B 4 -66.58 -41.90 50.88
N PRO B 5 -66.55 -40.63 50.41
CA PRO B 5 -65.89 -39.55 51.15
C PRO B 5 -66.51 -39.37 52.53
N GLU B 6 -65.66 -39.06 53.52
CA GLU B 6 -66.05 -39.05 54.92
C GLU B 6 -65.26 -37.96 55.64
N GLY B 7 -65.84 -37.43 56.73
CA GLY B 7 -65.15 -36.46 57.59
C GLY B 7 -63.96 -37.09 58.28
N ILE B 8 -62.92 -36.28 58.50
CA ILE B 8 -61.75 -36.70 59.27
C ILE B 8 -61.59 -35.74 60.45
N TRP B 9 -61.36 -36.32 61.63
CA TRP B 9 -61.24 -35.58 62.88
C TRP B 9 -59.77 -35.46 63.24
N SER B 10 -59.31 -34.22 63.45
CA SER B 10 -57.90 -33.87 63.57
C SER B 10 -57.25 -34.58 64.76
N ASN B 11 -58.00 -34.71 65.86
CA ASN B 11 -57.47 -35.19 67.13
C ASN B 11 -57.21 -36.70 67.10
N SER B 12 -57.49 -37.35 65.96
CA SER B 12 -57.37 -38.80 65.84
C SER B 12 -56.05 -39.20 65.18
N GLY B 13 -55.27 -38.22 64.69
CA GLY B 13 -54.10 -38.49 63.88
C GLY B 13 -52.88 -38.91 64.71
N ALA B 14 -52.27 -40.03 64.29
CA ALA B 14 -51.01 -40.51 64.85
C ALA B 14 -49.87 -40.13 63.90
N LEU B 15 -49.11 -39.09 64.28
CA LEU B 15 -47.96 -38.65 63.49
C LEU B 15 -46.68 -39.24 64.07
N THR B 16 -45.87 -39.85 63.19
CA THR B 16 -44.62 -40.47 63.56
C THR B 16 -43.50 -40.01 62.61
N PHE B 17 -42.31 -39.80 63.20
CA PHE B 17 -41.10 -39.49 62.47
C PHE B 17 -40.11 -40.63 62.60
N GLU B 18 -39.50 -41.01 61.47
CA GLU B 18 -38.51 -42.07 61.43
C GLU B 18 -37.24 -41.56 60.76
N ASP B 19 -36.10 -42.14 61.17
CA ASP B 19 -34.80 -41.94 60.54
C ASP B 19 -34.72 -42.85 59.31
N PRO B 20 -34.52 -42.32 58.08
CA PRO B 20 -34.48 -43.15 56.88
C PRO B 20 -33.33 -44.16 56.78
N ALA B 21 -32.37 -44.08 57.70
CA ALA B 21 -31.24 -45.00 57.75
C ALA B 21 -31.65 -46.31 58.44
N ASP B 22 -32.27 -46.18 59.63
CA ASP B 22 -32.59 -47.31 60.50
C ASP B 22 -34.06 -47.71 60.36
N ASP B 23 -34.90 -46.75 59.95
CA ASP B 23 -36.35 -46.79 60.12
C ASP B 23 -36.71 -46.80 61.61
N SER B 24 -35.85 -46.20 62.44
CA SER B 24 -36.08 -46.07 63.88
C SER B 24 -36.89 -44.81 64.16
N GLU B 25 -37.77 -44.88 65.17
CA GLU B 25 -38.65 -43.77 65.52
C GLU B 25 -37.86 -42.69 66.26
N ILE B 26 -38.05 -41.46 65.79
CA ILE B 26 -37.60 -40.26 66.49
C ILE B 26 -38.78 -39.76 67.32
N LEU B 27 -38.57 -39.66 68.64
CA LEU B 27 -39.63 -39.39 69.60
C LEU B 27 -40.23 -38.01 69.34
N PHE B 28 -41.54 -38.00 69.04
CA PHE B 28 -42.28 -36.80 68.70
C PHE B 28 -43.70 -36.95 69.18
N ALA B 29 -44.24 -35.89 69.79
CA ALA B 29 -45.55 -35.91 70.42
C ALA B 29 -46.12 -34.49 70.51
N GLY B 30 -47.42 -34.42 70.88
CA GLY B 30 -48.08 -33.18 71.24
C GLY B 30 -48.36 -32.27 70.05
N VAL B 31 -48.80 -32.87 68.93
CA VAL B 31 -49.17 -32.14 67.74
C VAL B 31 -50.49 -31.40 67.99
N ARG B 32 -50.59 -30.19 67.40
CA ARG B 32 -51.78 -29.36 67.49
C ARG B 32 -52.31 -29.07 66.08
N ASP B 33 -51.41 -28.97 65.09
CA ASP B 33 -51.76 -28.78 63.68
C ASP B 33 -50.79 -29.56 62.79
N VAL B 34 -51.32 -30.11 61.69
CA VAL B 34 -50.53 -30.82 60.68
C VAL B 34 -51.12 -30.52 59.30
N THR B 35 -50.33 -29.89 58.41
CA THR B 35 -50.68 -29.72 57.01
C THR B 35 -49.65 -30.43 56.13
N ILE B 36 -50.14 -31.39 55.34
CA ILE B 36 -49.33 -32.10 54.35
C ILE B 36 -49.95 -31.83 52.96
N THR B 37 -49.13 -31.27 52.06
CA THR B 37 -49.58 -30.83 50.75
C THR B 37 -48.54 -31.21 49.69
N PRO B 38 -48.77 -32.27 48.87
CA PRO B 38 -48.02 -32.44 47.62
C PRO B 38 -48.34 -31.34 46.61
N ALA B 39 -47.28 -30.79 46.00
CA ALA B 39 -47.36 -29.64 45.12
C ALA B 39 -46.44 -29.84 43.93
N TYR B 40 -46.88 -29.34 42.77
CA TYR B 40 -46.03 -29.21 41.59
C TYR B 40 -46.16 -27.79 41.06
N GLU B 41 -45.07 -27.27 40.49
CA GLU B 41 -45.14 -26.09 39.65
C GLU B 41 -45.90 -26.45 38.38
N HIS B 42 -46.95 -25.68 38.08
CA HIS B 42 -47.73 -25.86 36.86
C HIS B 42 -47.39 -24.75 35.87
N ALA B 43 -46.87 -25.13 34.71
CA ALA B 43 -46.74 -24.23 33.58
C ALA B 43 -48.03 -24.25 32.78
N GLU B 44 -48.79 -23.15 32.84
CA GLU B 44 -50.01 -22.97 32.07
C GLU B 44 -49.63 -22.35 30.72
N LEU B 45 -49.75 -23.14 29.66
CA LEU B 45 -49.18 -22.79 28.36
C LEU B 45 -50.28 -22.30 27.43
N TYR B 46 -50.00 -21.14 26.80
CA TYR B 46 -50.91 -20.48 25.86
C TYR B 46 -50.25 -20.41 24.48
N THR B 47 -51.07 -20.28 23.43
CA THR B 47 -50.63 -20.46 22.06
C THR B 47 -50.81 -19.18 21.24
N ILE B 48 -50.64 -19.30 19.91
CA ILE B 48 -50.24 -18.23 19.00
C ILE B 48 -51.26 -17.08 18.93
N ASP B 49 -52.56 -17.38 18.79
CA ASP B 49 -53.53 -16.30 18.73
C ASP B 49 -54.86 -16.64 19.40
N SER B 50 -54.97 -17.86 19.96
CA SER B 50 -56.08 -18.20 20.84
C SER B 50 -55.87 -17.51 22.19
N THR B 51 -56.98 -17.19 22.88
CA THR B 51 -56.95 -16.65 24.23
C THR B 51 -56.99 -17.80 25.24
N PHE B 52 -57.40 -18.99 24.79
CA PHE B 52 -57.58 -20.16 25.63
C PHE B 52 -56.23 -20.84 25.88
N ARG B 53 -56.15 -21.55 27.01
CA ARG B 53 -54.98 -22.33 27.41
C ARG B 53 -54.88 -23.57 26.52
N ASP B 54 -53.67 -23.83 26.01
CA ASP B 54 -53.45 -24.94 25.10
C ASP B 54 -53.16 -26.21 25.90
N GLU B 55 -52.19 -26.12 26.82
CA GLU B 55 -51.67 -27.27 27.54
C GLU B 55 -51.23 -26.80 28.93
N VAL B 56 -51.11 -27.76 29.87
CA VAL B 56 -50.52 -27.49 31.17
C VAL B 56 -49.63 -28.67 31.58
N LYS B 57 -48.49 -28.35 32.20
CA LYS B 57 -47.42 -29.31 32.51
C LYS B 57 -46.91 -29.10 33.94
N ARG B 58 -46.48 -30.19 34.59
CA ARG B 58 -45.95 -30.21 35.94
C ARG B 58 -44.41 -30.24 35.90
N TYR B 59 -43.72 -29.51 36.80
CA TYR B 59 -42.29 -29.31 36.58
C TYR B 59 -41.40 -29.15 37.81
N GLU B 60 -41.90 -29.29 39.05
CA GLU B 60 -41.03 -29.22 40.22
C GLU B 60 -41.79 -29.71 41.44
N HIS B 61 -41.59 -30.98 41.80
CA HIS B 61 -42.37 -31.60 42.85
C HIS B 61 -41.73 -31.35 44.22
N ASN B 62 -42.59 -31.05 45.21
CA ASN B 62 -42.26 -31.12 46.61
C ASN B 62 -43.54 -31.35 47.41
N VAL B 63 -43.38 -31.82 48.65
CA VAL B 63 -44.47 -31.92 49.60
C VAL B 63 -44.24 -30.89 50.70
N ASN B 64 -45.16 -29.93 50.81
CA ASN B 64 -45.13 -28.96 51.89
C ASN B 64 -45.64 -29.63 53.17
N VAL B 65 -44.79 -29.61 54.20
CA VAL B 65 -45.13 -30.15 55.52
C VAL B 65 -45.01 -29.01 56.51
N GLU B 66 -46.11 -28.74 57.24
CA GLU B 66 -46.05 -27.83 58.37
C GLU B 66 -46.78 -28.41 59.57
N ILE B 67 -46.13 -28.32 60.73
CA ILE B 67 -46.54 -28.94 61.97
C ILE B 67 -46.43 -27.91 63.09
N THR B 68 -47.49 -27.82 63.91
CA THR B 68 -47.46 -27.10 65.17
C THR B 68 -47.57 -28.11 66.31
N TYR B 69 -46.69 -27.96 67.31
CA TYR B 69 -46.61 -28.94 68.40
C TYR B 69 -46.22 -28.25 69.71
N ALA B 70 -46.60 -28.86 70.83
CA ALA B 70 -46.56 -28.24 72.14
C ALA B 70 -45.70 -29.04 73.13
N LYS B 71 -45.10 -30.14 72.67
CA LYS B 71 -44.22 -30.95 73.50
C LYS B 71 -42.82 -30.97 72.87
N PHE B 72 -41.81 -30.59 73.64
CA PHE B 72 -40.45 -30.46 73.14
C PHE B 72 -39.75 -31.82 73.17
N SER B 73 -39.09 -32.15 72.06
CA SER B 73 -38.33 -33.38 71.92
C SER B 73 -36.85 -33.07 71.80
N LEU B 74 -36.06 -33.59 72.74
CA LEU B 74 -34.62 -33.43 72.70
C LEU B 74 -34.01 -34.28 71.59
N GLU B 75 -34.62 -35.45 71.33
CA GLU B 75 -34.16 -36.32 70.27
C GLU B 75 -34.32 -35.63 68.92
N PHE B 76 -35.53 -35.14 68.63
CA PHE B 76 -35.85 -34.52 67.35
C PHE B 76 -34.93 -33.32 67.09
N ALA B 77 -34.71 -32.50 68.13
CA ALA B 77 -33.94 -31.27 68.03
C ALA B 77 -32.46 -31.58 67.78
N GLN B 78 -31.94 -32.60 68.48
CA GLN B 78 -30.52 -32.95 68.41
C GLN B 78 -30.22 -33.73 67.13
N GLU B 79 -31.24 -34.41 66.59
CA GLU B 79 -31.14 -35.08 65.29
C GLU B 79 -31.09 -34.05 64.17
N TRP B 80 -31.89 -32.98 64.30
CA TRP B 80 -31.92 -31.88 63.34
C TRP B 80 -30.58 -31.18 63.30
N LEU B 81 -29.98 -30.95 64.48
CA LEU B 81 -28.68 -30.30 64.62
C LEU B 81 -27.59 -31.18 63.99
N GLY B 82 -27.66 -32.48 64.25
CA GLY B 82 -26.61 -33.44 63.89
C GLY B 82 -26.51 -33.69 62.39
N GLY B 83 -27.62 -33.55 61.66
CA GLY B 83 -27.68 -33.90 60.25
C GLY B 83 -27.86 -35.40 60.06
N PRO B 84 -27.78 -35.93 58.81
CA PRO B 84 -28.00 -37.35 58.56
C PRO B 84 -27.08 -38.27 59.37
N GLY B 85 -27.70 -39.22 60.09
CA GLY B 85 -27.03 -40.33 60.75
C GLY B 85 -26.27 -39.94 62.02
N ALA B 86 -26.50 -38.71 62.52
CA ALA B 86 -25.77 -38.22 63.68
C ALA B 86 -26.68 -37.37 64.58
N THR B 87 -26.25 -37.21 65.85
CA THR B 87 -26.93 -36.43 66.86
C THR B 87 -25.91 -35.43 67.44
N ALA B 88 -26.34 -34.18 67.68
CA ALA B 88 -25.44 -33.14 68.14
C ALA B 88 -26.13 -32.17 69.11
N THR B 89 -25.34 -31.61 70.04
CA THR B 89 -25.81 -30.65 71.03
C THR B 89 -25.48 -29.21 70.61
N ALA B 90 -24.91 -29.04 69.42
CA ALA B 90 -24.53 -27.72 68.91
C ALA B 90 -24.77 -27.67 67.39
N SER B 91 -24.82 -26.45 66.84
CA SER B 91 -24.89 -26.25 65.39
C SER B 91 -23.69 -26.90 64.71
N GLN B 92 -23.94 -27.54 63.58
CA GLN B 92 -22.88 -28.19 62.81
C GLN B 92 -22.63 -27.41 61.54
N ASP B 93 -21.34 -27.16 61.27
CA ASP B 93 -20.91 -26.41 60.09
C ASP B 93 -20.75 -27.38 58.92
N ASP B 94 -21.89 -27.94 58.47
CA ASP B 94 -21.93 -28.81 57.30
C ASP B 94 -23.21 -28.56 56.51
N SER B 95 -23.23 -29.09 55.28
CA SER B 95 -24.23 -28.72 54.28
C SER B 95 -25.37 -29.74 54.18
N ASP B 96 -25.33 -30.80 54.99
CA ASP B 96 -26.33 -31.86 54.92
C ASP B 96 -27.42 -31.63 55.97
N PRO B 97 -28.70 -31.36 55.58
CA PRO B 97 -29.80 -31.31 56.54
C PRO B 97 -30.27 -32.72 56.91
N MET B 98 -30.78 -32.86 58.13
CA MET B 98 -31.37 -34.11 58.58
C MET B 98 -32.66 -34.36 57.81
N LYS B 99 -32.72 -35.53 57.16
CA LYS B 99 -33.88 -35.95 56.39
C LYS B 99 -34.71 -36.89 57.27
N PHE B 100 -36.00 -36.57 57.40
CA PHE B 100 -36.93 -37.35 58.21
C PHE B 100 -37.94 -38.04 57.30
N ASN B 101 -38.31 -39.28 57.66
CA ASN B 101 -39.45 -39.95 57.06
C ASN B 101 -40.67 -39.70 57.95
N LEU B 102 -41.73 -39.15 57.35
CA LEU B 102 -42.93 -38.77 58.08
C LEU B 102 -44.08 -39.69 57.67
N GLU B 103 -44.85 -40.14 58.66
CA GLU B 103 -46.08 -40.89 58.44
C GLU B 103 -47.17 -40.39 59.38
N ASN B 104 -48.37 -40.18 58.82
CA ASN B 104 -49.56 -39.82 59.57
C ASN B 104 -50.66 -40.83 59.28
N VAL B 105 -51.26 -41.36 60.35
CA VAL B 105 -52.34 -42.35 60.28
C VAL B 105 -53.56 -41.76 60.96
N THR B 106 -54.69 -41.75 60.24
CA THR B 106 -55.92 -41.11 60.73
C THR B 106 -57.16 -41.92 60.34
N PRO B 107 -57.95 -42.43 61.32
CA PRO B 107 -59.28 -42.95 61.04
C PRO B 107 -60.23 -41.87 60.51
N SER B 108 -61.12 -42.26 59.60
CA SER B 108 -62.24 -41.42 59.21
C SER B 108 -63.31 -41.46 60.30
N ALA B 109 -64.17 -40.43 60.35
CA ALA B 109 -64.95 -40.09 61.52
C ALA B 109 -66.03 -41.13 61.87
N SER B 110 -66.43 -41.95 60.90
CA SER B 110 -67.38 -43.02 61.17
C SER B 110 -66.93 -44.36 60.57
N GLY B 111 -65.61 -44.56 60.52
CA GLY B 111 -64.98 -45.86 60.35
C GLY B 111 -64.92 -46.36 58.90
N GLY B 112 -65.17 -45.45 57.95
CA GLY B 112 -65.17 -45.77 56.52
C GLY B 112 -63.81 -46.27 56.02
N PHE B 113 -62.73 -45.65 56.52
CA PHE B 113 -61.37 -45.94 56.09
C PHE B 113 -60.36 -45.45 57.12
N GLU B 114 -59.09 -45.82 56.91
CA GLU B 114 -57.97 -45.27 57.66
C GLU B 114 -56.97 -44.65 56.67
N ARG B 115 -56.81 -43.33 56.78
CA ARG B 115 -55.97 -42.53 55.89
C ARG B 115 -54.53 -42.61 56.39
N THR B 116 -53.67 -43.29 55.63
CA THR B 116 -52.23 -43.28 55.86
C THR B 116 -51.56 -42.39 54.82
N THR B 117 -50.82 -41.39 55.30
CA THR B 117 -50.00 -40.53 54.47
C THR B 117 -48.53 -40.71 54.87
N ALA B 118 -47.69 -41.07 53.90
CA ALA B 118 -46.26 -41.21 54.12
C ALA B 118 -45.49 -40.29 53.17
N VAL B 119 -44.55 -39.52 53.74
CA VAL B 119 -43.76 -38.54 53.02
C VAL B 119 -42.28 -38.84 53.26
N GLU B 120 -41.49 -38.86 52.18
CA GLU B 120 -40.07 -39.17 52.27
C GLU B 120 -39.25 -37.87 52.32
N ASN B 121 -38.15 -37.93 53.09
CA ASN B 121 -37.07 -36.94 53.10
C ASN B 121 -37.60 -35.54 53.40
N VAL B 122 -38.34 -35.39 54.49
CA VAL B 122 -38.80 -34.09 54.96
C VAL B 122 -37.63 -33.38 55.63
N VAL B 123 -37.32 -32.18 55.15
CA VAL B 123 -36.27 -31.34 55.72
C VAL B 123 -36.88 -30.02 56.17
N PHE B 124 -36.42 -29.53 57.33
CA PHE B 124 -36.91 -28.29 57.91
C PHE B 124 -35.79 -27.25 57.86
N PRO B 125 -35.95 -26.12 57.13
CA PRO B 125 -34.96 -25.06 57.11
C PRO B 125 -34.59 -24.48 58.48
N GLU B 126 -35.56 -24.48 59.40
CA GLU B 126 -35.36 -23.89 60.72
C GLU B 126 -36.07 -24.72 61.79
N LEU B 127 -35.49 -24.67 62.99
CA LEU B 127 -35.99 -25.40 64.15
C LEU B 127 -36.23 -24.41 65.29
N PRO B 128 -37.49 -24.24 65.77
CA PRO B 128 -37.74 -23.46 66.97
C PRO B 128 -37.30 -24.24 68.21
N LEU B 129 -36.36 -23.66 68.97
CA LEU B 129 -35.81 -24.28 70.16
C LEU B 129 -36.52 -23.76 71.41
N ASP B 130 -36.61 -22.43 71.51
CA ASP B 130 -37.37 -21.77 72.56
C ASP B 130 -38.46 -20.92 71.91
N SER B 131 -39.67 -21.01 72.45
CA SER B 131 -40.83 -20.31 71.89
C SER B 131 -41.76 -19.86 73.02
N ALA B 132 -41.19 -19.04 73.92
CA ALA B 132 -41.85 -18.62 75.15
C ALA B 132 -42.72 -17.39 74.89
N THR B 133 -43.95 -17.46 75.40
CA THR B 133 -44.85 -16.32 75.53
C THR B 133 -45.44 -16.36 76.95
N TYR B 134 -45.47 -15.20 77.61
CA TYR B 134 -45.97 -15.07 78.97
C TYR B 134 -47.36 -15.70 79.10
N GLY B 135 -47.50 -16.61 80.07
CA GLY B 135 -48.77 -17.21 80.44
C GLY B 135 -49.23 -18.31 79.49
N GLU B 136 -48.29 -18.91 78.75
CA GLU B 136 -48.60 -19.92 77.76
C GLU B 136 -47.56 -21.04 77.82
N TYR B 137 -47.94 -22.22 77.30
CA TYR B 137 -47.00 -23.30 77.04
C TYR B 137 -46.31 -23.02 75.71
N GLU B 138 -45.05 -23.44 75.60
CA GLU B 138 -44.24 -23.16 74.42
C GLU B 138 -44.83 -23.91 73.22
N GLU B 139 -45.09 -23.15 72.15
CA GLU B 139 -45.69 -23.70 70.94
C GLU B 139 -44.71 -23.53 69.78
N TYR B 140 -44.40 -24.66 69.14
CA TYR B 140 -43.31 -24.76 68.17
C TYR B 140 -43.90 -25.03 66.78
N SER B 141 -43.45 -24.25 65.79
CA SER B 141 -43.92 -24.37 64.41
C SER B 141 -42.78 -24.80 63.48
N LEU B 142 -42.98 -25.94 62.81
CA LEU B 142 -42.09 -26.46 61.78
C LEU B 142 -42.71 -26.20 60.41
N THR B 143 -41.90 -25.73 59.47
CA THR B 143 -42.22 -25.68 58.06
C THR B 143 -41.08 -26.37 57.30
N GLY B 144 -41.42 -27.24 56.35
CA GLY B 144 -40.41 -27.98 55.61
C GLY B 144 -40.95 -28.64 54.33
N SER B 145 -40.05 -29.29 53.58
CA SER B 145 -40.39 -29.89 52.30
C SER B 145 -39.90 -31.34 52.21
N GLY B 146 -40.84 -32.22 51.86
CA GLY B 146 -40.55 -33.61 51.52
C GLY B 146 -40.33 -33.77 50.01
N ARG B 147 -39.69 -34.86 49.63
CA ARG B 147 -39.36 -35.16 48.23
C ARG B 147 -40.61 -35.64 47.50
N SER B 148 -41.34 -36.60 48.10
CA SER B 148 -42.52 -37.18 47.49
C SER B 148 -43.42 -37.83 48.53
N VAL B 149 -44.67 -38.13 48.12
CA VAL B 149 -45.58 -38.96 48.87
C VAL B 149 -45.31 -40.41 48.47
N THR B 150 -44.88 -41.22 49.46
CA THR B 150 -44.55 -42.61 49.21
C THR B 150 -45.80 -43.48 49.34
N ASN B 151 -46.78 -43.02 50.13
CA ASN B 151 -48.00 -43.77 50.37
C ASN B 151 -49.16 -42.85 50.68
N LEU B 152 -50.28 -43.06 49.98
CA LEU B 152 -51.60 -42.57 50.35
C LEU B 152 -52.61 -43.67 50.07
N ALA B 153 -53.09 -44.31 51.14
CA ALA B 153 -53.90 -45.51 51.02
C ALA B 153 -54.87 -45.63 52.21
N ASP B 154 -55.92 -46.41 51.99
CA ASP B 154 -56.75 -46.95 53.07
C ASP B 154 -56.00 -48.14 53.67
N THR B 155 -55.65 -48.02 54.96
CA THR B 155 -54.88 -49.04 55.66
C THR B 155 -55.74 -49.84 56.63
N SER B 156 -57.07 -49.59 56.63
CA SER B 156 -57.99 -50.36 57.46
C SER B 156 -58.08 -51.79 56.93
N GLY B 157 -58.32 -52.73 57.86
CA GLY B 157 -58.28 -54.15 57.58
C GLY B 157 -59.43 -54.61 56.70
N ALA C 2 -34.36 -42.93 75.27
CA ALA C 2 -34.46 -41.48 74.92
C ALA C 2 -35.58 -40.82 75.73
N THR C 3 -35.40 -39.52 75.97
CA THR C 3 -36.26 -38.74 76.85
C THR C 3 -37.63 -38.51 76.18
N SER C 4 -38.71 -38.78 76.93
CA SER C 4 -40.06 -38.60 76.44
C SER C 4 -40.33 -37.11 76.18
N PRO C 5 -40.90 -36.73 75.00
CA PRO C 5 -41.27 -35.34 74.73
C PRO C 5 -42.29 -34.84 75.76
N GLU C 6 -42.10 -33.60 76.21
CA GLU C 6 -42.83 -33.06 77.35
C GLU C 6 -43.17 -31.59 77.10
N GLY C 7 -44.26 -31.12 77.72
CA GLY C 7 -44.65 -29.72 77.67
C GLY C 7 -43.64 -28.83 78.39
N ILE C 8 -43.51 -27.59 77.91
CA ILE C 8 -42.64 -26.59 78.53
C ILE C 8 -43.47 -25.33 78.76
N TRP C 9 -43.33 -24.78 79.98
CA TRP C 9 -44.09 -23.62 80.45
C TRP C 9 -43.20 -22.38 80.35
N SER C 10 -43.73 -21.31 79.74
CA SER C 10 -42.94 -20.16 79.34
C SER C 10 -42.40 -19.39 80.54
N ASN C 11 -43.17 -19.35 81.63
CA ASN C 11 -42.83 -18.55 82.80
C ASN C 11 -41.73 -19.20 83.63
N SER C 12 -41.34 -20.43 83.27
CA SER C 12 -40.34 -21.19 84.00
C SER C 12 -38.92 -20.91 83.47
N GLY C 13 -38.83 -20.19 82.35
CA GLY C 13 -37.56 -19.94 81.68
C GLY C 13 -36.74 -18.86 82.37
N ALA C 14 -35.44 -19.15 82.57
CA ALA C 14 -34.48 -18.18 83.07
C ALA C 14 -33.53 -17.79 81.94
N LEU C 15 -33.54 -16.50 81.58
CA LEU C 15 -32.69 -15.98 80.52
C LEU C 15 -31.55 -15.17 81.13
N THR C 16 -30.32 -15.48 80.70
CA THR C 16 -29.11 -14.80 81.14
C THR C 16 -28.27 -14.41 79.92
N PHE C 17 -27.65 -13.22 80.02
CA PHE C 17 -26.78 -12.66 79.01
C PHE C 17 -25.36 -12.55 79.57
N GLU C 18 -24.37 -12.88 78.72
CA GLU C 18 -22.97 -12.84 79.12
C GLU C 18 -22.14 -12.10 78.07
N ASP C 19 -21.14 -11.35 78.55
CA ASP C 19 -20.08 -10.79 77.73
C ASP C 19 -19.17 -11.94 77.31
N PRO C 20 -18.95 -12.19 75.99
CA PRO C 20 -18.09 -13.28 75.54
C PRO C 20 -16.61 -13.20 75.92
N ALA C 21 -16.18 -12.03 76.41
CA ALA C 21 -14.79 -11.83 76.83
C ALA C 21 -14.55 -12.41 78.22
N ASP C 22 -15.36 -11.97 79.20
CA ASP C 22 -15.18 -12.27 80.61
C ASP C 22 -15.99 -13.50 81.03
N ASP C 23 -17.09 -13.77 80.30
CA ASP C 23 -18.19 -14.63 80.72
C ASP C 23 -18.92 -14.01 81.93
N SER C 24 -18.90 -12.67 82.03
CA SER C 24 -19.57 -11.95 83.10
C SER C 24 -21.03 -11.67 82.72
N GLU C 25 -21.91 -11.62 83.72
CA GLU C 25 -23.33 -11.45 83.48
C GLU C 25 -23.65 -9.99 83.18
N ILE C 26 -24.37 -9.78 82.06
CA ILE C 26 -24.99 -8.50 81.74
C ILE C 26 -26.43 -8.57 82.23
N LEU C 27 -26.76 -7.69 83.19
CA LEU C 27 -27.99 -7.77 83.95
C LEU C 27 -29.19 -7.56 83.02
N PHE C 28 -30.13 -8.53 83.07
CA PHE C 28 -31.29 -8.57 82.21
C PHE C 28 -32.40 -9.32 82.93
N ALA C 29 -33.62 -8.76 82.86
CA ALA C 29 -34.76 -9.27 83.61
C ALA C 29 -36.07 -8.86 82.93
N GLY C 30 -37.18 -9.37 83.46
CA GLY C 30 -38.52 -8.94 83.09
C GLY C 30 -38.92 -9.35 81.68
N VAL C 31 -38.53 -10.58 81.31
CA VAL C 31 -38.82 -11.18 80.01
C VAL C 31 -40.32 -11.51 79.94
N ARG C 32 -40.89 -11.34 78.74
CA ARG C 32 -42.28 -11.67 78.46
C ARG C 32 -42.38 -12.66 77.31
N ASP C 33 -41.48 -12.53 76.31
CA ASP C 33 -41.41 -13.47 75.19
C ASP C 33 -39.94 -13.73 74.83
N VAL C 34 -39.65 -14.98 74.43
CA VAL C 34 -38.36 -15.37 73.86
C VAL C 34 -38.60 -16.40 72.76
N THR C 35 -38.20 -16.05 71.53
CA THR C 35 -38.06 -17.01 70.44
C THR C 35 -36.57 -17.20 70.15
N ILE C 36 -36.11 -18.47 70.17
CA ILE C 36 -34.79 -18.84 69.68
C ILE C 36 -34.99 -19.88 68.59
N THR C 37 -34.50 -19.57 67.38
CA THR C 37 -34.64 -20.41 66.21
C THR C 37 -33.31 -20.48 65.46
N PRO C 38 -32.54 -21.59 65.54
CA PRO C 38 -31.51 -21.88 64.56
C PRO C 38 -32.14 -22.13 63.19
N ALA C 39 -31.55 -21.49 62.17
CA ALA C 39 -32.05 -21.53 60.80
C ALA C 39 -30.89 -21.70 59.83
N TYR C 40 -31.14 -22.45 58.76
CA TYR C 40 -30.29 -22.50 57.59
C TYR C 40 -31.15 -22.18 56.37
N GLU C 41 -30.50 -21.70 55.30
CA GLU C 41 -31.11 -21.65 53.98
C GLU C 41 -31.00 -23.02 53.33
N HIS C 42 -32.08 -23.44 52.67
CA HIS C 42 -32.13 -24.70 51.96
C HIS C 42 -32.10 -24.46 50.46
N ALA C 43 -31.11 -25.07 49.78
CA ALA C 43 -31.09 -25.15 48.34
C ALA C 43 -31.62 -26.51 47.92
N GLU C 44 -32.79 -26.51 47.26
CA GLU C 44 -33.40 -27.71 46.72
C GLU C 44 -32.98 -27.85 45.26
N LEU C 45 -32.33 -28.97 44.94
CA LEU C 45 -31.69 -29.16 43.65
C LEU C 45 -32.35 -30.34 42.92
N TYR C 46 -32.49 -30.19 41.60
CA TYR C 46 -33.26 -31.11 40.76
C TYR C 46 -32.39 -31.62 39.60
N THR C 47 -32.70 -32.82 39.08
CA THR C 47 -31.96 -33.40 37.96
C THR C 47 -32.64 -33.05 36.63
N ILE C 48 -32.08 -33.57 35.53
CA ILE C 48 -32.40 -33.12 34.19
C ILE C 48 -33.61 -33.86 33.61
N ASP C 49 -33.92 -35.06 34.13
CA ASP C 49 -34.94 -35.89 33.53
C ASP C 49 -35.98 -36.34 34.57
N SER C 50 -36.24 -35.46 35.55
CA SER C 50 -37.12 -35.80 36.67
C SER C 50 -37.76 -34.55 37.25
N THR C 51 -38.99 -34.71 37.76
CA THR C 51 -39.70 -33.68 38.49
C THR C 51 -39.34 -33.74 39.98
N PHE C 52 -38.69 -34.83 40.39
CA PHE C 52 -38.37 -35.07 41.79
C PHE C 52 -37.02 -34.44 42.13
N ARG C 53 -36.86 -34.11 43.42
CA ARG C 53 -35.69 -33.47 44.01
C ARG C 53 -34.54 -34.47 44.05
N ASP C 54 -33.34 -34.00 43.63
CA ASP C 54 -32.14 -34.82 43.69
C ASP C 54 -31.54 -34.74 45.09
N GLU C 55 -31.25 -33.50 45.52
CA GLU C 55 -30.54 -33.22 46.75
C GLU C 55 -31.12 -31.95 47.38
N VAL C 56 -30.91 -31.81 48.70
CA VAL C 56 -31.19 -30.58 49.41
C VAL C 56 -30.02 -30.28 50.35
N LYS C 57 -29.59 -29.01 50.38
CA LYS C 57 -28.36 -28.63 51.07
C LYS C 57 -28.58 -27.39 51.95
N ARG C 58 -27.90 -27.39 53.11
CA ARG C 58 -27.91 -26.30 54.07
C ARG C 58 -26.84 -25.28 53.70
N TYR C 59 -27.20 -23.99 53.81
CA TYR C 59 -26.25 -22.89 53.73
C TYR C 59 -26.68 -21.75 54.65
N GLU C 60 -25.73 -20.85 54.93
CA GLU C 60 -25.95 -19.55 55.56
C GLU C 60 -26.72 -19.71 56.86
N HIS C 61 -26.02 -20.15 57.91
CA HIS C 61 -26.59 -20.43 59.21
C HIS C 61 -26.68 -19.15 60.04
N ASN C 62 -27.80 -18.98 60.75
CA ASN C 62 -27.94 -18.00 61.81
C ASN C 62 -28.93 -18.50 62.84
N VAL C 63 -28.86 -17.94 64.06
CA VAL C 63 -29.85 -18.17 65.09
C VAL C 63 -30.66 -16.90 65.25
N ASN C 64 -31.95 -16.97 64.90
CA ASN C 64 -32.88 -15.88 65.13
C ASN C 64 -33.21 -15.83 66.62
N VAL C 65 -32.88 -14.71 67.25
CA VAL C 65 -33.23 -14.42 68.63
C VAL C 65 -34.20 -13.25 68.60
N GLU C 66 -35.37 -13.40 69.23
CA GLU C 66 -36.19 -12.25 69.54
C GLU C 66 -36.80 -12.35 70.93
N ILE C 67 -36.68 -11.23 71.66
CA ILE C 67 -37.01 -11.11 73.07
C ILE C 67 -37.90 -9.89 73.25
N THR C 68 -39.03 -10.10 73.94
CA THR C 68 -39.85 -9.01 74.45
C THR C 68 -39.67 -8.95 75.97
N TYR C 69 -39.40 -7.75 76.49
CA TYR C 69 -39.08 -7.57 77.89
C TYR C 69 -39.62 -6.23 78.41
N ALA C 70 -39.77 -6.13 79.75
CA ALA C 70 -40.49 -5.02 80.37
C ALA C 70 -39.74 -4.42 81.56
N LYS C 71 -38.46 -4.80 81.73
CA LYS C 71 -37.59 -4.18 82.71
C LYS C 71 -36.34 -3.65 82.01
N PHE C 72 -36.10 -2.34 82.16
CA PHE C 72 -35.02 -1.67 81.44
C PHE C 72 -33.69 -1.88 82.16
N SER C 73 -32.67 -2.28 81.40
CA SER C 73 -31.32 -2.47 81.91
C SER C 73 -30.40 -1.42 81.32
N LEU C 74 -29.79 -0.61 82.20
CA LEU C 74 -28.81 0.40 81.80
C LEU C 74 -27.53 -0.29 81.34
N GLU C 75 -27.16 -1.38 82.02
CA GLU C 75 -25.95 -2.11 81.69
C GLU C 75 -26.03 -2.67 80.27
N PHE C 76 -27.16 -3.32 79.94
CA PHE C 76 -27.37 -3.92 78.64
C PHE C 76 -27.29 -2.87 77.53
N ALA C 77 -27.91 -1.71 77.76
CA ALA C 77 -27.99 -0.64 76.79
C ALA C 77 -26.62 0.01 76.59
N GLN C 78 -25.88 0.22 77.69
CA GLN C 78 -24.58 0.87 77.65
C GLN C 78 -23.53 -0.06 77.04
N GLU C 79 -23.70 -1.38 77.23
CA GLU C 79 -22.87 -2.40 76.61
C GLU C 79 -23.07 -2.41 75.10
N TRP C 80 -24.33 -2.27 74.65
CA TRP C 80 -24.69 -2.22 73.24
C TRP C 80 -24.09 -0.98 72.59
N LEU C 81 -24.14 0.15 73.31
CA LEU C 81 -23.62 1.42 72.82
C LEU C 81 -22.10 1.37 72.75
N GLY C 82 -21.47 0.71 73.73
CA GLY C 82 -20.03 0.71 73.89
C GLY C 82 -19.29 -0.17 72.89
N GLY C 83 -19.97 -1.18 72.35
CA GLY C 83 -19.35 -2.18 71.48
C GLY C 83 -18.55 -3.20 72.29
N PRO C 84 -17.76 -4.09 71.64
CA PRO C 84 -16.99 -5.13 72.35
C PRO C 84 -16.04 -4.59 73.42
N GLY C 85 -16.21 -5.11 74.64
CA GLY C 85 -15.31 -4.89 75.76
C GLY C 85 -15.42 -3.51 76.41
N ALA C 86 -16.49 -2.76 76.10
CA ALA C 86 -16.65 -1.39 76.58
C ALA C 86 -18.11 -1.04 76.81
N THR C 87 -18.35 -0.06 77.71
CA THR C 87 -19.64 0.57 77.92
C THR C 87 -19.56 2.05 77.52
N ALA C 88 -20.70 2.62 77.08
CA ALA C 88 -20.77 4.04 76.72
C ALA C 88 -22.15 4.60 77.00
N THR C 89 -22.20 5.92 77.30
CA THR C 89 -23.45 6.65 77.50
C THR C 89 -23.91 7.30 76.20
N ALA C 90 -23.05 7.27 75.16
CA ALA C 90 -23.35 7.89 73.88
C ALA C 90 -23.09 6.89 72.75
N SER C 91 -23.69 7.14 71.58
CA SER C 91 -23.43 6.38 70.37
C SER C 91 -21.95 6.43 70.04
N GLN C 92 -21.38 5.28 69.62
CA GLN C 92 -19.98 5.23 69.25
C GLN C 92 -19.86 5.13 67.75
N ASP C 93 -18.95 5.93 67.18
CA ASP C 93 -18.67 5.95 65.75
C ASP C 93 -17.60 4.90 65.45
N ASP C 94 -17.99 3.62 65.49
CA ASP C 94 -17.12 2.51 65.11
C ASP C 94 -17.94 1.34 64.56
N SER C 95 -17.23 0.39 63.93
CA SER C 95 -17.85 -0.63 63.08
C SER C 95 -17.97 -1.99 63.77
N ASP C 96 -17.55 -2.10 65.03
CA ASP C 96 -17.65 -3.36 65.76
C ASP C 96 -18.92 -3.36 66.62
N PRO C 97 -19.92 -4.24 66.35
CA PRO C 97 -21.08 -4.38 67.23
C PRO C 97 -20.78 -5.22 68.46
N MET C 98 -21.55 -4.98 69.53
CA MET C 98 -21.45 -5.76 70.75
C MET C 98 -22.07 -7.13 70.52
N LYS C 99 -21.24 -8.17 70.71
CA LYS C 99 -21.66 -9.56 70.60
C LYS C 99 -21.98 -10.07 72.01
N PHE C 100 -23.13 -10.74 72.15
CA PHE C 100 -23.60 -11.26 73.41
C PHE C 100 -23.65 -12.79 73.35
N ASN C 101 -23.28 -13.43 74.46
CA ASN C 101 -23.57 -14.85 74.67
C ASN C 101 -24.86 -14.95 75.47
N LEU C 102 -25.76 -15.84 75.03
CA LEU C 102 -27.11 -15.95 75.57
C LEU C 102 -27.34 -17.38 76.06
N GLU C 103 -28.02 -17.53 77.20
CA GLU C 103 -28.38 -18.83 77.73
C GLU C 103 -29.80 -18.79 78.30
N ASN C 104 -30.62 -19.74 77.86
CA ASN C 104 -31.97 -19.93 78.37
C ASN C 104 -32.06 -21.32 79.01
N VAL C 105 -32.40 -21.36 80.30
CA VAL C 105 -32.55 -22.60 81.05
C VAL C 105 -34.02 -22.74 81.43
N THR C 106 -34.63 -23.87 81.04
CA THR C 106 -36.06 -24.07 81.23
C THR C 106 -36.36 -25.52 81.65
N PRO C 107 -36.95 -25.74 82.85
CA PRO C 107 -37.48 -27.06 83.22
C PRO C 107 -38.70 -27.44 82.37
N SER C 108 -38.85 -28.74 82.11
CA SER C 108 -40.07 -29.26 81.51
C SER C 108 -41.19 -29.27 82.54
N ALA C 109 -42.44 -29.38 82.07
CA ALA C 109 -43.63 -29.15 82.88
C ALA C 109 -43.81 -30.21 83.98
N SER C 110 -43.31 -31.42 83.73
CA SER C 110 -43.44 -32.53 84.67
C SER C 110 -42.08 -32.96 85.23
N GLY C 111 -41.04 -32.15 84.99
CA GLY C 111 -39.72 -32.33 85.58
C GLY C 111 -38.93 -33.49 84.96
N GLY C 112 -39.27 -33.84 83.71
CA GLY C 112 -38.62 -34.91 82.98
C GLY C 112 -37.21 -34.56 82.51
N PHE C 113 -36.99 -33.27 82.20
CA PHE C 113 -35.70 -32.77 81.75
C PHE C 113 -35.58 -31.27 82.04
N GLU C 114 -34.37 -30.74 81.90
CA GLU C 114 -34.09 -29.32 81.96
C GLU C 114 -33.39 -28.89 80.68
N ARG C 115 -34.08 -28.05 79.90
CA ARG C 115 -33.62 -27.60 78.58
C ARG C 115 -32.71 -26.40 78.76
N THR C 116 -31.41 -26.58 78.46
CA THR C 116 -30.48 -25.47 78.33
C THR C 116 -30.24 -25.20 76.84
N THR C 117 -30.52 -23.97 76.41
CA THR C 117 -30.15 -23.48 75.09
C THR C 117 -29.11 -22.38 75.26
N ALA C 118 -27.95 -22.59 74.63
CA ALA C 118 -26.89 -21.59 74.61
C ALA C 118 -26.64 -21.14 73.18
N VAL C 119 -26.56 -19.82 72.99
CA VAL C 119 -26.35 -19.20 71.69
C VAL C 119 -25.15 -18.25 71.79
N GLU C 120 -24.27 -18.31 70.78
CA GLU C 120 -23.08 -17.47 70.74
C GLU C 120 -23.29 -16.29 69.79
N ASN C 121 -22.65 -15.16 70.14
CA ASN C 121 -22.44 -13.99 69.30
C ASN C 121 -23.76 -13.46 68.75
N VAL C 122 -24.71 -13.21 69.65
CA VAL C 122 -25.96 -12.55 69.28
C VAL C 122 -25.68 -11.06 69.12
N VAL C 123 -26.07 -10.50 67.97
CA VAL C 123 -26.00 -9.07 67.72
C VAL C 123 -27.40 -8.54 67.44
N PHE C 124 -27.63 -7.29 67.88
CA PHE C 124 -28.91 -6.62 67.71
C PHE C 124 -28.69 -5.39 66.83
N PRO C 125 -29.21 -5.36 65.57
CA PRO C 125 -29.07 -4.19 64.70
C PRO C 125 -29.61 -2.89 65.28
N GLU C 126 -30.63 -3.00 66.14
CA GLU C 126 -31.22 -1.84 66.79
C GLU C 126 -31.59 -2.17 68.23
N LEU C 127 -31.48 -1.15 69.09
CA LEU C 127 -31.74 -1.26 70.52
C LEU C 127 -32.90 -0.33 70.86
N PRO C 128 -34.03 -0.84 71.40
CA PRO C 128 -35.09 0.04 71.91
C PRO C 128 -34.69 0.63 73.26
N LEU C 129 -34.58 1.96 73.31
CA LEU C 129 -34.24 2.66 74.54
C LEU C 129 -35.52 3.06 75.28
N ASP C 130 -36.35 3.87 74.62
CA ASP C 130 -37.65 4.27 75.14
C ASP C 130 -38.73 3.61 74.31
N SER C 131 -39.72 3.01 74.98
CA SER C 131 -40.83 2.34 74.32
C SER C 131 -42.12 2.58 75.11
N ALA C 132 -42.52 3.86 75.17
CA ALA C 132 -43.61 4.33 76.01
C ALA C 132 -44.93 4.27 75.24
N THR C 133 -45.98 3.81 75.94
CA THR C 133 -47.36 3.81 75.47
C THR C 133 -48.26 4.19 76.64
N TYR C 134 -49.21 5.11 76.40
CA TYR C 134 -50.06 5.66 77.45
C TYR C 134 -50.78 4.53 78.20
N GLY C 135 -50.59 4.52 79.52
CA GLY C 135 -51.27 3.59 80.42
C GLY C 135 -50.67 2.18 80.40
N GLU C 136 -49.39 2.08 80.00
CA GLU C 136 -48.69 0.81 79.93
C GLU C 136 -47.27 0.98 80.48
N TYR C 137 -46.68 -0.13 80.94
CA TYR C 137 -45.25 -0.18 81.22
C TYR C 137 -44.50 -0.31 79.90
N GLU C 138 -43.28 0.25 79.85
CA GLU C 138 -42.47 0.24 78.65
C GLU C 138 -42.09 -1.20 78.30
N GLU C 139 -42.47 -1.61 77.09
CA GLU C 139 -42.22 -2.96 76.62
C GLU C 139 -41.31 -2.89 75.38
N TYR C 140 -40.21 -3.64 75.45
CA TYR C 140 -39.08 -3.51 74.54
C TYR C 140 -38.93 -4.78 73.71
N SER C 141 -38.74 -4.62 72.40
CA SER C 141 -38.55 -5.73 71.48
C SER C 141 -37.14 -5.72 70.90
N LEU C 142 -36.40 -6.82 71.10
CA LEU C 142 -35.12 -7.06 70.46
C LEU C 142 -35.30 -8.13 69.40
N THR C 143 -34.83 -7.85 68.17
CA THR C 143 -34.61 -8.87 67.16
C THR C 143 -33.11 -8.88 66.83
N GLY C 144 -32.53 -10.09 66.86
CA GLY C 144 -31.09 -10.24 66.63
C GLY C 144 -30.74 -11.56 65.96
N SER C 145 -29.45 -11.70 65.61
CA SER C 145 -28.93 -12.91 65.00
C SER C 145 -27.66 -13.37 65.73
N GLY C 146 -27.70 -14.62 66.18
CA GLY C 146 -26.55 -15.32 66.73
C GLY C 146 -25.83 -16.14 65.66
N ARG C 147 -24.56 -16.49 65.94
CA ARG C 147 -23.73 -17.24 65.02
C ARG C 147 -24.15 -18.72 65.02
N SER C 148 -24.27 -19.32 66.22
CA SER C 148 -24.59 -20.73 66.36
C SER C 148 -25.18 -21.04 67.72
N VAL C 149 -25.78 -22.24 67.83
CA VAL C 149 -26.18 -22.84 69.09
C VAL C 149 -24.97 -23.60 69.63
N THR C 150 -24.51 -23.23 70.84
CA THR C 150 -23.32 -23.84 71.42
C THR C 150 -23.69 -25.02 72.30
N ASN C 151 -24.92 -25.01 72.83
CA ASN C 151 -25.41 -26.10 73.67
C ASN C 151 -26.92 -26.25 73.55
N LEU C 152 -27.36 -27.50 73.43
CA LEU C 152 -28.74 -27.91 73.61
C LEU C 152 -28.74 -29.30 74.25
N ALA C 153 -29.11 -29.33 75.54
CA ALA C 153 -28.96 -30.55 76.34
C ALA C 153 -30.00 -30.59 77.46
N ASP C 154 -30.19 -31.79 78.01
CA ASP C 154 -30.80 -31.97 79.32
C ASP C 154 -29.72 -31.73 80.37
N THR C 155 -29.91 -30.68 81.19
CA THR C 155 -28.91 -30.29 82.17
C THR C 155 -29.30 -30.72 83.58
N SER C 156 -30.41 -31.45 83.71
CA SER C 156 -30.76 -32.10 84.97
C SER C 156 -29.82 -33.28 85.20
N GLY C 157 -29.44 -33.50 86.46
CA GLY C 157 -28.53 -34.57 86.82
C GLY C 157 -28.19 -34.59 88.31
N ALA D 2 -23.61 -2.87 89.71
CA ALA D 2 -24.48 -2.36 88.61
C ALA D 2 -25.92 -2.20 89.11
N THR D 3 -26.70 -1.37 88.41
CA THR D 3 -28.09 -1.08 88.73
C THR D 3 -28.97 -2.26 88.31
N SER D 4 -29.97 -2.59 89.14
CA SER D 4 -30.92 -3.65 88.84
C SER D 4 -31.81 -3.22 87.68
N PRO D 5 -32.16 -4.13 86.72
CA PRO D 5 -33.20 -3.85 85.74
C PRO D 5 -34.55 -3.67 86.43
N GLU D 6 -35.32 -2.67 85.98
CA GLU D 6 -36.53 -2.25 86.68
C GLU D 6 -37.56 -1.79 85.65
N GLY D 7 -38.85 -1.92 86.01
CA GLY D 7 -39.95 -1.44 85.19
C GLY D 7 -39.93 0.07 85.03
N ILE D 8 -40.39 0.54 83.87
CA ILE D 8 -40.59 1.96 83.61
C ILE D 8 -42.04 2.17 83.21
N TRP D 9 -42.71 3.10 83.91
CA TRP D 9 -44.09 3.48 83.64
C TRP D 9 -44.10 4.62 82.63
N SER D 10 -44.89 4.46 81.56
CA SER D 10 -44.86 5.33 80.40
C SER D 10 -45.31 6.75 80.75
N ASN D 11 -46.22 6.88 81.72
CA ASN D 11 -46.86 8.16 82.03
C ASN D 11 -45.94 9.04 82.89
N SER D 12 -44.76 8.53 83.25
CA SER D 12 -43.83 9.25 84.13
C SER D 12 -42.81 10.04 83.32
N GLY D 13 -42.89 9.97 81.99
CA GLY D 13 -41.91 10.58 81.10
C GLY D 13 -42.14 12.07 80.91
N ALA D 14 -41.03 12.83 80.90
CA ALA D 14 -41.02 14.22 80.48
C ALA D 14 -40.18 14.36 79.22
N LEU D 15 -40.84 14.70 78.10
CA LEU D 15 -40.19 14.89 76.82
C LEU D 15 -40.02 16.37 76.55
N THR D 16 -38.76 16.78 76.31
CA THR D 16 -38.43 18.16 75.99
C THR D 16 -37.75 18.23 74.62
N PHE D 17 -38.16 19.24 73.84
CA PHE D 17 -37.55 19.57 72.56
C PHE D 17 -36.81 20.89 72.69
N GLU D 18 -35.58 20.93 72.14
CA GLU D 18 -34.75 22.11 72.20
C GLU D 18 -34.24 22.44 70.79
N ASP D 19 -34.11 23.75 70.54
CA ASP D 19 -33.38 24.27 69.39
C ASP D 19 -31.89 24.06 69.65
N PRO D 20 -31.15 23.31 68.81
CA PRO D 20 -29.72 23.10 69.00
C PRO D 20 -28.83 24.34 68.95
N ALA D 21 -29.38 25.45 68.44
CA ALA D 21 -28.66 26.71 68.34
C ALA D 21 -28.57 27.41 69.70
N ASP D 22 -29.73 27.53 70.36
CA ASP D 22 -29.89 28.29 71.60
C ASP D 22 -29.76 27.40 72.83
N ASP D 23 -30.22 26.15 72.70
CA ASP D 23 -30.64 25.29 73.80
C ASP D 23 -31.90 25.86 74.46
N SER D 24 -32.78 26.48 73.66
CA SER D 24 -34.04 27.01 74.13
C SER D 24 -35.16 25.98 73.90
N GLU D 25 -36.14 25.96 74.81
CA GLU D 25 -37.22 24.98 74.75
C GLU D 25 -38.23 25.37 73.68
N ILE D 26 -38.55 24.37 72.84
CA ILE D 26 -39.66 24.43 71.90
C ILE D 26 -40.85 23.74 72.56
N LEU D 27 -41.96 24.46 72.69
CA LEU D 27 -43.09 24.06 73.52
C LEU D 27 -43.77 22.82 72.91
N PHE D 28 -43.77 21.75 73.71
CA PHE D 28 -44.31 20.46 73.32
C PHE D 28 -44.96 19.81 74.54
N ALA D 29 -46.12 19.17 74.32
CA ALA D 29 -46.93 18.60 75.39
C ALA D 29 -47.86 17.53 74.83
N GLY D 30 -48.46 16.76 75.75
CA GLY D 30 -49.57 15.87 75.46
C GLY D 30 -49.16 14.64 74.66
N VAL D 31 -47.99 14.07 74.99
CA VAL D 31 -47.50 12.84 74.39
C VAL D 31 -48.35 11.67 74.88
N ARG D 32 -48.44 10.63 74.03
CA ARG D 32 -49.17 9.41 74.33
C ARG D 32 -48.27 8.19 74.07
N ASP D 33 -47.50 8.23 72.96
CA ASP D 33 -46.49 7.23 72.65
C ASP D 33 -45.15 7.91 72.37
N VAL D 34 -44.05 7.26 72.79
CA VAL D 34 -42.68 7.64 72.43
C VAL D 34 -41.87 6.37 72.21
N THR D 35 -41.26 6.24 71.03
CA THR D 35 -40.28 5.20 70.74
C THR D 35 -38.97 5.84 70.31
N ILE D 36 -37.89 5.52 71.05
CA ILE D 36 -36.53 5.92 70.68
C ILE D 36 -35.71 4.64 70.47
N THR D 37 -35.15 4.50 69.26
CA THR D 37 -34.44 3.31 68.83
C THR D 37 -33.17 3.71 68.08
N PRO D 38 -31.98 3.70 68.72
CA PRO D 38 -30.71 3.70 67.99
C PRO D 38 -30.54 2.43 67.16
N ALA D 39 -30.06 2.62 65.93
CA ALA D 39 -29.93 1.56 64.94
C ALA D 39 -28.66 1.75 64.12
N TYR D 40 -28.05 0.62 63.73
CA TYR D 40 -27.03 0.58 62.71
C TYR D 40 -27.43 -0.47 61.67
N GLU D 41 -27.00 -0.25 60.43
CA GLU D 41 -27.05 -1.30 59.43
C GLU D 41 -25.95 -2.32 59.76
N HIS D 42 -26.35 -3.59 59.89
CA HIS D 42 -25.41 -4.67 60.15
C HIS D 42 -25.16 -5.44 58.87
N ALA D 43 -23.88 -5.48 58.46
CA ALA D 43 -23.43 -6.42 57.45
C ALA D 43 -23.03 -7.72 58.14
N GLU D 44 -23.76 -8.80 57.84
CA GLU D 44 -23.44 -10.12 58.38
C GLU D 44 -22.59 -10.85 57.34
N LEU D 45 -21.31 -11.05 57.66
CA LEU D 45 -20.34 -11.53 56.69
C LEU D 45 -20.11 -13.03 56.84
N TYR D 46 -20.12 -13.73 55.70
CA TYR D 46 -19.89 -15.17 55.59
C TYR D 46 -18.67 -15.43 54.71
N THR D 47 -18.00 -16.58 54.93
CA THR D 47 -16.76 -16.94 54.26
C THR D 47 -17.01 -18.01 53.19
N ILE D 48 -15.93 -18.50 52.57
CA ILE D 48 -15.98 -19.34 51.38
C ILE D 48 -16.65 -20.69 51.67
N ASP D 49 -16.09 -21.46 52.62
CA ASP D 49 -16.34 -22.89 52.67
C ASP D 49 -17.23 -23.28 53.85
N SER D 50 -17.69 -22.28 54.61
CA SER D 50 -18.38 -22.48 55.87
C SER D 50 -19.81 -21.94 55.78
N THR D 51 -20.73 -22.60 56.49
CA THR D 51 -22.12 -22.18 56.58
C THR D 51 -22.28 -21.11 57.66
N PHE D 52 -21.29 -21.00 58.55
CA PHE D 52 -21.33 -20.11 59.70
C PHE D 52 -20.84 -18.71 59.32
N ARG D 53 -21.35 -17.71 60.06
CA ARG D 53 -20.98 -16.32 59.94
C ARG D 53 -19.58 -16.11 60.53
N ASP D 54 -18.77 -15.28 59.86
CA ASP D 54 -17.41 -15.01 60.29
C ASP D 54 -17.36 -13.73 61.12
N GLU D 55 -17.96 -12.67 60.59
CA GLU D 55 -18.00 -11.37 61.25
C GLU D 55 -19.35 -10.70 61.05
N VAL D 56 -19.61 -9.67 61.87
CA VAL D 56 -20.68 -8.73 61.63
C VAL D 56 -20.14 -7.33 61.93
N LYS D 57 -20.44 -6.38 61.02
CA LYS D 57 -19.91 -5.03 61.10
C LYS D 57 -21.05 -4.02 61.03
N ARG D 58 -20.91 -2.94 61.81
CA ARG D 58 -21.86 -1.84 61.86
C ARG D 58 -21.49 -0.79 60.81
N TYR D 59 -22.54 -0.19 60.22
CA TYR D 59 -22.42 1.00 59.40
C TYR D 59 -23.72 1.81 59.51
N GLU D 60 -23.64 3.09 59.13
CA GLU D 60 -24.79 3.91 58.77
C GLU D 60 -25.76 4.05 59.95
N HIS D 61 -25.31 4.77 60.99
CA HIS D 61 -26.03 4.93 62.24
C HIS D 61 -27.17 5.95 62.09
N ASN D 62 -28.28 5.68 62.78
CA ASN D 62 -29.36 6.63 62.99
C ASN D 62 -30.13 6.26 64.25
N VAL D 63 -30.89 7.22 64.78
CA VAL D 63 -31.83 6.98 65.86
C VAL D 63 -33.24 7.19 65.31
N ASN D 64 -34.03 6.11 65.30
CA ASN D 64 -35.44 6.21 64.95
C ASN D 64 -36.20 6.79 66.13
N VAL D 65 -36.83 7.94 65.89
CA VAL D 65 -37.71 8.59 66.86
C VAL D 65 -39.11 8.57 66.29
N GLU D 66 -40.07 8.06 67.06
CA GLU D 66 -41.47 8.24 66.72
C GLU D 66 -42.30 8.58 67.97
N ILE D 67 -43.13 9.62 67.82
CA ILE D 67 -43.89 10.23 68.90
C ILE D 67 -45.35 10.36 68.45
N THR D 68 -46.27 9.98 69.34
CA THR D 68 -47.69 10.26 69.19
C THR D 68 -48.09 11.26 70.27
N TYR D 69 -48.83 12.32 69.86
CA TYR D 69 -49.21 13.39 70.77
C TYR D 69 -50.58 13.96 70.41
N ALA D 70 -51.22 14.65 71.37
CA ALA D 70 -52.61 15.05 71.27
C ALA D 70 -52.82 16.55 71.54
N LYS D 71 -51.72 17.30 71.75
CA LYS D 71 -51.81 18.74 71.94
C LYS D 71 -51.00 19.43 70.83
N PHE D 72 -51.67 20.36 70.12
CA PHE D 72 -51.06 21.00 68.97
C PHE D 72 -50.19 22.18 69.40
N SER D 73 -48.95 22.19 68.90
CA SER D 73 -48.00 23.27 69.16
C SER D 73 -47.76 24.06 67.88
N LEU D 74 -48.13 25.35 67.93
CA LEU D 74 -47.88 26.28 66.85
C LEU D 74 -46.37 26.53 66.72
N GLU D 75 -45.68 26.58 67.86
CA GLU D 75 -44.24 26.82 67.89
C GLU D 75 -43.51 25.69 67.16
N PHE D 76 -43.79 24.43 67.54
CA PHE D 76 -43.14 23.27 66.96
C PHE D 76 -43.37 23.23 65.45
N ALA D 77 -44.60 23.51 65.02
CA ALA D 77 -45.01 23.44 63.63
C ALA D 77 -44.35 24.55 62.82
N GLN D 78 -44.29 25.77 63.38
CA GLN D 78 -43.76 26.93 62.68
C GLN D 78 -42.23 26.87 62.63
N GLU D 79 -41.63 26.18 63.60
CA GLU D 79 -40.20 25.93 63.64
C GLU D 79 -39.81 24.90 62.58
N TRP D 80 -40.68 23.88 62.41
CA TRP D 80 -40.49 22.84 61.40
C TRP D 80 -40.58 23.43 60.00
N LEU D 81 -41.51 24.39 59.82
CA LEU D 81 -41.73 25.02 58.53
C LEU D 81 -40.56 25.93 58.17
N GLY D 82 -40.03 26.65 59.16
CA GLY D 82 -39.02 27.67 58.96
C GLY D 82 -37.65 27.12 58.61
N GLY D 83 -37.38 25.88 59.04
CA GLY D 83 -36.04 25.29 58.96
C GLY D 83 -35.15 25.78 60.09
N PRO D 84 -33.83 25.53 60.06
CA PRO D 84 -32.92 25.97 61.12
C PRO D 84 -32.92 27.48 61.34
N GLY D 85 -33.02 27.88 62.61
CA GLY D 85 -32.84 29.25 63.06
C GLY D 85 -34.02 30.17 62.73
N ALA D 86 -35.11 29.60 62.21
CA ALA D 86 -36.20 30.41 61.65
C ALA D 86 -37.57 29.83 62.01
N THR D 87 -38.56 30.73 62.11
CA THR D 87 -39.96 30.43 62.31
C THR D 87 -40.74 30.89 61.06
N ALA D 88 -41.66 30.07 60.57
CA ALA D 88 -42.43 30.42 59.37
C ALA D 88 -43.88 29.94 59.44
N THR D 89 -44.78 30.72 58.83
CA THR D 89 -46.21 30.40 58.77
C THR D 89 -46.56 29.70 57.46
N ALA D 90 -45.56 29.46 56.61
CA ALA D 90 -45.77 28.84 55.30
C ALA D 90 -44.62 27.90 54.97
N SER D 91 -44.87 26.95 54.06
CA SER D 91 -43.86 26.06 53.51
C SER D 91 -42.73 26.88 52.90
N GLN D 92 -41.49 26.47 53.20
CA GLN D 92 -40.33 27.15 52.66
C GLN D 92 -39.72 26.29 51.56
N ASP D 93 -39.39 26.93 50.44
CA ASP D 93 -38.70 26.29 49.33
C ASP D 93 -37.19 26.34 49.60
N ASP D 94 -36.74 25.56 50.59
CA ASP D 94 -35.33 25.40 50.88
C ASP D 94 -35.04 23.98 51.36
N SER D 95 -33.77 23.61 51.31
CA SER D 95 -33.33 22.23 51.45
C SER D 95 -32.89 21.88 52.87
N ASP D 96 -32.92 22.85 53.79
CA ASP D 96 -32.45 22.64 55.15
C ASP D 96 -33.61 22.30 56.08
N PRO D 97 -33.70 21.06 56.61
CA PRO D 97 -34.73 20.72 57.60
C PRO D 97 -34.38 21.23 58.99
N MET D 98 -35.41 21.55 59.77
CA MET D 98 -35.25 21.92 61.17
C MET D 98 -34.77 20.71 61.96
N LYS D 99 -33.64 20.89 62.65
CA LYS D 99 -33.06 19.89 63.52
C LYS D 99 -33.47 20.19 64.96
N PHE D 100 -33.99 19.17 65.64
CA PHE D 100 -34.42 19.30 67.02
C PHE D 100 -33.51 18.44 67.91
N ASN D 101 -33.14 19.00 69.06
CA ASN D 101 -32.55 18.21 70.14
C ASN D 101 -33.68 17.69 71.01
N LEU D 102 -33.65 16.38 71.27
CA LEU D 102 -34.70 15.70 72.03
C LEU D 102 -34.10 15.13 73.30
N GLU D 103 -34.85 15.23 74.40
CA GLU D 103 -34.49 14.62 75.66
C GLU D 103 -35.76 14.06 76.33
N ASN D 104 -35.66 12.80 76.77
CA ASN D 104 -36.70 12.14 77.54
C ASN D 104 -36.15 11.75 78.90
N VAL D 105 -36.86 12.15 79.97
CA VAL D 105 -36.48 11.85 81.33
C VAL D 105 -37.59 11.03 81.98
N THR D 106 -37.25 9.79 82.39
CA THR D 106 -38.20 8.85 82.96
C THR D 106 -37.63 8.26 84.27
N PRO D 107 -38.30 8.44 85.42
CA PRO D 107 -38.02 7.63 86.62
C PRO D 107 -38.40 6.16 86.41
N SER D 108 -37.69 5.27 87.11
CA SER D 108 -38.08 3.86 87.16
C SER D 108 -39.27 3.70 88.09
N ALA D 109 -39.95 2.54 87.99
CA ALA D 109 -41.25 2.31 88.61
C ALA D 109 -41.18 2.30 90.13
N SER D 110 -40.01 1.96 90.70
CA SER D 110 -39.84 1.93 92.15
C SER D 110 -38.55 2.61 92.60
N GLY D 111 -38.00 3.48 91.74
CA GLY D 111 -37.07 4.52 92.14
C GLY D 111 -35.59 4.12 92.15
N GLY D 112 -35.26 3.01 91.47
CA GLY D 112 -33.90 2.52 91.37
C GLY D 112 -32.97 3.45 90.58
N PHE D 113 -33.54 4.16 89.58
CA PHE D 113 -32.79 5.06 88.72
C PHE D 113 -33.71 6.08 88.07
N GLU D 114 -33.10 7.10 87.45
CA GLU D 114 -33.77 8.02 86.55
C GLU D 114 -33.05 7.97 85.20
N ARG D 115 -33.79 7.60 84.15
CA ARG D 115 -33.25 7.36 82.83
C ARG D 115 -33.40 8.62 81.98
N THR D 116 -32.25 9.22 81.61
CA THR D 116 -32.21 10.30 80.65
C THR D 116 -31.73 9.75 79.30
N THR D 117 -32.58 9.90 78.28
CA THR D 117 -32.20 9.67 76.89
C THR D 117 -32.12 11.02 76.18
N ALA D 118 -30.98 11.30 75.54
CA ALA D 118 -30.80 12.51 74.76
C ALA D 118 -30.38 12.16 73.34
N VAL D 119 -31.08 12.74 72.36
CA VAL D 119 -30.86 12.47 70.93
C VAL D 119 -30.61 13.81 70.23
N GLU D 120 -29.55 13.86 69.42
CA GLU D 120 -29.19 15.06 68.67
C GLU D 120 -29.78 15.02 67.26
N ASN D 121 -30.13 16.21 66.76
CA ASN D 121 -30.45 16.49 65.37
C ASN D 121 -31.55 15.57 64.84
N VAL D 122 -32.67 15.51 65.57
CA VAL D 122 -33.85 14.78 65.13
C VAL D 122 -34.53 15.62 64.04
N VAL D 123 -34.76 14.99 62.88
CA VAL D 123 -35.47 15.62 61.78
C VAL D 123 -36.69 14.77 61.43
N PHE D 124 -37.77 15.43 61.00
CA PHE D 124 -39.02 14.79 60.67
C PHE D 124 -39.34 15.03 59.20
N PRO D 125 -39.43 13.99 58.34
CA PRO D 125 -39.80 14.16 56.93
C PRO D 125 -41.16 14.83 56.71
N GLU D 126 -42.12 14.53 57.58
CA GLU D 126 -43.46 15.09 57.45
C GLU D 126 -44.02 15.50 58.81
N LEU D 127 -44.87 16.52 58.79
CA LEU D 127 -45.50 17.08 59.97
C LEU D 127 -47.01 16.99 59.79
N PRO D 128 -47.73 16.26 60.68
CA PRO D 128 -49.20 16.31 60.68
C PRO D 128 -49.68 17.61 61.31
N LEU D 129 -50.38 18.41 60.50
CA LEU D 129 -50.95 19.67 60.96
C LEU D 129 -52.37 19.42 61.46
N ASP D 130 -53.25 18.97 60.56
CA ASP D 130 -54.60 18.58 60.89
C ASP D 130 -54.69 17.07 60.86
N SER D 131 -55.29 16.49 61.91
CA SER D 131 -55.46 15.06 62.05
C SER D 131 -56.79 14.75 62.72
N ALA D 132 -57.87 15.19 62.06
CA ALA D 132 -59.22 15.18 62.61
C ALA D 132 -59.94 13.88 62.24
N THR D 133 -60.66 13.32 63.22
CA THR D 133 -61.53 12.16 63.05
C THR D 133 -62.79 12.39 63.89
N TYR D 134 -63.95 12.04 63.33
CA TYR D 134 -65.23 12.28 63.96
C TYR D 134 -65.26 11.71 65.39
N GLY D 135 -65.56 12.59 66.35
CA GLY D 135 -65.77 12.23 67.74
C GLY D 135 -64.48 11.97 68.52
N GLU D 136 -63.35 12.47 68.01
CA GLU D 136 -62.06 12.27 68.64
C GLU D 136 -61.28 13.58 68.71
N TYR D 137 -60.33 13.66 69.64
CA TYR D 137 -59.33 14.71 69.67
C TYR D 137 -58.28 14.41 68.61
N GLU D 138 -57.72 15.46 68.03
CA GLU D 138 -56.71 15.31 66.99
C GLU D 138 -55.47 14.64 67.57
N GLU D 139 -55.01 13.59 66.89
CA GLU D 139 -53.88 12.80 67.33
C GLU D 139 -52.82 12.77 66.23
N TYR D 140 -51.60 13.13 66.61
CA TYR D 140 -50.52 13.45 65.68
C TYR D 140 -49.37 12.45 65.86
N SER D 141 -48.93 11.85 64.74
CA SER D 141 -47.83 10.91 64.75
C SER D 141 -46.65 11.45 63.94
N LEU D 142 -45.51 11.61 64.63
CA LEU D 142 -44.24 12.00 64.03
C LEU D 142 -43.36 10.75 63.89
N THR D 143 -42.75 10.59 62.71
CA THR D 143 -41.66 9.66 62.51
C THR D 143 -40.45 10.46 62.05
N GLY D 144 -39.29 10.20 62.67
CA GLY D 144 -38.09 10.97 62.37
C GLY D 144 -36.80 10.22 62.68
N SER D 145 -35.67 10.83 62.31
CA SER D 145 -34.35 10.23 62.54
C SER D 145 -33.39 11.25 63.14
N GLY D 146 -32.82 10.87 64.29
CA GLY D 146 -31.72 11.58 64.91
C GLY D 146 -30.37 11.06 64.42
N ARG D 147 -29.32 11.85 64.66
CA ARG D 147 -27.98 11.51 64.23
C ARG D 147 -27.36 10.49 65.20
N SER D 148 -27.43 10.79 66.50
CA SER D 148 -26.84 9.95 67.53
C SER D 148 -27.51 10.16 68.89
N VAL D 149 -27.27 9.21 69.80
CA VAL D 149 -27.61 9.34 71.20
C VAL D 149 -26.42 10.04 71.89
N THR D 150 -26.70 11.16 72.57
CA THR D 150 -25.65 11.94 73.21
C THR D 150 -25.54 11.57 74.68
N ASN D 151 -26.66 11.12 75.28
CA ASN D 151 -26.69 10.72 76.67
C ASN D 151 -27.67 9.56 76.86
N LEU D 152 -27.20 8.53 77.56
CA LEU D 152 -28.05 7.52 78.17
C LEU D 152 -27.42 7.14 79.51
N ALA D 153 -28.04 7.64 80.59
CA ALA D 153 -27.43 7.55 81.91
C ALA D 153 -28.51 7.51 83.00
N ASP D 154 -28.09 7.03 84.17
CA ASP D 154 -28.82 7.28 85.41
C ASP D 154 -28.53 8.72 85.84
N THR D 155 -29.59 9.52 85.95
CA THR D 155 -29.47 10.93 86.31
C THR D 155 -30.13 11.20 87.66
N SER D 156 -30.40 10.14 88.44
CA SER D 156 -30.84 10.29 89.81
C SER D 156 -29.71 10.86 90.66
N GLY D 157 -30.08 11.58 91.73
CA GLY D 157 -29.20 12.47 92.48
C GLY D 157 -28.02 11.75 93.10
N ALA E 2 -44.67 32.46 74.15
CA ALA E 2 -45.19 31.50 73.14
C ALA E 2 -46.50 30.88 73.62
N THR E 3 -47.34 30.48 72.65
CA THR E 3 -48.65 29.92 72.89
C THR E 3 -48.52 28.49 73.41
N SER E 4 -49.20 28.20 74.52
CA SER E 4 -49.21 26.88 75.13
C SER E 4 -49.80 25.86 74.15
N PRO E 5 -49.24 24.64 74.04
CA PRO E 5 -49.87 23.57 73.27
C PRO E 5 -51.19 23.18 73.92
N GLU E 6 -52.20 22.89 73.08
CA GLU E 6 -53.56 22.66 73.54
C GLU E 6 -54.21 21.61 72.65
N GLY E 7 -55.18 20.88 73.22
CA GLY E 7 -55.94 19.88 72.50
C GLY E 7 -56.86 20.51 71.46
N ILE E 8 -57.08 19.79 70.35
CA ILE E 8 -58.01 20.21 69.31
C ILE E 8 -59.07 19.13 69.13
N TRP E 9 -60.34 19.53 69.23
CA TRP E 9 -61.49 18.66 69.03
C TRP E 9 -61.84 18.67 67.55
N SER E 10 -61.97 17.46 66.97
CA SER E 10 -62.11 17.28 65.52
C SER E 10 -63.38 17.94 64.99
N ASN E 11 -64.45 17.92 65.79
CA ASN E 11 -65.77 18.33 65.35
C ASN E 11 -65.89 19.86 65.31
N SER E 12 -64.87 20.58 65.80
CA SER E 12 -64.88 22.03 65.88
C SER E 12 -64.30 22.67 64.63
N GLY E 13 -63.93 21.85 63.64
CA GLY E 13 -63.25 22.31 62.43
C GLY E 13 -64.22 22.71 61.32
N ALA E 14 -63.87 23.80 60.62
CA ALA E 14 -64.60 24.27 59.45
C ALA E 14 -63.68 24.20 58.23
N LEU E 15 -64.02 23.30 57.29
CA LEU E 15 -63.26 23.11 56.06
C LEU E 15 -63.96 23.83 54.92
N THR E 16 -63.17 24.64 54.19
CA THR E 16 -63.66 25.38 53.04
C THR E 16 -62.76 25.13 51.82
N PHE E 17 -63.41 25.01 50.66
CA PHE E 17 -62.75 24.87 49.37
C PHE E 17 -63.02 26.11 48.53
N GLU E 18 -61.96 26.62 47.89
CA GLU E 18 -62.05 27.79 47.04
C GLU E 18 -61.42 27.52 45.69
N ASP E 19 -62.01 28.10 44.64
CA ASP E 19 -61.42 28.14 43.32
C ASP E 19 -60.29 29.18 43.35
N PRO E 20 -59.03 28.81 43.04
CA PRO E 20 -57.91 29.76 43.05
C PRO E 20 -57.99 30.88 42.01
N ALA E 21 -58.90 30.75 41.04
CA ALA E 21 -59.10 31.76 40.01
C ALA E 21 -59.86 32.96 40.57
N ASP E 22 -60.94 32.70 41.31
CA ASP E 22 -61.89 33.71 41.76
C ASP E 22 -61.74 34.00 43.26
N ASP E 23 -61.19 33.03 44.01
CA ASP E 23 -61.29 32.96 45.46
C ASP E 23 -62.76 32.85 45.89
N SER E 24 -63.53 32.04 45.15
CA SER E 24 -64.94 31.82 45.42
C SER E 24 -65.15 30.43 46.00
N GLU E 25 -66.10 30.32 46.94
CA GLU E 25 -66.34 29.09 47.68
C GLU E 25 -67.02 28.06 46.78
N ILE E 26 -66.36 26.89 46.67
CA ILE E 26 -66.94 25.69 46.13
C ILE E 26 -67.62 24.97 47.29
N LEU E 27 -68.94 24.80 47.18
CA LEU E 27 -69.77 24.32 48.28
C LEU E 27 -69.36 22.90 48.67
N PHE E 28 -69.05 22.71 49.96
CA PHE E 28 -68.54 21.46 50.50
C PHE E 28 -68.92 21.38 51.98
N ALA E 29 -69.36 20.19 52.42
CA ALA E 29 -69.89 20.01 53.77
C ALA E 29 -69.80 18.55 54.20
N GLY E 30 -70.06 18.32 55.49
CA GLY E 30 -70.29 17.01 56.06
C GLY E 30 -69.03 16.14 56.10
N VAL E 31 -67.92 16.74 56.54
CA VAL E 31 -66.68 16.01 56.75
C VAL E 31 -66.83 15.09 57.97
N ARG E 32 -66.03 14.02 57.97
CA ARG E 32 -65.92 13.11 59.10
C ARG E 32 -64.46 13.03 59.54
N ASP E 33 -63.53 12.89 58.57
CA ASP E 33 -62.10 12.87 58.83
C ASP E 33 -61.38 13.86 57.91
N VAL E 34 -60.34 14.53 58.44
CA VAL E 34 -59.46 15.40 57.67
C VAL E 34 -58.01 15.17 58.14
N THR E 35 -57.13 14.84 57.20
CA THR E 35 -55.69 14.80 57.43
C THR E 35 -55.00 15.77 56.46
N ILE E 36 -54.23 16.71 57.03
CA ILE E 36 -53.34 17.58 56.27
C ILE E 36 -51.92 17.39 56.79
N THR E 37 -51.01 16.98 55.89
CA THR E 37 -49.63 16.65 56.24
C THR E 37 -48.70 17.25 55.20
N PRO E 38 -48.01 18.40 55.48
CA PRO E 38 -46.83 18.80 54.73
C PRO E 38 -45.68 17.80 54.90
N ALA E 39 -45.11 17.41 53.76
CA ALA E 39 -44.12 16.34 53.69
C ALA E 39 -42.99 16.74 52.75
N TYR E 40 -41.77 16.33 53.11
CA TYR E 40 -40.62 16.35 52.24
C TYR E 40 -39.98 14.97 52.26
N GLU E 41 -39.23 14.66 51.19
CA GLU E 41 -38.33 13.53 51.18
C GLU E 41 -37.02 13.97 51.84
N HIS E 42 -36.45 13.09 52.69
CA HIS E 42 -35.19 13.38 53.35
C HIS E 42 -34.08 12.54 52.73
N ALA E 43 -33.03 13.24 52.26
CA ALA E 43 -31.79 12.59 51.88
C ALA E 43 -30.83 12.66 53.07
N GLU E 44 -30.57 11.49 53.66
CA GLU E 44 -29.61 11.35 54.74
C GLU E 44 -28.25 11.00 54.13
N LEU E 45 -27.29 11.91 54.31
CA LEU E 45 -26.01 11.82 53.64
C LEU E 45 -24.91 11.51 54.64
N TYR E 46 -24.13 10.47 54.33
CA TYR E 46 -23.07 9.96 55.17
C TYR E 46 -21.72 10.32 54.54
N THR E 47 -20.62 10.08 55.27
CA THR E 47 -19.29 10.48 54.83
C THR E 47 -18.31 9.31 54.92
N ILE E 48 -17.07 9.57 54.50
CA ILE E 48 -16.10 8.59 54.03
C ILE E 48 -15.56 7.71 55.16
N ASP E 49 -15.37 8.29 56.36
CA ASP E 49 -14.64 7.62 57.43
C ASP E 49 -15.46 7.63 58.73
N SER E 50 -16.79 7.51 58.60
CA SER E 50 -17.69 7.64 59.73
C SER E 50 -18.96 6.83 59.50
N THR E 51 -19.51 6.28 60.59
CA THR E 51 -20.80 5.62 60.60
C THR E 51 -21.92 6.64 60.81
N PHE E 52 -21.55 7.86 61.24
CA PHE E 52 -22.50 8.90 61.61
C PHE E 52 -22.91 9.70 60.38
N ARG E 53 -24.10 10.31 60.47
CA ARG E 53 -24.70 11.13 59.43
C ARG E 53 -23.97 12.47 59.35
N ASP E 54 -23.67 12.88 58.11
CA ASP E 54 -22.97 14.13 57.84
C ASP E 54 -23.98 15.27 57.72
N GLU E 55 -24.91 15.12 56.77
CA GLU E 55 -25.92 16.12 56.48
C GLU E 55 -27.26 15.43 56.22
N VAL E 56 -28.35 16.19 56.42
CA VAL E 56 -29.68 15.77 55.99
C VAL E 56 -30.36 16.95 55.28
N LYS E 57 -30.98 16.66 54.14
CA LYS E 57 -31.56 17.67 53.27
C LYS E 57 -32.99 17.31 52.89
N ARG E 58 -33.81 18.36 52.69
CA ARG E 58 -35.19 18.25 52.24
C ARG E 58 -35.24 18.32 50.72
N TYR E 59 -36.18 17.55 50.13
CA TYR E 59 -36.49 17.63 48.71
C TYR E 59 -37.94 17.22 48.45
N GLU E 60 -38.45 17.58 47.27
CA GLU E 60 -39.70 17.09 46.70
C GLU E 60 -40.86 17.31 47.66
N HIS E 61 -41.22 18.59 47.85
CA HIS E 61 -42.23 19.01 48.81
C HIS E 61 -43.63 18.65 48.32
N ASN E 62 -44.48 18.27 49.28
CA ASN E 62 -45.80 17.73 49.08
C ASN E 62 -46.64 18.11 50.28
N VAL E 63 -47.95 18.31 50.07
CA VAL E 63 -48.89 18.38 51.18
C VAL E 63 -49.96 17.32 50.94
N ASN E 64 -49.87 16.22 51.70
CA ASN E 64 -50.86 15.15 51.65
C ASN E 64 -52.15 15.65 52.28
N VAL E 65 -53.21 15.69 51.47
CA VAL E 65 -54.55 16.02 51.91
C VAL E 65 -55.42 14.77 51.74
N GLU E 66 -56.03 14.32 52.83
CA GLU E 66 -57.06 13.30 52.71
C GLU E 66 -58.27 13.64 53.58
N ILE E 67 -59.44 13.53 52.95
CA ILE E 67 -60.73 13.94 53.50
C ILE E 67 -61.72 12.78 53.35
N THR E 68 -62.44 12.49 54.44
CA THR E 68 -63.61 11.62 54.41
C THR E 68 -64.84 12.49 54.68
N TYR E 69 -65.87 12.35 53.83
CA TYR E 69 -67.06 13.19 53.93
C TYR E 69 -68.31 12.42 53.51
N ALA E 70 -69.48 12.90 53.97
CA ALA E 70 -70.72 12.14 53.90
C ALA E 70 -71.86 12.94 53.27
N LYS E 71 -71.57 14.17 52.82
CA LYS E 71 -72.55 14.98 52.09
C LYS E 71 -71.99 15.27 50.70
N PHE E 72 -72.78 14.92 49.67
CA PHE E 72 -72.32 15.01 48.29
C PHE E 72 -72.53 16.42 47.74
N SER E 73 -71.48 16.93 47.07
CA SER E 73 -71.50 18.24 46.43
C SER E 73 -71.41 18.06 44.92
N LEU E 74 -72.44 18.56 44.21
CA LEU E 74 -72.44 18.53 42.76
C LEU E 74 -71.48 19.57 42.21
N GLU E 75 -71.31 20.69 42.94
CA GLU E 75 -70.40 21.74 42.51
C GLU E 75 -68.97 21.25 42.55
N PHE E 76 -68.57 20.61 43.65
CA PHE E 76 -67.22 20.08 43.81
C PHE E 76 -66.90 19.08 42.71
N ALA E 77 -67.88 18.23 42.39
CA ALA E 77 -67.72 17.15 41.43
C ALA E 77 -67.66 17.70 40.00
N GLN E 78 -68.49 18.71 39.70
CA GLN E 78 -68.54 19.30 38.38
C GLN E 78 -67.32 20.20 38.14
N GLU E 79 -66.78 20.77 39.22
CA GLU E 79 -65.54 21.54 39.17
C GLU E 79 -64.36 20.63 38.84
N TRP E 80 -64.32 19.44 39.47
CA TRP E 80 -63.28 18.45 39.26
C TRP E 80 -63.33 17.95 37.81
N LEU E 81 -64.53 17.69 37.31
CA LEU E 81 -64.73 17.19 35.95
C LEU E 81 -64.32 18.23 34.92
N GLY E 82 -64.66 19.49 35.19
CA GLY E 82 -64.50 20.59 34.24
C GLY E 82 -63.04 21.02 34.05
N GLY E 83 -62.17 20.67 35.00
CA GLY E 83 -60.80 21.18 35.04
C GLY E 83 -60.76 22.61 35.55
N PRO E 84 -59.61 23.33 35.45
CA PRO E 84 -59.51 24.68 36.01
C PRO E 84 -60.35 25.71 35.26
N GLY E 85 -61.15 26.46 36.02
CA GLY E 85 -61.93 27.59 35.54
C GLY E 85 -63.25 27.21 34.88
N ALA E 86 -63.65 25.94 34.98
CA ALA E 86 -64.84 25.45 34.28
C ALA E 86 -65.54 24.34 35.07
N THR E 87 -66.84 24.15 34.78
CA THR E 87 -67.63 23.03 35.28
C THR E 87 -68.12 22.19 34.11
N ALA E 88 -68.28 20.87 34.33
CA ALA E 88 -68.77 19.95 33.32
C ALA E 88 -69.59 18.82 33.95
N THR E 89 -70.57 18.32 33.19
CA THR E 89 -71.43 17.20 33.60
C THR E 89 -70.92 15.89 33.01
N ALA E 90 -69.71 15.92 32.42
CA ALA E 90 -69.10 14.75 31.79
C ALA E 90 -67.58 14.86 31.88
N SER E 91 -66.88 13.73 31.72
CA SER E 91 -65.42 13.69 31.68
C SER E 91 -64.91 14.56 30.54
N GLN E 92 -63.83 15.31 30.82
CA GLN E 92 -63.19 16.15 29.82
C GLN E 92 -61.89 15.52 29.36
N ASP E 93 -61.66 15.56 28.05
CA ASP E 93 -60.47 15.01 27.42
C ASP E 93 -59.41 16.10 27.32
N ASP E 94 -58.85 16.49 28.47
CA ASP E 94 -57.75 17.44 28.55
C ASP E 94 -56.87 17.14 29.76
N SER E 95 -55.67 17.74 29.76
CA SER E 95 -54.58 17.36 30.65
C SER E 95 -54.43 18.28 31.85
N ASP E 96 -55.27 19.33 31.96
CA ASP E 96 -55.18 20.25 33.08
C ASP E 96 -56.18 19.84 34.17
N PRO E 97 -55.71 19.43 35.37
CA PRO E 97 -56.62 19.11 36.47
C PRO E 97 -57.10 20.35 37.22
N MET E 98 -58.25 20.21 37.89
CA MET E 98 -58.78 21.23 38.78
C MET E 98 -57.91 21.29 40.03
N LYS E 99 -57.39 22.51 40.29
CA LYS E 99 -56.61 22.80 41.48
C LYS E 99 -57.51 23.54 42.47
N PHE E 100 -57.57 23.03 43.70
CA PHE E 100 -58.42 23.58 44.74
C PHE E 100 -57.54 24.23 45.80
N ASN E 101 -57.95 25.42 46.26
CA ASN E 101 -57.41 26.01 47.47
C ASN E 101 -58.25 25.54 48.65
N LEU E 102 -57.58 25.18 49.75
CA LEU E 102 -58.22 24.57 50.90
C LEU E 102 -57.82 25.33 52.16
N GLU E 103 -58.80 25.54 53.04
CA GLU E 103 -58.57 26.15 54.34
C GLU E 103 -59.36 25.40 55.41
N ASN E 104 -58.68 25.07 56.51
CA ASN E 104 -59.32 24.49 57.68
C ASN E 104 -59.08 25.40 58.89
N VAL E 105 -60.17 25.75 59.58
CA VAL E 105 -60.13 26.62 60.76
C VAL E 105 -60.68 25.83 61.94
N THR E 106 -59.86 25.69 62.99
CA THR E 106 -60.21 24.95 64.20
C THR E 106 -59.91 25.78 65.44
N PRO E 107 -60.90 26.05 66.33
CA PRO E 107 -60.61 26.53 67.68
C PRO E 107 -59.93 25.45 68.53
N SER E 108 -59.15 25.91 69.52
CA SER E 108 -58.57 25.02 70.52
C SER E 108 -59.64 24.64 71.53
N ALA E 109 -59.43 23.51 72.22
CA ALA E 109 -60.42 22.92 73.10
C ALA E 109 -60.70 23.80 74.33
N SER E 110 -59.74 24.66 74.70
CA SER E 110 -59.88 25.54 75.85
C SER E 110 -59.77 27.01 75.46
N GLY E 111 -59.80 27.28 74.15
CA GLY E 111 -59.90 28.63 73.60
C GLY E 111 -58.57 29.40 73.60
N GLY E 112 -57.45 28.69 73.73
CA GLY E 112 -56.12 29.29 73.78
C GLY E 112 -55.73 29.99 72.48
N PHE E 113 -56.14 29.39 71.35
CA PHE E 113 -55.83 29.89 70.01
C PHE E 113 -56.86 29.37 69.01
N GLU E 114 -56.85 29.94 67.80
CA GLU E 114 -57.62 29.44 66.66
C GLU E 114 -56.65 29.13 65.53
N ARG E 115 -56.57 27.85 65.15
CA ARG E 115 -55.60 27.34 64.20
C ARG E 115 -56.20 27.39 62.78
N THR E 116 -55.58 28.19 61.91
CA THR E 116 -55.92 28.23 60.49
C THR E 116 -54.81 27.55 59.69
N THR E 117 -55.19 26.52 58.92
CA THR E 117 -54.32 25.88 57.95
C THR E 117 -54.84 26.17 56.54
N ALA E 118 -53.95 26.65 55.67
CA ALA E 118 -54.28 26.90 54.28
C ALA E 118 -53.28 26.19 53.36
N VAL E 119 -53.82 25.47 52.37
CA VAL E 119 -53.05 24.68 51.41
C VAL E 119 -53.42 25.14 50.00
N GLU E 120 -52.41 25.31 49.14
CA GLU E 120 -52.61 25.75 47.77
C GLU E 120 -52.56 24.57 46.80
N ASN E 121 -53.38 24.66 45.75
CA ASN E 121 -53.35 23.80 44.57
C ASN E 121 -53.44 22.32 44.94
N VAL E 122 -54.47 21.96 45.72
CA VAL E 122 -54.75 20.56 46.00
C VAL E 122 -55.37 19.94 44.76
N VAL E 123 -54.75 18.87 44.27
CA VAL E 123 -55.30 18.08 43.18
C VAL E 123 -55.65 16.69 43.71
N PHE E 124 -56.76 16.16 43.19
CA PHE E 124 -57.23 14.83 43.53
C PHE E 124 -57.14 13.96 42.27
N PRO E 125 -56.27 12.92 42.24
CA PRO E 125 -56.17 12.02 41.09
C PRO E 125 -57.48 11.32 40.72
N GLU E 126 -58.33 11.09 41.73
CA GLU E 126 -59.59 10.41 41.54
C GLU E 126 -60.68 11.00 42.45
N LEU E 127 -61.91 10.95 41.94
CA LEU E 127 -63.09 11.51 42.60
C LEU E 127 -64.11 10.40 42.77
N PRO E 128 -64.55 10.06 44.01
CA PRO E 128 -65.68 9.15 44.20
C PRO E 128 -66.99 9.87 43.90
N LEU E 129 -67.77 9.31 42.98
CA LEU E 129 -69.07 9.86 42.64
C LEU E 129 -70.16 9.13 43.45
N ASP E 130 -70.25 7.82 43.27
CA ASP E 130 -71.13 6.97 44.05
C ASP E 130 -70.28 6.08 44.96
N SER E 131 -70.65 6.00 46.24
CA SER E 131 -69.91 5.22 47.23
C SER E 131 -70.90 4.57 48.21
N ALA E 132 -71.70 3.66 47.66
CA ALA E 132 -72.87 3.10 48.34
C ALA E 132 -72.53 1.75 48.99
N THR E 133 -72.98 1.59 50.23
CA THR E 133 -72.94 0.34 50.99
C THR E 133 -74.29 0.16 51.68
N TYR E 134 -74.84 -1.06 51.59
CA TYR E 134 -76.14 -1.39 52.14
C TYR E 134 -76.23 -0.97 53.61
N GLY E 135 -77.26 -0.17 53.92
CA GLY E 135 -77.59 0.23 55.27
C GLY E 135 -76.70 1.37 55.80
N GLU E 136 -76.10 2.13 54.89
CA GLU E 136 -75.18 3.21 55.26
C GLU E 136 -75.45 4.43 54.38
N TYR E 137 -75.04 5.61 54.87
CA TYR E 137 -74.96 6.81 54.05
C TYR E 137 -73.68 6.75 53.23
N GLU E 138 -73.73 7.32 52.02
CA GLU E 138 -72.58 7.28 51.12
C GLU E 138 -71.42 8.07 51.74
N GLU E 139 -70.29 7.38 51.92
CA GLU E 139 -69.10 7.96 52.52
C GLU E 139 -67.99 8.00 51.47
N TYR E 140 -67.44 9.21 51.28
CA TYR E 140 -66.55 9.53 50.17
C TYR E 140 -65.15 9.80 50.69
N SER E 141 -64.15 9.16 50.06
CA SER E 141 -62.74 9.33 50.42
C SER E 141 -61.99 10.05 49.31
N LEU E 142 -61.40 11.19 49.66
CA LEU E 142 -60.51 11.94 48.79
C LEU E 142 -59.07 11.79 49.29
N THR E 143 -58.17 11.43 48.37
CA THR E 143 -56.73 11.52 48.59
C THR E 143 -56.15 12.46 47.55
N GLY E 144 -55.35 13.43 48.00
CA GLY E 144 -54.81 14.45 47.09
C GLY E 144 -53.50 15.03 47.57
N SER E 145 -52.89 15.87 46.71
CA SER E 145 -51.64 16.52 47.02
C SER E 145 -51.71 18.01 46.68
N GLY E 146 -51.44 18.83 47.71
CA GLY E 146 -51.26 20.26 47.58
C GLY E 146 -49.80 20.61 47.31
N ARG E 147 -49.59 21.80 46.75
CA ARG E 147 -48.26 22.29 46.39
C ARG E 147 -47.49 22.72 47.64
N SER E 148 -48.14 23.53 48.50
CA SER E 148 -47.51 24.06 49.69
C SER E 148 -48.56 24.51 50.72
N VAL E 149 -48.10 24.75 51.96
CA VAL E 149 -48.87 25.39 53.00
C VAL E 149 -48.66 26.89 52.87
N THR E 150 -49.75 27.65 52.70
CA THR E 150 -49.68 29.08 52.51
C THR E 150 -49.83 29.81 53.84
N ASN E 151 -50.57 29.20 54.78
CA ASN E 151 -50.80 29.79 56.09
C ASN E 151 -50.92 28.69 57.14
N LEU E 152 -50.20 28.89 58.25
CA LEU E 152 -50.42 28.18 59.50
C LEU E 152 -50.22 29.17 60.64
N ALA E 153 -51.34 29.66 61.20
CA ALA E 153 -51.31 30.78 62.10
C ALA E 153 -52.41 30.69 63.15
N ASP E 154 -52.20 31.42 64.25
CA ASP E 154 -53.25 31.73 65.22
C ASP E 154 -54.05 32.90 64.66
N THR E 155 -55.34 32.65 64.41
CA THR E 155 -56.23 33.62 63.79
C THR E 155 -57.27 34.15 64.78
N SER E 156 -57.07 33.86 66.07
CA SER E 156 -57.85 34.50 67.12
C SER E 156 -57.43 35.97 67.25
N GLY E 157 -58.40 36.83 67.54
CA GLY E 157 -58.22 38.28 67.50
C GLY E 157 -57.62 38.83 68.78
N ALA F 2 -76.00 27.68 43.24
CA ALA F 2 -75.43 26.34 43.60
C ALA F 2 -76.42 25.57 44.46
N THR F 3 -76.27 24.24 44.48
CA THR F 3 -77.13 23.34 45.24
C THR F 3 -76.38 22.90 46.50
N SER F 4 -77.10 22.94 47.64
CA SER F 4 -76.55 22.61 48.95
C SER F 4 -76.08 21.15 48.99
N PRO F 5 -74.86 20.86 49.51
CA PRO F 5 -74.42 19.48 49.74
C PRO F 5 -75.34 18.75 50.71
N GLU F 6 -75.66 17.49 50.39
CA GLU F 6 -76.68 16.74 51.11
C GLU F 6 -76.26 15.28 51.21
N GLY F 7 -76.72 14.61 52.28
CA GLY F 7 -76.49 13.19 52.49
C GLY F 7 -77.19 12.34 51.44
N ILE F 8 -76.59 11.20 51.12
CA ILE F 8 -77.17 10.26 50.17
C ILE F 8 -77.26 8.90 50.84
N TRP F 9 -78.49 8.36 50.88
CA TRP F 9 -78.78 7.04 51.44
C TRP F 9 -78.50 5.99 50.37
N SER F 10 -77.69 4.98 50.73
CA SER F 10 -77.23 3.97 49.78
C SER F 10 -78.38 3.16 49.20
N ASN F 11 -79.39 2.87 50.04
CA ASN F 11 -80.47 1.96 49.69
C ASN F 11 -81.46 2.61 48.71
N SER F 12 -81.25 3.89 48.37
CA SER F 12 -82.15 4.63 47.51
C SER F 12 -81.69 4.62 46.05
N GLY F 13 -80.51 4.03 45.79
CA GLY F 13 -79.92 4.01 44.46
C GLY F 13 -80.56 2.97 43.55
N ALA F 14 -80.89 3.41 42.32
CA ALA F 14 -81.36 2.52 41.26
C ALA F 14 -80.26 2.39 40.20
N LEU F 15 -79.65 1.20 40.14
CA LEU F 15 -78.60 0.89 39.18
C LEU F 15 -79.21 0.12 38.01
N THR F 16 -78.87 0.56 36.78
CA THR F 16 -79.35 -0.07 35.56
C THR F 16 -78.19 -0.25 34.58
N PHE F 17 -78.17 -1.41 33.93
CA PHE F 17 -77.20 -1.74 32.89
C PHE F 17 -77.89 -1.78 31.54
N GLU F 18 -77.24 -1.18 30.54
CA GLU F 18 -77.75 -1.13 29.18
C GLU F 18 -76.69 -1.63 28.20
N ASP F 19 -77.17 -2.24 27.12
CA ASP F 19 -76.37 -2.62 25.96
C ASP F 19 -76.12 -1.35 25.14
N PRO F 20 -74.86 -0.93 24.90
CA PRO F 20 -74.57 0.28 24.12
C PRO F 20 -74.99 0.26 22.66
N ALA F 21 -75.35 -0.93 22.15
CA ALA F 21 -75.80 -1.09 20.77
C ALA F 21 -77.28 -0.70 20.65
N ASP F 22 -78.13 -1.29 21.51
CA ASP F 22 -79.57 -1.20 21.42
C ASP F 22 -80.12 -0.13 22.37
N ASP F 23 -79.37 0.15 23.45
CA ASP F 23 -79.84 0.84 24.65
C ASP F 23 -80.95 0.05 25.34
N SER F 24 -80.88 -1.28 25.25
CA SER F 24 -81.81 -2.19 25.91
C SER F 24 -81.29 -2.54 27.30
N GLU F 25 -82.20 -2.75 28.24
CA GLU F 25 -81.84 -3.09 29.62
C GLU F 25 -81.36 -4.54 29.69
N ILE F 26 -80.21 -4.73 30.34
CA ILE F 26 -79.70 -6.02 30.74
C ILE F 26 -80.06 -6.19 32.21
N LEU F 27 -80.82 -7.26 32.51
CA LEU F 27 -81.45 -7.42 33.82
C LEU F 27 -80.40 -7.59 34.91
N PHE F 28 -80.49 -6.73 35.92
CA PHE F 28 -79.57 -6.70 37.05
C PHE F 28 -80.32 -6.20 38.28
N ALA F 29 -80.06 -6.86 39.42
CA ALA F 29 -80.75 -6.56 40.67
C ALA F 29 -79.91 -7.06 41.85
N GLY F 30 -80.39 -6.76 43.07
CA GLY F 30 -79.85 -7.31 44.29
C GLY F 30 -78.52 -6.70 44.71
N VAL F 31 -78.34 -5.42 44.37
CA VAL F 31 -77.14 -4.65 44.67
C VAL F 31 -77.01 -4.45 46.18
N ARG F 32 -75.77 -4.51 46.67
CA ARG F 32 -75.46 -4.29 48.08
C ARG F 32 -74.39 -3.21 48.23
N ASP F 33 -73.48 -3.11 47.26
CA ASP F 33 -72.47 -2.04 47.22
C ASP F 33 -72.27 -1.57 45.78
N VAL F 34 -72.05 -0.26 45.61
CA VAL F 34 -71.62 0.34 44.36
C VAL F 34 -70.58 1.42 44.66
N THR F 35 -69.42 1.35 44.00
CA THR F 35 -68.46 2.43 43.98
C THR F 35 -68.17 2.82 42.52
N ILE F 36 -68.38 4.11 42.21
CA ILE F 36 -68.02 4.67 40.93
C ILE F 36 -67.01 5.80 41.18
N THR F 37 -65.84 5.69 40.52
CA THR F 37 -64.72 6.60 40.73
C THR F 37 -64.07 6.92 39.38
N PRO F 38 -64.32 8.11 38.78
CA PRO F 38 -63.44 8.63 37.73
C PRO F 38 -62.05 8.95 38.26
N ALA F 39 -61.03 8.57 37.48
CA ALA F 39 -59.64 8.64 37.86
C ALA F 39 -58.78 9.07 36.66
N TYR F 40 -57.71 9.80 36.96
CA TYR F 40 -56.66 10.12 36.00
C TYR F 40 -55.31 9.82 36.65
N GLU F 41 -54.36 9.35 35.84
CA GLU F 41 -52.95 9.34 36.23
C GLU F 41 -52.46 10.78 36.24
N HIS F 42 -51.85 11.19 37.36
CA HIS F 42 -51.33 12.53 37.52
C HIS F 42 -49.82 12.54 37.44
N ALA F 43 -49.30 13.21 36.41
CA ALA F 43 -47.88 13.57 36.34
C ALA F 43 -47.65 14.77 37.24
N GLU F 44 -47.06 14.51 38.41
CA GLU F 44 -46.75 15.52 39.40
C GLU F 44 -45.32 16.00 39.16
N LEU F 45 -45.18 17.23 38.64
CA LEU F 45 -43.95 17.66 37.97
C LEU F 45 -43.21 18.72 38.79
N TYR F 46 -41.90 18.49 38.99
CA TYR F 46 -40.99 19.34 39.76
C TYR F 46 -39.89 19.87 38.84
N THR F 47 -39.08 20.84 39.31
CA THR F 47 -38.08 21.54 38.51
C THR F 47 -36.68 21.42 39.13
N ILE F 48 -35.69 22.08 38.48
CA ILE F 48 -34.27 22.04 38.84
C ILE F 48 -34.05 22.80 40.15
N ASP F 49 -34.64 23.99 40.22
CA ASP F 49 -34.24 25.07 41.10
C ASP F 49 -34.81 24.89 42.51
N SER F 50 -35.78 23.98 42.67
CA SER F 50 -36.79 24.12 43.71
C SER F 50 -37.23 22.77 44.27
N THR F 51 -37.72 22.82 45.52
CA THR F 51 -38.32 21.67 46.21
C THR F 51 -39.82 21.59 45.91
N PHE F 52 -40.39 22.69 45.41
CA PHE F 52 -41.81 22.82 45.16
C PHE F 52 -42.18 22.24 43.81
N ARG F 53 -43.44 21.80 43.69
CA ARG F 53 -44.03 21.29 42.46
C ARG F 53 -44.31 22.47 41.52
N ASP F 54 -43.95 22.31 40.24
CA ASP F 54 -44.21 23.35 39.26
C ASP F 54 -45.59 23.20 38.65
N GLU F 55 -45.90 21.98 38.19
CA GLU F 55 -47.09 21.70 37.40
C GLU F 55 -47.60 20.31 37.72
N VAL F 56 -48.90 20.08 37.44
CA VAL F 56 -49.47 18.74 37.47
C VAL F 56 -50.41 18.57 36.27
N LYS F 57 -50.31 17.39 35.64
CA LYS F 57 -51.01 17.10 34.39
C LYS F 57 -51.71 15.74 34.47
N ARG F 58 -52.96 15.70 33.95
CA ARG F 58 -53.73 14.48 33.83
C ARG F 58 -53.29 13.73 32.57
N TYR F 59 -53.14 12.40 32.69
CA TYR F 59 -53.05 11.55 31.52
C TYR F 59 -54.18 10.51 31.50
N GLU F 60 -53.84 9.21 31.59
CA GLU F 60 -54.75 8.12 31.28
C GLU F 60 -56.01 8.18 32.15
N HIS F 61 -57.17 8.25 31.49
CA HIS F 61 -58.47 8.33 32.16
C HIS F 61 -59.14 6.97 32.17
N ASN F 62 -59.74 6.65 33.33
CA ASN F 62 -60.64 5.52 33.49
C ASN F 62 -61.64 5.84 34.60
N VAL F 63 -62.80 5.15 34.56
CA VAL F 63 -63.75 5.16 35.65
C VAL F 63 -63.72 3.78 36.30
N ASN F 64 -63.30 3.75 37.58
CA ASN F 64 -63.31 2.52 38.36
C ASN F 64 -64.73 2.25 38.83
N VAL F 65 -65.27 1.10 38.40
CA VAL F 65 -66.59 0.63 38.81
C VAL F 65 -66.37 -0.63 39.65
N GLU F 66 -66.93 -0.67 40.85
CA GLU F 66 -67.02 -1.91 41.60
C GLU F 66 -68.40 -2.06 42.25
N ILE F 67 -68.98 -3.25 42.07
CA ILE F 67 -70.36 -3.56 42.43
C ILE F 67 -70.37 -4.88 43.20
N THR F 68 -71.04 -4.88 44.36
CA THR F 68 -71.37 -6.09 45.09
C THR F 68 -72.87 -6.33 44.99
N TYR F 69 -73.25 -7.57 44.64
CA TYR F 69 -74.65 -7.91 44.42
C TYR F 69 -74.93 -9.35 44.87
N ALA F 70 -76.21 -9.64 45.16
CA ALA F 70 -76.61 -10.86 45.82
C ALA F 70 -77.79 -11.55 45.12
N LYS F 71 -78.03 -11.17 43.86
CA LYS F 71 -78.98 -11.85 42.98
C LYS F 71 -78.30 -12.15 41.66
N PHE F 72 -78.46 -13.38 41.16
CA PHE F 72 -77.74 -13.82 39.97
C PHE F 72 -78.57 -13.55 38.72
N SER F 73 -77.91 -13.01 37.69
CA SER F 73 -78.52 -12.73 36.41
C SER F 73 -77.87 -13.58 35.32
N LEU F 74 -78.68 -14.47 34.74
CA LEU F 74 -78.26 -15.32 33.63
C LEU F 74 -78.02 -14.47 32.39
N GLU F 75 -78.86 -13.45 32.19
CA GLU F 75 -78.73 -12.56 31.05
C GLU F 75 -77.40 -11.83 31.09
N PHE F 76 -77.08 -11.22 32.25
CA PHE F 76 -75.86 -10.44 32.43
C PHE F 76 -74.63 -11.30 32.17
N ALA F 77 -74.64 -12.52 32.73
CA ALA F 77 -73.52 -13.44 32.65
C ALA F 77 -73.30 -13.92 31.20
N GLN F 78 -74.40 -14.24 30.51
CA GLN F 78 -74.35 -14.78 29.16
C GLN F 78 -74.00 -13.67 28.16
N GLU F 79 -74.36 -12.43 28.48
CA GLU F 79 -73.95 -11.25 27.74
C GLU F 79 -72.44 -11.05 27.87
N TRP F 80 -71.92 -11.20 29.10
CA TRP F 80 -70.50 -11.06 29.39
C TRP F 80 -69.70 -12.11 28.63
N LEU F 81 -70.24 -13.33 28.54
CA LEU F 81 -69.58 -14.43 27.86
C LEU F 81 -69.56 -14.18 26.35
N GLY F 82 -70.66 -13.64 25.82
CA GLY F 82 -70.88 -13.50 24.38
C GLY F 82 -70.02 -12.42 23.74
N GLY F 83 -69.69 -11.38 24.52
CA GLY F 83 -69.01 -10.20 24.00
C GLY F 83 -70.00 -9.22 23.38
N PRO F 84 -69.54 -8.18 22.63
CA PRO F 84 -70.43 -7.17 22.05
C PRO F 84 -71.47 -7.75 21.09
N GLY F 85 -72.73 -7.40 21.35
CA GLY F 85 -73.86 -7.68 20.48
C GLY F 85 -74.29 -9.15 20.46
N ALA F 86 -73.78 -9.95 21.41
CA ALA F 86 -73.99 -11.39 21.41
C ALA F 86 -74.20 -11.93 22.83
N THR F 87 -74.79 -13.14 22.88
CA THR F 87 -75.09 -13.88 24.10
C THR F 87 -74.55 -15.31 23.92
N ALA F 88 -73.95 -15.89 24.97
CA ALA F 88 -73.37 -17.22 24.88
C ALA F 88 -73.48 -17.97 26.20
N THR F 89 -73.61 -19.31 26.11
CA THR F 89 -73.69 -20.20 27.26
C THR F 89 -72.31 -20.76 27.61
N ALA F 90 -71.29 -20.44 26.81
CA ALA F 90 -69.94 -20.93 27.01
C ALA F 90 -68.93 -19.81 26.79
N SER F 91 -67.71 -19.97 27.33
CA SER F 91 -66.61 -19.05 27.12
C SER F 91 -66.29 -18.96 25.62
N GLN F 92 -66.16 -17.73 25.13
CA GLN F 92 -65.83 -17.48 23.74
C GLN F 92 -64.36 -17.13 23.63
N ASP F 93 -63.69 -17.75 22.65
CA ASP F 93 -62.29 -17.50 22.37
C ASP F 93 -62.18 -16.34 21.38
N ASP F 94 -62.51 -15.12 21.85
CA ASP F 94 -62.33 -13.90 21.08
C ASP F 94 -61.87 -12.77 22.00
N SER F 95 -61.37 -11.69 21.39
CA SER F 95 -60.61 -10.68 22.10
C SER F 95 -61.46 -9.46 22.48
N ASP F 96 -62.75 -9.46 22.13
CA ASP F 96 -63.63 -8.33 22.40
C ASP F 96 -64.38 -8.53 23.71
N PRO F 97 -64.18 -7.68 24.75
CA PRO F 97 -65.00 -7.74 25.96
C PRO F 97 -66.36 -7.09 25.76
N MET F 98 -67.35 -7.53 26.56
CA MET F 98 -68.68 -6.95 26.55
C MET F 98 -68.62 -5.58 27.22
N LYS F 99 -68.94 -4.55 26.44
CA LYS F 99 -69.02 -3.18 26.90
C LYS F 99 -70.45 -2.91 27.39
N PHE F 100 -70.56 -2.45 28.64
CA PHE F 100 -71.84 -2.15 29.26
C PHE F 100 -71.95 -0.65 29.52
N ASN F 101 -73.14 -0.10 29.29
CA ASN F 101 -73.47 1.26 29.72
C ASN F 101 -74.15 1.19 31.09
N LEU F 102 -73.60 1.93 32.05
CA LEU F 102 -74.03 1.89 33.44
C LEU F 102 -74.65 3.23 33.81
N GLU F 103 -75.80 3.18 34.49
CA GLU F 103 -76.44 4.36 35.03
C GLU F 103 -76.91 4.09 36.46
N ASN F 104 -76.64 5.06 37.35
CA ASN F 104 -77.10 5.03 38.72
C ASN F 104 -77.86 6.32 39.01
N VAL F 105 -79.12 6.18 39.46
CA VAL F 105 -79.98 7.29 39.83
C VAL F 105 -80.24 7.21 41.34
N THR F 106 -79.85 8.26 42.07
CA THR F 106 -80.01 8.26 43.52
C THR F 106 -80.63 9.59 43.99
N PRO F 107 -81.79 9.56 44.68
CA PRO F 107 -82.30 10.73 45.40
C PRO F 107 -81.43 11.07 46.62
N SER F 108 -81.30 12.37 46.91
CA SER F 108 -80.64 12.84 48.13
C SER F 108 -81.59 12.64 49.31
N ALA F 109 -81.01 12.61 50.53
CA ALA F 109 -81.65 12.08 51.72
C ALA F 109 -82.81 12.96 52.22
N SER F 110 -82.81 14.26 51.87
CA SER F 110 -83.93 15.12 52.22
C SER F 110 -84.46 15.90 51.02
N GLY F 111 -84.22 15.37 49.82
CA GLY F 111 -84.98 15.72 48.61
C GLY F 111 -84.45 16.94 47.86
N GLY F 112 -83.20 17.34 48.17
CA GLY F 112 -82.56 18.49 47.53
C GLY F 112 -82.32 18.29 46.04
N PHE F 113 -81.89 17.07 45.67
CA PHE F 113 -81.51 16.76 44.29
C PHE F 113 -81.70 15.26 44.00
N GLU F 114 -81.58 14.92 42.71
CA GLU F 114 -81.47 13.54 42.25
C GLU F 114 -80.20 13.41 41.43
N ARG F 115 -79.26 12.60 41.93
CA ARG F 115 -77.94 12.42 41.35
C ARG F 115 -78.00 11.31 40.32
N THR F 116 -77.83 11.67 39.03
CA THR F 116 -77.67 10.69 37.96
C THR F 116 -76.19 10.62 37.56
N THR F 117 -75.61 9.43 37.71
CA THR F 117 -74.29 9.11 37.19
C THR F 117 -74.47 8.14 36.03
N ALA F 118 -73.78 8.42 34.91
CA ALA F 118 -73.77 7.54 33.75
C ALA F 118 -72.34 7.33 33.27
N VAL F 119 -71.97 6.05 33.08
CA VAL F 119 -70.62 5.65 32.69
C VAL F 119 -70.72 4.84 31.40
N GLU F 120 -69.88 5.19 30.40
CA GLU F 120 -69.88 4.49 29.12
C GLU F 120 -68.83 3.38 29.10
N ASN F 121 -69.17 2.29 28.42
CA ASN F 121 -68.26 1.22 28.02
C ASN F 121 -67.50 0.65 29.24
N VAL F 122 -68.26 0.20 30.23
CA VAL F 122 -67.70 -0.49 31.39
C VAL F 122 -67.39 -1.92 30.98
N VAL F 123 -66.16 -2.36 31.29
CA VAL F 123 -65.75 -3.74 31.06
C VAL F 123 -65.26 -4.35 32.36
N PHE F 124 -65.58 -5.64 32.55
CA PHE F 124 -65.23 -6.39 33.74
C PHE F 124 -64.25 -7.48 33.35
N PRO F 125 -63.00 -7.49 33.86
CA PRO F 125 -62.02 -8.53 33.53
C PRO F 125 -62.43 -9.94 33.94
N GLU F 126 -63.18 -10.05 35.05
CA GLU F 126 -63.60 -11.35 35.55
C GLU F 126 -65.05 -11.29 36.03
N LEU F 127 -65.74 -12.43 35.88
CA LEU F 127 -67.14 -12.58 36.23
C LEU F 127 -67.27 -13.70 37.25
N PRO F 128 -67.75 -13.42 38.49
CA PRO F 128 -68.01 -14.48 39.47
C PRO F 128 -69.30 -15.21 39.12
N LEU F 129 -69.17 -16.47 38.67
CA LEU F 129 -70.31 -17.28 38.31
C LEU F 129 -70.92 -17.89 39.58
N ASP F 130 -70.11 -18.64 40.32
CA ASP F 130 -70.50 -19.24 41.60
C ASP F 130 -69.66 -18.62 42.71
N SER F 131 -70.33 -18.17 43.78
CA SER F 131 -69.67 -17.52 44.90
C SER F 131 -70.32 -17.97 46.21
N ALA F 132 -70.19 -19.27 46.49
CA ALA F 132 -70.94 -19.96 47.54
C ALA F 132 -70.11 -20.07 48.82
N THR F 133 -70.77 -19.79 49.95
CA THR F 133 -70.20 -19.93 51.29
C THR F 133 -71.28 -20.54 52.21
N TYR F 134 -70.86 -21.49 53.04
CA TYR F 134 -71.76 -22.22 53.93
C TYR F 134 -72.57 -21.25 54.78
N GLY F 135 -73.91 -21.37 54.68
CA GLY F 135 -74.86 -20.63 55.51
C GLY F 135 -75.12 -19.21 55.02
N GLU F 136 -74.77 -18.93 53.77
CA GLU F 136 -74.89 -17.60 53.20
C GLU F 136 -75.51 -17.66 51.81
N TYR F 137 -76.15 -16.55 51.40
CA TYR F 137 -76.52 -16.33 50.02
C TYR F 137 -75.27 -15.95 49.24
N GLU F 138 -75.23 -16.36 47.96
CA GLU F 138 -74.10 -16.12 47.08
C GLU F 138 -73.94 -14.61 46.87
N GLU F 139 -72.74 -14.10 47.12
CA GLU F 139 -72.44 -12.69 46.98
C GLU F 139 -71.34 -12.49 45.94
N TYR F 140 -71.62 -11.63 44.95
CA TYR F 140 -70.84 -11.49 43.74
C TYR F 140 -70.20 -10.11 43.69
N SER F 141 -68.89 -10.08 43.44
CA SER F 141 -68.13 -8.84 43.33
C SER F 141 -67.64 -8.65 41.90
N LEU F 142 -68.00 -7.50 41.30
CA LEU F 142 -67.50 -7.08 40.01
C LEU F 142 -66.54 -5.90 40.20
N THR F 143 -65.37 -5.98 39.58
CA THR F 143 -64.47 -4.86 39.40
C THR F 143 -64.36 -4.61 37.89
N GLY F 144 -64.47 -3.33 37.48
CA GLY F 144 -64.42 -2.99 36.07
C GLY F 144 -63.93 -1.56 35.81
N SER F 145 -63.66 -1.28 34.54
CA SER F 145 -63.23 0.05 34.11
C SER F 145 -64.10 0.57 32.97
N GLY F 146 -64.66 1.77 33.18
CA GLY F 146 -65.40 2.50 32.16
C GLY F 146 -64.51 3.53 31.48
N ARG F 147 -64.94 3.97 30.29
CA ARG F 147 -64.17 4.89 29.47
C ARG F 147 -64.27 6.31 30.02
N SER F 148 -65.51 6.79 30.21
CA SER F 148 -65.76 8.14 30.71
C SER F 148 -67.11 8.23 31.40
N VAL F 149 -67.26 9.28 32.22
CA VAL F 149 -68.54 9.68 32.78
C VAL F 149 -69.25 10.53 31.72
N THR F 150 -70.45 10.09 31.30
CA THR F 150 -71.19 10.77 30.26
C THR F 150 -72.20 11.73 30.87
N ASN F 151 -72.65 11.43 32.10
CA ASN F 151 -73.55 12.30 32.82
C ASN F 151 -73.22 12.29 34.31
N LEU F 152 -73.12 13.49 34.89
CA LEU F 152 -73.28 13.74 36.32
C LEU F 152 -74.10 15.01 36.48
N ALA F 153 -75.38 14.83 36.85
CA ALA F 153 -76.31 15.94 36.87
C ALA F 153 -77.38 15.75 37.94
N ASP F 154 -78.00 16.87 38.32
CA ASP F 154 -79.26 16.85 39.05
C ASP F 154 -80.39 16.63 38.04
N THR F 155 -81.03 15.45 38.14
CA THR F 155 -82.07 15.07 37.19
C THR F 155 -83.46 15.21 37.80
N SER F 156 -83.56 15.90 38.95
CA SER F 156 -84.84 16.17 39.57
C SER F 156 -85.61 17.21 38.77
N GLY F 157 -86.95 17.05 38.72
CA GLY F 157 -87.83 17.81 37.85
C GLY F 157 -88.02 19.25 38.30
N VAL G 2 -51.68 -24.10 16.62
CA VAL G 2 -51.01 -24.59 17.87
C VAL G 2 -49.55 -24.95 17.53
N ASP G 3 -49.37 -25.81 16.52
CA ASP G 3 -48.05 -26.29 16.14
C ASP G 3 -47.60 -25.65 14.83
N ALA G 4 -46.32 -25.24 14.81
CA ALA G 4 -45.64 -24.84 13.59
C ALA G 4 -44.88 -26.05 13.03
N THR G 5 -45.07 -26.32 11.74
CA THR G 5 -44.41 -27.45 11.09
C THR G 5 -43.15 -26.95 10.37
N LEU G 6 -42.01 -27.58 10.70
CA LEU G 6 -40.76 -27.37 10.00
C LEU G 6 -40.36 -28.69 9.34
N SER G 7 -40.11 -28.64 8.02
CA SER G 7 -39.95 -29.86 7.24
C SER G 7 -38.97 -29.69 6.08
N ARG G 8 -38.38 -30.81 5.67
CA ARG G 8 -37.48 -30.92 4.52
C ARG G 8 -37.70 -32.27 3.85
N GLY G 9 -38.62 -32.29 2.86
CA GLY G 9 -38.99 -33.51 2.16
C GLY G 9 -39.77 -34.45 3.06
N GLY G 10 -39.17 -35.62 3.35
CA GLY G 10 -39.77 -36.64 4.20
C GLY G 10 -39.76 -36.28 5.68
N THR G 11 -38.73 -35.55 6.11
CA THR G 11 -38.53 -35.21 7.52
C THR G 11 -39.43 -34.05 7.90
N SER G 12 -40.20 -34.23 8.99
CA SER G 12 -41.12 -33.22 9.48
C SER G 12 -41.10 -33.18 11.02
N VAL G 13 -41.04 -31.96 11.55
CA VAL G 13 -41.11 -31.71 12.99
C VAL G 13 -42.22 -30.68 13.25
N ASP G 14 -43.13 -31.03 14.18
CA ASP G 14 -44.10 -30.09 14.71
C ASP G 14 -43.56 -29.51 16.01
N ILE G 15 -43.40 -28.17 16.03
CA ILE G 15 -43.03 -27.44 17.22
C ILE G 15 -44.29 -26.79 17.78
N PRO G 16 -44.79 -27.21 18.96
CA PRO G 16 -45.84 -26.46 19.68
C PRO G 16 -45.40 -25.05 20.02
N LEU G 17 -46.04 -24.07 19.36
CA LEU G 17 -45.87 -22.66 19.70
C LEU G 17 -46.67 -22.37 20.97
N VAL G 18 -46.13 -22.87 22.09
CA VAL G 18 -46.74 -22.73 23.41
C VAL G 18 -45.67 -22.20 24.37
N GLU G 19 -46.11 -21.30 25.25
CA GLU G 19 -45.29 -20.73 26.30
C GLU G 19 -46.22 -20.18 27.38
N GLU G 20 -45.66 -19.86 28.54
CA GLU G 20 -46.40 -19.35 29.68
C GLU G 20 -46.81 -17.90 29.44
N GLY G 21 -48.01 -17.54 29.95
CA GLY G 21 -48.39 -16.16 30.21
C GLY G 21 -48.38 -15.30 28.95
N GLY G 22 -47.60 -14.19 29.01
CA GLY G 22 -47.56 -13.22 27.93
C GLY G 22 -46.22 -13.19 27.19
N GLU G 23 -45.58 -14.37 27.07
CA GLU G 23 -44.28 -14.50 26.43
C GLU G 23 -44.42 -14.41 24.91
N ILE G 24 -43.34 -13.96 24.24
CA ILE G 24 -43.31 -13.80 22.80
C ILE G 24 -43.09 -15.18 22.17
N LEU G 25 -44.08 -15.60 21.36
CA LEU G 25 -44.04 -16.89 20.67
C LEU G 25 -43.42 -16.72 19.29
N LEU G 26 -43.81 -15.63 18.60
CA LEU G 26 -43.33 -15.33 17.27
C LEU G 26 -42.95 -13.86 17.18
N SER G 27 -41.75 -13.63 16.64
CA SER G 27 -41.33 -12.32 16.19
C SER G 27 -40.91 -12.42 14.73
N SER G 28 -41.56 -11.62 13.87
CA SER G 28 -41.12 -11.49 12.49
C SER G 28 -40.57 -10.09 12.27
N THR G 29 -39.26 -10.02 11.98
CA THR G 29 -38.58 -8.77 11.73
C THR G 29 -38.44 -8.57 10.23
N PHE G 30 -38.88 -7.40 9.75
CA PHE G 30 -38.74 -7.02 8.36
C PHE G 30 -37.70 -5.92 8.26
N GLY G 31 -36.81 -6.06 7.27
CA GLY G 31 -35.73 -5.12 7.08
C GLY G 31 -35.42 -4.87 5.61
N LYS G 32 -34.65 -3.80 5.40
CA LYS G 32 -34.00 -3.50 4.13
C LYS G 32 -32.52 -3.30 4.42
N PRO G 33 -31.72 -4.38 4.55
CA PRO G 33 -30.29 -4.26 4.86
C PRO G 33 -29.51 -3.54 3.76
N GLU G 34 -30.06 -3.53 2.54
CA GLU G 34 -29.32 -3.18 1.34
C GLU G 34 -29.72 -1.80 0.80
N VAL G 35 -30.55 -1.03 1.54
CA VAL G 35 -30.83 0.34 1.13
C VAL G 35 -29.58 1.18 1.35
N ASN G 36 -29.21 1.93 0.30
CA ASN G 36 -28.15 2.92 0.41
C ASN G 36 -28.78 4.27 0.72
N VAL G 37 -28.52 4.75 1.94
CA VAL G 37 -28.88 6.08 2.40
C VAL G 37 -27.58 6.89 2.43
N ARG G 38 -27.57 8.02 1.72
CA ARG G 38 -26.33 8.79 1.58
C ARG G 38 -25.96 9.42 2.93
N LYS G 39 -24.68 9.32 3.28
CA LYS G 39 -24.16 9.88 4.52
C LYS G 39 -24.09 11.41 4.44
N SER G 40 -23.89 11.93 3.22
CA SER G 40 -23.77 13.36 2.99
C SER G 40 -24.47 13.78 1.71
N GLY G 41 -24.14 14.99 1.22
CA GLY G 41 -24.87 15.68 0.18
C GLY G 41 -25.39 17.02 0.68
N GLY G 42 -25.76 17.91 -0.25
CA GLY G 42 -26.10 19.29 0.11
C GLY G 42 -27.57 19.50 0.47
N SER G 43 -28.28 18.40 0.75
CA SER G 43 -29.69 18.43 1.13
C SER G 43 -29.81 18.39 2.65
N LEU G 44 -31.01 18.70 3.17
CA LEU G 44 -31.30 18.48 4.58
C LEU G 44 -31.51 16.99 4.84
N ASN G 45 -32.18 16.33 3.89
CA ASN G 45 -32.55 14.93 4.01
C ASN G 45 -31.82 14.12 2.92
N PRO G 46 -31.35 12.89 3.22
CA PRO G 46 -30.55 12.13 2.27
C PRO G 46 -31.34 11.62 1.07
N ARG G 47 -30.65 11.50 -0.06
CA ARG G 47 -31.12 10.69 -1.19
C ARG G 47 -30.91 9.22 -0.83
N VAL G 48 -31.79 8.37 -1.36
CA VAL G 48 -31.78 6.94 -1.06
C VAL G 48 -31.87 6.15 -2.35
N ILE G 49 -31.50 4.87 -2.29
CA ILE G 49 -31.71 3.91 -3.37
C ILE G 49 -31.97 2.52 -2.79
N ASP G 50 -33.12 1.96 -3.17
CA ASP G 50 -33.57 0.63 -2.80
C ASP G 50 -33.63 -0.22 -4.08
N SER G 51 -32.81 -1.27 -4.15
CA SER G 51 -32.55 -1.94 -5.42
C SER G 51 -32.54 -3.47 -5.29
N TRP G 52 -32.64 -3.97 -4.05
CA TRP G 52 -32.32 -5.35 -3.71
C TRP G 52 -33.43 -5.99 -2.89
N SER G 53 -33.30 -7.31 -2.70
CA SER G 53 -34.13 -8.12 -1.82
C SER G 53 -34.11 -7.55 -0.39
N GLY G 54 -35.26 -7.66 0.28
CA GLY G 54 -35.37 -7.30 1.69
C GLY G 54 -34.91 -8.45 2.59
N LEU G 55 -35.22 -8.33 3.88
CA LEU G 55 -34.96 -9.37 4.87
C LEU G 55 -36.25 -9.64 5.64
N GLN G 56 -36.52 -10.93 5.87
CA GLN G 56 -37.53 -11.34 6.83
C GLN G 56 -36.94 -12.41 7.75
N THR G 57 -36.89 -12.08 9.05
CA THR G 57 -36.37 -12.96 10.08
C THR G 57 -37.52 -13.43 10.97
N PHE G 58 -37.62 -14.76 11.14
CA PHE G 58 -38.59 -15.36 12.04
C PHE G 58 -37.87 -15.87 13.29
N GLN G 59 -38.40 -15.47 14.45
CA GLN G 59 -37.95 -16.00 15.72
C GLN G 59 -39.12 -16.72 16.38
N LEU G 60 -38.95 -18.04 16.57
CA LEU G 60 -39.98 -18.92 17.11
C LEU G 60 -39.53 -19.40 18.48
N VAL G 61 -40.39 -19.18 19.49
CA VAL G 61 -40.21 -19.75 20.82
C VAL G 61 -41.34 -20.75 21.05
N GLY G 62 -40.97 -21.96 21.46
CA GLY G 62 -41.92 -23.04 21.71
C GLY G 62 -41.41 -24.05 22.72
N LYS G 63 -42.12 -25.18 22.82
CA LYS G 63 -41.80 -26.25 23.76
C LYS G 63 -42.03 -27.60 23.10
N LEU G 64 -41.07 -28.52 23.27
CA LEU G 64 -41.17 -29.88 22.74
C LEU G 64 -41.36 -30.87 23.88
N TYR G 65 -42.20 -31.89 23.63
CA TYR G 65 -42.68 -32.79 24.68
C TYR G 65 -41.95 -34.14 24.67
N ASP G 66 -40.99 -34.35 23.76
CA ASP G 66 -40.08 -35.48 23.87
C ASP G 66 -38.70 -35.14 23.31
N TYR G 67 -37.69 -35.91 23.77
CA TYR G 67 -36.29 -35.66 23.46
C TYR G 67 -35.98 -36.12 22.03
N SER G 68 -36.70 -37.16 21.57
CA SER G 68 -36.55 -37.73 20.24
C SER G 68 -36.81 -36.66 19.16
N THR G 69 -37.89 -35.88 19.35
CA THR G 69 -38.29 -34.84 18.44
C THR G 69 -37.29 -33.67 18.51
N SER G 70 -36.73 -33.45 19.70
CA SER G 70 -35.72 -32.42 19.93
C SER G 70 -34.47 -32.71 19.11
N HIS G 71 -34.03 -33.98 19.10
CA HIS G 71 -32.85 -34.39 18.37
C HIS G 71 -33.09 -34.32 16.86
N GLN G 72 -34.30 -34.70 16.44
CA GLN G 72 -34.72 -34.64 15.04
C GLN G 72 -34.67 -33.19 14.55
N LEU G 73 -35.10 -32.25 15.40
CA LEU G 73 -35.10 -30.83 15.07
C LEU G 73 -33.67 -30.31 14.90
N ALA G 74 -32.78 -30.72 15.81
CA ALA G 74 -31.37 -30.34 15.77
C ALA G 74 -30.73 -30.85 14.48
N ASP G 75 -31.06 -32.08 14.09
CA ASP G 75 -30.53 -32.73 12.91
C ASP G 75 -31.06 -32.05 11.65
N LEU G 76 -32.34 -31.62 11.70
CA LEU G 76 -33.02 -30.96 10.59
C LEU G 76 -32.39 -29.59 10.32
N VAL G 77 -32.03 -28.89 11.40
CA VAL G 77 -31.49 -27.53 11.33
C VAL G 77 -30.02 -27.58 10.89
N LYS G 78 -29.29 -28.63 11.31
CA LYS G 78 -27.85 -28.67 11.07
C LYS G 78 -27.51 -29.23 9.69
N THR G 79 -28.42 -30.02 9.11
CA THR G 79 -28.23 -30.71 7.84
C THR G 79 -27.97 -29.71 6.71
N ALA G 80 -26.96 -30.02 5.88
CA ALA G 80 -26.76 -29.34 4.61
C ALA G 80 -27.48 -30.13 3.51
N SER G 81 -28.54 -29.53 2.95
CA SER G 81 -29.27 -30.10 1.83
C SER G 81 -29.92 -29.00 1.01
N THR G 82 -29.98 -29.23 -0.31
CA THR G 82 -30.56 -28.27 -1.26
C THR G 82 -32.06 -28.51 -1.42
N THR G 83 -32.60 -29.53 -0.74
CA THR G 83 -34.04 -29.65 -0.57
C THR G 83 -34.51 -28.49 0.29
N PRO G 84 -35.49 -27.67 -0.17
CA PRO G 84 -35.99 -26.55 0.63
C PRO G 84 -36.47 -26.94 2.02
N LEU G 85 -36.12 -26.08 3.00
CA LEU G 85 -36.62 -26.16 4.36
C LEU G 85 -37.85 -25.27 4.46
N GLU G 86 -39.00 -25.89 4.78
CA GLU G 86 -40.30 -25.25 4.70
C GLU G 86 -40.83 -25.01 6.12
N LEU G 87 -41.32 -23.80 6.37
CA LEU G 87 -41.94 -23.44 7.63
C LEU G 87 -43.42 -23.10 7.41
N GLN G 88 -44.27 -23.84 8.12
CA GLN G 88 -45.71 -23.59 8.16
C GLN G 88 -46.02 -22.89 9.47
N ILE G 89 -46.47 -21.63 9.36
CA ILE G 89 -46.80 -20.82 10.52
C ILE G 89 -48.32 -20.87 10.72
N PRO G 90 -48.80 -21.21 11.95
CA PRO G 90 -50.24 -21.24 12.23
C PRO G 90 -50.85 -19.88 12.59
N GLN G 91 -50.60 -18.86 11.74
CA GLN G 91 -51.18 -17.54 11.90
C GLN G 91 -51.49 -16.95 10.53
N ASP G 92 -52.57 -16.15 10.45
CA ASP G 92 -53.20 -15.77 9.20
C ASP G 92 -52.46 -14.64 8.49
N ALA G 93 -51.56 -13.96 9.20
CA ALA G 93 -50.80 -12.84 8.65
C ALA G 93 -49.61 -13.32 7.83
N TYR G 94 -49.46 -14.65 7.71
CA TYR G 94 -48.35 -15.27 6.99
C TYR G 94 -48.89 -16.18 5.88
N PRO G 95 -48.14 -16.41 4.77
CA PRO G 95 -48.54 -17.41 3.77
C PRO G 95 -48.37 -18.82 4.34
N ASP G 96 -49.02 -19.79 3.69
CA ASP G 96 -49.13 -21.14 4.20
C ASP G 96 -47.76 -21.78 4.41
N THR G 97 -46.87 -21.67 3.41
CA THR G 97 -45.48 -22.06 3.55
C THR G 97 -44.54 -20.90 3.19
N VAL G 98 -43.50 -20.74 3.99
CA VAL G 98 -42.33 -19.94 3.65
C VAL G 98 -41.12 -20.87 3.58
N THR G 99 -40.19 -20.56 2.66
CA THR G 99 -38.91 -21.26 2.58
C THR G 99 -37.89 -20.51 3.41
N VAL G 100 -37.12 -21.26 4.20
CA VAL G 100 -36.26 -20.67 5.22
C VAL G 100 -34.85 -21.26 5.19
N ALA G 101 -33.90 -20.44 5.66
CA ALA G 101 -32.57 -20.87 6.07
C ALA G 101 -32.48 -20.72 7.59
N PRO G 102 -31.67 -21.54 8.30
CA PRO G 102 -31.25 -21.19 9.66
C PRO G 102 -30.56 -19.83 9.61
N ALA G 103 -30.69 -19.05 10.70
CA ALA G 103 -30.28 -17.66 10.77
C ALA G 103 -28.96 -17.42 10.04
N ALA G 104 -28.93 -16.35 9.23
CA ALA G 104 -28.07 -16.18 8.07
C ALA G 104 -26.57 -16.26 8.40
N GLY G 105 -26.16 -15.68 9.52
CA GLY G 105 -24.73 -15.65 9.86
C GLY G 105 -24.44 -16.08 11.29
N GLN G 106 -25.38 -16.82 11.91
CA GLN G 106 -25.40 -17.00 13.35
C GLN G 106 -24.94 -18.40 13.74
N ALA G 107 -24.20 -18.44 14.86
CA ALA G 107 -23.78 -19.67 15.54
C ALA G 107 -24.98 -20.29 16.24
N SER G 108 -25.98 -19.46 16.58
CA SER G 108 -27.17 -19.89 17.30
C SER G 108 -28.41 -19.66 16.43
N ALA G 109 -28.77 -20.69 15.64
CA ALA G 109 -30.05 -20.72 14.95
C ALA G 109 -31.08 -21.39 15.85
N LEU G 110 -30.71 -22.57 16.38
CA LEU G 110 -31.54 -23.33 17.30
C LEU G 110 -30.88 -23.37 18.67
N THR G 111 -31.65 -23.01 19.71
CA THR G 111 -31.31 -23.31 21.10
C THR G 111 -32.34 -24.30 21.64
N LEU G 112 -31.83 -25.38 22.24
CA LEU G 112 -32.64 -26.33 22.99
C LEU G 112 -32.17 -26.31 24.44
N GLU G 113 -33.12 -26.11 25.36
CA GLU G 113 -32.83 -26.14 26.78
C GLU G 113 -33.54 -27.32 27.43
N TYR G 114 -32.76 -28.12 28.15
CA TYR G 114 -33.25 -29.20 29.00
C TYR G 114 -32.99 -28.78 30.44
N PRO G 115 -33.92 -28.02 31.09
CA PRO G 115 -33.70 -27.51 32.44
C PRO G 115 -33.94 -28.54 33.54
N ALA G 116 -33.32 -28.32 34.70
CA ALA G 116 -33.47 -29.15 35.87
C ALA G 116 -34.90 -29.11 36.38
N GLY G 117 -35.40 -30.25 36.83
CA GLY G 117 -36.72 -30.35 37.44
C GLY G 117 -37.82 -30.69 36.43
N ARG G 118 -37.52 -30.60 35.14
CA ARG G 118 -38.53 -30.80 34.10
C ARG G 118 -38.28 -32.12 33.39
N LYS G 119 -39.35 -32.90 33.22
CA LYS G 119 -39.34 -34.16 32.50
C LYS G 119 -40.24 -34.03 31.28
N ASP G 120 -39.73 -34.46 30.13
CA ASP G 120 -40.45 -34.49 28.86
C ASP G 120 -40.98 -33.10 28.51
N LEU G 121 -40.14 -32.07 28.71
CA LEU G 121 -40.45 -30.68 28.40
C LEU G 121 -39.15 -29.94 28.08
N VAL G 122 -39.02 -29.54 26.81
CA VAL G 122 -37.80 -28.93 26.26
C VAL G 122 -38.15 -27.55 25.72
N ASP G 123 -37.28 -26.57 26.00
CA ASP G 123 -37.45 -25.20 25.51
C ASP G 123 -36.77 -25.04 24.15
N VAL G 124 -37.52 -24.48 23.19
CA VAL G 124 -37.06 -24.31 21.81
C VAL G 124 -37.02 -22.82 21.49
N SER G 125 -35.86 -22.36 21.02
CA SER G 125 -35.73 -21.06 20.38
C SER G 125 -35.13 -21.23 18.99
N LEU G 126 -35.88 -20.82 17.96
CA LEU G 126 -35.47 -20.93 16.56
C LEU G 126 -35.34 -19.53 15.96
N SER G 127 -34.26 -19.33 15.18
CA SER G 127 -34.14 -18.16 14.32
C SER G 127 -33.97 -18.61 12.88
N LEU G 128 -34.88 -18.15 12.01
CA LEU G 128 -34.95 -18.54 10.61
C LEU G 128 -35.01 -17.29 9.73
N THR G 129 -34.44 -17.38 8.53
CA THR G 129 -34.41 -16.29 7.56
C THR G 129 -35.15 -16.73 6.30
N ARG G 130 -36.05 -15.86 5.81
CA ARG G 130 -36.84 -16.15 4.62
C ARG G 130 -35.96 -16.05 3.38
N VAL G 131 -35.99 -17.10 2.57
CA VAL G 131 -35.23 -17.17 1.32
C VAL G 131 -36.20 -17.52 0.18
N ASP G 132 -35.81 -17.14 -1.05
CA ASP G 132 -36.60 -17.36 -2.25
C ASP G 132 -36.73 -18.86 -2.49
N PRO G 133 -37.97 -19.42 -2.57
CA PRO G 133 -38.17 -20.86 -2.79
C PRO G 133 -37.38 -21.47 -3.95
N ASN G 134 -37.16 -20.68 -5.00
CA ASN G 134 -36.55 -21.14 -6.24
C ASN G 134 -35.05 -20.83 -6.30
N SER G 135 -34.53 -20.13 -5.27
CA SER G 135 -33.14 -19.76 -5.22
C SER G 135 -32.42 -20.44 -4.05
N VAL G 136 -32.63 -21.76 -3.91
CA VAL G 136 -31.87 -22.58 -3.00
C VAL G 136 -30.86 -23.37 -3.83
N ARG G 137 -29.58 -22.98 -3.70
CA ARG G 137 -28.51 -23.38 -4.59
C ARG G 137 -27.43 -24.12 -3.81
N GLY G 138 -26.88 -25.20 -4.40
CA GLY G 138 -25.77 -25.91 -3.78
C GLY G 138 -25.45 -27.26 -4.44
N VAL G 139 -24.42 -27.92 -3.88
CA VAL G 139 -23.86 -29.15 -4.45
C VAL G 139 -24.06 -30.31 -3.46
N GLY G 140 -23.67 -30.10 -2.20
CA GLY G 140 -23.45 -31.21 -1.27
C GLY G 140 -24.65 -31.49 -0.36
N ASP G 141 -24.82 -32.79 -0.05
CA ASP G 141 -25.68 -33.27 1.02
C ASP G 141 -24.80 -33.74 2.17
N GLN G 142 -25.04 -33.17 3.36
CA GLN G 142 -24.44 -33.65 4.59
C GLN G 142 -25.54 -33.85 5.63
N GLN G 143 -25.86 -35.13 5.89
CA GLN G 143 -26.88 -35.52 6.83
C GLN G 143 -26.30 -35.46 8.24
N ALA G 144 -26.84 -34.54 9.05
CA ALA G 144 -26.48 -34.44 10.46
C ALA G 144 -27.18 -35.56 11.23
N THR G 145 -26.41 -36.25 12.09
CA THR G 145 -26.99 -37.20 13.03
C THR G 145 -26.51 -36.89 14.43
N THR G 146 -27.46 -36.96 15.36
CA THR G 146 -27.20 -36.94 16.80
C THR G 146 -27.09 -38.40 17.26
N PRO G 147 -25.97 -38.82 17.91
CA PRO G 147 -25.83 -40.20 18.38
C PRO G 147 -26.73 -40.46 19.60
N THR G 148 -27.54 -41.52 19.51
CA THR G 148 -28.57 -41.82 20.49
C THR G 148 -28.36 -43.22 21.06
N THR G 149 -28.67 -43.38 22.36
CA THR G 149 -28.58 -44.65 23.09
C THR G 149 -29.62 -44.67 24.21
N THR G 150 -29.92 -45.88 24.73
CA THR G 150 -31.06 -46.09 25.61
C THR G 150 -30.65 -46.29 27.07
N GLY G 151 -29.50 -45.75 27.47
CA GLY G 151 -28.96 -45.92 28.82
C GLY G 151 -29.63 -45.02 29.87
N THR G 152 -28.94 -44.85 31.01
CA THR G 152 -29.42 -44.09 32.16
C THR G 152 -28.25 -43.45 32.91
N GLY G 153 -27.02 -43.76 32.48
CA GLY G 153 -25.81 -43.44 33.22
C GLY G 153 -25.54 -41.94 33.37
N PRO G 154 -24.55 -41.53 34.21
CA PRO G 154 -24.21 -40.12 34.38
C PRO G 154 -23.59 -39.54 33.11
N VAL G 155 -23.63 -38.21 32.97
CA VAL G 155 -22.89 -37.53 31.92
C VAL G 155 -21.41 -37.68 32.23
N GLU G 156 -20.68 -38.25 31.26
CA GLU G 156 -19.28 -38.59 31.43
C GLU G 156 -18.41 -37.82 30.46
N VAL G 157 -17.27 -37.35 30.99
CA VAL G 157 -16.29 -36.56 30.27
C VAL G 157 -14.97 -37.32 30.34
N THR G 158 -14.54 -37.88 29.20
CA THR G 158 -13.33 -38.69 29.14
C THR G 158 -12.26 -37.93 28.36
N ALA G 159 -11.09 -37.73 29.01
CA ALA G 159 -9.95 -37.07 28.40
C ALA G 159 -8.65 -37.63 28.98
N GLY G 160 -7.80 -38.16 28.10
CA GLY G 160 -6.51 -38.73 28.48
C GLY G 160 -6.64 -39.88 29.47
N GLY G 161 -7.60 -40.78 29.21
CA GLY G 161 -7.74 -42.04 29.93
C GLY G 161 -8.52 -41.92 31.24
N THR G 162 -8.89 -40.70 31.63
CA THR G 162 -9.63 -40.44 32.87
C THR G 162 -11.05 -40.00 32.55
N THR G 163 -12.02 -40.56 33.28
CA THR G 163 -13.42 -40.20 33.15
C THR G 163 -13.89 -39.43 34.38
N VAL G 164 -14.54 -38.29 34.13
CA VAL G 164 -15.21 -37.50 35.14
C VAL G 164 -16.72 -37.70 34.96
N GLN G 165 -17.44 -37.90 36.07
CA GLN G 165 -18.89 -37.99 36.06
C GLN G 165 -19.45 -36.67 36.59
N LEU G 166 -20.28 -36.01 35.77
CA LEU G 166 -20.82 -34.71 36.12
C LEU G 166 -21.95 -34.89 37.14
N PRO G 167 -21.96 -34.09 38.24
CA PRO G 167 -23.03 -34.16 39.24
C PRO G 167 -24.43 -33.99 38.64
N SER G 168 -25.35 -34.87 39.08
CA SER G 168 -26.74 -34.87 38.66
C SER G 168 -27.48 -33.68 39.28
N SER G 169 -26.92 -33.14 40.38
CA SER G 169 -27.55 -32.13 41.23
C SER G 169 -27.51 -30.76 40.56
N GLY G 170 -28.70 -30.27 40.20
CA GLY G 170 -28.87 -28.97 39.57
C GLY G 170 -28.46 -28.96 38.10
N LEU G 171 -28.37 -30.15 37.50
CA LEU G 171 -27.85 -30.35 36.16
C LEU G 171 -28.84 -29.83 35.12
N SER G 172 -28.38 -28.87 34.31
CA SER G 172 -29.09 -28.37 33.14
C SER G 172 -28.21 -28.55 31.91
N VAL G 173 -28.85 -28.79 30.75
CA VAL G 173 -28.18 -28.89 29.46
C VAL G 173 -28.82 -27.89 28.51
N GLU G 174 -27.95 -27.22 27.74
CA GLU G 174 -28.35 -26.40 26.62
C GLU G 174 -27.57 -26.86 25.38
N ARG G 175 -28.29 -27.03 24.27
CA ARG G 175 -27.67 -27.34 23.00
C ARG G 175 -27.95 -26.22 22.00
N THR G 176 -26.87 -25.69 21.42
CA THR G 176 -26.92 -24.64 20.42
C THR G 176 -26.47 -25.22 19.07
N VAL G 177 -27.26 -24.97 18.01
CA VAL G 177 -26.99 -25.43 16.67
C VAL G 177 -27.15 -24.26 15.70
N GLY G 178 -26.25 -24.17 14.71
CA GLY G 178 -26.32 -23.14 13.69
C GLY G 178 -25.48 -23.50 12.45
N ARG G 179 -25.71 -22.75 11.37
CA ARG G 179 -25.02 -22.95 10.10
C ARG G 179 -24.42 -21.62 9.63
N PRO G 180 -23.38 -21.07 10.33
CA PRO G 180 -22.86 -19.74 10.01
C PRO G 180 -22.16 -19.65 8.64
N ASN G 181 -21.81 -20.80 8.06
CA ASN G 181 -21.02 -20.87 6.84
C ASN G 181 -21.91 -20.92 5.59
N ASP G 182 -23.24 -20.97 5.77
CA ASP G 182 -24.16 -20.82 4.66
C ASP G 182 -24.23 -19.33 4.28
N ALA G 183 -24.32 -19.06 2.98
CA ALA G 183 -24.43 -17.69 2.49
C ALA G 183 -25.88 -17.41 2.10
N VAL G 184 -26.46 -16.39 2.73
CA VAL G 184 -27.69 -15.78 2.28
C VAL G 184 -27.32 -14.45 1.62
N ARG G 185 -27.68 -14.31 0.33
CA ARG G 185 -27.14 -13.24 -0.50
C ARG G 185 -28.22 -12.45 -1.21
N ARG G 186 -27.96 -11.14 -1.34
CA ARG G 186 -28.83 -10.19 -2.02
C ARG G 186 -28.95 -10.54 -3.49
N VAL G 187 -30.17 -10.41 -4.01
CA VAL G 187 -30.45 -10.51 -5.43
C VAL G 187 -31.23 -9.26 -5.83
N PRO G 188 -31.05 -8.72 -7.07
CA PRO G 188 -31.85 -7.58 -7.52
C PRO G 188 -33.27 -8.03 -7.85
N ARG G 189 -34.23 -7.09 -7.78
CA ARG G 189 -35.47 -7.16 -8.55
C ARG G 189 -36.46 -8.17 -7.96
N GLN G 190 -36.18 -8.73 -6.77
CA GLN G 190 -37.10 -9.66 -6.11
C GLN G 190 -37.07 -9.49 -4.60
N ALA G 191 -38.09 -10.03 -3.90
CA ALA G 191 -38.36 -9.75 -2.50
C ALA G 191 -37.38 -10.45 -1.56
N ASP G 192 -36.95 -11.67 -1.93
CA ASP G 192 -36.28 -12.57 -1.00
C ASP G 192 -34.89 -12.94 -1.49
N PRO G 193 -33.89 -13.13 -0.58
CA PRO G 193 -32.52 -13.48 -0.95
C PRO G 193 -32.32 -14.92 -1.41
N ARG G 194 -31.12 -15.18 -1.93
CA ARG G 194 -30.68 -16.47 -2.44
C ARG G 194 -29.95 -17.21 -1.32
N TYR G 195 -30.22 -18.52 -1.22
CA TYR G 195 -29.63 -19.38 -0.22
C TYR G 195 -28.59 -20.29 -0.87
N GLU G 196 -27.32 -20.05 -0.51
CA GLU G 196 -26.21 -20.90 -0.93
C GLU G 196 -25.93 -21.90 0.18
N VAL G 197 -26.37 -23.14 -0.04
CA VAL G 197 -26.15 -24.25 0.89
C VAL G 197 -24.71 -24.73 0.72
N LYS G 198 -23.96 -24.74 1.82
CA LYS G 198 -22.55 -25.11 1.81
C LYS G 198 -22.33 -26.35 2.66
N ALA G 199 -21.69 -27.37 2.06
CA ALA G 199 -21.28 -28.57 2.77
C ALA G 199 -20.01 -28.29 3.55
N LYS G 200 -20.15 -27.43 4.57
CA LYS G 200 -19.03 -26.91 5.35
C LYS G 200 -19.40 -26.88 6.84
N VAL G 201 -18.40 -26.52 7.67
CA VAL G 201 -18.41 -26.56 9.12
C VAL G 201 -19.64 -25.85 9.70
N THR G 202 -20.30 -26.52 10.66
CA THR G 202 -21.47 -26.00 11.37
C THR G 202 -21.11 -25.71 12.82
N ASN G 203 -22.02 -25.04 13.53
CA ASN G 203 -21.89 -24.79 14.96
C ASN G 203 -22.77 -25.79 15.72
N ASP G 204 -22.15 -26.45 16.71
CA ASP G 204 -22.82 -27.43 17.56
C ASP G 204 -22.14 -27.40 18.93
N VAL G 205 -22.85 -26.86 19.91
CA VAL G 205 -22.29 -26.57 21.23
C VAL G 205 -23.23 -27.14 22.30
N PHE G 206 -22.63 -27.84 23.28
CA PHE G 206 -23.32 -28.31 24.47
C PHE G 206 -22.81 -27.52 25.68
N THR G 207 -23.76 -26.93 26.42
CA THR G 207 -23.45 -26.20 27.65
C THR G 207 -24.09 -26.92 28.83
N PHE G 208 -23.32 -27.06 29.92
CA PHE G 208 -23.77 -27.69 31.15
C PHE G 208 -23.68 -26.70 32.30
N SER G 209 -24.62 -26.83 33.23
CA SER G 209 -24.68 -26.09 34.48
C SER G 209 -24.99 -27.07 35.60
N PHE G 210 -24.25 -27.01 36.72
CA PHE G 210 -24.45 -27.94 37.82
C PHE G 210 -23.86 -27.42 39.13
N GLU G 211 -24.24 -28.09 40.23
CA GLU G 211 -23.67 -27.89 41.56
C GLU G 211 -22.83 -29.12 41.92
N THR G 212 -21.57 -28.89 42.32
CA THR G 212 -20.69 -29.94 42.80
C THR G 212 -20.79 -30.00 44.32
N LEU G 213 -21.32 -31.14 44.84
CA LEU G 213 -21.75 -31.20 46.23
C LEU G 213 -20.83 -32.09 47.08
N ASP G 214 -20.29 -33.16 46.48
CA ASP G 214 -19.52 -34.15 47.23
C ASP G 214 -18.32 -34.63 46.41
N ASN G 215 -17.25 -35.02 47.12
CA ASN G 215 -15.94 -35.32 46.56
C ASN G 215 -15.49 -34.16 45.67
N ILE G 216 -15.66 -32.95 46.20
CA ILE G 216 -15.61 -31.70 45.43
C ILE G 216 -14.23 -31.50 44.81
N PRO G 217 -13.09 -31.55 45.57
CA PRO G 217 -11.77 -31.41 44.96
C PRO G 217 -11.53 -32.46 43.88
N ALA G 218 -11.82 -33.73 44.20
CA ALA G 218 -11.57 -34.86 43.32
C ALA G 218 -12.29 -34.71 41.98
N THR G 219 -13.55 -34.25 42.02
CA THR G 219 -14.39 -34.10 40.85
C THR G 219 -13.86 -32.96 39.96
N LEU G 220 -13.64 -31.79 40.57
CA LEU G 220 -13.28 -30.57 39.85
C LEU G 220 -11.84 -30.66 39.35
N ASN G 221 -10.95 -31.19 40.21
CA ASN G 221 -9.54 -31.32 39.89
C ASN G 221 -9.34 -32.31 38.74
N ALA G 222 -10.15 -33.37 38.70
CA ALA G 222 -10.09 -34.36 37.64
C ALA G 222 -10.42 -33.73 36.29
N LEU G 223 -11.42 -32.84 36.27
CA LEU G 223 -11.87 -32.15 35.07
C LEU G 223 -10.83 -31.12 34.65
N THR G 224 -10.31 -30.33 35.61
CA THR G 224 -9.42 -29.22 35.31
C THR G 224 -8.02 -29.71 34.95
N ASP G 225 -7.56 -30.77 35.62
CA ASP G 225 -6.24 -31.35 35.35
C ASP G 225 -6.20 -31.95 33.95
N ASN G 226 -7.21 -32.77 33.63
CA ASN G 226 -7.19 -33.63 32.45
C ASN G 226 -7.67 -32.89 31.21
N VAL G 227 -8.58 -31.93 31.37
CA VAL G 227 -9.17 -31.23 30.24
C VAL G 227 -8.46 -29.89 30.02
N PHE G 228 -8.19 -29.14 31.10
CA PHE G 228 -7.80 -27.75 30.97
C PHE G 228 -6.29 -27.53 31.07
N ARG G 229 -5.61 -28.36 31.88
CA ARG G 229 -4.19 -28.13 32.15
C ARG G 229 -3.31 -29.03 31.25
N GLU G 230 -3.95 -29.95 30.51
CA GLU G 230 -3.26 -30.72 29.49
C GLU G 230 -3.50 -30.09 28.12
N GLN G 231 -2.57 -30.35 27.20
CA GLN G 231 -2.77 -30.09 25.77
C GLN G 231 -3.43 -31.32 25.16
N LEU G 232 -4.51 -31.10 24.41
CA LEU G 232 -5.36 -32.19 23.93
C LEU G 232 -4.97 -32.61 22.51
N GLY G 233 -4.25 -31.73 21.80
CA GLY G 233 -3.79 -32.01 20.45
C GLY G 233 -4.88 -31.80 19.40
N ARG G 234 -4.90 -32.67 18.39
CA ARG G 234 -5.92 -32.66 17.34
C ARG G 234 -7.18 -33.34 17.86
N ASP G 235 -6.98 -34.38 18.70
CA ASP G 235 -8.04 -35.08 19.41
C ASP G 235 -8.52 -34.20 20.56
N GLY G 236 -9.59 -34.64 21.24
CA GLY G 236 -10.17 -33.83 22.31
C GLY G 236 -10.72 -34.66 23.45
N VAL G 237 -11.95 -34.30 23.84
CA VAL G 237 -12.67 -34.87 24.97
C VAL G 237 -13.82 -35.69 24.41
N THR G 238 -14.01 -36.90 24.95
CA THR G 238 -15.23 -37.65 24.71
C THR G 238 -16.28 -37.21 25.72
N LEU G 239 -17.40 -36.71 25.20
CA LEU G 239 -18.54 -36.32 26.00
C LEU G 239 -19.65 -37.34 25.77
N ASP G 240 -19.96 -38.12 26.82
CA ASP G 240 -20.91 -39.21 26.72
C ASP G 240 -22.07 -38.97 27.68
N PHE G 241 -23.28 -38.97 27.14
CA PHE G 241 -24.49 -38.73 27.91
C PHE G 241 -24.98 -40.03 28.56
N ASN G 242 -24.55 -41.17 28.01
CA ASN G 242 -24.86 -42.50 28.52
C ASN G 242 -26.37 -42.74 28.58
N GLY G 243 -27.12 -42.09 27.68
CA GLY G 243 -28.54 -42.34 27.52
C GLY G 243 -29.44 -41.32 28.19
N LEU G 244 -28.86 -40.36 28.95
CA LEU G 244 -29.61 -39.23 29.45
C LEU G 244 -30.09 -38.40 28.26
N LEU G 245 -31.38 -38.06 28.27
CA LEU G 245 -32.07 -37.37 27.19
C LEU G 245 -32.07 -38.21 25.90
N GLY G 246 -31.65 -39.47 26.02
CA GLY G 246 -31.54 -40.40 24.89
C GLY G 246 -30.27 -40.19 24.07
N LEU G 247 -29.33 -39.40 24.58
CA LEU G 247 -28.12 -39.03 23.86
C LEU G 247 -26.98 -40.02 24.16
N GLY G 248 -26.01 -40.08 23.24
CA GLY G 248 -24.84 -40.94 23.34
C GLY G 248 -23.55 -40.13 23.41
N SER G 249 -22.57 -40.51 22.57
CA SER G 249 -21.19 -40.09 22.69
C SER G 249 -20.78 -39.18 21.53
N VAL G 250 -20.19 -38.02 21.87
CA VAL G 250 -19.66 -37.06 20.90
C VAL G 250 -18.23 -36.69 21.27
N LYS G 251 -17.42 -36.35 20.26
CA LYS G 251 -16.10 -35.76 20.49
C LYS G 251 -16.23 -34.25 20.53
N ALA G 252 -15.58 -33.63 21.52
CA ALA G 252 -15.71 -32.19 21.79
C ALA G 252 -14.42 -31.61 22.34
N ILE G 253 -14.39 -30.27 22.45
CA ILE G 253 -13.33 -29.52 23.12
C ILE G 253 -13.96 -28.29 23.77
N PRO G 254 -13.47 -27.82 24.94
CA PRO G 254 -13.84 -26.49 25.44
C PRO G 254 -13.10 -25.40 24.67
N VAL G 255 -13.86 -24.39 24.22
CA VAL G 255 -13.35 -23.37 23.32
C VAL G 255 -13.44 -21.99 23.99
N GLY G 256 -12.31 -21.28 24.03
CA GLY G 256 -12.31 -19.85 24.27
C GLY G 256 -11.83 -19.46 25.67
N SER G 257 -12.21 -18.24 26.07
CA SER G 257 -11.65 -17.55 27.22
C SER G 257 -12.33 -17.97 28.52
N SER G 258 -13.61 -18.36 28.45
CA SER G 258 -14.39 -18.63 29.65
C SER G 258 -15.34 -19.82 29.50
N PRO G 259 -14.92 -20.98 28.94
CA PRO G 259 -15.81 -22.15 28.82
C PRO G 259 -16.15 -22.86 30.13
N PHE G 260 -15.34 -22.65 31.18
CA PHE G 260 -15.59 -23.25 32.49
C PHE G 260 -15.35 -22.23 33.60
N ARG G 261 -16.28 -22.19 34.56
CA ARG G 261 -16.17 -21.33 35.74
C ARG G 261 -16.50 -22.13 37.00
N GLN G 262 -15.70 -21.95 38.04
CA GLN G 262 -15.97 -22.45 39.39
C GLN G 262 -16.38 -21.26 40.26
N VAL G 263 -17.58 -21.32 40.86
CA VAL G 263 -18.12 -20.21 41.62
C VAL G 263 -18.30 -20.61 43.08
N HIS G 264 -17.73 -19.78 43.96
CA HIS G 264 -17.79 -19.91 45.40
C HIS G 264 -18.57 -18.74 45.98
N GLN G 265 -19.64 -19.06 46.70
CA GLN G 265 -20.51 -18.05 47.31
C GLN G 265 -20.37 -18.10 48.82
N ALA G 266 -20.50 -16.92 49.45
CA ALA G 266 -20.42 -16.77 50.90
C ALA G 266 -21.46 -17.68 51.57
N GLY G 267 -21.00 -18.45 52.57
CA GLY G 267 -21.89 -19.20 53.43
C GLY G 267 -22.36 -20.54 52.86
N ARG G 268 -21.69 -21.04 51.81
CA ARG G 268 -22.09 -22.28 51.16
C ARG G 268 -20.95 -23.28 51.19
N GLY G 269 -21.28 -24.57 51.38
CA GLY G 269 -20.29 -25.62 51.51
C GLY G 269 -20.00 -26.35 50.21
N TRP G 270 -20.30 -25.72 49.06
CA TRP G 270 -20.23 -26.39 47.77
C TRP G 270 -19.84 -25.42 46.65
N VAL G 271 -19.58 -25.97 45.46
CA VAL G 271 -19.11 -25.22 44.30
C VAL G 271 -20.17 -25.26 43.20
N THR G 272 -20.50 -24.06 42.68
CA THR G 272 -21.37 -23.90 41.52
C THR G 272 -20.50 -23.89 40.26
N VAL G 273 -20.97 -24.62 39.24
CA VAL G 273 -20.46 -24.49 37.89
C VAL G 273 -21.56 -23.84 37.05
N PRO G 274 -21.50 -22.51 36.80
CA PRO G 274 -22.52 -21.84 35.99
C PRO G 274 -22.52 -22.32 34.55
N THR G 275 -21.31 -22.52 33.99
CA THR G 275 -21.14 -22.95 32.61
C THR G 275 -19.98 -23.94 32.51
N LEU G 276 -20.22 -24.98 31.70
CA LEU G 276 -19.18 -25.83 31.12
C LEU G 276 -19.55 -26.05 29.65
N GLU G 277 -18.78 -25.43 28.75
CA GLU G 277 -19.11 -25.38 27.33
C GLU G 277 -18.21 -26.33 26.53
N PHE G 278 -18.82 -27.09 25.63
CA PHE G 278 -18.15 -28.02 24.75
C PHE G 278 -18.63 -27.82 23.32
N ARG G 279 -17.69 -27.68 22.37
CA ARG G 279 -18.02 -27.63 20.96
C ARG G 279 -17.65 -28.97 20.31
N ARG G 280 -18.59 -29.50 19.52
CA ARG G 280 -18.46 -30.78 18.86
C ARG G 280 -17.43 -30.67 17.74
N ILE G 281 -16.41 -31.54 17.79
CA ILE G 281 -15.28 -31.52 16.86
C ILE G 281 -15.42 -32.67 15.86
N TYR G 282 -14.48 -32.74 14.92
CA TYR G 282 -14.54 -33.66 13.78
C TYR G 282 -14.64 -35.11 14.25
N SER G 283 -15.56 -35.87 13.63
CA SER G 283 -15.86 -37.26 13.98
C SER G 283 -16.44 -38.04 12.80
N ASN G 284 -17.15 -37.35 11.91
CA ASN G 284 -18.28 -37.90 11.17
C ASN G 284 -17.87 -38.56 9.86
N GLU G 285 -16.67 -39.18 9.85
CA GLU G 285 -16.09 -39.86 8.70
C GLU G 285 -16.04 -38.91 7.49
N VAL H 2 -11.29 -19.32 55.07
CA VAL H 2 -10.93 -18.51 56.28
C VAL H 2 -10.52 -17.12 55.81
N ASP H 3 -9.33 -17.02 55.19
CA ASP H 3 -8.63 -15.76 54.93
C ASP H 3 -7.54 -16.02 53.89
N ALA H 4 -7.43 -15.16 52.87
CA ALA H 4 -6.57 -15.41 51.72
C ALA H 4 -5.33 -14.51 51.74
N THR H 5 -4.15 -15.14 51.57
CA THR H 5 -2.86 -14.46 51.63
C THR H 5 -2.36 -14.19 50.21
N LEU H 6 -1.96 -12.92 49.98
CA LEU H 6 -1.23 -12.53 48.78
C LEU H 6 0.13 -11.98 49.21
N SER H 7 1.20 -12.55 48.66
CA SER H 7 2.55 -12.21 49.10
C SER H 7 3.53 -12.11 47.93
N ARG H 8 4.61 -11.33 48.15
CA ARG H 8 5.71 -11.20 47.22
C ARG H 8 6.99 -11.04 48.03
N GLY H 9 7.69 -12.17 48.24
CA GLY H 9 8.85 -12.22 49.10
C GLY H 9 8.48 -11.94 50.56
N GLY H 10 9.01 -10.84 51.10
CA GLY H 10 8.83 -10.48 52.50
C GLY H 10 7.48 -9.80 52.77
N THR H 11 6.85 -9.25 51.72
CA THR H 11 5.60 -8.52 51.84
C THR H 11 4.43 -9.48 51.73
N SER H 12 3.47 -9.35 52.67
CA SER H 12 2.32 -10.23 52.77
C SER H 12 1.08 -9.43 53.18
N VAL H 13 -0.03 -9.70 52.48
CA VAL H 13 -1.34 -9.09 52.78
C VAL H 13 -2.38 -10.20 52.89
N ASP H 14 -3.16 -10.15 53.99
CA ASP H 14 -4.28 -11.05 54.21
C ASP H 14 -5.58 -10.35 53.83
N ILE H 15 -6.34 -11.01 52.94
CA ILE H 15 -7.65 -10.54 52.49
C ILE H 15 -8.71 -11.48 53.05
N PRO H 16 -9.53 -11.03 54.02
CA PRO H 16 -10.55 -11.87 54.67
C PRO H 16 -11.48 -12.79 53.87
N LEU H 17 -11.76 -12.46 52.60
CA LEU H 17 -12.72 -13.16 51.74
C LEU H 17 -14.03 -13.41 52.50
N VAL H 18 -14.61 -12.32 53.00
CA VAL H 18 -15.91 -12.30 53.66
C VAL H 18 -16.83 -11.41 52.83
N GLU H 19 -18.11 -11.83 52.75
CA GLU H 19 -19.16 -11.05 52.09
C GLU H 19 -20.51 -11.39 52.70
N GLU H 20 -21.49 -10.53 52.39
CA GLU H 20 -22.86 -10.69 52.86
C GLU H 20 -23.56 -11.76 52.03
N GLY H 21 -24.30 -12.64 52.73
CA GLY H 21 -25.34 -13.47 52.14
C GLY H 21 -24.83 -14.39 51.03
N GLY H 22 -25.40 -14.23 49.83
CA GLY H 22 -25.16 -15.16 48.74
C GLY H 22 -24.20 -14.62 47.68
N GLU H 23 -23.28 -13.74 48.09
CA GLU H 23 -22.39 -13.04 47.17
C GLU H 23 -21.22 -13.95 46.77
N ILE H 24 -20.70 -13.72 45.55
CA ILE H 24 -19.59 -14.47 45.00
C ILE H 24 -18.29 -13.97 45.63
N LEU H 25 -17.61 -14.89 46.32
CA LEU H 25 -16.34 -14.61 46.98
C LEU H 25 -15.18 -14.94 46.06
N LEU H 26 -15.29 -16.10 45.38
CA LEU H 26 -14.25 -16.56 44.46
C LEU H 26 -14.90 -17.08 43.19
N SER H 27 -14.38 -16.57 42.06
CA SER H 27 -14.64 -17.11 40.74
C SER H 27 -13.31 -17.54 40.13
N SER H 28 -13.24 -18.82 39.71
CA SER H 28 -12.09 -19.28 38.94
C SER H 28 -12.55 -19.68 37.54
N THR H 29 -12.02 -18.98 36.51
CA THR H 29 -12.33 -19.31 35.13
C THR H 29 -11.18 -20.08 34.52
N PHE H 30 -11.53 -21.16 33.81
CA PHE H 30 -10.57 -21.95 33.04
C PHE H 30 -10.86 -21.74 31.57
N GLY H 31 -9.79 -21.48 30.81
CA GLY H 31 -9.92 -21.13 29.41
C GLY H 31 -8.86 -21.82 28.54
N LYS H 32 -9.23 -22.04 27.28
CA LYS H 32 -8.29 -22.42 26.25
C LYS H 32 -8.33 -21.35 25.15
N PRO H 33 -7.79 -20.13 25.41
CA PRO H 33 -7.87 -19.05 24.42
C PRO H 33 -7.02 -19.32 23.18
N GLU H 34 -6.13 -20.31 23.27
CA GLU H 34 -5.12 -20.56 22.27
C GLU H 34 -5.42 -21.81 21.44
N VAL H 35 -6.62 -22.38 21.60
CA VAL H 35 -7.04 -23.43 20.68
C VAL H 35 -7.44 -22.81 19.35
N ASN H 36 -7.01 -23.44 18.26
CA ASN H 36 -7.52 -23.10 16.95
C ASN H 36 -8.65 -24.06 16.60
N VAL H 37 -9.87 -23.51 16.56
CA VAL H 37 -11.02 -24.19 16.01
C VAL H 37 -11.21 -23.64 14.60
N ARG H 38 -11.27 -24.55 13.62
CA ARG H 38 -11.32 -24.17 12.22
C ARG H 38 -12.68 -23.57 11.90
N LYS H 39 -12.66 -22.40 11.24
CA LYS H 39 -13.85 -21.63 10.95
C LYS H 39 -14.60 -22.21 9.75
N SER H 40 -13.88 -23.00 8.94
CA SER H 40 -14.40 -23.59 7.72
C SER H 40 -13.76 -24.96 7.48
N GLY H 41 -13.99 -25.52 6.29
CA GLY H 41 -13.61 -26.90 5.98
C GLY H 41 -14.83 -27.72 5.58
N GLY H 42 -14.60 -28.89 4.97
CA GLY H 42 -15.64 -29.63 4.26
C GLY H 42 -16.39 -30.66 5.10
N SER H 43 -16.20 -30.64 6.43
CA SER H 43 -16.87 -31.53 7.35
C SER H 43 -18.03 -30.79 8.03
N LEU H 44 -18.89 -31.54 8.74
CA LEU H 44 -19.98 -30.95 9.53
C LEU H 44 -19.40 -30.26 10.76
N ASN H 45 -18.34 -30.85 11.32
CA ASN H 45 -17.75 -30.41 12.57
C ASN H 45 -16.30 -29.98 12.33
N PRO H 46 -15.81 -28.92 13.02
CA PRO H 46 -14.45 -28.41 12.78
C PRO H 46 -13.36 -29.34 13.30
N ARG H 47 -12.22 -29.30 12.61
CA ARG H 47 -10.98 -29.82 13.16
C ARG H 47 -10.44 -28.78 14.14
N VAL H 48 -9.74 -29.27 15.17
CA VAL H 48 -9.18 -28.41 16.21
C VAL H 48 -7.71 -28.77 16.41
N ILE H 49 -6.99 -27.85 17.09
CA ILE H 49 -5.65 -28.11 17.59
C ILE H 49 -5.46 -27.36 18.91
N ASP H 50 -4.98 -28.10 19.91
CA ASP H 50 -4.70 -27.59 21.25
C ASP H 50 -3.22 -27.84 21.54
N SER H 51 -2.44 -26.76 21.64
CA SER H 51 -1.00 -26.85 21.47
C SER H 51 -0.25 -25.85 22.35
N TRP H 52 -0.95 -25.26 23.34
CA TRP H 52 -0.42 -24.15 24.11
C TRP H 52 -0.96 -24.20 25.54
N SER H 53 -0.43 -23.30 26.40
CA SER H 53 -0.85 -23.16 27.79
C SER H 53 -2.29 -22.64 27.85
N GLY H 54 -3.00 -22.98 28.93
CA GLY H 54 -4.36 -22.52 29.16
C GLY H 54 -4.40 -21.25 30.02
N LEU H 55 -5.61 -20.69 30.16
CA LEU H 55 -5.88 -19.61 31.09
C LEU H 55 -6.47 -20.20 32.37
N GLN H 56 -6.01 -19.66 33.51
CA GLN H 56 -6.76 -19.70 34.74
C GLN H 56 -6.80 -18.30 35.34
N THR H 57 -8.02 -17.83 35.61
CA THR H 57 -8.25 -16.51 36.20
C THR H 57 -8.93 -16.69 37.56
N PHE H 58 -8.45 -15.93 38.55
CA PHE H 58 -9.10 -15.85 39.85
C PHE H 58 -9.67 -14.45 40.03
N GLN H 59 -10.96 -14.40 40.39
CA GLN H 59 -11.60 -13.17 40.83
C GLN H 59 -11.95 -13.33 42.31
N LEU H 60 -11.27 -12.54 43.15
CA LEU H 60 -11.45 -12.56 44.59
C LEU H 60 -12.21 -11.32 45.02
N VAL H 61 -13.26 -11.53 45.82
CA VAL H 61 -14.01 -10.45 46.43
C VAL H 61 -13.93 -10.62 47.95
N GLY H 62 -13.71 -9.51 48.66
CA GLY H 62 -13.67 -9.51 50.11
C GLY H 62 -13.77 -8.10 50.68
N LYS H 63 -13.48 -8.01 51.99
CA LYS H 63 -13.49 -6.76 52.71
C LYS H 63 -12.23 -6.67 53.56
N LEU H 64 -11.62 -5.48 53.60
CA LEU H 64 -10.47 -5.21 54.45
C LEU H 64 -10.88 -4.30 55.61
N TYR H 65 -10.25 -4.53 56.78
CA TYR H 65 -10.68 -3.90 58.01
C TYR H 65 -9.80 -2.72 58.43
N ASP H 66 -8.74 -2.42 57.66
CA ASP H 66 -8.01 -1.17 57.86
C ASP H 66 -7.51 -0.60 56.53
N TYR H 67 -7.31 0.72 56.52
CA TYR H 67 -6.93 1.46 55.33
C TYR H 67 -5.47 1.20 54.97
N SER H 68 -4.63 1.00 56.01
CA SER H 68 -3.21 0.76 55.86
C SER H 68 -2.95 -0.49 55.01
N THR H 69 -3.72 -1.56 55.27
CA THR H 69 -3.62 -2.83 54.55
C THR H 69 -4.08 -2.64 53.12
N SER H 70 -5.08 -1.77 52.92
CA SER H 70 -5.62 -1.45 51.61
C SER H 70 -4.57 -0.77 50.74
N HIS H 71 -3.77 0.11 51.35
CA HIS H 71 -2.70 0.80 50.63
C HIS H 71 -1.55 -0.15 50.32
N GLN H 72 -1.30 -1.10 51.24
CA GLN H 72 -0.29 -2.13 51.05
C GLN H 72 -0.68 -3.05 49.90
N LEU H 73 -1.99 -3.32 49.76
CA LEU H 73 -2.51 -4.17 48.71
C LEU H 73 -2.37 -3.47 47.36
N ALA H 74 -2.67 -2.17 47.32
CA ALA H 74 -2.53 -1.35 46.11
C ALA H 74 -1.07 -1.32 45.66
N ASP H 75 -0.15 -1.17 46.63
CA ASP H 75 1.28 -1.11 46.39
C ASP H 75 1.79 -2.45 45.88
N LEU H 76 1.29 -3.54 46.48
CA LEU H 76 1.70 -4.91 46.16
C LEU H 76 1.31 -5.28 44.73
N VAL H 77 0.11 -4.86 44.32
CA VAL H 77 -0.44 -5.17 43.02
C VAL H 77 0.27 -4.32 41.95
N LYS H 78 0.58 -3.06 42.28
CA LYS H 78 1.09 -2.13 41.27
C LYS H 78 2.59 -2.29 41.03
N THR H 79 3.31 -2.84 42.01
CA THR H 79 4.77 -2.96 42.00
C THR H 79 5.23 -3.85 40.85
N ALA H 80 6.28 -3.41 40.15
CA ALA H 80 6.98 -4.23 39.17
C ALA H 80 8.15 -4.93 39.85
N SER H 81 8.08 -6.27 39.92
CA SER H 81 9.13 -7.08 40.52
C SER H 81 9.15 -8.47 39.90
N THR H 82 10.36 -9.05 39.81
CA THR H 82 10.61 -10.36 39.26
C THR H 82 10.38 -11.44 40.32
N THR H 83 10.18 -11.03 41.57
CA THR H 83 9.80 -11.94 42.65
C THR H 83 8.36 -12.38 42.44
N PRO H 84 8.07 -13.71 42.38
CA PRO H 84 6.70 -14.20 42.22
C PRO H 84 5.70 -13.68 43.23
N LEU H 85 4.57 -13.18 42.70
CA LEU H 85 3.39 -12.88 43.50
C LEU H 85 2.65 -14.20 43.75
N GLU H 86 2.56 -14.59 45.02
CA GLU H 86 2.02 -15.88 45.44
C GLU H 86 0.64 -15.67 46.06
N LEU H 87 -0.32 -16.53 45.68
CA LEU H 87 -1.68 -16.48 46.20
C LEU H 87 -1.99 -17.79 46.92
N GLN H 88 -2.47 -17.66 48.17
CA GLN H 88 -2.92 -18.79 48.96
C GLN H 88 -4.45 -18.72 49.07
N ILE H 89 -5.12 -19.72 48.51
CA ILE H 89 -6.58 -19.80 48.53
C ILE H 89 -6.99 -20.79 49.61
N PRO H 90 -7.89 -20.41 50.56
CA PRO H 90 -8.35 -21.33 51.60
C PRO H 90 -9.53 -22.20 51.19
N GLN H 91 -9.35 -22.98 50.12
CA GLN H 91 -10.35 -23.93 49.63
C GLN H 91 -9.65 -25.10 48.97
N ASP H 92 -10.12 -26.32 49.26
CA ASP H 92 -9.41 -27.56 48.99
C ASP H 92 -9.24 -27.84 47.50
N ALA H 93 -10.05 -27.20 46.65
CA ALA H 93 -10.05 -27.45 45.21
C ALA H 93 -8.87 -26.77 44.52
N TYR H 94 -8.08 -25.99 45.27
CA TYR H 94 -6.93 -25.28 44.73
C TYR H 94 -5.67 -25.74 45.43
N PRO H 95 -4.48 -25.70 44.77
CA PRO H 95 -3.22 -25.99 45.45
C PRO H 95 -2.88 -24.87 46.44
N ASP H 96 -1.99 -25.17 47.39
CA ASP H 96 -1.71 -24.30 48.52
C ASP H 96 -1.20 -22.94 48.06
N THR H 97 -0.36 -22.93 47.01
CA THR H 97 0.12 -21.70 46.41
C THR H 97 -0.03 -21.76 44.89
N VAL H 98 -0.52 -20.66 44.32
CA VAL H 98 -0.48 -20.41 42.88
C VAL H 98 0.30 -19.12 42.65
N THR H 99 1.14 -19.11 41.60
CA THR H 99 1.83 -17.90 41.19
C THR H 99 0.91 -17.11 40.26
N VAL H 100 0.84 -15.80 40.49
CA VAL H 100 -0.14 -14.96 39.82
C VAL H 100 0.50 -13.69 39.26
N ALA H 101 -0.21 -13.12 38.28
CA ALA H 101 -0.02 -11.78 37.78
C ALA H 101 -1.33 -11.02 37.97
N PRO H 102 -1.31 -9.67 38.16
CA PRO H 102 -2.51 -8.85 37.97
C PRO H 102 -3.07 -9.11 36.57
N ALA H 103 -4.40 -9.06 36.43
CA ALA H 103 -5.14 -9.48 35.24
C ALA H 103 -4.45 -8.99 33.96
N ALA H 104 -4.37 -9.89 32.98
CA ALA H 104 -3.29 -9.92 31.99
C ALA H 104 -3.18 -8.67 31.12
N GLY H 105 -4.32 -8.06 30.75
CA GLY H 105 -4.29 -6.89 29.88
C GLY H 105 -5.13 -5.74 30.41
N GLN H 106 -5.38 -5.76 31.72
CA GLN H 106 -6.50 -5.01 32.30
C GLN H 106 -6.01 -3.77 33.06
N ALA H 107 -6.77 -2.69 32.87
CA ALA H 107 -6.60 -1.44 33.59
C ALA H 107 -7.02 -1.61 35.05
N SER H 108 -8.04 -2.45 35.27
CA SER H 108 -8.55 -2.71 36.61
C SER H 108 -8.28 -4.16 37.02
N ALA H 109 -7.18 -4.35 37.75
CA ALA H 109 -6.89 -5.61 38.42
C ALA H 109 -7.44 -5.54 39.85
N LEU H 110 -7.17 -4.41 40.52
CA LEU H 110 -7.61 -4.20 41.89
C LEU H 110 -8.58 -3.02 41.94
N THR H 111 -9.75 -3.25 42.53
CA THR H 111 -10.66 -2.19 42.94
C THR H 111 -10.77 -2.16 44.46
N LEU H 112 -10.51 -0.97 45.03
CA LEU H 112 -10.73 -0.70 46.44
C LEU H 112 -11.82 0.37 46.56
N GLU H 113 -12.87 0.06 47.32
CA GLU H 113 -13.95 1.02 47.54
C GLU H 113 -14.02 1.37 49.02
N TYR H 114 -14.10 2.69 49.26
CA TYR H 114 -14.30 3.27 50.59
C TYR H 114 -15.68 3.94 50.57
N PRO H 115 -16.78 3.17 50.81
CA PRO H 115 -18.13 3.71 50.71
C PRO H 115 -18.50 4.63 51.87
N ALA H 116 -19.46 5.53 51.62
CA ALA H 116 -19.92 6.50 52.60
C ALA H 116 -20.75 5.80 53.67
N GLY H 117 -20.53 6.19 54.93
CA GLY H 117 -21.31 5.69 56.05
C GLY H 117 -20.68 4.46 56.73
N ARG H 118 -19.51 4.06 56.25
CA ARG H 118 -18.81 2.89 56.77
C ARG H 118 -17.43 3.31 57.24
N LYS H 119 -16.99 2.71 58.35
CA LYS H 119 -15.71 3.01 58.96
C LYS H 119 -14.91 1.71 59.08
N ASP H 120 -13.64 1.76 58.63
CA ASP H 120 -12.70 0.66 58.71
C ASP H 120 -13.27 -0.58 58.01
N LEU H 121 -13.79 -0.38 56.79
CA LEU H 121 -14.43 -1.43 56.01
C LEU H 121 -14.33 -1.07 54.52
N VAL H 122 -13.41 -1.73 53.82
CA VAL H 122 -13.04 -1.45 52.44
C VAL H 122 -13.43 -2.65 51.58
N ASP H 123 -14.12 -2.40 50.45
CA ASP H 123 -14.48 -3.45 49.51
C ASP H 123 -13.30 -3.72 48.58
N VAL H 124 -12.91 -4.99 48.46
CA VAL H 124 -11.80 -5.42 47.61
C VAL H 124 -12.34 -6.30 46.49
N SER H 125 -11.92 -5.98 45.26
CA SER H 125 -12.06 -6.86 44.11
C SER H 125 -10.69 -7.05 43.46
N LEU H 126 -10.23 -8.29 43.39
CA LEU H 126 -8.97 -8.65 42.74
C LEU H 126 -9.25 -9.55 41.55
N SER H 127 -8.68 -9.19 40.39
CA SER H 127 -8.56 -10.08 39.25
C SER H 127 -7.11 -10.48 39.07
N LEU H 128 -6.84 -11.80 39.11
CA LEU H 128 -5.50 -12.34 39.01
C LEU H 128 -5.46 -13.43 37.94
N THR H 129 -4.36 -13.48 37.18
CA THR H 129 -4.09 -14.49 36.17
C THR H 129 -3.03 -15.44 36.70
N ARG H 130 -3.27 -16.76 36.54
CA ARG H 130 -2.30 -17.77 36.95
C ARG H 130 -1.18 -17.84 35.91
N VAL H 131 0.07 -17.89 36.40
CA VAL H 131 1.25 -17.97 35.56
C VAL H 131 2.15 -19.11 36.05
N ASP H 132 3.07 -19.56 35.19
CA ASP H 132 4.04 -20.59 35.54
C ASP H 132 5.00 -20.05 36.59
N PRO H 133 5.16 -20.71 37.75
CA PRO H 133 6.02 -20.21 38.84
C PRO H 133 7.49 -20.00 38.49
N ASN H 134 7.97 -20.71 37.45
CA ASN H 134 9.37 -20.70 37.06
C ASN H 134 9.60 -19.76 35.88
N SER H 135 8.51 -19.23 35.32
CA SER H 135 8.57 -18.38 34.13
C SER H 135 8.14 -16.95 34.45
N VAL H 136 8.61 -16.43 35.60
CA VAL H 136 8.49 -15.01 35.90
C VAL H 136 9.79 -14.34 35.44
N ARG H 137 9.68 -13.57 34.36
CA ARG H 137 10.83 -13.05 33.63
C ARG H 137 10.77 -11.53 33.59
N GLY H 138 11.92 -10.89 33.83
CA GLY H 138 12.03 -9.44 33.82
C GLY H 138 13.42 -8.96 34.25
N VAL H 139 13.66 -7.65 34.06
CA VAL H 139 14.94 -7.05 34.38
C VAL H 139 14.74 -5.91 35.39
N GLY H 140 13.62 -5.19 35.26
CA GLY H 140 13.35 -3.97 36.01
C GLY H 140 12.71 -4.23 37.37
N ASP H 141 12.78 -3.21 38.23
CA ASP H 141 12.32 -3.24 39.61
C ASP H 141 11.80 -1.85 39.97
N GLN H 142 10.49 -1.77 40.23
CA GLN H 142 9.83 -0.51 40.56
C GLN H 142 8.89 -0.70 41.74
N GLN H 143 9.36 -0.27 42.91
CA GLN H 143 8.58 -0.28 44.15
C GLN H 143 7.55 0.84 44.09
N ALA H 144 6.26 0.46 44.13
CA ALA H 144 5.17 1.41 44.19
C ALA H 144 4.97 1.87 45.63
N THR H 145 4.70 3.17 45.81
CA THR H 145 4.33 3.71 47.11
C THR H 145 3.10 4.60 46.97
N THR H 146 2.09 4.28 47.78
CA THR H 146 0.96 5.15 48.04
C THR H 146 1.40 6.23 49.04
N PRO H 147 1.26 7.54 48.73
CA PRO H 147 1.59 8.59 49.70
C PRO H 147 0.62 8.56 50.89
N THR H 148 1.18 8.57 52.11
CA THR H 148 0.40 8.47 53.33
C THR H 148 0.76 9.60 54.30
N THR H 149 -0.25 10.07 55.05
CA THR H 149 -0.12 11.13 56.05
C THR H 149 -1.24 11.01 57.09
N THR H 150 -1.18 11.81 58.17
CA THR H 150 -1.90 11.53 59.40
C THR H 150 -3.01 12.54 59.72
N GLY H 151 -3.40 13.37 58.74
CA GLY H 151 -4.34 14.46 58.98
C GLY H 151 -5.81 14.01 59.05
N THR H 152 -6.70 15.01 59.11
CA THR H 152 -8.15 14.85 59.18
C THR H 152 -8.82 15.67 58.06
N GLY H 153 -8.01 16.49 57.36
CA GLY H 153 -8.49 17.57 56.51
C GLY H 153 -9.30 17.10 55.30
N PRO H 154 -9.98 18.04 54.57
CA PRO H 154 -10.79 17.69 53.41
C PRO H 154 -9.95 17.25 52.22
N VAL H 155 -10.59 16.60 51.23
CA VAL H 155 -9.93 16.29 49.98
C VAL H 155 -9.82 17.58 49.18
N GLU H 156 -8.58 17.94 48.82
CA GLU H 156 -8.27 19.20 48.15
C GLU H 156 -7.71 18.93 46.76
N VAL H 157 -8.34 19.60 45.78
CA VAL H 157 -7.88 19.64 44.40
C VAL H 157 -7.23 21.01 44.19
N THR H 158 -5.93 21.01 43.84
CA THR H 158 -5.20 22.23 43.55
C THR H 158 -4.79 22.25 42.08
N ALA H 159 -5.22 23.31 41.38
CA ALA H 159 -4.82 23.59 40.00
C ALA H 159 -4.81 25.10 39.79
N GLY H 160 -3.72 25.59 39.19
CA GLY H 160 -3.56 27.01 38.86
C GLY H 160 -3.69 27.93 40.07
N GLY H 161 -3.20 27.47 41.23
CA GLY H 161 -3.13 28.27 42.43
C GLY H 161 -4.43 28.31 43.25
N THR H 162 -5.50 27.71 42.70
CA THR H 162 -6.79 27.63 43.38
C THR H 162 -6.94 26.24 43.99
N THR H 163 -7.34 26.19 45.27
CA THR H 163 -7.61 24.93 45.95
C THR H 163 -9.13 24.79 46.15
N VAL H 164 -9.66 23.64 45.72
CA VAL H 164 -11.06 23.30 45.88
C VAL H 164 -11.16 22.17 46.89
N GLN H 165 -12.00 22.38 47.92
CA GLN H 165 -12.27 21.37 48.92
C GLN H 165 -13.53 20.60 48.50
N LEU H 166 -13.39 19.27 48.33
CA LEU H 166 -14.50 18.42 47.97
C LEU H 166 -15.47 18.33 49.13
N PRO H 167 -16.80 18.44 48.88
CA PRO H 167 -17.81 18.24 49.93
C PRO H 167 -17.69 16.87 50.60
N SER H 168 -17.85 16.88 51.94
CA SER H 168 -17.81 15.66 52.75
C SER H 168 -19.08 14.84 52.57
N SER H 169 -20.17 15.51 52.15
CA SER H 169 -21.50 14.94 52.11
C SER H 169 -21.67 13.96 50.96
N GLY H 170 -21.95 12.70 51.30
CA GLY H 170 -22.13 11.62 50.34
C GLY H 170 -20.81 11.19 49.71
N LEU H 171 -19.69 11.60 50.32
CA LEU H 171 -18.36 11.41 49.77
C LEU H 171 -17.99 9.93 49.79
N SER H 172 -17.78 9.39 48.60
CA SER H 172 -17.45 7.99 48.37
C SER H 172 -16.23 7.93 47.44
N VAL H 173 -15.26 7.07 47.80
CA VAL H 173 -13.98 7.00 47.11
C VAL H 173 -13.74 5.58 46.61
N GLU H 174 -13.27 5.50 45.37
CA GLU H 174 -12.89 4.24 44.73
C GLU H 174 -11.52 4.41 44.09
N ARG H 175 -10.64 3.43 44.32
CA ARG H 175 -9.33 3.39 43.69
C ARG H 175 -9.23 2.12 42.83
N THR H 176 -8.87 2.31 41.55
CA THR H 176 -8.54 1.18 40.69
C THR H 176 -7.04 1.21 40.35
N VAL H 177 -6.45 0.01 40.38
CA VAL H 177 -5.03 -0.20 40.11
C VAL H 177 -4.90 -1.39 39.15
N GLY H 178 -3.98 -1.26 38.18
CA GLY H 178 -3.71 -2.33 37.23
C GLY H 178 -2.36 -2.18 36.54
N ARG H 179 -1.89 -3.29 35.95
CA ARG H 179 -0.62 -3.34 35.24
C ARG H 179 -0.84 -3.85 33.81
N PRO H 180 -1.46 -3.05 32.90
CA PRO H 180 -1.78 -3.51 31.55
C PRO H 180 -0.59 -3.71 30.60
N ASN H 181 0.59 -3.20 30.99
CA ASN H 181 1.77 -3.21 30.13
C ASN H 181 2.62 -4.46 30.35
N ASP H 182 2.27 -5.26 31.37
CA ASP H 182 2.87 -6.58 31.55
C ASP H 182 2.30 -7.52 30.50
N ALA H 183 3.14 -8.42 30.00
CA ALA H 183 2.74 -9.41 29.01
C ALA H 183 2.63 -10.79 29.67
N VAL H 184 1.45 -11.40 29.51
CA VAL H 184 1.23 -12.80 29.82
C VAL H 184 1.14 -13.54 28.48
N ARG H 185 2.06 -14.47 28.25
CA ARG H 185 2.28 -15.04 26.92
C ARG H 185 2.22 -16.57 26.95
N ARG H 186 1.73 -17.13 25.83
CA ARG H 186 1.56 -18.55 25.64
C ARG H 186 2.91 -19.26 25.58
N VAL H 187 2.93 -20.48 26.15
CA VAL H 187 4.08 -21.36 26.18
C VAL H 187 3.63 -22.70 25.57
N PRO H 188 4.46 -23.38 24.74
CA PRO H 188 4.06 -24.61 24.05
C PRO H 188 3.42 -25.75 24.82
N ARG H 189 4.08 -26.22 25.90
CA ARG H 189 3.62 -27.45 26.54
C ARG H 189 3.67 -27.38 28.06
N GLN H 190 3.46 -26.17 28.59
CA GLN H 190 3.18 -25.97 30.01
C GLN H 190 1.67 -25.80 30.17
N ALA H 191 1.19 -25.96 31.41
CA ALA H 191 -0.21 -25.74 31.72
C ALA H 191 -0.50 -24.24 31.78
N ASP H 192 0.52 -23.46 32.16
CA ASP H 192 0.38 -22.06 32.54
C ASP H 192 1.27 -21.17 31.69
N PRO H 193 0.89 -19.90 31.46
CA PRO H 193 1.69 -18.96 30.67
C PRO H 193 2.90 -18.34 31.37
N ARG H 194 3.73 -17.66 30.57
CA ARG H 194 4.92 -16.96 31.02
C ARG H 194 4.56 -15.50 31.31
N TYR H 195 5.13 -14.98 32.41
CA TYR H 195 4.85 -13.63 32.88
C TYR H 195 6.08 -12.74 32.62
N GLU H 196 5.93 -11.81 31.68
CA GLU H 196 6.93 -10.79 31.39
C GLU H 196 6.63 -9.55 32.22
N VAL H 197 7.41 -9.34 33.28
CA VAL H 197 7.27 -8.20 34.15
C VAL H 197 7.98 -7.01 33.49
N LYS H 198 7.22 -5.94 33.25
CA LYS H 198 7.74 -4.77 32.56
C LYS H 198 7.75 -3.57 33.51
N ALA H 199 8.92 -2.92 33.62
CA ALA H 199 9.07 -1.69 34.37
C ALA H 199 8.52 -0.53 33.54
N LYS H 200 7.19 -0.54 33.36
CA LYS H 200 6.50 0.36 32.46
C LYS H 200 5.22 0.88 33.12
N VAL H 201 4.59 1.85 32.44
CA VAL H 201 3.46 2.63 32.93
C VAL H 201 2.32 1.72 33.40
N THR H 202 1.73 2.08 34.53
CA THR H 202 0.65 1.35 35.18
C THR H 202 -0.62 2.19 35.16
N ASN H 203 -1.73 1.56 35.60
CA ASN H 203 -3.00 2.24 35.80
C ASN H 203 -3.22 2.46 37.28
N ASP H 204 -3.55 3.71 37.63
CA ASP H 204 -3.86 4.14 38.99
C ASP H 204 -4.85 5.29 38.90
N VAL H 205 -6.09 5.06 39.35
CA VAL H 205 -7.21 5.96 39.14
C VAL H 205 -7.98 6.12 40.45
N PHE H 206 -8.31 7.37 40.80
CA PHE H 206 -9.16 7.71 41.93
C PHE H 206 -10.48 8.29 41.44
N THR H 207 -11.60 7.67 41.86
CA THR H 207 -12.94 8.12 41.52
C THR H 207 -13.66 8.59 42.77
N PHE H 208 -14.17 9.82 42.72
CA PHE H 208 -14.94 10.41 43.81
C PHE H 208 -16.39 10.62 43.37
N SER H 209 -17.30 10.40 44.32
CA SER H 209 -18.71 10.78 44.20
C SER H 209 -19.10 11.58 45.43
N PHE H 210 -19.92 12.63 45.24
CA PHE H 210 -20.35 13.48 46.33
C PHE H 210 -21.61 14.27 45.97
N GLU H 211 -22.26 14.83 47.01
CA GLU H 211 -23.33 15.80 46.86
C GLU H 211 -22.78 17.18 47.22
N THR H 212 -23.00 18.17 46.35
CA THR H 212 -22.61 19.55 46.58
C THR H 212 -23.82 20.31 47.11
N LEU H 213 -23.72 20.81 48.36
CA LEU H 213 -24.90 21.20 49.11
C LEU H 213 -24.97 22.71 49.38
N ASP H 214 -23.83 23.34 49.68
CA ASP H 214 -23.79 24.77 49.93
C ASP H 214 -22.57 25.40 49.25
N ASN H 215 -22.67 26.72 48.99
CA ASN H 215 -21.75 27.47 48.13
C ASN H 215 -21.60 26.74 46.80
N ILE H 216 -22.74 26.27 46.27
CA ILE H 216 -22.81 25.32 45.17
C ILE H 216 -22.15 25.89 43.90
N PRO H 217 -22.55 27.09 43.40
CA PRO H 217 -21.92 27.65 42.20
C PRO H 217 -20.41 27.78 42.37
N ALA H 218 -19.99 28.37 43.50
CA ALA H 218 -18.59 28.65 43.78
C ALA H 218 -17.73 27.38 43.73
N THR H 219 -18.20 26.31 44.37
CA THR H 219 -17.48 25.05 44.49
C THR H 219 -17.30 24.39 43.12
N LEU H 220 -18.41 24.26 42.39
CA LEU H 220 -18.43 23.58 41.09
C LEU H 220 -17.69 24.41 40.05
N ASN H 221 -17.92 25.73 40.07
CA ASN H 221 -17.31 26.65 39.11
C ASN H 221 -15.80 26.67 39.28
N ALA H 222 -15.33 26.74 40.54
CA ALA H 222 -13.90 26.77 40.84
C ALA H 222 -13.20 25.55 40.25
N LEU H 223 -13.84 24.38 40.40
CA LEU H 223 -13.33 23.11 39.89
C LEU H 223 -13.30 23.14 38.37
N THR H 224 -14.41 23.56 37.75
CA THR H 224 -14.57 23.47 36.29
C THR H 224 -13.77 24.56 35.58
N ASP H 225 -13.62 25.72 36.23
CA ASP H 225 -12.85 26.83 35.69
C ASP H 225 -11.37 26.47 35.64
N ASN H 226 -10.86 25.93 36.75
CA ASN H 226 -9.43 25.78 36.97
C ASN H 226 -8.91 24.44 36.44
N VAL H 227 -9.81 23.47 36.26
CA VAL H 227 -9.40 22.12 35.88
C VAL H 227 -9.84 21.82 34.44
N PHE H 228 -11.10 22.14 34.09
CA PHE H 228 -11.69 21.68 32.84
C PHE H 228 -11.63 22.72 31.73
N ARG H 229 -11.74 24.01 32.09
CA ARG H 229 -11.75 25.08 31.11
C ARG H 229 -10.36 25.70 30.97
N GLU H 230 -9.36 25.07 31.57
CA GLU H 230 -7.97 25.47 31.45
C GLU H 230 -7.15 24.33 30.81
N GLN H 231 -6.07 24.71 30.11
CA GLN H 231 -5.08 23.77 29.64
C GLN H 231 -4.05 23.57 30.75
N LEU H 232 -3.91 22.32 31.21
CA LEU H 232 -3.13 22.01 32.40
C LEU H 232 -1.66 21.78 32.05
N GLY H 233 -1.35 21.67 30.75
CA GLY H 233 0.01 21.51 30.26
C GLY H 233 0.54 20.10 30.48
N ARG H 234 1.83 20.01 30.83
CA ARG H 234 2.48 18.76 31.18
C ARG H 234 2.17 18.40 32.63
N ASP H 235 1.85 19.43 33.43
CA ASP H 235 1.46 19.28 34.82
C ASP H 235 0.01 18.79 34.88
N GLY H 236 -0.49 18.62 36.10
CA GLY H 236 -1.89 18.31 36.32
C GLY H 236 -2.41 18.93 37.62
N VAL H 237 -3.48 18.32 38.12
CA VAL H 237 -4.07 18.60 39.42
C VAL H 237 -3.16 17.99 40.49
N THR H 238 -2.98 18.71 41.59
CA THR H 238 -2.56 18.10 42.84
C THR H 238 -3.82 17.67 43.59
N LEU H 239 -3.90 16.38 43.90
CA LEU H 239 -5.00 15.78 44.61
C LEU H 239 -4.52 15.36 46.00
N ASP H 240 -4.93 16.11 47.02
CA ASP H 240 -4.47 15.92 48.39
C ASP H 240 -5.63 15.44 49.25
N PHE H 241 -5.43 14.28 49.89
CA PHE H 241 -6.43 13.68 50.75
C PHE H 241 -6.37 14.25 52.17
N ASN H 242 -5.22 14.84 52.53
CA ASN H 242 -4.97 15.48 53.81
C ASN H 242 -5.21 14.51 54.97
N GLY H 243 -4.93 13.22 54.75
CA GLY H 243 -4.98 12.23 55.81
C GLY H 243 -6.30 11.47 55.91
N LEU H 244 -7.31 11.86 55.10
CA LEU H 244 -8.50 11.04 54.97
C LEU H 244 -8.10 9.71 54.35
N LEU H 245 -8.52 8.61 55.00
CA LEU H 245 -8.14 7.23 54.69
C LEU H 245 -6.64 7.00 54.89
N GLY H 246 -5.96 7.96 55.53
CA GLY H 246 -4.53 7.90 55.75
C GLY H 246 -3.72 8.25 54.50
N LEU H 247 -4.38 8.81 53.48
CA LEU H 247 -3.77 9.12 52.20
C LEU H 247 -3.22 10.54 52.20
N GLY H 248 -2.20 10.78 51.36
CA GLY H 248 -1.56 12.07 51.21
C GLY H 248 -1.81 12.71 49.84
N SER H 249 -0.74 13.24 49.24
CA SER H 249 -0.81 14.10 48.07
C SER H 249 -0.32 13.35 46.83
N VAL H 250 -1.14 13.40 45.77
CA VAL H 250 -0.96 12.69 44.51
C VAL H 250 -1.06 13.72 43.38
N LYS H 251 -0.35 13.49 42.27
CA LYS H 251 -0.52 14.31 41.08
C LYS H 251 -1.31 13.53 40.03
N ALA H 252 -2.33 14.19 39.45
CA ALA H 252 -3.36 13.55 38.65
C ALA H 252 -3.88 14.47 37.56
N ILE H 253 -4.71 13.91 36.66
CA ILE H 253 -5.42 14.66 35.63
C ILE H 253 -6.74 13.94 35.33
N PRO H 254 -7.86 14.67 35.07
CA PRO H 254 -9.06 14.05 34.50
C PRO H 254 -8.86 13.64 33.04
N VAL H 255 -9.19 12.38 32.73
CA VAL H 255 -8.89 11.79 31.43
C VAL H 255 -10.20 11.46 30.71
N GLY H 256 -10.25 11.83 29.42
CA GLY H 256 -11.27 11.31 28.50
C GLY H 256 -12.51 12.19 28.42
N SER H 257 -13.62 11.58 28.00
CA SER H 257 -14.81 12.28 27.57
C SER H 257 -15.80 12.51 28.71
N SER H 258 -15.69 11.73 29.80
CA SER H 258 -16.69 11.75 30.85
C SER H 258 -16.11 11.64 32.27
N PRO H 259 -14.96 12.29 32.60
CA PRO H 259 -14.42 12.21 33.96
C PRO H 259 -15.15 12.96 35.06
N PHE H 260 -15.94 14.00 34.70
CA PHE H 260 -16.72 14.76 35.65
C PHE H 260 -18.14 14.99 35.12
N ARG H 261 -19.12 14.90 36.04
CA ARG H 261 -20.52 15.05 35.69
C ARG H 261 -21.26 15.77 36.83
N GLN H 262 -22.03 16.80 36.46
CA GLN H 262 -22.93 17.50 37.35
C GLN H 262 -24.37 17.08 37.03
N VAL H 263 -25.08 16.56 38.04
CA VAL H 263 -26.42 16.02 37.85
C VAL H 263 -27.42 16.81 38.70
N HIS H 264 -28.48 17.27 38.03
CA HIS H 264 -29.60 17.98 38.64
C HIS H 264 -30.85 17.12 38.53
N GLN H 265 -31.45 16.82 39.69
CA GLN H 265 -32.67 16.03 39.75
C GLN H 265 -33.84 16.93 40.12
N ALA H 266 -35.01 16.63 39.55
CA ALA H 266 -36.24 17.35 39.81
C ALA H 266 -36.55 17.34 41.30
N GLY H 267 -36.91 18.52 41.82
CA GLY H 267 -37.37 18.66 43.19
C GLY H 267 -36.25 18.76 44.23
N ARG H 268 -34.99 18.80 43.78
CA ARG H 268 -33.85 18.83 44.69
C ARG H 268 -33.13 20.17 44.57
N GLY H 269 -32.69 20.70 45.72
CA GLY H 269 -32.04 22.01 45.78
C GLY H 269 -30.51 21.92 45.75
N TRP H 270 -29.97 20.82 45.22
CA TRP H 270 -28.53 20.59 45.24
C TRP H 270 -28.06 19.82 44.00
N VAL H 271 -26.74 19.73 43.83
CA VAL H 271 -26.09 19.11 42.68
C VAL H 271 -25.38 17.84 43.13
N THR H 272 -25.63 16.75 42.38
CA THR H 272 -24.96 15.47 42.57
C THR H 272 -23.77 15.38 41.61
N VAL H 273 -22.67 14.84 42.12
CA VAL H 273 -21.53 14.45 41.30
C VAL H 273 -21.42 12.93 41.35
N PRO H 274 -21.92 12.20 40.32
CA PRO H 274 -21.81 10.74 40.27
C PRO H 274 -20.37 10.26 40.09
N THR H 275 -19.59 11.03 39.32
CA THR H 275 -18.18 10.71 39.07
C THR H 275 -17.35 12.00 39.03
N LEU H 276 -16.21 11.95 39.73
CA LEU H 276 -15.06 12.80 39.47
C LEU H 276 -13.83 11.90 39.45
N GLU H 277 -13.28 11.69 38.25
CA GLU H 277 -12.32 10.63 37.98
C GLU H 277 -10.96 11.23 37.63
N PHE H 278 -9.92 10.79 38.36
CA PHE H 278 -8.57 11.29 38.25
C PHE H 278 -7.61 10.13 37.99
N ARG H 279 -6.81 10.23 36.92
CA ARG H 279 -5.70 9.30 36.72
C ARG H 279 -4.41 9.93 37.24
N ARG H 280 -3.64 9.13 37.98
CA ARG H 280 -2.37 9.51 38.55
C ARG H 280 -1.33 9.66 37.44
N ILE H 281 -0.56 10.75 37.49
CA ILE H 281 0.42 11.09 36.46
C ILE H 281 1.82 11.10 37.06
N TYR H 282 2.82 11.41 36.21
CA TYR H 282 4.24 11.30 36.54
C TYR H 282 4.60 12.24 37.69
N SER H 283 5.17 11.66 38.77
CA SER H 283 5.69 12.40 39.91
C SER H 283 6.59 11.53 40.80
N ASN H 284 6.91 10.31 40.35
CA ASN H 284 7.51 9.29 41.20
C ASN H 284 9.04 9.25 41.03
N GLU H 285 9.60 10.39 40.62
CA GLU H 285 10.99 10.57 40.22
C GLU H 285 11.92 10.30 41.40
N VAL I 2 -37.34 27.85 36.09
CA VAL I 2 -38.26 26.81 35.54
C VAL I 2 -37.87 26.54 34.08
N ASP I 3 -38.21 27.47 33.18
CA ASP I 3 -37.98 27.31 31.75
C ASP I 3 -36.50 27.48 31.40
N ALA I 4 -36.03 26.69 30.43
CA ALA I 4 -34.78 26.92 29.73
C ALA I 4 -35.09 27.44 28.34
N THR I 5 -34.36 28.47 27.91
CA THR I 5 -34.59 29.11 26.62
C THR I 5 -33.51 28.67 25.63
N LEU I 6 -33.96 28.16 24.47
CA LEU I 6 -33.08 27.86 23.35
C LEU I 6 -33.46 28.77 22.18
N SER I 7 -32.49 29.55 21.69
CA SER I 7 -32.77 30.58 20.71
C SER I 7 -31.70 30.69 19.63
N ARG I 8 -32.13 31.19 18.46
CA ARG I 8 -31.29 31.46 17.31
C ARG I 8 -31.89 32.66 16.57
N GLY I 9 -31.24 33.82 16.70
CA GLY I 9 -31.75 35.06 16.18
C GLY I 9 -33.12 35.39 16.77
N GLY I 10 -34.15 35.35 15.92
CA GLY I 10 -35.51 35.68 16.30
C GLY I 10 -36.34 34.47 16.73
N THR I 11 -35.84 33.26 16.45
CA THR I 11 -36.50 32.03 16.89
C THR I 11 -36.11 31.75 18.33
N SER I 12 -37.11 31.46 19.17
CA SER I 12 -36.92 31.21 20.59
C SER I 12 -37.92 30.16 21.07
N VAL I 13 -37.39 29.11 21.73
CA VAL I 13 -38.20 28.06 22.31
C VAL I 13 -37.89 27.98 23.81
N ASP I 14 -38.93 28.13 24.63
CA ASP I 14 -38.87 27.90 26.06
C ASP I 14 -39.25 26.44 26.34
N ILE I 15 -38.35 25.72 27.02
CA ILE I 15 -38.55 24.34 27.43
C ILE I 15 -38.75 24.31 28.94
N PRO I 16 -39.96 23.97 29.44
CA PRO I 16 -40.27 23.92 30.88
C PRO I 16 -39.32 23.31 31.91
N LEU I 17 -38.49 22.33 31.52
CA LEU I 17 -37.60 21.59 32.40
C LEU I 17 -38.32 21.12 33.66
N VAL I 18 -39.47 20.46 33.45
CA VAL I 18 -40.26 19.83 34.51
C VAL I 18 -40.19 18.33 34.31
N GLU I 19 -40.12 17.59 35.43
CA GLU I 19 -40.17 16.14 35.43
C GLU I 19 -40.73 15.63 36.75
N GLU I 20 -41.08 14.34 36.75
CA GLU I 20 -41.68 13.66 37.89
C GLU I 20 -40.61 13.29 38.91
N GLY I 21 -41.00 13.30 40.19
CA GLY I 21 -40.23 12.71 41.28
C GLY I 21 -38.78 13.18 41.32
N GLY I 22 -37.86 12.22 41.19
CA GLY I 22 -36.43 12.50 41.26
C GLY I 22 -35.69 12.19 39.96
N GLU I 23 -36.32 12.49 38.82
CA GLU I 23 -35.74 12.25 37.51
C GLU I 23 -34.69 13.31 37.21
N ILE I 24 -33.69 12.93 36.38
CA ILE I 24 -32.58 13.81 36.03
C ILE I 24 -33.05 14.78 34.94
N LEU I 25 -33.04 16.08 35.29
CA LEU I 25 -33.49 17.14 34.41
C LEU I 25 -32.33 17.70 33.60
N LEU I 26 -31.19 17.95 34.27
CA LEU I 26 -30.02 18.51 33.63
C LEU I 26 -28.77 17.77 34.08
N SER I 27 -28.11 17.15 33.10
CA SER I 27 -26.78 16.57 33.25
C SER I 27 -25.80 17.42 32.46
N SER I 28 -24.68 17.79 33.10
CA SER I 28 -23.57 18.41 32.40
C SER I 28 -22.31 17.58 32.60
N THR I 29 -21.74 17.10 31.49
CA THR I 29 -20.53 16.32 31.49
C THR I 29 -19.37 17.20 31.01
N PHE I 30 -18.30 17.25 31.82
CA PHE I 30 -17.08 17.91 31.46
C PHE I 30 -16.02 16.86 31.13
N GLY I 31 -15.27 17.10 30.05
CA GLY I 31 -14.26 16.16 29.61
C GLY I 31 -13.04 16.87 29.01
N LYS I 32 -11.98 16.07 28.85
CA LYS I 32 -10.80 16.46 28.09
C LYS I 32 -10.51 15.36 27.08
N PRO I 33 -11.27 15.26 25.96
CA PRO I 33 -11.05 14.20 24.97
C PRO I 33 -9.65 14.25 24.34
N GLU I 34 -8.99 15.40 24.50
CA GLU I 34 -7.78 15.73 23.75
C GLU I 34 -6.53 15.66 24.63
N VAL I 35 -6.65 15.16 25.86
CA VAL I 35 -5.46 14.89 26.65
C VAL I 35 -4.74 13.68 26.06
N ASN I 36 -3.43 13.82 25.90
CA ASN I 36 -2.57 12.70 25.56
C ASN I 36 -2.02 12.12 26.85
N VAL I 37 -2.50 10.93 27.19
CA VAL I 37 -1.94 10.12 28.27
C VAL I 37 -1.11 9.02 27.61
N ARG I 38 0.14 8.90 28.04
CA ARG I 38 1.09 7.97 27.44
C ARG I 38 0.73 6.55 27.86
N LYS I 39 0.58 5.68 26.85
CA LYS I 39 0.14 4.31 27.04
C LYS I 39 1.28 3.47 27.62
N SER I 40 2.52 3.91 27.36
CA SER I 40 3.73 3.23 27.81
C SER I 40 4.77 4.25 28.26
N GLY I 41 5.99 3.78 28.54
CA GLY I 41 7.06 4.60 29.10
C GLY I 41 7.63 3.97 30.36
N GLY I 42 8.82 4.42 30.79
CA GLY I 42 9.59 3.76 31.82
C GLY I 42 9.27 4.22 33.24
N SER I 43 8.19 5.00 33.39
CA SER I 43 7.72 5.48 34.69
C SER I 43 6.67 4.52 35.24
N LEU I 44 6.36 4.63 36.54
CA LEU I 44 5.24 3.93 37.13
C LEU I 44 3.94 4.55 36.64
N ASN I 45 3.91 5.89 36.60
CA ASN I 45 2.73 6.67 36.24
C ASN I 45 3.00 7.43 34.95
N PRO I 46 2.01 7.58 34.04
CA PRO I 46 2.25 8.17 32.72
C PRO I 46 2.59 9.66 32.75
N ARG I 47 3.33 10.10 31.73
CA ARG I 47 3.40 11.51 31.37
C ARG I 47 2.16 11.87 30.56
N VAL I 48 1.72 13.12 30.70
CA VAL I 48 0.54 13.63 30.03
C VAL I 48 0.85 14.97 29.37
N ILE I 49 0.00 15.35 28.41
CA ILE I 49 -0.02 16.70 27.88
C ILE I 49 -1.46 17.10 27.57
N ASP I 50 -1.81 18.31 28.03
CA ASP I 50 -3.12 18.92 27.85
C ASP I 50 -2.92 20.26 27.12
N SER I 51 -3.44 20.35 25.89
CA SER I 51 -3.01 21.40 24.98
C SER I 51 -4.17 22.01 24.20
N TRP I 52 -5.38 21.46 24.37
CA TRP I 52 -6.51 21.77 23.50
C TRP I 52 -7.75 22.11 24.34
N SER I 53 -8.83 22.49 23.63
CA SER I 53 -10.13 22.79 24.21
C SER I 53 -10.69 21.57 24.94
N GLY I 54 -11.48 21.81 25.99
CA GLY I 54 -12.19 20.76 26.69
C GLY I 54 -13.47 20.37 25.96
N LEU I 55 -14.32 19.60 26.66
CA LEU I 55 -15.66 19.28 26.22
C LEU I 55 -16.63 19.61 27.36
N GLN I 56 -17.73 20.29 27.02
CA GLN I 56 -18.87 20.39 27.92
C GLN I 56 -20.13 19.98 27.16
N THR I 57 -20.84 18.99 27.72
CA THR I 57 -22.07 18.48 27.14
C THR I 57 -23.21 18.72 28.12
N PHE I 58 -24.33 19.24 27.59
CA PHE I 58 -25.55 19.39 28.35
C PHE I 58 -26.58 18.38 27.85
N GLN I 59 -27.17 17.64 28.80
CA GLN I 59 -28.33 16.81 28.52
C GLN I 59 -29.52 17.35 29.30
N LEU I 60 -30.54 17.78 28.54
CA LEU I 60 -31.74 18.39 29.06
C LEU I 60 -32.91 17.43 28.87
N VAL I 61 -33.55 17.05 29.98
CA VAL I 61 -34.81 16.32 29.95
C VAL I 61 -35.89 17.30 30.39
N GLY I 62 -37.02 17.27 29.69
CA GLY I 62 -38.15 18.12 30.03
C GLY I 62 -39.42 17.73 29.28
N LYS I 63 -40.43 18.59 29.37
CA LYS I 63 -41.72 18.38 28.73
C LYS I 63 -42.15 19.66 28.02
N LEU I 64 -42.88 19.49 26.91
CA LEU I 64 -43.54 20.59 26.23
C LEU I 64 -45.06 20.38 26.28
N TYR I 65 -45.80 21.50 26.35
CA TYR I 65 -47.23 21.48 26.57
C TYR I 65 -48.00 21.82 25.28
N ASP I 66 -47.29 21.82 24.15
CA ASP I 66 -47.84 22.26 22.87
C ASP I 66 -47.07 21.59 21.74
N TYR I 67 -47.81 21.00 20.78
CA TYR I 67 -47.21 20.31 19.65
C TYR I 67 -46.56 21.30 18.69
N SER I 68 -47.12 22.51 18.59
CA SER I 68 -46.60 23.57 17.73
C SER I 68 -45.18 23.94 18.12
N THR I 69 -44.96 24.08 19.44
CA THR I 69 -43.67 24.39 20.03
C THR I 69 -42.69 23.24 19.80
N SER I 70 -43.21 22.00 19.81
CA SER I 70 -42.41 20.80 19.58
C SER I 70 -41.82 20.80 18.18
N HIS I 71 -42.61 21.26 17.20
CA HIS I 71 -42.17 21.33 15.82
C HIS I 71 -41.16 22.45 15.62
N GLN I 72 -41.34 23.55 16.38
CA GLN I 72 -40.42 24.67 16.36
C GLN I 72 -39.06 24.25 16.91
N LEU I 73 -39.06 23.40 17.94
CA LEU I 73 -37.84 22.93 18.59
C LEU I 73 -37.06 22.03 17.64
N ALA I 74 -37.78 21.15 16.91
CA ALA I 74 -37.18 20.24 15.95
C ALA I 74 -36.58 21.03 14.78
N ASP I 75 -37.32 22.02 14.29
CA ASP I 75 -36.92 22.89 13.19
C ASP I 75 -35.66 23.66 13.59
N LEU I 76 -35.65 24.20 14.82
CA LEU I 76 -34.58 25.00 15.37
C LEU I 76 -33.29 24.17 15.46
N VAL I 77 -33.41 22.92 15.94
CA VAL I 77 -32.28 22.04 16.15
C VAL I 77 -31.71 21.58 14.80
N LYS I 78 -32.58 21.34 13.81
CA LYS I 78 -32.16 20.74 12.55
C LYS I 78 -31.60 21.77 11.58
N THR I 79 -32.00 23.04 11.73
CA THR I 79 -31.62 24.15 10.85
C THR I 79 -30.10 24.34 10.84
N ALA I 80 -29.53 24.46 9.64
CA ALA I 80 -28.16 24.90 9.45
C ALA I 80 -28.16 26.43 9.32
N SER I 81 -27.45 27.09 10.25
CA SER I 81 -27.25 28.54 10.24
C SER I 81 -26.03 28.89 11.09
N THR I 82 -25.30 29.93 10.66
CA THR I 82 -24.09 30.37 11.35
C THR I 82 -24.43 31.30 12.51
N THR I 83 -25.70 31.73 12.60
CA THR I 83 -26.20 32.46 13.75
C THR I 83 -26.11 31.52 14.97
N PRO I 84 -25.44 31.94 16.07
CA PRO I 84 -25.33 31.10 17.27
C PRO I 84 -26.66 30.57 17.80
N LEU I 85 -26.67 29.26 18.09
CA LEU I 85 -27.68 28.65 18.93
C LEU I 85 -27.30 28.91 20.37
N GLU I 86 -28.14 29.67 21.08
CA GLU I 86 -27.85 30.12 22.43
C GLU I 86 -28.82 29.46 23.42
N LEU I 87 -28.25 28.95 24.53
CA LEU I 87 -28.99 28.25 25.56
C LEU I 87 -28.90 29.03 26.86
N GLN I 88 -30.07 29.28 27.46
CA GLN I 88 -30.19 29.89 28.78
C GLN I 88 -30.70 28.82 29.75
N ILE I 89 -29.89 28.54 30.78
CA ILE I 89 -30.20 27.52 31.78
C ILE I 89 -30.62 28.22 33.07
N PRO I 90 -31.74 27.79 33.72
CA PRO I 90 -32.16 28.39 35.00
C PRO I 90 -31.49 27.81 36.24
N GLN I 91 -30.14 27.84 36.27
CA GLN I 91 -29.36 27.38 37.42
C GLN I 91 -28.08 28.20 37.53
N ASP I 92 -27.70 28.52 38.78
CA ASP I 92 -26.67 29.52 39.10
C ASP I 92 -25.27 29.04 38.77
N ALA I 93 -25.09 27.72 38.57
CA ALA I 93 -23.79 27.15 38.26
C ALA I 93 -23.39 27.43 36.80
N TYR I 94 -24.34 27.88 35.98
CA TYR I 94 -24.12 28.10 34.56
C TYR I 94 -24.16 29.58 34.24
N PRO I 95 -23.35 30.08 33.27
CA PRO I 95 -23.43 31.47 32.85
C PRO I 95 -24.75 31.69 32.12
N ASP I 96 -25.22 32.94 32.09
CA ASP I 96 -26.58 33.28 31.70
C ASP I 96 -26.92 32.74 30.31
N THR I 97 -25.96 32.82 29.38
CA THR I 97 -26.10 32.20 28.06
C THR I 97 -24.84 31.41 27.71
N VAL I 98 -25.03 30.28 27.01
CA VAL I 98 -23.96 29.50 26.42
C VAL I 98 -24.26 29.28 24.93
N THR I 99 -23.21 29.25 24.11
CA THR I 99 -23.35 28.90 22.71
C THR I 99 -23.21 27.38 22.56
N VAL I 100 -24.14 26.79 21.80
CA VAL I 100 -24.26 25.35 21.69
C VAL I 100 -24.34 24.90 20.25
N ALA I 101 -23.89 23.66 20.03
CA ALA I 101 -24.16 22.87 18.85
C ALA I 101 -25.06 21.70 19.26
N PRO I 102 -26.00 21.24 18.40
CA PRO I 102 -26.62 19.92 18.59
C PRO I 102 -25.51 18.87 18.67
N ALA I 103 -25.70 17.88 19.56
CA ALA I 103 -24.65 16.95 20.00
C ALA I 103 -23.74 16.53 18.84
N ALA I 104 -22.43 16.63 19.11
CA ALA I 104 -21.37 16.78 18.11
C ALA I 104 -21.46 15.76 16.98
N GLY I 105 -21.41 14.46 17.33
CA GLY I 105 -21.34 13.42 16.32
C GLY I 105 -22.64 12.66 16.11
N GLN I 106 -23.70 13.09 16.81
CA GLN I 106 -24.85 12.23 17.05
C GLN I 106 -25.94 12.41 15.99
N ALA I 107 -26.60 11.28 15.70
CA ALA I 107 -27.82 11.23 14.91
C ALA I 107 -29.01 11.63 15.77
N SER I 108 -28.84 11.56 17.10
CA SER I 108 -29.89 11.81 18.07
C SER I 108 -29.49 12.94 19.02
N ALA I 109 -29.77 14.19 18.61
CA ALA I 109 -29.58 15.35 19.47
C ALA I 109 -30.88 15.62 20.24
N LEU I 110 -32.00 15.55 19.52
CA LEU I 110 -33.32 15.81 20.08
C LEU I 110 -34.20 14.57 19.90
N THR I 111 -34.83 14.13 21.01
CA THR I 111 -35.91 13.16 20.98
C THR I 111 -37.18 13.82 21.49
N LEU I 112 -38.24 13.72 20.68
CA LEU I 112 -39.58 14.14 21.05
C LEU I 112 -40.49 12.92 21.05
N GLU I 113 -41.12 12.64 22.20
CA GLU I 113 -42.03 11.53 22.32
C GLU I 113 -43.45 12.05 22.52
N TYR I 114 -44.36 11.50 21.72
CA TYR I 114 -45.80 11.72 21.85
C TYR I 114 -46.41 10.38 22.28
N PRO I 115 -46.42 10.05 23.59
CA PRO I 115 -46.89 8.76 24.06
C PRO I 115 -48.42 8.63 24.06
N ALA I 116 -48.89 7.38 24.10
CA ALA I 116 -50.31 7.04 24.19
C ALA I 116 -50.87 7.54 25.52
N GLY I 117 -52.12 8.02 25.48
CA GLY I 117 -52.67 8.87 26.53
C GLY I 117 -52.17 10.30 26.33
N ARG I 118 -51.80 10.95 27.44
CA ARG I 118 -50.83 12.05 27.48
C ARG I 118 -51.11 13.12 26.43
N LYS I 119 -52.36 13.61 26.38
CA LYS I 119 -52.73 14.73 25.52
C LYS I 119 -51.97 15.98 25.97
N ASP I 120 -51.35 16.67 24.99
CA ASP I 120 -50.63 17.93 25.17
C ASP I 120 -49.47 17.79 26.15
N LEU I 121 -48.87 16.59 26.22
CA LEU I 121 -47.60 16.37 26.90
C LEU I 121 -46.63 15.71 25.93
N VAL I 122 -45.52 16.40 25.64
CA VAL I 122 -44.47 15.89 24.79
C VAL I 122 -43.20 15.75 25.64
N ASP I 123 -42.56 14.57 25.58
CA ASP I 123 -41.32 14.33 26.29
C ASP I 123 -40.13 14.78 25.45
N VAL I 124 -39.27 15.61 26.04
CA VAL I 124 -38.13 16.21 25.38
C VAL I 124 -36.84 15.67 26.02
N SER I 125 -35.93 15.20 25.17
CA SER I 125 -34.53 14.97 25.53
C SER I 125 -33.62 15.68 24.53
N LEU I 126 -32.75 16.56 25.05
CA LEU I 126 -31.83 17.35 24.25
C LEU I 126 -30.39 17.07 24.67
N SER I 127 -29.52 16.78 23.69
CA SER I 127 -28.09 16.74 23.89
C SER I 127 -27.44 17.90 23.15
N LEU I 128 -26.68 18.73 23.87
CA LEU I 128 -26.03 19.91 23.32
C LEU I 128 -24.56 19.94 23.74
N THR I 129 -23.70 20.38 22.82
CA THR I 129 -22.27 20.53 23.03
C THR I 129 -21.94 22.02 23.10
N ARG I 130 -21.13 22.41 24.10
CA ARG I 130 -20.72 23.80 24.25
C ARG I 130 -19.63 24.12 23.23
N VAL I 131 -19.81 25.24 22.53
CA VAL I 131 -18.87 25.72 21.53
C VAL I 131 -18.57 27.20 21.79
N ASP I 132 -17.43 27.67 21.28
CA ASP I 132 -16.95 29.04 21.43
C ASP I 132 -17.91 29.99 20.72
N PRO I 133 -18.50 31.01 21.40
CA PRO I 133 -19.41 31.96 20.75
C PRO I 133 -18.86 32.64 19.51
N ASN I 134 -17.53 32.81 19.47
CA ASN I 134 -16.85 33.57 18.42
C ASN I 134 -16.37 32.67 17.29
N SER I 135 -16.42 31.34 17.52
CA SER I 135 -15.91 30.37 16.55
C SER I 135 -17.05 29.51 15.99
N VAL I 136 -18.10 30.17 15.50
CA VAL I 136 -19.15 29.52 14.74
C VAL I 136 -18.98 29.93 13.28
N ARG I 137 -18.65 28.94 12.43
CA ARG I 137 -18.15 29.17 11.08
C ARG I 137 -18.96 28.35 10.09
N GLY I 138 -19.21 28.92 8.89
CA GLY I 138 -19.92 28.22 7.82
C GLY I 138 -20.36 29.15 6.69
N VAL I 139 -20.98 28.56 5.66
CA VAL I 139 -21.40 29.29 4.47
C VAL I 139 -22.93 29.33 4.38
N GLY I 140 -23.56 28.14 4.40
CA GLY I 140 -24.94 27.99 3.98
C GLY I 140 -25.95 28.14 5.12
N ASP I 141 -27.13 28.66 4.78
CA ASP I 141 -28.33 28.58 5.60
C ASP I 141 -29.25 27.52 4.99
N GLN I 142 -29.73 26.62 5.84
CA GLN I 142 -30.77 25.67 5.46
C GLN I 142 -31.82 25.63 6.57
N GLN I 143 -32.96 26.29 6.30
CA GLN I 143 -34.09 26.36 7.21
C GLN I 143 -34.85 25.03 7.13
N ALA I 144 -34.98 24.37 8.28
CA ALA I 144 -35.75 23.13 8.38
C ALA I 144 -37.20 23.47 8.66
N THR I 145 -38.10 22.92 7.82
CA THR I 145 -39.54 23.04 8.02
C THR I 145 -40.16 21.67 8.22
N THR I 146 -40.88 21.53 9.34
CA THR I 146 -41.79 20.42 9.57
C THR I 146 -43.08 20.72 8.81
N PRO I 147 -43.56 19.80 7.91
CA PRO I 147 -44.86 19.99 7.26
C PRO I 147 -46.00 19.92 8.26
N THR I 148 -46.88 20.95 8.26
CA THR I 148 -47.95 21.08 9.22
C THR I 148 -49.29 21.29 8.52
N THR I 149 -50.36 20.68 9.07
CA THR I 149 -51.72 20.75 8.56
C THR I 149 -52.71 20.55 9.73
N THR I 150 -54.01 20.76 9.48
CA THR I 150 -54.97 20.92 10.57
C THR I 150 -56.04 19.83 10.62
N GLY I 151 -55.78 18.67 10.00
CA GLY I 151 -56.75 17.60 9.92
C GLY I 151 -56.87 16.79 11.21
N THR I 152 -57.67 15.70 11.14
CA THR I 152 -57.95 14.79 12.24
C THR I 152 -57.50 13.37 11.88
N GLY I 153 -57.27 13.14 10.58
CA GLY I 153 -57.26 11.83 9.96
C GLY I 153 -56.18 10.89 10.49
N PRO I 154 -56.23 9.58 10.13
CA PRO I 154 -55.26 8.60 10.61
C PRO I 154 -53.88 8.83 10.02
N VAL I 155 -52.84 8.29 10.67
CA VAL I 155 -51.52 8.25 10.07
C VAL I 155 -51.60 7.29 8.89
N GLU I 156 -51.27 7.81 7.70
CA GLU I 156 -51.36 7.07 6.46
C GLU I 156 -49.97 6.88 5.85
N VAL I 157 -49.72 5.65 5.38
CA VAL I 157 -48.48 5.24 4.76
C VAL I 157 -48.80 4.87 3.31
N THR I 158 -48.28 5.64 2.35
CA THR I 158 -48.53 5.41 0.94
C THR I 158 -47.25 4.95 0.23
N ALA I 159 -47.36 3.80 -0.47
CA ALA I 159 -46.28 3.28 -1.30
C ALA I 159 -46.87 2.49 -2.46
N GLY I 160 -46.51 2.89 -3.69
CA GLY I 160 -46.91 2.22 -4.92
C GLY I 160 -48.42 2.23 -5.14
N GLY I 161 -49.08 3.34 -4.76
CA GLY I 161 -50.50 3.55 -5.01
C GLY I 161 -51.41 2.87 -3.98
N THR I 162 -50.83 2.16 -3.01
CA THR I 162 -51.58 1.57 -1.91
C THR I 162 -51.34 2.41 -0.65
N THR I 163 -52.44 2.70 0.07
CA THR I 163 -52.39 3.47 1.30
C THR I 163 -52.82 2.59 2.48
N VAL I 164 -51.98 2.60 3.53
CA VAL I 164 -52.21 1.83 4.75
C VAL I 164 -52.45 2.81 5.89
N GLN I 165 -53.56 2.62 6.60
CA GLN I 165 -53.90 3.43 7.76
C GLN I 165 -53.41 2.71 9.01
N LEU I 166 -52.55 3.39 9.79
CA LEU I 166 -51.99 2.83 11.00
C LEU I 166 -53.07 2.79 12.08
N PRO I 167 -53.21 1.67 12.83
CA PRO I 167 -54.13 1.59 13.96
C PRO I 167 -53.89 2.67 15.01
N SER I 168 -55.00 3.27 15.48
CA SER I 168 -55.00 4.28 16.52
C SER I 168 -54.71 3.65 17.89
N SER I 169 -54.96 2.34 17.98
CA SER I 169 -54.89 1.56 19.21
C SER I 169 -53.45 1.40 19.68
N GLY I 170 -53.14 2.02 20.82
CA GLY I 170 -51.82 1.97 21.44
C GLY I 170 -50.79 2.81 20.69
N LEU I 171 -51.27 3.71 19.81
CA LEU I 171 -50.39 4.48 18.93
C LEU I 171 -49.52 5.42 19.75
N SER I 172 -48.20 5.30 19.54
CA SER I 172 -47.20 6.20 20.08
C SER I 172 -46.34 6.70 18.92
N VAL I 173 -45.93 7.97 18.98
CA VAL I 173 -45.04 8.56 17.99
C VAL I 173 -43.79 9.07 18.70
N GLU I 174 -42.63 8.79 18.09
CA GLU I 174 -41.36 9.34 18.53
C GLU I 174 -40.66 9.96 17.31
N ARG I 175 -40.13 11.16 17.51
CA ARG I 175 -39.31 11.82 16.50
C ARG I 175 -37.91 12.06 17.04
N THR I 176 -36.91 11.76 16.21
CA THR I 176 -35.51 11.91 16.54
C THR I 176 -34.83 12.79 15.48
N VAL I 177 -34.10 13.81 15.95
CA VAL I 177 -33.46 14.80 15.10
C VAL I 177 -31.99 14.97 15.53
N GLY I 178 -31.10 15.13 14.56
CA GLY I 178 -29.69 15.37 14.82
C GLY I 178 -28.92 15.90 13.60
N ARG I 179 -27.71 16.39 13.86
CA ARG I 179 -26.84 16.97 12.84
C ARG I 179 -25.45 16.32 12.92
N PRO I 180 -25.27 15.05 12.49
CA PRO I 180 -23.97 14.38 12.59
C PRO I 180 -22.89 14.86 11.63
N ASN I 181 -23.27 15.67 10.63
CA ASN I 181 -22.35 16.10 9.60
C ASN I 181 -21.68 17.44 9.96
N ASP I 182 -22.11 18.06 11.06
CA ASP I 182 -21.44 19.23 11.59
C ASP I 182 -20.16 18.80 12.31
N ALA I 183 -19.10 19.60 12.13
CA ALA I 183 -17.84 19.34 12.80
C ALA I 183 -17.75 20.21 14.06
N VAL I 184 -17.45 19.56 15.18
CA VAL I 184 -17.00 20.23 16.39
C VAL I 184 -15.53 19.87 16.57
N ARG I 185 -14.66 20.89 16.45
CA ARG I 185 -13.24 20.69 16.26
C ARG I 185 -12.45 21.34 17.40
N ARG I 186 -11.39 20.63 17.81
CA ARG I 186 -10.46 21.09 18.82
C ARG I 186 -9.73 22.33 18.33
N VAL I 187 -9.49 23.26 19.26
CA VAL I 187 -8.68 24.43 19.03
C VAL I 187 -7.67 24.51 20.18
N PRO I 188 -6.43 25.00 19.94
CA PRO I 188 -5.46 25.16 21.04
C PRO I 188 -5.85 26.36 21.89
N ARG I 189 -5.36 26.41 23.14
CA ARG I 189 -5.13 27.66 23.86
C ARG I 189 -6.43 28.29 24.40
N GLN I 190 -7.59 27.67 24.13
CA GLN I 190 -8.88 28.21 24.59
C GLN I 190 -9.77 27.09 25.10
N ALA I 191 -10.86 27.47 25.80
CA ALA I 191 -11.65 26.54 26.59
C ALA I 191 -12.59 25.68 25.73
N ASP I 192 -13.21 26.29 24.71
CA ASP I 192 -14.32 25.69 24.00
C ASP I 192 -13.96 25.41 22.54
N PRO I 193 -14.49 24.31 21.93
CA PRO I 193 -14.21 23.98 20.53
C PRO I 193 -14.90 24.89 19.51
N ARG I 194 -14.48 24.74 18.25
CA ARG I 194 -14.99 25.48 17.11
C ARG I 194 -16.08 24.67 16.43
N TYR I 195 -17.15 25.37 16.03
CA TYR I 195 -18.32 24.77 15.41
C TYR I 195 -18.32 25.11 13.91
N GLU I 196 -18.18 24.07 13.09
CA GLU I 196 -18.29 24.19 11.64
C GLU I 196 -19.68 23.74 11.22
N VAL I 197 -20.52 24.70 10.82
CA VAL I 197 -21.89 24.46 10.40
C VAL I 197 -21.87 24.08 8.93
N LYS I 198 -22.38 22.86 8.63
CA LYS I 198 -22.34 22.32 7.28
C LYS I 198 -23.76 22.20 6.73
N ALA I 199 -23.98 22.83 5.57
CA ALA I 199 -25.26 22.76 4.87
C ALA I 199 -25.38 21.41 4.16
N LYS I 200 -25.47 20.35 4.97
CA LYS I 200 -25.38 18.97 4.54
C LYS I 200 -26.43 18.13 5.27
N VAL I 201 -26.45 16.82 4.96
CA VAL I 201 -27.49 15.87 5.36
C VAL I 201 -27.60 15.80 6.89
N THR I 202 -28.85 15.79 7.36
CA THR I 202 -29.21 15.70 8.76
C THR I 202 -29.91 14.36 9.03
N ASN I 203 -30.18 14.08 10.31
CA ASN I 203 -30.92 12.91 10.73
C ASN I 203 -32.30 13.34 11.19
N ASP I 204 -33.34 12.72 10.62
CA ASP I 204 -34.73 12.98 10.96
C ASP I 204 -35.51 11.68 10.81
N VAL I 205 -35.96 11.12 11.95
CA VAL I 205 -36.50 9.78 12.02
C VAL I 205 -37.82 9.81 12.79
N PHE I 206 -38.83 9.11 12.24
CA PHE I 206 -40.13 8.92 12.87
C PHE I 206 -40.30 7.44 13.24
N THR I 207 -40.54 7.18 14.53
CA THR I 207 -40.78 5.83 15.04
C THR I 207 -42.22 5.72 15.54
N PHE I 208 -42.90 4.66 15.10
CA PHE I 208 -44.27 4.37 15.50
C PHE I 208 -44.32 3.07 16.28
N SER I 209 -45.17 3.04 17.30
CA SER I 209 -45.51 1.85 18.06
C SER I 209 -47.03 1.76 18.12
N PHE I 210 -47.58 0.58 17.81
CA PHE I 210 -49.03 0.40 17.80
C PHE I 210 -49.41 -1.08 17.94
N GLU I 211 -50.70 -1.31 18.19
CA GLU I 211 -51.25 -2.65 18.30
C GLU I 211 -52.35 -2.82 17.26
N THR I 212 -52.18 -3.82 16.40
CA THR I 212 -53.09 -4.10 15.29
C THR I 212 -54.18 -5.04 15.79
N LEU I 213 -55.42 -4.51 15.87
CA LEU I 213 -56.49 -5.18 16.59
C LEU I 213 -57.46 -5.88 15.65
N ASP I 214 -57.80 -5.24 14.52
CA ASP I 214 -58.77 -5.78 13.59
C ASP I 214 -58.28 -5.64 12.15
N ASN I 215 -58.83 -6.48 11.26
CA ASN I 215 -58.41 -6.65 9.87
C ASN I 215 -56.90 -6.88 9.84
N ILE I 216 -56.42 -7.75 10.74
CA ILE I 216 -55.02 -7.94 11.07
C ILE I 216 -54.22 -8.38 9.83
N PRO I 217 -54.59 -9.48 9.12
CA PRO I 217 -53.87 -9.88 7.91
C PRO I 217 -53.78 -8.76 6.88
N ALA I 218 -54.92 -8.16 6.54
CA ALA I 218 -55.01 -7.13 5.51
C ALA I 218 -54.10 -5.94 5.83
N THR I 219 -54.17 -5.44 7.08
CA THR I 219 -53.45 -4.27 7.54
C THR I 219 -51.94 -4.51 7.47
N LEU I 220 -51.50 -5.66 7.99
CA LEU I 220 -50.08 -5.99 8.10
C LEU I 220 -49.53 -6.38 6.74
N ASN I 221 -50.32 -7.14 5.96
CA ASN I 221 -49.91 -7.60 4.64
C ASN I 221 -49.72 -6.41 3.70
N ALA I 222 -50.63 -5.43 3.78
CA ALA I 222 -50.59 -4.25 2.92
C ALA I 222 -49.29 -3.47 3.13
N LEU I 223 -48.88 -3.33 4.40
CA LEU I 223 -47.66 -2.62 4.75
C LEU I 223 -46.43 -3.42 4.29
N THR I 224 -46.41 -4.72 4.57
CA THR I 224 -45.26 -5.58 4.28
C THR I 224 -45.11 -5.79 2.77
N ASP I 225 -46.22 -6.02 2.07
CA ASP I 225 -46.21 -6.32 0.64
C ASP I 225 -45.77 -5.11 -0.18
N ASN I 226 -46.14 -3.90 0.27
CA ASN I 226 -45.99 -2.69 -0.53
C ASN I 226 -44.73 -1.91 -0.14
N VAL I 227 -44.26 -2.09 1.10
CA VAL I 227 -43.11 -1.34 1.61
C VAL I 227 -41.88 -2.25 1.70
N PHE I 228 -42.05 -3.45 2.28
CA PHE I 228 -40.92 -4.30 2.64
C PHE I 228 -40.55 -5.30 1.54
N ARG I 229 -41.54 -5.75 0.77
CA ARG I 229 -41.31 -6.77 -0.24
C ARG I 229 -41.17 -6.17 -1.64
N GLU I 230 -41.36 -4.84 -1.74
CA GLU I 230 -41.08 -4.14 -2.99
C GLU I 230 -39.75 -3.41 -2.89
N GLN I 231 -39.12 -3.19 -4.05
CA GLN I 231 -38.04 -2.22 -4.20
C GLN I 231 -38.68 -0.85 -4.44
N LEU I 232 -38.23 0.15 -3.69
CA LEU I 232 -38.86 1.46 -3.72
C LEU I 232 -38.09 2.42 -4.63
N GLY I 233 -36.87 2.03 -5.03
CA GLY I 233 -36.05 2.80 -5.94
C GLY I 233 -35.46 4.05 -5.28
N ARG I 234 -35.45 5.15 -6.04
CA ARG I 234 -34.93 6.43 -5.59
C ARG I 234 -35.98 7.15 -4.75
N ASP I 235 -37.26 6.84 -5.04
CA ASP I 235 -38.41 7.33 -4.29
C ASP I 235 -38.55 6.51 -3.03
N GLY I 236 -39.62 6.77 -2.26
CA GLY I 236 -39.84 6.03 -1.03
C GLY I 236 -41.33 5.88 -0.70
N VAL I 237 -41.66 6.25 0.54
CA VAL I 237 -42.98 6.12 1.12
C VAL I 237 -43.45 7.53 1.49
N THR I 238 -44.72 7.83 1.19
CA THR I 238 -45.33 9.03 1.72
C THR I 238 -45.94 8.73 3.09
N LEU I 239 -45.42 9.41 4.10
CA LEU I 239 -45.90 9.30 5.47
C LEU I 239 -46.71 10.56 5.78
N ASP I 240 -48.04 10.39 5.86
CA ASP I 240 -48.94 11.51 6.10
C ASP I 240 -49.61 11.34 7.46
N PHE I 241 -49.48 12.36 8.30
CA PHE I 241 -50.04 12.35 9.64
C PHE I 241 -51.49 12.83 9.61
N ASN I 242 -51.86 13.56 8.56
CA ASN I 242 -53.21 14.05 8.32
C ASN I 242 -53.68 14.97 9.45
N GLY I 243 -52.72 15.66 10.09
CA GLY I 243 -53.05 16.68 11.09
C GLY I 243 -52.96 16.20 12.53
N LEU I 244 -52.70 14.90 12.74
CA LEU I 244 -52.39 14.40 14.07
C LEU I 244 -51.11 15.05 14.55
N LEU I 245 -51.15 15.61 15.76
CA LEU I 245 -50.07 16.39 16.37
C LEU I 245 -49.78 17.65 15.56
N GLY I 246 -50.66 17.97 14.60
CA GLY I 246 -50.51 19.12 13.73
C GLY I 246 -49.59 18.86 12.53
N LEU I 247 -49.20 17.59 12.33
CA LEU I 247 -48.22 17.20 11.33
C LEU I 247 -48.89 16.89 10.00
N GLY I 248 -48.12 17.06 8.91
CA GLY I 248 -48.58 16.80 7.55
C GLY I 248 -47.83 15.65 6.88
N SER I 249 -47.41 15.87 5.63
CA SER I 249 -46.93 14.82 4.73
C SER I 249 -45.42 14.91 4.54
N VAL I 250 -44.75 13.76 4.72
CA VAL I 250 -43.30 13.62 4.68
C VAL I 250 -42.97 12.44 3.76
N LYS I 251 -41.83 12.53 3.05
CA LYS I 251 -41.34 11.39 2.29
C LYS I 251 -40.21 10.70 3.06
N ALA I 252 -40.36 9.37 3.23
CA ALA I 252 -39.51 8.58 4.12
C ALA I 252 -39.23 7.21 3.51
N ILE I 253 -38.31 6.47 4.15
CA ILE I 253 -38.04 5.07 3.85
C ILE I 253 -37.65 4.36 5.15
N PRO I 254 -38.07 3.08 5.37
CA PRO I 254 -37.52 2.28 6.46
C PRO I 254 -36.11 1.77 6.17
N VAL I 255 -35.20 1.95 7.14
CA VAL I 255 -33.78 1.76 6.93
C VAL I 255 -33.26 0.69 7.91
N GLY I 256 -32.48 -0.26 7.38
CA GLY I 256 -31.68 -1.16 8.20
C GLY I 256 -32.31 -2.54 8.37
N SER I 257 -31.83 -3.26 9.40
CA SER I 257 -32.15 -4.66 9.64
C SER I 257 -33.49 -4.79 10.36
N SER I 258 -33.79 -3.85 11.27
CA SER I 258 -34.90 -4.02 12.20
C SER I 258 -35.83 -2.80 12.23
N PRO I 259 -36.22 -2.16 11.09
CA PRO I 259 -37.16 -1.05 11.13
C PRO I 259 -38.61 -1.43 11.48
N PHE I 260 -38.97 -2.70 11.23
CA PHE I 260 -40.34 -3.16 11.48
C PHE I 260 -40.33 -4.56 12.09
N ARG I 261 -41.20 -4.75 13.10
CA ARG I 261 -41.35 -6.02 13.79
C ARG I 261 -42.83 -6.33 14.03
N GLN I 262 -43.23 -7.56 13.72
CA GLN I 262 -44.52 -8.12 14.10
C GLN I 262 -44.29 -9.06 15.28
N VAL I 263 -44.91 -8.72 16.44
CA VAL I 263 -44.74 -9.50 17.66
C VAL I 263 -46.07 -10.17 18.02
N HIS I 264 -46.00 -11.49 18.20
CA HIS I 264 -47.10 -12.34 18.62
C HIS I 264 -46.80 -12.86 20.03
N GLN I 265 -47.76 -12.69 20.94
CA GLN I 265 -47.61 -13.10 22.33
C GLN I 265 -48.63 -14.17 22.68
N ALA I 266 -48.24 -15.06 23.59
CA ALA I 266 -49.05 -16.20 24.02
C ALA I 266 -50.36 -15.70 24.64
N GLY I 267 -51.48 -16.23 24.14
CA GLY I 267 -52.79 -15.99 24.73
C GLY I 267 -53.44 -14.67 24.29
N ARG I 268 -52.84 -13.98 23.31
CA ARG I 268 -53.37 -12.72 22.79
C ARG I 268 -53.83 -12.90 21.36
N GLY I 269 -54.96 -12.29 21.01
CA GLY I 269 -55.58 -12.45 19.70
C GLY I 269 -55.18 -11.37 18.70
N TRP I 270 -54.08 -10.65 18.98
CA TRP I 270 -53.69 -9.49 18.19
C TRP I 270 -52.18 -9.42 18.00
N VAL I 271 -51.73 -8.54 17.09
CA VAL I 271 -50.31 -8.39 16.77
C VAL I 271 -49.83 -7.03 17.29
N THR I 272 -48.66 -7.05 17.94
CA THR I 272 -47.99 -5.86 18.43
C THR I 272 -46.90 -5.47 17.43
N VAL I 273 -46.87 -4.16 17.08
CA VAL I 273 -45.77 -3.57 16.37
C VAL I 273 -44.98 -2.73 17.37
N PRO I 274 -43.85 -3.24 17.92
CA PRO I 274 -43.04 -2.48 18.87
C PRO I 274 -42.40 -1.25 18.24
N THR I 275 -41.89 -1.42 17.01
CA THR I 275 -41.34 -0.33 16.23
C THR I 275 -41.74 -0.45 14.75
N LEU I 276 -42.05 0.71 14.17
CA LEU I 276 -42.03 0.94 12.73
C LEU I 276 -41.29 2.25 12.50
N GLU I 277 -40.09 2.15 11.94
CA GLU I 277 -39.12 3.24 11.94
C GLU I 277 -38.85 3.72 10.51
N PHE I 278 -39.05 5.03 10.31
CA PHE I 278 -38.94 5.67 9.01
C PHE I 278 -37.93 6.83 9.09
N ARG I 279 -37.06 6.93 8.08
CA ARG I 279 -36.15 8.06 7.95
C ARG I 279 -36.58 8.95 6.79
N ARG I 280 -36.62 10.25 7.04
CA ARG I 280 -37.02 11.27 6.09
C ARG I 280 -35.97 11.39 4.98
N ILE I 281 -36.44 11.38 3.72
CA ILE I 281 -35.59 11.37 2.54
C ILE I 281 -35.74 12.68 1.78
N TYR I 282 -34.98 12.84 0.68
CA TYR I 282 -34.90 14.08 -0.09
C TYR I 282 -36.29 14.49 -0.59
N SER I 283 -36.65 15.77 -0.40
CA SER I 283 -37.99 16.26 -0.68
C SER I 283 -38.07 17.78 -0.88
N ASN I 284 -36.94 18.49 -0.83
CA ASN I 284 -36.95 19.95 -0.84
C ASN I 284 -36.41 20.48 -2.17
N GLU I 285 -37.17 21.38 -2.81
CA GLU I 285 -36.88 21.86 -4.15
C GLU I 285 -37.48 23.27 -4.34
N PRO J 2 7.48 -39.24 39.50
CA PRO J 2 8.05 -37.99 40.00
C PRO J 2 9.46 -37.76 39.46
N GLN J 3 10.11 -36.68 39.92
CA GLN J 3 11.54 -36.51 39.71
C GLN J 3 12.29 -37.46 40.64
N LEU J 4 13.49 -37.87 40.23
CA LEU J 4 14.36 -38.68 41.08
C LEU J 4 14.66 -37.89 42.35
N GLY J 5 14.69 -38.59 43.49
CA GLY J 5 15.06 -38.00 44.76
C GLY J 5 13.85 -37.61 45.62
N ASP J 6 12.63 -37.69 45.04
CA ASP J 6 11.42 -37.23 45.72
C ASP J 6 10.47 -38.40 46.00
N SER J 7 10.64 -39.50 45.26
CA SER J 7 9.83 -40.69 45.46
C SER J 7 10.44 -41.54 46.59
N LYS J 8 9.68 -41.75 47.66
CA LYS J 8 9.97 -42.87 48.54
C LYS J 8 9.56 -44.13 47.79
N LEU J 9 10.47 -45.12 47.75
CA LEU J 9 10.32 -46.24 46.84
C LEU J 9 9.01 -46.99 47.12
N GLY J 10 8.25 -47.23 46.05
CA GLY J 10 6.96 -47.91 46.12
C GLY J 10 5.79 -46.96 46.34
N GLU J 11 6.07 -45.67 46.58
CA GLU J 11 5.06 -44.72 47.03
C GLU J 11 4.30 -44.11 45.84
N SER J 12 4.95 -44.06 44.66
CA SER J 12 4.43 -43.30 43.54
C SER J 12 4.52 -44.10 42.23
N GLN J 13 3.62 -43.77 41.29
CA GLN J 13 3.65 -44.35 39.95
C GLN J 13 4.79 -43.72 39.16
N LEU J 14 5.49 -44.54 38.35
CA LEU J 14 6.66 -44.03 37.66
C LEU J 14 6.27 -43.15 36.47
N GLY J 15 7.02 -42.05 36.33
CA GLY J 15 6.81 -41.08 35.28
C GLY J 15 5.76 -40.02 35.61
N SER J 16 4.84 -40.32 36.53
CA SER J 16 3.75 -39.43 36.89
C SER J 16 4.31 -38.13 37.49
N PRO J 17 3.65 -36.94 37.32
CA PRO J 17 2.34 -36.80 36.68
C PRO J 17 2.34 -36.64 35.16
N GLY J 18 3.42 -37.08 34.51
CA GLY J 18 3.64 -36.86 33.09
C GLY J 18 2.73 -37.68 32.18
N THR J 19 2.59 -37.21 30.93
CA THR J 19 1.78 -37.80 29.88
C THR J 19 2.45 -37.55 28.53
N LEU J 20 1.92 -38.17 27.45
CA LEU J 20 2.50 -38.11 26.11
C LEU J 20 2.33 -36.71 25.53
N LYS J 21 3.34 -36.27 24.75
CA LYS J 21 3.29 -34.97 24.09
C LYS J 21 2.25 -35.00 22.97
N GLN J 22 1.40 -33.98 22.98
CA GLN J 22 0.42 -33.70 21.94
C GLN J 22 0.54 -32.23 21.56
N GLY J 23 0.21 -31.91 20.31
CA GLY J 23 0.35 -30.56 19.78
C GLY J 23 1.66 -30.39 19.00
N VAL J 24 1.84 -29.19 18.44
CA VAL J 24 2.98 -28.87 17.60
C VAL J 24 3.93 -27.99 18.40
N GLU J 25 5.22 -28.34 18.36
CA GLU J 25 6.25 -27.49 18.96
C GLU J 25 7.33 -27.19 17.92
N TRP J 26 7.60 -25.90 17.74
CA TRP J 26 8.75 -25.39 17.00
C TRP J 26 9.81 -24.94 17.99
N THR J 27 11.04 -25.45 17.82
CA THR J 27 12.18 -24.94 18.57
C THR J 27 13.13 -24.20 17.63
N VAL J 28 13.66 -23.08 18.12
CA VAL J 28 14.61 -22.25 17.39
C VAL J 28 15.98 -22.41 18.03
N VAL J 29 16.97 -22.75 17.20
CA VAL J 29 18.34 -22.93 17.63
C VAL J 29 19.19 -21.84 16.96
N VAL J 30 19.84 -21.03 17.80
CA VAL J 30 20.67 -19.90 17.39
C VAL J 30 22.12 -20.27 17.70
N ASP J 31 22.93 -20.46 16.65
CA ASP J 31 24.35 -20.77 16.79
C ASP J 31 24.55 -21.95 17.75
N GLY J 32 23.59 -22.89 17.77
CA GLY J 32 23.71 -24.11 18.54
C GLY J 32 23.08 -24.05 19.93
N GLU J 33 22.44 -22.92 20.27
CA GLU J 33 21.75 -22.75 21.54
C GLU J 33 20.25 -22.55 21.30
N GLU J 34 19.42 -23.15 22.15
CA GLU J 34 17.97 -23.02 22.07
C GLU J 34 17.53 -21.66 22.59
N GLN J 35 16.57 -21.04 21.86
CA GLN J 35 15.91 -19.81 22.29
C GLN J 35 14.63 -20.18 23.03
N ASN J 36 14.51 -19.69 24.28
CA ASN J 36 13.47 -20.14 25.19
C ASN J 36 12.13 -19.49 24.89
N ASN J 37 12.14 -18.17 24.61
CA ASN J 37 10.94 -17.35 24.75
C ASN J 37 10.27 -17.07 23.41
N VAL J 38 10.22 -18.09 22.53
CA VAL J 38 9.59 -18.00 21.22
C VAL J 38 8.08 -18.19 21.38
N TRP J 39 7.30 -17.36 20.69
CA TRP J 39 5.85 -17.43 20.78
C TRP J 39 5.16 -17.49 19.41
N ASP J 40 5.91 -17.27 18.33
CA ASP J 40 5.42 -17.50 16.97
C ASP J 40 6.56 -17.81 16.02
N VAL J 41 6.28 -18.65 15.01
CA VAL J 41 7.21 -19.04 13.97
C VAL J 41 6.47 -19.06 12.63
N GLN J 42 7.12 -18.49 11.61
CA GLN J 42 6.69 -18.60 10.22
C GLN J 42 7.88 -19.06 9.38
N VAL J 43 7.69 -20.13 8.60
CA VAL J 43 8.71 -20.69 7.73
C VAL J 43 8.14 -20.80 6.32
N VAL J 44 8.87 -20.26 5.33
CA VAL J 44 8.46 -20.32 3.94
C VAL J 44 9.54 -21.05 3.13
N ASP J 45 9.09 -22.07 2.38
CA ASP J 45 9.92 -22.89 1.52
C ASP J 45 9.34 -22.82 0.11
N THR J 46 10.13 -22.28 -0.84
CA THR J 46 9.56 -21.85 -2.11
C THR J 46 10.55 -22.01 -3.27
N ALA J 47 9.99 -22.37 -4.43
CA ALA J 47 10.69 -22.67 -5.68
C ALA J 47 11.49 -21.46 -6.16
N ASN J 48 12.37 -21.71 -7.14
CA ASN J 48 13.61 -20.97 -7.36
C ASN J 48 13.44 -19.46 -7.51
N PRO J 49 12.46 -18.90 -8.27
CA PRO J 49 12.35 -17.44 -8.39
C PRO J 49 12.22 -16.70 -7.05
N PHE J 50 11.89 -17.45 -5.99
CA PHE J 50 11.47 -16.87 -4.72
C PHE J 50 12.38 -17.33 -3.57
N GLY J 51 12.60 -16.40 -2.64
CA GLY J 51 13.49 -16.60 -1.51
C GLY J 51 12.82 -17.33 -0.35
N ASP J 52 13.48 -18.39 0.14
CA ASP J 52 13.08 -19.10 1.34
C ASP J 52 13.44 -18.23 2.54
N TYR J 53 12.48 -18.05 3.46
CA TYR J 53 12.69 -17.20 4.62
C TYR J 53 11.96 -17.73 5.85
N ALA J 54 12.42 -17.29 7.02
CA ALA J 54 11.75 -17.56 8.28
C ALA J 54 11.67 -16.30 9.13
N VAL J 55 10.56 -16.19 9.88
CA VAL J 55 10.34 -15.13 10.86
C VAL J 55 10.06 -15.79 12.21
N PHE J 56 10.85 -15.39 13.23
CA PHE J 56 10.68 -15.85 14.59
C PHE J 56 10.27 -14.66 15.45
N LYS J 57 9.27 -14.87 16.33
CA LYS J 57 8.83 -13.84 17.26
C LYS J 57 9.09 -14.30 18.69
N MET J 58 9.82 -13.47 19.44
CA MET J 58 10.24 -13.78 20.80
C MET J 58 9.96 -12.60 21.72
N ASP J 59 9.83 -12.91 23.03
CA ASP J 59 9.84 -11.91 24.08
C ASP J 59 11.29 -11.66 24.51
N ASP J 60 11.60 -10.39 24.80
CA ASP J 60 12.93 -9.99 25.23
C ASP J 60 12.85 -9.15 26.50
N ARG J 61 13.97 -9.10 27.23
CA ARG J 61 14.16 -8.33 28.45
C ARG J 61 15.51 -7.64 28.39
N GLY J 62 15.51 -6.30 28.56
CA GLY J 62 16.72 -5.50 28.58
C GLY J 62 17.60 -5.71 27.34
N GLY J 63 16.96 -6.09 26.23
CA GLY J 63 17.58 -6.28 24.92
C GLY J 63 18.53 -7.48 24.86
N GLN J 64 18.37 -8.44 25.79
CA GLN J 64 19.33 -9.52 25.99
C GLN J 64 19.32 -10.51 24.83
N ALA J 65 18.14 -10.77 24.26
CA ALA J 65 17.99 -11.73 23.18
C ALA J 65 18.39 -11.12 21.83
N PHE J 66 18.23 -9.80 21.69
CA PHE J 66 18.60 -9.06 20.49
C PHE J 66 20.07 -9.30 20.14
N GLU J 67 20.91 -9.48 21.17
CA GLU J 67 22.36 -9.60 21.04
C GLU J 67 22.75 -10.98 20.51
N ALA J 68 21.82 -11.94 20.54
CA ALA J 68 22.10 -13.31 20.15
C ALA J 68 22.03 -13.49 18.64
N TYR J 69 21.47 -12.49 17.93
CA TYR J 69 21.17 -12.61 16.51
C TYR J 69 21.87 -11.53 15.68
N PRO J 70 23.22 -11.37 15.71
CA PRO J 70 23.92 -10.55 14.71
C PRO J 70 23.65 -11.05 13.30
N ARG J 71 23.80 -10.16 12.31
CA ARG J 71 23.60 -10.52 10.91
C ARG J 71 24.56 -11.65 10.53
N GLY J 72 24.01 -12.64 9.84
CA GLY J 72 24.79 -13.76 9.32
C GLY J 72 24.86 -14.93 10.29
N THR J 73 24.33 -14.79 11.52
CA THR J 73 24.35 -15.89 12.48
C THR J 73 23.39 -16.99 12.05
N ARG J 74 23.76 -18.24 12.37
CA ARG J 74 23.05 -19.44 11.98
C ARG J 74 21.78 -19.58 12.81
N VAL J 75 20.66 -19.83 12.11
CA VAL J 75 19.40 -20.16 12.75
C VAL J 75 18.81 -21.40 12.11
N GLU J 76 18.34 -22.31 12.98
CA GLU J 76 17.66 -23.53 12.60
C GLU J 76 16.30 -23.57 13.29
N ALA J 77 15.27 -23.98 12.53
CA ALA J 77 13.94 -24.24 13.07
C ALA J 77 13.65 -25.73 12.99
N TYR J 78 13.38 -26.33 14.15
CA TYR J 78 12.99 -27.74 14.26
C TYR J 78 11.50 -27.82 14.59
N VAL J 79 10.82 -28.82 14.03
CA VAL J 79 9.41 -29.04 14.29
C VAL J 79 9.18 -30.47 14.77
N SER J 80 8.26 -30.62 15.73
CA SER J 80 7.76 -31.90 16.20
C SER J 80 6.26 -31.77 16.50
N GLU J 81 5.47 -32.67 15.92
CA GLU J 81 4.06 -32.78 16.27
C GLU J 81 3.81 -34.11 16.98
N GLY J 82 3.17 -34.05 18.15
CA GLY J 82 2.96 -35.23 18.97
C GLY J 82 4.29 -35.73 19.53
N THR J 83 4.49 -37.06 19.48
CA THR J 83 5.71 -37.68 20.00
C THR J 83 6.67 -38.02 18.86
N GLU J 84 6.50 -37.36 17.71
CA GLU J 84 7.35 -37.64 16.54
C GLU J 84 8.70 -36.92 16.71
N PRO J 85 9.82 -37.51 16.24
CA PRO J 85 11.14 -36.89 16.40
C PRO J 85 11.30 -35.59 15.64
N LEU J 86 12.18 -34.72 16.14
CA LEU J 86 12.39 -33.37 15.60
C LEU J 86 12.91 -33.44 14.17
N ASP J 87 12.26 -32.68 13.29
CA ASP J 87 12.72 -32.45 11.92
C ASP J 87 13.26 -31.03 11.83
N ASN J 88 14.50 -30.90 11.34
CA ASN J 88 15.06 -29.62 10.94
C ASN J 88 14.37 -29.18 9.65
N ARG J 89 13.51 -28.16 9.75
CA ARG J 89 12.67 -27.75 8.64
C ARG J 89 13.21 -26.51 7.93
N PHE J 90 13.99 -25.69 8.64
CA PHE J 90 14.61 -24.51 8.07
C PHE J 90 16.01 -24.33 8.65
N THR J 91 16.99 -24.14 7.77
CA THR J 91 18.30 -23.61 8.13
C THR J 91 18.52 -22.33 7.33
N GLY J 92 19.05 -21.31 8.01
CA GLY J 92 19.34 -20.05 7.37
C GLY J 92 20.21 -19.14 8.22
N TYR J 93 20.35 -17.90 7.78
CA TYR J 93 21.15 -16.88 8.44
C TYR J 93 20.30 -15.63 8.64
N VAL J 94 20.57 -14.92 9.74
CA VAL J 94 19.84 -13.73 10.14
C VAL J 94 20.17 -12.59 9.19
N VAL J 95 19.13 -11.89 8.73
CA VAL J 95 19.29 -10.70 7.90
C VAL J 95 18.78 -9.47 8.63
N GLU J 96 17.75 -9.64 9.48
CA GLU J 96 17.19 -8.53 10.23
C GLU J 96 16.79 -9.01 11.64
N ARG J 97 17.25 -8.26 12.65
CA ARG J 97 16.70 -8.34 14.00
C ARG J 97 16.01 -7.03 14.31
N ARG J 98 14.73 -7.10 14.72
CA ARG J 98 13.95 -5.92 15.05
C ARG J 98 13.34 -6.10 16.45
N GLU J 99 13.47 -5.07 17.28
CA GLU J 99 12.80 -5.07 18.56
C GLU J 99 11.92 -3.82 18.69
N ASN J 100 10.64 -4.02 19.03
CA ASN J 100 9.72 -2.90 19.17
C ASN J 100 8.80 -3.06 20.37
N GLU J 101 8.25 -1.90 20.77
CA GLU J 101 7.25 -1.73 21.81
C GLU J 101 5.89 -2.13 21.23
N GLN J 102 5.35 -3.25 21.69
CA GLN J 102 4.01 -3.68 21.29
C GLN J 102 3.11 -3.71 22.51
N GLN J 103 2.55 -2.53 22.84
CA GLN J 103 1.57 -2.34 23.90
C GLN J 103 2.13 -2.87 25.23
N GLY J 104 3.36 -2.47 25.55
CA GLY J 104 4.01 -2.89 26.78
C GLY J 104 5.03 -4.01 26.58
N ALA J 105 4.76 -4.89 25.60
CA ALA J 105 5.65 -6.01 25.31
C ALA J 105 6.88 -5.52 24.55
N ASP J 106 8.02 -6.16 24.81
CA ASP J 106 9.25 -5.94 24.05
C ASP J 106 9.42 -7.13 23.09
N VAL J 107 9.03 -6.91 21.83
CA VAL J 107 8.88 -7.98 20.85
C VAL J 107 10.08 -7.98 19.92
N LEU J 108 10.77 -9.13 19.85
CA LEU J 108 11.88 -9.35 18.94
C LEU J 108 11.40 -10.17 17.75
N GLU J 109 11.51 -9.59 16.56
CA GLU J 109 11.39 -10.29 15.30
C GLU J 109 12.79 -10.58 14.77
N VAL J 110 13.06 -11.85 14.51
CA VAL J 110 14.24 -12.25 13.75
C VAL J 110 13.78 -12.73 12.39
N GLU J 111 14.39 -12.17 11.34
CA GLU J 111 14.12 -12.57 9.97
C GLU J 111 15.38 -13.18 9.37
N ALA J 112 15.20 -14.33 8.71
CA ALA J 112 16.30 -15.15 8.22
C ALA J 112 16.05 -15.56 6.78
N TYR J 113 17.13 -15.54 5.98
CA TYR J 113 17.14 -16.05 4.61
C TYR J 113 17.94 -17.35 4.57
N SER J 114 17.85 -18.08 3.44
CA SER J 114 18.46 -19.39 3.30
C SER J 114 19.41 -19.44 2.10
N PHE J 115 19.73 -20.65 1.64
CA PHE J 115 20.85 -20.94 0.74
C PHE J 115 20.59 -20.51 -0.69
N ASP J 116 19.32 -20.29 -1.06
CA ASP J 116 18.97 -19.93 -2.43
C ASP J 116 19.47 -18.52 -2.76
N GLN J 117 19.86 -17.77 -1.72
CA GLN J 117 20.42 -16.43 -1.84
C GLN J 117 21.75 -16.46 -2.58
N PHE J 118 22.50 -17.56 -2.44
CA PHE J 118 23.85 -17.65 -3.00
C PHE J 118 23.82 -17.88 -4.51
N LEU J 119 22.76 -18.54 -5.01
CA LEU J 119 22.58 -18.73 -6.44
C LEU J 119 22.07 -17.45 -7.09
N ARG J 120 21.43 -16.61 -6.27
CA ARG J 120 20.70 -15.42 -6.69
C ARG J 120 21.64 -14.23 -6.78
N ARG J 121 22.57 -14.13 -5.81
CA ARG J 121 23.45 -12.99 -5.63
C ARG J 121 24.86 -13.31 -6.13
N ASN J 122 24.94 -14.12 -7.19
CA ASN J 122 26.18 -14.47 -7.86
C ASN J 122 25.97 -14.55 -9.36
N THR J 123 27.05 -14.37 -10.13
CA THR J 123 26.99 -14.31 -11.59
C THR J 123 27.97 -15.32 -12.20
N VAL J 124 27.66 -15.75 -13.43
CA VAL J 124 28.46 -16.68 -14.21
C VAL J 124 29.72 -15.94 -14.70
N THR J 125 30.91 -16.45 -14.35
CA THR J 125 32.15 -15.70 -14.60
C THR J 125 32.78 -16.05 -15.95
N ASN J 126 32.79 -17.34 -16.31
CA ASN J 126 33.39 -17.82 -17.55
C ASN J 126 32.29 -18.34 -18.48
N ASP J 127 32.57 -18.49 -19.78
CA ASP J 127 31.50 -18.75 -20.75
C ASP J 127 31.43 -20.22 -21.14
N GLN J 128 30.20 -20.76 -21.13
CA GLN J 128 29.93 -22.17 -21.35
C GLN J 128 29.45 -22.40 -22.79
N THR J 129 29.83 -21.49 -23.69
CA THR J 129 29.62 -21.69 -25.13
C THR J 129 30.45 -22.90 -25.56
N GLY J 130 29.75 -23.91 -26.11
CA GLY J 130 30.38 -25.14 -26.56
C GLY J 130 30.55 -26.16 -25.43
N ASN J 131 29.70 -26.07 -24.41
CA ASN J 131 29.62 -27.04 -23.32
C ASN J 131 28.23 -27.67 -23.32
N THR J 132 28.14 -28.95 -22.93
CA THR J 132 26.84 -29.54 -22.63
C THR J 132 26.35 -28.95 -21.30
N ILE J 133 25.03 -29.02 -21.06
CA ILE J 133 24.44 -28.49 -19.85
C ILE J 133 25.07 -29.16 -18.62
N SER J 134 25.48 -30.43 -18.74
CA SER J 134 26.19 -31.16 -17.70
C SER J 134 27.49 -30.45 -17.33
N GLN J 135 28.32 -30.17 -18.34
CA GLN J 135 29.63 -29.56 -18.18
C GLN J 135 29.48 -28.14 -17.62
N ALA J 136 28.40 -27.46 -18.04
CA ALA J 136 28.09 -26.10 -17.65
C ALA J 136 27.73 -26.03 -16.17
N LEU J 137 26.87 -26.95 -15.71
CA LEU J 137 26.42 -26.99 -14.33
C LEU J 137 27.60 -27.19 -13.40
N ALA J 138 28.53 -28.08 -13.78
CA ALA J 138 29.74 -28.36 -13.02
C ALA J 138 30.59 -27.11 -12.88
N ASP J 139 30.82 -26.42 -14.01
CA ASP J 139 31.69 -25.26 -14.12
C ASP J 139 31.15 -24.11 -13.25
N ILE J 140 29.86 -23.82 -13.40
CA ILE J 140 29.19 -22.69 -12.78
C ILE J 140 29.15 -22.86 -11.27
N ILE J 141 28.72 -24.05 -10.81
CA ILE J 141 28.50 -24.28 -9.39
C ILE J 141 29.85 -24.29 -8.65
N GLN J 142 30.89 -24.85 -9.28
CA GLN J 142 32.19 -25.02 -8.65
C GLN J 142 32.98 -23.71 -8.61
N THR J 143 32.77 -22.83 -9.60
CA THR J 143 33.54 -21.59 -9.69
C THR J 143 32.81 -20.42 -9.04
N ASP J 144 31.48 -20.34 -9.23
CA ASP J 144 30.75 -19.11 -9.00
C ASP J 144 29.86 -19.14 -7.74
N THR J 145 29.75 -20.32 -7.11
CA THR J 145 28.87 -20.44 -5.94
C THR J 145 29.62 -21.08 -4.76
N PRO J 146 29.25 -20.74 -3.50
CA PRO J 146 29.84 -21.39 -2.33
C PRO J 146 29.19 -22.67 -1.83
N VAL J 147 28.57 -23.46 -2.73
CA VAL J 147 27.83 -24.65 -2.33
C VAL J 147 28.50 -25.90 -2.86
N ARG J 148 28.12 -27.07 -2.31
CA ARG J 148 28.79 -28.34 -2.58
C ARG J 148 28.29 -28.92 -3.91
N PHE J 149 29.25 -29.30 -4.77
CA PHE J 149 28.93 -29.92 -6.04
C PHE J 149 29.11 -31.43 -5.94
N ASN J 150 28.11 -32.15 -6.46
CA ASN J 150 28.07 -33.60 -6.50
C ASN J 150 27.43 -34.00 -7.83
N ALA J 151 28.24 -34.60 -8.72
CA ALA J 151 27.83 -34.91 -10.08
C ALA J 151 26.64 -35.87 -10.11
N ALA J 152 26.48 -36.65 -9.03
CA ALA J 152 25.43 -37.64 -8.86
C ALA J 152 24.06 -36.98 -8.71
N ASN J 153 24.04 -35.68 -8.36
CA ASN J 153 22.80 -34.96 -8.12
C ASN J 153 22.29 -34.27 -9.40
N ILE J 154 23.03 -34.38 -10.51
CA ILE J 154 22.57 -33.77 -11.77
C ILE J 154 22.12 -34.85 -12.74
N THR J 155 20.88 -34.71 -13.24
CA THR J 155 20.22 -35.68 -14.10
C THR J 155 19.51 -34.91 -15.22
N VAL J 156 20.29 -34.51 -16.24
CA VAL J 156 19.81 -33.70 -17.34
C VAL J 156 18.91 -34.54 -18.25
N GLY J 157 17.70 -34.04 -18.50
CA GLY J 157 16.70 -34.74 -19.30
C GLY J 157 17.01 -34.71 -20.79
N ASP J 158 17.84 -33.74 -21.21
CA ASP J 158 18.13 -33.45 -22.60
C ASP J 158 19.45 -32.67 -22.65
N ASP J 159 20.58 -33.40 -22.70
CA ASP J 159 21.89 -32.79 -22.50
C ASP J 159 22.45 -32.23 -23.80
N GLN J 160 21.88 -31.09 -24.22
CA GLN J 160 22.26 -30.35 -25.41
C GLN J 160 23.46 -29.46 -25.09
N GLU J 161 24.05 -28.89 -26.15
CA GLU J 161 25.23 -28.04 -26.07
C GLU J 161 24.81 -26.57 -26.17
N LEU J 162 25.49 -25.71 -25.41
CA LEU J 162 25.11 -24.30 -25.30
C LEU J 162 25.81 -23.47 -26.38
N THR J 163 25.01 -22.60 -27.03
CA THR J 163 25.45 -21.77 -28.15
C THR J 163 25.58 -20.31 -27.70
N ARG J 164 25.29 -20.05 -26.43
CA ARG J 164 25.24 -18.71 -25.85
C ARG J 164 26.24 -18.61 -24.70
N SER J 165 26.97 -17.49 -24.67
CA SER J 165 27.80 -17.13 -23.52
C SER J 165 26.89 -16.60 -22.41
N TYR J 166 26.96 -17.25 -21.24
CA TYR J 166 26.10 -16.92 -20.11
C TYR J 166 26.80 -15.95 -19.16
N GLN J 167 27.93 -15.40 -19.62
CA GLN J 167 28.85 -14.62 -18.82
C GLN J 167 28.14 -13.37 -18.29
N GLY J 168 28.06 -13.26 -16.96
CA GLY J 168 27.50 -12.10 -16.31
C GLY J 168 26.04 -12.27 -15.89
N ASP J 169 25.37 -13.31 -16.40
CA ASP J 169 24.00 -13.61 -15.99
C ASP J 169 24.01 -14.08 -14.54
N PRO J 170 23.00 -13.69 -13.71
CA PRO J 170 22.82 -14.30 -12.38
C PRO J 170 22.71 -15.81 -12.51
N VAL J 171 23.28 -16.54 -11.55
CA VAL J 171 23.41 -17.98 -11.64
C VAL J 171 22.02 -18.63 -11.70
N GLU J 172 21.07 -18.10 -10.93
CA GLU J 172 19.69 -18.59 -10.88
C GLU J 172 19.00 -18.38 -12.22
N ASN J 173 19.27 -17.25 -12.88
CA ASN J 173 18.71 -16.93 -14.19
C ASN J 173 19.28 -17.86 -15.26
N ALA J 174 20.59 -18.13 -15.17
CA ALA J 174 21.28 -19.05 -16.07
C ALA J 174 20.71 -20.46 -15.92
N LEU J 175 20.47 -20.87 -14.66
CA LEU J 175 19.99 -22.21 -14.35
C LEU J 175 18.56 -22.42 -14.85
N ARG J 176 17.73 -21.36 -14.79
CA ARG J 176 16.37 -21.41 -15.31
C ARG J 176 16.38 -21.52 -16.83
N ASP J 177 17.37 -20.88 -17.46
CA ASP J 177 17.57 -20.93 -18.90
C ASP J 177 17.93 -22.36 -19.32
N PHE J 178 18.77 -23.02 -18.51
CA PHE J 178 19.19 -24.39 -18.76
C PHE J 178 18.01 -25.35 -18.60
N ALA J 179 17.18 -25.10 -17.58
CA ALA J 179 16.02 -25.93 -17.27
C ALA J 179 14.95 -25.77 -18.34
N PHE J 180 14.83 -24.55 -18.88
CA PHE J 180 13.89 -24.28 -19.96
C PHE J 180 14.31 -25.00 -21.23
N LYS J 181 15.63 -25.06 -21.47
CA LYS J 181 16.22 -25.75 -22.59
C LYS J 181 16.11 -27.27 -22.44
N SER J 182 16.18 -27.75 -21.18
CA SER J 182 16.16 -29.19 -20.90
C SER J 182 15.07 -29.55 -19.90
N THR J 183 13.92 -30.02 -20.40
CA THR J 183 12.99 -30.89 -19.68
C THR J 183 12.28 -30.23 -18.49
N ASN J 184 12.51 -28.92 -18.24
CA ASN J 184 11.77 -28.17 -17.22
C ASN J 184 12.10 -28.70 -15.83
N GLU J 185 13.41 -28.80 -15.54
CA GLU J 185 13.94 -29.52 -14.39
C GLU J 185 13.95 -28.63 -13.15
N ASP J 186 13.94 -29.28 -11.98
CA ASP J 186 14.06 -28.62 -10.69
C ASP J 186 15.54 -28.47 -10.34
N PHE J 187 15.87 -27.37 -9.67
CA PHE J 187 17.21 -27.16 -9.13
C PHE J 187 17.13 -26.49 -7.76
N GLY J 188 18.27 -26.47 -7.07
CA GLY J 188 18.39 -25.78 -5.80
C GLY J 188 19.52 -26.35 -4.94
N VAL J 189 19.53 -25.92 -3.68
CA VAL J 189 20.48 -26.39 -2.69
C VAL J 189 19.70 -27.23 -1.68
N GLY J 190 20.09 -28.50 -1.52
CA GLY J 190 19.51 -29.39 -0.53
C GLY J 190 19.93 -29.02 0.88
N ASP J 191 19.40 -29.75 1.87
CA ASP J 191 19.70 -29.55 3.28
C ASP J 191 21.17 -29.86 3.57
N ASP J 192 21.76 -30.73 2.73
CA ASP J 192 23.11 -31.26 2.86
C ASP J 192 24.16 -30.30 2.29
N LEU J 193 23.71 -29.11 1.87
CA LEU J 193 24.46 -28.05 1.19
C LEU J 193 24.83 -28.42 -0.25
N GLU J 194 24.22 -29.47 -0.78
CA GLU J 194 24.56 -29.97 -2.11
C GLU J 194 23.58 -29.42 -3.14
N PHE J 195 24.14 -29.03 -4.29
CA PHE J 195 23.37 -28.58 -5.43
C PHE J 195 22.75 -29.79 -6.15
N PHE J 196 21.50 -29.64 -6.61
CA PHE J 196 20.83 -30.65 -7.42
C PHE J 196 20.23 -30.00 -8.66
N PHE J 197 20.11 -30.80 -9.73
CA PHE J 197 19.46 -30.43 -10.99
C PHE J 197 18.81 -31.70 -11.55
N GLN J 198 17.48 -31.82 -11.41
CA GLN J 198 16.81 -33.11 -11.52
C GLN J 198 15.45 -33.00 -12.20
N PRO J 199 14.93 -34.11 -12.81
CA PRO J 199 13.54 -34.19 -13.28
C PRO J 199 12.50 -33.81 -12.23
N ARG J 200 11.30 -33.48 -12.73
CA ARG J 200 10.40 -32.49 -12.15
C ARG J 200 9.48 -33.07 -11.07
N GLU J 201 9.11 -34.35 -11.16
CA GLU J 201 8.12 -34.94 -10.26
C GLU J 201 8.55 -36.34 -9.82
N THR J 202 9.12 -36.46 -8.61
CA THR J 202 9.66 -37.73 -8.13
C THR J 202 9.13 -38.13 -6.75
N VAL J 203 8.57 -37.16 -6.01
CA VAL J 203 8.12 -37.39 -4.65
C VAL J 203 6.61 -37.12 -4.57
N HIS J 204 5.91 -37.98 -3.83
CA HIS J 204 4.49 -37.83 -3.55
C HIS J 204 4.24 -37.84 -2.04
N ILE J 205 3.41 -36.88 -1.59
CA ILE J 205 3.05 -36.74 -0.19
C ILE J 205 1.78 -37.54 0.05
N ASP J 206 1.97 -38.72 0.67
CA ASP J 206 1.03 -39.82 0.76
C ASP J 206 -0.24 -39.41 1.51
N ARG J 207 -0.11 -38.42 2.41
CA ARG J 207 -1.16 -37.96 3.31
C ARG J 207 -2.31 -37.32 2.53
N GLY J 208 -1.98 -36.42 1.60
CA GLY J 208 -2.94 -35.74 0.75
C GLY J 208 -3.70 -34.64 1.47
N VAL J 209 -4.63 -33.99 0.75
CA VAL J 209 -5.59 -33.06 1.34
C VAL J 209 -6.99 -33.54 0.99
N ASP J 210 -7.59 -34.28 1.94
CA ASP J 210 -8.96 -34.75 1.89
C ASP J 210 -9.89 -33.56 2.06
N ASN J 211 -11.17 -33.76 1.71
CA ASN J 211 -12.20 -32.72 1.78
C ASN J 211 -12.39 -32.20 3.21
N THR J 212 -11.96 -32.98 4.21
CA THR J 212 -12.11 -32.59 5.60
C THR J 212 -10.84 -31.91 6.12
N GLN J 213 -9.79 -31.86 5.28
CA GLN J 213 -8.45 -31.48 5.73
C GLN J 213 -8.06 -30.07 5.29
N TRP J 214 -8.73 -29.51 4.28
CA TRP J 214 -8.60 -28.10 3.93
C TRP J 214 -9.49 -27.28 4.85
N PHE J 215 -9.19 -25.97 5.01
CA PHE J 215 -10.09 -25.08 5.75
C PHE J 215 -10.07 -23.64 5.23
N ARG J 216 -9.23 -23.37 4.21
CA ARG J 216 -9.28 -22.15 3.43
C ARG J 216 -8.68 -22.46 2.06
N TYR J 217 -9.16 -21.77 1.02
CA TYR J 217 -8.59 -21.89 -0.32
C TYR J 217 -8.73 -20.56 -1.07
N ASP J 218 -7.85 -20.36 -2.06
CA ASP J 218 -7.82 -19.18 -2.91
C ASP J 218 -7.14 -19.55 -4.23
N ILE J 219 -7.94 -20.00 -5.22
CA ILE J 219 -7.42 -20.54 -6.47
C ILE J 219 -7.79 -19.60 -7.62
N PRO J 220 -6.83 -18.80 -8.13
CA PRO J 220 -7.01 -18.09 -9.40
C PRO J 220 -6.42 -18.77 -10.63
N GLU J 221 -6.93 -18.35 -11.80
CA GLU J 221 -6.18 -18.40 -13.04
C GLU J 221 -5.63 -16.99 -13.28
N LEU J 222 -4.30 -16.89 -13.36
CA LEU J 222 -3.61 -15.62 -13.52
C LEU J 222 -3.32 -15.41 -15.00
N GLY J 223 -3.76 -14.28 -15.57
CA GLY J 223 -3.61 -14.06 -17.00
C GLY J 223 -3.47 -12.60 -17.42
N LYS J 224 -3.09 -11.73 -16.48
CA LYS J 224 -3.05 -10.28 -16.72
C LYS J 224 -1.74 -9.88 -17.38
N GLU J 225 -0.73 -10.76 -17.31
CA GLU J 225 0.61 -10.49 -17.84
C GLU J 225 0.75 -11.03 -19.26
N ALA J 226 -0.21 -11.88 -19.67
CA ALA J 226 -0.07 -12.73 -20.85
C ALA J 226 -0.16 -11.93 -22.15
N ILE J 227 0.76 -12.26 -23.07
CA ILE J 227 0.88 -11.69 -24.40
C ILE J 227 1.06 -12.83 -25.39
N ASN J 228 1.00 -12.53 -26.70
CA ASN J 228 0.90 -13.58 -27.70
C ASN J 228 1.94 -13.41 -28.81
N GLU J 229 2.72 -12.32 -28.77
CA GLU J 229 3.77 -12.08 -29.75
C GLU J 229 4.98 -11.48 -29.04
N VAL J 230 6.15 -12.08 -29.28
CA VAL J 230 7.42 -11.53 -28.82
C VAL J 230 8.34 -11.40 -30.03
N GLU J 231 8.89 -10.19 -30.22
CA GLU J 231 9.91 -9.99 -31.24
C GLU J 231 11.25 -9.74 -30.57
N VAL J 232 12.24 -10.56 -30.93
CA VAL J 232 13.57 -10.50 -30.36
C VAL J 232 14.55 -10.04 -31.43
N TRP J 233 15.19 -8.89 -31.15
CA TRP J 233 16.34 -8.42 -31.90
C TRP J 233 17.61 -9.01 -31.29
N PHE J 234 18.46 -9.54 -32.18
CA PHE J 234 19.70 -10.19 -31.80
C PHE J 234 20.78 -9.82 -32.81
N ASP J 235 22.03 -10.29 -32.57
CA ASP J 235 23.17 -10.06 -33.44
C ASP J 235 23.44 -8.56 -33.61
N ASP J 236 23.70 -7.89 -32.49
CA ASP J 236 23.96 -6.46 -32.40
C ASP J 236 22.77 -5.65 -32.93
N GLY J 237 21.60 -6.29 -33.00
CA GLY J 237 20.36 -5.67 -33.44
C GLY J 237 20.13 -5.77 -34.95
N GLU J 238 20.94 -6.60 -35.62
CA GLU J 238 20.95 -6.66 -37.08
C GLU J 238 19.99 -7.71 -37.62
N GLU J 239 19.48 -8.60 -36.75
CA GLU J 239 18.50 -9.60 -37.16
C GLU J 239 17.41 -9.73 -36.10
N SER J 240 16.23 -10.21 -36.53
CA SER J 240 15.04 -10.27 -35.70
C SER J 240 14.30 -11.60 -35.89
N VAL J 241 13.64 -12.06 -34.82
CA VAL J 241 12.76 -13.22 -34.87
C VAL J 241 11.47 -12.92 -34.09
N ILE J 242 10.34 -13.30 -34.69
CA ILE J 242 9.01 -13.16 -34.11
C ILE J 242 8.56 -14.53 -33.58
N VAL J 243 8.17 -14.56 -32.30
CA VAL J 243 7.58 -15.74 -31.67
C VAL J 243 6.07 -15.52 -31.60
N ASP J 244 5.32 -16.47 -32.17
CA ASP J 244 3.95 -16.24 -32.59
C ASP J 244 3.03 -17.27 -31.92
N ASP J 245 2.20 -16.82 -30.98
CA ASP J 245 1.21 -17.66 -30.31
C ASP J 245 -0.14 -17.45 -30.99
N GLY J 246 -0.37 -18.20 -32.08
CA GLY J 246 -1.52 -18.04 -32.95
C GLY J 246 -2.86 -18.28 -32.26
N THR J 247 -2.86 -19.23 -31.31
CA THR J 247 -4.05 -19.67 -30.59
C THR J 247 -4.72 -18.50 -29.88
N ASP J 248 -3.94 -17.75 -29.09
CA ASP J 248 -4.42 -16.66 -28.27
C ASP J 248 -4.89 -15.49 -29.15
N LYS J 249 -4.20 -15.29 -30.27
CA LYS J 249 -4.48 -14.21 -31.21
C LYS J 249 -5.84 -14.44 -31.87
N LEU J 250 -6.10 -15.70 -32.25
CA LEU J 250 -7.33 -16.09 -32.92
C LEU J 250 -8.48 -16.15 -31.93
N ASP J 251 -8.19 -16.55 -30.69
CA ASP J 251 -9.19 -16.67 -29.65
C ASP J 251 -9.69 -15.29 -29.22
N LEU J 252 -8.77 -14.31 -29.16
CA LEU J 252 -9.13 -12.94 -28.82
C LEU J 252 -9.93 -12.30 -29.95
N GLN J 253 -9.60 -12.65 -31.21
CA GLN J 253 -10.30 -12.16 -32.38
C GLN J 253 -11.75 -12.66 -32.35
N ASP J 254 -11.92 -13.97 -32.14
CA ASP J 254 -13.20 -14.66 -32.21
C ASP J 254 -14.09 -14.22 -31.05
N SER J 255 -13.46 -13.98 -29.89
CA SER J 255 -14.12 -13.56 -28.67
C SER J 255 -14.63 -12.13 -28.80
N LEU J 256 -13.73 -11.18 -29.12
CA LEU J 256 -14.03 -9.75 -29.08
C LEU J 256 -14.65 -9.28 -30.40
N GLY J 257 -14.54 -10.10 -31.44
CA GLY J 257 -15.09 -9.79 -32.76
C GLY J 257 -14.20 -8.84 -33.57
N LEU J 258 -12.88 -8.98 -33.41
CA LEU J 258 -11.91 -8.09 -34.02
C LEU J 258 -11.81 -8.34 -35.53
N PRO J 259 -11.49 -7.32 -36.36
CA PRO J 259 -11.34 -7.50 -37.81
C PRO J 259 -10.21 -8.43 -38.24
N SER J 260 -9.16 -8.49 -37.41
CA SER J 260 -7.95 -9.25 -37.66
C SER J 260 -7.41 -9.82 -36.35
N PRO J 261 -6.47 -10.80 -36.36
CA PRO J 261 -5.99 -11.44 -35.12
C PRO J 261 -5.51 -10.49 -34.02
N GLY J 262 -5.90 -10.79 -32.78
CA GLY J 262 -5.74 -9.89 -31.65
C GLY J 262 -4.34 -9.94 -31.04
N THR J 263 -3.42 -9.17 -31.64
CA THR J 263 -2.00 -9.18 -31.29
C THR J 263 -1.75 -8.36 -30.03
N GLN J 264 -0.87 -8.90 -29.15
CA GLN J 264 -0.30 -8.20 -28.02
C GLN J 264 1.19 -8.55 -27.92
N ARG J 265 2.05 -7.52 -27.95
CA ARG J 265 3.47 -7.64 -28.28
C ARG J 265 4.38 -7.20 -27.14
N LYS J 266 5.57 -7.83 -27.08
CA LYS J 266 6.76 -7.27 -26.46
C LYS J 266 7.91 -7.29 -27.46
N GLU J 267 8.74 -6.24 -27.41
CA GLU J 267 9.98 -6.18 -28.16
C GLU J 267 11.14 -6.32 -27.18
N LEU J 268 12.03 -7.26 -27.47
CA LEU J 268 13.24 -7.49 -26.68
C LEU J 268 14.45 -7.27 -27.57
N GLN J 269 15.53 -6.73 -27.00
CA GLN J 269 16.83 -6.77 -27.66
C GLN J 269 17.83 -7.52 -26.79
N ARG J 270 18.45 -8.54 -27.39
CA ARG J 270 19.53 -9.30 -26.80
C ARG J 270 20.73 -9.19 -27.72
N PRO J 271 21.53 -8.11 -27.66
CA PRO J 271 22.53 -7.81 -28.68
C PRO J 271 23.71 -8.77 -28.79
N LEU J 272 23.96 -9.58 -27.75
CA LEU J 272 25.13 -10.45 -27.72
C LEU J 272 24.81 -11.84 -28.28
N VAL J 273 23.53 -12.12 -28.52
CA VAL J 273 23.07 -13.42 -29.02
C VAL J 273 23.26 -13.43 -30.54
N THR J 274 24.02 -14.42 -31.04
CA THR J 274 24.36 -14.50 -32.46
C THR J 274 23.48 -15.54 -33.17
N ASP J 275 22.94 -16.48 -32.40
CA ASP J 275 22.28 -17.66 -32.94
C ASP J 275 20.76 -17.47 -32.89
N ILE J 276 20.10 -17.70 -34.03
CA ILE J 276 18.66 -17.50 -34.18
C ILE J 276 17.90 -18.46 -33.26
N SER J 277 18.45 -19.66 -33.05
CA SER J 277 17.84 -20.71 -32.24
C SER J 277 17.78 -20.28 -30.77
N ASP J 278 18.77 -19.49 -30.33
CA ASP J 278 18.83 -18.97 -28.97
C ASP J 278 17.87 -17.80 -28.79
N ALA J 279 17.77 -16.95 -29.83
CA ALA J 279 16.87 -15.81 -29.84
C ALA J 279 15.42 -16.29 -29.78
N GLU J 280 15.14 -17.40 -30.49
CA GLU J 280 13.84 -18.05 -30.47
C GLU J 280 13.50 -18.49 -29.05
N ASP J 281 14.45 -19.12 -28.37
CA ASP J 281 14.22 -19.73 -27.07
C ASP J 281 14.11 -18.66 -25.97
N ILE J 282 14.70 -17.48 -26.21
CA ILE J 282 14.54 -16.35 -25.30
C ILE J 282 13.09 -15.85 -25.40
N GLY J 283 12.59 -15.73 -26.63
CA GLY J 283 11.22 -15.31 -26.91
C GLY J 283 10.19 -16.30 -26.37
N ARG J 284 10.49 -17.60 -26.51
CA ARG J 284 9.61 -18.67 -26.06
C ARG J 284 9.55 -18.69 -24.54
N LYS J 285 10.71 -18.44 -23.89
CA LYS J 285 10.79 -18.38 -22.43
C LYS J 285 9.99 -17.20 -21.91
N TYR J 286 10.06 -16.07 -22.62
CA TYR J 286 9.32 -14.87 -22.24
C TYR J 286 7.82 -15.14 -22.23
N LEU J 287 7.32 -15.78 -23.30
CA LEU J 287 5.92 -16.13 -23.44
C LEU J 287 5.51 -17.15 -22.37
N ALA J 288 6.37 -18.16 -22.16
CA ALA J 288 6.07 -19.31 -21.31
C ALA J 288 5.95 -18.92 -19.84
N PHE J 289 6.73 -17.92 -19.41
CA PHE J 289 6.79 -17.52 -18.01
C PHE J 289 5.68 -16.52 -17.68
N ARG J 290 5.07 -15.93 -18.73
CA ARG J 290 4.02 -14.94 -18.59
C ARG J 290 2.66 -15.54 -18.96
N ASN J 291 2.66 -16.84 -19.31
CA ASN J 291 1.52 -17.61 -19.77
C ASN J 291 0.50 -17.76 -18.65
N SER J 292 -0.79 -17.95 -19.02
CA SER J 292 -1.86 -18.10 -18.05
C SER J 292 -1.80 -19.47 -17.37
N THR J 293 -1.98 -19.46 -16.04
CA THR J 293 -1.79 -20.64 -15.20
C THR J 293 -2.80 -20.65 -14.06
N LEU J 294 -3.11 -21.86 -13.56
CA LEU J 294 -3.65 -22.01 -12.22
C LEU J 294 -2.54 -21.76 -11.23
N SER J 295 -2.93 -21.23 -10.06
CA SER J 295 -2.03 -20.87 -8.99
C SER J 295 -2.79 -20.96 -7.67
N GLY J 296 -2.24 -20.36 -6.62
CA GLY J 296 -3.01 -20.07 -5.43
C GLY J 296 -2.94 -21.15 -4.36
N THR J 297 -3.79 -20.96 -3.34
CA THR J 297 -3.56 -21.42 -1.99
C THR J 297 -4.58 -22.48 -1.60
N VAL J 298 -4.09 -23.53 -0.93
CA VAL J 298 -4.90 -24.39 -0.08
C VAL J 298 -4.30 -24.37 1.32
N THR J 299 -5.15 -24.14 2.33
CA THR J 299 -4.73 -24.10 3.71
C THR J 299 -5.13 -25.38 4.43
N THR J 300 -4.14 -26.03 5.04
CA THR J 300 -4.27 -27.29 5.75
C THR J 300 -3.43 -27.22 7.04
N TYR J 301 -3.03 -28.37 7.62
CA TYR J 301 -2.47 -28.37 8.96
C TYR J 301 -1.08 -28.98 9.09
N GLY J 302 -0.85 -30.16 8.49
CA GLY J 302 0.36 -30.92 8.76
C GLY J 302 1.46 -30.66 7.74
N LEU J 303 2.02 -31.76 7.21
CA LEU J 303 2.86 -31.83 6.02
C LEU J 303 4.23 -31.16 6.23
N TYR J 304 4.91 -31.53 7.32
CA TYR J 304 6.24 -31.00 7.62
C TYR J 304 7.30 -31.66 6.74
N ASP J 305 6.97 -32.80 6.14
CA ASP J 305 7.86 -33.56 5.29
C ASP J 305 7.92 -32.94 3.89
N ALA J 306 6.82 -32.29 3.50
CA ALA J 306 6.57 -31.83 2.15
C ALA J 306 7.55 -30.73 1.74
N GLU J 307 7.92 -30.72 0.46
CA GLU J 307 8.79 -29.71 -0.13
C GLU J 307 8.15 -29.18 -1.41
N PRO J 308 8.55 -27.98 -1.91
CA PRO J 308 8.20 -27.58 -3.28
C PRO J 308 8.84 -28.52 -4.28
N GLY J 309 8.07 -28.86 -5.33
CA GLY J 309 8.47 -29.87 -6.30
C GLY J 309 7.80 -31.21 -6.04
N ASP J 310 7.22 -31.38 -4.84
CA ASP J 310 6.49 -32.60 -4.49
C ASP J 310 5.08 -32.54 -5.08
N THR J 311 4.46 -33.73 -5.22
CA THR J 311 3.10 -33.86 -5.71
C THR J 311 2.19 -34.27 -4.56
N ILE J 312 0.95 -33.79 -4.59
CA ILE J 312 -0.03 -34.06 -3.54
C ILE J 312 -1.44 -34.14 -4.13
N ASP J 313 -2.23 -35.10 -3.61
CA ASP J 313 -3.66 -35.21 -3.87
C ASP J 313 -4.39 -34.10 -3.12
N ILE J 314 -5.23 -33.34 -3.83
CA ILE J 314 -6.10 -32.35 -3.20
C ILE J 314 -7.53 -32.56 -3.67
N THR J 315 -8.44 -32.67 -2.70
CA THR J 315 -9.88 -32.77 -2.93
C THR J 315 -10.57 -31.62 -2.20
N ILE J 316 -11.24 -30.74 -2.95
CA ILE J 316 -12.08 -29.68 -2.40
C ILE J 316 -13.43 -29.74 -3.10
N ASP J 317 -14.40 -30.39 -2.44
CA ASP J 317 -15.72 -30.65 -2.99
C ASP J 317 -16.49 -29.34 -3.24
N PRO J 318 -16.49 -28.34 -2.32
CA PRO J 318 -17.12 -27.05 -2.59
C PRO J 318 -16.62 -26.31 -3.83
N ARG J 319 -15.47 -26.74 -4.38
CA ARG J 319 -14.84 -26.03 -5.48
C ARG J 319 -14.59 -26.95 -6.69
N GLY J 320 -15.00 -28.22 -6.59
CA GLY J 320 -14.94 -29.16 -7.71
C GLY J 320 -13.52 -29.56 -8.08
N ILE J 321 -12.62 -29.55 -7.08
CA ILE J 321 -11.24 -29.94 -7.25
C ILE J 321 -11.04 -31.36 -6.74
N ASP J 322 -10.40 -32.21 -7.57
CA ASP J 322 -9.97 -33.55 -7.19
C ASP J 322 -8.82 -33.98 -8.11
N GLU J 323 -7.59 -33.59 -7.74
CA GLU J 323 -6.44 -33.67 -8.64
C GLU J 323 -5.16 -33.94 -7.86
N GLU J 324 -4.11 -34.36 -8.60
CA GLU J 324 -2.73 -34.27 -8.17
C GLU J 324 -2.13 -32.96 -8.68
N PHE J 325 -1.57 -32.17 -7.76
CA PHE J 325 -0.91 -30.92 -8.08
C PHE J 325 0.54 -30.97 -7.62
N VAL J 326 1.41 -30.21 -8.30
CA VAL J 326 2.75 -29.93 -7.83
C VAL J 326 2.68 -28.77 -6.84
N ILE J 327 3.49 -28.89 -5.77
CA ILE J 327 3.64 -27.84 -4.77
C ILE J 327 4.69 -26.85 -5.27
N ALA J 328 4.30 -25.58 -5.35
CA ALA J 328 5.18 -24.49 -5.75
C ALA J 328 5.84 -23.86 -4.52
N ALA J 329 5.10 -23.84 -3.40
CA ALA J 329 5.57 -23.26 -2.15
C ALA J 329 4.81 -23.85 -0.96
N ILE J 330 5.46 -23.86 0.20
CA ILE J 330 4.83 -24.17 1.47
C ILE J 330 5.20 -23.10 2.49
N GLU J 331 4.17 -22.62 3.20
CA GLU J 331 4.34 -21.76 4.36
C GLU J 331 3.77 -22.48 5.58
N TYR J 332 4.58 -22.57 6.64
CA TYR J 332 4.16 -23.09 7.92
C TYR J 332 4.03 -21.93 8.91
N ARG J 333 2.86 -21.84 9.55
CA ARG J 333 2.59 -20.83 10.55
C ARG J 333 2.19 -21.52 11.85
N TRP J 334 3.02 -21.32 12.89
CA TRP J 334 2.66 -21.67 14.26
C TRP J 334 1.62 -20.67 14.76
N GLY J 335 1.00 -20.98 15.90
CA GLY J 335 0.06 -20.05 16.52
C GLY J 335 -1.34 -20.17 15.91
N VAL J 336 -1.43 -20.08 14.57
CA VAL J 336 -2.67 -20.28 13.84
C VAL J 336 -2.77 -21.76 13.42
N ASP J 337 -1.65 -22.48 13.49
CA ASP J 337 -1.45 -23.83 12.97
C ASP J 337 -1.95 -23.94 11.54
N GLU J 338 -1.20 -23.35 10.60
CA GLU J 338 -1.56 -23.39 9.20
C GLU J 338 -0.38 -23.84 8.36
N THR J 339 -0.67 -24.77 7.46
CA THR J 339 0.19 -25.10 6.33
C THR J 339 -0.49 -24.59 5.07
N ILE J 340 0.18 -23.63 4.40
CA ILE J 340 -0.36 -22.99 3.21
C ILE J 340 0.40 -23.52 2.00
N LEU J 341 -0.29 -24.35 1.21
CA LEU J 341 0.25 -24.92 -0.01
C LEU J 341 -0.09 -24.01 -1.18
N THR J 342 0.94 -23.50 -1.86
CA THR J 342 0.78 -22.94 -3.19
C THR J 342 0.91 -24.07 -4.21
N VAL J 343 -0.06 -24.15 -5.13
CA VAL J 343 -0.13 -25.23 -6.10
C VAL J 343 0.14 -24.70 -7.51
N VAL J 344 0.71 -25.59 -8.34
CA VAL J 344 1.00 -25.41 -9.76
C VAL J 344 2.18 -24.46 -9.96
N GLU J 345 1.97 -23.16 -9.68
CA GLU J 345 2.99 -22.15 -9.91
C GLU J 345 2.80 -20.98 -8.94
N LYS J 346 3.90 -20.50 -8.36
CA LYS J 346 3.89 -19.25 -7.62
C LYS J 346 4.28 -18.10 -8.55
N ARG J 347 3.55 -16.99 -8.42
CA ARG J 347 3.77 -15.78 -9.19
C ARG J 347 3.60 -14.57 -8.26
N GLY J 348 4.45 -13.56 -8.47
CA GLY J 348 4.56 -12.43 -7.56
C GLY J 348 3.58 -11.29 -7.87
N ASP J 349 3.82 -10.13 -7.26
CA ASP J 349 2.99 -8.94 -7.43
C ASP J 349 3.86 -7.77 -7.90
N VAL J 350 4.10 -6.80 -7.01
CA VAL J 350 4.93 -5.63 -7.31
C VAL J 350 6.38 -6.08 -7.45
N ASP J 351 6.74 -7.18 -6.77
CA ASP J 351 8.07 -7.74 -6.80
C ASP J 351 8.39 -8.34 -8.17
N ASP J 352 7.36 -8.83 -8.88
CA ASP J 352 7.52 -9.34 -10.24
C ASP J 352 7.81 -8.19 -11.20
N ILE J 353 7.13 -7.05 -11.02
CA ILE J 353 7.30 -5.86 -11.81
C ILE J 353 8.71 -5.30 -11.58
N LEU J 354 9.07 -5.14 -10.30
CA LEU J 354 10.35 -4.57 -9.91
C LEU J 354 11.50 -5.48 -10.32
N SER J 355 11.33 -6.80 -10.15
CA SER J 355 12.33 -7.79 -10.52
C SER J 355 12.62 -7.73 -12.02
N GLU J 356 11.56 -7.63 -12.84
CA GLU J 356 11.68 -7.57 -14.28
C GLU J 356 12.42 -6.30 -14.70
N LEU J 357 12.06 -5.16 -14.09
CA LEU J 357 12.69 -3.88 -14.38
C LEU J 357 14.16 -3.93 -13.99
N SER J 358 14.43 -4.48 -12.80
CA SER J 358 15.76 -4.58 -12.20
C SER J 358 16.66 -5.47 -13.05
N GLU J 359 16.11 -6.59 -13.52
CA GLU J 359 16.80 -7.58 -14.34
C GLU J 359 17.13 -6.97 -15.69
N SER J 360 16.22 -6.15 -16.21
CA SER J 360 16.38 -5.44 -17.48
C SER J 360 17.48 -4.39 -17.36
N VAL J 361 17.44 -3.60 -16.28
CA VAL J 361 18.37 -2.51 -16.05
C VAL J 361 19.80 -3.06 -15.94
N GLN J 362 19.96 -4.17 -15.22
CA GLN J 362 21.25 -4.80 -14.98
C GLN J 362 21.89 -5.26 -16.30
N ARG J 363 21.06 -5.79 -17.20
CA ARG J 363 21.46 -6.31 -18.50
C ARG J 363 22.02 -5.18 -19.37
N ILE J 364 21.37 -4.02 -19.31
CA ILE J 364 21.72 -2.85 -20.11
C ILE J 364 22.93 -2.14 -19.48
N GLU J 365 22.99 -2.15 -18.15
CA GLU J 365 24.08 -1.58 -17.35
C GLU J 365 25.42 -2.22 -17.76
N MET J 366 25.43 -3.54 -17.95
CA MET J 366 26.65 -4.32 -18.08
C MET J 366 26.99 -4.61 -19.55
N GLN J 367 26.33 -3.90 -20.47
CA GLN J 367 26.24 -4.30 -21.87
C GLN J 367 27.59 -4.19 -22.60
N GLY J 368 28.38 -3.17 -22.26
CA GLY J 368 29.61 -2.88 -23.00
C GLY J 368 30.86 -3.50 -22.38
N ALA J 369 30.68 -4.28 -21.31
CA ALA J 369 31.77 -4.75 -20.46
C ALA J 369 32.56 -5.86 -21.14
N ASN J 370 33.89 -5.72 -21.12
CA ASN J 370 34.82 -6.76 -21.51
C ASN J 370 35.00 -7.68 -20.30
N ARG J 371 34.59 -8.95 -20.45
CA ARG J 371 34.58 -9.87 -19.32
C ARG J 371 35.91 -10.60 -19.21
N ASP J 372 36.78 -10.36 -20.20
CA ASP J 372 38.17 -10.80 -20.21
C ASP J 372 39.09 -9.63 -19.87
N ALA J 373 38.52 -8.58 -19.26
CA ALA J 373 39.25 -7.38 -18.87
C ALA J 373 40.29 -7.72 -17.80
N PRO J 374 41.40 -6.97 -17.71
CA PRO J 374 42.33 -7.07 -16.58
C PRO J 374 41.56 -6.79 -15.29
N LYS J 375 41.78 -7.65 -14.30
CA LYS J 375 41.05 -7.59 -13.04
C LYS J 375 42.00 -7.12 -11.94
N ASN J 376 41.47 -6.31 -11.02
CA ASN J 376 42.22 -5.73 -9.92
C ASN J 376 41.42 -5.93 -8.63
N ARG J 377 42.08 -5.78 -7.47
CA ARG J 377 41.44 -6.15 -6.22
C ARG J 377 41.75 -5.14 -5.10
N ILE J 378 40.70 -4.82 -4.32
CA ILE J 378 40.86 -4.06 -3.08
C ILE J 378 40.16 -4.79 -1.94
N THR J 379 40.89 -4.96 -0.83
CA THR J 379 40.43 -5.68 0.35
C THR J 379 39.92 -4.69 1.40
N THR J 380 38.72 -4.94 1.92
CA THR J 380 38.11 -4.14 2.97
C THR J 380 38.43 -4.78 4.32
N THR J 381 39.25 -4.09 5.12
CA THR J 381 39.70 -4.58 6.42
C THR J 381 39.40 -3.54 7.50
N ASN J 382 39.21 -4.00 8.74
CA ASN J 382 38.56 -3.23 9.78
C ASN J 382 39.14 -3.59 11.16
N ALA J 383 39.58 -2.58 11.91
CA ALA J 383 40.06 -2.76 13.27
C ALA J 383 39.81 -1.51 14.11
N ALA J 384 39.79 -1.68 15.44
CA ALA J 384 39.50 -0.59 16.35
C ALA J 384 40.27 -0.72 17.66
N ALA J 385 40.70 0.44 18.18
CA ALA J 385 41.21 0.58 19.53
C ALA J 385 40.16 1.26 20.40
N ILE J 386 39.79 0.59 21.49
CA ILE J 386 39.01 1.20 22.55
C ILE J 386 40.00 1.89 23.50
N VAL J 387 39.77 3.19 23.75
CA VAL J 387 40.45 3.86 24.85
C VAL J 387 39.44 4.09 25.97
N SER J 388 39.81 3.63 27.17
CA SER J 388 38.97 3.72 28.36
C SER J 388 39.52 4.79 29.29
N VAL J 389 38.62 5.63 29.81
CA VAL J 389 38.97 6.73 30.68
C VAL J 389 38.52 6.42 32.10
N ASP J 390 39.45 6.55 33.06
CA ASP J 390 39.13 6.57 34.48
C ASP J 390 39.61 7.89 35.07
N VAL J 391 38.75 8.55 35.84
CA VAL J 391 39.10 9.77 36.55
C VAL J 391 38.91 9.55 38.06
N ASP J 392 39.98 9.83 38.80
CA ASP J 392 40.03 9.78 40.24
C ASP J 392 40.38 11.19 40.74
N ALA J 393 39.47 11.79 41.51
CA ALA J 393 39.70 13.09 42.12
C ALA J 393 39.65 12.96 43.63
N GLY J 394 40.84 12.85 44.24
CA GLY J 394 41.01 12.72 45.67
C GLY J 394 40.27 11.52 46.26
N GLY J 395 40.24 10.41 45.50
CA GLY J 395 39.67 9.16 45.96
C GLY J 395 38.22 8.94 45.49
N THR J 396 37.65 9.94 44.80
CA THR J 396 36.30 9.85 44.25
C THR J 396 36.39 9.59 42.74
N SER J 397 35.68 8.56 42.28
CA SER J 397 35.55 8.27 40.86
C SER J 397 34.50 9.19 40.24
N ALA J 398 34.75 9.60 38.99
CA ALA J 398 33.78 10.35 38.20
C ALA J 398 32.64 9.41 37.80
N ASP J 399 31.43 9.97 37.76
CA ASP J 399 30.21 9.20 37.50
C ASP J 399 30.08 8.93 36.00
N ALA J 400 30.61 9.84 35.18
CA ALA J 400 30.61 9.68 33.73
C ALA J 400 31.85 10.32 33.12
N ASP J 401 32.32 9.73 32.01
CA ASP J 401 33.46 10.22 31.24
C ASP J 401 33.16 10.08 29.74
N ARG J 402 33.67 11.02 28.94
CA ARG J 402 33.62 10.92 27.49
C ARG J 402 35.02 11.18 26.92
N PHE J 403 35.44 10.30 26.02
CA PHE J 403 36.56 10.54 25.12
C PHE J 403 36.03 11.32 23.93
N VAL J 404 36.29 12.63 23.90
CA VAL J 404 35.54 13.53 23.03
C VAL J 404 36.03 13.43 21.59
N ASN J 405 35.20 13.95 20.66
CA ASN J 405 35.42 13.86 19.23
C ASN J 405 36.73 14.54 18.83
N ASP J 406 37.12 15.57 19.58
CA ASP J 406 38.39 16.27 19.40
C ASP J 406 39.56 15.35 19.74
N GLY J 407 39.40 14.56 20.81
CA GLY J 407 40.40 13.60 21.25
C GLY J 407 40.57 12.44 20.28
N ARG J 408 39.44 11.96 19.75
CA ARG J 408 39.38 10.92 18.73
C ARG J 408 40.08 11.41 17.47
N ASN J 409 39.88 12.69 17.13
CA ASN J 409 40.46 13.31 15.94
C ASN J 409 41.95 13.57 16.14
N ALA J 410 42.36 13.90 17.37
CA ALA J 410 43.75 14.09 17.71
C ALA J 410 44.56 12.81 17.48
N VAL J 411 43.98 11.67 17.87
CA VAL J 411 44.61 10.36 17.73
C VAL J 411 44.60 9.95 16.26
N ARG J 412 43.52 10.29 15.54
CA ARG J 412 43.35 10.02 14.12
C ARG J 412 44.43 10.75 13.31
N ASP J 413 44.58 12.05 13.59
CA ASP J 413 45.51 12.91 12.87
C ASP J 413 46.95 12.51 13.19
N ALA J 414 47.19 12.00 14.39
CA ALA J 414 48.50 11.55 14.82
C ALA J 414 48.89 10.26 14.11
N TRP J 415 47.89 9.40 13.85
CA TRP J 415 48.06 8.11 13.20
C TRP J 415 48.45 8.29 11.73
N THR J 416 48.00 9.40 11.12
CA THR J 416 48.33 9.75 9.74
C THR J 416 49.76 10.29 9.64
N GLY J 417 50.32 10.70 10.79
CA GLY J 417 51.69 11.21 10.87
C GLY J 417 51.77 12.73 10.95
N ALA J 418 50.64 13.39 11.24
CA ALA J 418 50.58 14.84 11.32
C ALA J 418 51.32 15.34 12.56
N GLY J 419 51.04 14.74 13.72
CA GLY J 419 51.71 15.07 14.98
C GLY J 419 50.93 14.59 16.20
N ASN J 420 51.69 14.24 17.26
CA ASN J 420 51.16 13.67 18.49
C ASN J 420 50.50 14.76 19.33
N PRO J 421 49.41 14.45 20.08
CA PRO J 421 48.85 15.39 21.06
C PRO J 421 49.80 15.64 22.22
N ASP J 422 49.98 16.92 22.53
CA ASP J 422 50.87 17.38 23.58
C ASP J 422 50.04 17.65 24.84
N ILE J 423 49.84 16.61 25.66
CA ILE J 423 48.98 16.69 26.82
C ILE J 423 49.69 17.45 27.94
N ALA J 424 49.05 18.53 28.40
CA ALA J 424 49.71 19.56 29.20
C ALA J 424 48.97 19.82 30.52
N ASN J 425 47.63 19.95 30.46
CA ASN J 425 46.89 20.48 31.59
C ASN J 425 45.75 19.55 32.00
N ILE J 426 45.49 19.52 33.32
CA ILE J 426 44.21 19.08 33.87
C ILE J 426 43.41 20.33 34.23
N VAL J 427 42.22 20.43 33.63
CA VAL J 427 41.31 21.56 33.82
C VAL J 427 40.13 21.09 34.66
N VAL J 428 39.68 21.96 35.59
CA VAL J 428 38.55 21.64 36.45
C VAL J 428 37.50 22.75 36.35
N GLY J 429 36.24 22.36 36.58
CA GLY J 429 35.12 23.25 36.31
C GLY J 429 33.92 23.02 37.23
N ASP J 430 32.89 23.84 36.98
CA ASP J 430 31.81 24.12 37.92
C ASP J 430 30.46 23.89 37.24
N ASP J 431 30.42 22.92 36.32
CA ASP J 431 29.23 22.66 35.50
C ASP J 431 29.26 21.22 35.00
N ASN J 432 28.32 20.40 35.47
CA ASN J 432 28.29 18.98 35.12
C ASN J 432 27.35 18.72 33.94
N SER J 433 26.77 19.78 33.36
CA SER J 433 25.74 19.64 32.34
C SER J 433 26.34 19.34 30.97
N GLY J 434 25.52 18.69 30.12
CA GLY J 434 25.75 18.56 28.68
C GLY J 434 27.03 17.81 28.33
N LEU J 435 27.27 16.67 29.01
CA LEU J 435 28.40 15.81 28.72
C LEU J 435 28.11 15.03 27.43
N SER J 436 29.06 15.10 26.48
CA SER J 436 28.90 14.50 25.16
C SER J 436 30.26 14.22 24.52
N ARG J 437 30.23 13.48 23.40
CA ARG J 437 31.37 13.36 22.50
C ARG J 437 31.72 14.74 21.94
N THR J 438 30.73 15.63 21.86
CA THR J 438 30.83 16.86 21.09
C THR J 438 31.49 18.00 21.87
N ASN J 439 31.78 17.78 23.17
CA ASN J 439 32.34 18.81 24.03
C ASN J 439 33.76 19.17 23.57
N THR J 440 33.98 20.47 23.30
CA THR J 440 35.26 20.99 22.86
C THR J 440 35.96 21.75 23.99
N THR J 441 35.20 22.04 25.05
CA THR J 441 35.65 22.84 26.19
C THR J 441 34.88 22.40 27.43
N LEU J 442 35.42 22.70 28.62
CA LEU J 442 34.69 22.50 29.87
C LEU J 442 33.48 23.43 29.89
N GLY J 443 32.44 23.03 30.62
CA GLY J 443 31.24 23.83 30.80
C GLY J 443 31.55 25.21 31.37
N ASN J 444 32.33 25.24 32.45
CA ASN J 444 32.76 26.46 33.11
C ASN J 444 34.07 26.21 33.85
N GLN J 445 35.20 26.60 33.23
CA GLN J 445 36.52 26.31 33.75
C GLN J 445 36.86 27.25 34.91
N THR J 446 37.38 26.67 36.00
CA THR J 446 37.71 27.39 37.21
C THR J 446 39.22 27.39 37.47
N ASP J 447 39.89 26.25 37.22
CA ASP J 447 41.33 26.13 37.45
C ASP J 447 41.98 25.18 36.46
N SER J 448 43.31 25.32 36.28
CA SER J 448 44.13 24.57 35.34
C SER J 448 45.51 24.30 35.95
N VAL J 449 45.98 23.04 35.88
CA VAL J 449 47.25 22.62 36.47
C VAL J 449 48.01 21.72 35.50
N SER J 450 49.35 21.85 35.51
CA SER J 450 50.27 21.10 34.66
C SER J 450 50.41 19.65 35.15
N VAL J 451 50.40 18.71 34.19
CA VAL J 451 50.33 17.28 34.45
C VAL J 451 51.74 16.72 34.69
N THR J 452 51.78 15.61 35.45
CA THR J 452 52.90 14.69 35.46
C THR J 452 52.46 13.40 34.76
N GLU J 453 53.34 12.86 33.91
CA GLU J 453 53.05 11.74 33.03
C GLU J 453 53.70 10.48 33.59
N SER J 454 52.90 9.41 33.73
CA SER J 454 53.34 8.11 34.21
C SER J 454 52.84 7.03 33.26
N LEU J 455 53.67 6.00 33.05
CA LEU J 455 53.36 4.93 32.11
C LEU J 455 53.42 3.60 32.86
N PRO J 456 52.35 3.21 33.61
CA PRO J 456 52.41 2.09 34.55
C PRO J 456 52.72 0.73 33.95
N SER J 457 52.25 0.54 32.72
CA SER J 457 52.38 -0.70 31.95
C SER J 457 52.26 -0.32 30.48
N ALA J 458 52.62 -1.25 29.59
CA ALA J 458 52.20 -1.15 28.20
C ALA J 458 50.67 -1.06 28.17
N LYS J 459 50.15 -0.22 27.27
CA LYS J 459 48.73 -0.08 27.00
C LYS J 459 48.04 0.92 27.95
N VAL J 460 48.76 1.46 28.95
CA VAL J 460 48.16 2.41 29.88
C VAL J 460 49.09 3.60 30.16
N VAL J 461 48.48 4.79 30.29
CA VAL J 461 49.15 6.04 30.66
C VAL J 461 48.32 6.78 31.71
N GLU J 462 49.02 7.37 32.69
CA GLU J 462 48.41 8.13 33.77
C GLU J 462 48.91 9.57 33.74
N TYR J 463 47.96 10.51 33.85
CA TYR J 463 48.24 11.93 34.03
C TYR J 463 47.70 12.38 35.37
N SER J 464 48.57 13.01 36.18
CA SER J 464 48.18 13.39 37.54
C SER J 464 48.74 14.75 37.94
N ALA J 465 47.99 15.43 38.81
CA ALA J 465 48.29 16.78 39.30
C ALA J 465 47.67 16.97 40.69
N THR J 466 48.33 17.82 41.51
CA THR J 466 47.85 18.23 42.82
C THR J 466 47.16 19.58 42.69
N LEU J 467 45.97 19.71 43.32
CA LEU J 467 45.03 20.77 43.00
C LEU J 467 44.25 21.19 44.25
N THR J 468 43.95 22.49 44.35
CA THR J 468 43.03 23.04 45.34
C THR J 468 41.94 23.85 44.63
N GLN J 469 40.69 23.38 44.76
CA GLN J 469 39.53 24.03 44.16
C GLN J 469 38.24 23.47 44.78
N SER J 470 37.39 24.38 45.24
CA SER J 470 36.09 24.02 45.81
C SER J 470 35.06 23.89 44.69
N GLY J 471 34.13 22.93 44.87
CA GLY J 471 32.93 22.78 44.06
C GLY J 471 33.21 22.24 42.66
N VAL J 472 34.15 21.28 42.55
CA VAL J 472 34.51 20.68 41.28
C VAL J 472 33.40 19.72 40.85
N GLU J 473 32.82 20.03 39.68
CA GLU J 473 31.73 19.28 39.08
C GLU J 473 32.27 18.47 37.90
N GLU J 474 33.29 19.02 37.23
CA GLU J 474 33.82 18.48 35.98
C GLU J 474 35.34 18.61 35.93
N ILE J 475 35.98 17.65 35.22
CA ILE J 475 37.42 17.54 35.07
C ILE J 475 37.72 17.16 33.61
N GLY J 476 38.85 17.65 33.07
CA GLY J 476 39.24 17.35 31.70
C GLY J 476 40.75 17.34 31.47
N LEU J 477 41.17 16.57 30.45
CA LEU J 477 42.53 16.58 29.95
C LEU J 477 42.61 17.49 28.73
N GLU J 478 43.63 18.35 28.73
CA GLU J 478 43.77 19.40 27.73
C GLU J 478 45.21 19.42 27.22
N THR J 479 45.35 19.57 25.90
CA THR J 479 46.64 19.70 25.25
C THR J 479 47.10 21.15 25.33
N SER J 480 48.38 21.38 25.00
CA SER J 480 49.02 22.69 24.98
C SER J 480 48.23 23.69 24.12
N THR J 481 47.60 23.18 23.04
CA THR J 481 46.90 23.99 22.07
C THR J 481 45.45 24.24 22.48
N GLY J 482 45.01 23.56 23.55
CA GLY J 482 43.70 23.77 24.14
C GLY J 482 42.68 22.71 23.73
N THR J 483 43.14 21.67 23.02
CA THR J 483 42.28 20.58 22.58
C THR J 483 41.94 19.69 23.77
N LEU J 484 40.64 19.55 24.03
CA LEU J 484 40.11 18.70 25.08
C LEU J 484 40.09 17.26 24.57
N LEU J 485 40.63 16.33 25.38
CA LEU J 485 40.68 14.94 25.00
C LEU J 485 39.62 14.15 25.75
N THR J 486 39.43 14.48 27.04
CA THR J 486 38.40 13.85 27.87
C THR J 486 37.69 14.91 28.70
N ARG J 487 36.41 14.64 29.00
CA ARG J 487 35.64 15.35 30.01
C ARG J 487 34.97 14.32 30.91
N ALA J 488 35.07 14.55 32.23
CA ALA J 488 34.43 13.70 33.22
C ALA J 488 33.65 14.55 34.21
N THR J 489 32.52 14.03 34.68
CA THR J 489 31.62 14.78 35.55
C THR J 489 31.26 13.99 36.80
N PHE J 490 31.03 14.75 37.88
CA PHE J 490 30.64 14.23 39.19
C PHE J 490 29.20 14.64 39.47
N GLU J 491 28.43 13.71 40.06
CA GLU J 491 27.02 13.93 40.40
C GLU J 491 26.92 14.98 41.50
N THR J 492 27.89 15.00 42.42
CA THR J 492 27.95 15.96 43.51
C THR J 492 29.30 16.67 43.49
N PRO J 493 29.35 18.00 43.78
CA PRO J 493 30.62 18.75 43.82
C PRO J 493 31.64 18.17 44.78
N VAL J 494 32.89 18.10 44.30
CA VAL J 494 34.04 17.63 45.06
C VAL J 494 34.84 18.85 45.49
N ASP J 495 35.17 18.92 46.78
CA ASP J 495 36.10 19.92 47.28
C ASP J 495 37.50 19.31 47.30
N LEU J 496 38.40 19.90 46.51
CA LEU J 496 39.78 19.44 46.44
C LEU J 496 40.67 20.38 47.24
N SER J 497 41.48 19.79 48.13
CA SER J 497 42.42 20.54 48.96
C SER J 497 43.76 19.79 48.98
N SER J 498 44.63 20.17 48.04
CA SER J 498 45.90 19.52 47.74
C SER J 498 45.70 18.02 47.46
N ASP J 499 44.60 17.70 46.78
CA ASP J 499 44.24 16.34 46.40
C ASP J 499 44.80 16.04 45.01
N THR J 500 45.16 14.76 44.79
CA THR J 500 45.67 14.30 43.51
C THR J 500 44.49 13.94 42.61
N VAL J 501 44.43 14.60 41.45
CA VAL J 501 43.59 14.17 40.34
C VAL J 501 44.44 13.23 39.48
N THR J 502 43.89 12.05 39.17
CA THR J 502 44.49 11.11 38.23
C THR J 502 43.52 10.84 37.09
N VAL J 503 44.01 11.01 35.86
CA VAL J 503 43.31 10.54 34.68
C VAL J 503 44.11 9.38 34.08
N THR J 504 43.46 8.21 34.00
CA THR J 504 44.06 7.01 33.43
C THR J 504 43.44 6.73 32.07
N LEU J 505 44.29 6.59 31.04
CA LEU J 505 43.85 6.18 29.71
C LEU J 505 44.39 4.78 29.42
N THR J 506 43.47 3.83 29.17
CA THR J 506 43.80 2.44 28.90
C THR J 506 43.39 2.09 27.47
N VAL J 507 44.30 1.43 26.73
CA VAL J 507 44.05 1.03 25.35
C VAL J 507 43.76 -0.48 25.31
N SER J 508 42.77 -0.85 24.50
CA SER J 508 42.32 -2.22 24.33
C SER J 508 41.85 -2.46 22.89
N ASN J 509 41.80 -3.73 22.49
CA ASN J 509 41.21 -4.14 21.22
C ASN J 509 39.69 -4.11 21.35
N ASP J 510 38.99 -3.74 20.28
CA ASP J 510 37.55 -3.89 20.22
C ASP J 510 37.24 -5.32 19.78
N ASP J 511 36.81 -6.15 20.74
CA ASP J 511 36.61 -7.57 20.51
C ASP J 511 35.34 -7.85 19.71
N SER J 512 34.61 -6.79 19.34
CA SER J 512 33.40 -6.93 18.54
C SER J 512 33.72 -6.99 17.05
N VAL J 513 34.93 -6.56 16.67
CA VAL J 513 35.34 -6.61 15.28
C VAL J 513 35.77 -8.03 14.94
N SER J 514 35.06 -8.62 13.96
CA SER J 514 35.26 -10.00 13.55
C SER J 514 36.46 -10.10 12.62
N ARG J 515 37.37 -11.03 12.95
CA ARG J 515 38.45 -11.51 12.08
C ARG J 515 39.50 -10.44 11.79
N GLY J 516 39.53 -9.39 12.63
CA GLY J 516 40.60 -8.42 12.68
C GLY J 516 40.96 -8.12 14.12
N VAL J 517 42.22 -7.71 14.36
CA VAL J 517 42.71 -7.43 15.71
C VAL J 517 43.78 -6.34 15.64
N MET J 518 43.72 -5.40 16.58
CA MET J 518 44.87 -4.57 16.90
C MET J 518 45.77 -5.36 17.85
N THR J 519 47.03 -5.51 17.46
CA THR J 519 48.02 -6.29 18.20
C THR J 519 48.38 -5.56 19.50
N ASN J 520 49.11 -6.24 20.38
CA ASN J 520 49.63 -5.65 21.60
C ASN J 520 50.56 -4.48 21.28
N ASP J 521 51.31 -4.62 20.19
CA ASP J 521 52.27 -3.61 19.72
C ASP J 521 51.54 -2.39 19.17
N GLY J 522 50.40 -2.64 18.51
CA GLY J 522 49.54 -1.59 17.96
C GLY J 522 48.86 -0.79 19.06
N GLN J 523 48.40 -1.49 20.10
CA GLN J 523 47.78 -0.87 21.26
C GLN J 523 48.81 -0.04 22.04
N THR J 524 50.07 -0.53 22.05
CA THR J 524 51.20 0.18 22.64
C THR J 524 51.50 1.44 21.85
N ALA J 525 51.37 1.36 20.52
CA ALA J 525 51.58 2.49 19.63
C ALA J 525 50.54 3.58 19.88
N VAL J 526 49.28 3.20 20.10
CA VAL J 526 48.20 4.13 20.37
C VAL J 526 48.43 4.82 21.72
N ARG J 527 48.93 4.05 22.70
CA ARG J 527 49.33 4.58 24.00
C ARG J 527 50.43 5.62 23.80
N ASP J 528 51.40 5.30 22.93
CA ASP J 528 52.56 6.14 22.69
C ASP J 528 52.18 7.40 21.90
N VAL J 529 51.07 7.33 21.15
CA VAL J 529 50.49 8.49 20.48
C VAL J 529 49.99 9.47 21.54
N LEU J 530 49.29 8.94 22.55
CA LEU J 530 48.72 9.75 23.62
C LEU J 530 49.83 10.28 24.54
N ALA J 531 50.90 9.50 24.71
CA ALA J 531 51.93 9.79 25.70
C ALA J 531 53.12 10.56 25.11
N ASP J 532 53.02 10.99 23.84
CA ASP J 532 54.05 11.67 23.06
C ASP J 532 55.36 10.86 23.03
N ASN J 533 55.25 9.53 23.09
CA ASN J 533 56.36 8.67 23.50
C ASN J 533 56.93 7.86 22.34
N SER J 534 57.18 8.54 21.19
CA SER J 534 57.75 7.97 19.98
C SER J 534 57.02 6.69 19.55
N PRO J 535 55.73 6.80 19.10
CA PRO J 535 54.98 5.63 18.63
C PRO J 535 55.48 5.09 17.30
N THR J 536 55.28 3.77 17.14
CA THR J 536 55.58 3.04 15.92
C THR J 536 54.40 3.16 14.97
N LEU J 537 54.22 4.38 14.42
CA LEU J 537 53.08 4.75 13.57
C LEU J 537 53.08 3.93 12.29
N PRO J 538 51.92 3.69 11.62
CA PRO J 538 51.87 2.96 10.36
C PRO J 538 52.77 3.52 9.28
N THR J 539 53.66 2.66 8.75
CA THR J 539 54.55 3.02 7.67
C THR J 539 54.46 2.01 6.52
N ASP J 540 53.92 0.81 6.81
CA ASP J 540 53.96 -0.31 5.86
C ASP J 540 52.69 -1.13 5.92
N TYR J 541 52.50 -1.98 4.89
CA TYR J 541 51.41 -2.94 4.82
C TYR J 541 51.93 -4.28 4.30
N GLY J 542 51.42 -5.37 4.88
CA GLY J 542 51.82 -6.72 4.51
C GLY J 542 50.64 -7.60 4.13
N TYR J 543 50.91 -8.58 3.25
CA TYR J 543 49.99 -9.65 2.92
C TYR J 543 50.69 -11.00 3.11
N GLY J 544 49.94 -12.01 3.59
CA GLY J 544 50.46 -13.35 3.85
C GLY J 544 49.46 -14.43 3.47
N ASP J 545 49.71 -15.68 3.92
CA ASP J 545 48.85 -16.80 3.51
C ASP J 545 48.51 -17.79 4.64
N ASP J 546 49.00 -17.55 5.87
CA ASP J 546 48.60 -18.37 7.01
C ASP J 546 47.21 -17.91 7.48
N SER J 547 46.32 -18.89 7.73
CA SER J 547 44.93 -18.60 8.05
C SER J 547 44.61 -18.78 9.54
N THR J 548 45.65 -18.98 10.38
CA THR J 548 45.47 -19.15 11.82
C THR J 548 44.86 -17.89 12.42
N ALA J 549 43.85 -18.10 13.29
CA ALA J 549 42.95 -17.06 13.76
C ALA J 549 43.70 -15.94 14.48
N VAL J 550 43.13 -14.73 14.40
CA VAL J 550 43.74 -13.50 14.90
C VAL J 550 43.74 -13.50 16.42
N ALA J 551 44.85 -13.00 17.00
CA ALA J 551 45.01 -12.77 18.42
C ALA J 551 45.82 -11.51 18.62
N GLU J 552 45.76 -10.93 19.84
CA GLU J 552 46.49 -9.72 20.18
C GLU J 552 48.00 -10.00 20.17
N THR J 553 48.36 -11.26 20.46
CA THR J 553 49.74 -11.68 20.69
C THR J 553 50.49 -11.95 19.39
N ASP J 554 49.85 -11.68 18.24
CA ASP J 554 50.44 -11.90 16.93
C ASP J 554 51.57 -10.90 16.70
N THR J 555 52.81 -11.42 16.63
CA THR J 555 54.03 -10.63 16.52
C THR J 555 54.27 -10.21 15.06
N THR J 556 53.93 -11.13 14.14
CA THR J 556 54.25 -11.00 12.73
C THR J 556 53.15 -11.70 11.93
N LEU J 557 53.10 -11.44 10.61
CA LEU J 557 52.23 -12.18 9.71
C LEU J 557 52.77 -13.61 9.57
N GLY J 558 51.86 -14.58 9.58
CA GLY J 558 52.22 -15.97 9.34
C GLY J 558 52.50 -16.20 7.86
N ASN J 559 53.80 -16.26 7.52
CA ASN J 559 54.28 -16.40 6.15
C ASN J 559 53.85 -15.20 5.31
N GLU J 560 54.63 -14.13 5.39
CA GLU J 560 54.39 -12.92 4.62
C GLU J 560 54.84 -13.14 3.17
N LEU J 561 53.97 -12.73 2.24
CA LEU J 561 54.22 -12.86 0.81
C LEU J 561 54.85 -11.59 0.25
N ALA J 562 54.24 -10.43 0.57
CA ALA J 562 54.66 -9.15 0.04
C ALA J 562 54.44 -8.03 1.05
N ASN J 563 55.10 -6.89 0.80
CA ASN J 563 55.30 -5.81 1.75
C ASN J 563 55.51 -4.52 0.98
N THR J 564 54.68 -3.49 1.24
CA THR J 564 54.84 -2.18 0.60
C THR J 564 54.64 -1.04 1.60
N SER J 565 55.13 0.15 1.21
CA SER J 565 55.20 1.33 2.05
C SER J 565 53.90 2.14 1.98
N LEU J 566 53.58 2.82 3.09
CA LEU J 566 52.51 3.79 3.17
C LEU J 566 53.08 5.21 3.14
N GLU J 567 54.41 5.30 3.06
CA GLU J 567 55.11 6.58 2.99
C GLU J 567 55.32 6.96 1.53
N GLU J 568 55.64 5.97 0.69
CA GLU J 568 55.90 6.16 -0.73
C GLU J 568 54.87 5.38 -1.54
N ILE J 569 54.35 6.04 -2.59
CA ILE J 569 53.48 5.39 -3.56
C ILE J 569 54.17 5.42 -4.92
N LEU J 570 54.18 4.26 -5.59
CA LEU J 570 54.66 4.14 -6.95
C LEU J 570 53.61 4.72 -7.90
N ILE J 571 53.92 5.91 -8.45
CA ILE J 571 52.97 6.65 -9.26
C ILE J 571 53.11 6.31 -10.75
N GLN J 572 54.31 5.88 -11.15
CA GLN J 572 54.57 5.47 -12.53
C GLN J 572 55.64 4.39 -12.55
N SER J 573 55.47 3.41 -13.45
CA SER J 573 56.48 2.39 -13.71
C SER J 573 56.35 1.83 -15.12
N ALA J 574 57.48 1.31 -15.63
CA ALA J 574 57.54 0.53 -16.86
C ALA J 574 58.62 -0.54 -16.75
N SER J 575 58.31 -1.74 -17.28
CA SER J 575 59.16 -2.91 -17.14
C SER J 575 58.94 -3.90 -18.29
N SER J 576 58.14 -3.48 -19.28
CA SER J 576 57.73 -4.30 -20.41
C SER J 576 57.32 -3.39 -21.57
N VAL J 577 57.17 -3.98 -22.77
CA VAL J 577 56.94 -3.27 -24.02
C VAL J 577 55.67 -2.41 -23.91
N SER J 578 54.57 -3.01 -23.46
CA SER J 578 53.26 -2.38 -23.42
C SER J 578 53.21 -1.26 -22.38
N ALA J 579 53.97 -1.42 -21.29
CA ALA J 579 54.07 -0.41 -20.23
C ALA J 579 54.79 0.82 -20.76
N TRP J 580 55.89 0.59 -21.49
CA TRP J 580 56.71 1.65 -22.07
C TRP J 580 55.92 2.42 -23.14
N ASN J 581 55.13 1.70 -23.95
CA ASN J 581 54.32 2.31 -24.99
C ASN J 581 53.25 3.22 -24.39
N THR J 582 52.76 2.86 -23.20
CA THR J 582 51.71 3.59 -22.52
C THR J 582 52.24 4.92 -21.98
N ILE J 583 53.47 4.92 -21.44
CA ILE J 583 53.97 6.09 -20.73
C ILE J 583 54.78 7.01 -21.64
N LEU J 584 55.20 6.52 -22.81
CA LEU J 584 55.90 7.34 -23.79
C LEU J 584 54.91 8.22 -24.56
N GLY J 585 53.62 7.86 -24.51
CA GLY J 585 52.57 8.56 -25.23
C GLY J 585 52.62 8.24 -26.72
N THR J 586 52.06 9.16 -27.54
CA THR J 586 51.90 8.95 -28.96
C THR J 586 53.18 9.36 -29.69
N LEU J 587 54.20 8.49 -29.63
CA LEU J 587 55.38 8.63 -30.47
C LEU J 587 55.03 8.18 -31.88
N ALA J 588 55.36 9.04 -32.86
CA ALA J 588 55.16 8.73 -34.27
C ALA J 588 56.15 7.64 -34.70
N SER J 589 55.77 6.89 -35.74
CA SER J 589 56.51 5.75 -36.25
C SER J 589 57.89 6.17 -36.80
N THR J 590 58.05 7.48 -37.07
CA THR J 590 59.25 8.04 -37.68
C THR J 590 60.29 8.42 -36.61
N TYR J 591 59.94 8.26 -35.33
CA TYR J 591 60.80 8.67 -34.23
C TYR J 591 61.87 7.61 -33.97
N PRO J 592 63.17 7.98 -33.80
CA PRO J 592 64.25 6.99 -33.67
C PRO J 592 64.41 6.40 -32.27
N LEU J 593 63.35 5.76 -31.77
CA LEU J 593 63.37 5.08 -30.48
C LEU J 593 62.83 3.66 -30.62
N VAL J 594 63.50 2.72 -29.95
CA VAL J 594 63.16 1.31 -29.95
C VAL J 594 62.61 0.93 -28.58
N VAL J 595 61.42 0.31 -28.59
CA VAL J 595 60.81 -0.24 -27.39
C VAL J 595 60.94 -1.76 -27.46
N SER J 596 61.57 -2.34 -26.44
CA SER J 596 61.96 -3.74 -26.46
C SER J 596 61.72 -4.39 -25.09
N SER J 597 61.91 -5.72 -25.05
CA SER J 597 61.85 -6.50 -23.82
C SER J 597 63.02 -6.17 -22.89
N SER J 598 64.02 -5.44 -23.40
CA SER J 598 65.23 -5.11 -22.64
C SER J 598 65.29 -3.62 -22.29
N GLY J 599 64.28 -2.86 -22.71
CA GLY J 599 64.15 -1.45 -22.36
C GLY J 599 63.78 -0.56 -23.54
N ILE J 600 63.86 0.76 -23.33
CA ILE J 600 63.79 1.74 -24.41
C ILE J 600 65.19 2.25 -24.71
N ARG J 601 65.47 2.43 -26.01
CA ARG J 601 66.81 2.62 -26.55
C ARG J 601 66.70 3.49 -27.80
N PRO J 602 67.60 4.47 -28.03
CA PRO J 602 67.69 5.15 -29.34
C PRO J 602 67.99 4.18 -30.48
N ALA J 603 67.32 4.39 -31.62
CA ALA J 603 67.42 3.52 -32.78
C ALA J 603 68.75 3.76 -33.49
N GLN J 604 69.30 2.71 -34.11
CA GLN J 604 70.42 2.86 -35.03
C GLN J 604 69.94 3.69 -36.22
N THR J 605 70.69 4.75 -36.52
CA THR J 605 70.23 5.79 -37.42
C THR J 605 71.23 5.96 -38.57
N ALA J 606 72.47 5.55 -38.34
CA ALA J 606 73.51 5.47 -39.37
C ALA J 606 74.07 4.05 -39.42
N TRP J 607 74.34 3.59 -40.64
CA TRP J 607 74.86 2.25 -40.88
C TRP J 607 76.27 2.34 -41.47
N THR J 608 77.12 3.09 -40.76
CA THR J 608 78.50 3.41 -41.13
C THR J 608 79.31 2.12 -41.27
N THR J 609 79.65 1.78 -42.52
CA THR J 609 80.35 0.54 -42.84
C THR J 609 81.68 0.85 -43.51
N GLU J 610 82.73 0.20 -43.00
CA GLU J 610 84.10 0.32 -43.47
C GLU J 610 84.23 -0.38 -44.83
N SER J 611 85.27 0.02 -45.58
CA SER J 611 85.61 -0.50 -46.89
C SER J 611 85.64 -2.03 -46.91
N ASP J 612 86.41 -2.63 -45.97
CA ASP J 612 86.73 -4.04 -45.96
C ASP J 612 85.53 -4.89 -45.56
N ASN J 613 84.45 -4.23 -45.13
CA ASN J 613 83.29 -4.88 -44.53
C ASN J 613 82.15 -4.99 -45.56
N LEU J 614 82.25 -4.23 -46.66
CA LEU J 614 81.28 -4.24 -47.75
C LEU J 614 81.41 -5.53 -48.56
N ALA J 615 80.34 -5.91 -49.27
CA ALA J 615 80.35 -7.04 -50.17
C ALA J 615 81.05 -6.65 -51.49
N GLN J 616 82.15 -7.35 -51.78
CA GLN J 616 83.03 -7.02 -52.89
C GLN J 616 82.62 -7.78 -54.15
N SER J 617 82.80 -7.14 -55.31
CA SER J 617 82.86 -7.81 -56.60
C SER J 617 83.70 -7.01 -57.58
N GLY J 618 84.88 -7.56 -57.92
CA GLY J 618 85.75 -7.06 -58.98
C GLY J 618 86.45 -5.75 -58.64
N THR J 619 86.23 -5.25 -57.42
CA THR J 619 86.70 -3.94 -56.98
C THR J 619 88.15 -4.05 -56.48
N ALA J 620 88.93 -2.98 -56.69
CA ALA J 620 90.37 -2.98 -56.43
C ALA J 620 90.65 -2.64 -54.97
N LEU J 621 91.61 -3.37 -54.38
CA LEU J 621 92.09 -3.11 -53.02
C LEU J 621 93.06 -1.93 -53.07
N VAL J 622 92.62 -0.78 -52.53
CA VAL J 622 93.36 0.47 -52.57
C VAL J 622 93.86 0.80 -51.16
N THR J 623 95.19 1.03 -51.03
CA THR J 623 95.82 1.31 -49.75
C THR J 623 96.50 2.69 -49.78
N VAL J 624 95.98 3.62 -48.97
CA VAL J 624 96.62 4.89 -48.65
C VAL J 624 96.31 5.21 -47.19
N GLY J 625 97.30 5.73 -46.46
CA GLY J 625 97.27 5.91 -45.01
C GLY J 625 96.12 6.79 -44.50
N ASP J 626 95.68 7.75 -45.32
CA ASP J 626 94.66 8.70 -44.90
C ASP J 626 93.25 8.20 -45.19
N TYR J 627 93.14 7.00 -45.78
CA TYR J 627 91.87 6.30 -45.83
C TYR J 627 91.63 5.59 -44.50
N SER J 628 90.35 5.45 -44.13
CA SER J 628 89.91 4.76 -42.93
C SER J 628 90.23 3.27 -43.04
N ASN J 629 90.90 2.78 -41.99
CA ASN J 629 91.49 1.45 -41.86
C ASN J 629 92.66 1.30 -42.83
N GLY J 630 93.13 2.45 -43.34
CA GLY J 630 94.24 2.52 -44.29
C GLY J 630 93.84 2.05 -45.69
N GLU J 631 92.55 1.77 -45.91
CA GLU J 631 92.12 1.15 -47.16
C GLU J 631 90.70 1.56 -47.58
N ALA J 632 90.49 1.42 -48.90
CA ALA J 632 89.27 1.78 -49.60
C ALA J 632 89.06 0.82 -50.77
N GLU J 633 87.84 0.80 -51.32
CA GLU J 633 87.51 -0.07 -52.44
C GLU J 633 87.45 0.76 -53.72
N GLY J 634 88.25 0.34 -54.72
CA GLY J 634 88.33 1.02 -56.00
C GLY J 634 87.33 0.48 -57.01
N LEU J 635 86.32 1.29 -57.35
CA LEU J 635 85.39 0.99 -58.41
C LEU J 635 86.09 1.23 -59.76
N ASP J 636 86.69 0.14 -60.27
CA ASP J 636 87.73 0.19 -61.28
C ASP J 636 87.15 0.25 -62.70
N SER J 637 86.01 -0.43 -62.92
CA SER J 637 85.61 -0.85 -64.26
C SER J 637 84.11 -1.14 -64.32
N PRO J 638 83.50 -1.27 -65.54
CA PRO J 638 82.06 -1.53 -65.66
C PRO J 638 81.62 -2.82 -65.00
N GLY J 639 80.50 -2.75 -64.27
CA GLY J 639 79.81 -3.91 -63.72
C GLY J 639 80.44 -4.46 -62.44
N ASP J 640 81.36 -3.69 -61.83
CA ASP J 640 82.00 -4.05 -60.57
C ASP J 640 81.37 -3.24 -59.43
N THR J 641 81.02 -3.92 -58.33
CA THR J 641 79.98 -3.45 -57.43
C THR J 641 80.34 -3.61 -55.95
N LEU J 642 79.66 -2.81 -55.11
CA LEU J 642 79.72 -2.84 -53.66
C LEU J 642 78.31 -2.87 -53.09
N GLU J 643 78.05 -3.79 -52.14
CA GLU J 643 76.71 -3.97 -51.58
C GLU J 643 76.74 -3.89 -50.06
N LEU J 644 75.65 -3.33 -49.50
CA LEU J 644 75.47 -3.15 -48.06
C LEU J 644 74.02 -3.47 -47.71
N SER J 645 73.84 -4.21 -46.60
CA SER J 645 72.52 -4.56 -46.07
C SER J 645 72.28 -3.83 -44.75
N PHE J 646 71.06 -3.30 -44.58
CA PHE J 646 70.62 -2.75 -43.30
C PHE J 646 69.12 -2.97 -43.09
N THR J 647 68.72 -3.02 -41.81
CA THR J 647 67.33 -3.09 -41.40
C THR J 647 67.04 -1.91 -40.47
N PRO J 648 66.28 -0.88 -40.90
CA PRO J 648 65.92 0.23 -40.01
C PRO J 648 64.90 -0.21 -38.96
N GLU J 649 65.09 0.25 -37.72
CA GLU J 649 64.25 -0.10 -36.59
C GLU J 649 63.31 1.06 -36.26
N HIS J 650 63.12 1.96 -37.23
CA HIS J 650 62.12 3.02 -37.25
C HIS J 650 61.82 3.35 -38.72
N ASP J 651 60.77 4.12 -38.98
CA ASP J 651 60.51 4.59 -40.34
C ASP J 651 61.45 5.74 -40.66
N ILE J 652 62.19 5.65 -41.77
CA ILE J 652 62.98 6.76 -42.27
C ILE J 652 62.14 7.51 -43.30
N PRO J 653 61.71 8.78 -43.03
CA PRO J 653 61.00 9.57 -44.03
C PRO J 653 61.93 9.88 -45.20
N GLY J 654 61.36 9.86 -46.42
CA GLY J 654 62.10 9.83 -47.68
C GLY J 654 63.04 11.02 -47.86
N GLU J 655 62.60 12.20 -47.40
CA GLU J 655 63.33 13.44 -47.52
C GLU J 655 64.60 13.40 -46.67
N GLU J 656 64.61 12.53 -45.66
CA GLU J 656 65.62 12.52 -44.61
C GLU J 656 66.75 11.55 -44.92
N PHE J 657 66.51 10.61 -45.86
CA PHE J 657 67.51 9.62 -46.21
C PHE J 657 68.67 10.28 -46.94
N ALA J 658 69.89 9.91 -46.54
CA ALA J 658 71.12 10.40 -47.15
C ALA J 658 72.13 9.26 -47.23
N LEU J 659 72.92 9.27 -48.30
CA LEU J 659 73.97 8.28 -48.51
C LEU J 659 75.31 9.00 -48.55
N TRP J 660 75.92 9.13 -47.36
CA TRP J 660 77.24 9.69 -47.24
C TRP J 660 78.30 8.66 -47.65
N CYS J 661 79.14 9.06 -48.60
CA CYS J 661 80.34 8.31 -48.94
C CYS J 661 81.56 9.20 -48.71
N ARG J 662 82.59 8.60 -48.11
CA ARG J 662 83.92 9.18 -48.14
C ARG J 662 84.64 8.58 -49.34
N ILE J 663 84.87 9.40 -50.36
CA ILE J 663 85.22 8.92 -51.69
C ILE J 663 86.24 9.87 -52.34
N GLU J 664 87.20 9.29 -53.08
CA GLU J 664 88.25 10.02 -53.76
C GLU J 664 88.57 9.36 -55.10
N THR J 665 88.85 10.18 -56.11
CA THR J 665 89.18 9.74 -57.46
C THR J 665 90.70 9.66 -57.63
N ASP J 666 91.20 8.52 -58.16
CA ASP J 666 92.54 8.35 -58.68
C ASP J 666 93.62 8.79 -57.68
N LEU J 667 93.46 8.39 -56.41
CA LEU J 667 94.36 8.71 -55.30
C LEU J 667 94.61 10.23 -55.20
N GLY J 668 93.63 11.03 -55.64
CA GLY J 668 93.70 12.48 -55.60
C GLY J 668 94.06 13.11 -56.94
N GLY J 669 94.21 12.28 -57.98
CA GLY J 669 94.55 12.71 -59.33
C GLY J 669 93.43 13.49 -60.01
N THR J 670 93.74 14.07 -61.16
CA THR J 670 92.86 15.00 -61.87
C THR J 670 91.85 14.27 -62.74
N ASP J 671 92.10 12.98 -63.01
CA ASP J 671 91.49 12.28 -64.12
C ASP J 671 90.27 11.46 -63.68
N PRO J 672 89.11 11.58 -64.37
CA PRO J 672 87.85 10.98 -63.93
C PRO J 672 87.82 9.48 -63.62
N GLY J 673 86.97 9.12 -62.65
CA GLY J 673 86.52 7.76 -62.46
C GLY J 673 85.29 7.45 -63.31
N PRO J 674 84.72 6.23 -63.24
CA PRO J 674 83.51 5.90 -63.98
C PRO J 674 82.27 6.62 -63.44
N GLU J 675 81.19 6.64 -64.25
CA GLU J 675 79.89 7.06 -63.75
C GLU J 675 79.33 5.98 -62.83
N ILE J 676 78.74 6.41 -61.71
CA ILE J 676 78.29 5.50 -60.66
C ILE J 676 76.75 5.52 -60.59
N THR J 677 76.16 4.33 -60.61
CA THR J 677 74.74 4.10 -60.40
C THR J 677 74.53 3.49 -59.01
N VAL J 678 73.51 3.99 -58.31
CA VAL J 678 73.14 3.48 -57.00
C VAL J 678 71.75 2.85 -57.11
N THR J 679 71.64 1.57 -56.69
CA THR J 679 70.39 0.86 -56.64
C THR J 679 70.04 0.57 -55.17
N LEU J 680 68.85 1.04 -54.75
CA LEU J 680 68.34 0.78 -53.42
C LEU J 680 67.12 -0.14 -53.52
N ASP J 681 67.14 -1.18 -52.70
CA ASP J 681 66.17 -2.28 -52.72
C ASP J 681 65.49 -2.34 -51.36
N ILE J 682 64.17 -2.07 -51.34
CA ILE J 682 63.34 -2.21 -50.15
C ILE J 682 62.38 -3.37 -50.38
N ASP J 683 62.69 -4.53 -49.79
CA ASP J 683 61.87 -5.74 -49.87
C ASP J 683 61.49 -6.07 -51.31
N GLY J 684 62.39 -5.81 -52.27
CA GLY J 684 62.16 -6.16 -53.66
C GLY J 684 61.81 -4.97 -54.55
N ASP J 685 61.43 -3.83 -53.94
CA ASP J 685 61.19 -2.59 -54.66
C ASP J 685 62.54 -1.92 -54.94
N THR J 686 62.85 -1.74 -56.24
CA THR J 686 64.14 -1.18 -56.65
C THR J 686 63.99 0.27 -57.10
N TYR J 687 64.88 1.11 -56.56
CA TYR J 687 65.03 2.52 -56.87
C TYR J 687 66.45 2.74 -57.37
N SER J 688 66.60 3.21 -58.62
CA SER J 688 67.91 3.38 -59.22
C SER J 688 68.13 4.84 -59.64
N TRP J 689 69.32 5.36 -59.34
CA TRP J 689 69.69 6.72 -59.70
C TRP J 689 71.19 6.84 -60.01
N VAL J 690 71.56 7.91 -60.73
CA VAL J 690 72.92 8.12 -61.23
C VAL J 690 73.45 9.41 -60.61
N PRO J 691 74.08 9.38 -59.41
CA PRO J 691 74.62 10.58 -58.78
C PRO J 691 75.95 11.14 -59.32
N ILE J 692 76.82 10.27 -59.86
CA ILE J 692 78.13 10.69 -60.36
C ILE J 692 78.12 10.59 -61.90
N GLY J 693 78.57 11.66 -62.56
CA GLY J 693 78.66 11.72 -64.01
C GLY J 693 79.87 10.95 -64.56
N THR J 694 80.00 10.96 -65.90
CA THR J 694 81.04 10.23 -66.62
C THR J 694 82.38 10.95 -66.50
N ASN J 695 82.34 12.24 -66.15
CA ASN J 695 83.48 13.14 -66.22
C ASN J 695 83.53 13.99 -64.95
N THR J 696 84.06 13.40 -63.86
CA THR J 696 84.13 14.04 -62.56
C THR J 696 85.25 13.40 -61.73
N ALA J 697 85.93 14.24 -60.92
CA ALA J 697 86.88 13.79 -59.91
C ALA J 697 86.55 14.43 -58.57
N LEU J 698 86.59 13.60 -57.51
CA LEU J 698 86.24 14.02 -56.17
C LEU J 698 87.50 14.01 -55.29
N GLY J 699 87.76 15.15 -54.63
CA GLY J 699 88.76 15.20 -53.57
C GLY J 699 88.29 14.42 -52.35
N LEU J 700 89.22 13.92 -51.53
CA LEU J 700 88.88 13.09 -50.39
C LEU J 700 88.06 13.90 -49.38
N ASN J 701 86.76 13.60 -49.34
CA ASN J 701 85.77 14.34 -48.56
C ASN J 701 84.52 13.48 -48.39
N TRP J 702 83.61 13.95 -47.53
CA TRP J 702 82.30 13.34 -47.33
C TRP J 702 81.30 13.97 -48.30
N TYR J 703 80.63 13.12 -49.08
CA TYR J 703 79.65 13.56 -50.09
C TYR J 703 78.34 12.79 -49.91
N ASP J 704 77.21 13.50 -50.07
CA ASP J 704 75.91 12.86 -50.08
C ASP J 704 75.54 12.47 -51.51
N LEU J 705 75.40 11.16 -51.74
CA LEU J 705 75.06 10.64 -53.06
C LEU J 705 73.55 10.52 -53.22
N ALA J 706 72.78 10.85 -52.17
CA ALA J 706 71.33 10.77 -52.24
C ALA J 706 70.75 12.09 -52.75
N ASN J 707 71.07 13.20 -52.10
CA ASN J 707 70.37 14.46 -52.31
C ASN J 707 71.18 15.42 -53.18
N ASN J 708 72.42 15.05 -53.51
CA ASN J 708 73.26 15.84 -54.39
C ASN J 708 73.79 14.98 -55.53
N THR J 709 73.99 15.61 -56.70
CA THR J 709 74.63 14.98 -57.85
C THR J 709 75.91 15.74 -58.21
N PHE J 710 76.90 14.99 -58.68
CA PHE J 710 78.18 15.54 -59.10
C PHE J 710 78.41 15.12 -60.55
N GLY J 711 77.80 15.88 -61.47
CA GLY J 711 77.81 15.60 -62.89
C GLY J 711 76.79 14.53 -63.30
N GLY J 712 76.17 13.88 -62.30
CA GLY J 712 75.16 12.86 -62.51
C GLY J 712 73.83 13.46 -63.00
N SER J 713 72.83 12.60 -63.20
CA SER J 713 71.61 12.98 -63.90
C SER J 713 70.38 12.93 -63.00
N SER J 714 70.42 12.15 -61.91
CA SER J 714 69.26 11.97 -61.03
C SER J 714 69.68 11.67 -59.59
N THR J 715 68.80 12.06 -58.64
CA THR J 715 69.00 11.92 -57.19
C THR J 715 68.16 10.75 -56.66
N TYR J 716 68.26 10.51 -55.34
CA TYR J 716 67.36 9.61 -54.62
C TYR J 716 65.91 10.07 -54.79
N PRO J 717 64.97 9.16 -55.13
CA PRO J 717 63.56 9.53 -55.35
C PRO J 717 62.68 9.80 -54.14
N ASP J 718 63.29 10.07 -52.98
CA ASP J 718 62.64 10.53 -51.75
C ASP J 718 61.55 9.57 -51.25
N THR J 719 61.78 8.25 -51.35
CA THR J 719 60.82 7.27 -50.87
C THR J 719 61.02 7.02 -49.36
N ASP J 720 59.89 6.80 -48.65
CA ASP J 720 59.90 6.42 -47.25
C ASP J 720 60.40 4.98 -47.12
N ILE J 721 61.15 4.71 -46.05
CA ILE J 721 61.65 3.38 -45.76
C ILE J 721 60.95 2.88 -44.49
N PRO J 722 60.04 1.88 -44.58
CA PRO J 722 59.38 1.32 -43.40
C PRO J 722 60.33 0.58 -42.45
N GLU J 723 59.94 0.56 -41.17
CA GLU J 723 60.56 -0.23 -40.12
C GLU J 723 60.57 -1.70 -40.53
N GLY J 724 61.71 -2.36 -40.32
CA GLY J 724 61.82 -3.80 -40.47
C GLY J 724 61.97 -4.26 -41.91
N SER J 725 61.97 -3.30 -42.86
CA SER J 725 62.31 -3.57 -44.24
C SER J 725 63.76 -4.06 -44.31
N THR J 726 64.01 -5.08 -45.14
CA THR J 726 65.38 -5.41 -45.48
C THR J 726 65.82 -4.49 -46.61
N VAL J 727 66.79 -3.62 -46.31
CA VAL J 727 67.25 -2.63 -47.27
C VAL J 727 68.62 -3.03 -47.78
N THR J 728 68.70 -3.29 -49.09
CA THR J 728 69.94 -3.55 -49.79
C THR J 728 70.30 -2.33 -50.63
N LEU J 729 71.55 -1.88 -50.50
CA LEU J 729 72.08 -0.77 -51.26
C LEU J 729 73.29 -1.25 -52.05
N SER J 730 73.21 -1.11 -53.39
CA SER J 730 74.31 -1.51 -54.25
C SER J 730 74.80 -0.33 -55.08
N ILE J 731 76.12 -0.11 -55.03
CA ILE J 731 76.80 0.89 -55.84
C ILE J 731 77.53 0.17 -56.98
N GLU J 732 77.29 0.65 -58.21
CA GLU J 732 77.76 0.03 -59.43
C GLU J 732 78.42 1.09 -60.31
N ALA J 733 79.67 0.84 -60.71
CA ALA J 733 80.31 1.59 -61.78
C ALA J 733 79.74 1.11 -63.11
N THR J 734 78.99 1.99 -63.79
CA THR J 734 78.16 1.57 -64.91
C THR J 734 78.84 1.87 -66.27
N SER J 735 80.08 2.37 -66.22
CA SER J 735 80.84 2.70 -67.42
C SER J 735 82.35 2.52 -67.20
N SER J 736 83.14 2.92 -68.20
CA SER J 736 84.59 2.74 -68.22
C SER J 736 85.29 3.83 -67.42
N SER J 737 86.57 3.57 -67.10
CA SER J 737 87.39 4.40 -66.22
C SER J 737 88.48 5.11 -67.02
N VAL J 738 88.66 6.41 -66.76
CA VAL J 738 89.84 7.11 -67.26
C VAL J 738 91.02 6.74 -66.37
N SER J 739 90.76 6.67 -65.05
CA SER J 739 91.76 6.41 -64.03
C SER J 739 91.65 4.96 -63.56
N GLY J 740 92.78 4.23 -63.66
CA GLY J 740 92.84 2.79 -63.44
C GLY J 740 92.54 2.37 -62.00
N GLN J 741 92.71 3.30 -61.05
CA GLN J 741 92.50 3.01 -59.64
C GLN J 741 91.06 3.36 -59.23
N GLY J 742 90.32 4.00 -60.14
CA GLY J 742 88.88 4.24 -60.02
C GLY J 742 88.52 5.27 -58.96
N HIS J 743 87.22 5.39 -58.67
CA HIS J 743 86.75 6.05 -57.46
C HIS J 743 86.95 5.10 -56.28
N ALA J 744 87.81 5.50 -55.34
CA ALA J 744 88.04 4.74 -54.13
C ALA J 744 87.06 5.20 -53.05
N VAL J 745 86.18 4.30 -52.60
CA VAL J 745 85.26 4.60 -51.52
C VAL J 745 85.78 3.95 -50.23
N ASP J 746 85.84 4.78 -49.19
CA ASP J 746 86.66 4.53 -48.01
C ASP J 746 85.82 3.98 -46.85
N VAL J 747 84.56 4.45 -46.81
CA VAL J 747 83.53 4.18 -45.82
C VAL J 747 82.17 4.66 -46.37
N MET J 748 81.13 3.84 -46.17
CA MET J 748 79.78 4.11 -46.64
C MET J 748 78.85 4.32 -45.44
N ALA J 749 78.07 5.41 -45.52
CA ALA J 749 77.15 5.77 -44.45
C ALA J 749 75.77 6.07 -45.03
N PRO J 750 74.89 5.04 -45.17
CA PRO J 750 73.46 5.28 -45.29
C PRO J 750 73.01 5.75 -43.91
N LEU J 751 72.38 6.93 -43.87
CA LEU J 751 71.91 7.49 -42.61
C LEU J 751 70.62 8.26 -42.79
N ASP J 752 69.86 8.34 -41.70
CA ASP J 752 68.75 9.27 -41.53
C ASP J 752 69.32 10.58 -41.00
N ALA J 753 69.01 11.68 -41.69
CA ALA J 753 69.64 12.98 -41.49
C ALA J 753 69.24 13.63 -40.17
N LEU J 754 68.13 13.15 -39.57
CA LEU J 754 67.63 13.56 -38.26
C LEU J 754 67.21 15.03 -38.25
N THR J 755 66.85 15.58 -39.42
CA THR J 755 66.52 16.99 -39.55
C THR J 755 65.17 17.32 -38.89
N ARG J 756 64.36 16.29 -38.59
CA ARG J 756 63.13 16.47 -37.84
C ARG J 756 63.44 16.70 -36.36
N VAL J 757 64.56 16.13 -35.89
CA VAL J 757 64.96 16.16 -34.49
C VAL J 757 65.83 17.39 -34.24
N THR J 758 66.90 17.54 -35.03
CA THR J 758 67.78 18.70 -34.99
C THR J 758 67.39 19.63 -36.14
N GLY J 759 67.01 20.88 -35.78
CA GLY J 759 66.35 21.82 -36.67
C GLY J 759 67.20 22.35 -37.82
N GLY J 760 68.48 21.96 -37.87
CA GLY J 760 69.38 22.30 -38.96
C GLY J 760 68.99 21.56 -40.24
N SER J 761 69.30 22.16 -41.40
CA SER J 761 68.77 21.73 -42.68
C SER J 761 69.53 20.55 -43.28
N ASP J 762 70.55 20.03 -42.56
CA ASP J 762 71.43 19.01 -43.11
C ASP J 762 71.96 18.11 -42.00
N ALA J 763 72.47 16.92 -42.39
CA ALA J 763 72.91 15.88 -41.46
C ALA J 763 74.16 16.30 -40.69
N THR J 764 74.88 17.32 -41.20
CA THR J 764 76.06 17.88 -40.55
C THR J 764 75.72 18.41 -39.15
N SER J 765 74.44 18.76 -38.95
CA SER J 765 73.95 19.33 -37.70
C SER J 765 73.82 18.27 -36.61
N ALA J 766 73.78 16.99 -37.00
CA ALA J 766 73.44 15.90 -36.10
C ALA J 766 74.58 14.90 -35.92
N TYR J 767 75.48 14.81 -36.91
CA TYR J 767 76.56 13.84 -36.91
C TYR J 767 77.91 14.53 -37.10
N THR J 768 78.98 13.89 -36.61
CA THR J 768 80.34 14.25 -36.95
C THR J 768 80.66 13.75 -38.36
N PHE J 769 81.41 14.56 -39.13
CA PHE J 769 81.95 14.14 -40.41
C PHE J 769 83.40 14.61 -40.53
N ASP J 770 84.27 14.10 -39.64
CA ASP J 770 85.67 14.48 -39.61
C ASP J 770 86.39 13.86 -40.81
N ASN J 771 87.43 14.55 -41.29
CA ASN J 771 88.07 14.22 -42.56
C ASN J 771 89.58 14.15 -42.39
N ASN J 772 90.04 13.61 -41.25
CA ASN J 772 91.46 13.53 -40.93
C ASN J 772 91.69 12.45 -39.88
N ASN J 773 92.17 11.28 -40.33
CA ASN J 773 92.46 10.15 -39.46
C ASN J 773 93.92 10.18 -38.99
N GLY J 774 94.65 11.23 -39.37
CA GLY J 774 96.06 11.39 -39.00
C GLY J 774 97.02 10.70 -39.97
N GLY J 775 96.47 10.14 -41.06
CA GLY J 775 97.22 9.68 -42.22
C GLY J 775 98.08 8.44 -41.97
N SER J 776 97.83 7.72 -40.88
CA SER J 776 98.72 6.66 -40.41
C SER J 776 98.07 5.29 -40.48
N GLY J 777 97.06 5.16 -41.37
CA GLY J 777 96.27 3.94 -41.50
C GLY J 777 95.23 3.83 -40.38
N GLY J 778 94.81 4.98 -39.86
CA GLY J 778 93.99 5.06 -38.65
C GLY J 778 92.49 5.02 -38.94
N TYR J 779 91.71 5.11 -37.86
CA TYR J 779 90.25 5.12 -37.90
C TYR J 779 89.75 6.56 -37.74
N LEU J 780 88.44 6.74 -37.90
CA LEU J 780 87.83 8.05 -38.11
C LEU J 780 86.63 8.17 -37.16
N ASP J 781 86.42 9.38 -36.61
CA ASP J 781 85.30 9.62 -35.70
C ASP J 781 83.98 9.37 -36.42
N GLY J 782 83.80 10.05 -37.57
CA GLY J 782 82.81 9.70 -38.58
C GLY J 782 81.37 9.87 -38.13
N PRO J 783 80.38 9.58 -39.01
CA PRO J 783 78.97 9.56 -38.63
C PRO J 783 78.73 8.44 -37.62
N GLU J 784 78.38 8.84 -36.40
CA GLU J 784 78.11 7.95 -35.28
C GLU J 784 76.83 7.17 -35.58
N LEU J 785 76.73 5.93 -35.07
CA LEU J 785 75.66 5.03 -35.45
C LEU J 785 74.30 5.51 -34.93
N TYR J 786 74.32 6.28 -33.82
CA TYR J 786 73.12 6.61 -33.06
C TYR J 786 72.88 8.12 -33.03
N PRO J 787 71.63 8.59 -32.80
CA PRO J 787 71.36 10.03 -32.62
C PRO J 787 71.93 10.54 -31.30
N ASP J 788 72.26 11.83 -31.27
CA ASP J 788 73.09 12.43 -30.23
C ASP J 788 72.37 12.40 -28.88
N GLN J 789 71.17 12.98 -28.83
CA GLN J 789 70.39 13.14 -27.62
C GLN J 789 68.90 13.08 -28.00
N LEU J 790 68.20 12.12 -27.41
CA LEU J 790 66.75 12.14 -27.43
C LEU J 790 66.26 12.57 -26.05
N ILE J 791 65.48 13.65 -26.02
CA ILE J 791 64.80 14.08 -24.82
C ILE J 791 63.36 13.54 -24.87
N LEU J 792 63.06 12.62 -23.95
CA LEU J 792 61.81 11.90 -23.93
C LEU J 792 60.92 12.46 -22.83
N SER J 793 59.76 13.00 -23.24
CA SER J 793 58.74 13.47 -22.33
C SER J 793 57.80 12.32 -21.99
N LEU J 794 57.77 11.92 -20.72
CA LEU J 794 56.88 10.85 -20.28
C LEU J 794 55.52 11.45 -19.94
N GLU J 795 54.47 10.63 -20.12
CA GLU J 795 53.11 10.98 -19.73
C GLU J 795 53.08 11.36 -18.26
N THR J 796 52.26 12.38 -17.94
CA THR J 796 52.10 12.93 -16.61
C THR J 796 51.70 11.82 -15.63
N ALA J 797 52.47 11.68 -14.55
CA ALA J 797 52.11 10.78 -13.46
C ALA J 797 51.15 11.51 -12.53
N THR J 798 49.88 11.05 -12.52
CA THR J 798 48.78 11.77 -11.90
C THR J 798 48.59 11.34 -10.45
N THR J 799 48.21 12.30 -9.58
CA THR J 799 47.93 12.07 -8.17
C THR J 799 46.62 12.75 -7.78
N ARG J 800 46.01 12.29 -6.67
CA ARG J 800 44.84 12.93 -6.10
C ARG J 800 45.26 13.91 -5.00
N ARG J 801 46.55 13.87 -4.62
CA ARG J 801 47.07 14.58 -3.46
C ARG J 801 48.40 15.24 -3.81
N ASN J 802 48.90 16.11 -2.92
CA ASN J 802 50.11 16.88 -3.14
C ASN J 802 51.34 15.96 -3.07
N VAL J 803 52.22 16.12 -4.05
CA VAL J 803 53.55 15.52 -4.04
C VAL J 803 54.53 16.59 -3.56
N SER J 804 55.25 16.30 -2.48
CA SER J 804 56.25 17.22 -1.95
C SER J 804 57.65 16.85 -2.47
N GLU J 805 57.92 15.54 -2.54
CA GLU J 805 59.18 15.02 -3.04
C GLU J 805 58.95 13.71 -3.78
N ALA J 806 59.89 13.38 -4.67
CA ALA J 806 59.81 12.17 -5.50
C ALA J 806 61.18 11.54 -5.65
N ARG J 807 61.16 10.23 -5.95
CA ARG J 807 62.34 9.38 -6.02
C ARG J 807 62.18 8.48 -7.24
N PHE J 808 63.28 8.26 -7.98
CA PHE J 808 63.22 7.41 -9.16
C PHE J 808 64.22 6.26 -9.06
N THR J 809 63.91 5.19 -9.81
CA THR J 809 64.75 4.02 -9.99
C THR J 809 64.65 3.57 -11.44
N LEU J 810 65.79 3.10 -11.97
CA LEU J 810 66.01 2.92 -13.40
C LEU J 810 67.17 1.94 -13.55
N THR J 811 67.11 1.09 -14.58
CA THR J 811 68.22 0.21 -14.93
C THR J 811 68.78 0.64 -16.28
N ALA J 812 70.11 0.83 -16.34
CA ALA J 812 70.76 1.37 -17.52
C ALA J 812 72.04 0.62 -17.85
N ASN J 813 72.42 0.65 -19.14
CA ASN J 813 73.66 0.05 -19.62
C ASN J 813 74.82 1.04 -19.45
N ASP J 814 74.51 2.35 -19.52
CA ASP J 814 75.45 3.44 -19.28
C ASP J 814 74.69 4.67 -18.80
N THR J 815 75.41 5.58 -18.11
CA THR J 815 74.82 6.78 -17.52
C THR J 815 75.72 8.00 -17.69
N SER J 816 76.69 7.92 -18.61
CA SER J 816 77.68 8.96 -18.84
C SER J 816 77.10 10.11 -19.66
N GLY J 817 77.92 11.16 -19.87
CA GLY J 817 77.60 12.25 -20.77
C GLY J 817 76.41 13.08 -20.30
N ASN J 818 75.45 13.30 -21.21
CA ASN J 818 74.32 14.19 -20.97
C ASN J 818 73.11 13.41 -20.45
N PHE J 819 73.34 12.27 -19.77
CA PHE J 819 72.26 11.51 -19.19
C PHE J 819 71.67 12.28 -18.00
N TYR J 820 70.35 12.50 -18.06
CA TYR J 820 69.63 13.11 -16.95
C TYR J 820 68.18 12.65 -16.88
N VAL J 821 67.62 12.76 -15.67
CA VAL J 821 66.19 12.69 -15.43
C VAL J 821 65.76 14.03 -14.81
N GLU J 822 64.72 14.63 -15.40
CA GLU J 822 64.15 15.90 -14.98
C GLU J 822 62.74 15.68 -14.45
N LEU J 823 62.43 16.27 -13.28
CA LEU J 823 61.13 16.10 -12.63
C LEU J 823 60.54 17.46 -12.26
N ALA J 824 59.21 17.59 -12.40
CA ALA J 824 58.49 18.81 -12.08
C ALA J 824 57.16 18.52 -11.38
N ASN J 825 56.70 19.52 -10.60
CA ASN J 825 55.42 19.53 -9.89
C ASN J 825 54.42 20.42 -10.61
N ASP J 826 54.94 21.51 -11.21
CA ASP J 826 54.15 22.63 -11.68
C ASP J 826 53.99 22.56 -13.21
N GLY J 827 54.61 21.55 -13.82
CA GLY J 827 54.54 21.31 -15.25
C GLY J 827 55.57 22.11 -16.06
N SER J 828 56.52 22.79 -15.40
CA SER J 828 57.46 23.64 -16.12
C SER J 828 58.82 23.79 -15.43
N THR J 829 58.87 23.83 -14.09
CA THR J 829 60.12 23.98 -13.36
C THR J 829 60.73 22.60 -13.11
N PHE J 830 61.55 22.14 -14.06
CA PHE J 830 62.14 20.82 -14.00
C PHE J 830 63.42 20.83 -13.17
N ASN J 831 63.48 19.87 -12.24
CA ASN J 831 64.62 19.65 -11.36
C ASN J 831 65.41 18.46 -11.91
N ARG J 832 66.72 18.66 -12.13
CA ARG J 832 67.52 17.71 -12.89
C ARG J 832 68.43 16.91 -11.96
N VAL J 833 68.43 15.59 -12.18
CA VAL J 833 69.41 14.66 -11.63
C VAL J 833 70.27 14.16 -12.79
N ASN J 834 71.58 14.41 -12.69
CA ASN J 834 72.54 14.11 -13.74
C ASN J 834 73.31 12.83 -13.39
N ASN J 835 73.44 11.93 -14.37
CA ASN J 835 74.40 10.84 -14.40
C ASN J 835 74.19 9.84 -13.26
N ALA J 836 72.93 9.46 -12.98
CA ALA J 836 72.61 8.49 -11.96
C ALA J 836 71.34 7.72 -12.29
N THR J 837 71.23 6.48 -11.79
CA THR J 837 70.10 5.60 -11.99
C THR J 837 69.10 5.72 -10.85
N SER J 838 69.56 6.27 -9.71
CA SER J 838 68.71 6.62 -8.58
C SER J 838 68.84 8.11 -8.29
N GLY J 839 67.75 8.71 -7.81
CA GLY J 839 67.73 10.13 -7.52
C GLY J 839 66.49 10.56 -6.74
N SER J 840 66.65 11.65 -6.00
CA SER J 840 65.61 12.23 -5.15
C SER J 840 65.48 13.71 -5.44
N VAL J 841 64.24 14.20 -5.53
CA VAL J 841 63.94 15.57 -5.87
C VAL J 841 62.93 16.12 -4.86
N THR J 842 63.23 17.30 -4.30
CA THR J 842 62.29 18.06 -3.50
C THR J 842 61.74 19.20 -4.36
N PHE J 843 60.41 19.28 -4.42
CA PHE J 843 59.73 20.34 -5.17
C PHE J 843 59.56 21.56 -4.27
N ALA J 844 59.61 22.75 -4.89
CA ALA J 844 59.61 24.02 -4.19
C ALA J 844 58.36 24.19 -3.32
N SER J 845 57.23 23.71 -3.83
CA SER J 845 55.95 23.70 -3.12
C SER J 845 55.20 22.41 -3.42
N PRO J 846 54.34 21.91 -2.49
CA PRO J 846 53.51 20.73 -2.76
C PRO J 846 52.45 21.03 -3.83
N ASP J 847 52.39 20.16 -4.85
CA ASP J 847 51.48 20.26 -5.99
C ASP J 847 51.16 18.84 -6.48
N THR J 848 50.26 18.73 -7.47
CA THR J 848 49.49 17.50 -7.65
C THR J 848 50.17 16.47 -8.57
N ASN J 849 50.53 16.85 -9.80
CA ASN J 849 50.90 15.89 -10.83
C ASN J 849 52.39 16.02 -11.19
N VAL J 850 53.06 14.88 -11.45
CA VAL J 850 54.50 14.85 -11.69
C VAL J 850 54.79 14.64 -13.18
N ASP J 851 55.64 15.51 -13.75
CA ASP J 851 56.10 15.45 -15.12
C ASP J 851 57.58 15.08 -15.16
N THR J 852 57.93 14.17 -16.08
CA THR J 852 59.28 13.62 -16.20
C THR J 852 59.82 13.84 -17.62
N ASN J 853 61.11 14.22 -17.71
CA ASN J 853 61.86 14.27 -18.96
C ASN J 853 63.14 13.44 -18.79
N ILE J 854 63.47 12.61 -19.80
CA ILE J 854 64.62 11.72 -19.76
C ILE J 854 65.50 11.97 -21.00
N SER J 855 66.82 12.05 -20.76
CA SER J 855 67.80 12.27 -21.82
C SER J 855 68.59 10.99 -22.05
N LEU J 856 68.50 10.45 -23.29
CA LEU J 856 69.26 9.29 -23.72
C LEU J 856 70.25 9.71 -24.81
N ASN J 857 71.48 9.16 -24.77
CA ASN J 857 72.58 9.68 -25.56
C ASN J 857 73.40 8.58 -26.22
N ARG J 858 74.24 9.01 -27.19
CA ARG J 858 75.38 8.28 -27.72
C ARG J 858 76.41 8.08 -26.61
N TYR J 859 77.15 6.96 -26.65
CA TYR J 859 78.26 6.75 -25.73
C TYR J 859 79.38 5.92 -26.34
N GLY J 860 80.53 5.96 -25.65
CA GLY J 860 81.71 5.17 -25.98
C GLY J 860 82.70 5.96 -26.83
N SER J 861 84.00 5.72 -26.56
CA SER J 861 85.08 6.09 -27.46
C SER J 861 85.98 4.86 -27.68
N ARG J 862 86.51 4.77 -28.90
CA ARG J 862 87.11 3.55 -29.43
C ARG J 862 88.17 3.96 -30.47
N SER J 863 89.20 3.11 -30.67
CA SER J 863 90.27 3.44 -31.58
C SER J 863 90.66 2.24 -32.46
N THR J 864 89.71 1.31 -32.64
CA THR J 864 89.96 0.06 -33.35
C THR J 864 89.00 -0.14 -34.53
N ALA J 865 88.04 0.79 -34.69
CA ALA J 865 87.04 0.75 -35.76
C ALA J 865 86.38 2.11 -35.97
N THR J 866 85.81 2.28 -37.18
CA THR J 866 84.93 3.40 -37.51
C THR J 866 83.49 3.01 -37.19
N PRO J 867 82.62 3.92 -36.66
CA PRO J 867 83.02 5.20 -36.10
C PRO J 867 83.66 5.04 -34.72
N GLN J 868 84.48 6.03 -34.32
CA GLN J 868 85.23 5.99 -33.08
C GLN J 868 84.36 6.41 -31.90
N THR J 869 83.37 7.29 -32.17
CA THR J 869 82.50 7.88 -31.16
C THR J 869 81.05 7.45 -31.44
N GLY J 870 80.25 7.30 -30.37
CA GLY J 870 78.81 7.14 -30.45
C GLY J 870 78.39 5.88 -31.20
N PHE J 871 79.06 4.76 -30.88
CA PHE J 871 78.77 3.47 -31.48
C PHE J 871 77.84 2.67 -30.58
N ASN J 872 77.53 3.22 -29.40
CA ASN J 872 76.61 2.63 -28.44
C ASN J 872 75.55 3.67 -28.06
N ALA J 873 74.38 3.18 -27.63
CA ALA J 873 73.29 4.03 -27.17
C ALA J 873 72.85 3.60 -25.77
N GLN J 874 72.41 4.58 -24.98
CA GLN J 874 71.95 4.36 -23.62
C GLN J 874 70.55 3.75 -23.65
N GLU J 875 70.44 2.56 -23.05
CA GLU J 875 69.19 1.81 -22.94
C GLU J 875 68.75 1.84 -21.47
N ILE J 876 67.46 2.09 -21.23
CA ILE J 876 66.88 2.10 -19.89
C ILE J 876 65.66 1.17 -19.85
N ASP J 877 65.43 0.50 -18.71
CA ASP J 877 64.35 -0.48 -18.62
C ASP J 877 63.43 -0.26 -17.42
N ASN J 878 63.86 -0.66 -16.23
CA ASN J 878 62.94 -0.83 -15.10
C ASN J 878 62.65 0.51 -14.44
N TRP J 879 61.88 1.36 -15.13
CA TRP J 879 61.53 2.69 -14.66
C TRP J 879 60.54 2.58 -13.51
N GLU J 880 60.82 3.32 -12.43
CA GLU J 880 59.95 3.43 -11.27
C GLU J 880 60.03 4.86 -10.75
N LEU J 881 58.86 5.46 -10.49
CA LEU J 881 58.76 6.79 -9.92
C LEU J 881 57.89 6.74 -8.67
N TYR J 882 58.53 7.01 -7.53
CA TYR J 882 57.89 6.97 -6.22
C TYR J 882 57.72 8.39 -5.69
N ALA J 883 56.56 8.66 -5.08
CA ALA J 883 56.27 9.99 -4.56
C ALA J 883 55.80 9.91 -3.10
N ASP J 884 56.15 10.95 -2.34
CA ASP J 884 55.72 11.16 -0.97
C ASP J 884 54.25 11.61 -0.98
N ILE J 885 53.35 10.64 -0.79
CA ILE J 885 51.91 10.85 -0.83
C ILE J 885 51.28 10.18 0.39
N ASP J 886 50.28 10.84 0.98
CA ASP J 886 49.56 10.34 2.14
C ASP J 886 48.81 9.06 1.75
N ALA J 887 49.23 7.93 2.34
CA ALA J 887 48.54 6.67 2.14
C ALA J 887 47.66 6.34 3.35
N VAL J 888 47.92 7.00 4.48
CA VAL J 888 47.04 6.95 5.65
C VAL J 888 46.27 8.27 5.72
N LEU J 889 44.93 8.16 5.73
CA LEU J 889 44.05 9.27 5.39
C LEU J 889 42.92 9.39 6.43
N PRO J 890 42.45 10.62 6.75
CA PRO J 890 41.22 10.80 7.53
C PRO J 890 39.99 10.31 6.77
N ASP J 891 39.07 9.67 7.48
CA ASP J 891 37.96 8.94 6.87
C ASP J 891 36.62 9.30 7.50
N ASP J 892 36.64 9.49 8.82
CA ASP J 892 35.50 9.87 9.65
C ASP J 892 36.04 10.45 10.95
N ILE J 893 35.15 10.75 11.91
CA ILE J 893 35.55 11.15 13.26
C ILE J 893 36.24 9.96 13.92
N GLY J 894 37.56 10.09 14.12
CA GLY J 894 38.38 9.09 14.79
C GLY J 894 38.61 7.84 13.94
N VAL J 895 38.41 7.95 12.61
CA VAL J 895 38.65 6.84 11.71
C VAL J 895 39.69 7.24 10.67
N THR J 896 40.68 6.37 10.44
CA THR J 896 41.63 6.50 9.35
C THR J 896 41.46 5.35 8.36
N LEU J 897 41.80 5.64 7.10
CA LEU J 897 41.83 4.66 6.02
C LEU J 897 43.24 4.58 5.45
N SER J 898 43.80 3.37 5.38
CA SER J 898 45.13 3.12 4.84
C SER J 898 45.01 2.44 3.48
N ARG J 899 45.68 3.01 2.46
CA ARG J 899 45.54 2.55 1.08
C ARG J 899 46.91 2.22 0.49
N ALA J 900 47.44 1.04 0.86
CA ALA J 900 48.66 0.50 0.30
C ALA J 900 48.36 -0.15 -1.04
N ILE J 901 49.36 -0.17 -1.93
CA ILE J 901 49.25 -0.80 -3.24
C ILE J 901 50.40 -1.79 -3.43
N ILE J 902 50.05 -3.00 -3.88
CA ILE J 902 50.98 -3.99 -4.39
C ILE J 902 50.99 -3.87 -5.91
N PRO J 903 52.12 -3.46 -6.54
CA PRO J 903 52.20 -3.36 -8.01
C PRO J 903 51.93 -4.70 -8.71
N PRO J 904 51.30 -4.71 -9.91
CA PRO J 904 50.83 -5.94 -10.54
C PRO J 904 51.69 -7.22 -10.46
N ASN J 905 52.91 -7.19 -10.99
CA ASN J 905 53.68 -8.42 -11.21
C ASN J 905 54.67 -8.70 -10.07
N THR J 906 54.29 -8.36 -8.81
CA THR J 906 55.20 -8.44 -7.68
C THR J 906 55.59 -9.89 -7.37
N SER J 907 56.90 -10.14 -7.25
CA SER J 907 57.43 -11.47 -7.01
C SER J 907 57.22 -11.89 -5.57
N GLY J 908 56.81 -13.15 -5.38
CA GLY J 908 56.51 -13.70 -4.07
C GLY J 908 55.01 -13.71 -3.76
N ILE J 909 54.22 -13.03 -4.59
CA ILE J 909 52.78 -12.91 -4.37
C ILE J 909 51.98 -13.21 -5.65
N VAL J 910 52.60 -13.08 -6.83
CA VAL J 910 51.96 -13.46 -8.08
C VAL J 910 51.78 -14.97 -8.11
N GLY J 911 50.56 -15.41 -8.47
CA GLY J 911 50.22 -16.81 -8.61
C GLY J 911 50.07 -17.52 -7.26
N GLN J 912 49.94 -16.71 -6.20
CA GLN J 912 49.91 -17.19 -4.83
C GLN J 912 48.54 -16.87 -4.21
N THR J 913 48.06 -17.76 -3.34
CA THR J 913 46.82 -17.54 -2.60
C THR J 913 47.13 -16.66 -1.39
N VAL J 914 46.38 -15.56 -1.26
CA VAL J 914 46.52 -14.60 -0.18
C VAL J 914 45.39 -14.84 0.82
N ARG J 915 45.71 -14.90 2.11
CA ARG J 915 44.74 -15.27 3.14
C ARG J 915 44.71 -14.29 4.29
N GLU J 916 45.75 -13.44 4.43
CA GLU J 916 45.85 -12.54 5.56
C GLU J 916 46.54 -11.24 5.17
N ALA J 917 46.32 -10.20 5.99
CA ALA J 917 46.88 -8.88 5.78
C ALA J 917 47.12 -8.19 7.13
N GLY J 918 48.03 -7.21 7.14
CA GLY J 918 48.38 -6.50 8.36
C GLY J 918 48.93 -5.10 8.10
N LEU J 919 48.47 -4.16 8.93
CA LEU J 919 49.05 -2.83 9.04
C LEU J 919 50.31 -2.92 9.89
N LYS J 920 51.37 -2.21 9.47
CA LYS J 920 52.71 -2.51 9.93
C LYS J 920 53.55 -1.24 9.99
N SER J 921 54.64 -1.29 10.77
CA SER J 921 55.61 -0.20 10.84
C SER J 921 57.02 -0.77 10.92
N GLY J 922 57.65 -0.88 9.73
CA GLY J 922 58.86 -1.67 9.57
C GLY J 922 58.57 -3.14 9.87
N SER J 923 59.12 -3.62 10.99
CA SER J 923 59.00 -5.00 11.42
C SER J 923 57.80 -5.22 12.33
N THR J 924 57.25 -4.12 12.87
CA THR J 924 56.25 -4.16 13.94
C THR J 924 54.84 -4.29 13.36
N LEU J 925 54.11 -5.34 13.77
CA LEU J 925 52.74 -5.57 13.33
C LEU J 925 51.78 -4.80 14.24
N LEU J 926 50.96 -3.94 13.63
CA LEU J 926 50.02 -3.09 14.36
C LEU J 926 48.63 -3.72 14.33
N THR J 927 48.30 -4.38 13.22
CA THR J 927 46.99 -4.97 12.99
C THR J 927 47.15 -6.27 12.19
N ARG J 928 46.21 -7.20 12.36
CA ARG J 928 46.17 -8.42 11.57
C ARG J 928 44.73 -8.78 11.23
N HIS J 929 44.52 -9.23 9.99
CA HIS J 929 43.21 -9.58 9.46
C HIS J 929 43.28 -10.90 8.68
N ILE J 930 42.17 -11.65 8.72
CA ILE J 930 41.98 -12.81 7.85
C ILE J 930 41.14 -12.37 6.66
N LEU J 931 41.63 -12.71 5.47
CA LEU J 931 40.95 -12.43 4.21
C LEU J 931 40.33 -13.72 3.67
N ALA J 932 39.22 -13.58 2.95
CA ALA J 932 38.71 -14.67 2.12
C ALA J 932 39.73 -14.91 1.01
N GLU J 933 40.04 -16.19 0.75
CA GLU J 933 41.11 -16.60 -0.14
C GLU J 933 40.92 -15.98 -1.52
N PHE J 934 42.02 -15.52 -2.11
CA PHE J 934 42.07 -15.19 -3.53
C PHE J 934 43.46 -15.49 -4.09
N LEU J 935 43.46 -15.93 -5.35
CA LEU J 935 44.67 -16.07 -6.15
C LEU J 935 44.97 -14.71 -6.78
N LEU J 936 46.18 -14.18 -6.52
CA LEU J 936 46.62 -12.98 -7.21
C LEU J 936 47.23 -13.38 -8.55
N ASP J 937 46.44 -13.24 -9.62
CA ASP J 937 46.83 -13.64 -10.96
C ASP J 937 47.80 -12.60 -11.54
N THR J 938 48.30 -12.86 -12.75
CA THR J 938 49.55 -12.26 -13.24
C THR J 938 49.53 -10.73 -13.22
N ASP J 939 48.52 -10.10 -13.83
CA ASP J 939 48.57 -8.66 -14.08
C ASP J 939 47.63 -7.90 -13.16
N GLN J 940 47.49 -8.34 -11.91
CA GLN J 940 46.47 -7.80 -11.01
C GLN J 940 47.12 -6.91 -9.94
N ARG J 941 46.61 -5.67 -9.82
CA ARG J 941 46.95 -4.75 -8.75
C ARG J 941 46.14 -5.14 -7.50
N LEU J 942 46.83 -5.20 -6.36
CA LEU J 942 46.18 -5.47 -5.08
C LEU J 942 46.30 -4.24 -4.18
N ALA J 943 45.18 -3.84 -3.57
CA ALA J 943 45.09 -2.63 -2.78
C ALA J 943 44.40 -2.89 -1.44
N SER J 944 44.67 -1.99 -0.49
CA SER J 944 44.13 -2.05 0.86
C SER J 944 43.08 -0.96 1.06
N SER J 945 41.99 -1.34 1.72
CA SER J 945 41.10 -0.42 2.40
C SER J 945 41.06 -0.78 3.88
N GLU J 946 42.07 -0.28 4.61
CA GLU J 946 42.31 -0.61 6.00
C GLU J 946 41.72 0.49 6.87
N SER J 947 40.67 0.15 7.63
CA SER J 947 40.07 1.08 8.58
C SER J 947 40.68 0.86 9.96
N THR J 948 41.19 1.95 10.56
CA THR J 948 41.50 1.98 11.98
C THR J 948 40.60 3.00 12.66
N ARG J 949 39.83 2.54 13.64
CA ARG J 949 38.88 3.36 14.38
C ARG J 949 39.35 3.53 15.82
N PHE J 950 39.26 4.76 16.33
CA PHE J 950 39.55 5.07 17.72
C PHE J 950 38.26 5.46 18.42
N THR J 951 37.92 4.71 19.48
CA THR J 951 36.60 4.79 20.09
C THR J 951 36.71 4.62 21.61
N SER J 952 35.58 4.85 22.30
CA SER J 952 35.50 4.71 23.75
C SER J 952 34.77 3.42 24.12
N ASP J 953 34.86 3.06 25.41
CA ASP J 953 34.13 1.93 25.98
C ASP J 953 32.63 2.25 25.96
N ASN J 954 32.28 3.45 26.44
CA ASN J 954 31.01 4.10 26.15
C ASN J 954 31.19 5.62 26.37
N PRO K 2 -52.15 -12.70 -13.82
CA PRO K 2 -51.23 -13.72 -13.27
C PRO K 2 -50.39 -14.34 -14.38
N GLN K 3 -49.90 -15.57 -14.14
CA GLN K 3 -49.30 -16.37 -15.20
C GLN K 3 -50.44 -16.97 -16.03
N LEU K 4 -50.17 -17.23 -17.32
CA LEU K 4 -51.12 -17.92 -18.17
C LEU K 4 -51.34 -19.33 -17.63
N GLY K 5 -52.57 -19.83 -17.75
CA GLY K 5 -52.89 -21.20 -17.35
C GLY K 5 -53.35 -21.32 -15.89
N ASP K 6 -53.05 -20.29 -15.10
CA ASP K 6 -53.35 -20.35 -13.65
C ASP K 6 -54.75 -19.79 -13.39
N SER K 7 -54.94 -18.49 -13.63
CA SER K 7 -56.27 -17.87 -13.44
C SER K 7 -57.16 -18.23 -14.64
N LYS K 8 -58.46 -18.42 -14.41
CA LYS K 8 -59.39 -18.68 -15.54
C LYS K 8 -59.65 -17.33 -16.23
N LEU K 9 -60.92 -16.94 -16.37
CA LEU K 9 -61.21 -15.62 -16.93
C LEU K 9 -62.14 -14.82 -16.01
N GLY K 10 -61.80 -13.53 -15.85
CA GLY K 10 -62.59 -12.59 -15.09
C GLY K 10 -62.32 -12.63 -13.58
N GLU K 11 -61.58 -13.65 -13.13
CA GLU K 11 -61.37 -13.90 -11.71
C GLU K 11 -60.23 -13.04 -11.16
N SER K 12 -59.31 -12.61 -12.03
CA SER K 12 -58.12 -11.89 -11.60
C SER K 12 -57.83 -10.71 -12.53
N GLN K 13 -56.98 -9.77 -12.06
CA GLN K 13 -56.61 -8.59 -12.83
C GLN K 13 -55.20 -8.75 -13.41
N LEU K 14 -54.97 -8.11 -14.55
CA LEU K 14 -54.00 -8.50 -15.57
C LEU K 14 -52.61 -8.81 -15.00
N GLY K 15 -51.94 -7.80 -14.43
CA GLY K 15 -50.52 -7.91 -14.12
C GLY K 15 -50.19 -8.68 -12.84
N SER K 16 -51.23 -8.95 -12.02
CA SER K 16 -51.10 -9.37 -10.63
C SER K 16 -50.12 -10.54 -10.45
N PRO K 17 -49.23 -10.51 -9.42
CA PRO K 17 -49.06 -9.35 -8.53
C PRO K 17 -48.00 -8.35 -8.95
N GLY K 18 -47.84 -8.15 -10.27
CA GLY K 18 -46.73 -7.43 -10.86
C GLY K 18 -46.85 -5.90 -10.79
N THR K 19 -45.69 -5.23 -10.85
CA THR K 19 -45.51 -3.79 -10.75
C THR K 19 -44.26 -3.36 -11.53
N LEU K 20 -44.09 -2.04 -11.71
CA LEU K 20 -43.00 -1.46 -12.50
C LEU K 20 -41.65 -1.68 -11.83
N LYS K 21 -40.62 -1.96 -12.65
CA LYS K 21 -39.25 -2.13 -12.17
C LYS K 21 -38.73 -0.80 -11.65
N GLN K 22 -38.10 -0.86 -10.46
CA GLN K 22 -37.47 0.30 -9.83
C GLN K 22 -36.08 -0.10 -9.35
N GLY K 23 -35.15 0.86 -9.42
CA GLY K 23 -33.78 0.64 -9.00
C GLY K 23 -32.90 0.11 -10.12
N VAL K 24 -31.63 -0.14 -9.78
CA VAL K 24 -30.55 -0.38 -10.73
C VAL K 24 -30.27 -1.87 -10.79
N GLU K 25 -30.11 -2.37 -12.03
CA GLU K 25 -29.71 -3.76 -12.25
C GLU K 25 -28.60 -3.82 -13.30
N TRP K 26 -27.55 -4.56 -12.95
CA TRP K 26 -26.47 -4.90 -13.87
C TRP K 26 -26.61 -6.35 -14.29
N THR K 27 -26.62 -6.58 -15.62
CA THR K 27 -26.62 -7.90 -16.21
C THR K 27 -25.22 -8.17 -16.78
N VAL K 28 -24.66 -9.34 -16.42
CA VAL K 28 -23.38 -9.79 -16.94
C VAL K 28 -23.64 -10.91 -17.95
N VAL K 29 -23.17 -10.71 -19.17
CA VAL K 29 -23.32 -11.69 -20.25
C VAL K 29 -21.94 -12.24 -20.58
N VAL K 30 -21.81 -13.57 -20.49
CA VAL K 30 -20.57 -14.30 -20.69
C VAL K 30 -20.72 -15.10 -21.98
N ASP K 31 -19.93 -14.74 -23.01
CA ASP K 31 -19.90 -15.47 -24.26
C ASP K 31 -21.32 -15.68 -24.79
N GLY K 32 -22.23 -14.74 -24.49
CA GLY K 32 -23.56 -14.73 -25.05
C GLY K 32 -24.66 -15.23 -24.10
N GLU K 33 -24.33 -15.56 -22.85
CA GLU K 33 -25.34 -16.02 -21.90
C GLU K 33 -25.19 -15.33 -20.54
N GLU K 34 -26.34 -15.10 -19.86
CA GLU K 34 -26.40 -14.33 -18.64
C GLU K 34 -25.89 -15.14 -17.45
N GLN K 35 -25.07 -14.50 -16.62
CA GLN K 35 -24.67 -15.06 -15.33
C GLN K 35 -25.74 -14.74 -14.29
N ASN K 36 -26.15 -15.76 -13.53
CA ASN K 36 -27.28 -15.65 -12.62
C ASN K 36 -26.87 -15.01 -11.30
N ASN K 37 -25.73 -15.46 -10.74
CA ASN K 37 -25.48 -15.34 -9.32
C ASN K 37 -24.59 -14.14 -9.00
N VAL K 38 -24.75 -13.05 -9.76
CA VAL K 38 -23.96 -11.83 -9.61
C VAL K 38 -24.51 -11.01 -8.44
N TRP K 39 -23.61 -10.50 -7.58
CA TRP K 39 -24.01 -9.72 -6.42
C TRP K 39 -23.31 -8.37 -6.32
N ASP K 40 -22.25 -8.15 -7.12
CA ASP K 40 -21.61 -6.85 -7.22
C ASP K 40 -20.90 -6.70 -8.56
N VAL K 41 -20.87 -5.45 -9.06
CA VAL K 41 -20.24 -5.06 -10.31
C VAL K 41 -19.51 -3.73 -10.09
N GLN K 42 -18.26 -3.67 -10.54
CA GLN K 42 -17.49 -2.45 -10.69
C GLN K 42 -17.07 -2.31 -12.15
N VAL K 43 -17.39 -1.17 -12.77
CA VAL K 43 -17.00 -0.87 -14.14
C VAL K 43 -16.26 0.47 -14.15
N VAL K 44 -15.05 0.47 -14.73
CA VAL K 44 -14.24 1.68 -14.83
C VAL K 44 -13.96 1.99 -16.31
N ASP K 45 -14.26 3.23 -16.70
CA ASP K 45 -14.05 3.76 -18.04
C ASP K 45 -13.17 5.00 -17.93
N THR K 46 -12.01 5.00 -18.61
CA THR K 46 -10.96 5.98 -18.34
C THR K 46 -10.08 6.26 -19.55
N ALA K 47 -9.64 7.53 -19.65
CA ALA K 47 -8.84 8.10 -20.73
C ALA K 47 -7.52 7.36 -20.89
N ASN K 48 -6.78 7.69 -21.96
CA ASN K 48 -5.91 6.76 -22.66
C ASN K 48 -4.67 6.28 -21.90
N PRO K 49 -4.04 7.02 -20.96
CA PRO K 49 -2.96 6.43 -20.17
C PRO K 49 -3.39 5.21 -19.37
N PHE K 50 -4.71 5.08 -19.15
CA PHE K 50 -5.26 4.19 -18.14
C PHE K 50 -6.19 3.14 -18.77
N GLY K 51 -6.09 1.92 -18.24
CA GLY K 51 -6.86 0.78 -18.73
C GLY K 51 -8.29 0.77 -18.21
N ASP K 52 -9.24 0.55 -19.12
CA ASP K 52 -10.64 0.32 -18.77
C ASP K 52 -10.77 -1.12 -18.28
N TYR K 53 -11.51 -1.31 -17.18
CA TYR K 53 -11.65 -2.63 -16.58
C TYR K 53 -13.00 -2.79 -15.89
N ALA K 54 -13.39 -4.07 -15.72
CA ALA K 54 -14.56 -4.43 -14.94
C ALA K 54 -14.21 -5.56 -13.97
N VAL K 55 -14.86 -5.52 -12.80
CA VAL K 55 -14.80 -6.57 -11.80
C VAL K 55 -16.23 -7.03 -11.52
N PHE K 56 -16.45 -8.34 -11.62
CA PHE K 56 -17.73 -8.95 -11.28
C PHE K 56 -17.52 -9.90 -10.11
N LYS K 57 -18.42 -9.84 -9.12
CA LYS K 57 -18.41 -10.76 -7.99
C LYS K 57 -19.67 -11.62 -8.03
N MET K 58 -19.46 -12.94 -7.95
CA MET K 58 -20.51 -13.93 -8.10
C MET K 58 -20.38 -14.99 -7.01
N ASP K 59 -21.49 -15.73 -6.80
CA ASP K 59 -21.50 -16.94 -6.00
C ASP K 59 -21.36 -18.15 -6.91
N ASP K 60 -20.52 -19.09 -6.48
CA ASP K 60 -20.27 -20.34 -7.19
C ASP K 60 -20.49 -21.51 -6.24
N ARG K 61 -20.63 -22.72 -6.81
CA ARG K 61 -20.85 -23.96 -6.09
C ARG K 61 -20.29 -25.11 -6.93
N GLY K 62 -19.32 -25.83 -6.35
CA GLY K 62 -18.64 -26.91 -7.03
C GLY K 62 -17.81 -26.44 -8.24
N GLY K 63 -17.51 -25.14 -8.26
CA GLY K 63 -16.64 -24.51 -9.25
C GLY K 63 -17.24 -24.44 -10.65
N GLN K 64 -18.58 -24.47 -10.74
CA GLN K 64 -19.29 -24.62 -12.00
C GLN K 64 -19.23 -23.33 -12.81
N ALA K 65 -19.26 -22.18 -12.13
CA ALA K 65 -19.23 -20.88 -12.79
C ALA K 65 -17.82 -20.50 -13.22
N PHE K 66 -16.81 -20.96 -12.47
CA PHE K 66 -15.39 -20.68 -12.72
C PHE K 66 -14.99 -21.15 -14.11
N GLU K 67 -15.63 -22.24 -14.58
CA GLU K 67 -15.29 -22.88 -15.84
C GLU K 67 -15.86 -22.11 -17.03
N ALA K 68 -16.76 -21.16 -16.76
CA ALA K 68 -17.44 -20.39 -17.80
C ALA K 68 -16.58 -19.21 -18.26
N TYR K 69 -15.51 -18.90 -17.50
CA TYR K 69 -14.76 -17.67 -17.72
C TYR K 69 -13.28 -17.90 -18.05
N PRO K 70 -12.89 -18.78 -19.01
CA PRO K 70 -11.49 -18.86 -19.45
C PRO K 70 -10.93 -17.52 -19.92
N ARG K 71 -9.60 -17.36 -19.84
CA ARG K 71 -8.93 -16.14 -20.25
C ARG K 71 -9.27 -15.83 -21.70
N GLY K 72 -9.63 -14.57 -21.94
CA GLY K 72 -9.89 -14.07 -23.28
C GLY K 72 -11.34 -14.19 -23.72
N THR K 73 -12.20 -14.78 -22.86
CA THR K 73 -13.62 -14.90 -23.17
C THR K 73 -14.32 -13.54 -23.05
N ARG K 74 -15.31 -13.31 -23.91
CA ARG K 74 -16.04 -12.06 -23.96
C ARG K 74 -16.96 -11.93 -22.74
N VAL K 75 -16.89 -10.76 -22.10
CA VAL K 75 -17.84 -10.36 -21.08
C VAL K 75 -18.43 -9.00 -21.44
N GLU K 76 -19.76 -8.90 -21.31
CA GLU K 76 -20.49 -7.67 -21.53
C GLU K 76 -21.29 -7.35 -20.27
N ALA K 77 -21.22 -6.09 -19.83
CA ALA K 77 -21.99 -5.61 -18.70
C ALA K 77 -23.04 -4.62 -19.20
N TYR K 78 -24.31 -4.96 -18.97
CA TYR K 78 -25.46 -4.16 -19.34
C TYR K 78 -26.09 -3.57 -18.07
N VAL K 79 -26.68 -2.36 -18.18
CA VAL K 79 -27.29 -1.69 -17.04
C VAL K 79 -28.67 -1.15 -17.41
N SER K 80 -29.59 -1.20 -16.44
CA SER K 80 -30.86 -0.50 -16.50
C SER K 80 -31.23 0.03 -15.12
N GLU K 81 -31.66 1.30 -15.08
CA GLU K 81 -32.34 1.83 -13.92
C GLU K 81 -33.82 1.99 -14.24
N GLY K 82 -34.67 1.49 -13.33
CA GLY K 82 -36.11 1.50 -13.51
C GLY K 82 -36.53 0.71 -14.75
N THR K 83 -37.41 1.30 -15.55
CA THR K 83 -37.97 0.66 -16.73
C THR K 83 -37.27 1.12 -18.00
N GLU K 84 -36.11 1.79 -17.85
CA GLU K 84 -35.35 2.28 -18.98
C GLU K 84 -34.71 1.11 -19.73
N PRO K 85 -34.58 1.16 -21.08
CA PRO K 85 -34.06 0.04 -21.85
C PRO K 85 -32.61 -0.30 -21.51
N LEU K 86 -32.26 -1.57 -21.72
CA LEU K 86 -31.01 -2.18 -21.29
C LEU K 86 -29.84 -1.64 -22.13
N ASP K 87 -28.77 -1.21 -21.46
CA ASP K 87 -27.68 -0.46 -22.07
C ASP K 87 -26.34 -1.15 -21.82
N ASN K 88 -25.59 -1.41 -22.91
CA ASN K 88 -24.28 -2.05 -22.87
C ASN K 88 -23.23 -1.00 -22.50
N ARG K 89 -22.65 -1.13 -21.29
CA ARG K 89 -21.75 -0.13 -20.75
C ARG K 89 -20.29 -0.57 -20.81
N PHE K 90 -20.06 -1.90 -20.86
CA PHE K 90 -18.72 -2.47 -20.94
C PHE K 90 -18.74 -3.71 -21.83
N THR K 91 -17.83 -3.74 -22.80
CA THR K 91 -17.43 -4.99 -23.44
C THR K 91 -15.93 -5.16 -23.22
N GLY K 92 -15.53 -6.37 -22.83
CA GLY K 92 -14.14 -6.69 -22.59
C GLY K 92 -13.87 -8.19 -22.60
N TYR K 93 -12.64 -8.56 -22.22
CA TYR K 93 -12.18 -9.94 -22.21
C TYR K 93 -11.61 -10.28 -20.85
N VAL K 94 -11.84 -11.52 -20.39
CA VAL K 94 -11.42 -11.99 -19.08
C VAL K 94 -9.91 -12.09 -19.02
N VAL K 95 -9.32 -11.52 -17.96
CA VAL K 95 -7.88 -11.61 -17.72
C VAL K 95 -7.58 -12.41 -16.46
N GLU K 96 -8.46 -12.32 -15.45
CA GLU K 96 -8.29 -13.07 -14.21
C GLU K 96 -9.66 -13.62 -13.75
N ARG K 97 -9.69 -14.92 -13.49
CA ARG K 97 -10.77 -15.58 -12.75
C ARG K 97 -10.21 -16.10 -11.44
N ARG K 98 -10.80 -15.66 -10.33
CA ARG K 98 -10.34 -16.03 -8.99
C ARG K 98 -11.52 -16.53 -8.17
N GLU K 99 -11.29 -17.59 -7.39
CA GLU K 99 -12.29 -18.09 -6.46
C GLU K 99 -11.66 -18.37 -5.11
N ASN K 100 -12.29 -17.86 -4.05
CA ASN K 100 -11.79 -18.04 -2.70
C ASN K 100 -12.93 -18.28 -1.70
N GLU K 101 -12.54 -18.95 -0.62
CA GLU K 101 -13.29 -19.08 0.61
C GLU K 101 -13.39 -17.71 1.27
N GLN K 102 -14.62 -17.22 1.45
CA GLN K 102 -14.89 -16.01 2.21
C GLN K 102 -15.95 -16.31 3.25
N GLN K 103 -15.51 -16.77 4.43
CA GLN K 103 -16.35 -17.01 5.59
C GLN K 103 -17.51 -17.94 5.22
N GLY K 104 -17.19 -19.00 4.47
CA GLY K 104 -18.20 -19.98 4.07
C GLY K 104 -18.59 -19.85 2.60
N ALA K 105 -18.63 -18.61 2.10
CA ALA K 105 -19.01 -18.34 0.71
C ALA K 105 -17.87 -18.72 -0.23
N ASP K 106 -18.25 -19.29 -1.38
CA ASP K 106 -17.34 -19.55 -2.49
C ASP K 106 -17.53 -18.43 -3.51
N VAL K 107 -16.61 -17.46 -3.49
CA VAL K 107 -16.79 -16.20 -4.19
C VAL K 107 -15.94 -16.22 -5.46
N LEU K 108 -16.63 -16.11 -6.61
CA LEU K 108 -15.98 -15.99 -7.90
C LEU K 108 -15.84 -14.50 -8.24
N GLU K 109 -14.59 -14.06 -8.41
CA GLU K 109 -14.27 -12.72 -8.86
C GLU K 109 -13.66 -12.80 -10.26
N VAL K 110 -14.28 -12.10 -11.21
CA VAL K 110 -13.81 -12.06 -12.59
C VAL K 110 -13.38 -10.62 -12.91
N GLU K 111 -12.14 -10.50 -13.38
CA GLU K 111 -11.59 -9.22 -13.81
C GLU K 111 -11.38 -9.26 -15.33
N ALA K 112 -11.82 -8.17 -16.00
CA ALA K 112 -11.78 -8.06 -17.44
C ALA K 112 -11.15 -6.73 -17.85
N TYR K 113 -10.37 -6.76 -18.94
CA TYR K 113 -9.81 -5.58 -19.58
C TYR K 113 -10.54 -5.37 -20.91
N SER K 114 -10.35 -4.21 -21.55
CA SER K 114 -11.11 -3.83 -22.74
C SER K 114 -10.20 -3.56 -23.95
N PHE K 115 -10.68 -2.78 -24.93
CA PHE K 115 -10.05 -2.65 -26.25
C PHE K 115 -8.84 -1.73 -26.22
N ASP K 116 -8.69 -0.93 -25.17
CA ASP K 116 -7.59 0.01 -25.08
C ASP K 116 -6.26 -0.71 -24.88
N GLN K 117 -6.34 -2.01 -24.52
CA GLN K 117 -5.20 -2.88 -24.35
C GLN K 117 -4.48 -3.12 -25.68
N PHE K 118 -5.23 -3.01 -26.79
CA PHE K 118 -4.68 -3.28 -28.12
C PHE K 118 -3.87 -2.10 -28.63
N LEU K 119 -4.16 -0.89 -28.13
CA LEU K 119 -3.36 0.28 -28.45
C LEU K 119 -2.12 0.31 -27.56
N ARG K 120 -2.24 -0.29 -26.37
CA ARG K 120 -1.25 -0.26 -25.31
C ARG K 120 -0.10 -1.22 -25.63
N ARG K 121 -0.44 -2.38 -26.22
CA ARG K 121 0.44 -3.52 -26.30
C ARG K 121 0.81 -3.83 -27.76
N ASN K 122 0.92 -2.76 -28.57
CA ASN K 122 1.39 -2.84 -29.95
C ASN K 122 2.31 -1.66 -30.23
N THR K 123 3.23 -1.84 -31.19
CA THR K 123 4.25 -0.84 -31.52
C THR K 123 4.15 -0.46 -32.99
N VAL K 124 4.65 0.75 -33.32
CA VAL K 124 4.64 1.30 -34.67
C VAL K 124 5.71 0.59 -35.50
N THR K 125 5.29 -0.03 -36.62
CA THR K 125 6.20 -0.82 -37.43
C THR K 125 6.82 0.01 -38.56
N ASN K 126 6.07 0.98 -39.09
CA ASN K 126 6.49 1.75 -40.26
C ASN K 126 7.19 3.05 -39.86
N ASP K 127 7.89 3.65 -40.82
CA ASP K 127 8.54 4.94 -40.67
C ASP K 127 7.56 6.04 -41.09
N GLN K 128 7.21 6.93 -40.16
CA GLN K 128 6.12 7.87 -40.37
C GLN K 128 6.62 9.25 -40.82
N THR K 129 7.94 9.40 -41.05
CA THR K 129 8.52 10.67 -41.46
C THR K 129 7.90 11.14 -42.78
N GLY K 130 7.44 12.40 -42.78
CA GLY K 130 6.94 13.04 -43.98
C GLY K 130 5.44 12.81 -44.21
N ASN K 131 4.82 11.97 -43.37
CA ASN K 131 3.38 11.79 -43.38
C ASN K 131 2.72 12.92 -42.60
N THR K 132 1.52 13.32 -43.01
CA THR K 132 0.66 14.14 -42.15
C THR K 132 0.17 13.25 -41.00
N ILE K 133 -0.34 13.88 -39.93
CA ILE K 133 -0.88 13.13 -38.80
C ILE K 133 -2.04 12.26 -39.27
N SER K 134 -2.85 12.78 -40.20
CA SER K 134 -3.97 12.04 -40.78
C SER K 134 -3.49 10.79 -41.54
N GLN K 135 -2.39 10.94 -42.31
CA GLN K 135 -1.80 9.86 -43.08
C GLN K 135 -1.16 8.82 -42.15
N ALA K 136 -0.54 9.31 -41.07
CA ALA K 136 0.15 8.48 -40.10
C ALA K 136 -0.84 7.62 -39.32
N LEU K 137 -2.00 8.21 -38.98
CA LEU K 137 -3.05 7.54 -38.24
C LEU K 137 -3.61 6.38 -39.05
N ALA K 138 -3.92 6.64 -40.32
CA ALA K 138 -4.44 5.64 -41.25
C ALA K 138 -3.49 4.43 -41.28
N ASP K 139 -2.19 4.71 -41.41
CA ASP K 139 -1.13 3.72 -41.54
C ASP K 139 -1.01 2.88 -40.26
N ILE K 140 -0.86 3.56 -39.11
CA ILE K 140 -0.62 2.92 -37.82
C ILE K 140 -1.80 1.99 -37.48
N ILE K 141 -3.03 2.51 -37.62
CA ILE K 141 -4.22 1.80 -37.18
C ILE K 141 -4.51 0.62 -38.11
N GLN K 142 -4.18 0.76 -39.40
CA GLN K 142 -4.44 -0.29 -40.38
C GLN K 142 -3.42 -1.42 -40.27
N THR K 143 -2.14 -1.09 -40.03
CA THR K 143 -1.09 -2.11 -40.04
C THR K 143 -0.85 -2.71 -38.65
N ASP K 144 -0.92 -1.88 -37.59
CA ASP K 144 -0.28 -2.23 -36.33
C ASP K 144 -1.26 -2.63 -35.22
N THR K 145 -2.56 -2.31 -35.37
CA THR K 145 -3.52 -2.65 -34.34
C THR K 145 -4.70 -3.43 -34.93
N PRO K 146 -5.31 -4.38 -34.16
CA PRO K 146 -6.46 -5.15 -34.64
C PRO K 146 -7.83 -4.50 -34.42
N VAL K 147 -7.92 -3.19 -34.69
CA VAL K 147 -9.16 -2.45 -34.52
C VAL K 147 -9.56 -1.79 -35.84
N ARG K 148 -10.86 -1.52 -35.98
CA ARG K 148 -11.49 -1.16 -37.24
C ARG K 148 -11.16 0.30 -37.58
N PHE K 149 -10.67 0.53 -38.79
CA PHE K 149 -10.33 1.88 -39.24
C PHE K 149 -11.47 2.46 -40.07
N ASN K 150 -11.70 3.76 -39.88
CA ASN K 150 -12.74 4.52 -40.56
C ASN K 150 -12.28 5.96 -40.66
N ALA K 151 -12.09 6.45 -41.89
CA ALA K 151 -11.50 7.75 -42.18
C ALA K 151 -12.35 8.89 -41.66
N ALA K 152 -13.66 8.64 -41.52
CA ALA K 152 -14.65 9.63 -41.09
C ALA K 152 -14.50 10.00 -39.61
N ASN K 153 -13.83 9.14 -38.84
CA ASN K 153 -13.70 9.31 -37.40
C ASN K 153 -12.48 10.15 -37.02
N ILE K 154 -11.55 10.34 -37.96
CA ILE K 154 -10.35 11.13 -37.67
C ILE K 154 -10.52 12.57 -38.14
N THR K 155 -10.58 13.49 -37.16
CA THR K 155 -10.54 14.92 -37.38
C THR K 155 -9.32 15.48 -36.64
N VAL K 156 -8.42 16.10 -37.41
CA VAL K 156 -7.16 16.63 -36.89
C VAL K 156 -7.19 18.16 -36.98
N GLY K 157 -7.04 18.82 -35.84
CA GLY K 157 -7.17 20.26 -35.71
C GLY K 157 -5.97 21.03 -36.24
N ASP K 158 -4.82 20.35 -36.34
CA ASP K 158 -3.60 20.90 -36.91
C ASP K 158 -2.81 19.77 -37.57
N ASP K 159 -2.99 19.60 -38.89
CA ASP K 159 -2.48 18.45 -39.62
C ASP K 159 -1.06 18.71 -40.10
N GLN K 160 -0.10 18.58 -39.19
CA GLN K 160 1.33 18.80 -39.44
C GLN K 160 1.92 17.57 -40.13
N GLU K 161 3.05 17.77 -40.83
CA GLU K 161 3.89 16.69 -41.30
C GLU K 161 4.87 16.31 -40.19
N LEU K 162 5.05 14.98 -39.99
CA LEU K 162 5.88 14.44 -38.93
C LEU K 162 7.34 14.39 -39.39
N THR K 163 8.25 14.84 -38.51
CA THR K 163 9.67 14.78 -38.80
C THR K 163 10.29 13.53 -38.17
N ARG K 164 9.86 13.23 -36.94
CA ARG K 164 10.30 12.10 -36.15
C ARG K 164 9.76 10.80 -36.74
N SER K 165 10.64 9.80 -36.83
CA SER K 165 10.27 8.41 -37.04
C SER K 165 9.74 7.85 -35.71
N TYR K 166 8.52 7.32 -35.73
CA TYR K 166 7.87 6.84 -34.53
C TYR K 166 8.07 5.33 -34.36
N GLN K 167 8.98 4.78 -35.17
CA GLN K 167 9.18 3.34 -35.33
C GLN K 167 9.64 2.73 -34.02
N GLY K 168 8.84 1.78 -33.51
CA GLY K 168 9.16 1.05 -32.29
C GLY K 168 8.44 1.59 -31.05
N ASP K 169 7.92 2.82 -31.13
CA ASP K 169 7.17 3.42 -30.04
C ASP K 169 5.85 2.67 -29.87
N PRO K 170 5.33 2.51 -28.61
CA PRO K 170 3.99 1.95 -28.40
C PRO K 170 2.95 2.84 -29.09
N VAL K 171 1.88 2.23 -29.59
CA VAL K 171 0.91 2.91 -30.42
C VAL K 171 0.24 4.05 -29.66
N GLU K 172 -0.24 3.76 -28.43
CA GLU K 172 -0.93 4.72 -27.58
C GLU K 172 0.00 5.89 -27.25
N ASN K 173 1.29 5.58 -27.07
CA ASN K 173 2.35 6.52 -26.73
C ASN K 173 2.60 7.48 -27.90
N ALA K 174 2.58 6.94 -29.12
CA ALA K 174 2.74 7.68 -30.36
C ALA K 174 1.53 8.55 -30.63
N LEU K 175 0.33 8.01 -30.39
CA LEU K 175 -0.93 8.70 -30.62
C LEU K 175 -1.05 9.92 -29.70
N ARG K 176 -0.57 9.77 -28.47
CA ARG K 176 -0.58 10.83 -27.46
C ARG K 176 0.39 11.93 -27.85
N ASP K 177 1.47 11.55 -28.54
CA ASP K 177 2.47 12.47 -29.08
C ASP K 177 1.85 13.27 -30.23
N PHE K 178 1.04 12.61 -31.06
CA PHE K 178 0.34 13.24 -32.17
C PHE K 178 -0.68 14.23 -31.64
N ALA K 179 -1.40 13.83 -30.59
CA ALA K 179 -2.47 14.62 -29.98
C ALA K 179 -1.90 15.84 -29.26
N PHE K 180 -0.64 15.74 -28.80
CA PHE K 180 0.04 16.85 -28.17
C PHE K 180 0.35 17.93 -29.20
N LYS K 181 0.70 17.47 -30.42
CA LYS K 181 1.04 18.31 -31.55
C LYS K 181 -0.20 18.92 -32.17
N SER K 182 -1.17 18.07 -32.56
CA SER K 182 -2.41 18.51 -33.15
C SER K 182 -3.44 18.76 -32.05
N THR K 183 -3.70 20.05 -31.75
CA THR K 183 -4.66 20.48 -30.75
C THR K 183 -4.40 19.71 -29.45
N ASN K 184 -5.42 19.02 -28.92
CA ASN K 184 -5.31 18.21 -27.72
C ASN K 184 -6.33 17.08 -27.80
N GLU K 185 -6.31 16.37 -28.93
CA GLU K 185 -7.42 15.54 -29.40
C GLU K 185 -7.60 14.29 -28.56
N ASP K 186 -8.86 13.81 -28.51
CA ASP K 186 -9.24 12.55 -27.88
C ASP K 186 -9.13 11.42 -28.90
N PHE K 187 -8.65 10.27 -28.42
CA PHE K 187 -8.50 9.08 -29.26
C PHE K 187 -8.95 7.84 -28.50
N GLY K 188 -9.12 6.73 -29.23
CA GLY K 188 -9.48 5.46 -28.63
C GLY K 188 -10.37 4.61 -29.54
N VAL K 189 -10.99 3.60 -28.94
CA VAL K 189 -11.81 2.61 -29.64
C VAL K 189 -13.25 2.75 -29.12
N GLY K 190 -14.20 2.84 -30.05
CA GLY K 190 -15.62 2.92 -29.73
C GLY K 190 -16.21 1.54 -29.45
N ASP K 191 -17.53 1.51 -29.21
CA ASP K 191 -18.28 0.28 -28.92
C ASP K 191 -18.47 -0.53 -30.20
N ASP K 192 -18.29 0.13 -31.35
CA ASP K 192 -18.42 -0.44 -32.69
C ASP K 192 -17.08 -0.99 -33.17
N LEU K 193 -16.05 -0.92 -32.30
CA LEU K 193 -14.68 -1.36 -32.53
C LEU K 193 -13.91 -0.41 -33.45
N GLU K 194 -14.45 0.79 -33.68
CA GLU K 194 -13.84 1.74 -34.60
C GLU K 194 -12.90 2.67 -33.83
N PHE K 195 -11.80 3.04 -34.49
CA PHE K 195 -10.86 4.02 -33.97
C PHE K 195 -11.40 5.42 -34.20
N PHE K 196 -11.23 6.30 -33.20
CA PHE K 196 -11.52 7.72 -33.34
C PHE K 196 -10.31 8.55 -32.91
N PHE K 197 -10.18 9.73 -33.53
CA PHE K 197 -9.18 10.73 -33.20
C PHE K 197 -9.76 12.09 -33.56
N GLN K 198 -10.27 12.83 -32.56
CA GLN K 198 -11.10 13.98 -32.85
C GLN K 198 -11.00 15.05 -31.76
N PRO K 199 -11.34 16.33 -32.07
CA PRO K 199 -11.33 17.42 -31.09
C PRO K 199 -12.10 17.13 -29.80
N ARG K 200 -11.50 17.62 -28.71
CA ARG K 200 -11.94 17.50 -27.32
C ARG K 200 -13.25 18.28 -27.14
N GLU K 201 -14.08 17.83 -26.18
CA GLU K 201 -15.28 18.50 -25.71
C GLU K 201 -16.31 18.67 -26.84
N THR K 202 -16.99 17.57 -27.21
CA THR K 202 -18.05 17.61 -28.21
C THR K 202 -19.40 17.25 -27.59
N VAL K 203 -19.39 16.66 -26.38
CA VAL K 203 -20.59 16.09 -25.77
C VAL K 203 -20.77 16.65 -24.36
N HIS K 204 -22.05 16.84 -23.96
CA HIS K 204 -22.44 17.37 -22.66
C HIS K 204 -23.47 16.47 -22.00
N ILE K 205 -23.32 16.30 -20.67
CA ILE K 205 -24.21 15.51 -19.84
C ILE K 205 -25.15 16.48 -19.12
N ASP K 206 -26.42 16.48 -19.56
CA ASP K 206 -27.37 17.55 -19.26
C ASP K 206 -27.87 17.49 -17.82
N ARG K 207 -27.86 16.30 -17.20
CA ARG K 207 -28.35 16.12 -15.84
C ARG K 207 -27.56 17.00 -14.87
N GLY K 208 -26.23 17.03 -15.05
CA GLY K 208 -25.33 17.74 -14.17
C GLY K 208 -25.25 17.11 -12.79
N VAL K 209 -24.40 17.68 -11.92
CA VAL K 209 -24.33 17.29 -10.53
C VAL K 209 -24.60 18.55 -9.71
N ASP K 210 -25.88 18.77 -9.40
CA ASP K 210 -26.27 19.87 -8.53
C ASP K 210 -25.94 19.52 -7.08
N ASN K 211 -26.17 20.48 -6.19
CA ASN K 211 -25.75 20.43 -4.80
C ASN K 211 -26.43 19.29 -4.04
N THR K 212 -27.57 18.81 -4.56
CA THR K 212 -28.34 17.75 -3.89
C THR K 212 -27.85 16.37 -4.30
N GLN K 213 -27.06 16.26 -5.38
CA GLN K 213 -26.81 14.96 -5.99
C GLN K 213 -25.34 14.52 -5.99
N TRP K 214 -24.43 15.31 -5.42
CA TRP K 214 -23.15 14.79 -4.97
C TRP K 214 -23.34 14.26 -3.55
N PHE K 215 -22.44 13.37 -3.09
CA PHE K 215 -22.49 12.93 -1.69
C PHE K 215 -21.10 12.58 -1.13
N ARG K 216 -20.06 12.69 -1.97
CA ARG K 216 -18.66 12.65 -1.54
C ARG K 216 -17.84 13.40 -2.58
N TYR K 217 -16.74 14.00 -2.14
CA TYR K 217 -15.80 14.66 -3.04
C TYR K 217 -14.38 14.55 -2.48
N ASP K 218 -13.40 14.69 -3.38
CA ASP K 218 -11.97 14.65 -3.08
C ASP K 218 -11.23 15.36 -4.21
N ILE K 219 -11.06 16.68 -4.07
CA ILE K 219 -10.50 17.52 -5.12
C ILE K 219 -9.11 18.01 -4.67
N PRO K 220 -8.02 17.39 -5.18
CA PRO K 220 -6.69 17.97 -5.03
C PRO K 220 -6.27 18.86 -6.21
N GLU K 221 -5.33 19.77 -5.93
CA GLU K 221 -4.39 20.21 -6.95
C GLU K 221 -3.12 19.40 -6.78
N LEU K 222 -2.80 18.59 -7.79
CA LEU K 222 -1.61 17.75 -7.79
C LEU K 222 -0.45 18.56 -8.35
N GLY K 223 0.69 18.57 -7.64
CA GLY K 223 1.85 19.33 -8.08
C GLY K 223 3.17 18.84 -7.50
N LYS K 224 3.24 17.57 -7.09
CA LYS K 224 4.43 17.04 -6.44
C LYS K 224 5.47 16.62 -7.49
N GLU K 225 5.02 16.43 -8.74
CA GLU K 225 5.86 15.94 -9.81
C GLU K 225 6.42 17.09 -10.67
N ALA K 226 5.87 18.30 -10.49
CA ALA K 226 6.10 19.43 -11.38
C ALA K 226 7.53 19.94 -11.32
N ILE K 227 8.07 20.27 -12.51
CA ILE K 227 9.41 20.84 -12.70
C ILE K 227 9.30 22.00 -13.68
N ASN K 228 10.40 22.76 -13.86
CA ASN K 228 10.37 24.00 -14.62
C ASN K 228 11.48 24.06 -15.68
N GLU K 229 12.29 23.00 -15.79
CA GLU K 229 13.34 22.94 -16.80
C GLU K 229 13.49 21.51 -17.29
N VAL K 230 13.54 21.36 -18.62
CA VAL K 230 13.94 20.11 -19.26
C VAL K 230 15.06 20.42 -20.24
N GLU K 231 16.14 19.65 -20.17
CA GLU K 231 17.13 19.68 -21.23
C GLU K 231 17.12 18.36 -21.98
N VAL K 232 16.94 18.45 -23.30
CA VAL K 232 16.85 17.30 -24.19
C VAL K 232 18.11 17.26 -25.05
N TRP K 233 18.82 16.13 -24.96
CA TRP K 233 19.92 15.83 -25.86
C TRP K 233 19.40 14.99 -27.02
N PHE K 234 19.77 15.39 -28.24
CA PHE K 234 19.29 14.79 -29.48
C PHE K 234 20.43 14.74 -30.49
N ASP K 235 20.15 14.19 -31.69
CA ASP K 235 21.10 14.05 -32.78
C ASP K 235 22.30 13.21 -32.34
N ASP K 236 22.02 11.97 -31.91
CA ASP K 236 22.99 11.02 -31.39
C ASP K 236 23.73 11.58 -30.18
N GLY K 237 23.07 12.50 -29.46
CA GLY K 237 23.60 13.11 -28.26
C GLY K 237 24.54 14.29 -28.53
N GLU K 238 24.56 14.77 -29.79
CA GLU K 238 25.55 15.73 -30.24
C GLU K 238 25.05 17.17 -30.10
N GLU K 239 23.76 17.34 -29.82
CA GLU K 239 23.15 18.66 -29.66
C GLU K 239 22.12 18.63 -28.52
N SER K 240 21.83 19.78 -27.92
CA SER K 240 20.83 19.87 -26.87
C SER K 240 19.94 21.10 -26.99
N VAL K 241 18.77 21.04 -26.34
CA VAL K 241 17.84 22.15 -26.20
C VAL K 241 17.30 22.19 -24.77
N ILE K 242 17.23 23.40 -24.22
CA ILE K 242 16.65 23.67 -22.90
C ILE K 242 15.24 24.21 -23.09
N VAL K 243 14.28 23.57 -22.43
CA VAL K 243 12.89 24.02 -22.38
C VAL K 243 12.65 24.65 -21.00
N ASP K 244 12.22 25.91 -21.00
CA ASP K 244 12.39 26.80 -19.86
C ASP K 244 11.04 27.39 -19.46
N ASP K 245 10.59 27.06 -18.23
CA ASP K 245 9.33 27.57 -17.69
C ASP K 245 9.63 28.69 -16.69
N GLY K 246 9.73 29.91 -17.22
CA GLY K 246 10.21 31.08 -16.49
C GLY K 246 9.30 31.47 -15.31
N THR K 247 7.98 31.37 -15.52
CA THR K 247 6.99 31.85 -14.56
C THR K 247 7.09 31.06 -13.25
N ASP K 248 7.28 29.74 -13.33
CA ASP K 248 7.39 28.87 -12.16
C ASP K 248 8.70 29.13 -11.42
N LYS K 249 9.78 29.39 -12.18
CA LYS K 249 11.10 29.67 -11.63
C LYS K 249 11.06 30.95 -10.80
N LEU K 250 10.38 31.98 -11.33
CA LEU K 250 10.30 33.29 -10.72
C LEU K 250 9.40 33.26 -9.49
N ASP K 251 8.28 32.52 -9.60
CA ASP K 251 7.31 32.41 -8.52
C ASP K 251 7.92 31.68 -7.32
N LEU K 252 8.75 30.67 -7.59
CA LEU K 252 9.46 29.95 -6.55
C LEU K 252 10.52 30.85 -5.91
N GLN K 253 11.17 31.70 -6.73
CA GLN K 253 12.20 32.61 -6.25
C GLN K 253 11.61 33.59 -5.23
N ASP K 254 10.49 34.24 -5.60
CA ASP K 254 9.87 35.28 -4.79
C ASP K 254 9.24 34.69 -3.54
N SER K 255 8.70 33.47 -3.67
CA SER K 255 8.08 32.75 -2.57
C SER K 255 9.11 32.42 -1.49
N LEU K 256 10.21 31.78 -1.88
CA LEU K 256 11.16 31.24 -0.93
C LEU K 256 12.26 32.25 -0.59
N GLY K 257 12.41 33.27 -1.43
CA GLY K 257 13.43 34.31 -1.24
C GLY K 257 14.80 33.85 -1.71
N LEU K 258 14.82 33.10 -2.82
CA LEU K 258 16.05 32.52 -3.37
C LEU K 258 16.90 33.62 -4.03
N PRO K 259 18.24 33.58 -3.87
CA PRO K 259 19.15 34.46 -4.60
C PRO K 259 18.93 34.54 -6.12
N SER K 260 18.59 33.40 -6.73
CA SER K 260 18.43 33.26 -8.18
C SER K 260 17.23 32.39 -8.50
N PRO K 261 16.71 32.39 -9.76
CA PRO K 261 15.49 31.63 -10.11
C PRO K 261 15.48 30.17 -9.71
N GLY K 262 14.32 29.70 -9.25
CA GLY K 262 14.18 28.41 -8.58
C GLY K 262 14.08 27.24 -9.55
N THR K 263 15.23 26.88 -10.15
CA THR K 263 15.31 25.86 -11.18
C THR K 263 15.12 24.47 -10.57
N GLN K 264 14.20 23.71 -11.18
CA GLN K 264 14.06 22.28 -10.97
C GLN K 264 13.98 21.61 -12.34
N ARG K 265 14.88 20.63 -12.55
CA ARG K 265 15.39 20.31 -13.88
C ARG K 265 15.40 18.80 -14.09
N LYS K 266 15.10 18.37 -15.34
CA LYS K 266 15.43 17.02 -15.77
C LYS K 266 16.23 17.05 -17.07
N GLU K 267 17.11 16.04 -17.20
CA GLU K 267 17.85 15.78 -18.42
C GLU K 267 17.26 14.53 -19.09
N LEU K 268 16.93 14.67 -20.38
CA LEU K 268 16.45 13.59 -21.22
C LEU K 268 17.42 13.40 -22.38
N GLN K 269 17.54 12.17 -22.88
CA GLN K 269 18.23 11.94 -24.15
C GLN K 269 17.33 11.14 -25.08
N ARG K 270 17.18 11.68 -26.30
CA ARG K 270 16.43 11.05 -27.38
C ARG K 270 17.32 11.03 -28.62
N PRO K 271 18.24 10.03 -28.74
CA PRO K 271 19.31 10.09 -29.74
C PRO K 271 18.87 10.02 -31.21
N LEU K 272 17.70 9.41 -31.46
CA LEU K 272 17.21 9.18 -32.82
C LEU K 272 16.47 10.41 -33.37
N VAL K 273 16.27 11.42 -32.53
CA VAL K 273 15.61 12.67 -32.93
C VAL K 273 16.67 13.57 -33.55
N THR K 274 16.45 13.99 -34.81
CA THR K 274 17.40 14.82 -35.53
C THR K 274 16.94 16.28 -35.61
N ASP K 275 15.63 16.50 -35.49
CA ASP K 275 15.06 17.83 -35.65
C ASP K 275 14.87 18.49 -34.29
N ILE K 276 15.26 19.77 -34.20
CA ILE K 276 15.26 20.52 -32.95
C ILE K 276 13.84 20.79 -32.48
N SER K 277 12.89 20.97 -33.42
CA SER K 277 11.51 21.27 -33.07
C SER K 277 10.83 20.08 -32.39
N ASP K 278 11.26 18.86 -32.75
CA ASP K 278 10.77 17.63 -32.14
C ASP K 278 11.32 17.49 -30.73
N ALA K 279 12.60 17.84 -30.54
CA ALA K 279 13.26 17.81 -29.24
C ALA K 279 12.60 18.81 -28.29
N GLU K 280 12.24 19.98 -28.82
CA GLU K 280 11.50 21.00 -28.09
C GLU K 280 10.17 20.43 -27.63
N ASP K 281 9.46 19.76 -28.56
CA ASP K 281 8.13 19.20 -28.32
C ASP K 281 8.18 18.12 -27.25
N ILE K 282 9.25 17.31 -27.25
CA ILE K 282 9.44 16.24 -26.27
C ILE K 282 9.63 16.86 -24.88
N GLY K 283 10.42 17.93 -24.81
CA GLY K 283 10.65 18.67 -23.58
C GLY K 283 9.38 19.35 -23.07
N ARG K 284 8.60 19.92 -24.00
CA ARG K 284 7.36 20.61 -23.70
C ARG K 284 6.33 19.63 -23.16
N LYS K 285 6.27 18.44 -23.78
CA LYS K 285 5.37 17.35 -23.43
C LYS K 285 5.71 16.83 -22.04
N TYR K 286 7.02 16.77 -21.74
CA TYR K 286 7.52 16.34 -20.45
C TYR K 286 7.06 17.31 -19.35
N LEU K 287 7.18 18.62 -19.63
CA LEU K 287 6.75 19.64 -18.68
C LEU K 287 5.24 19.59 -18.48
N ALA K 288 4.49 19.45 -19.58
CA ALA K 288 3.04 19.58 -19.60
C ALA K 288 2.36 18.46 -18.81
N PHE K 289 2.84 17.23 -18.97
CA PHE K 289 2.19 16.03 -18.46
C PHE K 289 2.37 15.89 -16.94
N ARG K 290 3.18 16.76 -16.33
CA ARG K 290 3.39 16.74 -14.88
C ARG K 290 3.27 18.13 -14.27
N ASN K 291 2.82 19.11 -15.08
CA ASN K 291 2.45 20.45 -14.64
C ASN K 291 1.27 20.36 -13.67
N SER K 292 1.19 21.29 -12.71
CA SER K 292 0.19 21.20 -11.65
C SER K 292 -1.23 21.36 -12.19
N THR K 293 -2.17 20.59 -11.63
CA THR K 293 -3.52 20.47 -12.16
C THR K 293 -4.53 20.23 -11.03
N LEU K 294 -5.76 20.71 -11.24
CA LEU K 294 -6.89 20.17 -10.51
C LEU K 294 -7.17 18.77 -11.05
N SER K 295 -7.57 17.88 -10.15
CA SER K 295 -7.98 16.53 -10.46
C SER K 295 -9.14 16.20 -9.53
N GLY K 296 -9.35 14.90 -9.29
CA GLY K 296 -10.12 14.49 -8.12
C GLY K 296 -11.53 14.03 -8.44
N THR K 297 -12.19 13.58 -7.37
CA THR K 297 -13.37 12.73 -7.39
C THR K 297 -14.58 13.54 -6.97
N VAL K 298 -15.70 13.33 -7.69
CA VAL K 298 -17.03 13.66 -7.22
C VAL K 298 -17.85 12.37 -7.29
N THR K 299 -18.48 12.01 -6.17
CA THR K 299 -19.35 10.84 -6.11
C THR K 299 -20.81 11.26 -6.27
N THR K 300 -21.49 10.62 -7.24
CA THR K 300 -22.88 10.84 -7.55
C THR K 300 -23.55 9.50 -7.83
N TYR K 301 -24.69 9.54 -8.53
CA TYR K 301 -25.45 8.36 -8.93
C TYR K 301 -25.82 8.47 -10.40
N GLY K 302 -26.18 7.34 -11.02
CA GLY K 302 -26.64 7.31 -12.41
C GLY K 302 -25.51 7.58 -13.40
N LEU K 303 -25.80 8.42 -14.40
CA LEU K 303 -24.88 8.89 -15.44
C LEU K 303 -24.30 7.73 -16.25
N TYR K 304 -25.16 6.78 -16.64
CA TYR K 304 -24.73 5.58 -17.34
C TYR K 304 -24.28 5.89 -18.76
N ASP K 305 -24.83 6.98 -19.34
CA ASP K 305 -24.53 7.34 -20.71
C ASP K 305 -23.32 8.26 -20.80
N ALA K 306 -22.71 8.61 -19.66
CA ALA K 306 -21.58 9.51 -19.62
C ALA K 306 -20.28 8.77 -19.94
N GLU K 307 -19.46 9.37 -20.81
CA GLU K 307 -18.18 8.84 -21.23
C GLU K 307 -17.06 9.80 -20.81
N PRO K 308 -15.78 9.35 -20.68
CA PRO K 308 -14.66 10.27 -20.51
C PRO K 308 -14.46 11.09 -21.79
N GLY K 309 -14.19 12.39 -21.59
CA GLY K 309 -14.13 13.34 -22.69
C GLY K 309 -15.39 14.20 -22.78
N ASP K 310 -16.44 13.79 -22.05
CA ASP K 310 -17.69 14.54 -21.97
C ASP K 310 -17.55 15.65 -20.93
N THR K 311 -18.46 16.64 -21.02
CA THR K 311 -18.51 17.77 -20.11
C THR K 311 -19.76 17.69 -19.25
N ILE K 312 -19.65 18.17 -18.00
CA ILE K 312 -20.73 18.14 -17.03
C ILE K 312 -20.64 19.35 -16.11
N ASP K 313 -21.81 19.91 -15.76
CA ASP K 313 -21.94 20.95 -14.74
C ASP K 313 -21.86 20.29 -13.36
N ILE K 314 -20.99 20.83 -12.49
CA ILE K 314 -20.88 20.36 -11.12
C ILE K 314 -21.01 21.56 -10.18
N THR K 315 -21.94 21.42 -9.22
CA THR K 315 -22.12 22.36 -8.12
C THR K 315 -21.91 21.63 -6.81
N ILE K 316 -20.87 22.04 -6.06
CA ILE K 316 -20.65 21.59 -4.69
C ILE K 316 -20.43 22.82 -3.82
N ASP K 317 -21.50 23.27 -3.16
CA ASP K 317 -21.53 24.51 -2.40
C ASP K 317 -20.55 24.46 -1.22
N PRO K 318 -20.49 23.39 -0.40
CA PRO K 318 -19.50 23.30 0.69
C PRO K 318 -18.04 23.37 0.26
N ARG K 319 -17.79 23.21 -1.05
CA ARG K 319 -16.46 23.15 -1.63
C ARG K 319 -16.20 24.38 -2.49
N GLY K 320 -17.26 25.16 -2.76
CA GLY K 320 -17.16 26.41 -3.50
C GLY K 320 -17.01 26.20 -5.00
N ILE K 321 -17.51 25.05 -5.49
CA ILE K 321 -17.37 24.64 -6.88
C ILE K 321 -18.71 24.85 -7.59
N ASP K 322 -18.65 25.53 -8.74
CA ASP K 322 -19.81 25.74 -9.61
C ASP K 322 -19.32 25.92 -11.04
N GLU K 323 -18.89 24.81 -11.67
CA GLU K 323 -18.14 24.85 -12.91
C GLU K 323 -18.61 23.77 -13.87
N GLU K 324 -18.17 23.90 -15.13
CA GLU K 324 -18.33 22.89 -16.17
C GLU K 324 -16.97 22.21 -16.38
N PHE K 325 -16.94 20.88 -16.15
CA PHE K 325 -15.71 20.11 -16.12
C PHE K 325 -15.71 19.01 -17.18
N VAL K 326 -14.50 18.65 -17.64
CA VAL K 326 -14.27 17.48 -18.46
C VAL K 326 -14.15 16.26 -17.55
N ILE K 327 -14.72 15.14 -17.97
CA ILE K 327 -14.66 13.87 -17.26
C ILE K 327 -13.46 13.08 -17.78
N ALA K 328 -12.56 12.72 -16.86
CA ALA K 328 -11.35 11.97 -17.17
C ALA K 328 -11.59 10.47 -16.98
N ALA K 329 -12.46 10.12 -16.02
CA ALA K 329 -12.82 8.74 -15.73
C ALA K 329 -14.21 8.67 -15.09
N ILE K 330 -14.95 7.60 -15.40
CA ILE K 330 -16.15 7.24 -14.65
C ILE K 330 -15.94 5.83 -14.09
N GLU K 331 -16.37 5.67 -12.83
CA GLU K 331 -16.46 4.38 -12.18
C GLU K 331 -17.89 4.17 -11.71
N TYR K 332 -18.48 3.03 -12.11
CA TYR K 332 -19.78 2.61 -11.64
C TYR K 332 -19.61 1.46 -10.67
N ARG K 333 -20.21 1.62 -9.48
CA ARG K 333 -20.22 0.60 -8.46
C ARG K 333 -21.66 0.29 -8.10
N TRP K 334 -22.09 -0.94 -8.36
CA TRP K 334 -23.33 -1.49 -7.86
C TRP K 334 -23.17 -1.73 -6.36
N GLY K 335 -24.25 -2.13 -5.68
CA GLY K 335 -24.17 -2.47 -4.27
C GLY K 335 -24.18 -1.22 -3.37
N VAL K 336 -23.17 -0.36 -3.54
CA VAL K 336 -23.07 0.91 -2.85
C VAL K 336 -23.81 2.00 -3.64
N ASP K 337 -24.17 1.66 -4.89
CA ASP K 337 -24.75 2.55 -5.88
C ASP K 337 -23.98 3.87 -5.95
N GLU K 338 -22.78 3.80 -6.51
CA GLU K 338 -21.95 4.98 -6.69
C GLU K 338 -21.56 5.11 -8.15
N THR K 339 -21.65 6.35 -8.64
CA THR K 339 -20.92 6.78 -9.82
C THR K 339 -19.84 7.75 -9.36
N ILE K 340 -18.58 7.38 -9.61
CA ILE K 340 -17.46 8.24 -9.24
C ILE K 340 -16.92 8.89 -10.51
N LEU K 341 -16.94 10.23 -10.53
CA LEU K 341 -16.42 11.02 -11.63
C LEU K 341 -15.05 11.56 -11.25
N THR K 342 -14.04 11.28 -12.09
CA THR K 342 -12.77 11.98 -12.03
C THR K 342 -12.82 13.13 -13.03
N VAL K 343 -12.49 14.34 -12.57
CA VAL K 343 -12.65 15.55 -13.38
C VAL K 343 -11.29 16.14 -13.72
N VAL K 344 -11.25 16.83 -14.87
CA VAL K 344 -10.12 17.57 -15.42
C VAL K 344 -9.01 16.63 -15.92
N GLU K 345 -8.40 15.90 -14.99
CA GLU K 345 -7.20 15.12 -15.25
C GLU K 345 -7.20 13.88 -14.34
N LYS K 346 -6.64 12.77 -14.84
CA LYS K 346 -6.36 11.62 -13.99
C LYS K 346 -4.86 11.37 -13.97
N ARG K 347 -4.34 11.15 -12.76
CA ARG K 347 -2.95 10.77 -12.54
C ARG K 347 -2.90 9.59 -11.58
N GLY K 348 -1.97 8.67 -11.83
CA GLY K 348 -1.75 7.51 -10.97
C GLY K 348 -0.97 7.88 -9.71
N ASP K 349 -0.33 6.86 -9.12
CA ASP K 349 0.52 7.05 -7.97
C ASP K 349 1.84 6.29 -8.16
N VAL K 350 1.98 5.11 -7.53
CA VAL K 350 3.16 4.26 -7.67
C VAL K 350 3.22 3.77 -9.11
N ASP K 351 2.01 3.58 -9.67
CA ASP K 351 1.73 3.18 -11.03
C ASP K 351 2.38 4.12 -12.05
N ASP K 352 2.31 5.43 -11.78
CA ASP K 352 2.89 6.45 -12.65
C ASP K 352 4.41 6.37 -12.63
N ILE K 353 4.98 6.09 -11.44
CA ILE K 353 6.42 5.96 -11.26
C ILE K 353 6.92 4.76 -12.06
N LEU K 354 6.24 3.62 -11.88
CA LEU K 354 6.64 2.35 -12.47
C LEU K 354 6.52 2.39 -14.00
N SER K 355 5.49 3.09 -14.50
CA SER K 355 5.25 3.17 -15.93
C SER K 355 6.24 4.09 -16.62
N GLU K 356 6.78 5.08 -15.89
CA GLU K 356 7.79 5.99 -16.42
C GLU K 356 9.13 5.27 -16.51
N LEU K 357 9.45 4.45 -15.49
CA LEU K 357 10.67 3.65 -15.46
C LEU K 357 10.61 2.59 -16.56
N SER K 358 9.45 1.95 -16.68
CA SER K 358 9.19 0.90 -17.65
C SER K 358 9.40 1.40 -19.09
N GLU K 359 8.83 2.59 -19.37
CA GLU K 359 8.91 3.22 -20.68
C GLU K 359 10.35 3.62 -21.00
N SER K 360 11.07 4.12 -19.98
CA SER K 360 12.45 4.54 -20.10
C SER K 360 13.36 3.34 -20.40
N VAL K 361 13.17 2.25 -19.65
CA VAL K 361 13.94 1.02 -19.80
C VAL K 361 13.76 0.46 -21.20
N GLN K 362 12.51 0.42 -21.68
CA GLN K 362 12.15 -0.12 -22.98
C GLN K 362 12.86 0.65 -24.10
N ARG K 363 12.91 1.98 -23.96
CA ARG K 363 13.49 2.90 -24.92
C ARG K 363 15.00 2.64 -25.04
N ILE K 364 15.66 2.45 -23.88
CA ILE K 364 17.09 2.23 -23.81
C ILE K 364 17.43 0.82 -24.30
N GLU K 365 16.51 -0.14 -24.07
CA GLU K 365 16.72 -1.52 -24.48
C GLU K 365 16.68 -1.63 -26.01
N MET K 366 15.74 -0.92 -26.63
CA MET K 366 15.48 -1.05 -28.07
C MET K 366 16.39 -0.13 -28.88
N GLN K 367 17.39 0.46 -28.21
CA GLN K 367 18.30 1.42 -28.82
C GLN K 367 19.33 0.68 -29.66
N GLY K 368 19.41 1.03 -30.95
CA GLY K 368 20.39 0.44 -31.86
C GLY K 368 19.87 -0.83 -32.54
N ALA K 369 18.60 -1.16 -32.31
CA ALA K 369 17.93 -2.21 -33.06
C ALA K 369 17.64 -1.70 -34.47
N ASN K 370 18.09 -2.47 -35.47
CA ASN K 370 17.83 -2.16 -36.87
C ASN K 370 16.38 -2.53 -37.16
N ARG K 371 15.55 -1.53 -37.43
CA ARG K 371 14.11 -1.74 -37.56
C ARG K 371 13.76 -2.21 -38.98
N ASP K 372 14.73 -2.08 -39.89
CA ASP K 372 14.61 -2.58 -41.26
C ASP K 372 15.40 -3.89 -41.41
N ALA K 373 15.60 -4.61 -40.30
CA ALA K 373 16.36 -5.84 -40.26
C ALA K 373 15.61 -6.98 -40.96
N PRO K 374 16.31 -8.07 -41.38
CA PRO K 374 15.65 -9.32 -41.76
C PRO K 374 14.84 -9.87 -40.58
N LYS K 375 13.58 -10.21 -40.86
CA LYS K 375 12.68 -10.79 -39.87
C LYS K 375 12.51 -12.29 -40.15
N ASN K 376 12.35 -13.06 -39.08
CA ASN K 376 12.13 -14.49 -39.12
C ASN K 376 10.96 -14.80 -38.18
N ARG K 377 10.37 -16.00 -38.31
CA ARG K 377 9.18 -16.32 -37.54
C ARG K 377 9.24 -17.76 -37.01
N ILE K 378 8.82 -17.92 -35.75
CA ILE K 378 8.57 -19.23 -35.16
C ILE K 378 7.13 -19.28 -34.63
N THR K 379 6.41 -20.34 -34.99
CA THR K 379 5.00 -20.52 -34.67
C THR K 379 4.86 -21.50 -33.52
N THR K 380 4.10 -21.11 -32.48
CA THR K 380 3.89 -21.91 -31.29
C THR K 380 2.54 -22.62 -31.38
N THR K 381 2.57 -23.96 -31.35
CA THR K 381 1.39 -24.80 -31.56
C THR K 381 1.34 -25.92 -30.52
N ASN K 382 0.12 -26.21 -30.02
CA ASN K 382 -0.12 -27.22 -29.01
C ASN K 382 -1.11 -28.26 -29.53
N ALA K 383 -0.72 -29.54 -29.41
CA ALA K 383 -1.64 -30.66 -29.50
C ALA K 383 -1.42 -31.57 -28.29
N ALA K 384 -2.45 -32.32 -27.91
CA ALA K 384 -2.36 -33.22 -26.77
C ALA K 384 -3.16 -34.50 -27.00
N ALA K 385 -2.60 -35.61 -26.50
CA ALA K 385 -3.24 -36.92 -26.52
C ALA K 385 -3.53 -37.37 -25.09
N ILE K 386 -4.81 -37.73 -24.86
CA ILE K 386 -5.25 -38.32 -23.62
C ILE K 386 -5.10 -39.84 -23.76
N VAL K 387 -4.37 -40.45 -22.83
CA VAL K 387 -4.42 -41.89 -22.64
C VAL K 387 -5.35 -42.16 -21.46
N SER K 388 -6.45 -42.86 -21.73
CA SER K 388 -7.41 -43.28 -20.72
C SER K 388 -7.17 -44.74 -20.36
N VAL K 389 -7.10 -45.03 -19.05
CA VAL K 389 -6.80 -46.36 -18.56
C VAL K 389 -8.02 -46.91 -17.83
N ASP K 390 -8.43 -48.12 -18.25
CA ASP K 390 -9.43 -48.92 -17.55
C ASP K 390 -8.81 -50.27 -17.19
N VAL K 391 -8.99 -50.68 -15.92
CA VAL K 391 -8.49 -51.97 -15.44
C VAL K 391 -9.67 -52.79 -14.92
N ASP K 392 -9.81 -54.00 -15.46
CA ASP K 392 -10.83 -54.97 -15.10
C ASP K 392 -10.14 -56.23 -14.58
N ALA K 393 -10.45 -56.61 -13.34
CA ALA K 393 -9.85 -57.78 -12.70
C ALA K 393 -10.95 -58.76 -12.27
N GLY K 394 -11.32 -59.65 -13.20
CA GLY K 394 -12.32 -60.67 -12.98
C GLY K 394 -13.71 -60.08 -12.69
N GLY K 395 -14.02 -58.96 -13.35
CA GLY K 395 -15.32 -58.33 -13.24
C GLY K 395 -15.33 -57.12 -12.29
N THR K 396 -14.23 -56.93 -11.55
CA THR K 396 -14.09 -55.81 -10.64
C THR K 396 -13.26 -54.72 -11.31
N SER K 397 -13.84 -53.52 -11.43
CA SER K 397 -13.15 -52.35 -11.94
C SER K 397 -12.27 -51.75 -10.85
N ALA K 398 -11.16 -51.13 -11.27
CA ALA K 398 -10.29 -50.38 -10.38
C ALA K 398 -11.03 -49.12 -9.90
N ASP K 399 -10.77 -48.76 -8.65
CA ASP K 399 -11.41 -47.59 -8.04
C ASP K 399 -10.67 -46.33 -8.42
N ALA K 400 -9.36 -46.45 -8.66
CA ALA K 400 -8.52 -45.36 -9.16
C ALA K 400 -7.38 -45.91 -10.00
N ASP K 401 -6.94 -45.12 -10.98
CA ASP K 401 -5.84 -45.45 -11.88
C ASP K 401 -4.99 -44.22 -12.17
N ARG K 402 -3.74 -44.46 -12.59
CA ARG K 402 -2.81 -43.43 -13.04
C ARG K 402 -2.00 -43.93 -14.23
N PHE K 403 -1.88 -43.08 -15.25
CA PHE K 403 -0.87 -43.22 -16.29
C PHE K 403 0.36 -42.43 -15.85
N VAL K 404 1.38 -43.17 -15.37
CA VAL K 404 2.45 -42.61 -14.57
C VAL K 404 3.43 -41.82 -15.44
N ASN K 405 4.27 -40.99 -14.78
CA ASN K 405 5.22 -40.11 -15.43
C ASN K 405 6.22 -40.89 -16.27
N ASP K 406 6.65 -42.07 -15.78
CA ASP K 406 7.58 -42.94 -16.47
C ASP K 406 6.99 -43.44 -17.78
N GLY K 407 5.67 -43.69 -17.78
CA GLY K 407 4.92 -44.13 -18.94
C GLY K 407 4.74 -43.01 -19.97
N ARG K 408 4.42 -41.82 -19.48
CA ARG K 408 4.31 -40.61 -20.28
C ARG K 408 5.65 -40.32 -20.95
N ASN K 409 6.75 -40.58 -20.23
CA ASN K 409 8.09 -40.35 -20.73
C ASN K 409 8.46 -41.40 -21.78
N ALA K 410 7.95 -42.63 -21.61
CA ALA K 410 8.17 -43.71 -22.56
C ALA K 410 7.51 -43.38 -23.91
N VAL K 411 6.33 -42.74 -23.85
CA VAL K 411 5.59 -42.34 -25.03
C VAL K 411 6.25 -41.12 -25.66
N ARG K 412 6.74 -40.20 -24.81
CA ARG K 412 7.48 -39.02 -25.23
C ARG K 412 8.73 -39.44 -26.00
N ASP K 413 9.51 -40.36 -25.41
CA ASP K 413 10.79 -40.79 -25.95
C ASP K 413 10.60 -41.58 -27.24
N ALA K 414 9.48 -42.32 -27.34
CA ALA K 414 9.14 -43.08 -28.53
C ALA K 414 8.75 -42.17 -29.68
N TRP K 415 8.08 -41.05 -29.36
CA TRP K 415 7.66 -40.03 -30.31
C TRP K 415 8.89 -39.34 -30.91
N THR K 416 9.98 -39.24 -30.13
CA THR K 416 11.24 -38.69 -30.62
C THR K 416 11.95 -39.68 -31.55
N GLY K 417 11.53 -40.95 -31.52
CA GLY K 417 12.09 -42.00 -32.36
C GLY K 417 13.15 -42.82 -31.63
N ALA K 418 13.14 -42.75 -30.29
CA ALA K 418 14.15 -43.39 -29.47
C ALA K 418 13.70 -44.78 -29.01
N GLY K 419 12.79 -45.40 -29.78
CA GLY K 419 12.35 -46.76 -29.54
C GLY K 419 11.06 -46.82 -28.73
N ASN K 420 10.18 -47.76 -29.11
CA ASN K 420 8.87 -47.95 -28.50
C ASN K 420 8.99 -48.77 -27.21
N PRO K 421 8.08 -48.60 -26.22
CA PRO K 421 8.02 -49.52 -25.08
C PRO K 421 7.43 -50.87 -25.48
N ASP K 422 8.03 -51.96 -25.00
CA ASP K 422 7.46 -53.29 -25.19
C ASP K 422 6.83 -53.75 -23.88
N ILE K 423 5.53 -53.99 -23.91
CA ILE K 423 4.76 -54.34 -22.73
C ILE K 423 4.87 -55.84 -22.52
N ALA K 424 5.46 -56.22 -21.38
CA ALA K 424 5.77 -57.61 -21.10
C ALA K 424 4.78 -58.20 -20.10
N ASN K 425 4.51 -57.47 -19.01
CA ASN K 425 3.93 -58.08 -17.82
C ASN K 425 2.77 -57.26 -17.27
N ILE K 426 1.73 -57.98 -16.82
CA ILE K 426 0.81 -57.50 -15.80
C ILE K 426 1.38 -57.92 -14.45
N VAL K 427 1.32 -57.00 -13.48
CA VAL K 427 1.92 -57.15 -12.17
C VAL K 427 0.87 -56.84 -11.12
N VAL K 428 0.80 -57.66 -10.05
CA VAL K 428 -0.20 -57.48 -9.01
C VAL K 428 0.47 -57.36 -7.64
N GLY K 429 -0.18 -56.63 -6.72
CA GLY K 429 0.43 -56.29 -5.45
C GLY K 429 -0.56 -56.12 -4.29
N ASP K 430 0.01 -55.85 -3.10
CA ASP K 430 -0.61 -56.05 -1.80
C ASP K 430 -0.87 -54.70 -1.10
N ASP K 431 -0.79 -53.60 -1.84
CA ASP K 431 -0.66 -52.27 -1.23
C ASP K 431 -1.37 -51.21 -2.08
N ASN K 432 -2.39 -50.55 -1.50
CA ASN K 432 -3.16 -49.54 -2.21
C ASN K 432 -2.70 -48.11 -1.87
N SER K 433 -1.58 -47.97 -1.15
CA SER K 433 -1.12 -46.67 -0.68
C SER K 433 -0.33 -45.93 -1.77
N GLY K 434 -0.41 -44.60 -1.74
CA GLY K 434 0.50 -43.71 -2.44
C GLY K 434 0.35 -43.68 -3.96
N LEU K 435 -0.88 -43.91 -4.44
CA LEU K 435 -1.16 -43.87 -5.87
C LEU K 435 -0.97 -42.45 -6.40
N SER K 436 -0.08 -42.33 -7.40
CA SER K 436 0.37 -41.04 -7.90
C SER K 436 0.96 -41.18 -9.30
N ARG K 437 1.16 -40.03 -9.97
CA ARG K 437 1.88 -39.94 -11.23
C ARG K 437 3.32 -40.42 -11.05
N THR K 438 3.85 -40.31 -9.82
CA THR K 438 5.28 -40.42 -9.54
C THR K 438 5.69 -41.87 -9.26
N ASN K 439 4.73 -42.81 -9.29
CA ASN K 439 4.97 -44.21 -8.99
C ASN K 439 5.82 -44.85 -10.09
N THR K 440 7.02 -45.33 -9.71
CA THR K 440 7.94 -46.01 -10.60
C THR K 440 7.77 -47.53 -10.52
N THR K 441 7.16 -47.99 -9.41
CA THR K 441 7.01 -49.41 -9.09
C THR K 441 5.73 -49.59 -8.26
N LEU K 442 5.31 -50.85 -8.07
CA LEU K 442 4.20 -51.17 -7.17
C LEU K 442 4.66 -50.98 -5.72
N GLY K 443 3.69 -50.84 -4.81
CA GLY K 443 3.94 -50.76 -3.38
C GLY K 443 4.60 -52.05 -2.87
N ASN K 444 3.96 -53.19 -3.16
CA ASN K 444 4.43 -54.50 -2.74
C ASN K 444 3.98 -55.54 -3.76
N GLN K 445 4.90 -55.95 -4.64
CA GLN K 445 4.61 -56.86 -5.73
C GLN K 445 4.44 -58.29 -5.20
N THR K 446 3.31 -58.90 -5.56
CA THR K 446 3.00 -60.27 -5.16
C THR K 446 3.26 -61.24 -6.32
N ASP K 447 2.91 -60.85 -7.55
CA ASP K 447 2.99 -61.74 -8.70
C ASP K 447 3.04 -60.96 -10.01
N SER K 448 3.52 -61.62 -11.08
CA SER K 448 3.49 -61.09 -12.43
C SER K 448 3.33 -62.21 -13.46
N VAL K 449 2.78 -61.84 -14.63
CA VAL K 449 2.41 -62.78 -15.69
C VAL K 449 2.51 -62.08 -17.04
N SER K 450 2.87 -62.84 -18.08
CA SER K 450 3.05 -62.33 -19.44
C SER K 450 1.70 -62.00 -20.08
N VAL K 451 1.67 -60.92 -20.87
CA VAL K 451 0.46 -60.34 -21.43
C VAL K 451 0.18 -60.89 -22.82
N THR K 452 -1.07 -60.70 -23.27
CA THR K 452 -1.49 -60.91 -24.64
C THR K 452 -2.09 -59.61 -25.18
N GLU K 453 -1.65 -59.19 -26.37
CA GLU K 453 -2.08 -57.96 -27.02
C GLU K 453 -3.38 -58.21 -27.80
N SER K 454 -4.39 -57.38 -27.52
CA SER K 454 -5.57 -57.27 -28.37
C SER K 454 -5.68 -55.84 -28.87
N LEU K 455 -5.92 -55.69 -30.19
CA LEU K 455 -6.13 -54.39 -30.81
C LEU K 455 -7.56 -54.32 -31.35
N PRO K 456 -8.58 -54.07 -30.49
CA PRO K 456 -9.98 -54.16 -30.91
C PRO K 456 -10.52 -52.99 -31.73
N SER K 457 -9.80 -51.86 -31.72
CA SER K 457 -10.20 -50.64 -32.42
C SER K 457 -8.98 -49.79 -32.74
N ALA K 458 -9.17 -48.77 -33.60
CA ALA K 458 -8.10 -47.94 -34.13
C ALA K 458 -7.36 -47.17 -33.03
N LYS K 459 -7.98 -47.01 -31.86
CA LYS K 459 -7.45 -46.14 -30.82
C LYS K 459 -7.38 -46.84 -29.46
N VAL K 460 -7.46 -48.18 -29.45
CA VAL K 460 -7.54 -48.98 -28.23
C VAL K 460 -6.52 -50.12 -28.26
N VAL K 461 -5.81 -50.32 -27.14
CA VAL K 461 -5.02 -51.54 -26.88
C VAL K 461 -5.57 -52.19 -25.61
N GLU K 462 -5.66 -53.53 -25.63
CA GLU K 462 -6.02 -54.30 -24.44
C GLU K 462 -4.93 -55.34 -24.16
N TYR K 463 -4.49 -55.38 -22.90
CA TYR K 463 -3.53 -56.35 -22.41
C TYR K 463 -4.21 -57.29 -21.43
N SER K 464 -4.15 -58.60 -21.71
CA SER K 464 -4.87 -59.62 -20.95
C SER K 464 -3.92 -60.68 -20.40
N ALA K 465 -4.26 -61.23 -19.23
CA ALA K 465 -3.51 -62.30 -18.58
C ALA K 465 -4.37 -63.01 -17.54
N THR K 466 -4.04 -64.28 -17.23
CA THR K 466 -4.74 -65.09 -16.25
C THR K 466 -3.91 -65.21 -14.97
N LEU K 467 -4.56 -64.97 -13.81
CA LEU K 467 -3.86 -64.83 -12.54
C LEU K 467 -4.54 -65.62 -11.43
N THR K 468 -3.71 -66.12 -10.50
CA THR K 468 -4.14 -66.59 -9.19
C THR K 468 -3.34 -65.85 -8.12
N GLN K 469 -4.04 -65.02 -7.33
CA GLN K 469 -3.49 -64.33 -6.17
C GLN K 469 -4.64 -63.90 -5.25
N SER K 470 -4.48 -64.18 -3.95
CA SER K 470 -5.35 -63.61 -2.93
C SER K 470 -4.82 -62.24 -2.51
N GLY K 471 -5.75 -61.33 -2.20
CA GLY K 471 -5.43 -60.07 -1.53
C GLY K 471 -4.77 -59.04 -2.44
N VAL K 472 -5.24 -58.98 -3.70
CA VAL K 472 -4.75 -58.01 -4.68
C VAL K 472 -5.40 -56.66 -4.40
N GLU K 473 -4.54 -55.64 -4.21
CA GLU K 473 -4.99 -54.27 -3.99
C GLU K 473 -4.56 -53.38 -5.15
N GLU K 474 -3.49 -53.77 -5.85
CA GLU K 474 -2.92 -52.96 -6.93
C GLU K 474 -2.57 -53.82 -8.14
N ILE K 475 -2.86 -53.26 -9.33
CA ILE K 475 -2.46 -53.81 -10.62
C ILE K 475 -1.48 -52.83 -11.26
N GLY K 476 -0.46 -53.37 -11.93
CA GLY K 476 0.48 -52.59 -12.71
C GLY K 476 0.70 -53.20 -14.10
N LEU K 477 1.00 -52.33 -15.07
CA LEU K 477 1.40 -52.74 -16.41
C LEU K 477 2.85 -52.33 -16.65
N GLU K 478 3.67 -53.29 -17.08
CA GLU K 478 5.12 -53.19 -16.97
C GLU K 478 5.78 -53.59 -18.30
N THR K 479 6.85 -52.88 -18.64
CA THR K 479 7.70 -53.17 -19.80
C THR K 479 8.76 -54.19 -19.42
N SER K 480 9.45 -54.73 -20.43
CA SER K 480 10.51 -55.71 -20.26
C SER K 480 11.64 -55.18 -19.37
N THR K 481 11.86 -53.86 -19.42
CA THR K 481 12.94 -53.19 -18.70
C THR K 481 12.49 -52.77 -17.30
N GLY K 482 11.23 -53.05 -16.95
CA GLY K 482 10.70 -52.79 -15.63
C GLY K 482 10.06 -51.41 -15.48
N THR K 483 9.91 -50.69 -16.61
CA THR K 483 9.24 -49.40 -16.62
C THR K 483 7.74 -49.63 -16.48
N LEU K 484 7.15 -49.00 -15.44
CA LEU K 484 5.72 -49.05 -15.18
C LEU K 484 5.03 -48.01 -16.06
N LEU K 485 3.91 -48.40 -16.69
CA LEU K 485 3.10 -47.49 -17.47
C LEU K 485 1.86 -47.09 -16.66
N THR K 486 1.26 -48.09 -16.01
CA THR K 486 -0.01 -47.94 -15.30
C THR K 486 0.14 -48.49 -13.89
N ARG K 487 -0.48 -47.79 -12.92
CA ARG K 487 -0.85 -48.37 -11.65
C ARG K 487 -2.34 -48.11 -11.43
N ALA K 488 -3.04 -49.14 -10.95
CA ALA K 488 -4.45 -49.06 -10.62
C ALA K 488 -4.70 -49.77 -9.29
N THR K 489 -5.75 -49.35 -8.58
CA THR K 489 -5.95 -49.82 -7.20
C THR K 489 -7.44 -50.04 -6.90
N PHE K 490 -7.69 -50.90 -5.90
CA PHE K 490 -9.02 -51.24 -5.44
C PHE K 490 -9.17 -50.84 -3.98
N GLU K 491 -10.39 -50.44 -3.61
CA GLU K 491 -10.74 -50.03 -2.25
C GLU K 491 -10.63 -51.22 -1.31
N THR K 492 -11.12 -52.38 -1.76
CA THR K 492 -11.08 -53.62 -1.00
C THR K 492 -10.27 -54.66 -1.77
N PRO K 493 -9.50 -55.55 -1.07
CA PRO K 493 -8.75 -56.63 -1.73
C PRO K 493 -9.61 -57.51 -2.62
N VAL K 494 -9.04 -57.86 -3.78
CA VAL K 494 -9.64 -58.76 -4.75
C VAL K 494 -8.89 -60.09 -4.64
N ASP K 495 -9.66 -61.19 -4.56
CA ASP K 495 -9.12 -62.53 -4.67
C ASP K 495 -9.30 -63.02 -6.10
N LEU K 496 -8.17 -63.27 -6.76
CA LEU K 496 -8.15 -63.81 -8.12
C LEU K 496 -7.82 -65.30 -8.04
N SER K 497 -8.65 -66.11 -8.70
CA SER K 497 -8.40 -67.54 -8.85
C SER K 497 -8.69 -67.97 -10.29
N SER K 498 -7.62 -67.95 -11.11
CA SER K 498 -7.64 -68.15 -12.55
C SER K 498 -8.61 -67.17 -13.22
N ASP K 499 -8.52 -65.89 -12.84
CA ASP K 499 -9.32 -64.82 -13.39
C ASP K 499 -8.49 -64.02 -14.39
N THR K 500 -9.17 -63.43 -15.38
CA THR K 500 -8.53 -62.58 -16.39
C THR K 500 -8.43 -61.16 -15.86
N VAL K 501 -7.22 -60.59 -15.95
CA VAL K 501 -6.99 -59.16 -15.75
C VAL K 501 -6.81 -58.51 -17.12
N THR K 502 -7.62 -57.47 -17.39
CA THR K 502 -7.57 -56.72 -18.62
C THR K 502 -7.19 -55.27 -18.31
N VAL K 503 -6.14 -54.78 -18.99
CA VAL K 503 -5.81 -53.36 -18.97
C VAL K 503 -6.12 -52.80 -20.36
N THR K 504 -7.04 -51.83 -20.42
CA THR K 504 -7.46 -51.20 -21.66
C THR K 504 -6.91 -49.78 -21.69
N LEU K 505 -6.14 -49.47 -22.74
CA LEU K 505 -5.61 -48.14 -22.96
C LEU K 505 -6.27 -47.55 -24.21
N THR K 506 -6.95 -46.41 -24.03
CA THR K 506 -7.67 -45.71 -25.09
C THR K 506 -7.02 -44.35 -25.34
N VAL K 507 -6.90 -43.95 -26.61
CA VAL K 507 -6.29 -42.69 -26.99
C VAL K 507 -7.38 -41.74 -27.52
N SER K 508 -7.30 -40.47 -27.08
CA SER K 508 -8.23 -39.42 -27.46
C SER K 508 -7.48 -38.10 -27.66
N ASN K 509 -8.11 -37.16 -28.36
CA ASN K 509 -7.67 -35.78 -28.45
C ASN K 509 -8.07 -35.06 -27.17
N ASP K 510 -7.18 -34.19 -26.65
CA ASP K 510 -7.56 -33.31 -25.56
C ASP K 510 -8.37 -32.15 -26.13
N ASP K 511 -9.69 -32.21 -25.94
CA ASP K 511 -10.62 -31.24 -26.48
C ASP K 511 -10.53 -29.91 -25.74
N SER K 512 -9.60 -29.82 -24.78
CA SER K 512 -9.32 -28.58 -24.06
C SER K 512 -8.54 -27.62 -24.94
N VAL K 513 -7.67 -28.16 -25.80
CA VAL K 513 -6.74 -27.34 -26.56
C VAL K 513 -7.49 -26.64 -27.70
N SER K 514 -7.26 -25.33 -27.80
CA SER K 514 -7.96 -24.46 -28.74
C SER K 514 -7.18 -24.39 -30.05
N ARG K 515 -7.87 -24.75 -31.15
CA ARG K 515 -7.43 -24.54 -32.52
C ARG K 515 -6.26 -25.42 -32.93
N GLY K 516 -5.99 -26.47 -32.14
CA GLY K 516 -5.09 -27.55 -32.50
C GLY K 516 -5.75 -28.91 -32.23
N VAL K 517 -5.30 -29.95 -32.94
CA VAL K 517 -5.91 -31.27 -32.81
C VAL K 517 -4.87 -32.36 -33.06
N MET K 518 -5.00 -33.47 -32.32
CA MET K 518 -4.44 -34.75 -32.72
C MET K 518 -5.45 -35.41 -33.66
N THR K 519 -5.03 -35.70 -34.89
CA THR K 519 -5.91 -36.32 -35.88
C THR K 519 -6.18 -37.77 -35.46
N ASN K 520 -7.11 -38.42 -36.17
CA ASN K 520 -7.40 -39.83 -35.98
C ASN K 520 -6.14 -40.66 -36.21
N ASP K 521 -5.32 -40.23 -37.18
CA ASP K 521 -4.08 -40.90 -37.56
C ASP K 521 -3.01 -40.70 -36.48
N GLY K 522 -2.98 -39.51 -35.89
CA GLY K 522 -2.09 -39.20 -34.77
C GLY K 522 -2.41 -40.05 -33.54
N GLN K 523 -3.71 -40.22 -33.28
CA GLN K 523 -4.21 -40.99 -32.16
C GLN K 523 -3.92 -42.49 -32.39
N THR K 524 -4.03 -42.92 -33.66
CA THR K 524 -3.69 -44.29 -34.08
C THR K 524 -2.20 -44.54 -33.87
N ALA K 525 -1.37 -43.53 -34.18
CA ALA K 525 0.08 -43.61 -34.03
C ALA K 525 0.47 -43.79 -32.56
N VAL K 526 -0.27 -43.15 -31.65
CA VAL K 526 0.01 -43.22 -30.22
C VAL K 526 -0.39 -44.60 -29.69
N ARG K 527 -1.48 -45.17 -30.22
CA ARG K 527 -1.85 -46.55 -29.93
C ARG K 527 -0.72 -47.48 -30.38
N ASP K 528 -0.20 -47.22 -31.58
CA ASP K 528 0.80 -48.06 -32.22
C ASP K 528 2.15 -47.96 -31.51
N VAL K 529 2.38 -46.84 -30.82
CA VAL K 529 3.56 -46.65 -29.99
C VAL K 529 3.48 -47.59 -28.78
N LEU K 530 2.29 -47.63 -28.14
CA LEU K 530 2.05 -48.41 -26.94
C LEU K 530 2.02 -49.90 -27.27
N ALA K 531 1.62 -50.23 -28.51
CA ALA K 531 1.47 -51.61 -28.95
C ALA K 531 2.77 -52.14 -29.56
N ASP K 532 3.74 -51.24 -29.81
CA ASP K 532 4.96 -51.49 -30.56
C ASP K 532 4.61 -52.08 -31.92
N ASN K 533 3.73 -51.36 -32.64
CA ASN K 533 3.05 -51.86 -33.83
C ASN K 533 3.35 -50.94 -35.01
N SER K 534 4.65 -50.82 -35.34
CA SER K 534 5.20 -50.01 -36.42
C SER K 534 4.45 -48.69 -36.60
N PRO K 535 4.53 -47.75 -35.62
CA PRO K 535 3.81 -46.48 -35.68
C PRO K 535 4.31 -45.51 -36.75
N THR K 536 3.38 -44.67 -37.25
CA THR K 536 3.71 -43.54 -38.10
C THR K 536 4.24 -42.41 -37.23
N LEU K 537 5.56 -42.37 -37.04
CA LEU K 537 6.19 -41.42 -36.14
C LEU K 537 6.43 -40.09 -36.86
N PRO K 538 6.50 -38.94 -36.14
CA PRO K 538 6.71 -37.63 -36.78
C PRO K 538 8.04 -37.50 -37.51
N THR K 539 7.96 -37.31 -38.84
CA THR K 539 9.13 -37.25 -39.70
C THR K 539 9.09 -36.00 -40.58
N ASP K 540 7.91 -35.35 -40.68
CA ASP K 540 7.70 -34.23 -41.58
C ASP K 540 6.88 -33.14 -40.91
N TYR K 541 6.92 -31.93 -41.49
CA TYR K 541 6.09 -30.81 -41.08
C TYR K 541 5.57 -30.08 -42.31
N GLY K 542 4.31 -29.64 -42.24
CA GLY K 542 3.66 -28.96 -43.36
C GLY K 542 3.01 -27.65 -42.94
N TYR K 543 2.97 -26.70 -43.90
CA TYR K 543 2.27 -25.43 -43.74
C TYR K 543 1.31 -25.24 -44.92
N GLY K 544 0.15 -24.62 -44.62
CA GLY K 544 -0.89 -24.39 -45.62
C GLY K 544 -1.63 -23.08 -45.42
N ASP K 545 -2.74 -22.88 -46.17
CA ASP K 545 -3.41 -21.58 -46.19
C ASP K 545 -4.92 -21.69 -45.98
N ASP K 546 -5.44 -22.89 -45.69
CA ASP K 546 -6.87 -23.07 -45.45
C ASP K 546 -7.17 -22.94 -43.96
N SER K 547 -8.12 -22.07 -43.61
CA SER K 547 -8.45 -21.74 -42.24
C SER K 547 -9.60 -22.60 -41.68
N THR K 548 -10.12 -23.54 -42.49
CA THR K 548 -11.21 -24.41 -42.09
C THR K 548 -10.85 -25.07 -40.75
N ALA K 549 -11.79 -25.01 -39.78
CA ALA K 549 -11.55 -25.38 -38.39
C ALA K 549 -11.08 -26.82 -38.25
N VAL K 550 -10.31 -27.08 -37.19
CA VAL K 550 -9.68 -28.37 -36.92
C VAL K 550 -10.74 -29.40 -36.53
N ALA K 551 -10.56 -30.61 -37.04
CA ALA K 551 -11.34 -31.79 -36.65
C ALA K 551 -10.40 -32.99 -36.64
N GLU K 552 -10.74 -34.03 -35.87
CA GLU K 552 -9.95 -35.25 -35.77
C GLU K 552 -9.88 -35.93 -37.13
N THR K 553 -10.94 -35.76 -37.93
CA THR K 553 -11.21 -36.49 -39.15
C THR K 553 -10.42 -35.91 -40.33
N ASP K 554 -9.52 -34.94 -40.06
CA ASP K 554 -8.70 -34.29 -41.06
C ASP K 554 -7.56 -35.22 -41.48
N THR K 555 -7.49 -35.55 -42.78
CA THR K 555 -6.48 -36.44 -43.33
C THR K 555 -5.30 -35.66 -43.90
N THR K 556 -5.54 -34.40 -44.29
CA THR K 556 -4.59 -33.55 -44.99
C THR K 556 -4.79 -32.11 -44.54
N LEU K 557 -3.74 -31.27 -44.70
CA LEU K 557 -3.93 -29.83 -44.58
C LEU K 557 -4.85 -29.37 -45.71
N GLY K 558 -5.73 -28.41 -45.41
CA GLY K 558 -6.76 -27.94 -46.31
C GLY K 558 -6.21 -27.57 -47.69
N ASN K 559 -5.08 -26.85 -47.67
CA ASN K 559 -4.28 -26.57 -48.86
C ASN K 559 -2.84 -26.34 -48.42
N GLU K 560 -1.93 -27.21 -48.87
CA GLU K 560 -0.56 -27.24 -48.37
C GLU K 560 0.37 -26.48 -49.32
N LEU K 561 1.14 -25.56 -48.74
CA LEU K 561 2.06 -24.70 -49.47
C LEU K 561 3.47 -25.32 -49.51
N ALA K 562 3.90 -25.92 -48.37
CA ALA K 562 5.27 -26.40 -48.24
C ALA K 562 5.37 -27.59 -47.29
N ASN K 563 6.33 -28.48 -47.61
CA ASN K 563 6.73 -29.63 -46.82
C ASN K 563 8.18 -29.44 -46.37
N THR K 564 8.54 -30.09 -45.24
CA THR K 564 9.89 -30.13 -44.71
C THR K 564 10.07 -31.42 -43.90
N SER K 565 11.27 -32.00 -43.98
CA SER K 565 11.63 -33.18 -43.21
C SER K 565 12.15 -32.78 -41.83
N LEU K 566 11.79 -33.59 -40.82
CA LEU K 566 12.31 -33.47 -39.47
C LEU K 566 13.57 -34.33 -39.31
N GLU K 567 13.94 -35.05 -40.37
CA GLU K 567 15.06 -35.98 -40.37
C GLU K 567 16.32 -35.30 -40.89
N GLU K 568 16.16 -34.07 -41.42
CA GLU K 568 17.18 -33.33 -42.13
C GLU K 568 16.84 -31.85 -41.97
N ILE K 569 17.76 -31.08 -41.35
CA ILE K 569 17.45 -29.72 -40.90
C ILE K 569 18.47 -28.75 -41.49
N LEU K 570 17.97 -27.59 -41.92
CA LEU K 570 18.79 -26.48 -42.41
C LEU K 570 19.50 -25.81 -41.22
N ILE K 571 20.83 -25.83 -41.26
CA ILE K 571 21.64 -25.24 -40.19
C ILE K 571 22.24 -23.91 -40.60
N GLN K 572 22.36 -23.67 -41.92
CA GLN K 572 22.88 -22.42 -42.46
C GLN K 572 22.31 -22.18 -43.85
N SER K 573 22.10 -20.90 -44.20
CA SER K 573 21.68 -20.51 -45.53
C SER K 573 22.03 -19.06 -45.83
N ALA K 574 22.14 -18.73 -47.14
CA ALA K 574 22.24 -17.36 -47.62
C ALA K 574 21.64 -17.24 -49.01
N SER K 575 20.95 -16.11 -49.25
CA SER K 575 20.17 -15.84 -50.45
C SER K 575 20.03 -14.34 -50.65
N SER K 576 20.78 -13.58 -49.84
CA SER K 576 20.59 -12.16 -49.61
C SER K 576 21.92 -11.54 -49.21
N VAL K 577 22.04 -10.21 -49.34
CA VAL K 577 23.27 -9.51 -49.00
C VAL K 577 23.53 -9.63 -47.50
N SER K 578 22.49 -9.36 -46.70
CA SER K 578 22.57 -9.33 -45.24
C SER K 578 22.92 -10.70 -44.68
N ALA K 579 22.33 -11.74 -45.29
CA ALA K 579 22.53 -13.13 -44.88
C ALA K 579 23.95 -13.58 -45.22
N TRP K 580 24.46 -13.16 -46.38
CA TRP K 580 25.80 -13.47 -46.81
C TRP K 580 26.83 -12.80 -45.89
N ASN K 581 26.59 -11.53 -45.53
CA ASN K 581 27.44 -10.79 -44.61
C ASN K 581 27.49 -11.46 -43.25
N THR K 582 26.34 -12.01 -42.82
CA THR K 582 26.18 -12.69 -41.54
C THR K 582 27.05 -13.95 -41.49
N ILE K 583 27.05 -14.73 -42.57
CA ILE K 583 27.70 -16.03 -42.57
C ILE K 583 29.17 -15.92 -43.00
N LEU K 584 29.56 -14.78 -43.58
CA LEU K 584 30.95 -14.56 -43.96
C LEU K 584 31.77 -14.06 -42.77
N GLY K 585 31.09 -13.52 -41.74
CA GLY K 585 31.75 -12.98 -40.57
C GLY K 585 32.38 -11.61 -40.85
N THR K 586 33.40 -11.25 -40.05
CA THR K 586 34.04 -9.95 -40.15
C THR K 586 35.06 -9.95 -41.29
N LEU K 587 34.58 -9.66 -42.50
CA LEU K 587 35.46 -9.43 -43.64
C LEU K 587 36.01 -8.01 -43.54
N ALA K 588 37.32 -7.88 -43.72
CA ALA K 588 37.98 -6.57 -43.81
C ALA K 588 37.49 -5.86 -45.07
N SER K 589 37.47 -4.52 -45.00
CA SER K 589 37.04 -3.67 -46.10
C SER K 589 37.99 -3.81 -47.30
N THR K 590 39.18 -4.36 -47.04
CA THR K 590 40.23 -4.54 -48.02
C THR K 590 40.12 -5.90 -48.72
N TYR K 591 39.23 -6.77 -48.22
CA TYR K 591 39.13 -8.12 -48.74
C TYR K 591 38.54 -8.10 -50.16
N PRO K 592 39.18 -8.77 -51.15
CA PRO K 592 38.71 -8.72 -52.54
C PRO K 592 37.49 -9.59 -52.83
N LEU K 593 36.37 -9.33 -52.13
CA LEU K 593 35.13 -10.08 -52.32
C LEU K 593 33.95 -9.11 -52.41
N VAL K 594 33.07 -9.36 -53.40
CA VAL K 594 31.88 -8.56 -53.63
C VAL K 594 30.65 -9.37 -53.21
N VAL K 595 29.83 -8.76 -52.34
CA VAL K 595 28.56 -9.31 -51.90
C VAL K 595 27.45 -8.49 -52.56
N SER K 596 26.53 -9.19 -53.24
CA SER K 596 25.52 -8.58 -54.09
C SER K 596 24.22 -9.38 -54.04
N SER K 597 23.17 -8.85 -54.69
CA SER K 597 21.92 -9.57 -54.91
C SER K 597 22.16 -10.81 -55.77
N SER K 598 23.24 -10.77 -56.55
CA SER K 598 23.62 -11.81 -57.49
C SER K 598 24.41 -12.92 -56.80
N GLY K 599 24.87 -12.64 -55.58
CA GLY K 599 25.62 -13.60 -54.77
C GLY K 599 26.96 -13.03 -54.28
N ILE K 600 27.93 -13.92 -54.06
CA ILE K 600 29.28 -13.55 -53.69
C ILE K 600 30.26 -13.98 -54.78
N ARG K 601 31.26 -13.13 -55.05
CA ARG K 601 32.28 -13.40 -56.06
C ARG K 601 33.57 -12.66 -55.72
N PRO K 602 34.74 -13.15 -56.19
CA PRO K 602 35.98 -12.35 -56.18
C PRO K 602 35.82 -11.01 -56.90
N ALA K 603 36.39 -9.97 -56.29
CA ALA K 603 36.38 -8.63 -56.85
C ALA K 603 37.41 -8.54 -57.98
N GLN K 604 37.22 -7.60 -58.90
CA GLN K 604 38.23 -7.29 -59.89
C GLN K 604 39.41 -6.63 -59.19
N THR K 605 40.61 -7.18 -59.41
CA THR K 605 41.81 -6.74 -58.72
C THR K 605 42.81 -6.12 -59.69
N ALA K 606 42.68 -6.45 -61.00
CA ALA K 606 43.49 -5.85 -62.05
C ALA K 606 42.59 -5.25 -63.12
N TRP K 607 42.98 -4.08 -63.65
CA TRP K 607 42.24 -3.41 -64.70
C TRP K 607 43.10 -3.35 -65.97
N THR K 608 43.52 -4.55 -66.42
CA THR K 608 44.41 -4.79 -67.54
C THR K 608 43.77 -4.26 -68.83
N THR K 609 44.43 -3.27 -69.44
CA THR K 609 43.93 -2.55 -70.60
C THR K 609 44.99 -2.53 -71.69
N GLU K 610 44.55 -2.82 -72.93
CA GLU K 610 45.41 -2.80 -74.09
C GLU K 610 45.66 -1.37 -74.56
N SER K 611 46.82 -1.20 -75.18
CA SER K 611 47.22 -0.08 -76.03
C SER K 611 46.03 0.53 -76.78
N ASP K 612 45.23 -0.35 -77.38
CA ASP K 612 44.10 -0.05 -78.26
C ASP K 612 43.04 0.77 -77.53
N ASN K 613 42.76 0.43 -76.27
CA ASN K 613 41.57 0.87 -75.57
C ASN K 613 41.81 2.12 -74.72
N LEU K 614 43.09 2.43 -74.44
CA LEU K 614 43.44 3.59 -73.62
C LEU K 614 43.00 4.87 -74.30
N ALA K 615 42.59 5.87 -73.49
CA ALA K 615 42.38 7.22 -73.97
C ALA K 615 43.72 7.81 -74.37
N GLN K 616 43.78 8.39 -75.58
CA GLN K 616 45.01 8.57 -76.32
C GLN K 616 45.11 10.01 -76.82
N SER K 617 46.29 10.63 -76.62
CA SER K 617 46.60 11.93 -77.20
C SER K 617 48.11 12.09 -77.41
N GLY K 618 48.48 12.53 -78.62
CA GLY K 618 49.84 12.91 -78.94
C GLY K 618 50.78 11.72 -79.19
N THR K 619 50.32 10.52 -78.81
CA THR K 619 51.11 9.29 -78.96
C THR K 619 51.02 8.79 -80.40
N ALA K 620 52.00 7.96 -80.79
CA ALA K 620 52.08 7.39 -82.12
C ALA K 620 51.88 5.87 -82.06
N LEU K 621 51.20 5.33 -83.07
CA LEU K 621 50.96 3.91 -83.20
C LEU K 621 52.25 3.22 -83.65
N VAL K 622 52.73 2.28 -82.83
CA VAL K 622 53.87 1.43 -83.14
C VAL K 622 53.35 0.03 -83.42
N THR K 623 53.74 -0.54 -84.57
CA THR K 623 53.30 -1.86 -84.99
C THR K 623 54.48 -2.84 -84.93
N VAL K 624 54.35 -3.87 -84.08
CA VAL K 624 55.39 -4.89 -83.89
C VAL K 624 54.72 -6.23 -83.57
N GLY K 625 55.32 -7.33 -84.05
CA GLY K 625 54.80 -8.67 -83.89
C GLY K 625 54.80 -9.18 -82.45
N ASP K 626 55.62 -8.55 -81.58
CA ASP K 626 55.82 -8.99 -80.21
C ASP K 626 54.88 -8.28 -79.25
N TYR K 627 54.17 -7.25 -79.74
CA TYR K 627 53.26 -6.49 -78.89
C TYR K 627 51.90 -7.17 -78.85
N SER K 628 51.19 -6.97 -77.72
CA SER K 628 49.83 -7.42 -77.52
C SER K 628 48.89 -6.60 -78.41
N ASN K 629 48.24 -7.33 -79.33
CA ASN K 629 47.43 -6.87 -80.45
C ASN K 629 48.31 -6.32 -81.57
N GLY K 630 49.61 -6.66 -81.53
CA GLY K 630 50.59 -6.18 -82.49
C GLY K 630 50.76 -4.66 -82.45
N GLU K 631 50.36 -4.07 -81.31
CA GLU K 631 50.07 -2.65 -81.18
C GLU K 631 50.44 -2.14 -79.78
N ALA K 632 51.15 -0.99 -79.79
CA ALA K 632 51.53 -0.22 -78.63
C ALA K 632 51.55 1.27 -78.96
N GLU K 633 51.40 2.11 -77.91
CA GLU K 633 51.30 3.55 -78.03
C GLU K 633 52.61 4.20 -77.59
N GLY K 634 53.25 4.92 -78.52
CA GLY K 634 54.52 5.57 -78.26
C GLY K 634 54.35 6.95 -77.64
N LEU K 635 54.72 7.06 -76.35
CA LEU K 635 54.94 8.34 -75.70
C LEU K 635 56.26 8.91 -76.23
N ASP K 636 56.16 9.88 -77.15
CA ASP K 636 57.28 10.28 -77.99
C ASP K 636 57.60 11.78 -77.88
N SER K 637 56.63 12.58 -77.42
CA SER K 637 56.76 14.03 -77.38
C SER K 637 56.19 14.59 -76.07
N PRO K 638 56.73 15.70 -75.52
CA PRO K 638 56.19 16.30 -74.28
C PRO K 638 54.75 16.77 -74.46
N GLY K 639 53.86 16.22 -73.62
CA GLY K 639 52.44 16.55 -73.68
C GLY K 639 51.58 15.39 -74.19
N ASP K 640 52.23 14.27 -74.54
CA ASP K 640 51.54 13.02 -74.88
C ASP K 640 50.89 12.47 -73.61
N THR K 641 49.73 11.81 -73.77
CA THR K 641 48.96 11.32 -72.63
C THR K 641 48.27 9.99 -72.97
N LEU K 642 48.37 9.04 -72.03
CA LEU K 642 47.53 7.86 -71.99
C LEU K 642 46.72 7.86 -70.69
N GLU K 643 45.41 7.67 -70.81
CA GLU K 643 44.50 7.82 -69.68
C GLU K 643 43.60 6.59 -69.54
N LEU K 644 43.42 6.15 -68.29
CA LEU K 644 42.68 4.96 -67.92
C LEU K 644 41.86 5.27 -66.66
N SER K 645 40.61 4.74 -66.62
CA SER K 645 39.73 4.94 -65.48
C SER K 645 39.15 3.62 -65.00
N PHE K 646 39.00 3.49 -63.68
CA PHE K 646 38.46 2.31 -63.02
C PHE K 646 37.89 2.68 -61.65
N THR K 647 37.00 1.83 -61.15
CA THR K 647 36.49 1.91 -59.78
C THR K 647 36.77 0.57 -59.10
N PRO K 648 37.44 0.54 -57.93
CA PRO K 648 37.60 -0.71 -57.17
C PRO K 648 36.35 -1.09 -56.40
N GLU K 649 36.14 -2.39 -56.24
CA GLU K 649 34.96 -2.95 -55.61
C GLU K 649 35.24 -3.26 -54.14
N HIS K 650 36.45 -2.87 -53.69
CA HIS K 650 36.95 -3.05 -52.34
C HIS K 650 37.99 -1.97 -52.07
N ASP K 651 38.41 -1.81 -50.82
CA ASP K 651 39.52 -0.91 -50.50
C ASP K 651 40.83 -1.56 -50.95
N ILE K 652 41.60 -0.84 -51.78
CA ILE K 652 42.97 -1.23 -52.06
C ILE K 652 43.87 -0.52 -51.05
N PRO K 653 44.65 -1.27 -50.22
CA PRO K 653 45.69 -0.64 -49.40
C PRO K 653 46.73 0.00 -50.32
N GLY K 654 47.15 1.22 -49.99
CA GLY K 654 48.14 1.96 -50.75
C GLY K 654 49.43 1.14 -50.94
N GLU K 655 49.73 0.34 -49.91
CA GLU K 655 50.85 -0.59 -49.81
C GLU K 655 50.84 -1.59 -50.97
N GLU K 656 49.64 -1.87 -51.49
CA GLU K 656 49.39 -3.00 -52.39
C GLU K 656 49.22 -2.53 -53.83
N PHE K 657 49.07 -1.23 -54.04
CA PHE K 657 48.79 -0.69 -55.37
C PHE K 657 50.05 -0.74 -56.24
N ALA K 658 49.89 -1.29 -57.45
CA ALA K 658 50.97 -1.42 -58.41
C ALA K 658 50.47 -1.07 -59.82
N LEU K 659 51.38 -0.52 -60.63
CA LEU K 659 51.08 -0.16 -62.02
C LEU K 659 52.06 -0.86 -62.95
N TRP K 660 51.64 -2.05 -63.41
CA TRP K 660 52.47 -2.88 -64.28
C TRP K 660 52.14 -2.57 -65.74
N CYS K 661 53.19 -2.21 -66.48
CA CYS K 661 53.07 -1.89 -67.90
C CYS K 661 54.08 -2.72 -68.69
N ARG K 662 53.69 -3.15 -69.88
CA ARG K 662 54.64 -3.59 -70.88
C ARG K 662 55.16 -2.35 -71.61
N ILE K 663 56.47 -2.12 -71.50
CA ILE K 663 57.12 -0.99 -72.12
C ILE K 663 58.32 -1.49 -72.93
N GLU K 664 58.53 -0.87 -74.09
CA GLU K 664 59.77 -0.98 -74.83
C GLU K 664 60.16 0.42 -75.31
N THR K 665 61.43 0.77 -75.14
CA THR K 665 62.00 1.96 -75.77
C THR K 665 62.53 1.59 -77.14
N ASP K 666 62.34 2.50 -78.11
CA ASP K 666 63.18 2.58 -79.31
C ASP K 666 63.13 1.28 -80.12
N LEU K 667 61.99 0.57 -80.07
CA LEU K 667 61.77 -0.70 -80.73
C LEU K 667 62.87 -1.71 -80.36
N GLY K 668 63.31 -1.65 -79.09
CA GLY K 668 64.32 -2.55 -78.58
C GLY K 668 65.75 -2.05 -78.79
N GLY K 669 65.87 -0.84 -79.36
CA GLY K 669 67.13 -0.12 -79.48
C GLY K 669 67.58 0.45 -78.13
N THR K 670 68.40 1.50 -78.16
CA THR K 670 69.09 1.95 -76.95
C THR K 670 69.05 3.47 -76.74
N ASP K 671 68.37 4.21 -77.63
CA ASP K 671 68.21 5.65 -77.46
C ASP K 671 67.17 5.91 -76.35
N PRO K 672 67.50 6.68 -75.29
CA PRO K 672 66.56 6.97 -74.20
C PRO K 672 65.19 7.54 -74.59
N GLY K 673 64.16 7.05 -73.89
CA GLY K 673 62.79 7.55 -74.01
C GLY K 673 62.57 8.77 -73.12
N PRO K 674 61.38 9.42 -73.17
CA PRO K 674 61.12 10.62 -72.36
C PRO K 674 60.92 10.35 -70.87
N GLU K 675 60.88 11.44 -70.10
CA GLU K 675 60.48 11.42 -68.70
C GLU K 675 58.98 11.16 -68.63
N ILE K 676 58.59 10.16 -67.83
CA ILE K 676 57.18 9.82 -67.67
C ILE K 676 56.70 10.32 -66.31
N THR K 677 55.59 11.07 -66.35
CA THR K 677 54.86 11.54 -65.18
C THR K 677 53.56 10.74 -65.09
N VAL K 678 53.31 10.19 -63.90
CA VAL K 678 52.08 9.47 -63.63
C VAL K 678 51.26 10.26 -62.62
N THR K 679 50.00 10.57 -63.00
CA THR K 679 49.05 11.25 -62.14
C THR K 679 47.90 10.28 -61.83
N LEU K 680 47.61 10.15 -60.53
CA LEU K 680 46.54 9.28 -60.05
C LEU K 680 45.52 10.11 -59.28
N ASP K 681 44.27 10.09 -59.76
CA ASP K 681 43.21 10.89 -59.19
C ASP K 681 42.24 9.98 -58.45
N ILE K 682 42.18 10.15 -57.12
CA ILE K 682 41.31 9.35 -56.25
C ILE K 682 40.07 10.18 -55.94
N ASP K 683 39.23 10.35 -56.98
CA ASP K 683 37.96 11.08 -56.92
C ASP K 683 38.19 12.53 -56.49
N GLY K 684 39.27 13.15 -56.99
CA GLY K 684 39.51 14.58 -56.86
C GLY K 684 40.74 14.92 -56.01
N ASP K 685 41.76 14.05 -56.03
CA ASP K 685 42.92 14.15 -55.14
C ASP K 685 44.20 14.47 -55.91
N THR K 686 44.40 13.81 -57.07
CA THR K 686 45.52 14.00 -57.98
C THR K 686 46.88 13.93 -57.27
N TYR K 687 47.30 12.70 -56.93
CA TYR K 687 48.68 12.43 -56.56
C TYR K 687 49.51 12.34 -57.84
N SER K 688 50.72 12.89 -57.83
CA SER K 688 51.54 12.97 -59.02
C SER K 688 52.99 12.57 -58.72
N TRP K 689 53.56 11.75 -59.60
CA TRP K 689 54.88 11.14 -59.39
C TRP K 689 55.56 10.83 -60.72
N VAL K 690 56.89 10.67 -60.67
CA VAL K 690 57.74 10.61 -61.86
C VAL K 690 58.62 9.36 -61.76
N PRO K 691 58.15 8.18 -62.25
CA PRO K 691 58.91 6.93 -62.11
C PRO K 691 60.07 6.69 -63.07
N ILE K 692 60.13 7.46 -64.16
CA ILE K 692 61.06 7.20 -65.26
C ILE K 692 61.75 8.50 -65.65
N GLY K 693 63.10 8.47 -65.73
CA GLY K 693 63.93 9.62 -66.06
C GLY K 693 64.35 9.65 -67.52
N THR K 694 64.98 10.77 -67.93
CA THR K 694 65.26 11.10 -69.32
C THR K 694 66.39 10.24 -69.91
N ASN K 695 66.99 9.37 -69.08
CA ASN K 695 68.18 8.62 -69.47
C ASN K 695 67.83 7.14 -69.71
N THR K 696 66.54 6.79 -69.56
CA THR K 696 66.11 5.40 -69.45
C THR K 696 65.97 4.73 -70.82
N ALA K 697 66.44 3.48 -70.89
CA ALA K 697 66.12 2.54 -71.95
C ALA K 697 65.61 1.24 -71.33
N LEU K 698 64.52 0.70 -71.89
CA LEU K 698 63.87 -0.48 -71.34
C LEU K 698 63.64 -1.50 -72.46
N GLY K 699 64.17 -2.71 -72.27
CA GLY K 699 63.82 -3.85 -73.11
C GLY K 699 62.38 -4.28 -72.88
N LEU K 700 61.77 -4.94 -73.87
CA LEU K 700 60.37 -5.31 -73.78
C LEU K 700 60.16 -6.30 -72.63
N ASN K 701 59.49 -5.79 -71.58
CA ASN K 701 59.25 -6.51 -70.34
C ASN K 701 58.15 -5.80 -69.54
N TRP K 702 57.67 -6.46 -68.48
CA TRP K 702 56.73 -5.89 -67.52
C TRP K 702 57.49 -5.11 -66.45
N TYR K 703 56.99 -3.91 -66.11
CA TYR K 703 57.60 -3.05 -65.12
C TYR K 703 56.54 -2.41 -64.23
N ASP K 704 56.79 -2.41 -62.91
CA ASP K 704 55.91 -1.74 -61.96
C ASP K 704 56.37 -0.29 -61.78
N LEU K 705 55.52 0.64 -62.23
CA LEU K 705 55.86 2.06 -62.19
C LEU K 705 55.58 2.64 -60.80
N ALA K 706 54.58 2.08 -60.11
CA ALA K 706 54.11 2.61 -58.83
C ALA K 706 55.17 2.47 -57.74
N ASN K 707 55.91 1.34 -57.74
CA ASN K 707 56.74 0.97 -56.61
C ASN K 707 58.23 0.95 -56.95
N ASN K 708 58.58 0.68 -58.22
CA ASN K 708 59.95 0.78 -58.69
C ASN K 708 60.15 2.13 -59.36
N THR K 709 61.41 2.57 -59.50
CA THR K 709 61.74 3.75 -60.29
C THR K 709 63.08 3.60 -60.99
N PHE K 710 63.20 4.30 -62.12
CA PHE K 710 64.30 4.19 -63.06
C PHE K 710 64.77 5.60 -63.41
N GLY K 711 65.71 6.13 -62.60
CA GLY K 711 66.24 7.47 -62.77
C GLY K 711 65.20 8.57 -62.52
N GLY K 712 64.05 8.19 -61.95
CA GLY K 712 62.93 9.08 -61.71
C GLY K 712 63.14 9.99 -60.50
N SER K 713 62.12 10.82 -60.22
CA SER K 713 62.22 11.89 -59.23
C SER K 713 61.36 11.62 -57.98
N SER K 714 60.30 10.81 -58.14
CA SER K 714 59.36 10.50 -57.07
C SER K 714 58.53 9.25 -57.42
N THR K 715 58.13 8.49 -56.39
CA THR K 715 57.28 7.31 -56.57
C THR K 715 55.93 7.53 -55.87
N TYR K 716 55.04 6.52 -55.96
CA TYR K 716 53.71 6.61 -55.41
C TYR K 716 53.77 6.82 -53.90
N PRO K 717 53.18 7.92 -53.35
CA PRO K 717 52.96 8.01 -51.91
C PRO K 717 51.87 6.99 -51.62
N ASP K 718 52.24 5.92 -50.90
CA ASP K 718 51.41 4.73 -50.76
C ASP K 718 50.12 5.07 -50.02
N THR K 719 49.14 5.59 -50.77
CA THR K 719 47.88 6.12 -50.27
C THR K 719 46.73 5.22 -50.72
N ASP K 720 45.77 5.03 -49.81
CA ASP K 720 44.71 4.04 -49.96
C ASP K 720 43.69 4.48 -51.00
N ILE K 721 43.23 3.51 -51.80
CA ILE K 721 42.14 3.70 -52.74
C ILE K 721 40.85 3.22 -52.06
N PRO K 722 39.89 4.12 -51.71
CA PRO K 722 38.60 3.68 -51.19
C PRO K 722 37.76 2.95 -52.23
N GLU K 723 36.97 1.97 -51.74
CA GLU K 723 35.95 1.28 -52.51
C GLU K 723 34.99 2.31 -53.10
N GLY K 724 34.69 2.15 -54.40
CA GLY K 724 33.67 2.96 -55.06
C GLY K 724 34.19 4.32 -55.53
N SER K 725 35.47 4.61 -55.26
CA SER K 725 36.09 5.85 -55.74
C SER K 725 36.42 5.74 -57.22
N THR K 726 36.30 6.87 -57.92
CA THR K 726 36.54 6.94 -59.36
C THR K 726 38.00 7.27 -59.61
N VAL K 727 38.80 6.25 -59.92
CA VAL K 727 40.22 6.45 -60.18
C VAL K 727 40.40 6.87 -61.63
N THR K 728 41.15 7.96 -61.83
CA THR K 728 41.75 8.28 -63.12
C THR K 728 43.25 8.11 -63.02
N LEU K 729 43.81 7.42 -64.03
CA LEU K 729 45.24 7.22 -64.15
C LEU K 729 45.71 7.85 -65.45
N SER K 730 46.69 8.76 -65.35
CA SER K 730 47.23 9.48 -66.49
C SER K 730 48.74 9.28 -66.56
N ILE K 731 49.21 8.73 -67.69
CA ILE K 731 50.63 8.60 -67.97
C ILE K 731 50.99 9.63 -69.05
N GLU K 732 51.91 10.54 -68.71
CA GLU K 732 52.17 11.74 -69.49
C GLU K 732 53.67 11.91 -69.69
N ALA K 733 54.08 12.23 -70.92
CA ALA K 733 55.47 12.52 -71.23
C ALA K 733 55.78 13.98 -70.91
N THR K 734 56.87 14.21 -70.18
CA THR K 734 57.19 15.54 -69.68
C THR K 734 58.58 16.01 -70.14
N SER K 735 59.14 15.33 -71.15
CA SER K 735 60.40 15.73 -71.76
C SER K 735 60.43 15.34 -73.24
N SER K 736 61.42 15.86 -73.96
CA SER K 736 61.74 15.40 -75.32
C SER K 736 62.38 14.01 -75.23
N SER K 737 62.35 13.29 -76.37
CA SER K 737 62.78 11.91 -76.44
C SER K 737 64.00 11.80 -77.37
N VAL K 738 64.99 11.00 -76.96
CA VAL K 738 66.18 10.78 -77.77
C VAL K 738 65.82 9.86 -78.93
N SER K 739 65.06 8.79 -78.62
CA SER K 739 64.47 7.90 -79.61
C SER K 739 63.23 8.56 -80.21
N GLY K 740 62.98 8.25 -81.49
CA GLY K 740 61.78 8.70 -82.20
C GLY K 740 60.55 7.87 -81.82
N GLN K 741 60.78 6.61 -81.44
CA GLN K 741 59.72 5.66 -81.10
C GLN K 741 59.16 5.94 -79.70
N GLY K 742 59.97 6.58 -78.84
CA GLY K 742 59.59 6.91 -77.48
C GLY K 742 59.51 5.67 -76.57
N HIS K 743 58.70 5.75 -75.51
CA HIS K 743 58.30 4.58 -74.75
C HIS K 743 56.99 4.06 -75.34
N ALA K 744 57.02 2.81 -75.84
CA ALA K 744 55.83 2.18 -76.40
C ALA K 744 55.11 1.41 -75.29
N VAL K 745 53.88 1.86 -74.98
CA VAL K 745 53.04 1.23 -73.96
C VAL K 745 52.12 0.23 -74.65
N ASP K 746 52.30 -1.06 -74.31
CA ASP K 746 51.68 -2.16 -75.05
C ASP K 746 50.40 -2.63 -74.38
N VAL K 747 50.49 -2.78 -73.04
CA VAL K 747 49.43 -3.15 -72.09
C VAL K 747 49.72 -2.41 -70.78
N MET K 748 48.65 -1.84 -70.18
CA MET K 748 48.72 -1.14 -68.91
C MET K 748 47.80 -1.85 -67.90
N ALA K 749 48.36 -2.17 -66.73
CA ALA K 749 47.63 -2.86 -65.68
C ALA K 749 47.87 -2.19 -64.33
N PRO K 750 46.98 -1.26 -63.90
CA PRO K 750 46.88 -0.91 -62.48
C PRO K 750 46.20 -2.08 -61.77
N LEU K 751 46.84 -2.57 -60.71
CA LEU K 751 46.33 -3.74 -60.02
C LEU K 751 46.72 -3.76 -58.54
N ASP K 752 45.92 -4.49 -57.77
CA ASP K 752 46.16 -4.81 -56.37
C ASP K 752 47.09 -6.02 -56.32
N ALA K 753 48.22 -5.87 -55.62
CA ALA K 753 49.30 -6.86 -55.63
C ALA K 753 48.92 -8.12 -54.88
N LEU K 754 47.97 -8.00 -53.94
CA LEU K 754 47.40 -9.10 -53.14
C LEU K 754 48.46 -9.85 -52.35
N THR K 755 49.46 -9.13 -51.82
CA THR K 755 50.47 -9.75 -50.96
C THR K 755 49.83 -10.26 -49.67
N ARG K 756 48.71 -9.62 -49.27
CA ARG K 756 48.00 -9.94 -48.04
C ARG K 756 47.20 -11.25 -48.17
N VAL K 757 46.99 -11.71 -49.42
CA VAL K 757 46.23 -12.92 -49.69
C VAL K 757 47.20 -14.05 -50.07
N THR K 758 48.22 -13.71 -50.87
CA THR K 758 49.14 -14.68 -51.45
C THR K 758 50.30 -14.97 -50.50
N GLY K 759 50.70 -13.97 -49.71
CA GLY K 759 51.84 -14.08 -48.80
C GLY K 759 53.17 -13.84 -49.51
N GLY K 760 53.11 -13.55 -50.81
CA GLY K 760 54.28 -13.39 -51.66
C GLY K 760 54.93 -12.02 -51.50
N SER K 761 56.09 -11.85 -52.15
CA SER K 761 56.90 -10.65 -52.08
C SER K 761 56.28 -9.52 -52.90
N ASP K 762 55.61 -9.89 -54.00
CA ASP K 762 55.17 -8.96 -55.03
C ASP K 762 54.03 -9.59 -55.85
N ALA K 763 53.54 -8.83 -56.83
CA ALA K 763 52.35 -9.15 -57.61
C ALA K 763 52.53 -10.35 -58.52
N THR K 764 53.80 -10.78 -58.74
CA THR K 764 54.07 -11.93 -59.61
C THR K 764 53.59 -13.23 -58.97
N SER K 765 53.34 -13.20 -57.65
CA SER K 765 52.82 -14.35 -56.91
C SER K 765 51.31 -14.49 -57.09
N ALA K 766 50.65 -13.41 -57.52
CA ALA K 766 49.20 -13.35 -57.63
C ALA K 766 48.74 -13.51 -59.08
N TYR K 767 49.55 -13.04 -60.04
CA TYR K 767 49.15 -12.97 -61.45
C TYR K 767 50.25 -13.56 -62.35
N THR K 768 49.86 -13.98 -63.56
CA THR K 768 50.77 -14.53 -64.55
C THR K 768 51.27 -13.42 -65.49
N PHE K 769 52.41 -12.81 -65.15
CA PHE K 769 53.02 -11.82 -66.03
C PHE K 769 53.73 -12.53 -67.19
N ASP K 770 53.23 -12.30 -68.41
CA ASP K 770 53.54 -13.13 -69.57
C ASP K 770 54.24 -12.30 -70.65
N ASN K 771 55.26 -12.90 -71.30
CA ASN K 771 56.08 -12.19 -72.27
C ASN K 771 55.99 -12.77 -73.68
N ASN K 772 55.66 -14.07 -73.80
CA ASN K 772 55.56 -14.70 -75.11
C ASN K 772 54.22 -14.35 -75.76
N ASN K 773 54.28 -13.44 -76.74
CA ASN K 773 53.15 -13.06 -77.56
C ASN K 773 52.90 -14.12 -78.63
N GLY K 774 53.95 -14.87 -78.97
CA GLY K 774 53.92 -15.82 -80.08
C GLY K 774 54.49 -15.22 -81.36
N GLY K 775 54.73 -13.90 -81.35
CA GLY K 775 55.46 -13.19 -82.38
C GLY K 775 54.62 -12.88 -83.63
N SER K 776 53.30 -12.75 -83.45
CA SER K 776 52.38 -12.59 -84.58
C SER K 776 51.30 -11.54 -84.30
N GLY K 777 51.50 -10.73 -83.26
CA GLY K 777 50.54 -9.71 -82.88
C GLY K 777 49.32 -10.28 -82.16
N GLY K 778 49.54 -11.39 -81.44
CA GLY K 778 48.52 -12.06 -80.65
C GLY K 778 48.37 -11.43 -79.26
N TYR K 779 48.09 -12.29 -78.27
CA TYR K 779 47.65 -11.86 -76.94
C TYR K 779 48.39 -12.63 -75.85
N LEU K 780 48.32 -12.09 -74.62
CA LEU K 780 49.08 -12.59 -73.47
C LEU K 780 48.12 -13.16 -72.44
N ASP K 781 48.55 -14.24 -71.76
CA ASP K 781 47.84 -14.77 -70.60
C ASP K 781 47.69 -13.66 -69.57
N GLY K 782 48.83 -13.05 -69.22
CA GLY K 782 48.89 -11.68 -68.70
C GLY K 782 48.31 -11.53 -67.30
N PRO K 783 48.33 -10.29 -66.74
CA PRO K 783 47.71 -10.02 -65.45
C PRO K 783 46.20 -10.22 -65.54
N GLU K 784 45.74 -11.36 -65.01
CA GLU K 784 44.35 -11.76 -64.98
C GLU K 784 43.56 -10.78 -64.13
N LEU K 785 42.25 -10.67 -64.38
CA LEU K 785 41.44 -9.62 -63.78
C LEU K 785 41.12 -9.90 -62.31
N TYR K 786 41.17 -11.19 -61.91
CA TYR K 786 40.64 -11.63 -60.63
C TYR K 786 41.72 -12.35 -59.80
N PRO K 787 41.57 -12.45 -58.45
CA PRO K 787 42.43 -13.29 -57.64
C PRO K 787 42.36 -14.76 -58.07
N ASP K 788 43.45 -15.50 -57.85
CA ASP K 788 43.56 -16.89 -58.28
C ASP K 788 42.53 -17.74 -57.54
N GLN K 789 42.66 -17.80 -56.21
CA GLN K 789 41.80 -18.58 -55.34
C GLN K 789 41.56 -17.77 -54.07
N LEU K 790 40.28 -17.58 -53.73
CA LEU K 790 39.90 -17.16 -52.39
C LEU K 790 39.33 -18.37 -51.66
N ILE K 791 39.94 -18.72 -50.52
CA ILE K 791 39.40 -19.73 -49.63
C ILE K 791 38.62 -18.99 -48.54
N LEU K 792 37.29 -19.15 -48.58
CA LEU K 792 36.39 -18.47 -47.65
C LEU K 792 35.96 -19.45 -46.57
N SER K 793 36.43 -19.21 -45.34
CA SER K 793 35.85 -19.86 -44.18
C SER K 793 34.56 -19.14 -43.82
N LEU K 794 33.46 -19.88 -43.82
CA LEU K 794 32.19 -19.34 -43.36
C LEU K 794 32.11 -19.53 -41.84
N GLU K 795 31.23 -18.72 -41.21
CA GLU K 795 30.91 -18.85 -39.80
C GLU K 795 30.39 -20.25 -39.53
N THR K 796 30.72 -20.75 -38.33
CA THR K 796 30.35 -22.07 -37.86
C THR K 796 28.82 -22.18 -37.87
N ALA K 797 28.32 -23.27 -38.48
CA ALA K 797 26.92 -23.64 -38.36
C ALA K 797 26.73 -24.29 -36.99
N THR K 798 26.34 -23.46 -36.02
CA THR K 798 26.26 -23.84 -34.62
C THR K 798 25.08 -24.79 -34.42
N THR K 799 25.40 -25.98 -33.89
CA THR K 799 24.42 -27.02 -33.64
C THR K 799 24.48 -27.40 -32.16
N ARG K 800 23.31 -27.61 -31.56
CA ARG K 800 23.20 -27.91 -30.15
C ARG K 800 23.39 -29.41 -29.91
N ARG K 801 23.31 -30.20 -31.00
CA ARG K 801 23.28 -31.65 -30.95
C ARG K 801 24.18 -32.23 -32.03
N ASN K 802 24.41 -33.55 -31.99
CA ASN K 802 25.43 -34.21 -32.80
C ASN K 802 24.96 -34.41 -34.25
N VAL K 803 25.87 -34.15 -35.19
CA VAL K 803 25.66 -34.32 -36.62
C VAL K 803 26.51 -35.50 -37.10
N SER K 804 25.90 -36.39 -37.90
CA SER K 804 26.63 -37.48 -38.54
C SER K 804 26.82 -37.19 -40.03
N GLU K 805 25.74 -36.73 -40.67
CA GLU K 805 25.66 -36.52 -42.11
C GLU K 805 25.29 -35.06 -42.38
N ALA K 806 25.89 -34.48 -43.42
CA ALA K 806 25.52 -33.16 -43.90
C ALA K 806 25.42 -33.17 -45.42
N ARG K 807 24.66 -32.22 -45.97
CA ARG K 807 24.62 -31.98 -47.40
C ARG K 807 24.47 -30.48 -47.66
N PHE K 808 24.86 -30.04 -48.86
CA PHE K 808 24.79 -28.64 -49.22
C PHE K 808 24.16 -28.47 -50.59
N THR K 809 23.75 -27.22 -50.88
CA THR K 809 23.22 -26.80 -52.17
C THR K 809 23.76 -25.41 -52.48
N LEU K 810 24.12 -25.23 -53.76
CA LEU K 810 24.56 -23.95 -54.30
C LEU K 810 23.88 -23.69 -55.64
N THR K 811 23.78 -22.39 -55.97
CA THR K 811 23.74 -21.93 -57.34
C THR K 811 25.07 -21.26 -57.65
N ALA K 812 25.64 -21.59 -58.81
CA ALA K 812 26.95 -21.10 -59.22
C ALA K 812 26.95 -20.80 -60.71
N ASN K 813 27.78 -19.83 -61.13
CA ASN K 813 27.92 -19.52 -62.54
C ASN K 813 28.82 -20.55 -63.22
N ASP K 814 29.86 -20.99 -62.51
CA ASP K 814 30.83 -21.97 -62.98
C ASP K 814 31.42 -22.73 -61.78
N THR K 815 31.78 -24.00 -62.00
CA THR K 815 32.37 -24.84 -60.96
C THR K 815 33.60 -25.59 -61.47
N SER K 816 34.36 -24.97 -62.40
CA SER K 816 35.57 -25.57 -62.96
C SER K 816 36.68 -25.66 -61.91
N GLY K 817 37.80 -26.32 -62.29
CA GLY K 817 38.82 -26.85 -61.41
C GLY K 817 39.28 -25.92 -60.28
N ASN K 818 39.59 -26.54 -59.13
CA ASN K 818 39.99 -25.92 -57.86
C ASN K 818 38.79 -25.31 -57.12
N PHE K 819 37.59 -25.39 -57.72
CA PHE K 819 36.36 -25.13 -56.97
C PHE K 819 36.09 -26.32 -56.06
N TYR K 820 35.89 -26.03 -54.76
CA TYR K 820 35.53 -27.05 -53.79
C TYR K 820 34.72 -26.45 -52.64
N VAL K 821 33.95 -27.32 -51.97
CA VAL K 821 33.32 -27.05 -50.69
C VAL K 821 33.80 -28.11 -49.69
N GLU K 822 34.33 -27.66 -48.56
CA GLU K 822 34.80 -28.54 -47.50
C GLU K 822 33.85 -28.44 -46.30
N LEU K 823 33.64 -29.57 -45.60
CA LEU K 823 32.82 -29.63 -44.39
C LEU K 823 33.56 -30.40 -43.30
N ALA K 824 33.40 -29.96 -42.03
CA ALA K 824 34.03 -30.58 -40.88
C ALA K 824 33.12 -30.58 -39.65
N ASN K 825 33.27 -31.63 -38.82
CA ASN K 825 32.56 -31.82 -37.56
C ASN K 825 33.43 -31.39 -36.39
N ASP K 826 34.75 -31.48 -36.56
CA ASP K 826 35.72 -31.44 -35.48
C ASP K 826 36.67 -30.23 -35.63
N GLY K 827 36.32 -29.31 -36.53
CA GLY K 827 37.06 -28.09 -36.78
C GLY K 827 38.42 -28.31 -37.44
N SER K 828 38.69 -29.56 -37.86
CA SER K 828 40.04 -29.95 -38.29
C SER K 828 39.99 -30.82 -39.55
N THR K 829 39.18 -31.88 -39.52
CA THR K 829 39.13 -32.90 -40.55
C THR K 829 38.14 -32.51 -41.63
N PHE K 830 38.64 -31.81 -42.66
CA PHE K 830 37.79 -31.29 -43.73
C PHE K 830 37.58 -32.35 -44.81
N ASN K 831 36.31 -32.57 -45.16
CA ASN K 831 35.86 -33.47 -46.21
C ASN K 831 35.41 -32.62 -47.39
N ARG K 832 36.00 -32.82 -48.59
CA ARG K 832 35.71 -31.94 -49.71
C ARG K 832 35.00 -32.65 -50.86
N VAL K 833 34.16 -31.89 -51.58
CA VAL K 833 33.22 -32.41 -52.56
C VAL K 833 33.70 -32.07 -53.98
N ASN K 834 34.63 -31.11 -54.10
CA ASN K 834 35.22 -30.70 -55.37
C ASN K 834 34.18 -29.99 -56.25
N ASN K 835 34.11 -30.35 -57.54
CA ASN K 835 33.66 -29.44 -58.59
C ASN K 835 32.13 -29.47 -58.79
N ALA K 836 31.34 -29.54 -57.70
CA ALA K 836 29.89 -29.73 -57.81
C ALA K 836 29.11 -28.72 -56.95
N THR K 837 27.86 -28.44 -57.38
CA THR K 837 26.98 -27.48 -56.72
C THR K 837 26.19 -28.12 -55.57
N SER K 838 26.23 -29.45 -55.47
CA SER K 838 25.65 -30.16 -54.35
C SER K 838 26.48 -31.39 -54.00
N GLY K 839 26.29 -31.89 -52.77
CA GLY K 839 26.95 -33.10 -52.31
C GLY K 839 26.63 -33.38 -50.84
N SER K 840 26.88 -34.61 -50.42
CA SER K 840 26.69 -35.01 -49.04
C SER K 840 27.97 -35.59 -48.46
N VAL K 841 28.14 -35.42 -47.14
CA VAL K 841 29.33 -35.81 -46.41
C VAL K 841 28.89 -36.55 -45.16
N THR K 842 29.52 -37.72 -44.91
CA THR K 842 29.40 -38.42 -43.64
C THR K 842 30.66 -38.16 -42.82
N PHE K 843 30.46 -37.77 -41.56
CA PHE K 843 31.55 -37.49 -40.65
C PHE K 843 31.93 -38.78 -39.89
N ALA K 844 33.23 -38.90 -39.58
CA ALA K 844 33.82 -40.10 -39.02
C ALA K 844 33.23 -40.43 -37.64
N SER K 845 32.80 -39.40 -36.91
CA SER K 845 32.21 -39.53 -35.59
C SER K 845 31.19 -38.42 -35.37
N PRO K 846 30.07 -38.67 -34.64
CA PRO K 846 29.13 -37.60 -34.27
C PRO K 846 29.74 -36.55 -33.35
N ASP K 847 29.58 -35.28 -33.77
CA ASP K 847 30.02 -34.10 -33.04
C ASP K 847 29.10 -32.94 -33.42
N THR K 848 29.19 -31.82 -32.69
CA THR K 848 28.16 -30.79 -32.73
C THR K 848 28.25 -29.94 -33.99
N ASN K 849 29.26 -29.06 -34.07
CA ASN K 849 29.24 -27.92 -34.98
C ASN K 849 29.74 -28.30 -36.36
N VAL K 850 29.23 -27.61 -37.40
CA VAL K 850 29.69 -27.81 -38.77
C VAL K 850 30.41 -26.56 -39.27
N ASP K 851 31.66 -26.75 -39.72
CA ASP K 851 32.50 -25.71 -40.29
C ASP K 851 32.66 -25.94 -41.79
N THR K 852 32.82 -24.85 -42.56
CA THR K 852 32.89 -24.95 -44.01
C THR K 852 33.90 -23.97 -44.62
N ASN K 853 34.62 -24.47 -45.63
CA ASN K 853 35.49 -23.69 -46.50
C ASN K 853 34.99 -23.80 -47.94
N ILE K 854 34.95 -22.67 -48.66
CA ILE K 854 34.59 -22.64 -50.07
C ILE K 854 35.74 -22.01 -50.86
N SER K 855 36.09 -22.62 -52.00
CA SER K 855 37.10 -22.09 -52.90
C SER K 855 36.43 -21.48 -54.13
N LEU K 856 36.60 -20.16 -54.29
CA LEU K 856 36.15 -19.44 -55.48
C LEU K 856 37.38 -19.00 -56.28
N ASN K 857 37.34 -19.18 -57.61
CA ASN K 857 38.51 -19.01 -58.44
C ASN K 857 38.20 -18.14 -59.66
N ARG K 858 39.28 -17.67 -60.31
CA ARG K 858 39.21 -17.07 -61.64
C ARG K 858 39.18 -18.20 -62.67
N TYR K 859 38.51 -17.95 -63.80
CA TYR K 859 38.38 -18.95 -64.84
C TYR K 859 38.25 -18.29 -66.22
N GLY K 860 38.24 -19.14 -67.26
CA GLY K 860 37.99 -18.71 -68.61
C GLY K 860 39.25 -18.72 -69.46
N SER K 861 39.10 -19.13 -70.72
CA SER K 861 40.16 -19.19 -71.71
C SER K 861 39.63 -18.64 -73.03
N ARG K 862 40.41 -17.74 -73.66
CA ARG K 862 40.05 -17.14 -74.94
C ARG K 862 41.28 -17.04 -75.83
N SER K 863 41.12 -16.39 -77.00
CA SER K 863 42.19 -16.22 -77.97
C SER K 863 42.10 -14.85 -78.65
N THR K 864 41.31 -13.94 -78.05
CA THR K 864 40.87 -12.74 -78.75
C THR K 864 41.12 -11.45 -77.96
N ALA K 865 41.72 -11.55 -76.76
CA ALA K 865 42.02 -10.39 -75.93
C ALA K 865 43.08 -10.72 -74.87
N THR K 866 43.71 -9.67 -74.33
CA THR K 866 44.57 -9.71 -73.15
C THR K 866 43.78 -9.11 -71.97
N PRO K 867 43.67 -9.77 -70.79
CA PRO K 867 44.28 -11.07 -70.51
C PRO K 867 43.54 -12.24 -71.16
N GLN K 868 44.33 -13.26 -71.51
CA GLN K 868 43.87 -14.39 -72.32
C GLN K 868 43.19 -15.44 -71.43
N THR K 869 43.50 -15.42 -70.13
CA THR K 869 42.85 -16.30 -69.16
C THR K 869 42.46 -15.50 -67.91
N GLY K 870 41.53 -16.05 -67.11
CA GLY K 870 41.17 -15.54 -65.80
C GLY K 870 40.43 -14.21 -65.85
N PHE K 871 39.51 -14.09 -66.84
CA PHE K 871 38.75 -12.87 -67.09
C PHE K 871 37.34 -13.00 -66.53
N ASN K 872 37.02 -14.19 -65.98
CA ASN K 872 35.75 -14.45 -65.30
C ASN K 872 36.03 -14.91 -63.87
N ALA K 873 35.08 -14.64 -62.96
CA ALA K 873 35.18 -15.05 -61.57
C ALA K 873 34.01 -15.98 -61.23
N GLN K 874 34.29 -16.97 -60.37
CA GLN K 874 33.26 -17.88 -59.90
C GLN K 874 32.36 -17.17 -58.89
N GLU K 875 31.05 -17.20 -59.16
CA GLU K 875 30.04 -16.52 -58.37
C GLU K 875 29.05 -17.55 -57.84
N ILE K 876 28.78 -17.52 -56.52
CA ILE K 876 27.84 -18.42 -55.88
C ILE K 876 26.81 -17.60 -55.10
N ASP K 877 25.60 -18.16 -54.93
CA ASP K 877 24.53 -17.43 -54.28
C ASP K 877 23.77 -18.28 -53.25
N ASN K 878 22.92 -19.21 -53.73
CA ASN K 878 21.85 -19.76 -52.91
C ASN K 878 22.39 -20.89 -52.03
N TRP K 879 23.20 -20.53 -51.02
CA TRP K 879 23.82 -21.48 -50.11
C TRP K 879 22.78 -22.01 -49.14
N GLU K 880 22.74 -23.34 -48.99
CA GLU K 880 21.93 -24.03 -48.00
C GLU K 880 22.73 -25.22 -47.48
N LEU K 881 22.83 -25.32 -46.15
CA LEU K 881 23.53 -26.41 -45.49
C LEU K 881 22.53 -27.17 -44.61
N TYR K 882 22.42 -28.48 -44.85
CA TYR K 882 21.48 -29.35 -44.16
C TYR K 882 22.23 -30.42 -43.39
N ALA K 883 21.65 -30.89 -42.27
CA ALA K 883 22.32 -31.85 -41.40
C ALA K 883 21.35 -32.79 -40.70
N ASP K 884 21.87 -33.98 -40.36
CA ASP K 884 21.26 -35.03 -39.58
C ASP K 884 21.18 -34.58 -38.11
N ILE K 885 20.02 -34.02 -37.72
CA ILE K 885 19.83 -33.43 -36.40
C ILE K 885 18.47 -33.87 -35.85
N ASP K 886 18.40 -34.04 -34.51
CA ASP K 886 17.18 -34.31 -33.78
C ASP K 886 16.28 -33.08 -33.81
N ALA K 887 15.16 -33.19 -34.53
CA ALA K 887 14.20 -32.10 -34.66
C ALA K 887 12.99 -32.33 -33.73
N VAL K 888 12.80 -33.57 -33.27
CA VAL K 888 11.78 -33.89 -32.28
C VAL K 888 12.47 -34.18 -30.96
N LEU K 889 12.16 -33.39 -29.93
CA LEU K 889 12.98 -33.27 -28.72
C LEU K 889 12.13 -33.41 -27.46
N PRO K 890 12.66 -34.02 -26.37
CA PRO K 890 11.96 -34.03 -25.08
C PRO K 890 12.00 -32.67 -24.38
N ASP K 891 10.82 -32.17 -23.98
CA ASP K 891 10.65 -30.79 -23.57
C ASP K 891 10.20 -30.65 -22.12
N ASP K 892 9.46 -31.65 -21.63
CA ASP K 892 8.95 -31.75 -20.27
C ASP K 892 8.61 -33.21 -20.00
N ILE K 893 7.95 -33.49 -18.87
CA ILE K 893 7.40 -34.81 -18.59
C ILE K 893 6.24 -35.03 -19.57
N GLY K 894 6.42 -36.01 -20.47
CA GLY K 894 5.41 -36.39 -21.45
C GLY K 894 5.17 -35.32 -22.53
N VAL K 895 6.11 -34.37 -22.68
CA VAL K 895 6.00 -33.35 -23.71
C VAL K 895 7.20 -33.42 -24.65
N THR K 896 6.92 -33.41 -25.96
CA THR K 896 7.93 -33.26 -27.00
C THR K 896 7.74 -31.94 -27.74
N LEU K 897 8.85 -31.36 -28.20
CA LEU K 897 8.87 -30.15 -29.01
C LEU K 897 9.46 -30.48 -30.38
N SER K 898 8.74 -30.10 -31.44
CA SER K 898 9.18 -30.34 -32.82
C SER K 898 9.58 -29.02 -33.47
N ARG K 899 10.79 -29.02 -34.07
CA ARG K 899 11.46 -27.81 -34.56
C ARG K 899 11.83 -27.98 -36.03
N ALA K 900 10.84 -27.85 -36.91
CA ALA K 900 11.04 -27.84 -38.35
C ALA K 900 11.45 -26.44 -38.80
N ILE K 901 12.20 -26.36 -39.91
CA ILE K 901 12.65 -25.11 -40.49
C ILE K 901 12.40 -25.13 -41.99
N ILE K 902 11.58 -24.18 -42.47
CA ILE K 902 11.38 -23.94 -43.90
C ILE K 902 12.51 -23.03 -44.38
N PRO K 903 13.28 -23.41 -45.43
CA PRO K 903 14.31 -22.53 -46.00
C PRO K 903 13.78 -21.19 -46.50
N PRO K 904 14.54 -20.07 -46.31
CA PRO K 904 14.02 -18.71 -46.52
C PRO K 904 13.30 -18.29 -47.82
N ASN K 905 13.54 -18.98 -48.94
CA ASN K 905 12.86 -18.63 -50.18
C ASN K 905 12.25 -19.86 -50.85
N THR K 906 11.58 -20.70 -50.05
CA THR K 906 10.94 -21.92 -50.50
C THR K 906 9.79 -21.58 -51.46
N SER K 907 9.71 -22.35 -52.55
CA SER K 907 8.99 -21.99 -53.77
C SER K 907 7.49 -21.80 -53.54
N GLY K 908 6.84 -22.77 -52.90
CA GLY K 908 5.38 -22.80 -52.80
C GLY K 908 4.79 -21.80 -51.80
N ILE K 909 5.66 -21.24 -50.93
CA ILE K 909 5.20 -20.58 -49.71
C ILE K 909 5.66 -19.12 -49.63
N VAL K 910 6.77 -18.77 -50.31
CA VAL K 910 7.26 -17.40 -50.30
C VAL K 910 6.24 -16.50 -51.00
N GLY K 911 5.81 -15.45 -50.27
CA GLY K 911 4.85 -14.48 -50.78
C GLY K 911 3.39 -14.89 -50.56
N GLN K 912 3.18 -16.02 -49.88
CA GLN K 912 1.83 -16.53 -49.60
C GLN K 912 1.47 -16.25 -48.15
N THR K 913 0.16 -16.25 -47.85
CA THR K 913 -0.35 -16.13 -46.50
C THR K 913 -0.50 -17.53 -45.89
N VAL K 914 0.10 -17.74 -44.71
CA VAL K 914 0.10 -19.02 -44.04
C VAL K 914 -0.97 -19.00 -42.95
N ARG K 915 -1.78 -20.07 -42.89
CA ARG K 915 -2.95 -20.11 -42.04
C ARG K 915 -3.03 -21.40 -41.23
N GLU K 916 -2.35 -22.47 -41.69
CA GLU K 916 -2.43 -23.76 -41.01
C GLU K 916 -1.07 -24.45 -41.00
N ALA K 917 -0.92 -25.39 -40.06
CA ALA K 917 0.30 -26.18 -39.89
C ALA K 917 -0.06 -27.57 -39.39
N GLY K 918 0.83 -28.54 -39.67
CA GLY K 918 0.60 -29.92 -39.28
C GLY K 918 1.89 -30.73 -39.16
N LEU K 919 1.96 -31.53 -38.10
CA LEU K 919 2.98 -32.56 -37.91
C LEU K 919 2.60 -33.76 -38.77
N LYS K 920 3.59 -34.34 -39.47
CA LYS K 920 3.30 -35.37 -40.45
C LYS K 920 4.31 -36.51 -40.36
N SER K 921 3.89 -37.66 -40.92
CA SER K 921 4.72 -38.83 -41.17
C SER K 921 4.60 -39.18 -42.65
N GLY K 922 5.44 -38.57 -43.49
CA GLY K 922 5.25 -38.62 -44.93
C GLY K 922 3.91 -38.02 -45.33
N SER K 923 2.98 -38.89 -45.77
CA SER K 923 1.67 -38.51 -46.25
C SER K 923 0.73 -38.15 -45.09
N THR K 924 0.89 -38.84 -43.96
CA THR K 924 -0.16 -38.88 -42.94
C THR K 924 0.01 -37.75 -41.93
N LEU K 925 -1.11 -37.04 -41.71
CA LEU K 925 -1.21 -35.89 -40.82
C LEU K 925 -1.47 -36.38 -39.40
N LEU K 926 -0.56 -36.01 -38.48
CA LEU K 926 -0.63 -36.45 -37.10
C LEU K 926 -1.31 -35.38 -36.24
N THR K 927 -1.01 -34.10 -36.50
CA THR K 927 -1.66 -32.98 -35.85
C THR K 927 -2.02 -31.92 -36.89
N ARG K 928 -2.96 -31.02 -36.53
CA ARG K 928 -3.32 -29.88 -37.37
C ARG K 928 -3.63 -28.67 -36.48
N HIS K 929 -3.19 -27.49 -36.93
CA HIS K 929 -3.37 -26.24 -36.19
C HIS K 929 -3.74 -25.10 -37.13
N ILE K 930 -4.57 -24.18 -36.62
CA ILE K 930 -4.84 -22.91 -37.28
C ILE K 930 -3.93 -21.85 -36.67
N LEU K 931 -3.24 -21.12 -37.55
CA LEU K 931 -2.33 -20.04 -37.20
C LEU K 931 -3.00 -18.70 -37.53
N ALA K 932 -2.64 -17.66 -36.77
CA ALA K 932 -2.98 -16.30 -37.12
C ALA K 932 -2.26 -15.94 -38.43
N GLU K 933 -2.95 -15.21 -39.30
CA GLU K 933 -2.46 -14.94 -40.66
C GLU K 933 -1.12 -14.23 -40.61
N PHE K 934 -0.19 -14.69 -41.45
CA PHE K 934 1.04 -13.98 -41.74
C PHE K 934 1.48 -14.25 -43.18
N LEU K 935 2.14 -13.26 -43.77
CA LEU K 935 2.77 -13.36 -45.07
C LEU K 935 4.22 -13.80 -44.87
N LEU K 936 4.63 -14.88 -45.55
CA LEU K 936 6.04 -15.25 -45.54
C LEU K 936 6.76 -14.48 -46.65
N ASP K 937 7.49 -13.44 -46.24
CA ASP K 937 8.15 -12.53 -47.16
C ASP K 937 9.46 -13.15 -47.63
N THR K 938 10.12 -12.52 -48.61
CA THR K 938 11.41 -12.97 -49.13
C THR K 938 12.46 -12.88 -48.04
N ASP K 939 13.32 -13.91 -47.97
CA ASP K 939 14.46 -14.02 -47.08
C ASP K 939 14.05 -14.19 -45.61
N GLN K 940 12.84 -14.72 -45.37
CA GLN K 940 12.37 -14.96 -44.01
C GLN K 940 12.37 -16.45 -43.72
N ARG K 941 13.00 -16.84 -42.60
CA ARG K 941 12.97 -18.21 -42.10
C ARG K 941 11.68 -18.43 -41.31
N LEU K 942 11.03 -19.56 -41.56
CA LEU K 942 9.84 -19.97 -40.83
C LEU K 942 10.15 -21.28 -40.10
N ALA K 943 9.87 -21.29 -38.77
CA ALA K 943 10.17 -22.43 -37.93
C ALA K 943 8.97 -22.80 -37.07
N SER K 944 8.96 -24.05 -36.57
CA SER K 944 7.89 -24.56 -35.73
C SER K 944 8.34 -24.66 -34.28
N SER K 945 7.38 -24.47 -33.37
CA SER K 945 7.47 -24.88 -31.98
C SER K 945 6.22 -25.69 -31.64
N GLU K 946 6.25 -26.95 -32.06
CA GLU K 946 5.12 -27.86 -32.00
C GLU K 946 5.23 -28.69 -30.72
N SER K 947 4.39 -28.38 -29.72
CA SER K 947 4.30 -29.16 -28.51
C SER K 947 3.31 -30.30 -28.72
N THR K 948 3.78 -31.55 -28.54
CA THR K 948 2.90 -32.69 -28.36
C THR K 948 2.98 -33.12 -26.90
N ARG K 949 1.83 -33.10 -26.22
CA ARG K 949 1.72 -33.47 -24.83
C ARG K 949 0.95 -34.78 -24.71
N PHE K 950 1.51 -35.72 -23.93
CA PHE K 950 0.87 -36.97 -23.59
C PHE K 950 0.43 -36.91 -22.12
N THR K 951 -0.86 -37.16 -21.89
CA THR K 951 -1.48 -36.97 -20.57
C THR K 951 -2.64 -37.97 -20.39
N SER K 952 -3.40 -37.81 -19.30
CA SER K 952 -4.52 -38.68 -18.98
C SER K 952 -5.75 -37.87 -18.55
N ASP K 953 -6.88 -38.56 -18.37
CA ASP K 953 -8.15 -37.97 -17.94
C ASP K 953 -8.21 -37.94 -16.42
N ASN K 954 -7.13 -37.44 -15.81
CA ASN K 954 -6.75 -37.67 -14.41
C ASN K 954 -6.51 -39.17 -14.20
N PRO L 2 -9.31 42.64 32.92
CA PRO L 2 -10.29 42.61 31.82
C PRO L 2 -9.70 43.24 30.57
N GLN L 3 -10.55 43.41 29.54
CA GLN L 3 -10.18 44.20 28.37
C GLN L 3 -10.29 45.67 28.74
N LEU L 4 -9.46 46.51 28.10
CA LEU L 4 -9.42 47.94 28.38
C LEU L 4 -10.78 48.56 28.07
N GLY L 5 -11.19 49.49 28.93
CA GLY L 5 -12.42 50.25 28.73
C GLY L 5 -13.69 49.55 29.21
N ASP L 6 -13.56 48.29 29.68
CA ASP L 6 -14.73 47.51 30.08
C ASP L 6 -14.79 47.33 31.61
N SER L 7 -13.85 47.94 32.33
CA SER L 7 -13.84 47.90 33.80
C SER L 7 -13.57 49.29 34.37
N LYS L 8 -14.30 49.64 35.43
CA LYS L 8 -14.00 50.85 36.19
C LYS L 8 -12.82 50.57 37.11
N LEU L 9 -12.03 51.61 37.41
CA LEU L 9 -10.75 51.45 38.10
C LEU L 9 -10.96 50.91 39.51
N GLY L 10 -10.02 50.06 39.94
CA GLY L 10 -9.96 49.53 41.30
C GLY L 10 -10.92 48.35 41.53
N GLU L 11 -11.70 48.02 40.49
CA GLU L 11 -12.82 47.09 40.62
C GLU L 11 -12.40 45.66 40.27
N SER L 12 -11.34 45.51 39.45
CA SER L 12 -10.93 44.20 38.93
C SER L 12 -9.42 44.03 39.01
N GLN L 13 -8.96 42.77 38.90
CA GLN L 13 -7.56 42.42 39.01
C GLN L 13 -6.88 42.49 37.64
N LEU L 14 -5.58 42.82 37.65
CA LEU L 14 -4.79 43.03 36.44
C LEU L 14 -4.79 41.75 35.59
N GLY L 15 -5.16 41.92 34.32
CA GLY L 15 -5.07 40.87 33.31
C GLY L 15 -6.02 39.70 33.53
N SER L 16 -6.90 39.79 34.54
CA SER L 16 -7.92 38.80 34.79
C SER L 16 -8.93 38.80 33.65
N PRO L 17 -9.57 37.66 33.27
CA PRO L 17 -9.41 36.36 33.94
C PRO L 17 -8.28 35.46 33.45
N GLY L 18 -7.27 36.06 32.79
CA GLY L 18 -6.23 35.34 32.06
C GLY L 18 -5.21 34.64 32.96
N THR L 19 -4.43 33.74 32.35
CA THR L 19 -3.42 32.90 33.01
C THR L 19 -2.30 32.57 32.03
N LEU L 20 -1.20 31.98 32.54
CA LEU L 20 0.00 31.68 31.75
C LEU L 20 -0.30 30.58 30.73
N LYS L 21 0.30 30.70 29.54
CA LYS L 21 0.10 29.71 28.49
C LYS L 21 0.79 28.41 28.88
N GLN L 22 0.04 27.31 28.71
CA GLN L 22 0.51 25.95 28.87
C GLN L 22 0.04 25.14 27.66
N GLY L 23 0.82 24.11 27.31
CA GLY L 23 0.56 23.29 26.13
C GLY L 23 1.44 23.69 24.95
N VAL L 24 1.27 22.96 23.84
CA VAL L 24 2.05 23.14 22.62
C VAL L 24 1.15 23.75 21.57
N GLU L 25 1.68 24.76 20.85
CA GLU L 25 0.94 25.37 19.75
C GLU L 25 1.83 25.49 18.52
N TRP L 26 1.28 25.05 17.39
CA TRP L 26 1.85 25.24 16.07
C TRP L 26 1.05 26.31 15.32
N THR L 27 1.75 27.35 14.87
CA THR L 27 1.19 28.41 14.04
C THR L 27 1.64 28.20 12.60
N VAL L 28 0.68 28.23 11.66
CA VAL L 28 0.96 28.11 10.24
C VAL L 28 0.82 29.48 9.60
N VAL L 29 1.87 29.89 8.87
CA VAL L 29 1.93 31.17 8.18
C VAL L 29 2.03 30.91 6.67
N VAL L 30 1.23 31.64 5.89
CA VAL L 30 0.94 31.37 4.49
C VAL L 30 1.07 32.68 3.70
N ASP L 31 2.23 32.89 3.07
CA ASP L 31 2.61 34.18 2.51
C ASP L 31 2.36 35.30 3.53
N GLY L 32 2.80 35.09 4.78
CA GLY L 32 2.74 36.14 5.79
C GLY L 32 1.45 36.17 6.59
N GLU L 33 0.38 35.54 6.06
CA GLU L 33 -0.92 35.48 6.73
C GLU L 33 -0.93 34.29 7.69
N GLU L 34 -1.58 34.45 8.85
CA GLU L 34 -1.81 33.35 9.77
C GLU L 34 -3.04 32.57 9.33
N GLN L 35 -2.90 31.24 9.29
CA GLN L 35 -4.02 30.34 9.03
C GLN L 35 -4.60 29.91 10.39
N ASN L 36 -5.90 30.17 10.59
CA ASN L 36 -6.45 30.13 11.94
C ASN L 36 -7.20 28.84 12.26
N ASN L 37 -7.56 28.05 11.24
CA ASN L 37 -8.47 26.92 11.45
C ASN L 37 -7.74 25.58 11.44
N VAL L 38 -6.45 25.58 11.84
CA VAL L 38 -5.58 24.41 11.78
C VAL L 38 -5.83 23.52 12.99
N TRP L 39 -5.92 22.19 12.75
CA TRP L 39 -6.21 21.24 13.81
C TRP L 39 -5.16 20.12 13.93
N ASP L 40 -4.27 19.98 12.94
CA ASP L 40 -3.13 19.08 13.04
C ASP L 40 -1.97 19.55 12.16
N VAL L 41 -0.75 19.27 12.63
CA VAL L 41 0.51 19.59 11.95
C VAL L 41 1.45 18.40 12.09
N GLN L 42 2.08 18.01 10.96
CA GLN L 42 3.18 17.08 10.93
C GLN L 42 4.36 17.75 10.22
N VAL L 43 5.52 17.79 10.90
CA VAL L 43 6.75 18.32 10.33
C VAL L 43 7.82 17.23 10.39
N VAL L 44 8.47 16.97 9.25
CA VAL L 44 9.50 15.95 9.14
C VAL L 44 10.79 16.57 8.61
N ASP L 45 11.89 16.30 9.31
CA ASP L 45 13.22 16.87 9.07
C ASP L 45 14.22 15.73 8.99
N THR L 46 14.99 15.65 7.89
CA THR L 46 15.69 14.44 7.51
C THR L 46 17.10 14.73 6.98
N ALA L 47 17.97 13.70 7.06
CA ALA L 47 19.27 13.66 6.40
C ALA L 47 19.07 13.59 4.89
N ASN L 48 20.17 13.79 4.14
CA ASN L 48 20.12 14.29 2.76
C ASN L 48 19.42 13.37 1.77
N PRO L 49 19.54 12.02 1.80
CA PRO L 49 18.84 11.18 0.83
C PRO L 49 17.32 11.40 0.76
N PHE L 50 16.77 12.02 1.81
CA PHE L 50 15.34 12.06 2.06
C PHE L 50 14.83 13.50 2.00
N GLY L 51 13.57 13.64 1.57
CA GLY L 51 12.93 14.94 1.47
C GLY L 51 12.35 15.41 2.81
N ASP L 52 12.61 16.67 3.14
CA ASP L 52 11.97 17.33 4.27
C ASP L 52 10.60 17.82 3.83
N TYR L 53 9.59 17.60 4.67
CA TYR L 53 8.22 17.94 4.32
C TYR L 53 7.38 18.27 5.54
N ALA L 54 6.24 18.93 5.28
CA ALA L 54 5.22 19.19 6.29
C ALA L 54 3.84 18.89 5.73
N VAL L 55 2.94 18.46 6.62
CA VAL L 55 1.53 18.27 6.32
C VAL L 55 0.73 19.10 7.34
N PHE L 56 -0.15 19.96 6.82
CA PHE L 56 -1.03 20.78 7.65
C PHE L 56 -2.49 20.41 7.37
N LYS L 57 -3.26 20.18 8.44
CA LYS L 57 -4.67 19.86 8.33
C LYS L 57 -5.51 20.94 8.98
N MET L 58 -6.55 21.38 8.26
CA MET L 58 -7.40 22.48 8.69
C MET L 58 -8.82 22.30 8.15
N ASP L 59 -9.76 23.07 8.72
CA ASP L 59 -11.14 23.12 8.28
C ASP L 59 -11.32 24.23 7.25
N ASP L 60 -12.13 23.95 6.23
CA ASP L 60 -12.45 24.91 5.18
C ASP L 60 -13.96 25.06 5.05
N ARG L 61 -14.38 26.19 4.47
CA ARG L 61 -15.77 26.58 4.27
C ARG L 61 -15.90 27.17 2.87
N GLY L 62 -16.65 26.49 1.99
CA GLY L 62 -16.88 26.93 0.62
C GLY L 62 -15.60 27.18 -0.17
N GLY L 63 -14.55 26.41 0.17
CA GLY L 63 -13.28 26.40 -0.55
C GLY L 63 -12.49 27.71 -0.45
N GLN L 64 -12.65 28.43 0.67
CA GLN L 64 -12.02 29.72 0.85
C GLN L 64 -10.54 29.56 1.19
N ALA L 65 -10.21 28.50 1.93
CA ALA L 65 -8.85 28.26 2.40
C ALA L 65 -8.01 27.55 1.35
N PHE L 66 -8.64 26.71 0.50
CA PHE L 66 -7.99 26.02 -0.61
C PHE L 66 -7.35 27.05 -1.54
N GLU L 67 -8.03 28.20 -1.70
CA GLU L 67 -7.66 29.27 -2.62
C GLU L 67 -6.39 29.99 -2.15
N ALA L 68 -6.04 29.82 -0.87
CA ALA L 68 -4.91 30.53 -0.26
C ALA L 68 -3.58 29.84 -0.54
N TYR L 69 -3.61 28.58 -1.00
CA TYR L 69 -2.41 27.75 -1.09
C TYR L 69 -2.11 27.27 -2.51
N PRO L 70 -1.95 28.14 -3.54
CA PRO L 70 -1.43 27.69 -4.85
C PRO L 70 -0.07 27.02 -4.75
N ARG L 71 0.29 26.20 -5.76
CA ARG L 71 1.56 25.52 -5.78
C ARG L 71 2.69 26.55 -5.76
N GLY L 72 3.65 26.34 -4.85
CA GLY L 72 4.82 27.19 -4.72
C GLY L 72 4.62 28.31 -3.70
N THR L 73 3.46 28.35 -3.03
CA THR L 73 3.16 29.29 -1.95
C THR L 73 4.09 29.04 -0.78
N ARG L 74 4.59 30.12 -0.16
CA ARG L 74 5.45 30.01 1.00
C ARG L 74 4.63 29.60 2.22
N VAL L 75 5.11 28.55 2.91
CA VAL L 75 4.56 28.14 4.19
C VAL L 75 5.67 28.14 5.24
N GLU L 76 5.34 28.67 6.41
CA GLU L 76 6.19 28.61 7.58
C GLU L 76 5.39 28.01 8.73
N ALA L 77 6.05 27.16 9.52
CA ALA L 77 5.46 26.58 10.71
C ALA L 77 6.26 27.01 11.93
N TYR L 78 5.58 27.65 12.88
CA TYR L 78 6.17 28.14 14.11
C TYR L 78 5.66 27.31 15.29
N VAL L 79 6.54 27.04 16.26
CA VAL L 79 6.18 26.23 17.42
C VAL L 79 6.51 26.99 18.71
N SER L 80 5.63 26.81 19.71
CA SER L 80 5.77 27.34 21.05
C SER L 80 5.23 26.32 22.05
N GLU L 81 5.94 26.14 23.17
CA GLU L 81 5.47 25.33 24.28
C GLU L 81 5.56 26.15 25.56
N GLY L 82 4.44 26.20 26.31
CA GLY L 82 4.34 27.09 27.46
C GLY L 82 4.47 28.55 27.03
N THR L 83 5.32 29.30 27.73
CA THR L 83 5.54 30.72 27.43
C THR L 83 6.88 30.92 26.73
N GLU L 84 7.28 29.93 25.93
CA GLU L 84 8.51 30.04 25.13
C GLU L 84 8.23 30.89 23.90
N PRO L 85 9.20 31.72 23.43
CA PRO L 85 9.06 32.46 22.17
C PRO L 85 8.79 31.54 20.98
N LEU L 86 8.17 32.10 19.93
CA LEU L 86 7.88 31.37 18.72
C LEU L 86 9.17 31.04 17.98
N ASP L 87 9.27 29.78 17.57
CA ASP L 87 10.43 29.25 16.85
C ASP L 87 9.97 28.79 15.47
N ASN L 88 10.62 29.33 14.43
CA ASN L 88 10.39 28.93 13.05
C ASN L 88 11.04 27.56 12.81
N ARG L 89 10.21 26.51 12.71
CA ARG L 89 10.71 25.14 12.65
C ARG L 89 10.71 24.58 11.24
N PHE L 90 9.76 25.03 10.41
CA PHE L 90 9.70 24.62 9.01
C PHE L 90 9.49 25.84 8.12
N THR L 91 10.23 25.86 7.01
CA THR L 91 9.97 26.77 5.90
C THR L 91 9.99 25.96 4.62
N GLY L 92 8.98 26.16 3.77
CA GLY L 92 8.87 25.39 2.54
C GLY L 92 7.85 26.00 1.58
N TYR L 93 7.56 25.24 0.52
CA TYR L 93 6.64 25.64 -0.54
C TYR L 93 5.61 24.54 -0.74
N VAL L 94 4.37 24.94 -1.08
CA VAL L 94 3.25 24.04 -1.26
C VAL L 94 3.46 23.22 -2.53
N VAL L 95 3.25 21.90 -2.41
CA VAL L 95 3.32 20.98 -3.54
C VAL L 95 1.94 20.38 -3.82
N GLU L 96 1.13 20.16 -2.78
CA GLU L 96 -0.21 19.63 -2.92
C GLU L 96 -1.16 20.32 -1.96
N ARG L 97 -2.32 20.73 -2.49
CA ARG L 97 -3.48 21.11 -1.70
C ARG L 97 -4.62 20.15 -2.04
N ARG L 98 -5.22 19.58 -0.98
CA ARG L 98 -6.24 18.55 -1.14
C ARG L 98 -7.40 18.88 -0.22
N GLU L 99 -8.62 18.89 -0.80
CA GLU L 99 -9.82 19.07 0.00
C GLU L 99 -10.80 17.94 -0.29
N ASN L 100 -11.22 17.26 0.77
CA ASN L 100 -12.08 16.11 0.67
C ASN L 100 -13.10 16.12 1.81
N GLU L 101 -14.20 15.39 1.63
CA GLU L 101 -15.14 15.23 2.70
C GLU L 101 -14.72 14.06 3.60
N GLN L 102 -14.52 14.38 4.88
CA GLN L 102 -14.31 13.39 5.92
C GLN L 102 -15.53 13.38 6.84
N GLN L 103 -16.51 12.51 6.53
CA GLN L 103 -17.68 12.25 7.34
C GLN L 103 -18.43 13.55 7.66
N GLY L 104 -18.61 14.40 6.65
CA GLY L 104 -19.32 15.65 6.82
C GLY L 104 -18.40 16.87 6.86
N ALA L 105 -17.19 16.70 7.41
CA ALA L 105 -16.23 17.78 7.51
C ALA L 105 -15.54 18.01 6.17
N ASP L 106 -15.31 19.29 5.85
CA ASP L 106 -14.54 19.70 4.68
C ASP L 106 -13.10 19.93 5.13
N VAL L 107 -12.25 18.92 4.88
CA VAL L 107 -10.89 18.88 5.39
C VAL L 107 -9.93 19.33 4.30
N LEU L 108 -9.13 20.35 4.61
CA LEU L 108 -8.05 20.80 3.74
C LEU L 108 -6.72 20.30 4.27
N GLU L 109 -6.01 19.55 3.42
CA GLU L 109 -4.68 19.06 3.70
C GLU L 109 -3.71 19.73 2.73
N VAL L 110 -2.71 20.40 3.31
CA VAL L 110 -1.66 21.06 2.56
C VAL L 110 -0.35 20.31 2.82
N GLU L 111 0.32 19.93 1.72
CA GLU L 111 1.62 19.28 1.80
C GLU L 111 2.68 20.21 1.19
N ALA L 112 3.80 20.35 1.88
CA ALA L 112 4.87 21.25 1.50
C ALA L 112 6.21 20.55 1.57
N TYR L 113 7.06 20.81 0.57
CA TYR L 113 8.46 20.38 0.54
C TYR L 113 9.36 21.58 0.84
N SER L 114 10.64 21.33 1.17
CA SER L 114 11.56 22.38 1.60
C SER L 114 12.70 22.56 0.60
N PHE L 115 13.81 23.17 1.04
CA PHE L 115 14.88 23.65 0.18
C PHE L 115 15.76 22.51 -0.35
N ASP L 116 15.69 21.33 0.29
CA ASP L 116 16.55 20.20 -0.08
C ASP L 116 16.20 19.67 -1.47
N GLN L 117 15.05 20.11 -2.00
CA GLN L 117 14.57 19.78 -3.33
C GLN L 117 15.44 20.42 -4.40
N PHE L 118 16.11 21.54 -4.08
CA PHE L 118 16.87 22.30 -5.06
C PHE L 118 18.25 21.69 -5.29
N LEU L 119 18.76 20.92 -4.32
CA LEU L 119 19.99 20.19 -4.48
C LEU L 119 19.71 18.87 -5.20
N ARG L 120 18.45 18.44 -5.18
CA ARG L 120 18.02 17.12 -5.60
C ARG L 120 17.63 17.13 -7.08
N ARG L 121 17.06 18.25 -7.54
CA ARG L 121 16.46 18.35 -8.87
C ARG L 121 17.32 19.20 -9.79
N ASN L 122 18.60 19.35 -9.45
CA ASN L 122 19.57 20.05 -10.27
C ASN L 122 20.75 19.12 -10.55
N THR L 123 21.41 19.33 -11.69
CA THR L 123 22.55 18.53 -12.10
C THR L 123 23.79 19.40 -12.21
N VAL L 124 24.97 18.80 -11.98
CA VAL L 124 26.27 19.43 -12.14
C VAL L 124 26.49 19.71 -13.63
N THR L 125 26.87 20.95 -13.97
CA THR L 125 27.01 21.32 -15.38
C THR L 125 28.47 21.38 -15.83
N ASN L 126 29.39 21.74 -14.92
CA ASN L 126 30.79 21.91 -15.25
C ASN L 126 31.58 20.64 -14.95
N ASP L 127 32.80 20.55 -15.51
CA ASP L 127 33.73 19.47 -15.25
C ASP L 127 34.66 19.88 -14.11
N GLN L 128 34.59 19.14 -13.00
CA GLN L 128 35.38 19.48 -11.80
C GLN L 128 36.66 18.65 -11.72
N THR L 129 37.07 18.01 -12.83
CA THR L 129 38.32 17.26 -12.86
C THR L 129 39.48 18.22 -12.58
N GLY L 130 40.24 17.92 -11.52
CA GLY L 130 41.41 18.71 -11.15
C GLY L 130 41.11 19.81 -10.13
N ASN L 131 39.84 19.90 -9.72
CA ASN L 131 39.44 20.81 -8.63
C ASN L 131 39.60 20.08 -7.30
N THR L 132 39.89 20.84 -6.24
CA THR L 132 39.76 20.34 -4.88
C THR L 132 38.28 20.27 -4.54
N ILE L 133 37.92 19.54 -3.47
CA ILE L 133 36.53 19.42 -3.07
C ILE L 133 35.98 20.81 -2.71
N SER L 134 36.80 21.64 -2.06
CA SER L 134 36.43 23.00 -1.70
C SER L 134 36.14 23.85 -2.94
N GLN L 135 36.97 23.69 -3.99
CA GLN L 135 36.82 24.42 -5.24
C GLN L 135 35.57 23.93 -6.00
N ALA L 136 35.31 22.62 -5.89
CA ALA L 136 34.20 21.97 -6.57
C ALA L 136 32.87 22.42 -5.96
N LEU L 137 32.82 22.52 -4.63
CA LEU L 137 31.63 22.93 -3.90
C LEU L 137 31.24 24.35 -4.29
N ALA L 138 32.24 25.24 -4.41
CA ALA L 138 32.05 26.62 -4.82
C ALA L 138 31.40 26.68 -6.20
N ASP L 139 32.00 25.97 -7.17
CA ASP L 139 31.57 25.93 -8.56
C ASP L 139 30.14 25.41 -8.67
N ILE L 140 29.87 24.28 -8.01
CA ILE L 140 28.59 23.58 -8.11
C ILE L 140 27.47 24.40 -7.49
N ILE L 141 27.69 24.90 -6.25
CA ILE L 141 26.63 25.58 -5.52
C ILE L 141 26.31 26.93 -6.17
N GLN L 142 27.33 27.61 -6.71
CA GLN L 142 27.15 28.92 -7.33
C GLN L 142 26.53 28.80 -8.72
N THR L 143 26.89 27.75 -9.46
CA THR L 143 26.46 27.60 -10.85
C THR L 143 25.14 26.85 -10.96
N ASP L 144 24.98 25.77 -10.18
CA ASP L 144 23.98 24.75 -10.47
C ASP L 144 22.79 24.79 -9.51
N THR L 145 22.87 25.60 -8.45
CA THR L 145 21.81 25.63 -7.45
C THR L 145 21.39 27.07 -7.14
N PRO L 146 20.09 27.31 -6.79
CA PRO L 146 19.63 28.65 -6.38
C PRO L 146 19.93 29.12 -4.96
N VAL L 147 20.58 28.29 -4.13
CA VAL L 147 20.84 28.61 -2.73
C VAL L 147 22.13 29.41 -2.61
N ARG L 148 22.29 30.15 -1.51
CA ARG L 148 23.43 31.06 -1.36
C ARG L 148 24.67 30.36 -0.82
N PHE L 149 25.83 30.79 -1.35
CA PHE L 149 27.14 30.24 -1.03
C PHE L 149 27.90 31.23 -0.15
N ASN L 150 28.37 30.70 0.98
CA ASN L 150 29.22 31.41 1.94
C ASN L 150 30.41 30.49 2.20
N ALA L 151 31.61 30.97 1.87
CA ALA L 151 32.83 30.16 1.90
C ALA L 151 33.16 29.67 3.31
N ALA L 152 32.61 30.37 4.32
CA ALA L 152 32.89 30.11 5.73
C ALA L 152 32.11 28.90 6.25
N ASN L 153 31.07 28.47 5.53
CA ASN L 153 30.27 27.32 5.92
C ASN L 153 30.87 26.01 5.39
N ILE L 154 31.95 26.13 4.62
CA ILE L 154 32.62 24.97 4.02
C ILE L 154 33.86 24.65 4.86
N THR L 155 33.87 23.43 5.43
CA THR L 155 35.01 22.88 6.12
C THR L 155 35.22 21.44 5.63
N VAL L 156 36.14 21.28 4.66
CA VAL L 156 36.46 19.96 4.13
C VAL L 156 37.57 19.36 5.00
N GLY L 157 37.29 18.18 5.57
CA GLY L 157 38.17 17.54 6.53
C GLY L 157 39.33 16.78 5.86
N ASP L 158 39.13 16.39 4.60
CA ASP L 158 40.16 15.71 3.80
C ASP L 158 40.07 16.21 2.36
N ASP L 159 40.69 17.38 2.10
CA ASP L 159 40.60 18.03 0.81
C ASP L 159 41.59 17.37 -0.16
N GLN L 160 41.06 16.98 -1.34
CA GLN L 160 41.77 16.20 -2.34
C GLN L 160 41.26 16.61 -3.72
N GLU L 161 42.01 16.24 -4.76
CA GLU L 161 41.62 16.59 -6.12
C GLU L 161 40.68 15.53 -6.69
N LEU L 162 39.69 16.00 -7.45
CA LEU L 162 38.69 15.14 -8.07
C LEU L 162 39.21 14.65 -9.42
N THR L 163 39.15 13.34 -9.62
CA THR L 163 39.64 12.72 -10.85
C THR L 163 38.49 12.28 -11.75
N ARG L 164 37.24 12.52 -11.29
CA ARG L 164 36.06 12.23 -12.07
C ARG L 164 35.40 13.54 -12.50
N SER L 165 34.90 13.55 -13.75
CA SER L 165 34.04 14.61 -14.23
C SER L 165 32.61 14.33 -13.78
N TYR L 166 32.10 15.13 -12.82
CA TYR L 166 30.82 14.87 -12.19
C TYR L 166 29.67 15.47 -13.02
N GLN L 167 29.88 15.57 -14.34
CA GLN L 167 29.25 16.59 -15.18
C GLN L 167 27.80 16.27 -15.56
N GLY L 168 27.19 15.26 -14.93
CA GLY L 168 25.79 14.96 -15.20
C GLY L 168 25.01 14.49 -13.98
N ASP L 169 25.70 14.41 -12.83
CA ASP L 169 25.15 13.85 -11.61
C ASP L 169 24.18 14.83 -10.97
N PRO L 170 23.10 14.36 -10.31
CA PRO L 170 22.32 15.20 -9.39
C PRO L 170 23.27 15.77 -8.34
N VAL L 171 23.07 17.05 -7.99
CA VAL L 171 23.98 17.77 -7.13
C VAL L 171 24.13 17.05 -5.80
N GLU L 172 23.01 16.55 -5.26
CA GLU L 172 22.96 15.83 -3.99
C GLU L 172 23.84 14.58 -4.03
N ASN L 173 23.82 13.86 -5.16
CA ASN L 173 24.56 12.63 -5.33
C ASN L 173 26.07 12.91 -5.42
N ALA L 174 26.42 14.01 -6.10
CA ALA L 174 27.79 14.48 -6.22
C ALA L 174 28.35 14.87 -4.85
N LEU L 175 27.55 15.63 -4.09
CA LEU L 175 27.92 16.12 -2.76
C LEU L 175 28.16 14.95 -1.81
N ARG L 176 27.35 13.89 -1.95
CA ARG L 176 27.41 12.71 -1.10
C ARG L 176 28.66 11.90 -1.44
N ASP L 177 29.06 11.91 -2.71
CA ASP L 177 30.28 11.27 -3.20
C ASP L 177 31.49 12.02 -2.65
N PHE L 178 31.39 13.36 -2.57
CA PHE L 178 32.43 14.20 -2.01
C PHE L 178 32.60 13.93 -0.52
N ALA L 179 31.47 13.77 0.18
CA ALA L 179 31.43 13.48 1.61
C ALA L 179 32.04 12.11 1.88
N PHE L 180 31.81 11.16 0.97
CA PHE L 180 32.36 9.82 1.09
C PHE L 180 33.88 9.84 0.92
N LYS L 181 34.36 10.68 0.00
CA LYS L 181 35.79 10.80 -0.28
C LYS L 181 36.49 11.53 0.85
N SER L 182 35.79 12.50 1.46
CA SER L 182 36.30 13.25 2.59
C SER L 182 35.94 12.55 3.90
N THR L 183 35.75 13.33 4.98
CA THR L 183 35.60 12.81 6.33
C THR L 183 34.12 12.63 6.73
N ASN L 184 33.26 12.30 5.75
CA ASN L 184 31.88 11.89 6.00
C ASN L 184 31.02 13.08 6.46
N GLU L 185 31.26 14.27 5.87
CA GLU L 185 30.71 15.54 6.30
C GLU L 185 29.19 15.60 6.11
N ASP L 186 28.54 16.44 6.94
CA ASP L 186 27.16 16.85 6.75
C ASP L 186 27.10 17.99 5.74
N PHE L 187 26.08 17.95 4.88
CA PHE L 187 25.79 19.03 3.95
C PHE L 187 24.30 19.33 3.96
N GLY L 188 23.92 20.43 3.32
CA GLY L 188 22.54 20.82 3.19
C GLY L 188 22.36 22.33 3.13
N VAL L 189 21.11 22.76 3.25
CA VAL L 189 20.72 24.16 3.20
C VAL L 189 20.19 24.54 4.58
N GLY L 190 20.78 25.59 5.18
CA GLY L 190 20.31 26.12 6.44
C GLY L 190 19.04 26.94 6.27
N ASP L 191 18.47 27.39 7.40
CA ASP L 191 17.30 28.25 7.41
C ASP L 191 17.67 29.66 6.97
N ASP L 192 18.98 29.94 6.91
CA ASP L 192 19.56 31.18 6.41
C ASP L 192 19.48 31.23 4.88
N LEU L 193 19.07 30.10 4.27
CA LEU L 193 19.13 29.80 2.84
C LEU L 193 20.55 29.62 2.34
N GLU L 194 21.49 29.37 3.27
CA GLU L 194 22.91 29.19 2.97
C GLU L 194 23.25 27.71 2.94
N PHE L 195 24.09 27.34 1.97
CA PHE L 195 24.64 25.99 1.87
C PHE L 195 25.77 25.83 2.89
N PHE L 196 25.86 24.62 3.48
CA PHE L 196 26.95 24.25 4.37
C PHE L 196 27.49 22.87 4.00
N PHE L 197 28.77 22.64 4.32
CA PHE L 197 29.46 21.38 4.15
C PHE L 197 30.55 21.30 5.23
N GLN L 198 30.30 20.52 6.29
CA GLN L 198 31.12 20.62 7.49
C GLN L 198 31.18 19.29 8.25
N PRO L 199 32.22 19.08 9.12
CA PRO L 199 32.31 17.88 9.95
C PRO L 199 31.07 17.58 10.80
N ARG L 200 30.78 16.28 10.89
CA ARG L 200 29.65 15.69 11.59
C ARG L 200 29.79 15.93 13.09
N GLU L 201 28.66 15.84 13.81
CA GLU L 201 28.59 15.78 15.26
C GLU L 201 29.26 17.00 15.91
N THR L 202 28.66 18.18 15.73
CA THR L 202 29.14 19.40 16.37
C THR L 202 28.21 19.78 17.52
N VAL L 203 26.95 19.34 17.47
CA VAL L 203 25.90 19.80 18.36
C VAL L 203 25.38 18.66 19.23
N HIS L 204 25.06 18.99 20.48
CA HIS L 204 24.46 18.09 21.45
C HIS L 204 23.20 18.70 22.05
N ILE L 205 22.18 17.86 22.25
CA ILE L 205 20.91 18.25 22.84
C ILE L 205 20.94 17.83 24.31
N ASP L 206 20.96 18.83 25.20
CA ASP L 206 21.16 18.65 26.62
C ASP L 206 20.02 17.85 27.25
N ARG L 207 18.80 18.11 26.79
CA ARG L 207 17.62 17.40 27.27
C ARG L 207 17.53 16.07 26.54
N GLY L 208 18.12 15.03 27.15
CA GLY L 208 18.15 13.70 26.55
C GLY L 208 16.80 13.01 26.60
N VAL L 209 16.77 11.76 26.11
CA VAL L 209 15.62 10.89 26.28
C VAL L 209 15.96 9.91 27.41
N ASP L 210 15.66 10.35 28.63
CA ASP L 210 15.74 9.56 29.85
C ASP L 210 14.71 8.43 29.78
N ASN L 211 14.83 7.44 30.67
CA ASN L 211 13.97 6.28 30.76
C ASN L 211 12.50 6.69 30.96
N THR L 212 12.28 7.86 31.57
CA THR L 212 10.93 8.32 31.86
C THR L 212 10.35 9.11 30.67
N GLN L 213 11.15 9.34 29.63
CA GLN L 213 10.86 10.35 28.61
C GLN L 213 10.58 9.72 27.24
N TRP L 214 10.93 8.44 27.04
CA TRP L 214 10.46 7.69 25.88
C TRP L 214 9.09 7.12 26.19
N PHE L 215 8.31 6.76 25.16
CA PHE L 215 7.04 6.05 25.35
C PHE L 215 6.72 5.07 24.23
N ARG L 216 7.58 5.00 23.20
CA ARG L 216 7.49 4.00 22.15
C ARG L 216 8.84 3.95 21.44
N TYR L 217 9.24 2.76 20.98
CA TYR L 217 10.48 2.58 20.24
C TYR L 217 10.32 1.42 19.25
N ASP L 218 11.15 1.43 18.20
CA ASP L 218 11.24 0.40 17.19
C ASP L 218 12.66 0.42 16.62
N ILE L 219 13.51 -0.49 17.11
CA ILE L 219 14.94 -0.42 16.87
C ILE L 219 15.41 -1.71 16.19
N PRO L 220 15.61 -1.70 14.85
CA PRO L 220 16.19 -2.84 14.14
C PRO L 220 17.68 -2.72 13.80
N GLU L 221 18.27 -3.86 13.43
CA GLU L 221 19.46 -3.89 12.61
C GLU L 221 19.04 -4.30 11.20
N LEU L 222 19.32 -3.43 10.21
CA LEU L 222 18.86 -3.62 8.85
C LEU L 222 19.99 -4.22 8.00
N GLY L 223 19.88 -5.52 7.71
CA GLY L 223 20.92 -6.22 6.97
C GLY L 223 20.40 -6.98 5.75
N LYS L 224 19.25 -6.53 5.24
CA LYS L 224 18.51 -7.20 4.17
C LYS L 224 19.25 -7.10 2.84
N GLU L 225 19.91 -5.95 2.62
CA GLU L 225 20.41 -5.57 1.30
C GLU L 225 21.94 -5.65 1.23
N ALA L 226 22.56 -6.10 2.33
CA ALA L 226 24.01 -6.12 2.47
C ALA L 226 24.64 -7.22 1.62
N ILE L 227 25.76 -6.87 0.98
CA ILE L 227 26.55 -7.77 0.14
C ILE L 227 28.02 -7.60 0.51
N ASN L 228 28.91 -8.40 -0.10
CA ASN L 228 30.29 -8.48 0.37
C ASN L 228 31.29 -8.42 -0.79
N GLU L 229 30.79 -8.32 -2.02
CA GLU L 229 31.63 -8.20 -3.21
C GLU L 229 30.96 -7.27 -4.21
N VAL L 230 31.72 -6.26 -4.67
CA VAL L 230 31.31 -5.45 -5.80
C VAL L 230 32.42 -5.53 -6.85
N GLU L 231 32.03 -5.82 -8.09
CA GLU L 231 32.95 -5.67 -9.22
C GLU L 231 32.51 -4.47 -10.07
N VAL L 232 33.45 -3.53 -10.22
CA VAL L 232 33.20 -2.30 -10.96
C VAL L 232 34.00 -2.35 -12.25
N TRP L 233 33.28 -2.28 -13.38
CA TRP L 233 33.88 -2.12 -14.68
C TRP L 233 33.99 -0.63 -15.00
N PHE L 234 35.18 -0.24 -15.46
CA PHE L 234 35.52 1.15 -15.73
C PHE L 234 36.40 1.21 -16.97
N ASP L 235 36.82 2.43 -17.36
CA ASP L 235 37.25 2.73 -18.72
C ASP L 235 36.07 2.43 -19.65
N ASP L 236 36.33 2.08 -20.92
CA ASP L 236 35.22 1.81 -21.83
C ASP L 236 34.68 0.39 -21.62
N GLY L 237 34.52 0.01 -20.35
CA GLY L 237 34.25 -1.36 -19.94
C GLY L 237 35.48 -2.24 -20.06
N GLU L 238 36.67 -1.61 -20.07
CA GLU L 238 37.89 -2.21 -20.55
C GLU L 238 38.79 -2.69 -19.40
N GLU L 239 38.51 -2.21 -18.18
CA GLU L 239 39.23 -2.63 -16.98
C GLU L 239 38.24 -2.80 -15.82
N SER L 240 38.64 -3.59 -14.81
CA SER L 240 37.75 -3.97 -13.73
C SER L 240 38.45 -3.99 -12.37
N VAL L 241 37.69 -3.75 -11.30
CA VAL L 241 38.17 -3.84 -9.93
C VAL L 241 37.14 -4.55 -9.05
N ILE L 242 37.62 -5.47 -8.21
CA ILE L 242 36.81 -6.17 -7.22
C ILE L 242 37.05 -5.54 -5.85
N VAL L 243 35.94 -5.10 -5.22
CA VAL L 243 35.93 -4.63 -3.84
C VAL L 243 35.45 -5.79 -2.96
N ASP L 244 36.26 -6.11 -1.95
CA ASP L 244 36.25 -7.43 -1.34
C ASP L 244 36.13 -7.30 0.18
N ASP L 245 34.92 -7.51 0.70
CA ASP L 245 34.67 -7.61 2.14
C ASP L 245 34.93 -9.05 2.58
N GLY L 246 36.12 -9.27 3.14
CA GLY L 246 36.57 -10.59 3.56
C GLY L 246 35.82 -11.09 4.80
N THR L 247 35.58 -10.17 5.75
CA THR L 247 34.98 -10.46 7.04
C THR L 247 33.63 -11.15 6.89
N ASP L 248 32.75 -10.52 6.10
CA ASP L 248 31.36 -10.95 5.95
C ASP L 248 31.29 -12.28 5.21
N LYS L 249 32.23 -12.51 4.28
CA LYS L 249 32.31 -13.74 3.51
C LYS L 249 32.74 -14.90 4.40
N LEU L 250 33.71 -14.64 5.29
CA LEU L 250 34.25 -15.65 6.17
C LEU L 250 33.24 -16.01 7.26
N ASP L 251 32.52 -14.99 7.76
CA ASP L 251 31.53 -15.17 8.81
C ASP L 251 30.34 -15.99 8.30
N LEU L 252 29.94 -15.76 7.05
CA LEU L 252 28.86 -16.54 6.44
C LEU L 252 29.30 -17.98 6.23
N GLN L 253 30.59 -18.20 5.92
CA GLN L 253 31.14 -19.54 5.74
C GLN L 253 31.06 -20.31 7.06
N ASP L 254 31.60 -19.74 8.15
CA ASP L 254 31.68 -20.39 9.45
C ASP L 254 30.29 -20.65 10.01
N SER L 255 29.37 -19.69 9.78
CA SER L 255 28.02 -19.73 10.29
C SER L 255 27.20 -20.83 9.61
N LEU L 256 27.21 -20.84 8.27
CA LEU L 256 26.34 -21.71 7.50
C LEU L 256 26.99 -23.08 7.28
N GLY L 257 28.33 -23.15 7.41
CA GLY L 257 29.08 -24.37 7.23
C GLY L 257 29.41 -24.65 5.77
N LEU L 258 29.59 -23.58 4.99
CA LEU L 258 29.79 -23.64 3.54
C LEU L 258 31.19 -24.17 3.21
N PRO L 259 31.37 -24.86 2.06
CA PRO L 259 32.70 -25.32 1.62
C PRO L 259 33.71 -24.25 1.24
N SER L 260 33.22 -23.03 0.95
CA SER L 260 34.06 -21.92 0.54
C SER L 260 33.42 -20.59 0.94
N PRO L 261 34.17 -19.44 0.97
CA PRO L 261 33.64 -18.16 1.45
C PRO L 261 32.35 -17.70 0.77
N GLY L 262 31.42 -17.20 1.59
CA GLY L 262 30.04 -16.95 1.19
C GLY L 262 29.87 -15.64 0.42
N THR L 263 30.27 -15.65 -0.87
CA THR L 263 30.23 -14.49 -1.75
C THR L 263 28.79 -14.12 -2.08
N GLN L 264 28.48 -12.83 -1.90
CA GLN L 264 27.28 -12.20 -2.43
C GLN L 264 27.71 -10.92 -3.16
N ARG L 265 27.37 -10.85 -4.45
CA ARG L 265 28.07 -10.01 -5.43
C ARG L 265 27.11 -9.05 -6.13
N LYS L 266 27.64 -7.88 -6.51
CA LYS L 266 26.99 -6.95 -7.43
C LYS L 266 27.99 -6.48 -8.48
N GLU L 267 27.49 -6.28 -9.70
CA GLU L 267 28.30 -5.80 -10.82
C GLU L 267 27.80 -4.43 -11.25
N LEU L 268 28.73 -3.47 -11.37
CA LEU L 268 28.44 -2.12 -11.81
C LEU L 268 29.34 -1.78 -13.00
N GLN L 269 28.83 -0.98 -13.93
CA GLN L 269 29.67 -0.38 -14.95
C GLN L 269 29.56 1.14 -14.89
N ARG L 270 30.70 1.79 -14.60
CA ARG L 270 30.83 3.24 -14.63
C ARG L 270 31.83 3.60 -15.73
N PRO L 271 31.39 3.67 -17.00
CA PRO L 271 32.32 3.74 -18.15
C PRO L 271 33.04 5.07 -18.38
N LEU L 272 32.66 6.12 -17.65
CA LEU L 272 33.33 7.41 -17.77
C LEU L 272 34.52 7.51 -16.82
N VAL L 273 34.62 6.55 -15.89
CA VAL L 273 35.67 6.54 -14.87
C VAL L 273 36.92 5.91 -15.46
N THR L 274 38.06 6.62 -15.41
CA THR L 274 39.31 6.14 -15.98
C THR L 274 40.34 5.87 -14.88
N ASP L 275 40.07 6.36 -13.66
CA ASP L 275 40.94 6.21 -12.51
C ASP L 275 40.47 5.02 -11.69
N ILE L 276 41.38 4.05 -11.46
CA ILE L 276 41.08 2.83 -10.72
C ILE L 276 40.70 3.17 -9.28
N SER L 277 41.38 4.15 -8.67
CA SER L 277 41.15 4.51 -7.29
C SER L 277 39.80 5.18 -7.11
N ASP L 278 39.26 5.75 -8.20
CA ASP L 278 37.93 6.32 -8.20
C ASP L 278 36.89 5.21 -8.33
N ALA L 279 37.23 4.16 -9.10
CA ALA L 279 36.36 3.01 -9.29
C ALA L 279 36.25 2.20 -7.99
N GLU L 280 37.34 2.18 -7.21
CA GLU L 280 37.37 1.58 -5.88
C GLU L 280 36.35 2.29 -4.98
N ASP L 281 36.36 3.63 -5.03
CA ASP L 281 35.52 4.48 -4.20
C ASP L 281 34.05 4.23 -4.51
N ILE L 282 33.72 4.05 -5.80
CA ILE L 282 32.38 3.73 -6.27
C ILE L 282 31.89 2.46 -5.59
N GLY L 283 32.73 1.41 -5.61
CA GLY L 283 32.40 0.11 -5.07
C GLY L 283 32.30 0.11 -3.55
N ARG L 284 33.25 0.81 -2.90
CA ARG L 284 33.30 0.98 -1.46
C ARG L 284 32.03 1.68 -0.97
N LYS L 285 31.63 2.74 -1.68
CA LYS L 285 30.44 3.54 -1.42
C LYS L 285 29.20 2.67 -1.53
N TYR L 286 29.19 1.77 -2.53
CA TYR L 286 28.10 0.84 -2.74
C TYR L 286 27.97 -0.10 -1.53
N LEU L 287 29.10 -0.65 -1.06
CA LEU L 287 29.10 -1.56 0.07
C LEU L 287 28.65 -0.83 1.34
N ALA L 288 29.19 0.37 1.55
CA ALA L 288 29.01 1.12 2.79
C ALA L 288 27.55 1.51 2.99
N PHE L 289 26.87 1.86 1.88
CA PHE L 289 25.49 2.34 1.94
C PHE L 289 24.51 1.18 2.05
N ARG L 290 24.99 -0.07 1.90
CA ARG L 290 24.15 -1.26 1.96
C ARG L 290 24.35 -2.02 3.27
N ASN L 291 25.37 -1.63 4.07
CA ASN L 291 25.82 -2.33 5.27
C ASN L 291 24.72 -2.43 6.33
N SER L 292 24.89 -3.40 7.24
CA SER L 292 24.04 -3.56 8.41
C SER L 292 24.29 -2.42 9.40
N THR L 293 23.19 -1.80 9.87
CA THR L 293 23.22 -0.65 10.75
C THR L 293 22.02 -0.70 11.69
N LEU L 294 22.16 -0.08 12.87
CA LEU L 294 21.01 0.28 13.68
C LEU L 294 20.34 1.48 13.02
N SER L 295 19.00 1.53 13.07
CA SER L 295 18.22 2.56 12.40
C SER L 295 16.89 2.78 13.10
N GLY L 296 16.94 2.89 14.43
CA GLY L 296 15.76 2.82 15.27
C GLY L 296 14.95 4.11 15.32
N THR L 297 13.63 3.94 15.52
CA THR L 297 12.72 4.98 15.98
C THR L 297 12.71 4.98 17.51
N VAL L 298 12.77 6.18 18.10
CA VAL L 298 12.43 6.40 19.50
C VAL L 298 11.40 7.53 19.55
N THR L 299 10.32 7.33 20.32
CA THR L 299 9.26 8.31 20.45
C THR L 299 9.35 8.99 21.82
N THR L 300 9.39 10.33 21.77
CA THR L 300 9.49 11.19 22.94
C THR L 300 8.58 12.40 22.72
N TYR L 301 8.84 13.49 23.46
CA TYR L 301 8.11 14.74 23.35
C TYR L 301 9.12 15.88 23.22
N GLY L 302 8.64 17.06 22.80
CA GLY L 302 9.46 18.28 22.75
C GLY L 302 10.56 18.22 21.69
N LEU L 303 11.75 18.72 22.06
CA LEU L 303 12.97 18.74 21.26
C LEU L 303 12.77 19.51 19.95
N TYR L 304 12.22 20.73 20.05
CA TYR L 304 11.97 21.56 18.89
C TYR L 304 13.28 22.13 18.34
N ASP L 305 14.29 22.27 19.20
CA ASP L 305 15.59 22.80 18.83
C ASP L 305 16.44 21.76 18.11
N ALA L 306 16.05 20.48 18.18
CA ALA L 306 16.84 19.36 17.70
C ALA L 306 16.78 19.27 16.18
N GLU L 307 17.94 18.94 15.56
CA GLU L 307 18.07 18.83 14.12
C GLU L 307 18.75 17.51 13.76
N PRO L 308 18.59 16.98 12.53
CA PRO L 308 19.45 15.91 12.01
C PRO L 308 20.93 16.32 12.07
N GLY L 309 21.77 15.38 12.52
CA GLY L 309 23.19 15.62 12.69
C GLY L 309 23.57 15.96 14.13
N ASP L 310 22.57 16.24 14.97
CA ASP L 310 22.77 16.50 16.38
C ASP L 310 22.93 15.19 17.14
N THR L 311 23.55 15.25 18.32
CA THR L 311 23.73 14.10 19.19
C THR L 311 22.82 14.23 20.41
N ILE L 312 22.36 13.08 20.92
CA ILE L 312 21.44 13.01 22.04
C ILE L 312 21.71 11.75 22.86
N ASP L 313 21.58 11.85 24.19
CA ASP L 313 21.65 10.69 25.08
C ASP L 313 20.26 10.05 25.16
N ILE L 314 20.22 8.73 24.91
CA ILE L 314 18.99 7.95 25.00
C ILE L 314 19.20 6.81 25.99
N THR L 315 18.34 6.76 27.01
CA THR L 315 18.27 5.65 27.95
C THR L 315 16.89 5.00 27.84
N ILE L 316 16.88 3.71 27.47
CA ILE L 316 15.67 2.88 27.47
C ILE L 316 16.01 1.57 28.18
N ASP L 317 15.62 1.48 29.46
CA ASP L 317 15.95 0.35 30.31
C ASP L 317 15.33 -0.95 29.83
N PRO L 318 14.02 -1.00 29.44
CA PRO L 318 13.43 -2.21 28.86
C PRO L 318 14.13 -2.76 27.62
N ARG L 319 14.94 -1.91 26.98
CA ARG L 319 15.62 -2.25 25.74
C ARG L 319 17.13 -2.39 25.97
N GLY L 320 17.60 -1.95 27.14
CA GLY L 320 19.02 -2.03 27.49
C GLY L 320 19.88 -1.05 26.70
N ILE L 321 19.26 0.07 26.29
CA ILE L 321 19.92 1.16 25.58
C ILE L 321 20.34 2.20 26.60
N ASP L 322 21.61 2.63 26.51
CA ASP L 322 22.13 3.74 27.31
C ASP L 322 23.30 4.37 26.57
N GLU L 323 23.00 5.19 25.56
CA GLU L 323 23.99 5.62 24.59
C GLU L 323 23.76 7.05 24.13
N GLU L 324 24.82 7.63 23.55
CA GLU L 324 24.78 8.88 22.82
C GLU L 324 24.69 8.53 21.32
N PHE L 325 23.66 9.05 20.65
CA PHE L 325 23.36 8.72 19.27
C PHE L 325 23.26 9.98 18.42
N VAL L 326 23.54 9.84 17.12
CA VAL L 326 23.29 10.87 16.12
C VAL L 326 21.83 10.76 15.67
N ILE L 327 21.17 11.91 15.55
CA ILE L 327 19.82 12.00 15.00
C ILE L 327 19.93 12.03 13.48
N ALA L 328 19.29 11.03 12.84
CA ALA L 328 19.25 10.93 11.39
C ALA L 328 18.05 11.71 10.84
N ALA L 329 16.92 11.61 11.56
CA ALA L 329 15.68 12.30 11.22
C ALA L 329 14.89 12.59 12.48
N ILE L 330 14.10 13.67 12.43
CA ILE L 330 13.19 14.04 13.50
C ILE L 330 11.84 14.43 12.90
N GLU L 331 10.77 13.98 13.57
CA GLU L 331 9.41 14.17 13.13
C GLU L 331 8.57 14.66 14.31
N TYR L 332 7.80 15.73 14.06
CA TYR L 332 6.94 16.32 15.06
C TYR L 332 5.48 16.12 14.66
N ARG L 333 4.71 15.58 15.60
CA ARG L 333 3.28 15.37 15.47
C ARG L 333 2.58 16.20 16.52
N TRP L 334 1.79 17.19 16.08
CA TRP L 334 0.80 17.82 16.94
C TRP L 334 -0.35 16.85 17.11
N GLY L 335 -1.28 17.14 18.04
CA GLY L 335 -2.47 16.33 18.19
C GLY L 335 -2.23 15.08 19.04
N VAL L 336 -1.32 14.22 18.59
CA VAL L 336 -0.85 13.09 19.38
C VAL L 336 0.30 13.53 20.28
N ASP L 337 0.88 14.70 19.95
CA ASP L 337 1.95 15.35 20.69
C ASP L 337 3.16 14.42 20.82
N GLU L 338 3.70 14.02 19.66
CA GLU L 338 4.82 13.08 19.60
C GLU L 338 5.99 13.73 18.87
N THR L 339 7.20 13.48 19.41
CA THR L 339 8.46 13.71 18.70
C THR L 339 9.08 12.34 18.42
N ILE L 340 9.31 12.08 17.13
CA ILE L 340 9.79 10.78 16.68
C ILE L 340 11.21 10.95 16.15
N LEU L 341 12.18 10.34 16.86
CA LEU L 341 13.59 10.40 16.51
C LEU L 341 13.97 9.14 15.75
N THR L 342 14.59 9.31 14.57
CA THR L 342 15.31 8.24 13.92
C THR L 342 16.80 8.40 14.24
N VAL L 343 17.41 7.34 14.78
CA VAL L 343 18.77 7.41 15.29
C VAL L 343 19.71 6.57 14.43
N VAL L 344 20.99 7.02 14.39
CA VAL L 344 22.11 6.41 13.67
C VAL L 344 21.97 6.64 12.16
N GLU L 345 20.95 6.02 11.54
CA GLU L 345 20.78 6.06 10.09
C GLU L 345 19.31 5.93 9.73
N LYS L 346 18.91 6.49 8.59
CA LYS L 346 17.59 6.27 8.01
C LYS L 346 17.73 5.51 6.70
N ARG L 347 16.91 4.46 6.55
CA ARG L 347 16.76 3.70 5.32
C ARG L 347 15.32 3.79 4.85
N GLY L 348 15.11 3.76 3.53
CA GLY L 348 13.78 3.78 2.94
C GLY L 348 13.14 2.40 2.93
N ASP L 349 12.12 2.23 2.07
CA ASP L 349 11.52 0.93 1.86
C ASP L 349 11.40 0.64 0.36
N VAL L 350 10.21 0.84 -0.22
CA VAL L 350 10.01 0.64 -1.66
C VAL L 350 10.68 1.77 -2.42
N ASP L 351 10.75 2.94 -1.78
CA ASP L 351 11.33 4.15 -2.36
C ASP L 351 12.84 4.00 -2.53
N ASP L 352 13.47 3.13 -1.73
CA ASP L 352 14.89 2.84 -1.84
C ASP L 352 15.17 2.03 -3.10
N ILE L 353 14.30 1.04 -3.37
CA ILE L 353 14.38 0.19 -4.55
C ILE L 353 14.15 1.06 -5.79
N LEU L 354 13.11 1.91 -5.73
CA LEU L 354 12.68 2.73 -6.85
C LEU L 354 13.73 3.78 -7.19
N SER L 355 14.35 4.39 -6.16
CA SER L 355 15.35 5.43 -6.36
C SER L 355 16.65 4.86 -6.93
N GLU L 356 17.03 3.64 -6.48
CA GLU L 356 18.23 2.96 -6.96
C GLU L 356 18.08 2.62 -8.44
N LEU L 357 16.88 2.17 -8.83
CA LEU L 357 16.54 1.85 -10.21
C LEU L 357 16.51 3.12 -11.05
N SER L 358 15.86 4.17 -10.52
CA SER L 358 15.66 5.46 -11.20
C SER L 358 16.99 6.08 -11.57
N GLU L 359 17.95 6.06 -10.62
CA GLU L 359 19.28 6.61 -10.80
C GLU L 359 20.04 5.82 -11.87
N SER L 360 19.86 4.49 -11.86
CA SER L 360 20.50 3.59 -12.80
C SER L 360 20.01 3.86 -14.21
N VAL L 361 18.69 4.04 -14.36
CA VAL L 361 18.05 4.32 -15.64
C VAL L 361 18.55 5.67 -16.17
N GLN L 362 18.65 6.67 -15.29
CA GLN L 362 19.09 8.01 -15.64
C GLN L 362 20.53 7.99 -16.13
N ARG L 363 21.38 7.16 -15.49
CA ARG L 363 22.80 7.07 -15.79
C ARG L 363 23.00 6.45 -17.18
N ILE L 364 22.20 5.42 -17.49
CA ILE L 364 22.31 4.72 -18.75
C ILE L 364 21.70 5.59 -19.87
N GLU L 365 20.66 6.36 -19.54
CA GLU L 365 20.00 7.22 -20.50
C GLU L 365 20.95 8.33 -20.98
N MET L 366 21.77 8.85 -20.06
CA MET L 366 22.57 10.04 -20.33
C MET L 366 23.97 9.69 -20.85
N GLN L 367 24.21 8.42 -21.18
CA GLN L 367 25.47 8.01 -21.79
C GLN L 367 25.50 8.47 -23.25
N GLY L 368 26.68 8.91 -23.70
CA GLY L 368 26.89 9.29 -25.09
C GLY L 368 26.43 10.71 -25.40
N ALA L 369 25.89 11.40 -24.38
CA ALA L 369 25.51 12.80 -24.50
C ALA L 369 26.78 13.66 -24.43
N ASN L 370 27.01 14.46 -25.47
CA ASN L 370 28.08 15.43 -25.48
C ASN L 370 27.68 16.57 -24.55
N ARG L 371 28.46 16.77 -23.48
CA ARG L 371 28.09 17.72 -22.44
C ARG L 371 28.62 19.10 -22.79
N ASP L 372 29.50 19.16 -23.79
CA ASP L 372 30.02 20.38 -24.37
C ASP L 372 29.29 20.71 -25.68
N ALA L 373 28.13 20.08 -25.88
CA ALA L 373 27.29 20.27 -27.05
C ALA L 373 26.79 21.71 -27.13
N PRO L 374 26.49 22.26 -28.34
CA PRO L 374 25.88 23.58 -28.45
C PRO L 374 24.47 23.60 -27.87
N LYS L 375 24.29 24.46 -26.85
CA LYS L 375 23.01 24.66 -26.20
C LYS L 375 22.07 25.43 -27.13
N ASN L 376 20.76 25.19 -26.97
CA ASN L 376 19.69 25.95 -27.59
C ASN L 376 18.60 26.14 -26.55
N ARG L 377 17.71 27.13 -26.75
CA ARG L 377 16.74 27.47 -25.72
C ARG L 377 15.36 27.74 -26.32
N ILE L 378 14.32 27.27 -25.61
CA ILE L 378 12.95 27.64 -25.90
C ILE L 378 12.25 28.11 -24.61
N THR L 379 11.53 29.23 -24.73
CA THR L 379 10.92 29.92 -23.61
C THR L 379 9.42 29.63 -23.59
N THR L 380 8.93 29.08 -22.48
CA THR L 380 7.51 28.83 -22.28
C THR L 380 6.86 30.05 -21.66
N THR L 381 5.96 30.70 -22.42
CA THR L 381 5.27 31.91 -21.98
C THR L 381 3.76 31.76 -22.21
N ASN L 382 2.97 32.62 -21.54
CA ASN L 382 1.59 32.29 -21.22
C ASN L 382 0.80 33.59 -20.99
N ALA L 383 -0.29 33.77 -21.75
CA ALA L 383 -1.18 34.92 -21.61
C ALA L 383 -2.60 34.55 -22.01
N ALA L 384 -3.59 35.21 -21.39
CA ALA L 384 -4.99 34.90 -21.67
C ALA L 384 -5.86 36.14 -21.69
N ALA L 385 -6.82 36.14 -22.62
CA ALA L 385 -7.90 37.11 -22.70
C ALA L 385 -9.20 36.45 -22.22
N ILE L 386 -9.90 37.16 -21.33
CA ILE L 386 -11.23 36.77 -20.89
C ILE L 386 -12.24 37.55 -21.72
N VAL L 387 -13.13 36.82 -22.40
CA VAL L 387 -14.28 37.42 -23.06
C VAL L 387 -15.48 37.27 -22.13
N SER L 388 -15.92 38.39 -21.55
CA SER L 388 -17.14 38.46 -20.77
C SER L 388 -18.32 38.66 -21.70
N VAL L 389 -19.42 37.97 -21.42
CA VAL L 389 -20.67 38.12 -22.15
C VAL L 389 -21.75 38.64 -21.20
N ASP L 390 -22.41 39.72 -21.61
CA ASP L 390 -23.64 40.20 -21.01
C ASP L 390 -24.72 40.22 -22.10
N VAL L 391 -25.88 39.62 -21.79
CA VAL L 391 -27.02 39.59 -22.70
C VAL L 391 -28.21 40.26 -22.02
N ASP L 392 -28.81 41.21 -22.74
CA ASP L 392 -29.93 42.02 -22.29
C ASP L 392 -31.04 41.90 -23.33
N ALA L 393 -32.24 41.49 -22.88
CA ALA L 393 -33.40 41.37 -23.76
C ALA L 393 -34.58 42.13 -23.16
N GLY L 394 -34.90 43.29 -23.76
CA GLY L 394 -35.95 44.18 -23.32
C GLY L 394 -35.80 44.59 -21.86
N GLY L 395 -34.55 44.77 -21.41
CA GLY L 395 -34.25 45.21 -20.06
C GLY L 395 -34.09 44.06 -19.05
N THR L 396 -34.18 42.82 -19.53
CA THR L 396 -34.04 41.62 -18.69
C THR L 396 -32.69 40.96 -18.98
N SER L 397 -31.88 40.77 -17.93
CA SER L 397 -30.58 40.12 -18.06
C SER L 397 -30.76 38.61 -18.12
N ALA L 398 -29.90 37.94 -18.90
CA ALA L 398 -29.85 36.49 -18.95
C ALA L 398 -29.34 35.96 -17.62
N ASP L 399 -29.87 34.78 -17.22
CA ASP L 399 -29.55 34.17 -15.94
C ASP L 399 -28.22 33.43 -16.04
N ALA L 400 -27.91 32.92 -17.24
CA ALA L 400 -26.65 32.28 -17.54
C ALA L 400 -26.27 32.52 -18.99
N ASP L 401 -24.96 32.70 -19.23
CA ASP L 401 -24.38 32.91 -20.56
C ASP L 401 -23.10 32.09 -20.68
N ARG L 402 -22.83 31.59 -21.90
CA ARG L 402 -21.57 30.91 -22.17
C ARG L 402 -21.02 31.32 -23.54
N PHE L 403 -19.71 31.57 -23.56
CA PHE L 403 -18.91 31.75 -24.75
C PHE L 403 -18.46 30.37 -25.21
N VAL L 404 -19.11 29.86 -26.28
CA VAL L 404 -19.02 28.45 -26.64
C VAL L 404 -17.67 28.15 -27.29
N ASN L 405 -17.33 26.85 -27.30
CA ASN L 405 -16.06 26.33 -27.80
C ASN L 405 -15.81 26.78 -29.24
N ASP L 406 -16.88 26.80 -30.05
CA ASP L 406 -16.84 27.21 -31.45
C ASP L 406 -16.42 28.68 -31.57
N GLY L 407 -16.88 29.51 -30.63
CA GLY L 407 -16.54 30.93 -30.58
C GLY L 407 -15.07 31.14 -30.20
N ARG L 408 -14.61 30.35 -29.23
CA ARG L 408 -13.24 30.31 -28.76
C ARG L 408 -12.32 29.84 -29.91
N ASN L 409 -12.80 28.85 -30.68
CA ASN L 409 -12.09 28.32 -31.83
C ASN L 409 -11.99 29.37 -32.93
N ALA L 410 -13.05 30.17 -33.11
CA ALA L 410 -13.11 31.22 -34.11
C ALA L 410 -12.08 32.30 -33.83
N VAL L 411 -11.95 32.68 -32.55
CA VAL L 411 -11.01 33.71 -32.11
C VAL L 411 -9.58 33.17 -32.23
N ARG L 412 -9.38 31.89 -31.88
CA ARG L 412 -8.11 31.19 -32.01
C ARG L 412 -7.65 31.18 -33.47
N ASP L 413 -8.57 30.79 -34.37
CA ASP L 413 -8.27 30.65 -35.79
C ASP L 413 -8.00 32.02 -36.42
N ALA L 414 -8.70 33.05 -35.93
CA ALA L 414 -8.53 34.42 -36.38
C ALA L 414 -7.16 34.98 -35.96
N TRP L 415 -6.68 34.54 -34.79
CA TRP L 415 -5.39 34.91 -34.24
C TRP L 415 -4.25 34.31 -35.08
N THR L 416 -4.51 33.15 -35.71
CA THR L 416 -3.55 32.51 -36.60
C THR L 416 -3.55 33.20 -37.96
N GLY L 417 -4.65 33.91 -38.28
CA GLY L 417 -4.77 34.66 -39.51
C GLY L 417 -5.60 33.92 -40.56
N ALA L 418 -6.46 33.00 -40.10
CA ALA L 418 -7.30 32.19 -40.97
C ALA L 418 -8.46 32.99 -41.52
N GLY L 419 -8.83 34.08 -40.82
CA GLY L 419 -9.96 34.92 -41.16
C GLY L 419 -10.78 35.24 -39.91
N ASN L 420 -11.32 36.47 -39.87
CA ASN L 420 -12.07 36.98 -38.71
C ASN L 420 -13.51 36.48 -38.78
N PRO L 421 -14.20 36.26 -37.63
CA PRO L 421 -15.63 35.92 -37.64
C PRO L 421 -16.51 37.09 -38.05
N ASP L 422 -17.41 36.81 -39.00
CA ASP L 422 -18.36 37.77 -39.54
C ASP L 422 -19.67 37.66 -38.74
N ILE L 423 -19.74 38.39 -37.62
CA ILE L 423 -20.90 38.34 -36.73
C ILE L 423 -22.09 39.01 -37.41
N ALA L 424 -23.21 38.27 -37.51
CA ALA L 424 -24.26 38.58 -38.47
C ALA L 424 -25.66 38.58 -37.87
N ASN L 425 -25.99 37.58 -37.03
CA ASN L 425 -27.36 37.33 -36.62
C ASN L 425 -27.49 37.19 -35.10
N ILE L 426 -28.57 37.76 -34.53
CA ILE L 426 -29.09 37.40 -33.23
C ILE L 426 -30.16 36.34 -33.45
N VAL L 427 -29.97 35.18 -32.81
CA VAL L 427 -30.89 34.05 -32.91
C VAL L 427 -31.59 33.88 -31.56
N VAL L 428 -32.90 33.59 -31.59
CA VAL L 428 -33.68 33.39 -30.38
C VAL L 428 -34.39 32.05 -30.43
N GLY L 429 -34.60 31.47 -29.24
CA GLY L 429 -35.10 30.10 -29.14
C GLY L 429 -36.03 29.88 -27.94
N ASP L 430 -36.47 28.62 -27.83
CA ASP L 430 -37.64 28.22 -27.06
C ASP L 430 -37.26 27.07 -26.12
N ASP L 431 -35.97 27.01 -25.74
CA ASP L 431 -35.41 25.88 -25.02
C ASP L 431 -34.17 26.30 -24.24
N ASN L 432 -34.28 26.33 -22.91
CA ASN L 432 -33.18 26.78 -22.06
C ASN L 432 -32.31 25.61 -21.58
N SER L 433 -32.56 24.39 -22.09
CA SER L 433 -31.89 23.20 -21.57
C SER L 433 -30.48 23.06 -22.14
N GLY L 434 -29.61 22.42 -21.34
CA GLY L 434 -28.31 21.93 -21.78
C GLY L 434 -27.36 23.03 -22.25
N LEU L 435 -27.28 24.11 -21.45
CA LEU L 435 -26.32 25.18 -21.70
C LEU L 435 -24.93 24.68 -21.31
N SER L 436 -24.00 24.79 -22.27
CA SER L 436 -22.66 24.24 -22.14
C SER L 436 -21.67 25.04 -22.99
N ARG L 437 -20.38 24.78 -22.77
CA ARG L 437 -19.31 25.27 -23.63
C ARG L 437 -19.47 24.66 -25.03
N THR L 438 -20.05 23.46 -25.10
CA THR L 438 -19.97 22.62 -26.28
C THR L 438 -21.14 22.83 -27.24
N ASN L 439 -22.06 23.74 -26.89
CA ASN L 439 -23.25 24.05 -27.70
C ASN L 439 -22.82 24.65 -29.04
N THR L 440 -23.24 24.03 -30.15
CA THR L 440 -22.90 24.46 -31.49
C THR L 440 -24.05 25.24 -32.14
N THR L 441 -25.26 25.06 -31.59
CA THR L 441 -26.50 25.65 -32.10
C THR L 441 -27.46 25.88 -30.94
N LEU L 442 -28.55 26.63 -31.18
CA LEU L 442 -29.58 26.81 -30.17
C LEU L 442 -30.34 25.51 -29.98
N GLY L 443 -30.94 25.33 -28.80
CA GLY L 443 -31.75 24.17 -28.47
C GLY L 443 -32.91 24.00 -29.45
N ASN L 444 -33.64 25.10 -29.69
CA ASN L 444 -34.76 25.16 -30.61
C ASN L 444 -34.90 26.59 -31.13
N GLN L 445 -34.33 26.87 -32.31
CA GLN L 445 -34.35 28.21 -32.88
C GLN L 445 -35.77 28.54 -33.37
N THR L 446 -36.22 29.76 -33.04
CA THR L 446 -37.53 30.26 -33.41
C THR L 446 -37.44 31.44 -34.37
N ASP L 447 -36.42 32.32 -34.18
CA ASP L 447 -36.32 33.53 -34.99
C ASP L 447 -34.87 34.02 -35.12
N SER L 448 -34.60 34.77 -36.20
CA SER L 448 -33.32 35.38 -36.51
C SER L 448 -33.52 36.82 -36.99
N VAL L 449 -32.59 37.72 -36.60
CA VAL L 449 -32.53 39.10 -37.06
C VAL L 449 -31.06 39.49 -37.26
N SER L 450 -30.79 40.38 -38.21
CA SER L 450 -29.43 40.83 -38.50
C SER L 450 -29.03 41.96 -37.56
N VAL L 451 -27.73 42.02 -37.22
CA VAL L 451 -27.21 42.79 -36.11
C VAL L 451 -26.75 44.18 -36.56
N THR L 452 -26.79 45.13 -35.61
CA THR L 452 -26.10 46.40 -35.70
C THR L 452 -24.96 46.41 -34.68
N GLU L 453 -23.82 46.98 -35.08
CA GLU L 453 -22.55 46.84 -34.38
C GLU L 453 -22.15 48.19 -33.77
N SER L 454 -22.02 48.22 -32.44
CA SER L 454 -21.57 49.39 -31.70
C SER L 454 -20.25 49.09 -31.02
N LEU L 455 -19.32 50.04 -31.11
CA LEU L 455 -18.02 49.94 -30.44
C LEU L 455 -17.92 51.03 -29.36
N PRO L 456 -18.52 50.84 -28.16
CA PRO L 456 -18.57 51.90 -27.15
C PRO L 456 -17.25 52.21 -26.44
N SER L 457 -16.32 51.24 -26.44
CA SER L 457 -15.04 51.36 -25.75
C SER L 457 -14.00 50.47 -26.43
N ALA L 458 -12.72 50.69 -26.10
CA ALA L 458 -11.59 50.03 -26.74
C ALA L 458 -11.61 48.51 -26.53
N LYS L 459 -12.34 48.04 -25.51
CA LYS L 459 -12.35 46.63 -25.16
C LYS L 459 -13.74 46.00 -25.31
N VAL L 460 -14.72 46.76 -25.85
CA VAL L 460 -16.11 46.37 -25.81
C VAL L 460 -16.74 46.46 -27.21
N VAL L 461 -17.53 45.44 -27.57
CA VAL L 461 -18.39 45.48 -28.75
C VAL L 461 -19.80 45.03 -28.36
N GLU L 462 -20.80 45.80 -28.82
CA GLU L 462 -22.21 45.50 -28.62
C GLU L 462 -22.85 45.16 -29.96
N TYR L 463 -23.63 44.07 -29.96
CA TYR L 463 -24.50 43.73 -31.08
C TYR L 463 -25.95 43.89 -30.66
N SER L 464 -26.70 44.70 -31.42
CA SER L 464 -28.07 45.05 -31.09
C SER L 464 -29.01 44.78 -32.25
N ALA L 465 -30.23 44.34 -31.93
CA ALA L 465 -31.31 44.11 -32.88
C ALA L 465 -32.68 44.20 -32.19
N THR L 466 -33.74 44.40 -32.98
CA THR L 466 -35.11 44.55 -32.50
C THR L 466 -35.93 43.31 -32.88
N LEU L 467 -36.71 42.77 -31.93
CA LEU L 467 -37.32 41.46 -32.09
C LEU L 467 -38.79 41.42 -31.64
N THR L 468 -39.56 40.51 -32.27
CA THR L 468 -40.91 40.14 -31.90
C THR L 468 -41.02 38.62 -31.82
N GLN L 469 -40.99 38.07 -30.60
CA GLN L 469 -41.21 36.65 -30.35
C GLN L 469 -41.78 36.44 -28.96
N SER L 470 -42.84 35.62 -28.88
CA SER L 470 -43.38 35.15 -27.62
C SER L 470 -42.55 33.97 -27.12
N GLY L 471 -42.26 33.97 -25.82
CA GLY L 471 -41.74 32.81 -25.10
C GLY L 471 -40.27 32.48 -25.40
N VAL L 472 -39.44 33.54 -25.56
CA VAL L 472 -38.00 33.39 -25.75
C VAL L 472 -37.37 32.99 -24.42
N GLU L 473 -36.52 31.95 -24.44
CA GLU L 473 -35.80 31.54 -23.25
C GLU L 473 -34.33 31.24 -23.55
N GLU L 474 -33.92 31.37 -24.82
CA GLU L 474 -32.51 31.32 -25.19
C GLU L 474 -32.23 32.35 -26.29
N ILE L 475 -31.09 33.04 -26.14
CA ILE L 475 -30.56 33.99 -27.12
C ILE L 475 -29.19 33.46 -27.54
N GLY L 476 -28.84 33.69 -28.81
CA GLY L 476 -27.52 33.36 -29.31
C GLY L 476 -26.99 34.41 -30.29
N LEU L 477 -25.67 34.38 -30.50
CA LEU L 477 -25.00 35.24 -31.46
C LEU L 477 -24.32 34.38 -32.52
N GLU L 478 -24.67 34.62 -33.78
CA GLU L 478 -24.24 33.79 -34.90
C GLU L 478 -23.45 34.61 -35.93
N THR L 479 -22.46 33.94 -36.51
CA THR L 479 -21.75 34.40 -37.70
C THR L 479 -22.54 33.98 -38.93
N SER L 480 -22.22 34.60 -40.08
CA SER L 480 -22.91 34.34 -41.34
C SER L 480 -22.72 32.89 -41.80
N THR L 481 -21.65 32.23 -41.33
CA THR L 481 -21.35 30.85 -41.69
C THR L 481 -22.06 29.88 -40.74
N GLY L 482 -22.78 30.41 -39.75
CA GLY L 482 -23.62 29.61 -38.87
C GLY L 482 -22.97 29.22 -37.56
N THR L 483 -21.72 29.69 -37.34
CA THR L 483 -20.99 29.45 -36.10
C THR L 483 -21.59 30.29 -34.98
N LEU L 484 -21.95 29.62 -33.88
CA LEU L 484 -22.44 30.23 -32.66
C LEU L 484 -21.25 30.68 -31.82
N LEU L 485 -21.32 31.92 -31.30
CA LEU L 485 -20.27 32.44 -30.44
C LEU L 485 -20.74 32.45 -28.98
N THR L 486 -22.05 32.71 -28.80
CA THR L 486 -22.65 32.90 -27.49
C THR L 486 -24.00 32.20 -27.45
N ARG L 487 -24.31 31.63 -26.27
CA ARG L 487 -25.67 31.20 -25.93
C ARG L 487 -25.97 31.68 -24.51
N ALA L 488 -27.14 32.30 -24.34
CA ALA L 488 -27.58 32.81 -23.05
C ALA L 488 -29.03 32.37 -22.79
N THR L 489 -29.29 31.94 -21.55
CA THR L 489 -30.59 31.36 -21.21
C THR L 489 -31.27 32.16 -20.11
N PHE L 490 -32.61 32.19 -20.19
CA PHE L 490 -33.49 32.81 -19.23
C PHE L 490 -34.25 31.70 -18.49
N GLU L 491 -34.40 31.87 -17.17
CA GLU L 491 -35.10 30.92 -16.33
C GLU L 491 -36.60 30.98 -16.59
N THR L 492 -37.13 32.20 -16.76
CA THR L 492 -38.51 32.42 -17.14
C THR L 492 -38.57 32.91 -18.59
N PRO L 493 -39.50 32.39 -19.42
CA PRO L 493 -39.69 32.89 -20.79
C PRO L 493 -39.96 34.39 -20.87
N VAL L 494 -39.33 35.02 -21.86
CA VAL L 494 -39.44 36.45 -22.13
C VAL L 494 -40.27 36.63 -23.39
N ASP L 495 -41.27 37.51 -23.30
CA ASP L 495 -42.12 37.90 -24.41
C ASP L 495 -41.61 39.23 -24.95
N LEU L 496 -40.99 39.18 -26.15
CA LEU L 496 -40.45 40.36 -26.80
C LEU L 496 -41.49 40.92 -27.79
N SER L 497 -41.87 42.19 -27.60
CA SER L 497 -42.92 42.82 -28.38
C SER L 497 -42.34 43.50 -29.61
N SER L 498 -41.44 44.46 -29.38
CA SER L 498 -40.59 45.10 -30.37
C SER L 498 -39.36 45.64 -29.64
N ASP L 499 -38.71 44.74 -28.91
CA ASP L 499 -37.75 45.07 -27.87
C ASP L 499 -36.33 44.88 -28.38
N THR L 500 -35.41 45.69 -27.84
CA THR L 500 -33.99 45.60 -28.19
C THR L 500 -33.38 44.42 -27.43
N VAL L 501 -32.68 43.56 -28.18
CA VAL L 501 -31.79 42.56 -27.62
C VAL L 501 -30.36 43.02 -27.88
N THR L 502 -29.56 43.08 -26.80
CA THR L 502 -28.16 43.51 -26.87
C THR L 502 -27.26 42.41 -26.32
N VAL L 503 -26.22 42.06 -27.09
CA VAL L 503 -25.15 41.20 -26.62
C VAL L 503 -23.88 42.04 -26.54
N THR L 504 -23.31 42.12 -25.33
CA THR L 504 -22.08 42.84 -25.08
C THR L 504 -20.94 41.84 -24.87
N LEU L 505 -19.87 42.01 -25.67
CA LEU L 505 -18.64 41.25 -25.49
C LEU L 505 -17.56 42.20 -24.98
N THR L 506 -16.98 41.87 -23.81
CA THR L 506 -15.93 42.67 -23.17
C THR L 506 -14.66 41.83 -23.04
N VAL L 507 -13.51 42.42 -23.39
CA VAL L 507 -12.22 41.74 -23.31
C VAL L 507 -11.43 42.28 -22.11
N SER L 508 -10.81 41.37 -21.36
CA SER L 508 -9.94 41.72 -20.24
C SER L 508 -8.79 40.72 -20.12
N ASN L 509 -7.79 41.08 -19.31
CA ASN L 509 -6.66 40.22 -18.98
C ASN L 509 -7.10 39.19 -17.95
N ASP L 510 -6.59 37.96 -18.10
CA ASP L 510 -6.74 36.94 -17.06
C ASP L 510 -5.69 37.19 -15.98
N ASP L 511 -6.14 37.75 -14.85
CA ASP L 511 -5.26 38.17 -13.77
C ASP L 511 -4.74 36.97 -12.97
N SER L 512 -5.15 35.75 -13.34
CA SER L 512 -4.63 34.52 -12.77
C SER L 512 -3.18 34.33 -13.21
N VAL L 513 -2.88 34.79 -14.42
CA VAL L 513 -1.64 34.51 -15.13
C VAL L 513 -0.51 35.31 -14.48
N SER L 514 0.45 34.57 -13.91
CA SER L 514 1.61 35.13 -13.24
C SER L 514 2.69 35.44 -14.28
N ARG L 515 3.29 36.63 -14.15
CA ARG L 515 4.49 37.08 -14.85
C ARG L 515 4.24 37.38 -16.33
N GLY L 516 2.99 37.19 -16.79
CA GLY L 516 2.59 37.49 -18.16
C GLY L 516 1.32 38.34 -18.20
N VAL L 517 1.15 39.13 -19.27
CA VAL L 517 0.01 40.01 -19.42
C VAL L 517 -0.34 40.12 -20.91
N MET L 518 -1.64 40.32 -21.20
CA MET L 518 -2.10 40.77 -22.49
C MET L 518 -2.37 42.27 -22.39
N THR L 519 -1.65 43.07 -23.19
CA THR L 519 -1.65 44.51 -23.08
C THR L 519 -3.02 45.08 -23.46
N ASN L 520 -3.21 46.38 -23.21
CA ASN L 520 -4.41 47.09 -23.62
C ASN L 520 -4.61 46.94 -25.13
N ASP L 521 -3.51 47.00 -25.89
CA ASP L 521 -3.51 46.90 -27.34
C ASP L 521 -3.83 45.46 -27.76
N GLY L 522 -3.37 44.49 -26.96
CA GLY L 522 -3.67 43.07 -27.17
C GLY L 522 -5.15 42.78 -26.97
N GLN L 523 -5.74 43.37 -25.92
CA GLN L 523 -7.15 43.23 -25.60
C GLN L 523 -7.99 43.93 -26.67
N THR L 524 -7.50 45.07 -27.18
CA THR L 524 -8.13 45.83 -28.25
C THR L 524 -8.17 45.00 -29.54
N ALA L 525 -7.07 44.30 -29.82
CA ALA L 525 -6.92 43.45 -31.00
C ALA L 525 -7.95 42.33 -31.00
N VAL L 526 -8.27 41.81 -29.81
CA VAL L 526 -9.24 40.72 -29.65
C VAL L 526 -10.65 41.25 -29.90
N ARG L 527 -10.94 42.47 -29.44
CA ARG L 527 -12.20 43.13 -29.74
C ARG L 527 -12.33 43.28 -31.27
N ASP L 528 -11.23 43.68 -31.92
CA ASP L 528 -11.20 43.93 -33.35
C ASP L 528 -11.34 42.63 -34.14
N VAL L 529 -10.92 41.51 -33.54
CA VAL L 529 -11.11 40.19 -34.12
C VAL L 529 -12.61 39.87 -34.12
N LEU L 530 -13.25 40.12 -32.98
CA LEU L 530 -14.67 39.83 -32.79
C LEU L 530 -15.51 40.80 -33.64
N ALA L 531 -15.03 42.04 -33.80
CA ALA L 531 -15.77 43.06 -34.53
C ALA L 531 -15.52 42.97 -36.03
N ASP L 532 -14.50 42.20 -36.44
CA ASP L 532 -13.97 42.16 -37.81
C ASP L 532 -13.64 43.58 -38.25
N ASN L 533 -12.78 44.24 -37.46
CA ASN L 533 -12.50 45.65 -37.55
C ASN L 533 -10.99 45.85 -37.69
N SER L 534 -10.43 45.24 -38.75
CA SER L 534 -9.01 45.25 -39.09
C SER L 534 -8.12 45.13 -37.84
N PRO L 535 -8.09 43.95 -37.18
CA PRO L 535 -7.28 43.75 -35.98
C PRO L 535 -5.77 43.80 -36.23
N THR L 536 -5.04 44.25 -35.21
CA THR L 536 -3.59 44.23 -35.19
C THR L 536 -3.15 42.85 -34.70
N LEU L 537 -2.96 41.91 -35.64
CA LEU L 537 -2.79 40.50 -35.36
C LEU L 537 -1.33 40.17 -35.05
N PRO L 538 -1.02 39.06 -34.34
CA PRO L 538 0.37 38.68 -34.03
C PRO L 538 1.18 38.34 -35.28
N THR L 539 2.20 39.17 -35.56
CA THR L 539 3.00 39.05 -36.76
C THR L 539 4.50 39.03 -36.41
N ASP L 540 4.86 39.53 -35.21
CA ASP L 540 6.25 39.65 -34.81
C ASP L 540 6.43 39.20 -33.36
N TYR L 541 7.70 39.00 -32.97
CA TYR L 541 8.07 38.60 -31.61
C TYR L 541 9.29 39.37 -31.15
N GLY L 542 9.30 39.76 -29.87
CA GLY L 542 10.37 40.56 -29.30
C GLY L 542 10.96 39.95 -28.03
N TYR L 543 12.26 40.21 -27.81
CA TYR L 543 12.98 39.84 -26.60
C TYR L 543 13.70 41.06 -26.05
N GLY L 544 13.82 41.13 -24.72
CA GLY L 544 14.34 42.32 -24.06
C GLY L 544 15.14 42.05 -22.79
N ASP L 545 15.43 43.15 -22.08
CA ASP L 545 16.43 43.23 -21.01
C ASP L 545 15.81 43.78 -19.72
N ASP L 546 14.61 44.36 -19.81
CA ASP L 546 14.01 45.03 -18.66
C ASP L 546 13.16 44.05 -17.86
N SER L 547 13.46 43.96 -16.55
CA SER L 547 12.79 43.05 -15.65
C SER L 547 11.59 43.69 -14.95
N THR L 548 11.25 44.94 -15.32
CA THR L 548 10.14 45.69 -14.75
C THR L 548 8.84 44.91 -14.92
N ALA L 549 8.08 44.77 -13.83
CA ALA L 549 6.91 43.91 -13.74
C ALA L 549 5.85 44.29 -14.78
N VAL L 550 5.11 43.27 -15.22
CA VAL L 550 4.15 43.38 -16.32
C VAL L 550 2.91 44.13 -15.86
N ALA L 551 2.43 45.02 -16.72
CA ALA L 551 1.16 45.72 -16.57
C ALA L 551 0.48 45.79 -17.94
N GLU L 552 -0.85 45.94 -17.95
CA GLU L 552 -1.63 46.02 -19.18
C GLU L 552 -1.21 47.23 -20.01
N THR L 553 -0.71 48.26 -19.32
CA THR L 553 -0.47 49.58 -19.87
C THR L 553 0.89 49.66 -20.58
N ASP L 554 1.57 48.51 -20.72
CA ASP L 554 2.87 48.42 -21.37
C ASP L 554 2.70 48.53 -22.89
N THR L 555 3.36 49.53 -23.50
CA THR L 555 3.26 49.76 -24.94
C THR L 555 4.48 49.20 -25.68
N THR L 556 5.61 49.10 -24.97
CA THR L 556 6.88 48.66 -25.51
C THR L 556 7.54 47.71 -24.52
N LEU L 557 8.38 46.79 -25.00
CA LEU L 557 9.31 46.08 -24.14
C LEU L 557 10.24 47.12 -23.52
N GLY L 558 10.54 46.96 -22.23
CA GLY L 558 11.32 47.91 -21.45
C GLY L 558 12.64 48.28 -22.13
N ASN L 559 13.32 47.28 -22.69
CA ASN L 559 14.53 47.45 -23.48
C ASN L 559 14.69 46.27 -24.44
N GLU L 560 14.36 46.49 -25.73
CA GLU L 560 14.28 45.42 -26.71
C GLU L 560 15.66 45.15 -27.33
N LEU L 561 16.05 43.87 -27.31
CA LEU L 561 17.33 43.43 -27.82
C LEU L 561 17.22 42.95 -29.26
N ALA L 562 16.09 42.31 -29.62
CA ALA L 562 15.92 41.73 -30.96
C ALA L 562 14.45 41.52 -31.33
N ASN L 563 14.19 41.45 -32.65
CA ASN L 563 12.90 41.19 -33.26
C ASN L 563 12.98 39.94 -34.14
N THR L 564 11.81 39.33 -34.42
CA THR L 564 11.64 38.24 -35.38
C THR L 564 10.19 38.26 -35.89
N SER L 565 10.01 37.87 -37.16
CA SER L 565 8.68 37.77 -37.74
C SER L 565 8.10 36.36 -37.57
N LEU L 566 6.79 36.29 -37.33
CA LEU L 566 6.07 35.04 -37.17
C LEU L 566 5.42 34.61 -38.49
N GLU L 567 5.79 35.29 -39.60
CA GLU L 567 5.13 35.04 -40.87
C GLU L 567 6.12 34.80 -42.02
N GLU L 568 7.40 35.18 -41.86
CA GLU L 568 8.39 34.91 -42.90
C GLU L 568 9.82 34.88 -42.33
N ILE L 569 10.71 34.19 -43.06
CA ILE L 569 12.15 34.20 -42.82
C ILE L 569 12.88 34.31 -44.16
N LEU L 570 14.08 34.91 -44.12
CA LEU L 570 14.95 34.94 -45.28
C LEU L 570 15.63 33.58 -45.45
N ILE L 571 15.52 33.02 -46.66
CA ILE L 571 16.20 31.79 -46.98
C ILE L 571 17.65 32.10 -47.31
N GLN L 572 17.87 33.04 -48.24
CA GLN L 572 19.20 33.43 -48.68
C GLN L 572 19.19 34.87 -49.20
N SER L 573 20.29 35.58 -48.95
CA SER L 573 20.54 36.93 -49.46
C SER L 573 22.01 37.07 -49.85
N ALA L 574 22.29 37.95 -50.81
CA ALA L 574 23.66 38.18 -51.26
C ALA L 574 24.24 39.43 -50.59
N SER L 575 24.23 40.56 -51.31
CA SER L 575 24.61 41.89 -50.82
C SER L 575 26.10 42.01 -50.46
N SER L 576 26.90 41.01 -50.84
CA SER L 576 28.34 40.98 -50.58
C SER L 576 29.03 40.04 -51.57
N VAL L 577 30.32 40.31 -51.85
CA VAL L 577 31.12 39.55 -52.79
C VAL L 577 31.32 38.13 -52.28
N SER L 578 31.58 37.98 -50.97
CA SER L 578 31.77 36.68 -50.33
C SER L 578 30.49 35.86 -50.38
N ALA L 579 29.35 36.52 -50.15
CA ALA L 579 28.03 35.90 -50.19
C ALA L 579 27.72 35.39 -51.60
N TRP L 580 27.92 36.25 -52.60
CA TRP L 580 27.72 35.91 -54.00
C TRP L 580 28.59 34.71 -54.38
N ASN L 581 29.90 34.81 -54.06
CA ASN L 581 30.90 33.80 -54.35
C ASN L 581 30.50 32.44 -53.78
N THR L 582 29.72 32.46 -52.68
CA THR L 582 29.25 31.26 -52.01
C THR L 582 28.11 30.60 -52.80
N ILE L 583 27.42 31.36 -53.67
CA ILE L 583 26.12 30.92 -54.18
C ILE L 583 26.00 30.94 -55.71
N LEU L 584 27.09 31.20 -56.45
CA LEU L 584 27.03 31.41 -57.90
C LEU L 584 26.45 30.18 -58.62
N GLY L 585 26.78 28.99 -58.10
CA GLY L 585 26.61 27.72 -58.79
C GLY L 585 27.96 27.01 -58.96
N THR L 586 27.95 25.89 -59.69
CA THR L 586 29.16 25.11 -59.94
C THR L 586 29.94 25.70 -61.11
N LEU L 587 30.32 26.98 -60.99
CA LEU L 587 30.88 27.74 -62.11
C LEU L 587 32.37 27.98 -61.90
N ALA L 588 33.16 27.61 -62.93
CA ALA L 588 34.59 27.88 -62.99
C ALA L 588 34.84 29.22 -63.66
N SER L 589 36.12 29.66 -63.66
CA SER L 589 36.53 30.95 -64.19
C SER L 589 36.42 31.02 -65.72
N THR L 590 36.04 29.91 -66.35
CA THR L 590 35.77 29.88 -67.79
C THR L 590 34.40 30.48 -68.09
N TYR L 591 33.54 30.56 -67.07
CA TYR L 591 32.18 31.06 -67.23
C TYR L 591 32.19 32.60 -67.28
N PRO L 592 31.43 33.23 -68.21
CA PRO L 592 31.47 34.70 -68.37
C PRO L 592 30.70 35.51 -67.34
N LEU L 593 31.11 35.41 -66.06
CA LEU L 593 30.45 36.12 -64.98
C LEU L 593 31.48 36.79 -64.06
N VAL L 594 31.12 37.97 -63.55
CA VAL L 594 31.98 38.81 -62.72
C VAL L 594 31.21 39.23 -61.47
N VAL L 595 31.88 39.11 -60.30
CA VAL L 595 31.34 39.48 -59.00
C VAL L 595 31.99 40.79 -58.54
N SER L 596 31.17 41.74 -58.08
CA SER L 596 31.65 43.02 -57.59
C SER L 596 30.73 43.58 -56.50
N SER L 597 31.25 44.55 -55.74
CA SER L 597 30.52 45.25 -54.70
C SER L 597 29.44 46.17 -55.31
N SER L 598 29.55 46.42 -56.62
CA SER L 598 28.54 47.15 -57.38
C SER L 598 27.45 46.18 -57.86
N GLY L 599 27.78 44.89 -57.86
CA GLY L 599 26.85 43.81 -58.19
C GLY L 599 27.52 42.71 -59.01
N ILE L 600 26.85 41.54 -59.10
CA ILE L 600 27.23 40.54 -60.08
C ILE L 600 26.77 41.01 -61.45
N ARG L 601 27.58 40.71 -62.47
CA ARG L 601 27.35 41.14 -63.83
C ARG L 601 27.86 40.07 -64.80
N PRO L 602 27.23 39.90 -65.99
CA PRO L 602 27.86 39.17 -67.10
C PRO L 602 29.18 39.86 -67.45
N ALA L 603 30.20 39.05 -67.76
CA ALA L 603 31.53 39.54 -68.08
C ALA L 603 31.51 40.26 -69.43
N GLN L 604 32.50 41.13 -69.65
CA GLN L 604 32.80 41.61 -70.99
C GLN L 604 33.38 40.45 -71.79
N THR L 605 32.73 40.11 -72.92
CA THR L 605 33.11 38.96 -73.71
C THR L 605 33.60 39.37 -75.11
N ALA L 606 33.49 40.68 -75.42
CA ALA L 606 34.12 41.25 -76.61
C ALA L 606 34.71 42.61 -76.27
N TRP L 607 35.93 42.86 -76.79
CA TRP L 607 36.69 44.07 -76.53
C TRP L 607 36.66 44.96 -77.78
N THR L 608 35.44 45.17 -78.29
CA THR L 608 35.14 45.91 -79.50
C THR L 608 35.62 47.36 -79.36
N THR L 609 36.72 47.68 -80.07
CA THR L 609 37.49 48.90 -79.86
C THR L 609 37.49 49.75 -81.14
N GLU L 610 37.33 51.07 -80.97
CA GLU L 610 37.24 52.03 -82.06
C GLU L 610 38.61 52.36 -82.63
N SER L 611 38.62 52.83 -83.89
CA SER L 611 39.81 53.15 -84.65
C SER L 611 40.55 54.36 -84.06
N ASP L 612 39.83 55.15 -83.26
CA ASP L 612 40.35 56.30 -82.54
C ASP L 612 41.24 55.85 -81.38
N ASN L 613 41.05 54.61 -80.91
CA ASN L 613 41.59 54.14 -79.64
C ASN L 613 42.81 53.24 -79.82
N LEU L 614 43.13 52.84 -81.06
CA LEU L 614 44.25 51.93 -81.34
C LEU L 614 45.56 52.69 -81.23
N ALA L 615 46.61 51.99 -80.78
CA ALA L 615 47.97 52.53 -80.75
C ALA L 615 48.60 52.41 -82.14
N GLN L 616 49.21 53.51 -82.61
CA GLN L 616 49.61 53.66 -84.01
C GLN L 616 51.13 53.68 -84.14
N SER L 617 51.62 52.92 -85.14
CA SER L 617 53.02 52.90 -85.55
C SER L 617 53.17 53.54 -86.94
N GLY L 618 53.75 52.82 -87.91
CA GLY L 618 54.09 53.37 -89.21
C GLY L 618 52.94 53.39 -90.22
N THR L 619 51.74 52.96 -89.80
CA THR L 619 50.57 52.84 -90.68
C THR L 619 50.12 54.22 -91.18
N ALA L 620 49.59 54.24 -92.42
CA ALA L 620 49.05 55.43 -93.04
C ALA L 620 47.62 55.69 -92.53
N LEU L 621 47.25 56.97 -92.42
CA LEU L 621 45.90 57.38 -92.07
C LEU L 621 45.07 57.47 -93.34
N VAL L 622 44.02 56.62 -93.42
CA VAL L 622 43.22 56.44 -94.63
C VAL L 622 41.82 57.00 -94.38
N THR L 623 41.41 57.97 -95.21
CA THR L 623 40.11 58.65 -95.11
C THR L 623 39.06 57.90 -95.93
N VAL L 624 39.40 57.52 -97.17
CA VAL L 624 38.47 56.96 -98.13
C VAL L 624 38.12 55.52 -97.75
N GLY L 625 36.81 55.25 -97.54
CA GLY L 625 36.28 53.93 -97.25
C GLY L 625 35.03 53.96 -96.38
N ASP L 626 34.42 52.79 -96.18
CA ASP L 626 33.15 52.64 -95.47
C ASP L 626 33.41 52.37 -93.98
N TYR L 627 34.16 53.29 -93.35
CA TYR L 627 34.67 53.11 -91.99
C TYR L 627 33.68 53.67 -90.97
N SER L 628 33.92 53.33 -89.69
CA SER L 628 33.11 53.80 -88.57
C SER L 628 33.51 55.23 -88.19
N ASN L 629 34.77 55.42 -87.82
CA ASN L 629 35.28 56.63 -87.20
C ASN L 629 35.51 57.73 -88.24
N GLY L 630 35.47 57.35 -89.52
CA GLY L 630 35.77 58.26 -90.61
C GLY L 630 37.17 58.05 -91.19
N GLU L 631 38.02 57.34 -90.43
CA GLU L 631 39.41 57.06 -90.81
C GLU L 631 39.82 55.65 -90.37
N ALA L 632 40.79 55.06 -91.09
CA ALA L 632 41.29 53.71 -90.85
C ALA L 632 42.81 53.65 -91.02
N GLU L 633 43.41 52.52 -90.61
CA GLU L 633 44.85 52.30 -90.65
C GLU L 633 45.23 51.55 -91.93
N GLY L 634 46.24 52.06 -92.64
CA GLY L 634 46.72 51.47 -93.88
C GLY L 634 48.03 50.70 -93.69
N LEU L 635 47.99 49.41 -94.02
CA LEU L 635 49.14 48.51 -93.97
C LEU L 635 49.82 48.48 -95.34
N ASP L 636 50.51 49.57 -95.68
CA ASP L 636 51.02 49.80 -97.02
C ASP L 636 52.35 49.06 -97.26
N SER L 637 53.22 49.00 -96.23
CA SER L 637 54.62 48.71 -96.42
C SER L 637 55.16 47.76 -95.33
N PRO L 638 56.33 47.08 -95.53
CA PRO L 638 56.91 46.19 -94.52
C PRO L 638 57.17 46.88 -93.18
N GLY L 639 56.66 46.25 -92.11
CA GLY L 639 56.85 46.73 -90.76
C GLY L 639 55.71 47.59 -90.23
N ASP L 640 54.77 47.98 -91.11
CA ASP L 640 53.58 48.72 -90.72
C ASP L 640 52.78 47.89 -89.71
N THR L 641 52.41 48.52 -88.58
CA THR L 641 51.95 47.82 -87.39
C THR L 641 50.81 48.56 -86.67
N LEU L 642 49.87 47.78 -86.10
CA LEU L 642 48.81 48.25 -85.19
C LEU L 642 49.00 47.59 -83.82
N GLU L 643 48.60 48.28 -82.74
CA GLU L 643 48.75 47.82 -81.36
C GLU L 643 47.50 48.12 -80.53
N LEU L 644 47.18 47.22 -79.57
CA LEU L 644 46.05 47.30 -78.65
C LEU L 644 46.37 46.53 -77.35
N SER L 645 45.67 46.88 -76.25
CA SER L 645 45.84 46.23 -74.94
C SER L 645 44.54 46.19 -74.13
N PHE L 646 44.33 45.08 -73.39
CA PHE L 646 43.15 44.83 -72.55
C PHE L 646 43.46 43.74 -71.51
N THR L 647 42.43 43.39 -70.70
CA THR L 647 42.45 42.24 -69.80
C THR L 647 41.05 41.61 -69.75
N PRO L 648 40.92 40.26 -69.92
CA PRO L 648 39.68 39.57 -69.56
C PRO L 648 39.65 39.22 -68.06
N GLU L 649 38.45 39.29 -67.47
CA GLU L 649 38.27 39.09 -66.04
C GLU L 649 38.20 37.59 -65.72
N HIS L 650 38.35 36.76 -66.77
CA HIS L 650 37.93 35.36 -66.80
C HIS L 650 38.78 34.59 -67.81
N ASP L 651 38.75 33.24 -67.74
CA ASP L 651 39.47 32.38 -68.67
C ASP L 651 38.70 32.31 -69.99
N ILE L 652 39.40 32.47 -71.13
CA ILE L 652 38.82 32.26 -72.45
C ILE L 652 39.43 31.00 -73.07
N PRO L 653 38.61 29.97 -73.42
CA PRO L 653 39.12 28.78 -74.12
C PRO L 653 39.77 29.10 -75.47
N GLY L 654 40.78 28.30 -75.84
CA GLY L 654 41.39 28.31 -77.16
C GLY L 654 40.39 27.93 -78.25
N GLU L 655 39.32 27.23 -77.82
CA GLU L 655 38.19 26.84 -78.64
C GLU L 655 37.37 28.07 -79.03
N GLU L 656 37.50 29.17 -78.27
CA GLU L 656 36.56 30.29 -78.33
C GLU L 656 37.23 31.62 -78.64
N PHE L 657 38.52 31.79 -78.31
CA PHE L 657 39.20 33.07 -78.52
C PHE L 657 39.31 33.36 -80.03
N ALA L 658 38.87 34.56 -80.41
CA ALA L 658 38.88 35.04 -81.78
C ALA L 658 39.11 36.56 -81.81
N LEU L 659 39.35 37.11 -83.01
CA LEU L 659 39.75 38.50 -83.18
C LEU L 659 39.16 39.07 -84.47
N TRP L 660 37.83 39.24 -84.49
CA TRP L 660 37.10 39.71 -85.66
C TRP L 660 37.25 41.23 -85.81
N CYS L 661 37.64 41.68 -87.02
CA CYS L 661 37.94 43.09 -87.31
C CYS L 661 37.40 43.48 -88.68
N ARG L 662 37.04 44.77 -88.85
CA ARG L 662 36.60 45.33 -90.11
C ARG L 662 37.83 45.64 -90.98
N ILE L 663 37.95 44.97 -92.13
CA ILE L 663 39.11 45.10 -93.01
C ILE L 663 38.68 45.16 -94.48
N GLU L 664 39.34 46.04 -95.26
CA GLU L 664 39.31 46.09 -96.72
C GLU L 664 40.73 45.85 -97.24
N THR L 665 40.87 44.98 -98.26
CA THR L 665 42.19 44.62 -98.78
C THR L 665 42.77 45.74 -99.66
N ASP L 666 41.89 46.57 -100.25
CA ASP L 666 42.27 47.64 -101.16
C ASP L 666 41.25 48.78 -101.07
N LEU L 667 41.63 49.96 -101.60
CA LEU L 667 40.86 51.19 -101.52
C LEU L 667 39.75 51.21 -102.57
N GLY L 668 38.93 50.16 -102.59
CA GLY L 668 37.80 50.03 -103.49
C GLY L 668 38.10 49.21 -104.74
N GLY L 669 39.40 48.96 -105.00
CA GLY L 669 39.85 48.13 -106.11
C GLY L 669 40.12 46.69 -105.69
N THR L 670 41.10 46.05 -106.35
CA THR L 670 41.64 44.74 -105.98
C THR L 670 43.05 44.60 -106.56
N ASP L 671 44.03 44.34 -105.68
CA ASP L 671 45.44 44.14 -106.01
C ASP L 671 46.15 43.43 -104.86
N PRO L 672 47.35 42.83 -105.07
CA PRO L 672 48.13 42.20 -103.98
C PRO L 672 48.52 43.14 -102.84
N GLY L 673 48.66 42.56 -101.65
CA GLY L 673 49.09 43.27 -100.45
C GLY L 673 50.12 42.47 -99.64
N PRO L 674 50.54 42.95 -98.44
CA PRO L 674 51.45 42.20 -97.58
C PRO L 674 50.78 41.05 -96.82
N GLU L 675 51.56 40.00 -96.56
CA GLU L 675 51.21 38.95 -95.61
C GLU L 675 51.22 39.55 -94.20
N ILE L 676 50.24 39.16 -93.37
CA ILE L 676 50.07 39.75 -92.05
C ILE L 676 50.46 38.73 -90.97
N THR L 677 51.40 39.12 -90.09
CA THR L 677 51.64 38.42 -88.83
C THR L 677 50.83 39.09 -87.73
N VAL L 678 50.26 38.26 -86.84
CA VAL L 678 49.54 38.73 -85.67
C VAL L 678 50.11 38.01 -84.44
N THR L 679 50.36 38.77 -83.37
CA THR L 679 51.05 38.29 -82.18
C THR L 679 50.41 38.84 -80.91
N LEU L 680 50.43 38.03 -79.85
CA LEU L 680 49.68 38.31 -78.63
C LEU L 680 50.55 38.06 -77.39
N ASP L 681 50.95 39.17 -76.75
CA ASP L 681 51.56 39.19 -75.43
C ASP L 681 50.50 38.83 -74.40
N ILE L 682 50.55 37.58 -73.91
CA ILE L 682 49.77 37.15 -72.76
C ILE L 682 50.76 36.94 -71.61
N ASP L 683 50.85 37.96 -70.73
CA ASP L 683 51.72 37.97 -69.56
C ASP L 683 53.17 37.64 -69.93
N GLY L 684 53.55 37.89 -71.19
CA GLY L 684 54.92 37.76 -71.65
C GLY L 684 55.16 36.56 -72.58
N ASP L 685 54.09 35.81 -72.92
CA ASP L 685 54.21 34.58 -73.67
C ASP L 685 54.47 34.83 -75.16
N THR L 686 53.96 35.96 -75.67
CA THR L 686 54.15 36.45 -77.04
C THR L 686 53.93 35.35 -78.09
N TYR L 687 52.69 34.83 -78.17
CA TYR L 687 52.26 33.86 -79.17
C TYR L 687 52.16 34.56 -80.54
N SER L 688 52.30 33.81 -81.65
CA SER L 688 52.35 34.38 -82.99
C SER L 688 51.73 33.46 -84.05
N TRP L 689 51.14 34.07 -85.11
CA TRP L 689 50.36 33.39 -86.14
C TRP L 689 50.12 34.27 -87.38
N VAL L 690 49.56 33.68 -88.46
CA VAL L 690 49.33 34.35 -89.74
C VAL L 690 47.90 34.08 -90.21
N PRO L 691 46.97 35.07 -90.14
CA PRO L 691 45.62 34.93 -90.68
C PRO L 691 45.41 35.24 -92.16
N ILE L 692 46.25 36.13 -92.73
CA ILE L 692 46.03 36.71 -94.05
C ILE L 692 47.32 36.67 -94.87
N GLY L 693 47.20 36.28 -96.15
CA GLY L 693 48.32 36.19 -97.09
C GLY L 693 48.34 37.33 -98.11
N THR L 694 49.26 37.23 -99.08
CA THR L 694 49.56 38.30 -100.02
C THR L 694 48.45 38.49 -101.05
N ASN L 695 47.78 37.38 -101.42
CA ASN L 695 46.85 37.37 -102.54
C ASN L 695 45.46 36.86 -102.11
N THR L 696 45.25 36.71 -100.80
CA THR L 696 43.98 36.23 -100.26
C THR L 696 43.01 37.41 -100.10
N ALA L 697 42.33 37.75 -101.20
CA ALA L 697 41.50 38.95 -101.30
C ALA L 697 40.30 38.89 -100.36
N LEU L 698 40.01 40.02 -99.70
CA LEU L 698 38.96 40.15 -98.69
C LEU L 698 38.44 41.58 -98.63
N GLY L 699 37.17 41.74 -98.18
CA GLY L 699 36.54 43.06 -98.02
C GLY L 699 35.09 42.97 -97.55
N LEU L 700 34.54 44.14 -97.13
CA LEU L 700 33.14 44.37 -96.80
C LEU L 700 32.57 43.36 -95.79
N ASN L 701 33.38 42.95 -94.80
CA ASN L 701 32.98 41.99 -93.77
C ASN L 701 33.89 42.10 -92.54
N TRP L 702 33.46 41.50 -91.42
CA TRP L 702 34.30 41.24 -90.26
C TRP L 702 35.16 40.00 -90.52
N TYR L 703 36.47 40.11 -90.29
CA TYR L 703 37.43 39.02 -90.52
C TYR L 703 38.24 38.74 -89.26
N ASP L 704 38.42 37.45 -88.95
CA ASP L 704 39.08 36.97 -87.74
C ASP L 704 40.60 37.00 -87.94
N LEU L 705 41.30 37.65 -86.99
CA LEU L 705 42.74 37.80 -87.05
C LEU L 705 43.46 36.78 -86.14
N ALA L 706 42.74 35.75 -85.67
CA ALA L 706 43.32 34.80 -84.71
C ALA L 706 43.06 33.33 -85.08
N ASN L 707 41.80 32.86 -84.89
CA ASN L 707 41.48 31.44 -84.86
C ASN L 707 41.43 30.87 -86.28
N ASN L 708 40.81 31.62 -87.20
CA ASN L 708 40.70 31.28 -88.61
C ASN L 708 41.94 31.77 -89.36
N THR L 709 42.18 31.24 -90.57
CA THR L 709 43.19 31.73 -91.50
C THR L 709 42.74 31.44 -92.95
N PHE L 710 43.21 32.30 -93.87
CA PHE L 710 43.08 32.07 -95.31
C PHE L 710 44.22 31.17 -95.79
N GLY L 711 45.30 31.11 -95.00
CA GLY L 711 46.48 30.32 -95.28
C GLY L 711 47.75 30.97 -94.71
N GLY L 712 48.52 30.19 -93.93
CA GLY L 712 49.72 30.69 -93.27
C GLY L 712 50.44 29.61 -92.47
N SER L 713 51.50 30.03 -91.74
CA SER L 713 52.39 29.14 -91.00
C SER L 713 51.68 28.49 -89.81
N SER L 714 50.79 29.26 -89.15
CA SER L 714 50.01 28.78 -88.03
C SER L 714 48.76 29.63 -87.83
N THR L 715 47.74 29.02 -87.22
CA THR L 715 46.62 29.72 -86.59
C THR L 715 47.02 30.09 -85.17
N TYR L 716 46.06 30.67 -84.43
CA TYR L 716 46.10 30.79 -82.98
C TYR L 716 46.41 29.42 -82.35
N PRO L 717 47.28 29.33 -81.31
CA PRO L 717 47.68 28.05 -80.73
C PRO L 717 46.62 27.34 -79.87
N ASP L 718 47.05 26.28 -79.15
CA ASP L 718 46.14 25.41 -78.42
C ASP L 718 45.73 25.99 -77.05
N THR L 719 46.37 27.09 -76.63
CA THR L 719 46.30 27.55 -75.24
C THR L 719 45.04 28.40 -74.99
N ASP L 720 44.61 28.44 -73.72
CA ASP L 720 43.53 29.28 -73.22
C ASP L 720 44.11 30.61 -72.73
N ILE L 721 43.31 31.69 -72.81
CA ILE L 721 43.65 32.98 -72.24
C ILE L 721 43.33 32.95 -70.74
N PRO L 722 44.32 33.20 -69.84
CA PRO L 722 44.06 33.18 -68.39
C PRO L 722 43.21 34.33 -67.83
N GLU L 723 42.51 34.01 -66.72
CA GLU L 723 41.77 34.94 -65.88
C GLU L 723 42.70 36.05 -65.41
N GLY L 724 42.36 37.30 -65.75
CA GLY L 724 43.06 38.49 -65.27
C GLY L 724 44.41 38.73 -65.96
N SER L 725 44.60 38.10 -67.13
CA SER L 725 45.86 38.15 -67.87
C SER L 725 46.04 39.51 -68.53
N THR L 726 47.30 39.98 -68.55
CA THR L 726 47.71 41.17 -69.29
C THR L 726 47.78 40.83 -70.78
N VAL L 727 47.03 41.56 -71.61
CA VAL L 727 47.01 41.32 -73.05
C VAL L 727 47.61 42.53 -73.77
N THR L 728 48.60 42.29 -74.64
CA THR L 728 48.99 43.25 -75.67
C THR L 728 48.94 42.56 -77.04
N LEU L 729 48.23 43.21 -77.97
CA LEU L 729 48.04 42.72 -79.34
C LEU L 729 48.89 43.56 -80.29
N SER L 730 49.53 42.88 -81.27
CA SER L 730 50.27 43.51 -82.35
C SER L 730 49.95 42.82 -83.68
N ILE L 731 49.70 43.62 -84.72
CA ILE L 731 49.33 43.20 -86.07
C ILE L 731 50.27 43.88 -87.06
N GLU L 732 50.96 43.10 -87.92
CA GLU L 732 52.12 43.59 -88.66
C GLU L 732 52.12 43.13 -90.11
N ALA L 733 52.38 44.07 -91.04
CA ALA L 733 52.67 43.80 -92.43
C ALA L 733 54.08 43.22 -92.54
N THR L 734 54.17 41.96 -92.97
CA THR L 734 55.35 41.11 -92.75
C THR L 734 56.21 41.02 -94.01
N SER L 735 55.57 40.74 -95.16
CA SER L 735 56.25 40.49 -96.42
C SER L 735 56.57 41.81 -97.13
N SER L 736 57.17 41.69 -98.33
CA SER L 736 57.21 42.76 -99.32
C SER L 736 55.78 43.12 -99.76
N SER L 737 55.65 44.29 -100.40
CA SER L 737 54.35 44.86 -100.77
C SER L 737 54.44 45.64 -102.08
N VAL L 738 53.27 45.88 -102.70
CA VAL L 738 53.14 46.70 -103.90
C VAL L 738 53.26 48.17 -103.52
N SER L 739 52.65 48.54 -102.37
CA SER L 739 52.81 49.83 -101.70
C SER L 739 52.20 50.99 -102.48
N GLY L 740 51.22 50.69 -103.35
CA GLY L 740 50.33 51.71 -103.90
C GLY L 740 49.33 52.13 -102.84
N GLN L 741 48.47 51.16 -102.45
CA GLN L 741 47.71 51.15 -101.22
C GLN L 741 47.69 49.72 -100.69
N GLY L 742 47.74 49.58 -99.35
CA GLY L 742 47.66 48.28 -98.68
C GLY L 742 46.27 48.01 -98.10
N HIS L 743 46.18 47.01 -97.21
CA HIS L 743 44.95 46.71 -96.49
C HIS L 743 44.62 47.86 -95.54
N ALA L 744 43.32 48.17 -95.41
CA ALA L 744 42.82 49.19 -94.48
C ALA L 744 42.03 48.53 -93.34
N VAL L 745 42.38 48.88 -92.10
CA VAL L 745 41.79 48.28 -90.91
C VAL L 745 41.00 49.33 -90.11
N ASP L 746 39.74 49.00 -89.78
CA ASP L 746 38.81 49.84 -89.03
C ASP L 746 38.60 49.25 -87.63
N VAL L 747 37.35 49.01 -87.22
CA VAL L 747 36.98 48.58 -85.88
C VAL L 747 37.59 47.20 -85.60
N MET L 748 38.16 47.05 -84.40
CA MET L 748 38.94 45.89 -83.97
C MET L 748 38.28 45.26 -82.75
N ALA L 749 37.99 43.95 -82.82
CA ALA L 749 37.30 43.26 -81.74
C ALA L 749 37.93 41.91 -81.44
N PRO L 750 38.85 41.83 -80.44
CA PRO L 750 39.13 40.57 -79.75
C PRO L 750 37.89 40.13 -78.98
N LEU L 751 37.62 38.82 -78.96
CA LEU L 751 36.43 38.30 -78.31
C LEU L 751 36.60 36.87 -77.83
N ASP L 752 35.81 36.53 -76.82
CA ASP L 752 35.35 35.17 -76.53
C ASP L 752 34.16 34.90 -77.44
N ALA L 753 34.25 33.86 -78.28
CA ALA L 753 33.23 33.54 -79.27
C ALA L 753 31.95 33.03 -78.62
N LEU L 754 32.03 32.59 -77.36
CA LEU L 754 30.91 32.48 -76.41
C LEU L 754 29.89 31.41 -76.80
N THR L 755 30.20 30.58 -77.80
CA THR L 755 29.21 29.68 -78.38
C THR L 755 28.91 28.49 -77.48
N ARG L 756 29.75 28.26 -76.46
CA ARG L 756 29.58 27.18 -75.50
C ARG L 756 28.30 27.36 -74.68
N VAL L 757 27.81 28.61 -74.57
CA VAL L 757 26.60 28.92 -73.81
C VAL L 757 25.39 29.00 -74.74
N THR L 758 25.61 29.27 -76.03
CA THR L 758 24.54 29.48 -77.00
C THR L 758 24.15 28.17 -77.68
N GLY L 759 25.14 27.27 -77.84
CA GLY L 759 24.96 25.98 -78.48
C GLY L 759 25.01 26.05 -80.00
N GLY L 760 25.54 27.16 -80.54
CA GLY L 760 25.45 27.49 -81.94
C GLY L 760 26.66 27.06 -82.79
N SER L 761 27.78 26.75 -82.12
CA SER L 761 29.03 26.30 -82.73
C SER L 761 29.70 27.39 -83.59
N ASP L 762 29.34 28.67 -83.37
CA ASP L 762 29.91 29.79 -84.11
C ASP L 762 29.69 31.09 -83.35
N ALA L 763 30.49 32.12 -83.68
CA ALA L 763 30.46 33.43 -83.03
C ALA L 763 29.17 34.19 -83.37
N THR L 764 28.61 33.96 -84.58
CA THR L 764 27.41 34.66 -85.04
C THR L 764 26.18 34.25 -84.22
N SER L 765 26.31 33.19 -83.43
CA SER L 765 25.25 32.72 -82.53
C SER L 765 25.20 33.58 -81.27
N ALA L 766 26.22 34.42 -81.06
CA ALA L 766 26.45 35.07 -79.78
C ALA L 766 26.54 36.61 -79.91
N TYR L 767 26.76 37.12 -81.12
CA TYR L 767 26.97 38.55 -81.34
C TYR L 767 26.39 39.01 -82.68
N THR L 768 26.11 40.32 -82.78
CA THR L 768 25.75 40.98 -84.02
C THR L 768 27.02 41.22 -84.84
N PHE L 769 27.02 40.70 -86.09
CA PHE L 769 28.01 41.05 -87.09
C PHE L 769 27.29 41.57 -88.33
N ASP L 770 27.52 42.86 -88.65
CA ASP L 770 26.83 43.60 -89.71
C ASP L 770 27.72 44.76 -90.18
N ASN L 771 27.38 45.35 -91.34
CA ASN L 771 28.22 46.37 -91.97
C ASN L 771 27.43 47.55 -92.55
N ASN L 772 26.16 47.70 -92.17
CA ASN L 772 25.37 48.88 -92.51
C ASN L 772 25.96 50.10 -91.78
N ASN L 773 25.88 51.28 -92.43
CA ASN L 773 26.60 52.46 -91.98
C ASN L 773 25.76 53.73 -92.27
N GLY L 774 26.18 54.86 -91.70
CA GLY L 774 25.43 56.11 -91.76
C GLY L 774 25.60 56.88 -93.06
N GLY L 775 26.33 56.31 -94.02
CA GLY L 775 26.48 56.86 -95.35
C GLY L 775 27.65 57.85 -95.47
N SER L 776 28.23 58.22 -94.33
CA SER L 776 29.40 59.08 -94.24
C SER L 776 30.12 58.85 -92.91
N GLY L 777 30.25 57.58 -92.54
CA GLY L 777 30.75 57.19 -91.23
C GLY L 777 29.68 57.33 -90.15
N GLY L 778 30.11 57.28 -88.88
CA GLY L 778 29.24 57.26 -87.73
C GLY L 778 29.19 55.88 -87.07
N TYR L 779 29.05 55.86 -85.75
CA TYR L 779 29.21 54.66 -84.92
C TYR L 779 28.05 53.68 -85.14
N LEU L 780 28.38 52.40 -85.31
CA LEU L 780 27.55 51.46 -86.06
C LEU L 780 27.41 50.11 -85.34
N ASP L 781 26.61 49.21 -85.95
CA ASP L 781 26.39 47.84 -85.50
C ASP L 781 27.69 47.06 -85.53
N GLY L 782 27.91 46.25 -84.49
CA GLY L 782 29.10 45.43 -84.32
C GLY L 782 28.96 44.51 -83.10
N PRO L 783 29.95 43.63 -82.82
CA PRO L 783 29.84 42.67 -81.72
C PRO L 783 29.68 43.36 -80.36
N GLU L 784 28.58 43.01 -79.67
CA GLU L 784 28.22 43.50 -78.35
C GLU L 784 29.35 43.18 -77.38
N LEU L 785 29.57 44.07 -76.40
CA LEU L 785 30.64 43.88 -75.43
C LEU L 785 30.30 42.74 -74.46
N TYR L 786 29.00 42.37 -74.39
CA TYR L 786 28.46 41.51 -73.36
C TYR L 786 27.59 40.39 -73.95
N PRO L 787 27.44 39.24 -73.24
CA PRO L 787 26.43 38.24 -73.59
C PRO L 787 25.00 38.79 -73.58
N ASP L 788 24.12 38.15 -74.37
CA ASP L 788 22.70 38.48 -74.42
C ASP L 788 22.08 38.27 -73.05
N GLN L 789 22.18 37.05 -72.52
CA GLN L 789 21.70 36.70 -71.19
C GLN L 789 22.51 35.54 -70.59
N LEU L 790 22.58 35.53 -69.26
CA LEU L 790 23.08 34.40 -68.49
C LEU L 790 22.11 34.12 -67.34
N ILE L 791 21.83 32.83 -67.10
CA ILE L 791 20.92 32.39 -66.05
C ILE L 791 21.69 31.61 -65.00
N LEU L 792 21.61 32.06 -63.74
CA LEU L 792 22.28 31.42 -62.61
C LEU L 792 21.22 30.76 -61.72
N SER L 793 21.44 29.46 -61.42
CA SER L 793 20.67 28.74 -60.42
C SER L 793 21.48 28.68 -59.12
N LEU L 794 20.97 29.34 -58.07
CA LEU L 794 21.81 29.91 -57.04
C LEU L 794 22.06 28.95 -55.85
N GLU L 795 22.71 27.81 -56.13
CA GLU L 795 23.30 26.92 -55.12
C GLU L 795 22.33 26.68 -53.96
N THR L 796 21.12 26.23 -54.31
CA THR L 796 19.90 26.51 -53.57
C THR L 796 19.87 25.88 -52.17
N ALA L 797 19.31 26.64 -51.21
CA ALA L 797 19.24 26.29 -49.80
C ALA L 797 17.80 25.95 -49.39
N THR L 798 17.66 24.80 -48.71
CA THR L 798 16.39 24.26 -48.23
C THR L 798 15.92 25.05 -47.00
N THR L 799 14.66 24.84 -46.61
CA THR L 799 14.07 25.44 -45.41
C THR L 799 13.36 24.35 -44.58
N ARG L 800 12.92 24.70 -43.37
CA ARG L 800 12.58 23.73 -42.33
C ARG L 800 11.34 22.91 -42.68
N ARG L 801 10.28 23.58 -43.17
CA ARG L 801 9.01 22.95 -43.49
C ARG L 801 8.55 23.44 -44.88
N ASN L 802 7.50 22.79 -45.42
CA ASN L 802 7.04 23.03 -46.78
C ASN L 802 6.55 24.48 -46.96
N VAL L 803 6.86 25.05 -48.14
CA VAL L 803 6.66 26.46 -48.44
C VAL L 803 5.51 26.60 -49.45
N SER L 804 4.54 27.45 -49.10
CA SER L 804 3.42 27.75 -49.96
C SER L 804 3.72 28.96 -50.86
N GLU L 805 4.41 29.96 -50.30
CA GLU L 805 4.69 31.18 -51.04
C GLU L 805 6.01 31.81 -50.62
N ALA L 806 6.57 32.61 -51.55
CA ALA L 806 7.86 33.25 -51.41
C ALA L 806 7.82 34.66 -51.98
N ARG L 807 8.87 35.44 -51.70
CA ARG L 807 8.94 36.87 -51.93
C ARG L 807 10.42 37.24 -52.08
N PHE L 808 10.74 38.21 -52.97
CA PHE L 808 12.12 38.50 -53.32
C PHE L 808 12.35 40.00 -53.53
N THR L 809 13.62 40.43 -53.41
CA THR L 809 14.09 41.77 -53.73
C THR L 809 15.40 41.69 -54.51
N LEU L 810 15.63 42.67 -55.40
CA LEU L 810 16.82 42.83 -56.22
C LEU L 810 17.22 44.31 -56.26
N THR L 811 18.48 44.58 -56.64
CA THR L 811 18.94 45.92 -56.96
C THR L 811 18.32 46.37 -58.28
N ALA L 812 18.48 45.53 -59.32
CA ALA L 812 17.94 45.70 -60.66
C ALA L 812 18.25 47.08 -61.24
N ASN L 813 19.51 47.30 -61.60
CA ASN L 813 20.07 48.61 -61.90
C ASN L 813 19.47 49.20 -63.19
N ASP L 814 19.03 48.33 -64.12
CA ASP L 814 18.20 48.73 -65.25
C ASP L 814 17.28 47.56 -65.64
N THR L 815 15.96 47.78 -65.53
CA THR L 815 14.95 46.76 -65.74
C THR L 815 14.67 46.59 -67.23
N SER L 816 15.50 45.77 -67.90
CA SER L 816 15.34 45.45 -69.32
C SER L 816 14.16 44.50 -69.50
N GLY L 817 13.63 44.45 -70.73
CA GLY L 817 12.49 43.62 -71.10
C GLY L 817 12.76 42.12 -70.97
N ASN L 818 14.04 41.75 -70.86
CA ASN L 818 14.47 40.35 -70.81
C ASN L 818 15.19 40.02 -69.50
N PHE L 819 15.19 40.96 -68.55
CA PHE L 819 15.62 40.70 -67.18
C PHE L 819 14.49 39.99 -66.44
N TYR L 820 14.81 38.96 -65.64
CA TYR L 820 13.81 38.27 -64.82
C TYR L 820 14.43 37.37 -63.73
N VAL L 821 13.56 36.91 -62.81
CA VAL L 821 13.83 35.83 -61.87
C VAL L 821 12.73 34.77 -62.00
N GLU L 822 13.10 33.51 -61.68
CA GLU L 822 12.19 32.38 -61.65
C GLU L 822 12.45 31.57 -60.37
N LEU L 823 11.36 31.14 -59.71
CA LEU L 823 11.43 30.46 -58.42
C LEU L 823 10.65 29.15 -58.51
N ALA L 824 11.14 28.10 -57.83
CA ALA L 824 10.55 26.77 -57.94
C ALA L 824 10.60 26.00 -56.62
N ASN L 825 9.54 25.22 -56.37
CA ASN L 825 9.52 24.16 -55.37
C ASN L 825 10.17 22.91 -55.98
N ASP L 826 11.36 22.58 -55.45
CA ASP L 826 12.20 21.45 -55.82
C ASP L 826 12.41 21.34 -57.34
N GLY L 827 12.61 22.49 -57.99
CA GLY L 827 12.94 22.58 -59.40
C GLY L 827 11.80 22.19 -60.35
N SER L 828 10.59 22.01 -59.81
CA SER L 828 9.46 21.40 -60.50
C SER L 828 8.96 22.28 -61.65
N THR L 829 8.77 23.57 -61.36
CA THR L 829 8.27 24.56 -62.31
C THR L 829 8.77 25.94 -61.87
N PHE L 830 9.62 26.55 -62.69
CA PHE L 830 10.24 27.82 -62.38
C PHE L 830 9.31 28.95 -62.78
N ASN L 831 8.56 29.46 -61.78
CA ASN L 831 7.58 30.52 -61.96
C ASN L 831 8.31 31.85 -62.20
N ARG L 832 8.29 32.31 -63.45
CA ARG L 832 8.95 33.54 -63.87
C ARG L 832 8.10 34.76 -63.47
N VAL L 833 8.77 35.80 -62.97
CA VAL L 833 8.09 36.98 -62.42
C VAL L 833 8.36 38.22 -63.28
N ASN L 834 9.04 38.03 -64.43
CA ASN L 834 9.36 39.07 -65.39
C ASN L 834 10.26 40.14 -64.76
N ASN L 835 10.12 41.41 -65.20
CA ASN L 835 11.19 42.40 -65.12
C ASN L 835 11.23 43.18 -63.81
N ALA L 836 10.49 42.71 -62.78
CA ALA L 836 10.26 43.48 -61.55
C ALA L 836 11.49 43.51 -60.65
N THR L 837 11.62 44.60 -59.87
CA THR L 837 12.72 44.83 -58.94
C THR L 837 12.54 43.99 -57.67
N SER L 838 11.28 43.66 -57.37
CA SER L 838 10.86 42.85 -56.24
C SER L 838 9.49 42.25 -56.55
N GLY L 839 9.10 41.16 -55.86
CA GLY L 839 7.79 40.57 -56.12
C GLY L 839 7.46 39.35 -55.25
N SER L 840 6.31 38.73 -55.58
CA SER L 840 5.69 37.66 -54.82
C SER L 840 5.37 36.47 -55.71
N VAL L 841 5.66 35.26 -55.21
CA VAL L 841 5.47 34.00 -55.92
C VAL L 841 4.65 33.07 -55.03
N THR L 842 3.54 32.56 -55.57
CA THR L 842 2.79 31.49 -54.94
C THR L 842 3.05 30.20 -55.70
N PHE L 843 3.53 29.17 -54.98
CA PHE L 843 3.69 27.85 -55.55
C PHE L 843 2.34 27.14 -55.60
N ALA L 844 2.16 26.29 -56.63
CA ALA L 844 0.89 25.62 -56.88
C ALA L 844 0.57 24.63 -55.76
N SER L 845 1.63 24.08 -55.13
CA SER L 845 1.53 23.11 -54.05
C SER L 845 2.74 23.23 -53.13
N PRO L 846 2.61 23.10 -51.78
CA PRO L 846 3.76 23.20 -50.87
C PRO L 846 4.83 22.12 -51.02
N ASP L 847 6.10 22.53 -50.88
CA ASP L 847 7.25 21.64 -50.86
C ASP L 847 8.38 22.25 -50.02
N THR L 848 9.29 21.40 -49.52
CA THR L 848 10.27 21.76 -48.48
C THR L 848 11.46 22.52 -49.06
N ASN L 849 11.77 22.28 -50.34
CA ASN L 849 13.04 22.71 -50.93
C ASN L 849 12.78 23.79 -51.98
N VAL L 850 13.46 24.93 -51.86
CA VAL L 850 13.39 26.01 -52.84
C VAL L 850 14.54 25.83 -53.84
N ASP L 851 14.26 26.16 -55.11
CA ASP L 851 15.27 26.36 -56.16
C ASP L 851 14.92 27.65 -56.92
N THR L 852 15.94 28.34 -57.45
CA THR L 852 15.77 29.70 -57.95
C THR L 852 16.77 30.01 -59.08
N ASN L 853 16.26 30.70 -60.12
CA ASN L 853 17.01 31.20 -61.26
C ASN L 853 16.97 32.73 -61.27
N ILE L 854 18.14 33.37 -61.44
CA ILE L 854 18.24 34.77 -61.80
C ILE L 854 18.77 34.88 -63.23
N SER L 855 18.13 35.75 -64.03
CA SER L 855 18.53 35.98 -65.41
C SER L 855 19.08 37.40 -65.55
N LEU L 856 20.37 37.50 -65.93
CA LEU L 856 21.06 38.77 -66.11
C LEU L 856 21.36 38.99 -67.59
N ASN L 857 21.24 40.24 -68.05
CA ASN L 857 20.90 40.53 -69.44
C ASN L 857 21.60 41.81 -69.92
N ARG L 858 21.88 41.87 -71.23
CA ARG L 858 22.44 43.00 -71.96
C ARG L 858 21.46 44.17 -71.94
N TYR L 859 21.97 45.42 -71.88
CA TYR L 859 21.13 46.61 -71.96
C TYR L 859 21.83 47.78 -72.65
N GLY L 860 21.02 48.66 -73.25
CA GLY L 860 21.45 49.96 -73.76
C GLY L 860 21.85 49.95 -75.23
N SER L 861 21.68 51.11 -75.89
CA SER L 861 22.11 51.40 -77.25
C SER L 861 22.55 52.86 -77.34
N ARG L 862 23.56 53.16 -78.19
CA ARG L 862 24.18 54.48 -78.23
C ARG L 862 24.64 54.88 -79.63
N SER L 863 24.61 56.18 -79.90
CA SER L 863 25.07 56.78 -81.15
C SER L 863 26.46 57.39 -81.02
N THR L 864 27.01 57.40 -79.79
CA THR L 864 28.19 58.17 -79.43
C THR L 864 29.50 57.39 -79.63
N ALA L 865 29.43 56.05 -79.61
CA ALA L 865 30.58 55.17 -79.82
C ALA L 865 30.12 53.76 -80.18
N THR L 866 30.97 53.02 -80.93
CA THR L 866 30.75 51.63 -81.32
C THR L 866 30.98 50.72 -80.11
N PRO L 867 30.29 49.57 -79.95
CA PRO L 867 29.17 49.15 -80.80
C PRO L 867 27.86 49.88 -80.48
N GLN L 868 26.99 49.99 -81.49
CA GLN L 868 25.70 50.67 -81.39
C GLN L 868 24.77 49.89 -80.45
N THR L 869 25.02 48.57 -80.31
CA THR L 869 24.22 47.70 -79.45
C THR L 869 25.09 47.06 -78.39
N GLY L 870 24.55 46.95 -77.17
CA GLY L 870 25.05 46.08 -76.12
C GLY L 870 26.38 46.55 -75.51
N PHE L 871 26.41 47.81 -75.06
CA PHE L 871 27.60 48.39 -74.44
C PHE L 871 27.53 48.22 -72.92
N ASN L 872 26.50 47.53 -72.42
CA ASN L 872 26.33 47.26 -70.99
C ASN L 872 25.66 45.91 -70.75
N ALA L 873 25.82 45.40 -69.52
CA ALA L 873 24.99 44.37 -68.92
C ALA L 873 24.78 44.71 -67.44
N GLN L 874 23.71 44.17 -66.83
CA GLN L 874 23.20 44.59 -65.54
C GLN L 874 24.16 44.26 -64.40
N GLU L 875 24.08 45.06 -63.31
CA GLU L 875 24.75 44.80 -62.04
C GLU L 875 23.70 44.73 -60.93
N ILE L 876 23.71 43.62 -60.17
CA ILE L 876 22.75 43.38 -59.09
C ILE L 876 23.50 42.83 -57.87
N ASP L 877 23.18 43.37 -56.69
CA ASP L 877 23.88 43.03 -55.45
C ASP L 877 22.89 42.59 -54.36
N ASN L 878 21.83 43.37 -54.16
CA ASN L 878 20.91 43.23 -53.05
C ASN L 878 19.86 42.15 -53.36
N TRP L 879 20.32 40.96 -53.76
CA TRP L 879 19.45 39.79 -53.87
C TRP L 879 19.04 39.37 -52.46
N GLU L 880 17.76 39.00 -52.30
CA GLU L 880 17.13 38.81 -51.00
C GLU L 880 15.85 37.99 -51.19
N LEU L 881 15.82 36.75 -50.67
CA LEU L 881 14.68 35.87 -50.81
C LEU L 881 14.08 35.51 -49.45
N TYR L 882 12.74 35.54 -49.37
CA TYR L 882 11.95 35.29 -48.18
C TYR L 882 10.91 34.21 -48.46
N ALA L 883 10.55 33.45 -47.41
CA ALA L 883 9.55 32.38 -47.50
C ALA L 883 8.60 32.43 -46.31
N ASP L 884 7.33 32.08 -46.58
CA ASP L 884 6.23 32.09 -45.64
C ASP L 884 6.38 30.94 -44.64
N ILE L 885 6.10 31.26 -43.36
CA ILE L 885 6.02 30.26 -42.30
C ILE L 885 4.73 30.45 -41.52
N ASP L 886 4.14 29.33 -41.09
CA ASP L 886 3.03 29.33 -40.14
C ASP L 886 3.59 29.07 -38.74
N ALA L 887 3.94 30.16 -38.05
CA ALA L 887 4.55 30.11 -36.73
C ALA L 887 3.51 30.24 -35.63
N VAL L 888 2.30 30.71 -35.99
CA VAL L 888 1.18 30.83 -35.07
C VAL L 888 0.16 29.76 -35.44
N LEU L 889 -0.07 28.83 -34.51
CA LEU L 889 -0.76 27.57 -34.82
C LEU L 889 -1.79 27.21 -33.74
N PRO L 890 -2.88 26.49 -34.08
CA PRO L 890 -3.82 25.95 -33.09
C PRO L 890 -3.16 24.96 -32.13
N ASP L 891 -3.54 25.03 -30.84
CA ASP L 891 -2.84 24.27 -29.81
C ASP L 891 -3.81 23.51 -28.89
N ASP L 892 -5.01 24.09 -28.70
CA ASP L 892 -6.11 23.53 -27.91
C ASP L 892 -7.39 24.28 -28.28
N ILE L 893 -8.48 24.06 -27.52
CA ILE L 893 -9.71 24.82 -27.69
C ILE L 893 -9.45 26.24 -27.18
N GLY L 894 -9.41 27.19 -28.11
CA GLY L 894 -9.17 28.59 -27.81
C GLY L 894 -7.73 28.88 -27.39
N VAL L 895 -6.82 27.92 -27.59
CA VAL L 895 -5.41 28.11 -27.30
C VAL L 895 -4.61 28.11 -28.61
N THR L 896 -3.73 29.10 -28.73
CA THR L 896 -2.85 29.28 -29.87
C THR L 896 -1.41 29.25 -29.39
N LEU L 897 -0.53 28.62 -30.18
CA LEU L 897 0.89 28.59 -29.88
C LEU L 897 1.66 29.37 -30.94
N SER L 898 2.42 30.38 -30.48
CA SER L 898 3.26 31.24 -31.31
C SER L 898 4.72 30.85 -31.11
N ARG L 899 5.45 30.68 -32.22
CA ARG L 899 6.72 29.96 -32.22
C ARG L 899 7.74 30.65 -33.12
N ALA L 900 8.38 31.70 -32.59
CA ALA L 900 9.41 32.47 -33.28
C ALA L 900 10.78 31.86 -33.00
N ILE L 901 11.70 31.98 -33.97
CA ILE L 901 13.10 31.59 -33.77
C ILE L 901 14.01 32.80 -34.02
N ILE L 902 14.80 33.15 -32.99
CA ILE L 902 15.92 34.06 -33.09
C ILE L 902 17.12 33.24 -33.57
N PRO L 903 17.69 33.49 -34.78
CA PRO L 903 18.82 32.71 -35.27
C PRO L 903 20.04 32.84 -34.36
N PRO L 904 20.92 31.81 -34.29
CA PRO L 904 22.16 31.93 -33.53
C PRO L 904 23.04 33.05 -34.09
N ASN L 905 23.68 33.79 -33.17
CA ASN L 905 24.61 34.87 -33.47
C ASN L 905 23.89 36.08 -34.06
N THR L 906 22.66 36.34 -33.59
CA THR L 906 21.90 37.54 -33.92
C THR L 906 22.49 38.72 -33.13
N SER L 907 22.80 39.80 -33.85
CA SER L 907 23.76 40.83 -33.44
C SER L 907 23.43 41.44 -32.08
N GLY L 908 22.20 41.94 -31.90
CA GLY L 908 21.83 42.75 -30.75
C GLY L 908 21.67 41.95 -29.45
N ILE L 909 21.60 40.62 -29.55
CA ILE L 909 21.10 39.81 -28.46
C ILE L 909 22.13 38.78 -27.94
N VAL L 910 23.16 38.46 -28.73
CA VAL L 910 24.17 37.52 -28.25
C VAL L 910 25.09 38.21 -27.25
N GLY L 911 25.42 37.48 -26.18
CA GLY L 911 26.22 37.99 -25.08
C GLY L 911 25.38 38.74 -24.04
N GLN L 912 24.08 38.89 -24.32
CA GLN L 912 23.18 39.68 -23.48
C GLN L 912 22.41 38.75 -22.55
N THR L 913 22.06 39.28 -21.37
CA THR L 913 21.07 38.66 -20.50
C THR L 913 19.67 39.06 -20.99
N VAL L 914 18.82 38.04 -21.17
CA VAL L 914 17.44 38.22 -21.61
C VAL L 914 16.53 38.08 -20.39
N ARG L 915 15.57 39.00 -20.26
CA ARG L 915 14.73 39.10 -19.07
C ARG L 915 13.25 39.21 -19.43
N GLU L 916 12.93 39.62 -20.66
CA GLU L 916 11.53 39.84 -21.04
C GLU L 916 11.29 39.37 -22.48
N ALA L 917 10.01 39.10 -22.78
CA ALA L 917 9.55 38.73 -24.12
C ALA L 917 8.14 39.28 -24.33
N GLY L 918 7.76 39.43 -25.61
CA GLY L 918 6.44 39.93 -25.96
C GLY L 918 6.05 39.60 -27.39
N LEU L 919 4.77 39.24 -27.57
CA LEU L 919 4.15 39.04 -28.88
C LEU L 919 3.78 40.41 -29.44
N LYS L 920 4.03 40.61 -30.74
CA LYS L 920 3.87 41.93 -31.33
C LYS L 920 3.11 41.86 -32.65
N SER L 921 2.46 42.98 -32.98
CA SER L 921 1.85 43.23 -34.27
C SER L 921 2.50 44.47 -34.88
N GLY L 922 3.53 44.24 -35.70
CA GLY L 922 4.42 45.31 -36.11
C GLY L 922 5.18 45.87 -34.92
N SER L 923 4.87 47.12 -34.56
CA SER L 923 5.50 47.81 -33.44
C SER L 923 4.69 47.62 -32.15
N THR L 924 3.39 47.35 -32.28
CA THR L 924 2.48 47.31 -31.15
C THR L 924 2.64 46.02 -30.36
N LEU L 925 2.74 46.16 -29.03
CA LEU L 925 2.93 45.05 -28.10
C LEU L 925 1.57 44.46 -27.74
N LEU L 926 1.42 43.15 -27.94
CA LEU L 926 0.19 42.44 -27.66
C LEU L 926 0.25 41.78 -26.29
N THR L 927 1.38 41.10 -26.01
CA THR L 927 1.63 40.48 -24.72
C THR L 927 3.01 40.89 -24.20
N ARG L 928 3.21 40.74 -22.89
CA ARG L 928 4.52 40.91 -22.28
C ARG L 928 4.69 39.89 -21.15
N HIS L 929 5.92 39.36 -21.04
CA HIS L 929 6.28 38.33 -20.08
C HIS L 929 7.64 38.65 -19.45
N ILE L 930 7.77 38.32 -18.17
CA ILE L 930 9.06 38.32 -17.49
C ILE L 930 9.61 36.90 -17.49
N LEU L 931 10.85 36.75 -17.95
CA LEU L 931 11.52 35.46 -18.01
C LEU L 931 12.48 35.36 -16.83
N ALA L 932 12.82 34.12 -16.47
CA ALA L 932 14.00 33.87 -15.65
C ALA L 932 15.23 34.22 -16.51
N GLU L 933 16.23 34.85 -15.87
CA GLU L 933 17.40 35.38 -16.57
C GLU L 933 18.14 34.26 -17.29
N PHE L 934 18.61 34.56 -18.51
CA PHE L 934 19.59 33.71 -19.18
C PHE L 934 20.48 34.55 -20.11
N LEU L 935 21.73 34.10 -20.23
CA LEU L 935 22.67 34.61 -21.21
C LEU L 935 22.44 33.86 -22.52
N LEU L 936 22.27 34.61 -23.62
CA LEU L 936 22.28 34.00 -24.95
C LEU L 936 23.71 34.02 -25.48
N ASP L 937 24.40 32.88 -25.32
CA ASP L 937 25.82 32.72 -25.63
C ASP L 937 25.97 32.45 -27.13
N THR L 938 27.23 32.37 -27.60
CA THR L 938 27.54 32.17 -29.00
C THR L 938 27.01 30.80 -29.47
N ASP L 939 26.44 30.80 -30.68
CA ASP L 939 25.99 29.63 -31.42
C ASP L 939 24.68 29.05 -30.86
N GLN L 940 24.01 29.76 -29.94
CA GLN L 940 22.76 29.26 -29.35
C GLN L 940 21.57 29.82 -30.10
N ARG L 941 20.61 28.94 -30.46
CA ARG L 941 19.33 29.34 -31.01
C ARG L 941 18.36 29.62 -29.86
N LEU L 942 17.54 30.66 -30.02
CA LEU L 942 16.49 31.02 -29.06
C LEU L 942 15.13 30.95 -29.75
N ALA L 943 14.15 30.34 -29.07
CA ALA L 943 12.80 30.17 -29.60
C ALA L 943 11.76 30.49 -28.53
N SER L 944 10.52 30.72 -28.98
CA SER L 944 9.41 30.99 -28.09
C SER L 944 8.35 29.89 -28.18
N SER L 945 7.75 29.60 -27.02
CA SER L 945 6.57 28.77 -26.90
C SER L 945 5.48 29.60 -26.22
N GLU L 946 4.96 30.57 -26.98
CA GLU L 946 4.05 31.60 -26.50
C GLU L 946 2.61 31.10 -26.64
N SER L 947 1.98 30.82 -25.49
CA SER L 947 0.63 30.31 -25.42
C SER L 947 -0.34 31.47 -25.20
N THR L 948 -1.23 31.70 -26.17
CA THR L 948 -2.30 32.68 -26.06
C THR L 948 -3.63 31.94 -25.94
N ARG L 949 -4.43 32.33 -24.94
CA ARG L 949 -5.62 31.59 -24.55
C ARG L 949 -6.83 32.53 -24.50
N PHE L 950 -7.95 32.04 -25.04
CA PHE L 950 -9.21 32.77 -25.06
C PHE L 950 -10.25 31.99 -24.23
N THR L 951 -10.72 32.60 -23.14
CA THR L 951 -11.63 31.97 -22.19
C THR L 951 -12.76 32.93 -21.83
N SER L 952 -13.73 32.43 -21.05
CA SER L 952 -14.79 33.23 -20.48
C SER L 952 -14.61 33.33 -18.97
N ASP L 953 -15.42 34.21 -18.35
CA ASP L 953 -15.53 34.36 -16.90
C ASP L 953 -16.56 33.36 -16.38
N ASN L 954 -16.41 32.10 -16.82
CA ASN L 954 -17.42 31.05 -16.74
C ASN L 954 -18.64 31.43 -17.57
N ALA M 2 -24.16 -22.03 -35.85
CA ALA M 2 -24.58 -20.64 -36.17
C ALA M 2 -25.67 -20.18 -35.19
N ASP M 3 -25.53 -18.93 -34.72
CA ASP M 3 -26.33 -18.40 -33.64
C ASP M 3 -26.17 -16.87 -33.55
N THR M 4 -27.18 -16.23 -32.97
CA THR M 4 -27.14 -14.91 -32.36
C THR M 4 -28.30 -14.82 -31.37
N THR M 5 -28.03 -15.05 -30.09
CA THR M 5 -29.04 -14.93 -29.05
C THR M 5 -29.35 -13.45 -28.83
N ILE M 6 -30.64 -13.09 -28.85
CA ILE M 6 -31.08 -11.73 -28.54
C ILE M 6 -31.56 -11.72 -27.09
N ILE M 7 -30.94 -10.87 -26.26
CA ILE M 7 -31.14 -10.96 -24.82
C ILE M 7 -32.43 -10.26 -24.38
N ASP M 8 -32.86 -9.24 -25.11
CA ASP M 8 -33.98 -8.42 -24.68
C ASP M 8 -35.28 -8.74 -25.42
N ALA M 9 -35.23 -9.73 -26.33
CA ALA M 9 -36.39 -10.18 -27.10
C ALA M 9 -37.41 -10.85 -26.18
N VAL M 10 -38.71 -10.68 -26.50
CA VAL M 10 -39.78 -11.29 -25.73
C VAL M 10 -40.74 -12.05 -26.65
N VAL M 11 -41.21 -13.21 -26.15
CA VAL M 11 -42.09 -14.14 -26.84
C VAL M 11 -43.36 -14.29 -26.02
N PHE M 12 -44.52 -14.22 -26.69
CA PHE M 12 -45.83 -14.33 -26.07
C PHE M 12 -46.81 -14.91 -27.08
N PRO M 13 -47.85 -15.71 -26.71
CA PRO M 13 -48.02 -16.27 -25.36
C PRO M 13 -47.42 -17.67 -25.17
N GLN M 14 -47.11 -18.05 -23.91
CA GLN M 14 -46.43 -19.30 -23.61
C GLN M 14 -47.00 -19.97 -22.35
N ASP M 15 -47.30 -21.27 -22.45
CA ASP M 15 -47.92 -22.13 -21.44
C ASP M 15 -47.18 -23.46 -21.33
N ASP M 16 -47.56 -24.28 -20.34
CA ASP M 16 -47.21 -25.70 -20.27
C ASP M 16 -47.60 -26.40 -21.57
N GLY M 17 -48.67 -25.89 -22.21
CA GLY M 17 -49.23 -26.42 -23.44
C GLY M 17 -48.48 -25.97 -24.70
N THR M 18 -47.72 -24.88 -24.58
CA THR M 18 -46.67 -24.57 -25.53
C THR M 18 -45.42 -25.33 -25.09
N GLY M 19 -44.26 -25.02 -25.67
CA GLY M 19 -43.04 -25.67 -25.22
C GLY M 19 -42.37 -24.90 -24.08
N VAL M 20 -42.93 -24.96 -22.86
CA VAL M 20 -42.27 -24.47 -21.65
C VAL M 20 -42.68 -25.34 -20.45
N SER M 21 -41.84 -25.33 -19.39
CA SER M 21 -42.10 -26.07 -18.17
C SER M 21 -43.04 -25.29 -17.24
N ASN M 22 -43.40 -25.87 -16.09
CA ASN M 22 -44.57 -25.45 -15.32
C ASN M 22 -44.41 -24.05 -14.71
N GLY M 23 -43.22 -23.74 -14.19
CA GLY M 23 -42.98 -22.45 -13.55
C GLY M 23 -42.83 -21.31 -14.54
N ASP M 24 -42.73 -21.65 -15.85
CA ASP M 24 -42.14 -20.77 -16.85
C ASP M 24 -43.20 -20.07 -17.71
N GLU M 25 -44.49 -20.22 -17.39
CA GLU M 25 -45.57 -19.66 -18.19
C GLU M 25 -45.50 -18.12 -18.17
N ASP M 26 -45.82 -17.48 -19.30
CA ASP M 26 -45.74 -16.03 -19.48
C ASP M 26 -46.68 -15.32 -18.49
N TYR M 27 -46.32 -14.09 -18.13
CA TYR M 27 -47.19 -13.23 -17.36
C TYR M 27 -48.15 -12.49 -18.30
N ASP M 28 -49.29 -12.08 -17.71
CA ASP M 28 -50.48 -11.63 -18.42
C ASP M 28 -50.46 -10.11 -18.55
N SER M 29 -49.47 -9.57 -19.27
CA SER M 29 -49.31 -8.13 -19.44
C SER M 29 -50.37 -7.61 -20.41
N ALA M 30 -50.85 -6.39 -20.17
CA ALA M 30 -51.79 -5.70 -21.03
C ALA M 30 -51.22 -5.55 -22.44
N GLY M 31 -49.96 -5.10 -22.51
CA GLY M 31 -49.27 -4.83 -23.77
C GLY M 31 -49.06 -6.09 -24.62
N TYR M 32 -48.98 -7.25 -23.96
CA TYR M 32 -48.84 -8.53 -24.65
C TYR M 32 -50.14 -8.91 -25.34
N LEU M 33 -51.28 -8.70 -24.66
CA LEU M 33 -52.60 -8.95 -25.22
C LEU M 33 -52.83 -8.03 -26.41
N ALA M 34 -52.45 -6.76 -26.26
CA ALA M 34 -52.66 -5.72 -27.26
C ALA M 34 -51.82 -6.00 -28.51
N SER M 35 -50.57 -6.46 -28.31
CA SER M 35 -49.67 -6.72 -29.42
C SER M 35 -50.03 -8.01 -30.16
N LEU M 36 -50.55 -9.00 -29.42
CA LEU M 36 -51.01 -10.26 -30.01
C LEU M 36 -52.26 -10.02 -30.85
N ALA M 37 -53.13 -9.11 -30.38
CA ALA M 37 -54.37 -8.77 -31.05
C ALA M 37 -54.13 -7.97 -32.33
N ARG M 38 -52.87 -7.54 -32.56
CA ARG M 38 -52.49 -6.75 -33.72
C ARG M 38 -52.35 -7.64 -34.96
N TYR M 39 -52.41 -8.96 -34.78
CA TYR M 39 -52.32 -9.97 -35.83
C TYR M 39 -53.50 -9.81 -36.81
N ALA M 40 -53.29 -10.20 -38.08
CA ALA M 40 -54.27 -9.95 -39.13
C ALA M 40 -54.23 -11.01 -40.23
N GLY M 41 -53.02 -11.44 -40.64
CA GLY M 41 -52.83 -12.33 -41.78
C GLY M 41 -53.21 -13.78 -41.49
N ASP M 42 -52.68 -14.69 -42.33
CA ASP M 42 -52.94 -16.12 -42.21
C ASP M 42 -51.66 -16.88 -41.86
N GLY M 43 -50.50 -16.36 -42.29
CA GLY M 43 -49.21 -17.02 -42.08
C GLY M 43 -48.38 -16.34 -40.99
N SER M 44 -47.09 -16.70 -40.96
CA SER M 44 -46.06 -15.96 -40.23
C SER M 44 -45.65 -14.74 -41.04
N TYR M 45 -45.49 -13.59 -40.38
CA TYR M 45 -45.09 -12.36 -41.06
C TYR M 45 -44.46 -11.36 -40.10
N VAL M 46 -43.81 -10.33 -40.66
CA VAL M 46 -43.17 -9.26 -39.91
C VAL M 46 -44.07 -8.02 -39.98
N GLY M 47 -44.44 -7.53 -38.79
CA GLY M 47 -45.51 -6.55 -38.62
C GLY M 47 -45.09 -5.12 -38.94
N GLY M 48 -46.10 -4.26 -39.16
CA GLY M 48 -45.90 -2.87 -39.53
C GLY M 48 -46.38 -1.90 -38.45
N ASP M 49 -45.97 -0.63 -38.58
CA ASP M 49 -46.20 0.40 -37.58
C ASP M 49 -47.59 1.03 -37.75
N SER M 50 -47.77 2.22 -37.15
CA SER M 50 -49.02 2.97 -37.21
C SER M 50 -49.23 3.60 -38.59
N THR M 51 -48.26 3.42 -39.49
CA THR M 51 -48.34 3.88 -40.88
C THR M 51 -48.14 2.73 -41.85
N GLY M 52 -48.09 1.50 -41.32
CA GLY M 52 -48.01 0.29 -42.13
C GLY M 52 -46.62 0.00 -42.70
N SER M 53 -45.61 0.81 -42.32
CA SER M 53 -44.22 0.54 -42.69
C SER M 53 -43.75 -0.72 -41.97
N PRO M 54 -43.18 -1.72 -42.68
CA PRO M 54 -42.65 -2.92 -42.02
C PRO M 54 -41.57 -2.58 -40.99
N THR M 55 -41.66 -3.24 -39.83
CA THR M 55 -40.66 -3.11 -38.77
C THR M 55 -39.62 -4.23 -38.95
N LEU M 56 -38.64 -4.31 -38.03
CA LEU M 56 -37.47 -5.18 -38.12
C LEU M 56 -36.72 -4.94 -39.43
N GLN M 57 -36.54 -3.66 -39.80
CA GLN M 57 -35.84 -3.25 -41.01
C GLN M 57 -34.36 -3.57 -40.90
N PHE M 58 -33.70 -3.72 -42.05
CA PHE M 58 -32.24 -3.70 -42.13
C PHE M 58 -31.77 -2.25 -42.14
N ALA M 59 -30.63 -2.00 -41.49
CA ALA M 59 -29.99 -0.68 -41.43
C ALA M 59 -28.48 -0.83 -41.34
N ASN M 60 -27.77 0.24 -41.74
CA ASN M 60 -26.32 0.38 -41.63
C ASN M 60 -25.57 -0.83 -42.19
N ILE M 61 -25.97 -1.32 -43.38
CA ILE M 61 -25.38 -2.49 -44.01
C ILE M 61 -23.93 -2.17 -44.37
N ASP M 62 -22.99 -3.02 -43.93
CA ASP M 62 -21.57 -2.69 -43.94
C ASP M 62 -20.86 -3.24 -45.19
N THR M 63 -21.57 -3.31 -46.32
CA THR M 63 -21.03 -3.72 -47.62
C THR M 63 -20.37 -5.11 -47.51
N ALA M 64 -19.06 -5.16 -47.80
CA ALA M 64 -18.29 -6.40 -47.80
C ALA M 64 -17.89 -6.83 -46.39
N ASN M 65 -18.08 -5.94 -45.40
CA ASN M 65 -17.50 -6.08 -44.07
C ASN M 65 -18.36 -6.93 -43.13
N GLU M 66 -19.16 -7.85 -43.70
CA GLU M 66 -19.71 -9.03 -43.02
C GLU M 66 -20.83 -8.72 -42.02
N GLU M 67 -21.38 -7.50 -41.98
CA GLU M 67 -22.28 -7.13 -40.88
C GLU M 67 -23.47 -6.26 -41.33
N VAL M 68 -24.58 -6.35 -40.59
CA VAL M 68 -25.86 -5.66 -40.83
C VAL M 68 -26.59 -5.47 -39.48
N ASP M 69 -27.41 -4.41 -39.37
CA ASP M 69 -28.19 -4.11 -38.18
C ASP M 69 -29.67 -4.39 -38.41
N ILE M 70 -30.33 -5.05 -37.43
CA ILE M 70 -31.77 -5.26 -37.42
C ILE M 70 -32.38 -4.20 -36.49
N GLN M 71 -33.32 -3.41 -37.03
CA GLN M 71 -33.98 -2.35 -36.28
C GLN M 71 -35.05 -2.95 -35.37
N PRO M 72 -35.56 -2.22 -34.33
CA PRO M 72 -36.64 -2.74 -33.49
C PRO M 72 -37.95 -2.95 -34.24
N GLY M 73 -38.82 -3.80 -33.68
CA GLY M 73 -40.11 -4.12 -34.26
C GLY M 73 -40.67 -5.44 -33.76
N HIS M 74 -41.66 -5.98 -34.47
CA HIS M 74 -42.36 -7.18 -34.04
C HIS M 74 -42.71 -8.07 -35.22
N ALA M 75 -42.84 -9.37 -34.92
CA ALA M 75 -43.10 -10.42 -35.90
C ALA M 75 -44.06 -11.44 -35.31
N PHE M 76 -44.83 -12.09 -36.19
CA PHE M 76 -45.77 -13.13 -35.82
C PHE M 76 -45.28 -14.46 -36.37
N ILE M 77 -45.10 -15.44 -35.48
CA ILE M 77 -44.49 -16.72 -35.82
C ILE M 77 -45.46 -17.84 -35.43
N LEU M 78 -45.86 -18.65 -36.41
CA LEU M 78 -46.84 -19.70 -36.21
C LEU M 78 -46.17 -20.98 -35.72
N GLU M 79 -46.83 -21.65 -34.76
CA GLU M 79 -46.49 -23.00 -34.36
C GLU M 79 -47.78 -23.81 -34.18
N SER M 80 -47.74 -25.07 -34.64
CA SER M 80 -48.84 -26.02 -34.51
C SER M 80 -48.52 -27.04 -33.43
N GLY M 81 -49.58 -27.61 -32.83
CA GLY M 81 -49.47 -28.74 -31.92
C GLY M 81 -49.39 -28.34 -30.46
N HIS M 82 -49.92 -27.16 -30.12
CA HIS M 82 -50.06 -26.74 -28.73
C HIS M 82 -51.21 -27.49 -28.07
N ILE M 83 -51.14 -27.58 -26.73
CA ILE M 83 -52.19 -28.14 -25.91
C ILE M 83 -52.94 -26.99 -25.23
N VAL M 84 -54.27 -27.08 -25.20
CA VAL M 84 -55.10 -26.17 -24.42
C VAL M 84 -55.75 -26.92 -23.26
N GLN M 85 -56.23 -26.17 -22.27
CA GLN M 85 -56.96 -26.72 -21.13
C GLN M 85 -58.44 -26.87 -21.51
N SER M 86 -59.02 -28.04 -21.19
CA SER M 86 -60.42 -28.30 -21.48
C SER M 86 -61.30 -27.64 -20.41
N GLY M 87 -62.01 -26.59 -20.82
CA GLY M 87 -63.00 -25.92 -19.99
C GLY M 87 -62.43 -25.38 -18.68
N SER M 88 -63.02 -25.84 -17.57
CA SER M 88 -62.63 -25.39 -16.24
C SER M 88 -61.66 -26.37 -15.58
N GLN M 89 -61.16 -27.35 -16.34
CA GLN M 89 -60.12 -28.25 -15.83
C GLN M 89 -58.76 -27.59 -16.05
N LYS M 90 -57.89 -27.72 -15.04
CA LYS M 90 -56.56 -27.11 -15.08
C LYS M 90 -55.60 -27.92 -15.95
N THR M 91 -55.88 -29.22 -16.14
CA THR M 91 -54.99 -30.11 -16.87
C THR M 91 -55.07 -29.81 -18.37
N TYR M 92 -53.90 -29.63 -18.99
CA TYR M 92 -53.74 -29.46 -20.43
C TYR M 92 -54.00 -30.81 -21.10
N ASP M 93 -54.94 -30.86 -22.07
CA ASP M 93 -55.38 -32.15 -22.61
C ASP M 93 -55.73 -32.11 -24.11
N THR M 94 -56.01 -30.93 -24.67
CA THR M 94 -56.60 -30.81 -25.99
C THR M 94 -55.61 -30.22 -26.99
N ASN M 95 -55.35 -30.95 -28.08
CA ASN M 95 -54.48 -30.49 -29.15
C ASN M 95 -55.27 -29.58 -30.10
N LEU M 96 -54.63 -28.47 -30.52
CA LEU M 96 -55.20 -27.59 -31.52
C LEU M 96 -55.16 -28.27 -32.89
N PRO M 97 -56.12 -27.98 -33.80
CA PRO M 97 -56.09 -28.51 -35.16
C PRO M 97 -55.17 -27.77 -36.12
N ASP M 98 -54.76 -26.55 -35.73
CA ASP M 98 -54.15 -25.59 -36.65
C ASP M 98 -53.05 -24.79 -35.95
N SER M 99 -52.15 -24.21 -36.76
CA SER M 99 -51.00 -23.43 -36.34
C SER M 99 -51.43 -22.04 -35.88
N VAL M 100 -50.87 -21.54 -34.77
CA VAL M 100 -51.31 -20.30 -34.15
C VAL M 100 -50.12 -19.40 -33.79
N PRO M 101 -50.26 -18.05 -33.85
CA PRO M 101 -49.13 -17.13 -33.71
C PRO M 101 -48.63 -16.84 -32.29
N TYR M 102 -47.29 -16.88 -32.15
CA TYR M 102 -46.57 -16.14 -31.14
C TYR M 102 -46.34 -14.72 -31.67
N VAL M 103 -46.15 -13.76 -30.76
CA VAL M 103 -45.55 -12.48 -31.10
C VAL M 103 -44.12 -12.48 -30.59
N VAL M 104 -43.19 -12.11 -31.47
CA VAL M 104 -41.83 -11.79 -31.07
C VAL M 104 -41.67 -10.28 -31.16
N ILE M 105 -41.34 -9.66 -30.02
CA ILE M 105 -41.03 -8.24 -29.97
C ILE M 105 -39.53 -8.10 -29.71
N LEU M 106 -38.85 -7.41 -30.63
CA LEU M 106 -37.48 -6.97 -30.40
C LEU M 106 -37.52 -5.51 -29.97
N PRO M 107 -37.37 -5.20 -28.66
CA PRO M 107 -37.53 -3.83 -28.16
C PRO M 107 -36.39 -2.87 -28.47
N SER M 108 -35.25 -3.39 -28.92
CA SER M 108 -34.10 -2.58 -29.32
C SER M 108 -33.41 -3.19 -30.54
N SER M 109 -32.46 -2.43 -31.12
CA SER M 109 -31.72 -2.81 -32.31
C SER M 109 -30.82 -4.01 -32.02
N VAL M 110 -30.78 -4.97 -32.96
CA VAL M 110 -29.75 -6.00 -32.95
C VAL M 110 -28.63 -5.51 -33.87
N THR M 111 -27.53 -5.06 -33.25
CA THR M 111 -26.43 -4.42 -33.96
C THR M 111 -25.43 -5.47 -34.46
N ASN M 112 -25.00 -5.31 -35.71
CA ASN M 112 -23.87 -5.99 -36.33
C ASN M 112 -24.03 -7.51 -36.23
N VAL M 113 -24.98 -8.04 -37.00
CA VAL M 113 -25.27 -9.46 -37.13
C VAL M 113 -24.21 -10.09 -38.04
N PRO M 114 -23.64 -11.27 -37.70
CA PRO M 114 -22.60 -11.89 -38.53
C PRO M 114 -23.10 -12.45 -39.86
N LEU M 115 -22.31 -12.25 -40.92
CA LEU M 115 -22.57 -12.78 -42.26
C LEU M 115 -21.35 -13.55 -42.76
N ASP M 116 -21.60 -14.57 -43.60
CA ASP M 116 -20.56 -15.24 -44.37
C ASP M 116 -20.12 -14.31 -45.51
N THR M 117 -18.86 -14.46 -45.96
CA THR M 117 -18.19 -13.51 -46.85
C THR M 117 -18.59 -13.70 -48.31
N ASP M 118 -18.83 -12.58 -49.01
CA ASP M 118 -18.88 -12.46 -50.46
C ASP M 118 -20.04 -13.24 -51.09
N VAL M 119 -21.16 -13.39 -50.35
CA VAL M 119 -22.26 -14.28 -50.76
C VAL M 119 -23.61 -13.73 -50.30
N ASP M 120 -24.70 -14.31 -50.86
CA ASP M 120 -26.04 -14.17 -50.33
C ASP M 120 -26.14 -14.93 -49.01
N ASN M 121 -26.63 -14.25 -47.96
CA ASN M 121 -26.88 -14.82 -46.65
C ASN M 121 -28.38 -14.80 -46.36
N ASP M 122 -28.88 -15.89 -45.75
CA ASP M 122 -30.27 -16.03 -45.35
C ASP M 122 -30.42 -15.68 -43.86
N VAL M 123 -31.38 -14.81 -43.53
CA VAL M 123 -31.59 -14.36 -42.15
C VAL M 123 -32.88 -14.98 -41.61
N TRP M 124 -32.72 -15.96 -40.70
CA TRP M 124 -33.85 -16.62 -40.06
C TRP M 124 -33.99 -16.14 -38.62
N LEU M 125 -35.23 -15.76 -38.25
CA LEU M 125 -35.56 -15.39 -36.88
C LEU M 125 -36.34 -16.55 -36.25
N ALA M 126 -35.81 -17.09 -35.13
CA ALA M 126 -36.29 -18.34 -34.58
C ALA M 126 -36.53 -18.23 -33.07
N VAL M 127 -37.52 -19.01 -32.60
CA VAL M 127 -37.87 -19.12 -31.20
C VAL M 127 -37.50 -20.53 -30.74
N ASP M 128 -37.00 -20.64 -29.50
CA ASP M 128 -36.78 -21.92 -28.85
C ASP M 128 -37.94 -22.21 -27.89
N PRO M 129 -39.00 -22.94 -28.32
CA PRO M 129 -40.06 -23.36 -27.42
C PRO M 129 -39.63 -24.51 -26.51
N THR M 130 -38.74 -24.20 -25.57
CA THR M 130 -38.42 -25.04 -24.43
C THR M 130 -38.23 -24.18 -23.18
N SER M 131 -37.98 -22.87 -23.40
CA SER M 131 -37.74 -21.89 -22.35
C SER M 131 -38.35 -20.55 -22.76
N ASN M 132 -38.65 -19.70 -21.75
CA ASN M 132 -39.39 -18.47 -21.97
C ASN M 132 -38.49 -17.40 -22.58
N ASP M 133 -38.95 -16.82 -23.70
CA ASP M 133 -38.41 -15.62 -24.34
C ASP M 133 -37.02 -15.83 -24.96
N SER M 134 -36.61 -17.08 -25.18
CA SER M 134 -35.35 -17.34 -25.87
C SER M 134 -35.53 -17.26 -27.39
N VAL M 135 -34.90 -16.24 -27.99
CA VAL M 135 -34.99 -15.93 -29.41
C VAL M 135 -33.57 -15.89 -29.99
N TYR M 136 -33.41 -16.44 -31.21
CA TYR M 136 -32.12 -16.42 -31.89
C TYR M 136 -32.28 -16.12 -33.38
N ILE M 137 -31.25 -15.47 -33.95
CA ILE M 137 -31.11 -15.31 -35.38
C ILE M 137 -30.08 -16.33 -35.88
N ARG M 138 -30.45 -17.03 -36.96
CA ARG M 138 -29.49 -17.74 -37.80
C ARG M 138 -29.21 -16.90 -39.04
N SER M 139 -27.91 -16.74 -39.33
CA SER M 139 -27.44 -16.04 -40.51
C SER M 139 -26.26 -16.81 -41.12
N GLY M 140 -26.25 -16.90 -42.45
CA GLY M 140 -25.23 -17.63 -43.19
C GLY M 140 -25.65 -17.95 -44.62
N ASN M 141 -24.72 -18.55 -45.38
CA ASN M 141 -24.94 -18.98 -46.75
C ASN M 141 -25.06 -20.50 -46.77
N GLY M 142 -26.14 -21.00 -47.38
CA GLY M 142 -26.40 -22.42 -47.51
C GLY M 142 -26.75 -23.10 -46.19
N LEU M 143 -26.91 -22.29 -45.13
CA LEU M 143 -27.31 -22.74 -43.81
C LEU M 143 -28.80 -23.09 -43.85
N SER M 144 -29.13 -24.29 -43.34
CA SER M 144 -30.48 -24.82 -43.33
C SER M 144 -31.39 -23.95 -42.45
N ALA M 145 -32.68 -23.91 -42.81
CA ALA M 145 -33.73 -23.28 -42.02
C ALA M 145 -33.78 -23.90 -40.62
N PRO M 146 -34.14 -23.14 -39.56
CA PRO M 146 -34.22 -23.68 -38.19
C PRO M 146 -35.20 -24.83 -38.02
N SER M 147 -34.91 -25.70 -37.06
CA SER M 147 -35.72 -26.84 -36.67
C SER M 147 -36.91 -26.41 -35.82
N ASP M 148 -36.96 -25.10 -35.50
CA ASP M 148 -37.83 -24.54 -34.48
C ASP M 148 -38.73 -23.48 -35.10
N PRO M 149 -39.86 -23.07 -34.45
CA PRO M 149 -40.74 -22.01 -34.96
C PRO M 149 -39.98 -20.76 -35.40
N SER M 150 -40.11 -20.43 -36.70
CA SER M 150 -39.22 -19.47 -37.33
C SER M 150 -39.86 -18.81 -38.55
N VAL M 151 -39.25 -17.68 -38.95
CA VAL M 151 -39.65 -16.84 -40.07
C VAL M 151 -38.36 -16.31 -40.73
N LYS M 152 -38.44 -16.01 -42.03
CA LYS M 152 -37.30 -15.51 -42.78
C LYS M 152 -37.43 -14.00 -42.90
N LEU M 153 -36.42 -13.30 -42.35
CA LEU M 153 -36.45 -11.85 -42.16
C LEU M 153 -35.98 -11.14 -43.44
N GLY M 154 -35.22 -11.88 -44.26
CA GLY M 154 -34.70 -11.37 -45.53
C GLY M 154 -33.49 -12.17 -45.99
N THR M 155 -32.87 -11.71 -47.08
CA THR M 155 -31.58 -12.21 -47.53
C THR M 155 -30.67 -11.04 -47.87
N VAL M 156 -29.41 -11.14 -47.41
CA VAL M 156 -28.44 -10.05 -47.44
C VAL M 156 -27.19 -10.54 -48.19
N ASN M 157 -26.77 -9.75 -49.19
CA ASN M 157 -25.63 -10.06 -50.04
C ASN M 157 -24.40 -9.37 -49.48
N SER M 158 -23.40 -10.17 -49.08
CA SER M 158 -22.18 -9.69 -48.45
C SER M 158 -21.08 -9.44 -49.49
N SER M 159 -21.48 -9.37 -50.77
CA SER M 159 -20.61 -8.89 -51.84
C SER M 159 -20.99 -7.45 -52.20
N THR M 160 -22.30 -7.21 -52.36
CA THR M 160 -22.81 -5.99 -53.00
C THR M 160 -23.58 -5.11 -52.02
N GLY M 161 -24.09 -5.71 -50.94
CA GLY M 161 -24.91 -5.00 -49.96
C GLY M 161 -26.39 -4.99 -50.33
N SER M 162 -26.77 -5.74 -51.37
CA SER M 162 -28.15 -5.83 -51.85
C SER M 162 -29.00 -6.67 -50.90
N THR M 163 -30.25 -6.24 -50.68
CA THR M 163 -31.18 -6.91 -49.76
C THR M 163 -32.59 -7.00 -50.35
N THR M 164 -33.22 -8.17 -50.15
CA THR M 164 -34.61 -8.44 -50.48
C THR M 164 -35.20 -9.34 -49.39
N ARG M 165 -36.53 -9.30 -49.19
CA ARG M 165 -37.14 -9.94 -48.02
C ARG M 165 -38.51 -10.55 -48.33
N PRO M 166 -38.76 -11.83 -47.94
CA PRO M 166 -39.97 -12.56 -48.35
C PRO M 166 -41.24 -12.45 -47.50
N ASN M 167 -41.10 -12.04 -46.22
CA ASN M 167 -42.19 -12.13 -45.25
C ASN M 167 -42.51 -10.74 -44.67
N ASP M 168 -42.50 -9.71 -45.52
CA ASP M 168 -42.28 -8.31 -45.15
C ASP M 168 -43.49 -7.64 -44.51
N LEU M 169 -44.72 -8.13 -44.78
CA LEU M 169 -45.95 -7.56 -44.24
C LEU M 169 -47.02 -8.64 -44.21
N ALA M 170 -48.25 -8.28 -43.78
CA ALA M 170 -49.35 -9.22 -43.57
C ALA M 170 -49.75 -9.92 -44.88
N ASP M 171 -49.84 -11.25 -44.82
CA ASP M 171 -50.27 -12.12 -45.91
C ASP M 171 -51.67 -12.64 -45.57
N HIS M 172 -52.67 -12.31 -46.39
CA HIS M 172 -54.05 -12.24 -45.90
C HIS M 172 -55.06 -12.83 -46.89
N SER M 173 -55.52 -14.05 -46.59
CA SER M 173 -56.64 -14.68 -47.27
C SER M 173 -57.96 -14.21 -46.65
N VAL M 174 -58.90 -13.84 -47.52
CA VAL M 174 -60.25 -13.41 -47.19
C VAL M 174 -61.20 -14.05 -48.18
N ASP M 175 -62.50 -14.08 -47.85
CA ASP M 175 -63.51 -14.41 -48.84
C ASP M 175 -63.84 -13.16 -49.65
N ALA M 176 -64.22 -12.08 -48.96
CA ALA M 176 -64.66 -10.86 -49.60
C ALA M 176 -64.13 -9.65 -48.84
N LEU M 177 -63.86 -8.57 -49.59
CA LEU M 177 -63.37 -7.32 -49.02
C LEU M 177 -64.13 -6.13 -49.61
N ASN M 178 -64.47 -5.17 -48.74
CA ASN M 178 -65.09 -3.91 -49.09
C ASN M 178 -64.17 -2.77 -48.63
N ALA M 179 -64.06 -1.71 -49.46
CA ALA M 179 -63.09 -0.65 -49.20
C ALA M 179 -63.61 0.72 -49.65
N THR M 180 -62.99 1.80 -49.14
CA THR M 180 -63.04 3.09 -49.81
C THR M 180 -62.06 3.06 -50.98
N THR M 181 -60.77 2.87 -50.68
CA THR M 181 -59.74 2.81 -51.71
C THR M 181 -58.94 1.51 -51.59
N ILE M 182 -58.45 1.03 -52.74
CA ILE M 182 -57.48 -0.03 -52.82
C ILE M 182 -56.35 0.44 -53.72
N ASP M 183 -55.11 0.33 -53.21
CA ASP M 183 -53.94 0.92 -53.83
C ASP M 183 -52.77 -0.06 -53.74
N ALA M 184 -52.69 -0.96 -54.73
CA ALA M 184 -51.68 -2.02 -54.79
C ALA M 184 -50.36 -1.46 -55.30
N SER M 185 -49.29 -2.25 -55.11
CA SER M 185 -47.97 -1.92 -55.63
C SER M 185 -47.82 -2.41 -57.07
N ASP M 186 -48.19 -3.68 -57.29
CA ASP M 186 -47.98 -4.37 -58.56
C ASP M 186 -49.32 -4.85 -59.14
N THR M 187 -49.54 -6.17 -59.10
CA THR M 187 -50.63 -6.84 -59.81
C THR M 187 -51.93 -6.75 -59.02
N VAL M 188 -52.91 -6.05 -59.62
CA VAL M 188 -54.32 -6.20 -59.26
C VAL M 188 -54.86 -7.33 -60.14
N THR M 189 -54.63 -8.57 -59.71
CA THR M 189 -55.12 -9.76 -60.41
C THR M 189 -56.56 -10.04 -59.97
N GLY M 190 -57.43 -10.28 -60.95
CA GLY M 190 -58.78 -10.76 -60.73
C GLY M 190 -59.29 -11.60 -61.89
N ASP M 191 -59.86 -12.77 -61.56
CA ASP M 191 -60.33 -13.75 -62.54
C ASP M 191 -61.64 -13.30 -63.18
N THR M 192 -62.03 -12.04 -62.92
CA THR M 192 -63.06 -11.25 -63.57
C THR M 192 -62.95 -9.82 -63.02
N VAL M 193 -62.89 -8.81 -63.90
CA VAL M 193 -62.71 -7.42 -63.47
C VAL M 193 -63.80 -6.53 -64.04
N ASP M 194 -64.41 -5.73 -63.16
CA ASP M 194 -65.43 -4.73 -63.50
C ASP M 194 -64.95 -3.36 -63.03
N ALA M 195 -65.21 -2.33 -63.86
CA ALA M 195 -64.60 -1.02 -63.72
C ALA M 195 -65.64 0.09 -63.88
N THR M 196 -66.61 0.15 -62.96
CA THR M 196 -67.76 1.04 -63.05
C THR M 196 -67.33 2.51 -62.89
N THR M 197 -68.11 3.40 -63.52
CA THR M 197 -68.18 4.84 -63.24
C THR M 197 -67.01 5.62 -63.85
N THR M 198 -65.78 5.10 -63.78
CA THR M 198 -64.63 5.67 -64.46
C THR M 198 -63.55 4.61 -64.66
N LEU M 199 -62.87 4.68 -65.82
CA LEU M 199 -61.63 3.96 -66.06
C LEU M 199 -60.62 4.92 -66.68
N THR M 200 -59.84 5.58 -65.81
CA THR M 200 -58.67 6.33 -66.22
C THR M 200 -57.58 5.32 -66.60
N ASP M 201 -57.17 5.35 -67.88
CA ASP M 201 -56.34 4.30 -68.45
C ASP M 201 -54.87 4.52 -68.07
N ALA M 202 -54.01 3.66 -68.64
CA ALA M 202 -52.59 3.58 -68.31
C ALA M 202 -51.81 4.82 -68.75
N ALA M 203 -52.44 5.70 -69.55
CA ALA M 203 -51.82 6.94 -69.98
C ALA M 203 -52.24 8.11 -69.08
N GLY M 204 -53.35 7.93 -68.35
CA GLY M 204 -53.91 8.95 -67.48
C GLY M 204 -55.04 9.73 -68.14
N VAL M 205 -55.81 9.05 -69.01
CA VAL M 205 -56.94 9.64 -69.71
C VAL M 205 -58.23 8.97 -69.21
N SER M 206 -59.20 9.81 -68.83
CA SER M 206 -60.39 9.38 -68.11
C SER M 206 -61.51 8.99 -69.08
N HIS M 207 -61.69 7.68 -69.27
CA HIS M 207 -62.80 7.13 -70.03
C HIS M 207 -63.99 6.89 -69.09
N THR M 208 -65.20 7.11 -69.64
CA THR M 208 -66.46 6.85 -68.94
C THR M 208 -67.35 5.95 -69.80
N GLY M 209 -67.22 6.08 -71.13
CA GLY M 209 -67.88 5.21 -72.08
C GLY M 209 -67.22 3.83 -72.15
N GLU M 210 -67.79 2.92 -72.95
CA GLU M 210 -67.31 1.56 -73.08
C GLU M 210 -66.05 1.50 -73.95
N LEU M 211 -65.36 0.35 -73.89
CA LEU M 211 -64.10 0.12 -74.59
C LEU M 211 -64.35 -0.65 -75.88
N GLU M 212 -63.31 -0.73 -76.73
CA GLU M 212 -63.36 -1.38 -78.04
C GLU M 212 -62.46 -2.62 -78.04
N ASP M 213 -63.01 -3.75 -78.51
CA ASP M 213 -62.27 -4.96 -78.81
C ASP M 213 -61.49 -4.76 -80.11
N ILE M 214 -60.52 -5.66 -80.37
CA ILE M 214 -59.96 -5.84 -81.70
C ILE M 214 -61.07 -6.41 -82.61
N ASN M 215 -60.84 -6.32 -83.93
CA ASN M 215 -61.76 -6.79 -84.95
C ASN M 215 -63.06 -5.97 -84.93
N HIS M 216 -62.89 -4.64 -84.87
CA HIS M 216 -64.00 -3.71 -84.67
C HIS M 216 -64.40 -3.01 -85.96
N GLY M 217 -63.42 -2.81 -86.87
CA GLY M 217 -63.51 -1.94 -88.03
C GLY M 217 -64.77 -2.16 -88.88
N SER M 218 -65.30 -3.39 -88.82
CA SER M 218 -66.51 -3.85 -89.48
C SER M 218 -67.68 -2.88 -89.27
N LYS M 219 -67.67 -2.18 -88.13
CA LYS M 219 -68.74 -1.26 -87.75
C LYS M 219 -68.77 -0.03 -88.66
N HIS M 220 -67.60 0.39 -89.16
CA HIS M 220 -67.42 1.64 -89.88
C HIS M 220 -68.04 1.62 -91.28
N GLU M 221 -68.46 0.44 -91.75
CA GLU M 221 -68.94 0.24 -93.12
C GLU M 221 -70.32 0.90 -93.31
N ASP M 222 -70.72 1.05 -94.58
CA ASP M 222 -71.93 1.72 -95.06
C ASP M 222 -73.12 1.44 -94.14
N GLY M 223 -73.61 2.50 -93.49
CA GLY M 223 -74.87 2.46 -92.75
C GLY M 223 -74.73 1.93 -91.33
N GLY M 224 -73.53 1.45 -90.96
CA GLY M 224 -73.22 0.98 -89.63
C GLY M 224 -72.95 2.14 -88.67
N SER M 225 -72.61 1.81 -87.42
CA SER M 225 -72.29 2.79 -86.39
C SER M 225 -70.87 3.32 -86.61
N ASP M 226 -70.70 4.64 -86.40
CA ASP M 226 -69.43 5.35 -86.51
C ASP M 226 -68.86 5.20 -87.92
N GLU M 227 -69.63 5.64 -88.92
CA GLU M 227 -69.24 5.64 -90.32
C GLU M 227 -68.15 6.70 -90.54
N ILE M 228 -67.16 6.38 -91.38
CA ILE M 228 -65.98 7.20 -91.59
C ILE M 228 -66.10 7.94 -92.92
N SER M 229 -65.84 9.26 -92.91
CA SER M 229 -65.89 10.08 -94.12
C SER M 229 -64.61 9.93 -94.92
N VAL M 230 -64.76 9.88 -96.25
CA VAL M 230 -63.66 9.64 -97.19
C VAL M 230 -62.98 10.98 -97.55
N GLY M 231 -63.62 12.10 -97.16
CA GLY M 231 -63.20 13.45 -97.53
C GLY M 231 -61.77 13.78 -97.13
N GLY M 232 -60.88 13.81 -98.13
CA GLY M 232 -59.48 14.22 -97.97
C GLY M 232 -58.50 13.07 -97.83
N LEU M 233 -58.99 11.82 -97.88
CA LEU M 233 -58.18 10.63 -97.66
C LEU M 233 -57.36 10.30 -98.91
N SER M 234 -56.41 9.36 -98.75
CA SER M 234 -55.34 9.11 -99.72
C SER M 234 -55.21 7.61 -100.04
N GLY M 235 -54.47 7.31 -101.14
CA GLY M 235 -54.21 5.96 -101.59
C GLY M 235 -55.09 5.56 -102.78
N ASP M 236 -54.63 4.57 -103.56
CA ASP M 236 -55.32 4.12 -104.77
C ASP M 236 -55.86 2.70 -104.57
N LEU M 237 -57.18 2.55 -104.84
CA LEU M 237 -57.95 1.35 -104.55
C LEU M 237 -57.60 0.21 -105.52
N ALA M 238 -57.95 -1.01 -105.12
CA ALA M 238 -57.75 -2.21 -105.93
C ALA M 238 -58.79 -2.27 -107.06
N ASP M 239 -59.97 -1.70 -106.81
CA ASP M 239 -61.08 -1.66 -107.76
C ASP M 239 -61.21 -0.25 -108.33
N PRO M 240 -61.45 -0.09 -109.66
CA PRO M 240 -61.68 1.24 -110.25
C PRO M 240 -63.05 1.81 -109.89
N GLN M 241 -63.17 3.15 -109.91
CA GLN M 241 -64.25 3.86 -109.23
C GLN M 241 -65.06 4.71 -110.21
N ASP M 242 -66.31 5.05 -109.81
CA ASP M 242 -67.19 5.93 -110.56
C ASP M 242 -66.51 7.28 -110.74
N PRO M 243 -66.33 7.78 -111.99
CA PRO M 243 -65.73 9.10 -112.21
C PRO M 243 -66.68 10.27 -111.91
N LYS M 244 -66.12 11.32 -111.28
CA LYS M 244 -66.77 12.61 -111.08
C LYS M 244 -66.97 13.27 -112.44
N ALA M 245 -67.74 14.37 -112.51
CA ALA M 245 -67.92 15.16 -113.72
C ALA M 245 -66.55 15.63 -114.23
N HIS M 246 -66.29 15.46 -115.53
CA HIS M 246 -64.91 15.44 -116.01
C HIS M 246 -64.69 15.87 -117.47
N ALA M 247 -65.65 15.62 -118.36
CA ALA M 247 -65.43 15.43 -119.79
C ALA M 247 -64.74 16.60 -120.52
N ALA M 248 -64.66 17.77 -119.85
CA ALA M 248 -63.96 18.93 -120.38
C ALA M 248 -62.44 18.67 -120.45
N SER M 249 -61.99 17.63 -119.73
CA SER M 249 -60.59 17.24 -119.65
C SER M 249 -60.02 16.87 -121.02
N HIS M 250 -60.89 16.48 -121.96
CA HIS M 250 -60.50 16.00 -123.28
C HIS M 250 -60.30 17.15 -124.27
N SER M 251 -60.47 18.40 -123.83
CA SER M 251 -60.15 19.58 -124.61
C SER M 251 -58.67 19.54 -125.00
N ALA M 252 -58.34 20.10 -126.18
CA ALA M 252 -57.02 19.97 -126.78
C ALA M 252 -55.92 20.59 -125.90
N ASP M 253 -56.32 21.47 -124.97
CA ASP M 253 -55.41 22.21 -124.11
C ASP M 253 -55.00 21.39 -122.88
N SER M 254 -55.75 20.32 -122.56
CA SER M 254 -55.61 19.60 -121.29
C SER M 254 -55.18 18.15 -121.49
N ALA M 255 -54.59 17.57 -120.44
CA ALA M 255 -53.70 16.40 -120.51
C ALA M 255 -54.43 15.07 -120.72
N ASP M 256 -55.75 15.03 -120.45
CA ASP M 256 -56.55 13.81 -120.58
C ASP M 256 -56.96 13.64 -122.03
N GLU M 257 -55.97 13.59 -122.94
CA GLU M 257 -56.17 13.77 -124.37
C GLU M 257 -56.53 12.45 -125.05
N ILE M 258 -57.52 12.53 -125.95
CA ILE M 258 -57.78 11.53 -126.98
C ILE M 258 -58.02 12.27 -128.30
N SER M 259 -57.38 11.80 -129.38
CA SER M 259 -57.57 12.39 -130.70
C SER M 259 -58.69 11.68 -131.44
N VAL M 260 -59.34 12.40 -132.36
CA VAL M 260 -60.53 11.92 -133.06
C VAL M 260 -60.21 10.67 -133.89
N GLU M 261 -58.99 10.62 -134.46
CA GLU M 261 -58.57 9.55 -135.34
C GLU M 261 -58.29 8.25 -134.58
N ASN M 262 -58.33 8.31 -133.23
CA ASN M 262 -58.18 7.14 -132.39
C ASN M 262 -59.54 6.43 -132.18
N LEU M 263 -60.63 7.17 -132.41
CA LEU M 263 -61.98 6.75 -131.99
C LEU M 263 -62.58 5.74 -132.96
N SER M 264 -63.65 5.07 -132.52
CA SER M 264 -64.37 4.06 -133.27
C SER M 264 -65.36 4.71 -134.25
N THR M 265 -65.88 3.90 -135.18
CA THR M 265 -67.07 4.22 -135.98
C THR M 265 -67.70 2.92 -136.51
N THR M 266 -69.02 2.98 -136.74
CA THR M 266 -69.76 1.91 -137.38
C THR M 266 -69.80 2.11 -138.90
N GLY M 267 -69.36 3.30 -139.36
CA GLY M 267 -69.42 3.66 -140.77
C GLY M 267 -68.44 2.87 -141.63
N SER M 268 -68.91 2.39 -142.78
CA SER M 268 -68.14 1.63 -143.76
C SER M 268 -67.02 2.48 -144.34
N ALA M 269 -66.12 1.85 -145.11
CA ALA M 269 -64.98 2.53 -145.74
C ALA M 269 -65.46 3.71 -146.57
N ASP M 270 -64.71 4.83 -146.47
CA ASP M 270 -64.93 6.09 -147.18
C ASP M 270 -66.11 6.89 -146.61
N THR M 271 -66.67 6.46 -145.47
CA THR M 271 -67.69 7.27 -144.79
C THR M 271 -67.03 8.43 -144.04
N VAL M 272 -67.78 9.52 -143.89
CA VAL M 272 -67.33 10.78 -143.33
C VAL M 272 -68.34 11.22 -142.27
N PRO M 273 -67.91 11.70 -141.07
CA PRO M 273 -68.85 12.23 -140.07
C PRO M 273 -69.34 13.62 -140.45
N ILE M 274 -70.68 13.79 -140.46
CA ILE M 274 -71.32 15.03 -140.87
C ILE M 274 -72.45 15.37 -139.89
N SER M 275 -72.72 16.68 -139.75
CA SER M 275 -73.75 17.19 -138.85
C SER M 275 -75.12 17.15 -139.53
N GLN M 276 -76.13 16.75 -138.76
CA GLN M 276 -77.52 16.72 -139.20
C GLN M 276 -78.25 17.96 -138.69
N GLY M 277 -77.54 18.81 -137.94
CA GLY M 277 -78.18 19.79 -137.06
C GLY M 277 -78.70 19.10 -135.80
N ASP M 278 -79.46 19.84 -134.99
CA ASP M 278 -80.09 19.34 -133.76
C ASP M 278 -79.05 18.61 -132.89
N GLY M 279 -77.85 19.19 -132.80
CA GLY M 279 -76.76 18.72 -131.96
C GLY M 279 -76.11 17.42 -132.41
N THR M 280 -76.54 16.88 -133.56
CA THR M 280 -76.35 15.48 -133.91
C THR M 280 -75.33 15.32 -135.04
N LEU M 281 -74.38 14.40 -134.82
CA LEU M 281 -73.46 13.92 -135.85
C LEU M 281 -73.96 12.59 -136.40
N SER M 282 -73.51 12.27 -137.62
CA SER M 282 -73.89 11.07 -138.37
C SER M 282 -72.76 10.68 -139.33
N MET M 283 -72.69 9.40 -139.68
CA MET M 283 -71.78 8.95 -140.73
C MET M 283 -72.51 8.95 -142.07
N GLY M 284 -72.00 9.79 -142.99
CA GLY M 284 -72.50 9.86 -144.37
C GLY M 284 -71.35 9.67 -145.37
N SER M 285 -71.60 10.06 -146.63
CA SER M 285 -70.62 9.97 -147.71
C SER M 285 -70.56 11.29 -148.47
N ALA N 2 -82.32 -33.04 -34.60
CA ALA N 2 -80.99 -32.75 -35.21
C ALA N 2 -79.98 -32.45 -34.09
N ASP N 3 -79.12 -33.44 -33.82
CA ASP N 3 -78.14 -33.40 -32.75
C ASP N 3 -76.83 -34.03 -33.24
N THR N 4 -75.72 -33.30 -33.03
CA THR N 4 -74.36 -33.82 -33.13
C THR N 4 -73.51 -33.07 -32.10
N THR N 5 -73.71 -33.43 -30.83
CA THR N 5 -72.98 -32.88 -29.69
C THR N 5 -71.53 -33.37 -29.78
N ILE N 6 -70.60 -32.42 -30.01
CA ILE N 6 -69.21 -32.74 -30.26
C ILE N 6 -68.50 -32.90 -28.92
N ILE N 7 -68.05 -34.14 -28.62
CA ILE N 7 -67.63 -34.51 -27.28
C ILE N 7 -66.22 -34.01 -26.96
N ASP N 8 -65.53 -33.43 -27.95
CA ASP N 8 -64.14 -33.02 -27.79
C ASP N 8 -63.89 -31.58 -28.25
N ALA N 9 -64.94 -30.88 -28.69
CA ALA N 9 -64.84 -29.47 -29.10
C ALA N 9 -64.64 -28.58 -27.87
N VAL N 10 -64.14 -27.35 -28.09
CA VAL N 10 -63.94 -26.36 -27.04
C VAL N 10 -64.31 -24.96 -27.54
N VAL N 11 -64.74 -24.08 -26.61
CA VAL N 11 -65.18 -22.72 -26.90
C VAL N 11 -64.52 -21.74 -25.91
N PHE N 12 -64.04 -20.62 -26.47
CA PHE N 12 -63.30 -19.57 -25.78
C PHE N 12 -63.62 -18.21 -26.41
N PRO N 13 -63.70 -17.09 -25.65
CA PRO N 13 -63.66 -17.09 -24.17
C PRO N 13 -65.05 -17.17 -23.53
N GLN N 14 -65.14 -17.68 -22.29
CA GLN N 14 -66.41 -17.82 -21.61
C GLN N 14 -66.32 -17.40 -20.14
N ASP N 15 -67.30 -16.59 -19.71
CA ASP N 15 -67.43 -16.00 -18.38
C ASP N 15 -68.89 -15.99 -17.95
N ASP N 16 -69.11 -15.62 -16.67
CA ASP N 16 -70.37 -15.11 -16.14
C ASP N 16 -71.05 -14.20 -17.17
N GLY N 17 -70.27 -13.27 -17.73
CA GLY N 17 -70.76 -12.23 -18.63
C GLY N 17 -71.07 -12.74 -20.04
N THR N 18 -70.70 -14.01 -20.33
CA THR N 18 -70.99 -14.62 -21.62
C THR N 18 -72.23 -15.52 -21.50
N GLY N 19 -72.37 -16.20 -20.36
CA GLY N 19 -73.55 -17.02 -20.10
C GLY N 19 -73.31 -18.25 -19.23
N VAL N 20 -72.04 -18.63 -19.01
CA VAL N 20 -71.70 -19.80 -18.22
C VAL N 20 -71.90 -19.50 -16.73
N SER N 21 -72.00 -20.55 -15.91
CA SER N 21 -72.15 -20.41 -14.47
C SER N 21 -70.83 -19.99 -13.83
N ASN N 22 -70.90 -19.46 -12.60
CA ASN N 22 -69.77 -18.82 -11.93
C ASN N 22 -68.66 -19.83 -11.58
N GLY N 23 -69.00 -21.12 -11.57
CA GLY N 23 -68.00 -22.15 -11.34
C GLY N 23 -67.18 -22.47 -12.59
N ASP N 24 -67.61 -21.96 -13.75
CA ASP N 24 -67.30 -22.62 -15.02
C ASP N 24 -66.65 -21.69 -16.06
N GLU N 25 -65.91 -20.65 -15.63
CA GLU N 25 -65.18 -19.84 -16.61
C GLU N 25 -64.07 -20.66 -17.25
N ASP N 26 -63.73 -20.32 -18.50
CA ASP N 26 -62.60 -20.96 -19.18
C ASP N 26 -61.31 -20.56 -18.47
N TYR N 27 -60.37 -21.51 -18.41
CA TYR N 27 -59.00 -21.22 -18.04
C TYR N 27 -58.30 -20.55 -19.22
N ASP N 28 -57.47 -19.56 -18.90
CA ASP N 28 -56.73 -18.78 -19.89
C ASP N 28 -55.53 -19.58 -20.36
N SER N 29 -55.40 -19.75 -21.68
CA SER N 29 -54.29 -20.51 -22.26
C SER N 29 -53.73 -19.78 -23.47
N ALA N 30 -52.43 -19.99 -23.74
CA ALA N 30 -51.73 -19.43 -24.87
C ALA N 30 -52.37 -19.87 -26.17
N GLY N 31 -52.70 -21.16 -26.25
CA GLY N 31 -53.37 -21.77 -27.39
C GLY N 31 -54.71 -21.09 -27.71
N TYR N 32 -55.42 -20.65 -26.65
CA TYR N 32 -56.68 -19.95 -26.81
C TYR N 32 -56.45 -18.52 -27.28
N LEU N 33 -55.52 -17.80 -26.62
CA LEU N 33 -55.24 -16.40 -26.91
C LEU N 33 -54.75 -16.24 -28.35
N ALA N 34 -53.87 -17.17 -28.76
CA ALA N 34 -53.29 -17.17 -30.10
C ALA N 34 -54.35 -17.50 -31.15
N SER N 35 -55.22 -18.48 -30.85
CA SER N 35 -56.27 -18.87 -31.77
C SER N 35 -57.36 -17.82 -31.88
N LEU N 36 -57.59 -17.06 -30.79
CA LEU N 36 -58.59 -16.00 -30.79
C LEU N 36 -58.08 -14.78 -31.55
N ALA N 37 -56.78 -14.46 -31.40
CA ALA N 37 -56.14 -13.33 -32.05
C ALA N 37 -56.12 -13.50 -33.57
N ARG N 38 -56.34 -14.75 -34.01
CA ARG N 38 -56.34 -15.16 -35.42
C ARG N 38 -57.52 -14.56 -36.18
N TYR N 39 -58.58 -14.15 -35.45
CA TYR N 39 -59.72 -13.46 -36.03
C TYR N 39 -59.26 -12.18 -36.71
N ALA N 40 -59.93 -11.81 -37.82
CA ALA N 40 -59.53 -10.66 -38.62
C ALA N 40 -60.70 -10.02 -39.37
N GLY N 41 -61.75 -10.80 -39.67
CA GLY N 41 -62.85 -10.34 -40.49
C GLY N 41 -63.80 -9.40 -39.74
N ASP N 42 -65.05 -9.30 -40.22
CA ASP N 42 -66.06 -8.48 -39.54
C ASP N 42 -67.33 -9.28 -39.24
N GLY N 43 -67.50 -10.44 -39.88
CA GLY N 43 -68.64 -11.30 -39.63
C GLY N 43 -68.26 -12.53 -38.80
N SER N 44 -69.08 -13.58 -38.93
CA SER N 44 -68.76 -14.93 -38.46
C SER N 44 -68.27 -15.76 -39.65
N TYR N 45 -67.20 -16.55 -39.45
CA TYR N 45 -66.60 -17.32 -40.54
C TYR N 45 -65.76 -18.47 -40.01
N VAL N 46 -65.50 -19.45 -40.88
CA VAL N 46 -64.62 -20.58 -40.62
C VAL N 46 -63.18 -20.15 -40.90
N GLY N 47 -62.25 -20.58 -40.03
CA GLY N 47 -60.85 -20.16 -40.08
C GLY N 47 -60.04 -20.89 -41.15
N GLY N 48 -59.03 -20.19 -41.69
CA GLY N 48 -58.08 -20.74 -42.64
C GLY N 48 -56.75 -21.10 -41.97
N ASP N 49 -56.04 -22.08 -42.57
CA ASP N 49 -54.78 -22.60 -42.07
C ASP N 49 -53.65 -21.60 -42.33
N SER N 50 -52.41 -22.04 -42.08
CA SER N 50 -51.19 -21.25 -42.24
C SER N 50 -50.96 -20.84 -43.69
N THR N 51 -51.65 -21.50 -44.64
CA THR N 51 -51.49 -21.22 -46.07
C THR N 51 -52.61 -20.29 -46.56
N GLY N 52 -53.68 -20.18 -45.76
CA GLY N 52 -54.82 -19.34 -46.08
C GLY N 52 -55.96 -20.13 -46.70
N SER N 53 -55.97 -21.45 -46.45
CA SER N 53 -57.01 -22.34 -46.96
C SER N 53 -57.95 -22.76 -45.83
N PRO N 54 -59.29 -22.65 -46.00
CA PRO N 54 -60.26 -22.98 -44.94
C PRO N 54 -60.17 -24.39 -44.34
N THR N 55 -60.58 -24.48 -43.07
CA THR N 55 -60.71 -25.72 -42.32
C THR N 55 -62.18 -26.13 -42.28
N LEU N 56 -62.52 -27.13 -41.44
CA LEU N 56 -63.87 -27.66 -41.24
C LEU N 56 -64.55 -28.05 -42.56
N GLN N 57 -63.79 -28.66 -43.49
CA GLN N 57 -64.32 -29.07 -44.79
C GLN N 57 -65.16 -30.33 -44.65
N PHE N 58 -66.00 -30.59 -45.67
CA PHE N 58 -66.82 -31.80 -45.76
C PHE N 58 -65.99 -32.92 -46.39
N ALA N 59 -66.14 -34.15 -45.86
CA ALA N 59 -65.40 -35.30 -46.34
C ALA N 59 -66.25 -36.57 -46.26
N ASN N 60 -65.91 -37.56 -47.12
CA ASN N 60 -66.43 -38.92 -47.08
C ASN N 60 -67.95 -38.94 -47.19
N ILE N 61 -68.49 -38.04 -48.03
CA ILE N 61 -69.92 -37.88 -48.28
C ILE N 61 -70.45 -39.19 -48.88
N ASP N 62 -71.35 -39.86 -48.16
CA ASP N 62 -71.68 -41.26 -48.43
C ASP N 62 -72.99 -41.39 -49.23
N THR N 63 -73.54 -40.24 -49.67
CA THR N 63 -74.72 -40.15 -50.52
C THR N 63 -75.93 -40.79 -49.84
N ALA N 64 -76.54 -41.80 -50.49
CA ALA N 64 -77.78 -42.43 -50.05
C ALA N 64 -77.57 -43.29 -48.81
N ASN N 65 -76.30 -43.44 -48.40
CA ASN N 65 -75.93 -44.21 -47.21
C ASN N 65 -76.12 -43.36 -45.94
N GLU N 66 -76.53 -42.09 -46.12
CA GLU N 66 -77.08 -41.18 -45.12
C GLU N 66 -76.05 -40.25 -44.46
N GLU N 67 -74.72 -40.49 -44.62
CA GLU N 67 -73.76 -39.90 -43.69
C GLU N 67 -72.66 -39.06 -44.36
N VAL N 68 -72.01 -38.19 -43.56
CA VAL N 68 -70.92 -37.29 -43.96
C VAL N 68 -69.96 -37.08 -42.78
N ASP N 69 -68.68 -36.81 -43.08
CA ASP N 69 -67.67 -36.45 -42.08
C ASP N 69 -67.35 -34.95 -42.17
N ILE N 70 -67.10 -34.32 -41.01
CA ILE N 70 -66.60 -32.96 -40.93
C ILE N 70 -65.15 -33.02 -40.44
N GLN N 71 -64.24 -32.40 -41.21
CA GLN N 71 -62.81 -32.36 -40.94
C GLN N 71 -62.55 -31.48 -39.71
N PRO N 72 -61.37 -31.61 -39.04
CA PRO N 72 -61.02 -30.70 -37.94
C PRO N 72 -60.80 -29.27 -38.41
N GLY N 73 -60.72 -28.34 -37.45
CA GLY N 73 -60.54 -26.93 -37.72
C GLY N 73 -61.18 -26.05 -36.66
N HIS N 74 -61.41 -24.78 -37.01
CA HIS N 74 -61.95 -23.80 -36.07
C HIS N 74 -62.78 -22.75 -36.83
N ALA N 75 -63.69 -22.10 -36.09
CA ALA N 75 -64.58 -21.09 -36.64
C ALA N 75 -64.85 -19.99 -35.61
N PHE N 76 -65.22 -18.81 -36.10
CA PHE N 76 -65.50 -17.64 -35.29
C PHE N 76 -66.99 -17.33 -35.35
N ILE N 77 -67.60 -17.17 -34.16
CA ILE N 77 -69.04 -17.00 -34.02
C ILE N 77 -69.29 -15.79 -33.13
N LEU N 78 -69.97 -14.77 -33.70
CA LEU N 78 -70.23 -13.52 -33.00
C LEU N 78 -71.47 -13.68 -32.11
N GLU N 79 -71.43 -13.05 -30.93
CA GLU N 79 -72.60 -12.94 -30.05
C GLU N 79 -72.68 -11.53 -29.47
N SER N 80 -73.92 -11.02 -29.36
CA SER N 80 -74.23 -9.73 -28.75
C SER N 80 -74.82 -9.94 -27.35
N GLY N 81 -74.80 -8.88 -26.54
CA GLY N 81 -75.37 -8.91 -25.20
C GLY N 81 -74.48 -9.64 -24.20
N HIS N 82 -73.15 -9.51 -24.38
CA HIS N 82 -72.18 -9.89 -23.37
C HIS N 82 -72.08 -8.77 -22.32
N ILE N 83 -71.71 -9.13 -21.10
CA ILE N 83 -71.44 -8.17 -20.03
C ILE N 83 -69.95 -8.24 -19.70
N VAL N 84 -69.35 -7.07 -19.40
CA VAL N 84 -67.95 -6.96 -19.01
C VAL N 84 -67.84 -6.22 -17.67
N GLN N 85 -66.66 -6.33 -17.04
CA GLN N 85 -66.37 -5.73 -15.75
C GLN N 85 -65.77 -4.34 -15.96
N SER N 86 -66.46 -3.30 -15.47
CA SER N 86 -65.97 -1.93 -15.57
C SER N 86 -64.78 -1.73 -14.63
N GLY N 87 -63.78 -0.98 -15.13
CA GLY N 87 -62.63 -0.53 -14.35
C GLY N 87 -61.98 -1.66 -13.56
N SER N 88 -61.89 -1.48 -12.25
CA SER N 88 -61.30 -2.45 -11.34
C SER N 88 -62.37 -3.10 -10.45
N GLN N 89 -63.63 -3.00 -10.88
CA GLN N 89 -64.74 -3.70 -10.23
C GLN N 89 -64.70 -5.18 -10.64
N LYS N 90 -65.02 -6.05 -9.69
CA LYS N 90 -65.18 -7.47 -9.97
C LYS N 90 -66.55 -7.74 -10.60
N THR N 91 -67.51 -6.82 -10.39
CA THR N 91 -68.89 -7.01 -10.81
C THR N 91 -69.02 -6.79 -12.32
N TYR N 92 -69.71 -7.73 -12.97
CA TYR N 92 -70.11 -7.61 -14.37
C TYR N 92 -71.25 -6.58 -14.46
N ASP N 93 -70.97 -5.43 -15.09
CA ASP N 93 -71.85 -4.28 -14.97
C ASP N 93 -72.07 -3.55 -16.31
N THR N 94 -71.25 -3.84 -17.33
CA THR N 94 -71.23 -3.05 -18.55
C THR N 94 -71.65 -3.92 -19.73
N ASN N 95 -72.73 -3.51 -20.43
CA ASN N 95 -73.25 -4.21 -21.59
C ASN N 95 -72.42 -3.83 -22.81
N LEU N 96 -71.98 -4.82 -23.59
CA LEU N 96 -71.28 -4.57 -24.84
C LEU N 96 -72.28 -4.06 -25.87
N PRO N 97 -72.00 -2.92 -26.56
CA PRO N 97 -72.92 -2.35 -27.55
C PRO N 97 -72.89 -3.06 -28.90
N ASP N 98 -72.06 -4.10 -29.02
CA ASP N 98 -71.74 -4.73 -30.28
C ASP N 98 -71.50 -6.23 -30.08
N SER N 99 -71.42 -6.97 -31.20
CA SER N 99 -71.30 -8.42 -31.24
C SER N 99 -69.82 -8.81 -31.40
N VAL N 100 -69.36 -9.76 -30.57
CA VAL N 100 -67.94 -10.07 -30.48
C VAL N 100 -67.70 -11.58 -30.49
N PRO N 101 -66.58 -12.07 -31.09
CA PRO N 101 -66.42 -13.50 -31.39
C PRO N 101 -66.01 -14.46 -30.26
N TYR N 102 -66.64 -15.64 -30.27
CA TYR N 102 -66.04 -16.84 -29.69
C TYR N 102 -65.21 -17.51 -30.78
N VAL N 103 -64.25 -18.35 -30.35
CA VAL N 103 -63.66 -19.35 -31.22
C VAL N 103 -64.27 -20.70 -30.86
N VAL N 104 -64.70 -21.43 -31.89
CA VAL N 104 -65.07 -22.83 -31.77
C VAL N 104 -63.94 -23.65 -32.39
N ILE N 105 -63.39 -24.60 -31.62
CA ILE N 105 -62.22 -25.36 -32.03
C ILE N 105 -62.56 -26.86 -31.97
N LEU N 106 -62.30 -27.56 -33.08
CA LEU N 106 -62.46 -29.01 -33.15
C LEU N 106 -61.07 -29.66 -33.27
N PRO N 107 -60.66 -30.55 -32.33
CA PRO N 107 -59.35 -31.20 -32.41
C PRO N 107 -59.26 -32.40 -33.35
N SER N 108 -60.43 -32.87 -33.82
CA SER N 108 -60.56 -34.13 -34.55
C SER N 108 -61.61 -34.01 -35.66
N SER N 109 -61.65 -35.02 -36.54
CA SER N 109 -62.73 -35.19 -37.50
C SER N 109 -63.98 -35.69 -36.80
N VAL N 110 -65.12 -35.01 -37.03
CA VAL N 110 -66.42 -35.49 -36.57
C VAL N 110 -66.89 -36.57 -37.55
N THR N 111 -67.29 -37.73 -37.00
CA THR N 111 -67.46 -38.95 -37.78
C THR N 111 -68.94 -39.25 -38.01
N ASN N 112 -69.31 -39.35 -39.30
CA ASN N 112 -70.56 -39.92 -39.79
C ASN N 112 -71.78 -39.20 -39.20
N VAL N 113 -71.86 -37.89 -39.47
CA VAL N 113 -73.03 -37.06 -39.22
C VAL N 113 -74.12 -37.49 -40.20
N PRO N 114 -75.34 -37.86 -39.72
CA PRO N 114 -76.44 -38.20 -40.63
C PRO N 114 -77.09 -37.00 -41.31
N LEU N 115 -77.64 -37.25 -42.51
CA LEU N 115 -78.29 -36.25 -43.35
C LEU N 115 -79.73 -36.68 -43.64
N ASP N 116 -80.58 -35.69 -43.98
CA ASP N 116 -81.86 -35.95 -44.63
C ASP N 116 -81.59 -36.44 -46.05
N THR N 117 -82.26 -37.52 -46.45
CA THR N 117 -81.94 -38.24 -47.68
C THR N 117 -82.53 -37.55 -48.91
N ASP N 118 -81.77 -37.59 -50.01
CA ASP N 118 -82.19 -37.26 -51.38
C ASP N 118 -82.47 -35.76 -51.55
N VAL N 119 -81.93 -34.91 -50.66
CA VAL N 119 -82.28 -33.49 -50.64
C VAL N 119 -81.06 -32.61 -50.31
N ASP N 120 -81.19 -31.31 -50.59
CA ASP N 120 -80.27 -30.25 -50.17
C ASP N 120 -80.41 -30.01 -48.68
N ASN N 121 -79.47 -30.57 -47.89
CA ASN N 121 -79.39 -30.33 -46.46
C ASN N 121 -78.70 -28.99 -46.22
N ASP N 122 -79.25 -28.21 -45.28
CA ASP N 122 -78.48 -27.15 -44.64
C ASP N 122 -77.65 -27.78 -43.53
N VAL N 123 -76.45 -27.24 -43.30
CA VAL N 123 -75.57 -27.68 -42.22
C VAL N 123 -75.17 -26.46 -41.38
N TRP N 124 -75.34 -26.59 -40.05
CA TRP N 124 -75.12 -25.52 -39.10
C TRP N 124 -74.17 -25.99 -38.00
N LEU N 125 -73.28 -25.09 -37.57
CA LEU N 125 -72.44 -25.26 -36.38
C LEU N 125 -72.88 -24.24 -35.34
N ALA N 126 -73.08 -24.69 -34.08
CA ALA N 126 -73.67 -23.85 -33.05
C ALA N 126 -73.10 -24.15 -31.67
N VAL N 127 -73.07 -23.09 -30.83
CA VAL N 127 -72.62 -23.11 -29.45
C VAL N 127 -73.84 -22.90 -28.55
N ASP N 128 -73.97 -23.73 -27.51
CA ASP N 128 -74.83 -23.38 -26.37
C ASP N 128 -73.98 -22.58 -25.39
N PRO N 129 -74.21 -21.25 -25.23
CA PRO N 129 -73.39 -20.43 -24.34
C PRO N 129 -73.67 -20.57 -22.84
N THR N 130 -74.71 -21.35 -22.48
CA THR N 130 -75.16 -21.43 -21.10
C THR N 130 -74.30 -22.41 -20.28
N SER N 131 -73.48 -23.21 -20.98
CA SER N 131 -72.55 -24.13 -20.35
C SER N 131 -71.22 -24.10 -21.11
N ASN N 132 -70.13 -24.44 -20.41
CA ASN N 132 -68.80 -24.34 -20.97
C ASN N 132 -68.59 -25.44 -22.02
N ASP N 133 -68.19 -25.02 -23.23
CA ASP N 133 -67.66 -25.87 -24.29
C ASP N 133 -68.69 -26.84 -24.87
N SER N 134 -69.99 -26.57 -24.65
CA SER N 134 -71.06 -27.39 -25.23
C SER N 134 -71.38 -26.91 -26.64
N VAL N 135 -70.99 -27.72 -27.64
CA VAL N 135 -71.10 -27.40 -29.06
C VAL N 135 -71.91 -28.51 -29.75
N TYR N 136 -72.69 -28.14 -30.77
CA TYR N 136 -73.42 -29.12 -31.59
C TYR N 136 -73.46 -28.69 -33.06
N ILE N 137 -73.71 -29.69 -33.92
CA ILE N 137 -73.95 -29.51 -35.36
C ILE N 137 -75.37 -29.98 -35.68
N ARG N 138 -76.06 -29.23 -36.55
CA ARG N 138 -77.33 -29.63 -37.13
C ARG N 138 -77.17 -29.89 -38.62
N SER N 139 -77.91 -30.89 -39.12
CA SER N 139 -77.92 -31.28 -40.52
C SER N 139 -79.36 -31.61 -40.95
N GLY N 140 -79.78 -31.05 -42.09
CA GLY N 140 -81.08 -31.37 -42.67
C GLY N 140 -81.69 -30.28 -43.52
N ASN N 141 -82.77 -30.63 -44.23
CA ASN N 141 -83.59 -29.71 -44.99
C ASN N 141 -84.76 -29.23 -44.14
N GLY N 142 -85.21 -30.06 -43.20
CA GLY N 142 -86.41 -29.79 -42.40
C GLY N 142 -86.13 -28.90 -41.20
N LEU N 143 -85.32 -27.85 -41.40
CA LEU N 143 -84.74 -27.05 -40.33
C LEU N 143 -84.67 -25.58 -40.70
N SER N 144 -84.29 -24.75 -39.70
CA SER N 144 -83.92 -23.35 -39.86
C SER N 144 -82.78 -23.02 -38.89
N ALA N 145 -82.15 -21.85 -39.08
CA ALA N 145 -80.98 -21.42 -38.33
C ALA N 145 -81.22 -21.55 -36.82
N PRO N 146 -80.28 -22.17 -36.05
CA PRO N 146 -80.40 -22.27 -34.60
C PRO N 146 -80.59 -20.91 -33.92
N SER N 147 -81.34 -20.94 -32.81
CA SER N 147 -81.58 -19.78 -31.96
C SER N 147 -80.26 -19.30 -31.34
N ASP N 148 -79.36 -20.26 -31.10
CA ASP N 148 -78.12 -20.07 -30.38
C ASP N 148 -77.05 -19.52 -31.31
N PRO N 149 -75.95 -18.90 -30.78
CA PRO N 149 -74.83 -18.44 -31.62
C PRO N 149 -74.32 -19.55 -32.53
N SER N 150 -74.35 -19.28 -33.85
CA SER N 150 -74.21 -20.29 -34.88
C SER N 150 -73.72 -19.71 -36.21
N VAL N 151 -73.22 -20.59 -37.08
CA VAL N 151 -72.65 -20.22 -38.37
C VAL N 151 -73.07 -21.25 -39.43
N LYS N 152 -73.30 -20.76 -40.65
CA LYS N 152 -73.74 -21.58 -41.77
C LYS N 152 -72.53 -22.31 -42.38
N LEU N 153 -72.29 -23.53 -41.86
CA LEU N 153 -71.14 -24.37 -42.18
C LEU N 153 -71.14 -24.76 -43.65
N GLY N 154 -72.35 -24.92 -44.23
CA GLY N 154 -72.53 -25.13 -45.65
C GLY N 154 -73.88 -25.77 -45.99
N THR N 155 -73.97 -26.30 -47.22
CA THR N 155 -75.09 -27.09 -47.70
C THR N 155 -74.58 -28.29 -48.50
N VAL N 156 -75.20 -29.46 -48.27
CA VAL N 156 -74.80 -30.73 -48.85
C VAL N 156 -76.04 -31.40 -49.45
N ASN N 157 -75.93 -31.91 -50.68
CA ASN N 157 -76.99 -32.66 -51.34
C ASN N 157 -76.72 -34.15 -51.18
N SER N 158 -77.61 -34.84 -50.44
CA SER N 158 -77.39 -36.23 -50.05
C SER N 158 -77.69 -37.20 -51.20
N SER N 159 -78.27 -36.70 -52.29
CA SER N 159 -78.47 -37.47 -53.49
C SER N 159 -77.16 -37.51 -54.31
N THR N 160 -76.69 -36.31 -54.69
CA THR N 160 -75.64 -36.14 -55.68
C THR N 160 -74.25 -36.16 -55.05
N GLY N 161 -74.18 -35.81 -53.75
CA GLY N 161 -72.92 -35.64 -53.05
C GLY N 161 -72.32 -34.24 -53.20
N SER N 162 -73.05 -33.34 -53.88
CA SER N 162 -72.62 -31.97 -54.15
C SER N 162 -72.66 -31.12 -52.88
N THR N 163 -71.82 -30.07 -52.82
CA THR N 163 -71.76 -29.16 -51.67
C THR N 163 -71.46 -27.72 -52.12
N THR N 164 -71.93 -26.73 -51.33
CA THR N 164 -71.44 -25.36 -51.32
C THR N 164 -71.41 -24.84 -49.88
N ARG N 165 -70.66 -23.75 -49.64
CA ARG N 165 -70.55 -23.14 -48.32
C ARG N 165 -70.30 -21.62 -48.42
N PRO N 166 -71.17 -20.77 -47.80
CA PRO N 166 -71.05 -19.32 -47.95
C PRO N 166 -70.16 -18.57 -46.94
N ASN N 167 -69.66 -19.30 -45.92
CA ASN N 167 -69.00 -18.67 -44.79
C ASN N 167 -67.66 -19.36 -44.45
N ASP N 168 -66.96 -19.88 -45.47
CA ASP N 168 -65.74 -20.65 -45.25
C ASP N 168 -64.52 -19.76 -45.07
N LEU N 169 -64.65 -18.45 -45.35
CA LEU N 169 -63.59 -17.47 -45.06
C LEU N 169 -64.20 -16.09 -44.74
N ALA N 170 -63.34 -15.18 -44.27
CA ALA N 170 -63.73 -13.90 -43.69
C ALA N 170 -64.27 -12.94 -44.74
N ASP N 171 -65.39 -12.27 -44.40
CA ASP N 171 -65.73 -10.98 -44.96
C ASP N 171 -64.93 -9.93 -44.21
N HIS N 172 -64.62 -8.80 -44.86
CA HIS N 172 -63.81 -7.75 -44.27
C HIS N 172 -64.16 -6.40 -44.89
N SER N 173 -64.06 -5.33 -44.07
CA SER N 173 -64.32 -3.97 -44.52
C SER N 173 -63.26 -3.02 -43.98
N VAL N 174 -62.83 -2.09 -44.84
CA VAL N 174 -61.71 -1.19 -44.58
C VAL N 174 -62.05 0.20 -45.13
N ASP N 175 -61.27 1.20 -44.71
CA ASP N 175 -61.22 2.46 -45.44
C ASP N 175 -60.26 2.29 -46.62
N ALA N 176 -58.97 2.11 -46.31
CA ALA N 176 -57.95 1.95 -47.33
C ALA N 176 -57.23 0.61 -47.14
N LEU N 177 -57.09 -0.13 -48.24
CA LEU N 177 -56.17 -1.25 -48.30
C LEU N 177 -54.97 -0.86 -49.16
N ASN N 178 -53.77 -0.95 -48.57
CA ASN N 178 -52.52 -0.80 -49.29
C ASN N 178 -51.82 -2.17 -49.31
N ALA N 179 -51.35 -2.58 -50.50
CA ALA N 179 -50.90 -3.95 -50.73
C ALA N 179 -49.69 -3.98 -51.65
N THR N 180 -48.97 -5.11 -51.64
CA THR N 180 -48.05 -5.45 -52.72
C THR N 180 -48.88 -5.95 -53.91
N THR N 181 -49.64 -7.03 -53.69
CA THR N 181 -50.40 -7.72 -54.72
C THR N 181 -51.81 -8.05 -54.23
N ILE N 182 -52.73 -8.25 -55.19
CA ILE N 182 -54.13 -8.59 -54.95
C ILE N 182 -54.52 -9.68 -55.96
N ASP N 183 -55.18 -10.76 -55.48
CA ASP N 183 -55.36 -11.98 -56.26
C ASP N 183 -56.75 -12.58 -55.99
N ALA N 184 -57.72 -12.23 -56.85
CA ALA N 184 -59.12 -12.60 -56.65
C ALA N 184 -59.52 -13.78 -57.53
N SER N 185 -60.17 -14.77 -56.90
CA SER N 185 -60.62 -16.01 -57.54
C SER N 185 -61.98 -15.84 -58.20
N ASP N 186 -62.56 -14.63 -58.08
CA ASP N 186 -63.84 -14.24 -58.68
C ASP N 186 -63.82 -12.72 -58.91
N THR N 187 -65.01 -12.10 -59.00
CA THR N 187 -65.19 -10.72 -59.44
C THR N 187 -64.44 -9.72 -58.57
N VAL N 188 -63.62 -8.88 -59.22
CA VAL N 188 -63.18 -7.61 -58.70
C VAL N 188 -64.09 -6.52 -59.28
N THR N 189 -64.53 -5.59 -58.43
CA THR N 189 -65.31 -4.42 -58.83
C THR N 189 -64.71 -3.17 -58.19
N GLY N 190 -64.63 -2.08 -58.96
CA GLY N 190 -64.11 -0.82 -58.46
C GLY N 190 -64.75 0.40 -59.14
N ASP N 191 -65.05 1.43 -58.34
CA ASP N 191 -65.86 2.57 -58.78
C ASP N 191 -64.99 3.72 -59.30
N THR N 192 -63.70 3.43 -59.53
CA THR N 192 -62.79 4.17 -60.41
C THR N 192 -61.53 3.30 -60.59
N VAL N 193 -61.57 2.38 -61.56
CA VAL N 193 -60.42 1.49 -61.76
C VAL N 193 -59.30 2.27 -62.45
N ASP N 194 -58.06 1.95 -62.05
CA ASP N 194 -56.86 2.70 -62.40
C ASP N 194 -55.69 1.71 -62.53
N ALA N 195 -54.77 2.00 -63.47
CA ALA N 195 -53.74 1.06 -63.90
C ALA N 195 -52.54 1.80 -64.50
N THR N 196 -51.69 2.39 -63.64
CA THR N 196 -50.84 3.53 -63.99
C THR N 196 -49.80 3.25 -65.10
N THR N 197 -49.48 1.97 -65.38
CA THR N 197 -48.55 1.65 -66.46
C THR N 197 -49.08 0.51 -67.33
N THR N 198 -49.73 -0.48 -66.70
CA THR N 198 -50.14 -1.70 -67.41
C THR N 198 -51.63 -1.98 -67.16
N LEU N 199 -52.39 -2.08 -68.26
CA LEU N 199 -53.62 -2.86 -68.28
C LEU N 199 -53.40 -4.10 -69.14
N THR N 200 -53.63 -5.27 -68.54
CA THR N 200 -53.53 -6.56 -69.21
C THR N 200 -54.93 -7.17 -69.34
N ASP N 201 -55.32 -7.51 -70.59
CA ASP N 201 -56.61 -8.08 -70.91
C ASP N 201 -56.55 -9.61 -70.82
N ALA N 202 -57.68 -10.27 -71.14
CA ALA N 202 -57.90 -11.69 -70.93
C ALA N 202 -56.99 -12.55 -71.81
N ALA N 203 -56.60 -12.01 -72.98
CA ALA N 203 -55.67 -12.68 -73.88
C ALA N 203 -54.23 -12.52 -73.35
N GLY N 204 -53.84 -11.27 -73.06
CA GLY N 204 -52.59 -10.96 -72.39
C GLY N 204 -51.83 -9.77 -72.99
N VAL N 205 -52.55 -8.83 -73.61
CA VAL N 205 -51.94 -7.66 -74.23
C VAL N 205 -51.85 -6.53 -73.21
N SER N 206 -50.64 -5.98 -73.05
CA SER N 206 -50.32 -5.00 -72.03
C SER N 206 -50.34 -3.57 -72.60
N HIS N 207 -51.51 -2.92 -72.50
CA HIS N 207 -51.73 -1.56 -72.95
C HIS N 207 -51.07 -0.58 -71.98
N THR N 208 -50.52 0.52 -72.51
CA THR N 208 -49.79 1.51 -71.73
C THR N 208 -50.17 2.92 -72.19
N GLY N 209 -50.04 3.18 -73.50
CA GLY N 209 -50.68 4.31 -74.13
C GLY N 209 -52.19 4.19 -74.01
N GLU N 210 -52.90 5.30 -74.27
CA GLU N 210 -54.35 5.39 -74.03
C GLU N 210 -55.14 4.45 -74.94
N LEU N 211 -56.33 4.04 -74.46
CA LEU N 211 -57.26 3.18 -75.17
C LEU N 211 -58.20 4.06 -76.02
N GLU N 212 -59.02 3.41 -76.86
CA GLU N 212 -59.93 4.13 -77.74
C GLU N 212 -61.38 3.86 -77.38
N ASP N 213 -62.15 4.95 -77.29
CA ASP N 213 -63.58 4.96 -77.01
C ASP N 213 -64.33 4.32 -78.18
N ILE N 214 -65.62 4.03 -77.96
CA ILE N 214 -66.57 3.89 -79.05
C ILE N 214 -66.76 5.27 -79.69
N ASN N 215 -67.09 5.27 -80.99
CA ASN N 215 -67.30 6.48 -81.80
C ASN N 215 -65.97 7.22 -82.01
N HIS N 216 -64.89 6.46 -82.22
CA HIS N 216 -63.55 7.00 -82.33
C HIS N 216 -63.22 7.43 -83.77
N GLY N 217 -63.86 6.77 -84.75
CA GLY N 217 -63.45 6.76 -86.15
C GLY N 217 -63.31 8.13 -86.80
N SER N 218 -64.05 9.11 -86.27
CA SER N 218 -64.05 10.51 -86.69
C SER N 218 -62.64 11.10 -86.71
N LYS N 219 -61.73 10.52 -85.92
CA LYS N 219 -60.36 11.02 -85.82
C LYS N 219 -59.57 10.74 -87.11
N HIS N 220 -59.90 9.66 -87.82
CA HIS N 220 -59.16 9.21 -88.99
C HIS N 220 -59.26 10.20 -90.16
N GLU N 221 -60.21 11.15 -90.06
CA GLU N 221 -60.51 12.14 -91.08
C GLU N 221 -59.49 13.28 -91.00
N ASP N 222 -59.64 14.27 -91.91
CA ASP N 222 -58.74 15.43 -92.01
C ASP N 222 -58.85 16.28 -90.75
N GLY N 223 -57.68 16.75 -90.26
CA GLY N 223 -57.59 17.63 -89.10
C GLY N 223 -57.60 16.87 -87.76
N GLY N 224 -57.73 15.53 -87.83
CA GLY N 224 -57.77 14.68 -86.64
C GLY N 224 -56.40 14.12 -86.29
N SER N 225 -56.35 12.78 -86.07
CA SER N 225 -55.15 12.02 -85.80
C SER N 225 -55.42 10.54 -86.09
N ASP N 226 -54.35 9.78 -86.34
CA ASP N 226 -54.40 8.37 -86.74
C ASP N 226 -55.16 8.20 -88.06
N GLU N 227 -54.79 9.03 -89.05
CA GLU N 227 -55.34 9.05 -90.40
C GLU N 227 -54.94 7.76 -91.13
N ILE N 228 -55.88 7.21 -91.93
CA ILE N 228 -55.71 5.91 -92.57
C ILE N 228 -55.70 6.06 -94.09
N SER N 229 -54.97 5.14 -94.77
CA SER N 229 -54.94 5.04 -96.22
C SER N 229 -56.15 4.26 -96.72
N VAL N 230 -56.72 4.74 -97.84
CA VAL N 230 -57.83 4.08 -98.53
C VAL N 230 -57.26 3.12 -99.59
N GLY N 231 -55.96 3.25 -99.86
CA GLY N 231 -55.26 2.48 -100.89
C GLY N 231 -55.35 0.97 -100.68
N GLY N 232 -55.53 0.25 -101.79
CA GLY N 232 -55.46 -1.21 -101.83
C GLY N 232 -56.74 -1.91 -101.36
N LEU N 233 -57.71 -1.15 -100.85
CA LEU N 233 -58.94 -1.70 -100.31
C LEU N 233 -59.90 -2.08 -101.45
N SER N 234 -61.04 -2.68 -101.08
CA SER N 234 -61.97 -3.32 -102.02
C SER N 234 -63.37 -2.71 -101.91
N GLY N 235 -64.14 -2.83 -103.00
CA GLY N 235 -65.48 -2.25 -103.12
C GLY N 235 -65.45 -0.93 -103.88
N ASP N 236 -66.64 -0.32 -104.08
CA ASP N 236 -66.73 0.96 -104.79
C ASP N 236 -67.53 1.99 -103.98
N LEU N 237 -67.16 3.26 -104.17
CA LEU N 237 -67.60 4.41 -103.39
C LEU N 237 -68.98 4.86 -103.83
N ALA N 238 -69.78 5.34 -102.86
CA ALA N 238 -71.12 5.86 -103.09
C ALA N 238 -71.07 7.23 -103.77
N ASP N 239 -69.97 7.96 -103.52
CA ASP N 239 -69.70 9.25 -104.15
C ASP N 239 -68.66 9.06 -105.25
N PRO N 240 -68.85 9.67 -106.46
CA PRO N 240 -67.88 9.55 -107.55
C PRO N 240 -66.60 10.36 -107.30
N GLN N 241 -65.49 9.88 -107.87
CA GLN N 241 -64.17 10.41 -107.56
C GLN N 241 -63.55 11.05 -108.80
N ASP N 242 -62.76 12.12 -108.57
CA ASP N 242 -62.06 12.85 -109.61
C ASP N 242 -61.11 11.88 -110.32
N PRO N 243 -61.34 11.55 -111.62
CA PRO N 243 -60.63 10.45 -112.26
C PRO N 243 -59.17 10.73 -112.63
N LYS N 244 -58.33 9.71 -112.44
CA LYS N 244 -56.99 9.61 -112.97
C LYS N 244 -57.07 9.60 -114.50
N ALA N 245 -56.05 10.14 -115.18
CA ALA N 245 -56.02 10.32 -116.62
C ALA N 245 -56.24 8.99 -117.34
N HIS N 246 -57.08 9.01 -118.41
CA HIS N 246 -57.76 7.79 -118.85
C HIS N 246 -58.02 7.71 -120.35
N ALA N 247 -58.11 8.86 -121.05
CA ALA N 247 -58.77 8.98 -122.34
C ALA N 247 -58.24 8.02 -123.40
N ALA N 248 -56.95 7.63 -123.29
CA ALA N 248 -56.30 6.69 -124.19
C ALA N 248 -57.03 5.36 -124.27
N SER N 249 -57.79 5.01 -123.22
CA SER N 249 -58.53 3.77 -123.13
C SER N 249 -59.77 3.77 -124.02
N HIS N 250 -60.06 4.91 -124.67
CA HIS N 250 -61.20 5.04 -125.56
C HIS N 250 -60.79 4.91 -127.03
N SER N 251 -59.55 4.44 -127.27
CA SER N 251 -59.11 4.02 -128.60
C SER N 251 -59.97 2.85 -129.06
N ALA N 252 -60.07 2.67 -130.40
CA ALA N 252 -60.97 1.71 -131.01
C ALA N 252 -60.67 0.27 -130.56
N ASP N 253 -59.42 0.01 -130.15
CA ASP N 253 -58.94 -1.32 -129.79
C ASP N 253 -59.11 -1.60 -128.29
N SER N 254 -59.25 -0.54 -127.47
CA SER N 254 -59.13 -0.65 -126.02
C SER N 254 -60.49 -0.84 -125.33
N ALA N 255 -60.45 -0.98 -123.99
CA ALA N 255 -61.42 -1.71 -123.19
C ALA N 255 -62.80 -1.05 -123.08
N ASP N 256 -62.92 0.24 -123.42
CA ASP N 256 -64.15 1.00 -123.20
C ASP N 256 -64.41 1.93 -124.38
N GLU N 257 -65.47 1.66 -125.15
CA GLU N 257 -65.64 2.18 -126.51
C GLU N 257 -66.55 3.41 -126.57
N ILE N 258 -66.15 4.38 -127.41
CA ILE N 258 -66.97 5.49 -127.89
C ILE N 258 -66.70 5.69 -129.39
N SER N 259 -67.71 6.15 -130.14
CA SER N 259 -67.59 6.36 -131.58
C SER N 259 -67.98 7.80 -131.95
N VAL N 260 -67.47 8.28 -133.10
CA VAL N 260 -67.59 9.69 -133.50
C VAL N 260 -69.06 10.08 -133.72
N GLU N 261 -69.87 9.13 -134.20
CA GLU N 261 -71.29 9.36 -134.46
C GLU N 261 -72.08 9.51 -133.16
N ASN N 262 -71.45 9.24 -132.01
CA ASN N 262 -72.08 9.41 -130.70
C ASN N 262 -71.91 10.86 -130.20
N LEU N 263 -70.94 11.59 -130.78
CA LEU N 263 -70.43 12.83 -130.21
C LEU N 263 -71.31 14.03 -130.58
N SER N 264 -71.23 15.08 -129.74
CA SER N 264 -71.99 16.31 -129.89
C SER N 264 -71.32 17.23 -130.91
N THR N 265 -72.11 18.17 -131.48
CA THR N 265 -71.59 19.31 -132.22
C THR N 265 -72.57 20.49 -132.18
N THR N 266 -71.99 21.70 -132.24
CA THR N 266 -72.73 22.95 -132.37
C THR N 266 -72.82 23.37 -133.83
N GLY N 267 -72.10 22.66 -134.71
CA GLY N 267 -72.05 22.94 -136.15
C GLY N 267 -73.38 22.63 -136.84
N SER N 268 -73.78 23.53 -137.76
CA SER N 268 -75.04 23.49 -138.48
C SER N 268 -75.15 22.24 -139.35
N ALA N 269 -76.37 21.96 -139.85
CA ALA N 269 -76.62 20.85 -140.76
C ALA N 269 -75.70 20.93 -141.98
N ASP N 270 -75.16 19.77 -142.37
CA ASP N 270 -74.24 19.56 -143.48
C ASP N 270 -72.80 20.01 -143.16
N THR N 271 -72.52 20.43 -141.91
CA THR N 271 -71.14 20.75 -141.54
C THR N 271 -70.32 19.47 -141.34
N VAL N 272 -68.99 19.62 -141.47
CA VAL N 272 -68.01 18.53 -141.44
C VAL N 272 -66.87 18.94 -140.50
N PRO N 273 -66.32 18.04 -139.65
CA PRO N 273 -65.11 18.36 -138.89
C PRO N 273 -63.86 18.39 -139.77
N ILE N 274 -63.40 19.61 -140.09
CA ILE N 274 -62.22 19.82 -140.92
C ILE N 274 -61.12 20.48 -140.07
N SER N 275 -59.87 20.05 -140.29
CA SER N 275 -58.73 20.53 -139.52
C SER N 275 -58.31 21.93 -139.98
N GLN N 276 -58.02 22.79 -139.01
CA GLN N 276 -57.55 24.15 -139.23
C GLN N 276 -56.02 24.19 -139.19
N GLY N 277 -55.39 23.04 -138.90
CA GLY N 277 -54.05 23.00 -138.36
C GLY N 277 -54.08 23.28 -136.86
N ASP N 278 -52.90 23.43 -136.25
CA ASP N 278 -52.75 23.75 -134.82
C ASP N 278 -53.53 22.77 -133.94
N GLY N 279 -53.57 21.50 -134.39
CA GLY N 279 -54.18 20.40 -133.66
C GLY N 279 -55.71 20.45 -133.58
N THR N 280 -56.32 21.40 -134.30
CA THR N 280 -57.68 21.86 -134.02
C THR N 280 -58.64 21.51 -135.17
N LEU N 281 -59.79 20.91 -134.81
CA LEU N 281 -60.89 20.67 -135.76
C LEU N 281 -61.89 21.83 -135.72
N SER N 282 -62.63 21.99 -136.82
CA SER N 282 -63.66 23.03 -136.98
C SER N 282 -64.79 22.51 -137.85
N MET N 283 -66.02 22.99 -137.59
CA MET N 283 -67.19 22.56 -138.34
C MET N 283 -67.39 23.43 -139.58
N GLY N 284 -66.56 23.17 -140.60
CA GLY N 284 -66.67 23.78 -141.92
C GLY N 284 -67.72 23.08 -142.78
N SER N 285 -67.79 23.45 -144.07
CA SER N 285 -68.75 22.89 -145.01
C SER N 285 -68.07 22.47 -146.31
N ALA O 2 -63.13 23.34 -23.89
CA ALA O 2 -64.17 22.28 -24.10
C ALA O 2 -63.65 20.93 -23.60
N ASP O 3 -64.58 20.15 -23.02
CA ASP O 3 -64.33 18.90 -22.32
C ASP O 3 -65.66 18.17 -22.16
N THR O 4 -65.61 16.83 -22.00
CA THR O 4 -66.77 15.99 -21.69
C THR O 4 -66.30 14.63 -21.20
N THR O 5 -66.55 14.34 -19.91
CA THR O 5 -66.29 13.00 -19.36
C THR O 5 -67.41 12.06 -19.81
N ILE O 6 -67.03 10.88 -20.31
CA ILE O 6 -67.99 9.81 -20.56
C ILE O 6 -68.00 8.88 -19.35
N ILE O 7 -69.12 8.86 -18.62
CA ILE O 7 -69.17 8.28 -17.28
C ILE O 7 -69.39 6.77 -17.31
N ASP O 8 -69.53 6.19 -18.51
CA ASP O 8 -69.84 4.76 -18.62
C ASP O 8 -68.96 4.03 -19.64
N ALA O 9 -68.01 4.74 -20.25
CA ALA O 9 -67.07 4.17 -21.18
C ALA O 9 -66.15 3.17 -20.47
N VAL O 10 -65.66 2.17 -21.20
CA VAL O 10 -64.67 1.23 -20.68
C VAL O 10 -63.48 1.14 -21.64
N VAL O 11 -62.28 0.94 -21.05
CA VAL O 11 -61.01 0.88 -21.77
C VAL O 11 -60.27 -0.40 -21.34
N PHE O 12 -59.78 -1.15 -22.34
CA PHE O 12 -59.03 -2.38 -22.13
C PHE O 12 -57.96 -2.53 -23.20
N PRO O 13 -56.79 -3.17 -22.92
CA PRO O 13 -56.37 -3.53 -21.57
C PRO O 13 -55.55 -2.44 -20.89
N GLN O 14 -55.70 -2.31 -19.57
CA GLN O 14 -54.90 -1.39 -18.78
C GLN O 14 -54.31 -2.12 -17.57
N ASP O 15 -53.01 -1.88 -17.34
CA ASP O 15 -52.27 -2.33 -16.17
C ASP O 15 -51.17 -1.32 -15.87
N ASP O 16 -50.25 -1.69 -14.96
CA ASP O 16 -49.14 -0.86 -14.52
C ASP O 16 -48.34 -0.34 -15.72
N GLY O 17 -48.18 -1.21 -16.73
CA GLY O 17 -47.36 -0.92 -17.91
C GLY O 17 -48.01 0.09 -18.85
N THR O 18 -49.33 0.26 -18.75
CA THR O 18 -50.09 1.16 -19.61
C THR O 18 -50.14 2.56 -19.00
N GLY O 19 -50.10 2.65 -17.65
CA GLY O 19 -49.99 3.94 -16.98
C GLY O 19 -50.77 4.03 -15.66
N VAL O 20 -51.66 3.07 -15.40
CA VAL O 20 -52.50 3.08 -14.20
C VAL O 20 -51.69 2.57 -13.01
N SER O 21 -52.15 2.88 -11.78
CA SER O 21 -51.49 2.47 -10.56
C SER O 21 -51.65 0.96 -10.33
N ASN O 22 -51.00 0.41 -9.29
CA ASN O 22 -50.95 -1.03 -9.07
C ASN O 22 -52.32 -1.58 -8.63
N GLY O 23 -53.20 -0.70 -8.13
CA GLY O 23 -54.55 -1.08 -7.78
C GLY O 23 -55.49 -1.10 -8.99
N ASP O 24 -55.26 -0.17 -9.93
CA ASP O 24 -56.26 0.25 -10.91
C ASP O 24 -56.19 -0.55 -12.21
N GLU O 25 -55.80 -1.83 -12.13
CA GLU O 25 -55.69 -2.70 -13.30
C GLU O 25 -57.07 -3.13 -13.77
N ASP O 26 -57.19 -3.53 -15.05
CA ASP O 26 -58.42 -4.06 -15.61
C ASP O 26 -58.52 -5.55 -15.31
N TYR O 27 -59.76 -6.07 -15.26
CA TYR O 27 -60.02 -7.48 -15.06
C TYR O 27 -60.02 -8.25 -16.38
N ASP O 28 -59.88 -9.56 -16.26
CA ASP O 28 -59.57 -10.53 -17.30
C ASP O 28 -60.85 -11.03 -17.96
N SER O 29 -61.73 -10.10 -18.38
CA SER O 29 -63.08 -10.45 -18.82
C SER O 29 -63.08 -11.05 -20.23
N ALA O 30 -64.02 -11.96 -20.48
CA ALA O 30 -64.17 -12.66 -21.75
C ALA O 30 -64.58 -11.70 -22.86
N GLY O 31 -65.53 -10.81 -22.57
CA GLY O 31 -66.03 -9.83 -23.52
C GLY O 31 -64.93 -8.87 -23.98
N TYR O 32 -63.99 -8.56 -23.09
CA TYR O 32 -62.86 -7.69 -23.37
C TYR O 32 -61.88 -8.38 -24.31
N LEU O 33 -61.59 -9.66 -24.06
CA LEU O 33 -60.68 -10.44 -24.89
C LEU O 33 -61.25 -10.57 -26.30
N ALA O 34 -62.55 -10.85 -26.40
CA ALA O 34 -63.25 -11.02 -27.66
C ALA O 34 -63.31 -9.71 -28.45
N SER O 35 -63.55 -8.59 -27.75
CA SER O 35 -63.66 -7.28 -28.39
C SER O 35 -62.29 -6.78 -28.87
N LEU O 36 -61.23 -7.09 -28.12
CA LEU O 36 -59.87 -6.70 -28.48
C LEU O 36 -59.42 -7.49 -29.72
N ALA O 37 -59.77 -8.79 -29.75
CA ALA O 37 -59.36 -9.69 -30.81
C ALA O 37 -59.99 -9.30 -32.16
N ARG O 38 -60.89 -8.31 -32.12
CA ARG O 38 -61.60 -7.85 -33.30
C ARG O 38 -60.85 -6.71 -33.99
N TYR O 39 -59.70 -6.31 -33.44
CA TYR O 39 -58.79 -5.38 -34.10
C TYR O 39 -58.15 -6.07 -35.31
N ALA O 40 -57.97 -5.32 -36.42
CA ALA O 40 -57.49 -5.88 -37.66
C ALA O 40 -56.75 -4.88 -38.55
N GLY O 41 -56.93 -3.57 -38.31
CA GLY O 41 -56.28 -2.52 -39.07
C GLY O 41 -54.78 -2.39 -38.73
N ASP O 42 -54.22 -1.19 -38.95
CA ASP O 42 -52.84 -0.92 -38.57
C ASP O 42 -52.71 0.36 -37.74
N GLY O 43 -53.71 1.25 -37.82
CA GLY O 43 -53.70 2.51 -37.07
C GLY O 43 -54.83 2.56 -36.04
N SER O 44 -55.23 3.79 -35.67
CA SER O 44 -56.42 4.05 -34.87
C SER O 44 -57.62 4.16 -35.79
N TYR O 45 -58.74 3.51 -35.41
CA TYR O 45 -59.96 3.52 -36.21
C TYR O 45 -61.20 3.25 -35.36
N VAL O 46 -62.38 3.53 -35.94
CA VAL O 46 -63.67 3.21 -35.35
C VAL O 46 -64.17 1.90 -35.96
N GLY O 47 -64.53 0.96 -35.10
CA GLY O 47 -64.88 -0.40 -35.52
C GLY O 47 -66.26 -0.48 -36.18
N GLY O 48 -66.38 -1.40 -37.14
CA GLY O 48 -67.65 -1.73 -37.77
C GLY O 48 -68.32 -2.92 -37.09
N ASP O 49 -69.67 -2.96 -37.13
CA ASP O 49 -70.45 -4.03 -36.54
C ASP O 49 -70.31 -5.31 -37.38
N SER O 50 -71.27 -6.24 -37.23
CA SER O 50 -71.23 -7.53 -37.90
C SER O 50 -71.49 -7.41 -39.40
N THR O 51 -71.94 -6.23 -39.84
CA THR O 51 -72.21 -5.93 -41.24
C THR O 51 -71.05 -5.16 -41.86
N GLY O 52 -70.18 -4.62 -41.01
CA GLY O 52 -69.07 -3.78 -41.43
C GLY O 52 -69.38 -2.28 -41.33
N SER O 53 -70.65 -1.93 -41.11
CA SER O 53 -71.08 -0.55 -41.00
C SER O 53 -70.45 0.10 -39.75
N PRO O 54 -69.90 1.34 -39.85
CA PRO O 54 -69.26 2.00 -38.70
C PRO O 54 -70.18 2.16 -37.49
N THR O 55 -69.64 1.82 -36.32
CA THR O 55 -70.24 2.17 -35.03
C THR O 55 -69.86 3.61 -34.70
N LEU O 56 -70.28 4.12 -33.53
CA LEU O 56 -70.06 5.48 -33.07
C LEU O 56 -70.44 6.51 -34.14
N GLN O 57 -71.70 6.44 -34.60
CA GLN O 57 -72.24 7.40 -35.56
C GLN O 57 -72.55 8.72 -34.86
N PHE O 58 -72.47 9.83 -35.62
CA PHE O 58 -73.04 11.10 -35.22
C PHE O 58 -74.55 11.07 -35.44
N ALA O 59 -75.30 11.81 -34.63
CA ALA O 59 -76.75 11.92 -34.77
C ALA O 59 -77.27 13.25 -34.24
N ASN O 60 -78.43 13.68 -34.77
CA ASN O 60 -79.33 14.66 -34.18
C ASN O 60 -78.63 16.00 -33.95
N ILE O 61 -77.94 16.50 -34.99
CA ILE O 61 -77.19 17.75 -34.96
C ILE O 61 -78.18 18.91 -34.82
N ASP O 62 -77.93 19.81 -33.85
CA ASP O 62 -78.88 20.85 -33.49
C ASP O 62 -78.61 22.17 -34.21
N THR O 63 -77.56 22.19 -35.05
CA THR O 63 -77.16 23.33 -35.89
C THR O 63 -76.82 24.57 -35.04
N ALA O 64 -77.67 25.61 -35.12
CA ALA O 64 -77.45 26.88 -34.45
C ALA O 64 -77.50 26.72 -32.93
N ASN O 65 -78.07 25.59 -32.47
CA ASN O 65 -78.27 25.30 -31.06
C ASN O 65 -77.14 24.43 -30.50
N GLU O 66 -75.99 24.41 -31.19
CA GLU O 66 -74.72 23.86 -30.72
C GLU O 66 -74.67 22.33 -30.82
N GLU O 67 -75.51 21.63 -30.05
CA GLU O 67 -75.24 20.28 -29.55
C GLU O 67 -75.40 19.19 -30.62
N VAL O 68 -74.76 18.03 -30.37
CA VAL O 68 -74.74 16.85 -31.24
C VAL O 68 -74.67 15.59 -30.38
N ASP O 69 -75.19 14.46 -30.92
CA ASP O 69 -75.29 13.19 -30.20
C ASP O 69 -74.38 12.13 -30.83
N ILE O 70 -73.78 11.27 -29.97
CA ILE O 70 -72.90 10.19 -30.40
C ILE O 70 -73.52 8.84 -30.00
N GLN O 71 -73.60 7.92 -30.96
CA GLN O 71 -74.25 6.63 -30.80
C GLN O 71 -73.29 5.61 -30.17
N PRO O 72 -73.78 4.47 -29.59
CA PRO O 72 -72.90 3.45 -29.02
C PRO O 72 -72.08 2.68 -30.07
N GLY O 73 -70.98 2.07 -29.61
CA GLY O 73 -70.04 1.35 -30.46
C GLY O 73 -68.67 1.23 -29.81
N HIS O 74 -67.64 0.95 -30.63
CA HIS O 74 -66.28 0.84 -30.13
C HIS O 74 -65.25 1.38 -31.12
N ALA O 75 -64.17 1.94 -30.55
CA ALA O 75 -63.04 2.47 -31.30
C ALA O 75 -61.75 1.82 -30.80
N PHE O 76 -60.79 1.63 -31.71
CA PHE O 76 -59.46 1.20 -31.35
C PHE O 76 -58.52 2.39 -31.45
N ILE O 77 -57.91 2.74 -30.31
CA ILE O 77 -56.95 3.83 -30.22
C ILE O 77 -55.59 3.24 -29.85
N LEU O 78 -54.53 3.64 -30.57
CA LEU O 78 -53.18 3.15 -30.30
C LEU O 78 -52.51 4.01 -29.23
N GLU O 79 -51.58 3.41 -28.48
CA GLU O 79 -50.66 4.15 -27.61
C GLU O 79 -49.28 3.49 -27.60
N SER O 80 -48.25 4.35 -27.57
CA SER O 80 -46.84 3.98 -27.66
C SER O 80 -46.23 3.82 -26.27
N GLY O 81 -45.22 2.95 -26.18
CA GLY O 81 -44.28 2.91 -25.07
C GLY O 81 -44.81 2.20 -23.83
N HIS O 82 -45.77 1.30 -24.01
CA HIS O 82 -46.25 0.44 -22.93
C HIS O 82 -45.12 -0.47 -22.45
N ILE O 83 -45.09 -0.75 -21.14
CA ILE O 83 -44.13 -1.66 -20.54
C ILE O 83 -44.81 -3.02 -20.38
N VAL O 84 -44.04 -4.10 -20.60
CA VAL O 84 -44.52 -5.46 -20.41
C VAL O 84 -43.52 -6.24 -19.54
N GLN O 85 -43.93 -7.44 -19.12
CA GLN O 85 -43.17 -8.29 -18.21
C GLN O 85 -42.37 -9.32 -19.00
N SER O 86 -41.04 -9.29 -18.87
CA SER O 86 -40.16 -10.26 -19.51
C SER O 86 -40.29 -11.62 -18.83
N GLY O 87 -40.28 -12.69 -19.64
CA GLY O 87 -40.21 -14.06 -19.17
C GLY O 87 -41.31 -14.43 -18.18
N SER O 88 -40.90 -15.04 -17.07
CA SER O 88 -41.80 -15.45 -15.99
C SER O 88 -41.69 -14.49 -14.81
N GLN O 89 -41.29 -13.24 -15.09
CA GLN O 89 -41.08 -12.23 -14.06
C GLN O 89 -42.41 -11.54 -13.72
N LYS O 90 -42.52 -11.14 -12.45
CA LYS O 90 -43.57 -10.25 -11.96
C LYS O 90 -43.38 -8.85 -12.54
N THR O 91 -42.12 -8.40 -12.61
CA THR O 91 -41.80 -6.99 -12.82
C THR O 91 -41.94 -6.60 -14.30
N TYR O 92 -42.48 -5.40 -14.52
CA TYR O 92 -42.59 -4.77 -15.82
C TYR O 92 -41.25 -4.10 -16.14
N ASP O 93 -40.65 -4.50 -17.27
CA ASP O 93 -39.25 -4.17 -17.54
C ASP O 93 -38.98 -3.89 -19.02
N THR O 94 -39.86 -4.37 -19.92
CA THR O 94 -39.61 -4.37 -21.35
C THR O 94 -40.53 -3.37 -22.04
N ASN O 95 -39.92 -2.38 -22.71
CA ASN O 95 -40.66 -1.33 -23.41
C ASN O 95 -41.03 -1.83 -24.79
N LEU O 96 -42.31 -1.65 -25.18
CA LEU O 96 -42.75 -2.03 -26.52
C LEU O 96 -42.24 -0.99 -27.52
N PRO O 97 -41.65 -1.43 -28.67
CA PRO O 97 -41.06 -0.52 -29.64
C PRO O 97 -42.07 0.16 -30.57
N ASP O 98 -43.32 -0.31 -30.53
CA ASP O 98 -44.38 0.11 -31.44
C ASP O 98 -45.66 0.39 -30.65
N SER O 99 -46.59 1.11 -31.29
CA SER O 99 -47.87 1.53 -30.69
C SER O 99 -48.87 0.37 -30.75
N VAL O 100 -49.64 0.17 -29.67
CA VAL O 100 -50.53 -0.98 -29.54
C VAL O 100 -51.94 -0.54 -29.13
N PRO O 101 -53.02 -1.27 -29.56
CA PRO O 101 -54.40 -0.80 -29.37
C PRO O 101 -55.04 -1.01 -27.99
N TYR O 102 -55.69 0.05 -27.51
CA TYR O 102 -56.76 -0.05 -26.54
C TYR O 102 -58.08 -0.23 -27.30
N VAL O 103 -58.99 -1.04 -26.74
CA VAL O 103 -60.39 -1.00 -27.10
C VAL O 103 -61.04 0.10 -26.25
N VAL O 104 -61.76 1.01 -26.91
CA VAL O 104 -62.65 1.93 -26.21
C VAL O 104 -64.07 1.56 -26.60
N ILE O 105 -64.85 1.16 -25.58
CA ILE O 105 -66.23 0.73 -25.76
C ILE O 105 -67.13 1.77 -25.11
N LEU O 106 -68.07 2.33 -25.90
CA LEU O 106 -69.11 3.19 -25.37
C LEU O 106 -70.43 2.41 -25.35
N PRO O 107 -70.93 1.98 -24.17
CA PRO O 107 -72.13 1.14 -24.09
C PRO O 107 -73.48 1.85 -24.24
N SER O 108 -73.46 3.20 -24.28
CA SER O 108 -74.68 3.99 -24.40
C SER O 108 -74.46 5.19 -25.32
N SER O 109 -75.57 5.80 -25.75
CA SER O 109 -75.54 7.03 -26.52
C SER O 109 -75.11 8.21 -25.63
N VAL O 110 -74.18 9.02 -26.14
CA VAL O 110 -73.78 10.26 -25.48
C VAL O 110 -74.66 11.38 -26.05
N THR O 111 -75.61 11.85 -25.22
CA THR O 111 -76.59 12.85 -25.64
C THR O 111 -76.00 14.25 -25.49
N ASN O 112 -76.10 15.04 -26.56
CA ASN O 112 -75.96 16.49 -26.56
C ASN O 112 -74.58 16.95 -26.07
N VAL O 113 -73.53 16.53 -26.82
CA VAL O 113 -72.18 17.08 -26.72
C VAL O 113 -72.20 18.48 -27.34
N PRO O 114 -71.68 19.54 -26.67
CA PRO O 114 -71.66 20.89 -27.24
C PRO O 114 -70.63 21.09 -28.36
N LEU O 115 -70.93 22.06 -29.25
CA LEU O 115 -70.02 22.56 -30.29
C LEU O 115 -69.97 24.08 -30.20
N ASP O 116 -69.04 24.69 -30.94
CA ASP O 116 -69.03 26.13 -31.17
C ASP O 116 -70.01 26.46 -32.30
N THR O 117 -70.72 27.60 -32.17
CA THR O 117 -71.79 28.01 -33.08
C THR O 117 -71.22 28.55 -34.38
N ASP O 118 -71.95 28.32 -35.49
CA ASP O 118 -71.80 28.96 -36.80
C ASP O 118 -70.43 28.68 -37.44
N VAL O 119 -69.81 27.53 -37.14
CA VAL O 119 -68.44 27.23 -37.59
C VAL O 119 -68.24 25.74 -37.85
N ASP O 120 -67.11 25.41 -38.51
CA ASP O 120 -66.55 24.07 -38.57
C ASP O 120 -66.05 23.68 -37.18
N ASN O 121 -66.47 22.50 -36.70
CA ASN O 121 -65.99 21.96 -35.43
C ASN O 121 -65.38 20.58 -35.66
N ASP O 122 -64.25 20.30 -34.99
CA ASP O 122 -63.67 18.98 -34.90
C ASP O 122 -64.22 18.28 -33.65
N VAL O 123 -64.31 16.95 -33.70
CA VAL O 123 -64.71 16.13 -32.57
C VAL O 123 -63.70 14.99 -32.40
N TRP O 124 -63.17 14.85 -31.17
CA TRP O 124 -62.12 13.91 -30.82
C TRP O 124 -62.58 13.01 -29.67
N LEU O 125 -62.19 11.73 -29.71
CA LEU O 125 -62.37 10.80 -28.60
C LEU O 125 -61.00 10.48 -28.00
N ALA O 126 -60.88 10.63 -26.67
CA ALA O 126 -59.58 10.57 -26.01
C ALA O 126 -59.63 9.76 -24.72
N VAL O 127 -58.55 8.98 -24.48
CA VAL O 127 -58.36 8.18 -23.28
C VAL O 127 -57.28 8.85 -22.43
N ASP O 128 -57.62 9.14 -21.17
CA ASP O 128 -56.62 9.45 -20.17
C ASP O 128 -56.03 8.12 -19.70
N PRO O 129 -54.75 7.81 -19.99
CA PRO O 129 -54.17 6.51 -19.64
C PRO O 129 -53.82 6.37 -18.15
N THR O 130 -53.87 7.48 -17.40
CA THR O 130 -53.37 7.54 -16.03
C THR O 130 -54.39 7.00 -15.03
N SER O 131 -55.62 6.75 -15.47
CA SER O 131 -56.67 6.19 -14.63
C SER O 131 -57.49 5.18 -15.41
N ASN O 132 -58.06 4.20 -14.69
CA ASN O 132 -58.79 3.10 -15.31
C ASN O 132 -60.10 3.62 -15.88
N ASP O 133 -60.27 3.45 -17.20
CA ASP O 133 -61.50 3.69 -17.95
C ASP O 133 -61.92 5.16 -17.96
N SER O 134 -60.98 6.10 -17.78
CA SER O 134 -61.30 7.52 -17.89
C SER O 134 -61.22 7.97 -19.35
N VAL O 135 -62.39 8.24 -19.94
CA VAL O 135 -62.52 8.61 -21.36
C VAL O 135 -63.19 9.98 -21.44
N TYR O 136 -62.76 10.78 -22.44
CA TYR O 136 -63.33 12.10 -22.67
C TYR O 136 -63.47 12.43 -24.16
N ILE O 137 -64.35 13.41 -24.45
CA ILE O 137 -64.51 13.96 -25.79
C ILE O 137 -64.10 15.44 -25.78
N ARG O 138 -63.26 15.81 -26.74
CA ARG O 138 -63.00 17.20 -27.09
C ARG O 138 -63.75 17.54 -28.37
N SER O 139 -64.35 18.74 -28.38
CA SER O 139 -65.05 19.27 -29.54
C SER O 139 -64.79 20.78 -29.64
N GLY O 140 -64.84 21.31 -30.87
CA GLY O 140 -64.78 22.74 -31.07
C GLY O 140 -64.10 23.14 -32.38
N ASN O 141 -64.16 24.44 -32.68
CA ASN O 141 -63.36 25.10 -33.70
C ASN O 141 -62.02 25.45 -33.08
N GLY O 142 -60.93 25.22 -33.84
CA GLY O 142 -59.62 25.77 -33.54
C GLY O 142 -58.89 25.13 -32.36
N LEU O 143 -59.60 24.31 -31.58
CA LEU O 143 -59.04 23.65 -30.39
C LEU O 143 -58.04 22.58 -30.82
N SER O 144 -56.91 22.53 -30.10
CA SER O 144 -55.84 21.57 -30.35
C SER O 144 -56.35 20.14 -30.19
N ALA O 145 -55.82 19.23 -31.02
CA ALA O 145 -56.04 17.80 -30.88
C ALA O 145 -55.58 17.35 -29.49
N PRO O 146 -56.23 16.35 -28.85
CA PRO O 146 -55.80 15.86 -27.54
C PRO O 146 -54.38 15.29 -27.63
N SER O 147 -53.55 15.64 -26.64
CA SER O 147 -52.19 15.11 -26.53
C SER O 147 -52.24 13.65 -26.09
N ASP O 148 -53.27 13.28 -25.32
CA ASP O 148 -53.53 11.93 -24.86
C ASP O 148 -53.95 11.06 -26.05
N PRO O 149 -53.82 9.71 -25.96
CA PRO O 149 -54.23 8.81 -27.04
C PRO O 149 -55.66 9.09 -27.50
N SER O 150 -55.81 9.42 -28.79
CA SER O 150 -57.05 9.96 -29.31
C SER O 150 -57.24 9.67 -30.81
N VAL O 151 -58.50 9.76 -31.25
CA VAL O 151 -58.90 9.52 -32.63
C VAL O 151 -59.85 10.64 -33.08
N LYS O 152 -59.71 11.05 -34.34
CA LYS O 152 -60.48 12.14 -34.94
C LYS O 152 -61.85 11.62 -35.32
N LEU O 153 -62.75 11.59 -34.33
CA LEU O 153 -64.06 10.96 -34.40
C LEU O 153 -64.89 11.55 -35.56
N GLY O 154 -64.67 12.85 -35.82
CA GLY O 154 -65.18 13.49 -37.03
C GLY O 154 -65.14 15.01 -36.95
N THR O 155 -65.80 15.65 -37.94
CA THR O 155 -66.00 17.09 -37.98
C THR O 155 -67.45 17.40 -38.36
N VAL O 156 -68.03 18.40 -37.67
CA VAL O 156 -69.40 18.84 -37.85
C VAL O 156 -69.39 20.37 -37.96
N ASN O 157 -70.11 20.90 -38.95
CA ASN O 157 -70.25 22.34 -39.12
C ASN O 157 -71.60 22.77 -38.54
N SER O 158 -71.55 23.67 -37.55
CA SER O 158 -72.73 24.08 -36.79
C SER O 158 -73.57 25.10 -37.57
N SER O 159 -72.95 25.75 -38.57
CA SER O 159 -73.65 26.66 -39.46
C SER O 159 -74.51 25.87 -40.44
N THR O 160 -73.89 24.91 -41.15
CA THR O 160 -74.49 24.24 -42.30
C THR O 160 -75.12 22.90 -41.92
N GLY O 161 -74.59 22.27 -40.87
CA GLY O 161 -75.01 20.93 -40.47
C GLY O 161 -74.30 19.83 -41.24
N SER O 162 -73.33 20.21 -42.08
CA SER O 162 -72.53 19.28 -42.87
C SER O 162 -71.50 18.59 -41.97
N THR O 163 -71.20 17.32 -42.26
CA THR O 163 -70.25 16.52 -41.48
C THR O 163 -69.38 15.67 -42.41
N THR O 164 -68.12 15.44 -41.99
CA THR O 164 -67.25 14.41 -42.54
C THR O 164 -66.45 13.77 -41.39
N ARG O 165 -65.87 12.58 -41.64
CA ARG O 165 -65.13 11.85 -40.63
C ARG O 165 -64.10 10.92 -41.29
N PRO O 166 -62.78 11.10 -41.01
CA PRO O 166 -61.75 10.32 -41.69
C PRO O 166 -61.46 8.88 -41.24
N ASN O 167 -61.81 8.55 -39.98
CA ASN O 167 -61.30 7.34 -39.35
C ASN O 167 -62.38 6.28 -39.15
N ASP O 168 -63.42 6.27 -40.01
CA ASP O 168 -64.66 5.56 -39.71
C ASP O 168 -64.60 4.06 -40.03
N LEU O 169 -63.44 3.56 -40.51
CA LEU O 169 -63.15 2.13 -40.62
C LEU O 169 -61.64 1.90 -40.67
N ALA O 170 -61.24 0.63 -40.65
CA ALA O 170 -59.84 0.23 -40.55
C ALA O 170 -59.06 0.64 -41.80
N ASP O 171 -57.97 1.41 -41.59
CA ASP O 171 -56.90 1.48 -42.57
C ASP O 171 -56.02 0.25 -42.35
N HIS O 172 -55.62 -0.43 -43.45
CA HIS O 172 -54.96 -1.72 -43.35
C HIS O 172 -53.93 -1.88 -44.47
N SER O 173 -52.85 -2.62 -44.17
CA SER O 173 -51.77 -2.86 -45.13
C SER O 173 -51.28 -4.31 -45.06
N VAL O 174 -50.98 -4.86 -46.25
CA VAL O 174 -50.68 -6.26 -46.48
C VAL O 174 -49.55 -6.36 -47.52
N ASP O 175 -49.00 -7.57 -47.70
CA ASP O 175 -48.28 -7.86 -48.93
C ASP O 175 -49.27 -8.42 -49.96
N ALA O 176 -49.78 -9.63 -49.72
CA ALA O 176 -50.67 -10.31 -50.65
C ALA O 176 -52.07 -10.44 -50.04
N LEU O 177 -53.08 -9.98 -50.80
CA LEU O 177 -54.48 -10.24 -50.48
C LEU O 177 -55.00 -11.33 -51.41
N ASN O 178 -55.44 -12.45 -50.83
CA ASN O 178 -56.08 -13.53 -51.55
C ASN O 178 -57.58 -13.47 -51.28
N ALA O 179 -58.40 -13.34 -52.33
CA ALA O 179 -59.83 -13.09 -52.17
C ALA O 179 -60.65 -13.97 -53.12
N THR O 180 -61.95 -14.11 -52.79
CA THR O 180 -62.96 -14.47 -53.78
C THR O 180 -63.39 -13.19 -54.51
N THR O 181 -64.00 -12.24 -53.79
CA THR O 181 -64.57 -11.05 -54.40
C THR O 181 -64.09 -9.78 -53.71
N ILE O 182 -63.92 -8.70 -54.50
CA ILE O 182 -63.48 -7.41 -54.00
C ILE O 182 -64.37 -6.31 -54.59
N ASP O 183 -64.69 -5.31 -53.76
CA ASP O 183 -65.62 -4.24 -54.08
C ASP O 183 -65.15 -2.94 -53.41
N ALA O 184 -64.97 -1.85 -54.20
CA ALA O 184 -64.35 -0.64 -53.68
C ALA O 184 -65.11 0.63 -54.08
N SER O 185 -65.21 1.56 -53.12
CA SER O 185 -66.14 2.69 -53.14
C SER O 185 -65.47 3.97 -53.65
N ASP O 186 -64.21 3.85 -54.08
CA ASP O 186 -63.43 4.86 -54.80
C ASP O 186 -62.39 4.09 -55.61
N THR O 187 -61.18 4.65 -55.80
CA THR O 187 -60.26 4.07 -56.78
C THR O 187 -59.78 2.68 -56.36
N VAL O 188 -59.74 1.76 -57.35
CA VAL O 188 -58.93 0.56 -57.31
C VAL O 188 -57.72 0.82 -58.21
N THR O 189 -56.59 1.14 -57.58
CA THR O 189 -55.36 1.45 -58.30
C THR O 189 -54.39 0.28 -58.20
N GLY O 190 -53.92 -0.16 -59.37
CA GLY O 190 -52.63 -0.82 -59.46
C GLY O 190 -51.73 -0.04 -60.40
N ASP O 191 -50.45 -0.43 -60.44
CA ASP O 191 -49.61 -0.08 -61.58
C ASP O 191 -49.93 -1.07 -62.70
N THR O 192 -50.27 -2.30 -62.31
CA THR O 192 -50.67 -3.37 -63.20
C THR O 192 -52.08 -3.85 -62.83
N VAL O 193 -53.00 -3.80 -63.81
CA VAL O 193 -54.30 -4.44 -63.71
C VAL O 193 -54.30 -5.66 -64.64
N ASP O 194 -54.76 -6.80 -64.10
CA ASP O 194 -54.59 -8.11 -64.72
C ASP O 194 -55.91 -8.87 -64.66
N ALA O 195 -56.56 -9.07 -65.82
CA ALA O 195 -57.92 -9.55 -65.89
C ALA O 195 -58.02 -10.84 -66.73
N THR O 196 -57.79 -11.99 -66.08
CA THR O 196 -58.05 -13.28 -66.70
C THR O 196 -59.56 -13.51 -66.77
N THR O 197 -60.00 -14.25 -67.80
CA THR O 197 -61.32 -14.86 -67.92
C THR O 197 -62.40 -13.85 -68.36
N THR O 198 -62.41 -12.63 -67.81
CA THR O 198 -63.35 -11.57 -68.19
C THR O 198 -62.85 -10.19 -67.77
N LEU O 199 -63.04 -9.20 -68.65
CA LEU O 199 -62.91 -7.78 -68.35
C LEU O 199 -64.22 -7.07 -68.72
N THR O 200 -64.51 -5.97 -68.00
CA THR O 200 -65.72 -5.15 -68.18
C THR O 200 -65.33 -3.67 -68.04
N ASP O 201 -66.24 -2.74 -68.41
CA ASP O 201 -65.88 -1.33 -68.55
C ASP O 201 -66.93 -0.39 -67.95
N ALA O 202 -66.68 0.92 -68.09
CA ALA O 202 -67.34 2.00 -67.35
C ALA O 202 -68.78 2.24 -67.81
N ALA O 203 -69.16 1.72 -68.98
CA ALA O 203 -70.52 1.81 -69.49
C ALA O 203 -71.18 0.43 -69.53
N GLY O 204 -70.40 -0.63 -69.78
CA GLY O 204 -70.76 -1.98 -69.35
C GLY O 204 -70.64 -3.08 -70.40
N VAL O 205 -69.58 -3.05 -71.23
CA VAL O 205 -69.36 -4.08 -72.23
C VAL O 205 -68.39 -5.14 -71.68
N SER O 206 -68.72 -6.42 -71.89
CA SER O 206 -67.89 -7.56 -71.53
C SER O 206 -66.87 -7.84 -72.63
N HIS O 207 -65.65 -8.21 -72.23
CA HIS O 207 -64.53 -8.47 -73.14
C HIS O 207 -63.78 -9.73 -72.70
N THR O 208 -63.30 -10.54 -73.67
CA THR O 208 -62.64 -11.82 -73.38
C THR O 208 -61.40 -12.07 -74.26
N GLY O 209 -61.04 -11.09 -75.10
CA GLY O 209 -59.88 -11.18 -75.97
C GLY O 209 -58.86 -10.09 -75.65
N GLU O 210 -58.71 -9.14 -76.59
CA GLU O 210 -57.80 -8.02 -76.47
C GLU O 210 -58.45 -6.71 -76.96
N LEU O 211 -57.92 -5.57 -76.49
CA LEU O 211 -58.53 -4.25 -76.62
C LEU O 211 -57.81 -3.41 -77.67
N GLU O 212 -58.42 -2.25 -78.03
CA GLU O 212 -57.90 -1.34 -79.03
C GLU O 212 -57.25 -0.11 -78.38
N ASP O 213 -56.03 0.19 -78.85
CA ASP O 213 -55.20 1.30 -78.43
C ASP O 213 -55.51 2.52 -79.29
N ILE O 214 -54.94 3.67 -78.92
CA ILE O 214 -54.73 4.77 -79.87
C ILE O 214 -53.73 4.28 -80.92
N ASN O 215 -53.83 4.85 -82.13
CA ASN O 215 -52.97 4.52 -83.26
C ASN O 215 -53.27 3.12 -83.81
N HIS O 216 -54.55 2.72 -83.74
CA HIS O 216 -54.99 1.43 -84.26
C HIS O 216 -55.28 1.50 -85.75
N GLY O 217 -55.77 2.66 -86.21
CA GLY O 217 -56.37 2.86 -87.52
C GLY O 217 -55.57 2.28 -88.69
N SER O 218 -54.23 2.41 -88.59
CA SER O 218 -53.27 1.95 -89.58
C SER O 218 -53.44 0.47 -89.93
N LYS O 219 -54.09 -0.29 -89.03
CA LYS O 219 -54.25 -1.74 -89.19
C LYS O 219 -55.20 -2.06 -90.36
N HIS O 220 -56.23 -1.23 -90.56
CA HIS O 220 -57.39 -1.51 -91.39
C HIS O 220 -57.03 -1.59 -92.88
N GLU O 221 -55.79 -1.20 -93.22
CA GLU O 221 -55.33 -1.04 -94.60
C GLU O 221 -55.09 -2.41 -95.25
N ASP O 222 -54.92 -2.39 -96.58
CA ASP O 222 -54.85 -3.55 -97.48
C ASP O 222 -53.92 -4.63 -96.92
N GLY O 223 -54.50 -5.81 -96.62
CA GLY O 223 -53.74 -6.97 -96.20
C GLY O 223 -53.40 -6.97 -94.72
N GLY O 224 -53.66 -5.84 -94.03
CA GLY O 224 -53.49 -5.73 -92.59
C GLY O 224 -54.64 -6.42 -91.84
N SER O 225 -54.53 -6.42 -90.50
CA SER O 225 -55.56 -7.01 -89.64
C SER O 225 -56.76 -6.06 -89.54
N ASP O 226 -57.95 -6.64 -89.35
CA ASP O 226 -59.23 -5.93 -89.21
C ASP O 226 -59.51 -5.07 -90.45
N GLU O 227 -59.42 -5.69 -91.64
CA GLU O 227 -59.58 -5.05 -92.94
C GLU O 227 -61.05 -4.68 -93.18
N ILE O 228 -61.30 -3.53 -93.83
CA ILE O 228 -62.63 -2.95 -94.00
C ILE O 228 -62.94 -2.75 -95.49
N SER O 229 -64.23 -2.88 -95.85
CA SER O 229 -64.72 -2.63 -97.19
C SER O 229 -65.01 -1.13 -97.38
N VAL O 230 -64.62 -0.61 -98.54
CA VAL O 230 -64.88 0.78 -98.92
C VAL O 230 -66.24 0.87 -99.62
N GLY O 231 -66.85 -0.29 -99.90
CA GLY O 231 -68.14 -0.39 -100.56
C GLY O 231 -69.22 0.41 -99.84
N GLY O 232 -69.66 1.52 -100.47
CA GLY O 232 -70.75 2.33 -99.97
C GLY O 232 -70.31 3.51 -99.11
N LEU O 233 -68.99 3.69 -98.93
CA LEU O 233 -68.46 4.81 -98.17
C LEU O 233 -68.65 6.11 -98.96
N SER O 234 -68.73 7.23 -98.23
CA SER O 234 -69.08 8.54 -98.77
C SER O 234 -67.99 9.57 -98.48
N GLY O 235 -67.80 10.53 -99.41
CA GLY O 235 -66.75 11.53 -99.34
C GLY O 235 -65.91 11.57 -100.62
N ASP O 236 -64.99 12.55 -100.71
CA ASP O 236 -64.16 12.78 -101.89
C ASP O 236 -62.67 12.66 -101.52
N LEU O 237 -61.96 11.81 -102.26
CA LEU O 237 -60.54 11.52 -102.06
C LEU O 237 -59.67 12.66 -102.54
N ALA O 238 -58.47 12.77 -101.95
CA ALA O 238 -57.42 13.63 -102.45
C ALA O 238 -56.78 13.01 -103.70
N ASP O 239 -56.48 11.70 -103.61
CA ASP O 239 -55.84 10.95 -104.69
C ASP O 239 -56.88 10.57 -105.75
N PRO O 240 -56.69 10.97 -107.04
CA PRO O 240 -57.59 10.58 -108.11
C PRO O 240 -57.46 9.10 -108.48
N GLN O 241 -58.60 8.41 -108.56
CA GLN O 241 -58.66 6.96 -108.69
C GLN O 241 -58.73 6.55 -110.17
N ASP O 242 -58.34 5.30 -110.45
CA ASP O 242 -58.59 4.65 -111.74
C ASP O 242 -60.09 4.70 -112.01
N PRO O 243 -60.57 5.30 -113.12
CA PRO O 243 -62.00 5.30 -113.43
C PRO O 243 -62.52 3.95 -113.95
N LYS O 244 -63.71 3.60 -113.46
CA LYS O 244 -64.51 2.44 -113.83
C LYS O 244 -65.00 2.59 -115.27
N ALA O 245 -65.60 1.53 -115.84
CA ALA O 245 -66.16 1.57 -117.18
C ALA O 245 -67.26 2.63 -117.28
N HIS O 246 -67.16 3.51 -118.28
CA HIS O 246 -67.90 4.77 -118.25
C HIS O 246 -68.08 5.43 -119.63
N ALA O 247 -67.50 4.88 -120.71
CA ALA O 247 -67.33 5.58 -121.98
C ALA O 247 -68.61 6.21 -122.54
N ALA O 248 -69.77 5.60 -122.23
CA ALA O 248 -71.07 6.07 -122.68
C ALA O 248 -71.38 7.47 -122.17
N SER O 249 -70.62 7.94 -121.16
CA SER O 249 -70.78 9.27 -120.59
C SER O 249 -70.10 10.33 -121.48
N HIS O 250 -69.53 9.89 -122.62
CA HIS O 250 -68.95 10.78 -123.61
C HIS O 250 -69.91 10.97 -124.79
N SER O 251 -71.21 10.71 -124.57
CA SER O 251 -72.25 10.80 -125.59
C SER O 251 -72.72 12.25 -125.75
N ALA O 252 -73.59 12.48 -126.75
CA ALA O 252 -74.20 13.78 -127.01
C ALA O 252 -75.33 14.05 -126.02
N ASP O 253 -75.99 12.97 -125.54
CA ASP O 253 -77.20 13.07 -124.75
C ASP O 253 -76.91 12.97 -123.24
N SER O 254 -75.67 12.63 -122.88
CA SER O 254 -75.29 12.39 -121.49
C SER O 254 -75.06 13.69 -120.72
N ALA O 255 -75.00 13.59 -119.38
CA ALA O 255 -74.84 14.71 -118.48
C ALA O 255 -73.45 15.35 -118.66
N ASP O 256 -72.42 14.50 -118.73
CA ASP O 256 -71.12 14.88 -119.27
C ASP O 256 -71.21 14.93 -120.80
N GLU O 257 -70.53 15.90 -121.41
CA GLU O 257 -70.58 16.16 -122.84
C GLU O 257 -69.22 16.61 -123.36
N ILE O 258 -68.91 16.23 -124.61
CA ILE O 258 -67.76 16.73 -125.37
C ILE O 258 -68.17 16.85 -126.83
N SER O 259 -67.63 17.86 -127.54
CA SER O 259 -67.97 18.11 -128.94
C SER O 259 -66.72 18.06 -129.81
N VAL O 260 -66.91 17.69 -131.09
CA VAL O 260 -65.81 17.35 -132.00
C VAL O 260 -64.96 18.59 -132.29
N GLU O 261 -65.59 19.77 -132.34
CA GLU O 261 -64.90 21.03 -132.57
C GLU O 261 -64.05 21.44 -131.35
N ASN O 262 -64.06 20.61 -130.30
CA ASN O 262 -63.23 20.80 -129.12
C ASN O 262 -62.12 19.75 -129.05
N LEU O 263 -62.23 18.68 -129.85
CA LEU O 263 -61.34 17.52 -129.75
C LEU O 263 -60.06 17.74 -130.56
N SER O 264 -59.03 16.96 -130.21
CA SER O 264 -57.69 17.04 -130.79
C SER O 264 -57.58 16.19 -132.06
N THR O 265 -56.61 16.54 -132.93
CA THR O 265 -56.21 15.74 -134.07
C THR O 265 -54.75 16.01 -134.45
N THR O 266 -54.13 15.02 -135.10
CA THR O 266 -52.79 15.15 -135.67
C THR O 266 -52.87 15.59 -137.13
N GLY O 267 -54.08 15.55 -137.71
CA GLY O 267 -54.31 15.85 -139.12
C GLY O 267 -54.01 17.30 -139.47
N SER O 268 -53.24 17.50 -140.56
CA SER O 268 -52.84 18.81 -141.06
C SER O 268 -54.06 19.59 -141.54
N ALA O 269 -53.86 20.89 -141.87
CA ALA O 269 -54.92 21.77 -142.33
C ALA O 269 -55.64 21.16 -143.54
N ASP O 270 -56.98 21.32 -143.56
CA ASP O 270 -57.91 20.84 -144.58
C ASP O 270 -58.14 19.31 -144.52
N THR O 271 -57.57 18.61 -143.53
CA THR O 271 -57.81 17.17 -143.42
C THR O 271 -59.18 16.90 -142.78
N VAL O 272 -59.70 15.70 -143.03
CA VAL O 272 -61.01 15.24 -142.56
C VAL O 272 -60.86 13.82 -142.03
N PRO O 273 -61.47 13.45 -140.88
CA PRO O 273 -61.43 12.05 -140.40
C PRO O 273 -62.40 11.18 -141.21
N ILE O 274 -61.88 10.10 -141.81
CA ILE O 274 -62.65 9.24 -142.69
C ILE O 274 -62.42 7.77 -142.32
N SER O 275 -63.44 6.94 -142.57
CA SER O 275 -63.42 5.52 -142.23
C SER O 275 -62.58 4.73 -143.24
N GLN O 276 -61.79 3.79 -142.70
CA GLN O 276 -61.00 2.84 -143.48
C GLN O 276 -61.78 1.54 -143.68
N GLY O 277 -62.96 1.46 -143.06
CA GLY O 277 -63.59 0.18 -142.75
C GLY O 277 -62.93 -0.43 -141.52
N ASP O 278 -63.33 -1.66 -141.16
CA ASP O 278 -62.79 -2.41 -140.03
C ASP O 278 -62.82 -1.56 -138.75
N GLY O 279 -63.92 -0.79 -138.59
CA GLY O 279 -64.20 0.04 -137.43
C GLY O 279 -63.17 1.16 -137.17
N THR O 280 -62.35 1.49 -138.19
CA THR O 280 -61.14 2.28 -138.02
C THR O 280 -61.27 3.64 -138.73
N LEU O 281 -60.92 4.72 -138.03
CA LEU O 281 -60.83 6.06 -138.60
C LEU O 281 -59.39 6.35 -139.01
N SER O 282 -59.24 7.31 -139.96
CA SER O 282 -57.97 7.78 -140.47
C SER O 282 -58.13 9.24 -140.93
N MET O 283 -57.03 9.99 -140.96
CA MET O 283 -57.06 11.35 -141.48
C MET O 283 -56.71 11.35 -142.98
N GLY O 284 -57.63 11.92 -143.78
CA GLY O 284 -57.49 12.05 -145.22
C GLY O 284 -57.93 13.43 -145.72
N SER O 285 -58.09 13.56 -147.04
CA SER O 285 -58.44 14.83 -147.68
C SER O 285 -59.64 14.66 -148.62
N ALA P 2 37.10 -27.25 19.06
CA ALA P 2 35.87 -27.87 18.47
C ALA P 2 34.91 -28.27 19.58
N ASP P 3 33.60 -28.21 19.25
CA ASP P 3 32.49 -28.51 20.13
C ASP P 3 31.27 -28.79 19.26
N THR P 4 30.33 -29.62 19.75
CA THR P 4 29.15 -30.04 19.01
C THR P 4 28.07 -30.52 19.97
N THR P 5 27.08 -29.67 20.23
CA THR P 5 25.96 -30.02 21.09
C THR P 5 24.96 -30.85 20.29
N ILE P 6 24.46 -31.93 20.91
CA ILE P 6 23.38 -32.73 20.35
C ILE P 6 22.10 -32.34 21.09
N ILE P 7 21.08 -31.89 20.33
CA ILE P 7 19.93 -31.24 20.94
C ILE P 7 18.94 -32.24 21.54
N ASP P 8 18.95 -33.49 21.04
CA ASP P 8 17.93 -34.46 21.40
C ASP P 8 18.50 -35.63 22.20
N ALA P 9 19.76 -35.52 22.63
CA ALA P 9 20.39 -36.50 23.49
C ALA P 9 19.75 -36.48 24.88
N VAL P 10 19.66 -37.65 25.53
CA VAL P 10 19.16 -37.73 26.90
C VAL P 10 20.15 -38.49 27.78
N VAL P 11 20.32 -37.98 29.01
CA VAL P 11 21.24 -38.50 30.02
C VAL P 11 20.40 -38.94 31.21
N PHE P 12 20.69 -40.14 31.75
CA PHE P 12 19.98 -40.67 32.90
C PHE P 12 20.92 -41.58 33.69
N PRO P 13 20.85 -41.68 35.05
CA PRO P 13 20.01 -40.83 35.91
C PRO P 13 20.73 -39.61 36.52
N GLN P 14 19.96 -38.57 36.85
CA GLN P 14 20.52 -37.31 37.36
C GLN P 14 19.70 -36.75 38.53
N ASP P 15 20.40 -36.41 39.61
CA ASP P 15 19.86 -35.87 40.86
C ASP P 15 20.70 -34.67 41.33
N ASP P 16 20.25 -34.06 42.44
CA ASP P 16 21.04 -33.16 43.29
C ASP P 16 22.41 -33.77 43.58
N GLY P 17 22.45 -35.11 43.69
CA GLY P 17 23.63 -35.87 44.08
C GLY P 17 24.59 -36.11 42.92
N THR P 18 24.08 -35.96 41.68
CA THR P 18 24.90 -35.81 40.48
C THR P 18 25.16 -34.31 40.31
N GLY P 19 25.62 -33.88 39.13
CA GLY P 19 26.09 -32.53 38.93
C GLY P 19 24.99 -31.45 38.88
N VAL P 20 23.71 -31.85 38.85
CA VAL P 20 22.61 -30.94 38.52
C VAL P 20 22.07 -30.24 39.77
N SER P 21 21.34 -29.13 39.57
CA SER P 21 20.75 -28.32 40.64
C SER P 21 19.41 -28.90 41.09
N ASN P 22 18.70 -28.20 42.01
CA ASN P 22 17.59 -28.80 42.75
C ASN P 22 16.32 -28.95 41.91
N GLY P 23 16.12 -28.08 40.91
CA GLY P 23 14.93 -28.16 40.06
C GLY P 23 15.10 -29.14 38.89
N ASP P 24 16.35 -29.51 38.60
CA ASP P 24 16.74 -30.01 37.28
C ASP P 24 16.77 -31.54 37.20
N GLU P 25 16.32 -32.24 38.24
CA GLU P 25 16.50 -33.68 38.36
C GLU P 25 15.70 -34.42 37.28
N ASP P 26 16.22 -35.59 36.85
CA ASP P 26 15.61 -36.39 35.80
C ASP P 26 14.24 -36.90 36.24
N TYR P 27 13.38 -37.20 35.26
CA TYR P 27 12.09 -37.83 35.49
C TYR P 27 12.21 -39.34 35.35
N ASP P 28 11.35 -40.04 36.11
CA ASP P 28 11.41 -41.47 36.39
C ASP P 28 10.66 -42.25 35.31
N SER P 29 11.15 -42.21 34.05
CA SER P 29 10.47 -42.90 32.95
C SER P 29 10.79 -44.39 32.98
N ALA P 30 9.83 -45.20 32.52
CA ALA P 30 9.96 -46.64 32.38
C ALA P 30 11.12 -46.98 31.45
N GLY P 31 11.20 -46.28 30.31
CA GLY P 31 12.22 -46.50 29.30
C GLY P 31 13.63 -46.19 29.80
N TYR P 32 13.74 -45.27 30.76
CA TYR P 32 15.01 -44.90 31.35
C TYR P 32 15.51 -46.02 32.27
N LEU P 33 14.61 -46.60 33.06
CA LEU P 33 14.93 -47.71 33.94
C LEU P 33 15.35 -48.93 33.10
N ALA P 34 14.59 -49.20 32.04
CA ALA P 34 14.81 -50.34 31.16
C ALA P 34 16.13 -50.21 30.40
N SER P 35 16.46 -48.98 29.96
CA SER P 35 17.69 -48.73 29.22
C SER P 35 18.90 -48.73 30.14
N LEU P 36 18.73 -48.26 31.40
CA LEU P 36 19.82 -48.26 32.36
C LEU P 36 20.13 -49.69 32.81
N ALA P 37 19.07 -50.50 32.97
CA ALA P 37 19.20 -51.90 33.39
C ALA P 37 19.86 -52.76 32.32
N ARG P 38 20.04 -52.19 31.11
CA ARG P 38 20.66 -52.87 29.98
C ARG P 38 22.19 -52.95 30.18
N TYR P 39 22.72 -52.18 31.15
CA TYR P 39 24.14 -52.17 31.49
C TYR P 39 24.59 -53.57 31.91
N ALA P 40 25.76 -54.00 31.43
CA ALA P 40 26.22 -55.37 31.58
C ALA P 40 27.75 -55.47 31.74
N GLY P 41 28.49 -54.48 31.20
CA GLY P 41 29.94 -54.47 31.26
C GLY P 41 30.49 -54.00 32.60
N ASP P 42 31.73 -53.51 32.60
CA ASP P 42 32.41 -53.10 33.82
C ASP P 42 32.97 -51.67 33.73
N GLY P 43 33.03 -51.11 32.50
CA GLY P 43 33.57 -49.78 32.28
C GLY P 43 32.56 -48.84 31.62
N SER P 44 33.08 -47.78 30.98
CA SER P 44 32.33 -46.97 30.03
C SER P 44 32.42 -47.65 28.67
N TYR P 45 31.26 -47.82 27.99
CA TYR P 45 31.20 -48.53 26.73
C TYR P 45 29.96 -48.13 25.93
N VAL P 46 29.95 -48.49 24.62
CA VAL P 46 28.82 -48.23 23.73
C VAL P 46 27.96 -49.48 23.64
N GLY P 47 26.64 -49.30 23.76
CA GLY P 47 25.68 -50.39 23.84
C GLY P 47 25.40 -51.05 22.49
N GLY P 48 24.99 -52.32 22.53
CA GLY P 48 24.64 -53.11 21.36
C GLY P 48 23.13 -53.34 21.24
N ASP P 49 22.68 -53.64 20.02
CA ASP P 49 21.26 -53.77 19.71
C ASP P 49 20.73 -55.15 20.13
N SER P 50 19.54 -55.51 19.61
CA SER P 50 18.85 -56.75 19.94
C SER P 50 19.52 -57.95 19.26
N THR P 51 20.55 -57.69 18.45
CA THR P 51 21.36 -58.73 17.81
C THR P 51 22.83 -58.58 18.21
N GLY P 52 23.11 -57.62 19.10
CA GLY P 52 24.44 -57.44 19.68
C GLY P 52 25.39 -56.63 18.81
N SER P 53 24.89 -56.06 17.70
CA SER P 53 25.66 -55.15 16.87
C SER P 53 25.89 -53.86 17.64
N PRO P 54 27.14 -53.33 17.71
CA PRO P 54 27.39 -52.05 18.39
C PRO P 54 26.61 -50.91 17.75
N THR P 55 26.02 -50.04 18.58
CA THR P 55 25.31 -48.87 18.10
C THR P 55 26.28 -47.69 18.04
N LEU P 56 25.77 -46.51 17.66
CA LEU P 56 26.54 -45.29 17.38
C LEU P 56 27.62 -45.58 16.35
N GLN P 57 27.23 -46.23 15.25
CA GLN P 57 28.10 -46.55 14.14
C GLN P 57 28.43 -45.29 13.35
N PHE P 58 29.57 -45.31 12.64
CA PHE P 58 29.90 -44.30 11.65
C PHE P 58 29.24 -44.66 10.32
N ALA P 59 28.76 -43.64 9.61
CA ALA P 59 28.15 -43.78 8.30
C ALA P 59 28.46 -42.55 7.44
N ASN P 60 28.36 -42.70 6.12
CA ASN P 60 28.48 -41.65 5.12
C ASN P 60 29.79 -40.86 5.31
N ILE P 61 30.92 -41.57 5.48
CA ILE P 61 32.22 -40.98 5.75
C ILE P 61 32.71 -40.26 4.49
N ASP P 62 33.06 -38.97 4.62
CA ASP P 62 33.22 -38.09 3.46
C ASP P 62 34.69 -37.87 3.07
N THR P 63 35.60 -38.71 3.59
CA THR P 63 37.03 -38.67 3.28
C THR P 63 37.63 -37.29 3.59
N ALA P 64 38.26 -36.66 2.58
CA ALA P 64 38.99 -35.41 2.75
C ALA P 64 38.05 -34.22 2.94
N ASN P 65 36.74 -34.46 2.77
CA ASN P 65 35.72 -33.41 2.76
C ASN P 65 35.23 -33.08 4.19
N GLU P 66 35.94 -33.58 5.21
CA GLU P 66 35.95 -33.06 6.58
C GLU P 66 34.79 -33.55 7.46
N GLU P 67 33.93 -34.49 7.01
CA GLU P 67 32.69 -34.78 7.74
C GLU P 67 32.33 -36.26 7.80
N VAL P 68 31.53 -36.64 8.84
CA VAL P 68 31.08 -38.01 9.12
C VAL P 68 29.75 -37.97 9.89
N ASP P 69 28.95 -39.05 9.77
CA ASP P 69 27.65 -39.17 10.42
C ASP P 69 27.69 -40.24 11.52
N ILE P 70 27.22 -39.87 12.73
CA ILE P 70 27.00 -40.80 13.83
C ILE P 70 25.55 -41.30 13.73
N GLN P 71 25.38 -42.62 13.59
CA GLN P 71 24.05 -43.24 13.57
C GLN P 71 23.48 -43.27 14.99
N PRO P 72 22.14 -43.41 15.18
CA PRO P 72 21.54 -43.45 16.52
C PRO P 72 22.00 -44.65 17.36
N GLY P 73 21.81 -44.54 18.67
CA GLY P 73 22.16 -45.61 19.61
C GLY P 73 22.28 -45.11 21.04
N HIS P 74 23.01 -45.88 21.86
CA HIS P 74 23.15 -45.59 23.27
C HIS P 74 24.53 -46.00 23.78
N ALA P 75 24.96 -45.34 24.86
CA ALA P 75 26.26 -45.54 25.47
C ALA P 75 26.15 -45.42 26.99
N PHE P 76 27.11 -46.05 27.68
CA PHE P 76 27.20 -46.03 29.12
C PHE P 76 28.49 -45.34 29.53
N ILE P 77 28.36 -44.29 30.35
CA ILE P 77 29.48 -43.43 30.71
C ILE P 77 29.56 -43.36 32.24
N LEU P 78 30.72 -43.76 32.78
CA LEU P 78 30.91 -43.82 34.22
C LEU P 78 31.28 -42.43 34.75
N GLU P 79 30.76 -42.12 35.95
CA GLU P 79 31.22 -41.01 36.76
C GLU P 79 31.36 -41.47 38.21
N SER P 80 32.42 -41.01 38.87
CA SER P 80 32.68 -41.25 40.28
C SER P 80 32.30 -40.03 41.11
N GLY P 81 32.02 -40.27 42.40
CA GLY P 81 31.89 -39.21 43.40
C GLY P 81 30.48 -38.64 43.52
N HIS P 82 29.46 -39.44 43.15
CA HIS P 82 28.07 -39.05 43.34
C HIS P 82 27.71 -39.11 44.83
N ILE P 83 26.80 -38.22 45.24
CA ILE P 83 26.20 -38.23 46.57
C ILE P 83 24.86 -38.97 46.49
N VAL P 84 24.51 -39.71 47.56
CA VAL P 84 23.22 -40.37 47.68
C VAL P 84 22.63 -40.10 49.08
N GLN P 85 21.33 -40.38 49.26
CA GLN P 85 20.63 -40.16 50.52
C GLN P 85 20.81 -41.36 51.44
N SER P 86 20.94 -41.09 52.74
CA SER P 86 20.94 -42.11 53.78
C SER P 86 19.50 -42.55 54.08
N GLY P 87 19.16 -43.75 53.59
CA GLY P 87 17.92 -44.43 53.94
C GLY P 87 16.67 -43.60 53.68
N SER P 88 16.06 -43.12 54.78
CA SER P 88 14.76 -42.48 54.78
C SER P 88 14.89 -40.95 54.80
N GLN P 89 16.12 -40.44 54.89
CA GLN P 89 16.38 -39.00 54.90
C GLN P 89 16.27 -38.44 53.49
N LYS P 90 15.86 -37.17 53.37
CA LYS P 90 15.82 -36.48 52.09
C LYS P 90 17.21 -35.97 51.70
N THR P 91 18.08 -35.73 52.70
CA THR P 91 19.37 -35.06 52.50
C THR P 91 20.34 -35.97 51.75
N TYR P 92 21.04 -35.38 50.77
CA TYR P 92 22.14 -36.01 50.07
C TYR P 92 23.40 -35.90 50.94
N ASP P 93 23.94 -37.05 51.39
CA ASP P 93 24.89 -37.07 52.49
C ASP P 93 25.96 -38.17 52.40
N THR P 94 25.76 -39.17 51.53
CA THR P 94 26.63 -40.33 51.43
C THR P 94 27.39 -40.30 50.10
N ASN P 95 28.72 -40.31 50.17
CA ASN P 95 29.58 -40.29 48.98
C ASN P 95 29.90 -41.71 48.56
N LEU P 96 29.66 -42.04 47.28
CA LEU P 96 29.84 -43.39 46.77
C LEU P 96 31.32 -43.74 46.68
N PRO P 97 31.71 -45.03 46.91
CA PRO P 97 33.12 -45.45 46.83
C PRO P 97 33.65 -45.74 45.43
N ASP P 98 32.75 -45.89 44.45
CA ASP P 98 33.09 -46.38 43.12
C ASP P 98 32.33 -45.61 42.03
N SER P 99 32.78 -45.77 40.78
CA SER P 99 32.27 -45.09 39.59
C SER P 99 31.09 -45.87 39.00
N VAL P 100 30.06 -45.15 38.54
CA VAL P 100 28.77 -45.75 38.17
C VAL P 100 28.22 -45.13 36.88
N PRO P 101 27.44 -45.89 36.06
CA PRO P 101 27.04 -45.42 34.73
C PRO P 101 25.83 -44.50 34.60
N TYR P 102 26.01 -43.43 33.81
CA TYR P 102 24.92 -42.76 33.12
C TYR P 102 24.66 -43.51 31.81
N VAL P 103 23.39 -43.63 31.44
CA VAL P 103 23.05 -43.92 30.04
C VAL P 103 23.05 -42.60 29.29
N VAL P 104 23.63 -42.63 28.09
CA VAL P 104 23.49 -41.55 27.12
C VAL P 104 22.83 -42.15 25.88
N ILE P 105 21.65 -41.61 25.54
CA ILE P 105 20.83 -42.10 24.45
C ILE P 105 20.76 -41.03 23.37
N LEU P 106 21.13 -41.41 22.14
CA LEU P 106 20.98 -40.54 20.97
C LEU P 106 19.87 -41.09 20.09
N PRO P 107 18.66 -40.47 20.07
CA PRO P 107 17.51 -41.01 19.33
C PRO P 107 17.53 -40.81 17.81
N SER P 108 18.49 -40.01 17.32
CA SER P 108 18.56 -39.64 15.91
C SER P 108 20.02 -39.49 15.47
N SER P 109 20.23 -39.46 14.15
CA SER P 109 21.54 -39.32 13.54
C SER P 109 22.12 -37.94 13.84
N VAL P 110 23.41 -37.92 14.23
CA VAL P 110 24.18 -36.68 14.24
C VAL P 110 24.89 -36.59 12.90
N THR P 111 24.32 -35.77 12.00
CA THR P 111 24.78 -35.66 10.63
C THR P 111 25.93 -34.65 10.54
N ASN P 112 26.97 -35.03 9.79
CA ASN P 112 28.06 -34.17 9.35
C ASN P 112 28.76 -33.50 10.54
N VAL P 113 29.35 -34.35 11.41
CA VAL P 113 30.22 -33.96 12.50
C VAL P 113 31.53 -33.44 11.91
N PRO P 114 32.08 -32.30 12.38
CA PRO P 114 33.34 -31.77 11.83
C PRO P 114 34.59 -32.59 12.17
N LEU P 115 35.47 -32.74 11.17
CA LEU P 115 36.78 -33.35 11.30
C LEU P 115 37.84 -32.36 10.81
N ASP P 116 39.08 -32.53 11.30
CA ASP P 116 40.24 -31.83 10.77
C ASP P 116 40.73 -32.54 9.50
N THR P 117 41.50 -31.81 8.69
CA THR P 117 41.85 -32.17 7.32
C THR P 117 42.92 -33.26 7.27
N ASP P 118 42.64 -34.35 6.54
CA ASP P 118 43.63 -35.28 5.99
C ASP P 118 44.38 -36.05 7.08
N VAL P 119 43.75 -36.32 8.24
CA VAL P 119 44.43 -36.89 9.41
C VAL P 119 43.52 -37.82 10.22
N ASP P 120 44.11 -38.48 11.24
CA ASP P 120 43.39 -39.21 12.26
C ASP P 120 42.65 -38.23 13.17
N ASN P 121 41.34 -38.46 13.38
CA ASN P 121 40.49 -37.57 14.17
C ASN P 121 39.86 -38.31 15.35
N ASP P 122 40.00 -37.74 16.56
CA ASP P 122 39.58 -38.38 17.81
C ASP P 122 38.19 -37.89 18.22
N VAL P 123 37.21 -38.81 18.24
CA VAL P 123 35.82 -38.49 18.54
C VAL P 123 35.51 -38.84 19.98
N TRP P 124 35.35 -37.82 20.84
CA TRP P 124 35.02 -38.00 22.24
C TRP P 124 33.58 -37.57 22.50
N LEU P 125 32.78 -38.51 23.04
CA LEU P 125 31.40 -38.26 23.44
C LEU P 125 31.36 -37.94 24.93
N ALA P 126 30.82 -36.77 25.28
CA ALA P 126 30.95 -36.21 26.60
C ALA P 126 29.62 -35.71 27.15
N VAL P 127 29.49 -35.78 28.48
CA VAL P 127 28.34 -35.30 29.22
C VAL P 127 28.80 -34.14 30.10
N ASP P 128 27.99 -33.06 30.13
CA ASP P 128 28.20 -31.94 31.02
C ASP P 128 27.24 -32.10 32.21
N PRO P 129 27.70 -32.67 33.37
CA PRO P 129 26.85 -32.75 34.56
C PRO P 129 26.88 -31.44 35.34
N THR P 130 26.17 -30.43 34.79
CA THR P 130 25.88 -29.17 35.45
C THR P 130 24.45 -28.74 35.11
N SER P 131 23.92 -29.30 34.02
CA SER P 131 22.55 -29.14 33.58
C SER P 131 22.05 -30.47 33.03
N ASN P 132 20.72 -30.65 32.99
CA ASN P 132 20.12 -31.91 32.60
C ASN P 132 20.25 -32.11 31.08
N ASP P 133 20.77 -33.28 30.69
CA ASP P 133 20.83 -33.80 29.33
C ASP P 133 21.74 -32.99 28.40
N SER P 134 22.68 -32.20 28.94
CA SER P 134 23.63 -31.50 28.10
C SER P 134 24.77 -32.42 27.66
N VAL P 135 24.71 -32.85 26.39
CA VAL P 135 25.66 -33.78 25.79
C VAL P 135 26.40 -33.06 24.66
N TYR P 136 27.70 -33.36 24.50
CA TYR P 136 28.50 -32.78 23.42
C TYR P 136 29.52 -33.76 22.87
N ILE P 137 30.00 -33.47 21.65
CA ILE P 137 31.08 -34.20 21.00
C ILE P 137 32.26 -33.24 20.81
N ARG P 138 33.46 -33.73 21.14
CA ARG P 138 34.72 -33.14 20.71
C ARG P 138 35.30 -34.01 19.58
N SER P 139 35.74 -33.35 18.50
CA SER P 139 36.36 -34.00 17.36
C SER P 139 37.46 -33.13 16.79
N GLY P 140 38.45 -33.76 16.13
CA GLY P 140 39.65 -33.11 15.64
C GLY P 140 40.87 -34.00 15.80
N ASN P 141 42.06 -33.46 15.47
CA ASN P 141 43.32 -34.16 15.63
C ASN P 141 44.11 -33.53 16.78
N GLY P 142 44.55 -34.36 17.72
CA GLY P 142 45.45 -33.96 18.80
C GLY P 142 44.77 -33.10 19.86
N LEU P 143 43.43 -33.08 19.86
CA LEU P 143 42.62 -32.34 20.82
C LEU P 143 42.63 -33.07 22.16
N SER P 144 42.53 -32.30 23.26
CA SER P 144 42.50 -32.81 24.61
C SER P 144 41.21 -33.61 24.85
N ALA P 145 41.34 -34.77 25.49
CA ALA P 145 40.22 -35.57 25.96
C ALA P 145 39.39 -34.74 26.94
N PRO P 146 38.03 -34.90 26.97
CA PRO P 146 37.19 -34.11 27.87
C PRO P 146 37.52 -34.32 29.35
N SER P 147 37.41 -33.22 30.11
CA SER P 147 37.51 -33.25 31.56
C SER P 147 36.30 -33.96 32.15
N ASP P 148 35.17 -33.87 31.44
CA ASP P 148 33.86 -34.29 31.92
C ASP P 148 33.64 -35.78 31.61
N PRO P 149 32.67 -36.46 32.27
CA PRO P 149 32.37 -37.87 32.00
C PRO P 149 32.23 -38.13 30.50
N SER P 150 33.05 -39.06 29.99
CA SER P 150 33.25 -39.22 28.55
C SER P 150 33.64 -40.65 28.17
N VAL P 151 33.45 -40.94 26.88
CA VAL P 151 33.92 -42.16 26.22
C VAL P 151 34.48 -41.76 24.86
N LYS P 152 35.55 -42.44 24.44
CA LYS P 152 36.08 -42.24 23.09
C LYS P 152 35.28 -43.10 22.13
N LEU P 153 34.52 -42.45 21.26
CA LEU P 153 33.56 -43.11 20.38
C LEU P 153 34.29 -43.76 19.20
N GLY P 154 35.45 -43.20 18.85
CA GLY P 154 36.31 -43.76 17.81
C GLY P 154 37.34 -42.76 17.31
N THR P 155 38.19 -43.22 16.38
CA THR P 155 39.01 -42.34 15.57
C THR P 155 38.92 -42.76 14.09
N VAL P 156 38.72 -41.75 13.24
CA VAL P 156 38.54 -41.92 11.80
C VAL P 156 39.62 -41.12 11.08
N ASN P 157 40.20 -41.73 10.06
CA ASN P 157 41.23 -41.10 9.23
C ASN P 157 40.55 -40.36 8.09
N SER P 158 40.69 -39.03 8.08
CA SER P 158 40.04 -38.18 7.09
C SER P 158 40.85 -38.10 5.80
N SER P 159 41.96 -38.86 5.72
CA SER P 159 42.69 -39.01 4.47
C SER P 159 42.08 -40.14 3.64
N THR P 160 42.03 -41.35 4.23
CA THR P 160 41.74 -42.58 3.50
C THR P 160 40.32 -43.08 3.77
N GLY P 161 39.76 -42.68 4.92
CA GLY P 161 38.41 -43.05 5.32
C GLY P 161 38.36 -44.26 6.24
N SER P 162 39.53 -44.68 6.74
CA SER P 162 39.66 -45.84 7.63
C SER P 162 39.10 -45.51 9.02
N THR P 163 38.53 -46.53 9.68
CA THR P 163 37.73 -46.36 10.90
C THR P 163 38.26 -47.27 12.02
N THR P 164 38.16 -46.78 13.27
CA THR P 164 38.54 -47.53 14.47
C THR P 164 37.46 -47.42 15.55
N ARG P 165 37.29 -48.50 16.32
CA ARG P 165 36.19 -48.65 17.27
C ARG P 165 36.74 -49.13 18.61
N PRO P 166 37.28 -48.22 19.46
CA PRO P 166 38.02 -48.64 20.67
C PRO P 166 37.20 -49.07 21.89
N ASN P 167 36.00 -48.49 22.06
CA ASN P 167 35.21 -48.65 23.28
C ASN P 167 33.79 -49.12 22.95
N ASP P 168 33.63 -49.95 21.90
CA ASP P 168 32.32 -50.08 21.23
C ASP P 168 31.44 -51.22 21.77
N LEU P 169 31.95 -52.04 22.69
CA LEU P 169 31.14 -53.04 23.39
C LEU P 169 31.65 -53.23 24.81
N ALA P 170 30.91 -54.03 25.60
CA ALA P 170 31.18 -54.24 27.02
C ALA P 170 32.50 -55.00 27.22
N ASP P 171 33.42 -54.37 27.94
CA ASP P 171 34.45 -55.08 28.70
C ASP P 171 33.74 -55.68 29.92
N HIS P 172 34.10 -56.92 30.29
CA HIS P 172 33.35 -57.61 31.33
C HIS P 172 34.25 -58.51 32.17
N SER P 173 34.62 -58.01 33.36
CA SER P 173 35.37 -58.76 34.35
C SER P 173 34.41 -59.57 35.22
N VAL P 174 34.67 -60.88 35.27
CA VAL P 174 33.92 -61.84 36.07
C VAL P 174 34.92 -62.74 36.79
N ASP P 175 34.43 -63.52 37.75
CA ASP P 175 35.22 -64.60 38.34
C ASP P 175 35.07 -65.85 37.48
N ALA P 176 33.82 -66.26 37.23
CA ALA P 176 33.53 -67.51 36.54
C ALA P 176 32.37 -67.34 35.56
N LEU P 177 32.50 -67.99 34.39
CA LEU P 177 31.47 -67.97 33.35
C LEU P 177 31.18 -69.38 32.87
N ASN P 178 29.89 -69.66 32.64
CA ASN P 178 29.38 -70.93 32.12
C ASN P 178 28.52 -70.64 30.89
N ALA P 179 28.54 -71.55 29.89
CA ALA P 179 27.91 -71.29 28.61
C ALA P 179 27.42 -72.57 27.93
N THR P 180 26.59 -72.39 26.88
CA THR P 180 26.44 -73.39 25.82
C THR P 180 27.64 -73.26 24.89
N THR P 181 27.71 -72.14 24.15
CA THR P 181 28.79 -71.88 23.20
C THR P 181 29.54 -70.61 23.60
N ILE P 182 30.83 -70.59 23.23
CA ILE P 182 31.69 -69.41 23.37
C ILE P 182 32.42 -69.20 22.05
N ASP P 183 32.42 -67.95 21.58
CA ASP P 183 32.85 -67.62 20.23
C ASP P 183 33.55 -66.27 20.24
N ALA P 184 34.87 -66.29 20.47
CA ALA P 184 35.71 -65.10 20.45
C ALA P 184 36.19 -64.84 19.02
N SER P 185 36.35 -63.55 18.70
CA SER P 185 36.79 -63.10 17.37
C SER P 185 38.30 -63.34 17.20
N ASP P 186 39.06 -63.04 18.25
CA ASP P 186 40.52 -63.12 18.24
C ASP P 186 41.00 -64.21 19.21
N THR P 187 41.50 -63.79 20.38
CA THR P 187 42.28 -64.64 21.28
C THR P 187 41.41 -65.23 22.39
N VAL P 188 41.37 -66.57 22.43
CA VAL P 188 40.97 -67.32 23.62
C VAL P 188 42.22 -67.52 24.47
N THR P 189 42.55 -66.49 25.26
CA THR P 189 43.71 -66.50 26.15
C THR P 189 43.31 -67.13 27.48
N GLY P 190 44.16 -68.04 27.96
CA GLY P 190 44.06 -68.63 29.30
C GLY P 190 45.35 -69.35 29.67
N ASP P 191 45.75 -69.25 30.95
CA ASP P 191 47.01 -69.83 31.40
C ASP P 191 46.94 -71.36 31.38
N THR P 192 45.72 -71.90 31.26
CA THR P 192 45.44 -73.34 31.32
C THR P 192 44.20 -73.62 30.46
N VAL P 193 44.33 -74.51 29.47
CA VAL P 193 43.26 -74.77 28.51
C VAL P 193 43.00 -76.27 28.37
N ASP P 194 41.72 -76.65 28.27
CA ASP P 194 41.26 -78.03 28.23
C ASP P 194 40.23 -78.20 27.11
N ALA P 195 40.17 -79.40 26.51
CA ALA P 195 39.41 -79.67 25.30
C ALA P 195 38.86 -81.10 25.30
N THR P 196 37.90 -81.37 26.19
CA THR P 196 37.23 -82.66 26.28
C THR P 196 36.30 -82.86 25.09
N THR P 197 35.99 -84.13 24.79
CA THR P 197 35.11 -84.59 23.71
C THR P 197 35.78 -84.42 22.34
N THR P 198 36.22 -83.20 22.00
CA THR P 198 36.89 -82.92 20.73
C THR P 198 37.85 -81.72 20.87
N LEU P 199 38.96 -81.78 20.12
CA LEU P 199 39.73 -80.61 19.75
C LEU P 199 39.83 -80.56 18.22
N THR P 200 39.35 -79.46 17.65
CA THR P 200 39.52 -79.16 16.23
C THR P 200 40.65 -78.14 16.09
N ASP P 201 41.64 -78.46 15.25
CA ASP P 201 42.87 -77.70 15.19
C ASP P 201 42.77 -76.58 14.16
N ALA P 202 43.89 -75.85 14.00
CA ALA P 202 43.98 -74.62 13.22
C ALA P 202 43.75 -74.87 11.73
N ALA P 203 43.97 -76.10 11.25
CA ALA P 203 43.79 -76.44 9.86
C ALA P 203 42.37 -76.94 9.59
N GLY P 204 41.63 -77.26 10.66
CA GLY P 204 40.24 -77.71 10.55
C GLY P 204 40.11 -79.23 10.51
N VAL P 205 40.94 -79.91 11.32
CA VAL P 205 40.90 -81.36 11.49
C VAL P 205 40.52 -81.66 12.94
N SER P 206 39.60 -82.63 13.11
CA SER P 206 39.03 -82.97 14.41
C SER P 206 39.72 -84.19 15.01
N HIS P 207 40.16 -84.05 16.27
CA HIS P 207 40.92 -85.05 17.00
C HIS P 207 40.13 -85.57 18.20
N THR P 208 40.07 -86.90 18.33
CA THR P 208 39.52 -87.58 19.49
C THR P 208 40.67 -88.17 20.33
N GLY P 209 41.82 -88.40 19.69
CA GLY P 209 42.97 -89.01 20.35
C GLY P 209 43.86 -87.99 21.06
N GLU P 210 44.83 -88.50 21.84
CA GLU P 210 45.84 -87.67 22.48
C GLU P 210 46.83 -87.15 21.44
N LEU P 211 47.20 -85.87 21.57
CA LEU P 211 48.15 -85.21 20.67
C LEU P 211 49.58 -85.53 21.11
N GLU P 212 50.57 -85.13 20.29
CA GLU P 212 51.96 -85.51 20.48
C GLU P 212 52.84 -84.30 20.79
N ASP P 213 53.72 -84.46 21.79
CA ASP P 213 54.70 -83.46 22.22
C ASP P 213 55.92 -83.50 21.28
N ILE P 214 56.79 -82.48 21.39
CA ILE P 214 58.12 -82.51 20.78
C ILE P 214 58.97 -83.55 21.50
N ASN P 215 60.08 -83.95 20.84
CA ASN P 215 61.08 -84.88 21.36
C ASN P 215 60.48 -86.28 21.55
N HIS P 216 59.53 -86.64 20.67
CA HIS P 216 58.72 -87.84 20.84
C HIS P 216 59.35 -89.05 20.14
N GLY P 217 60.33 -88.79 19.26
CA GLY P 217 60.90 -89.77 18.34
C GLY P 217 61.28 -91.10 18.98
N SER P 218 61.67 -91.04 20.27
CA SER P 218 62.01 -92.17 21.12
C SER P 218 61.04 -93.35 20.95
N LYS P 219 59.74 -93.03 20.84
CA LYS P 219 58.67 -94.04 20.84
C LYS P 219 58.69 -94.90 19.58
N HIS P 220 59.23 -94.36 18.47
CA HIS P 220 59.20 -95.03 17.18
C HIS P 220 60.29 -96.12 17.08
N GLU P 221 61.21 -96.13 18.06
CA GLU P 221 62.32 -97.07 18.13
C GLU P 221 61.82 -98.44 18.63
N ASP P 222 62.73 -99.43 18.66
CA ASP P 222 62.46 -100.81 19.06
C ASP P 222 61.83 -100.85 20.45
N GLY P 223 60.61 -101.41 20.52
CA GLY P 223 59.94 -101.71 21.78
C GLY P 223 59.07 -100.58 22.32
N GLY P 224 59.11 -99.41 21.65
CA GLY P 224 58.21 -98.31 21.97
C GLY P 224 56.85 -98.48 21.29
N SER P 225 55.89 -97.64 21.69
CA SER P 225 54.58 -97.59 21.05
C SER P 225 54.68 -96.81 19.74
N ASP P 226 53.97 -97.29 18.71
CA ASP P 226 53.94 -96.73 17.37
C ASP P 226 55.29 -96.95 16.66
N GLU P 227 55.91 -98.11 16.90
CA GLU P 227 57.11 -98.58 16.23
C GLU P 227 56.78 -98.83 14.75
N ILE P 228 57.59 -98.25 13.86
CA ILE P 228 57.37 -98.33 12.41
C ILE P 228 58.11 -99.55 11.84
N SER P 229 57.55 -100.12 10.75
CA SER P 229 58.25 -101.13 9.95
C SER P 229 59.26 -100.44 9.04
N VAL P 230 60.41 -101.10 8.86
CA VAL P 230 61.50 -100.58 8.03
C VAL P 230 61.33 -101.06 6.59
N GLY P 231 60.41 -102.00 6.38
CA GLY P 231 60.17 -102.62 5.08
C GLY P 231 59.86 -101.61 3.98
N GLY P 232 60.80 -101.48 3.03
CA GLY P 232 60.60 -100.70 1.82
C GLY P 232 61.10 -99.25 1.95
N LEU P 233 61.65 -98.89 3.12
CA LEU P 233 62.16 -97.55 3.35
C LEU P 233 63.46 -97.35 2.56
N SER P 234 63.62 -96.14 2.01
CA SER P 234 64.82 -95.72 1.30
C SER P 234 65.96 -95.47 2.30
N GLY P 235 67.20 -95.61 1.81
CA GLY P 235 68.39 -95.24 2.56
C GLY P 235 69.27 -96.43 2.94
N ASP P 236 70.56 -96.15 3.16
CA ASP P 236 71.50 -97.09 3.74
C ASP P 236 72.02 -96.55 5.07
N LEU P 237 72.08 -97.43 6.08
CA LEU P 237 72.42 -97.08 7.45
C LEU P 237 73.92 -96.76 7.55
N ALA P 238 74.26 -95.90 8.52
CA ALA P 238 75.63 -95.46 8.77
C ALA P 238 76.47 -96.59 9.37
N ASP P 239 75.86 -97.36 10.27
CA ASP P 239 76.45 -98.57 10.84
C ASP P 239 76.28 -99.72 9.84
N PRO P 240 77.31 -100.60 9.65
CA PRO P 240 77.15 -101.77 8.78
C PRO P 240 76.22 -102.81 9.38
N GLN P 241 75.51 -103.54 8.50
CA GLN P 241 74.36 -104.35 8.88
C GLN P 241 74.64 -105.84 8.65
N ASP P 242 74.05 -106.69 9.50
CA ASP P 242 74.12 -108.15 9.35
C ASP P 242 73.65 -108.52 7.94
N PRO P 243 74.53 -109.05 7.05
CA PRO P 243 74.12 -109.37 5.69
C PRO P 243 73.30 -110.66 5.60
N LYS P 244 72.24 -110.61 4.78
CA LYS P 244 71.36 -111.73 4.47
C LYS P 244 72.09 -112.68 3.53
N ALA P 245 71.56 -113.91 3.36
CA ALA P 245 72.15 -114.96 2.54
C ALA P 245 72.35 -114.47 1.10
N HIS P 246 73.56 -114.72 0.56
CA HIS P 246 73.99 -114.06 -0.68
C HIS P 246 75.01 -114.85 -1.50
N ALA P 247 75.38 -116.06 -1.05
CA ALA P 247 76.52 -116.82 -1.57
C ALA P 247 76.56 -116.91 -3.10
N ALA P 248 75.40 -117.15 -3.72
CA ALA P 248 75.27 -117.39 -5.15
C ALA P 248 75.72 -116.17 -5.98
N SER P 249 75.72 -114.99 -5.37
CA SER P 249 76.08 -113.74 -6.03
C SER P 249 77.58 -113.67 -6.33
N HIS P 250 78.37 -114.55 -5.70
CA HIS P 250 79.82 -114.59 -5.90
C HIS P 250 80.21 -115.42 -7.12
N SER P 251 79.21 -115.93 -7.86
CA SER P 251 79.44 -116.61 -9.13
C SER P 251 80.04 -115.63 -10.14
N ALA P 252 80.79 -116.16 -11.12
CA ALA P 252 81.51 -115.36 -12.11
C ALA P 252 80.55 -114.55 -12.98
N ASP P 253 79.31 -115.01 -13.11
CA ASP P 253 78.28 -114.41 -13.95
C ASP P 253 77.54 -113.29 -13.21
N SER P 254 77.72 -113.20 -11.88
CA SER P 254 76.89 -112.36 -11.03
C SER P 254 77.69 -111.22 -10.38
N ALA P 255 77.05 -110.48 -9.47
CA ALA P 255 77.41 -109.11 -9.08
C ALA P 255 78.74 -109.03 -8.34
N ASP P 256 79.05 -110.05 -7.50
CA ASP P 256 80.18 -109.97 -6.58
C ASP P 256 81.27 -110.96 -6.99
N GLU P 257 81.84 -110.75 -8.19
CA GLU P 257 82.86 -111.62 -8.76
C GLU P 257 84.12 -111.61 -7.89
N ILE P 258 84.50 -112.82 -7.44
CA ILE P 258 85.75 -113.07 -6.73
C ILE P 258 86.43 -114.27 -7.39
N SER P 259 87.78 -114.27 -7.38
CA SER P 259 88.57 -115.33 -7.98
C SER P 259 89.44 -116.01 -6.93
N VAL P 260 89.86 -117.25 -7.21
CA VAL P 260 90.60 -118.09 -6.25
C VAL P 260 91.95 -117.44 -5.92
N GLU P 261 92.57 -116.78 -6.91
CA GLU P 261 93.86 -116.12 -6.74
C GLU P 261 93.77 -114.90 -5.83
N ASN P 262 92.55 -114.50 -5.44
CA ASN P 262 92.34 -113.39 -4.50
C ASN P 262 92.34 -113.91 -3.06
N LEU P 263 92.10 -115.21 -2.86
CA LEU P 263 91.71 -115.77 -1.57
C LEU P 263 92.93 -116.18 -0.73
N SER P 264 92.69 -116.36 0.57
CA SER P 264 93.70 -116.68 1.56
C SER P 264 93.91 -118.20 1.65
N THR P 265 95.04 -118.62 2.27
CA THR P 265 95.29 -120.00 2.65
C THR P 265 96.37 -120.10 3.74
N THR P 266 96.28 -121.19 4.53
CA THR P 266 97.27 -121.53 5.54
C THR P 266 98.30 -122.51 4.97
N GLY P 267 98.06 -123.02 3.77
CA GLY P 267 98.92 -124.00 3.13
C GLY P 267 100.25 -123.41 2.65
N SER P 268 101.34 -124.14 2.92
CA SER P 268 102.71 -123.75 2.56
C SER P 268 102.87 -123.69 1.04
N ALA P 269 104.04 -123.21 0.58
CA ALA P 269 104.34 -123.06 -0.84
C ALA P 269 104.19 -124.41 -1.57
N ASP P 270 103.65 -124.34 -2.79
CA ASP P 270 103.41 -125.45 -3.70
C ASP P 270 102.20 -126.30 -3.30
N THR P 271 101.49 -125.94 -2.20
CA THR P 271 100.28 -126.66 -1.83
C THR P 271 99.12 -126.25 -2.75
N VAL P 272 98.16 -127.17 -2.92
CA VAL P 272 97.02 -127.01 -3.81
C VAL P 272 95.76 -127.49 -3.08
N PRO P 273 94.60 -126.81 -3.22
CA PRO P 273 93.33 -127.34 -2.68
C PRO P 273 92.86 -128.55 -3.49
N ILE P 274 92.91 -129.73 -2.87
CA ILE P 274 92.52 -130.98 -3.51
C ILE P 274 91.46 -131.67 -2.66
N SER P 275 90.51 -132.34 -3.35
CA SER P 275 89.30 -132.87 -2.72
C SER P 275 89.58 -134.20 -2.02
N GLN P 276 89.03 -134.32 -0.81
CA GLN P 276 89.08 -135.54 -0.01
C GLN P 276 87.80 -136.35 -0.23
N GLY P 277 86.88 -135.82 -1.04
CA GLY P 277 85.48 -136.23 -1.02
C GLY P 277 84.79 -135.61 0.20
N ASP P 278 83.55 -136.04 0.47
CA ASP P 278 82.76 -135.59 1.61
C ASP P 278 82.67 -134.05 1.62
N GLY P 279 82.56 -133.47 0.41
CA GLY P 279 82.39 -132.04 0.18
C GLY P 279 83.64 -131.19 0.50
N THR P 280 84.77 -131.84 0.84
CA THR P 280 85.85 -131.20 1.57
C THR P 280 87.11 -131.07 0.70
N LEU P 281 87.63 -129.84 0.61
CA LEU P 281 88.94 -129.55 0.04
C LEU P 281 90.01 -129.57 1.14
N SER P 282 91.26 -129.81 0.74
CA SER P 282 92.41 -129.89 1.64
C SER P 282 93.67 -129.39 0.93
N MET P 283 94.60 -128.80 1.70
CA MET P 283 95.82 -128.26 1.12
C MET P 283 96.90 -129.33 1.08
N GLY P 284 96.77 -130.24 0.10
CA GLY P 284 97.75 -131.27 -0.20
C GLY P 284 98.85 -130.76 -1.14
N SER P 285 99.73 -131.68 -1.58
CA SER P 285 100.86 -131.36 -2.44
C SER P 285 100.93 -132.35 -3.61
N ALA Q 2 28.75 -62.50 66.87
CA ALA Q 2 29.74 -61.47 66.48
C ALA Q 2 29.02 -60.30 65.79
N ASP Q 3 29.22 -59.10 66.36
CA ASP Q 3 28.65 -57.86 65.85
C ASP Q 3 29.78 -56.96 65.38
N THR Q 4 29.67 -56.53 64.11
CA THR Q 4 30.44 -55.42 63.56
C THR Q 4 29.51 -54.64 62.63
N THR Q 5 28.54 -53.94 63.24
CA THR Q 5 27.56 -53.13 62.55
C THR Q 5 28.26 -51.92 61.93
N ILE Q 6 28.03 -51.69 60.63
CA ILE Q 6 28.71 -50.64 59.88
C ILE Q 6 27.87 -49.37 59.92
N ILE Q 7 28.47 -48.30 60.47
CA ILE Q 7 27.73 -47.09 60.84
C ILE Q 7 27.49 -46.18 59.64
N ASP Q 8 28.10 -46.49 58.48
CA ASP Q 8 28.02 -45.62 57.32
C ASP Q 8 27.62 -46.37 56.04
N ALA Q 9 27.38 -47.69 56.15
CA ALA Q 9 26.96 -48.52 55.03
C ALA Q 9 25.50 -48.22 54.65
N VAL Q 10 25.14 -48.50 53.40
CA VAL Q 10 23.77 -48.31 52.91
C VAL Q 10 23.33 -49.51 52.05
N VAL Q 11 22.01 -49.76 52.04
CA VAL Q 11 21.37 -50.85 51.31
C VAL Q 11 20.21 -50.30 50.48
N PHE Q 12 20.11 -50.78 49.24
CA PHE Q 12 19.10 -50.41 48.26
C PHE Q 12 18.82 -51.61 47.36
N PRO Q 13 17.59 -51.84 46.83
CA PRO Q 13 16.38 -51.10 47.20
C PRO Q 13 15.58 -51.72 48.36
N GLN Q 14 14.88 -50.87 49.14
CA GLN Q 14 14.16 -51.30 50.34
C GLN Q 14 12.75 -50.71 50.40
N ASP Q 15 11.75 -51.61 50.55
CA ASP Q 15 10.32 -51.31 50.60
C ASP Q 15 9.66 -52.09 51.75
N ASP Q 16 8.35 -51.85 51.95
CA ASP Q 16 7.48 -52.71 52.74
C ASP Q 16 7.66 -54.16 52.29
N GLY Q 17 7.69 -54.36 50.96
CA GLY Q 17 7.79 -55.67 50.33
C GLY Q 17 9.16 -56.32 50.49
N THR Q 18 10.14 -55.61 51.06
CA THR Q 18 11.47 -56.15 51.30
C THR Q 18 11.65 -56.48 52.78
N GLY Q 19 10.86 -55.82 53.62
CA GLY Q 19 11.02 -55.86 55.07
C GLY Q 19 11.59 -54.55 55.61
N VAL Q 20 10.79 -53.47 55.47
CA VAL Q 20 10.88 -52.29 56.32
C VAL Q 20 9.44 -51.87 56.64
N SER Q 21 9.28 -51.02 57.67
CA SER Q 21 7.99 -50.42 57.97
C SER Q 21 7.68 -49.33 56.95
N ASN Q 22 6.38 -48.99 56.82
CA ASN Q 22 5.88 -48.15 55.74
C ASN Q 22 6.38 -46.71 55.87
N GLY Q 23 6.96 -46.37 57.01
CA GLY Q 23 7.52 -45.05 57.25
C GLY Q 23 8.86 -44.82 56.55
N ASP Q 24 9.64 -45.90 56.35
CA ASP Q 24 11.07 -45.76 56.12
C ASP Q 24 11.58 -46.60 54.94
N GLU Q 25 10.80 -46.61 53.84
CA GLU Q 25 11.27 -47.12 52.56
C GLU Q 25 12.33 -46.15 52.01
N ASP Q 26 13.29 -46.67 51.24
CA ASP Q 26 14.41 -45.88 50.72
C ASP Q 26 13.87 -44.72 49.87
N TYR Q 27 14.51 -43.55 50.00
CA TYR Q 27 14.38 -42.51 48.99
C TYR Q 27 15.18 -42.93 47.75
N ASP Q 28 14.60 -42.69 46.57
CA ASP Q 28 15.19 -43.02 45.28
C ASP Q 28 16.34 -42.06 44.99
N SER Q 29 17.38 -42.54 44.29
CA SER Q 29 18.55 -41.74 43.94
C SER Q 29 19.18 -42.20 42.63
N ALA Q 30 19.89 -41.28 41.96
CA ALA Q 30 20.65 -41.59 40.76
C ALA Q 30 21.77 -42.58 41.07
N GLY Q 31 22.51 -42.30 42.16
CA GLY Q 31 23.60 -43.14 42.61
C GLY Q 31 23.15 -44.57 42.94
N TYR Q 32 21.95 -44.69 43.53
CA TYR Q 32 21.37 -45.98 43.88
C TYR Q 32 20.96 -46.73 42.61
N LEU Q 33 20.32 -46.04 41.66
CA LEU Q 33 19.85 -46.64 40.42
C LEU Q 33 21.04 -47.10 39.57
N ALA Q 34 22.07 -46.24 39.49
CA ALA Q 34 23.25 -46.49 38.67
C ALA Q 34 24.07 -47.63 39.25
N SER Q 35 24.22 -47.66 40.58
CA SER Q 35 24.98 -48.70 41.25
C SER Q 35 24.25 -50.04 41.20
N LEU Q 36 22.91 -50.01 41.23
CA LEU Q 36 22.12 -51.24 41.17
C LEU Q 36 22.22 -51.87 39.78
N ALA Q 37 22.22 -51.03 38.73
CA ALA Q 37 22.23 -51.48 37.34
C ALA Q 37 23.54 -52.19 36.99
N ARG Q 38 24.57 -51.98 37.83
CA ARG Q 38 25.91 -52.51 37.66
C ARG Q 38 25.95 -54.03 37.93
N TYR Q 39 24.86 -54.59 38.48
CA TYR Q 39 24.71 -56.02 38.67
C TYR Q 39 24.70 -56.73 37.32
N ALA Q 40 25.46 -57.82 37.21
CA ALA Q 40 25.55 -58.59 35.98
C ALA Q 40 25.59 -60.11 36.23
N GLY Q 41 25.91 -60.51 37.46
CA GLY Q 41 26.09 -61.91 37.81
C GLY Q 41 24.78 -62.70 37.84
N ASP Q 42 24.87 -64.00 38.21
CA ASP Q 42 23.67 -64.81 38.42
C ASP Q 42 23.41 -64.99 39.92
N GLY Q 43 24.48 -65.07 40.73
CA GLY Q 43 24.37 -65.17 42.17
C GLY Q 43 24.72 -63.85 42.86
N SER Q 44 25.11 -63.94 44.14
CA SER Q 44 25.68 -62.85 44.91
C SER Q 44 27.15 -62.72 44.56
N TYR Q 45 27.71 -61.49 44.68
CA TYR Q 45 29.12 -61.22 44.47
C TYR Q 45 29.52 -59.84 44.98
N VAL Q 46 30.83 -59.63 45.14
CA VAL Q 46 31.40 -58.33 45.47
C VAL Q 46 31.78 -57.63 44.17
N GLY Q 47 31.47 -56.33 44.09
CA GLY Q 47 31.54 -55.56 42.86
C GLY Q 47 32.97 -55.21 42.43
N GLY Q 48 33.18 -55.18 41.12
CA GLY Q 48 34.40 -54.69 40.50
C GLY Q 48 34.39 -53.17 40.37
N ASP Q 49 35.57 -52.56 40.50
CA ASP Q 49 35.77 -51.11 40.38
C ASP Q 49 35.58 -50.67 38.94
N SER Q 50 35.91 -49.40 38.66
CA SER Q 50 35.81 -48.80 37.34
C SER Q 50 36.70 -49.50 36.30
N THR Q 51 37.72 -50.23 36.76
CA THR Q 51 38.72 -50.83 35.90
C THR Q 51 38.39 -52.28 35.58
N GLY Q 52 37.76 -52.96 36.55
CA GLY Q 52 37.40 -54.37 36.45
C GLY Q 52 38.09 -55.22 37.52
N SER Q 53 38.55 -54.56 38.60
CA SER Q 53 39.23 -55.23 39.70
C SER Q 53 38.31 -55.29 40.93
N PRO Q 54 38.29 -56.42 41.68
CA PRO Q 54 37.48 -56.55 42.91
C PRO Q 54 37.63 -55.42 43.92
N THR Q 55 36.54 -55.12 44.65
CA THR Q 55 36.53 -54.18 45.76
C THR Q 55 36.35 -54.95 47.08
N LEU Q 56 36.14 -54.20 48.18
CA LEU Q 56 36.07 -54.70 49.55
C LEU Q 56 37.26 -55.59 49.89
N GLN Q 57 38.47 -55.16 49.51
CA GLN Q 57 39.70 -55.89 49.78
C GLN Q 57 40.00 -55.85 51.28
N PHE Q 58 40.70 -56.90 51.75
CA PHE Q 58 41.27 -56.90 53.09
C PHE Q 58 42.59 -56.13 53.07
N ALA Q 59 42.88 -55.41 54.17
CA ALA Q 59 44.11 -54.65 54.31
C ALA Q 59 44.56 -54.66 55.77
N ASN Q 60 45.88 -54.46 55.98
CA ASN Q 60 46.50 -54.22 57.28
C ASN Q 60 46.19 -55.35 58.26
N ILE Q 61 46.33 -56.60 57.80
CA ILE Q 61 46.08 -57.81 58.58
C ILE Q 61 47.16 -57.92 59.66
N ASP Q 62 46.75 -57.89 60.94
CA ASP Q 62 47.68 -57.77 62.05
C ASP Q 62 47.87 -59.10 62.79
N THR Q 63 47.41 -60.20 62.17
CA THR Q 63 47.63 -61.56 62.67
C THR Q 63 47.02 -61.76 64.06
N ALA Q 64 47.84 -62.21 65.03
CA ALA Q 64 47.39 -62.59 66.36
C ALA Q 64 46.97 -61.37 67.18
N ASN Q 65 47.18 -60.17 66.62
CA ASN Q 65 46.84 -58.90 67.24
C ASN Q 65 45.37 -58.53 66.96
N GLU Q 66 44.63 -59.42 66.28
CA GLU Q 66 43.17 -59.47 66.22
C GLU Q 66 42.55 -58.51 65.19
N GLU Q 67 43.32 -57.58 64.59
CA GLU Q 67 42.71 -56.48 63.85
C GLU Q 67 42.98 -56.55 62.34
N VAL Q 68 41.99 -56.16 61.53
CA VAL Q 68 42.04 -56.10 60.08
C VAL Q 68 41.22 -54.92 59.58
N ASP Q 69 41.62 -54.36 58.41
CA ASP Q 69 40.88 -53.29 57.75
C ASP Q 69 40.14 -53.86 56.53
N ILE Q 70 38.85 -53.52 56.41
CA ILE Q 70 38.05 -53.84 55.24
C ILE Q 70 37.92 -52.57 54.39
N GLN Q 71 38.39 -52.65 53.14
CA GLN Q 71 38.45 -51.49 52.25
C GLN Q 71 37.05 -51.16 51.73
N PRO Q 72 36.78 -49.91 51.28
CA PRO Q 72 35.47 -49.54 50.72
C PRO Q 72 35.18 -50.21 49.39
N GLY Q 73 33.94 -50.00 48.90
CA GLY Q 73 33.41 -50.64 47.71
C GLY Q 73 31.95 -51.01 47.88
N HIS Q 74 31.49 -52.01 47.13
CA HIS Q 74 30.11 -52.44 47.14
C HIS Q 74 29.98 -53.92 46.83
N ALA Q 75 28.86 -54.52 47.24
CA ALA Q 75 28.55 -55.92 47.01
C ALA Q 75 27.08 -56.08 46.66
N PHE Q 76 26.76 -57.18 45.95
CA PHE Q 76 25.39 -57.55 45.61
C PHE Q 76 25.01 -58.79 46.41
N ILE Q 77 23.90 -58.69 47.14
CA ILE Q 77 23.41 -59.75 48.01
C ILE Q 77 21.98 -60.10 47.60
N LEU Q 78 21.72 -61.40 47.36
CA LEU Q 78 20.39 -61.85 46.97
C LEU Q 78 19.51 -62.09 48.20
N GLU Q 79 18.20 -61.85 48.03
CA GLU Q 79 17.17 -62.24 48.99
C GLU Q 79 15.91 -62.67 48.23
N SER Q 80 15.20 -63.66 48.79
CA SER Q 80 13.98 -64.22 48.23
C SER Q 80 12.77 -63.85 49.09
N GLY Q 81 11.57 -64.06 48.53
CA GLY Q 81 10.32 -63.80 49.22
C GLY Q 81 9.99 -62.31 49.33
N HIS Q 82 10.58 -61.50 48.44
CA HIS Q 82 10.20 -60.10 48.26
C HIS Q 82 8.78 -60.04 47.71
N ILE Q 83 8.06 -58.95 48.02
CA ILE Q 83 6.71 -58.72 47.55
C ILE Q 83 6.70 -57.47 46.66
N VAL Q 84 5.87 -57.49 45.61
CA VAL Q 84 5.74 -56.37 44.68
C VAL Q 84 4.27 -55.98 44.51
N GLN Q 85 4.05 -54.73 44.07
CA GLN Q 85 2.73 -54.15 43.87
C GLN Q 85 2.25 -54.44 42.45
N SER Q 86 1.21 -55.27 42.32
CA SER Q 86 0.69 -55.67 41.02
C SER Q 86 -0.04 -54.51 40.36
N GLY Q 87 0.18 -54.36 39.04
CA GLY Q 87 -0.53 -53.43 38.19
C GLY Q 87 -0.50 -52.00 38.72
N SER Q 88 -1.70 -51.42 38.85
CA SER Q 88 -1.89 -50.03 39.23
C SER Q 88 -2.16 -49.88 40.74
N GLN Q 89 -1.94 -50.97 41.50
CA GLN Q 89 -2.33 -51.03 42.91
C GLN Q 89 -1.18 -50.57 43.82
N LYS Q 90 -1.54 -50.12 45.03
CA LYS Q 90 -0.57 -49.75 46.05
C LYS Q 90 -0.26 -50.95 46.96
N THR Q 91 -1.15 -51.95 46.97
CA THR Q 91 -1.04 -53.13 47.84
C THR Q 91 0.07 -54.05 47.33
N TYR Q 92 0.95 -54.47 48.24
CA TYR Q 92 1.98 -55.47 47.96
C TYR Q 92 1.32 -56.85 47.94
N ASP Q 93 1.22 -57.46 46.74
CA ASP Q 93 0.31 -58.58 46.55
C ASP Q 93 0.85 -59.69 45.64
N THR Q 94 2.05 -59.51 45.06
CA THR Q 94 2.71 -60.58 44.30
C THR Q 94 4.02 -60.93 44.99
N ASN Q 95 4.14 -62.20 45.41
CA ASN Q 95 5.37 -62.76 45.91
C ASN Q 95 6.24 -63.15 44.71
N LEU Q 96 7.51 -62.69 44.70
CA LEU Q 96 8.43 -62.99 43.60
C LEU Q 96 8.75 -64.49 43.57
N PRO Q 97 8.90 -65.10 42.38
CA PRO Q 97 9.23 -66.52 42.27
C PRO Q 97 10.71 -66.86 42.49
N ASP Q 98 11.53 -65.81 42.72
CA ASP Q 98 12.97 -65.91 42.65
C ASP Q 98 13.63 -64.92 43.62
N SER Q 99 14.96 -65.07 43.79
CA SER Q 99 15.79 -64.28 44.68
C SER Q 99 16.47 -63.15 43.88
N VAL Q 100 16.40 -61.91 44.39
CA VAL Q 100 16.80 -60.74 43.60
C VAL Q 100 17.69 -59.78 44.39
N PRO Q 101 18.69 -59.12 43.74
CA PRO Q 101 19.77 -58.44 44.45
C PRO Q 101 19.49 -57.10 45.11
N TYR Q 102 19.95 -56.98 46.37
CA TYR Q 102 20.27 -55.70 46.96
C TYR Q 102 21.66 -55.27 46.49
N VAL Q 103 21.95 -53.98 46.65
CA VAL Q 103 23.33 -53.49 46.68
C VAL Q 103 23.64 -53.10 48.12
N VAL Q 104 24.81 -53.54 48.61
CA VAL Q 104 25.38 -53.02 49.84
C VAL Q 104 26.57 -52.15 49.46
N ILE Q 105 26.57 -50.91 49.96
CA ILE Q 105 27.59 -49.92 49.62
C ILE Q 105 28.32 -49.52 50.90
N LEU Q 106 29.66 -49.65 50.89
CA LEU Q 106 30.50 -49.18 51.97
C LEU Q 106 31.31 -47.98 51.49
N PRO Q 107 31.05 -46.75 52.02
CA PRO Q 107 31.72 -45.54 51.52
C PRO Q 107 33.14 -45.31 52.01
N SER Q 108 33.52 -46.02 53.09
CA SER Q 108 34.83 -45.89 53.71
C SER Q 108 35.35 -47.27 54.14
N SER Q 109 36.64 -47.32 54.52
CA SER Q 109 37.22 -48.52 55.12
C SER Q 109 36.60 -48.75 56.49
N VAL Q 110 36.21 -50.01 56.77
CA VAL Q 110 35.88 -50.43 58.12
C VAL Q 110 37.20 -50.70 58.83
N THR Q 111 37.44 -49.99 59.95
CA THR Q 111 38.76 -49.89 60.55
C THR Q 111 38.91 -50.85 61.73
N ASN Q 112 40.00 -51.64 61.70
CA ASN Q 112 40.49 -52.46 62.81
C ASN Q 112 39.38 -53.37 63.35
N VAL Q 113 38.76 -54.11 62.42
CA VAL Q 113 37.74 -55.12 62.67
C VAL Q 113 38.35 -56.23 63.52
N PRO Q 114 37.72 -56.64 64.65
CA PRO Q 114 38.25 -57.73 65.48
C PRO Q 114 38.08 -59.13 64.87
N LEU Q 115 39.07 -59.99 65.13
CA LEU Q 115 39.12 -61.37 64.65
C LEU Q 115 39.37 -62.30 65.84
N ASP Q 116 39.32 -63.62 65.59
CA ASP Q 116 39.82 -64.62 66.52
C ASP Q 116 41.36 -64.68 66.41
N THR Q 117 42.00 -65.41 67.34
CA THR Q 117 43.45 -65.44 67.44
C THR Q 117 44.04 -66.69 66.78
N ASP Q 118 43.16 -67.57 66.28
CA ASP Q 118 43.51 -68.95 65.95
C ASP Q 118 44.07 -69.05 64.52
N VAL Q 119 43.93 -70.25 63.93
CA VAL Q 119 44.42 -70.63 62.61
C VAL Q 119 43.64 -69.88 61.53
N ASP Q 120 42.43 -69.42 61.85
CA ASP Q 120 41.44 -69.13 60.83
C ASP Q 120 40.48 -68.01 61.25
N ASN Q 121 39.88 -67.36 60.24
CA ASN Q 121 38.60 -66.70 60.36
C ASN Q 121 37.82 -66.92 59.07
N ASP Q 122 36.49 -67.07 59.19
CA ASP Q 122 35.59 -66.76 58.10
C ASP Q 122 35.09 -65.34 58.29
N VAL Q 123 35.07 -64.55 57.21
CA VAL Q 123 34.50 -63.22 57.25
C VAL Q 123 33.27 -63.20 56.34
N TRP Q 124 32.11 -62.87 56.94
CA TRP Q 124 30.84 -62.74 56.25
C TRP Q 124 30.36 -61.29 56.32
N LEU Q 125 29.77 -60.81 55.22
CA LEU Q 125 29.05 -59.55 55.17
C LEU Q 125 27.55 -59.84 55.06
N ALA Q 126 26.73 -59.16 55.89
CA ALA Q 126 25.31 -59.48 56.01
C ALA Q 126 24.46 -58.23 56.21
N VAL Q 127 23.19 -58.32 55.76
CA VAL Q 127 22.20 -57.27 55.81
C VAL Q 127 21.06 -57.72 56.73
N ASP Q 128 20.54 -56.77 57.52
CA ASP Q 128 19.32 -56.98 58.30
C ASP Q 128 18.14 -56.39 57.52
N PRO Q 129 17.31 -57.21 56.83
CA PRO Q 129 16.15 -56.69 56.10
C PRO Q 129 14.94 -56.47 57.00
N THR Q 130 15.12 -55.63 58.03
CA THR Q 130 14.05 -55.22 58.94
C THR Q 130 14.16 -53.74 59.30
N SER Q 131 15.27 -53.11 58.91
CA SER Q 131 15.47 -51.69 59.08
C SER Q 131 16.24 -51.13 57.88
N ASN Q 132 16.10 -49.83 57.62
CA ASN Q 132 16.74 -49.19 56.50
C ASN Q 132 18.22 -48.99 56.82
N ASP Q 133 19.09 -49.52 55.94
CA ASP Q 133 20.54 -49.34 55.95
C ASP Q 133 21.13 -49.83 57.27
N SER Q 134 20.85 -51.10 57.61
CA SER Q 134 21.44 -51.78 58.75
C SER Q 134 22.20 -53.03 58.26
N VAL Q 135 23.53 -53.00 58.43
CA VAL Q 135 24.47 -53.94 57.83
C VAL Q 135 25.50 -54.31 58.91
N TYR Q 136 26.02 -55.55 58.87
CA TYR Q 136 27.01 -56.00 59.84
C TYR Q 136 27.95 -57.06 59.26
N ILE Q 137 29.14 -57.20 59.88
CA ILE Q 137 30.18 -58.16 59.53
C ILE Q 137 30.33 -59.17 60.67
N ARG Q 138 30.44 -60.46 60.30
CA ARG Q 138 30.78 -61.53 61.22
C ARG Q 138 32.23 -61.96 61.01
N SER Q 139 32.93 -62.19 62.14
CA SER Q 139 34.34 -62.56 62.17
C SER Q 139 34.59 -63.63 63.22
N GLY Q 140 35.77 -64.25 63.17
CA GLY Q 140 36.07 -65.42 63.98
C GLY Q 140 35.96 -66.71 63.15
N ASN Q 141 36.04 -67.86 63.82
CA ASN Q 141 36.16 -69.15 63.15
C ASN Q 141 35.18 -70.17 63.71
N GLY Q 142 34.89 -71.19 62.88
CA GLY Q 142 33.93 -72.25 63.17
C GLY Q 142 32.51 -71.72 63.28
N LEU Q 143 32.34 -70.45 62.88
CA LEU Q 143 31.11 -69.70 63.11
C LEU Q 143 30.36 -69.55 61.80
N SER Q 144 29.14 -70.10 61.78
CA SER Q 144 28.32 -70.27 60.59
C SER Q 144 27.82 -68.92 60.08
N ALA Q 145 27.54 -68.87 58.76
CA ALA Q 145 26.96 -67.72 58.09
C ALA Q 145 25.63 -67.36 58.72
N PRO Q 146 25.26 -66.05 58.80
CA PRO Q 146 23.93 -65.63 59.24
C PRO Q 146 22.81 -66.24 58.41
N SER Q 147 21.63 -66.35 59.04
CA SER Q 147 20.39 -66.67 58.35
C SER Q 147 19.96 -65.50 57.47
N ASP Q 148 20.48 -64.30 57.79
CA ASP Q 148 20.23 -63.06 57.07
C ASP Q 148 20.82 -63.14 55.66
N PRO Q 149 20.32 -62.33 54.69
CA PRO Q 149 20.97 -62.15 53.39
C PRO Q 149 22.43 -61.76 53.60
N SER Q 150 23.34 -62.60 53.07
CA SER Q 150 24.75 -62.53 53.40
C SER Q 150 25.62 -63.13 52.29
N VAL Q 151 26.91 -62.75 52.30
CA VAL Q 151 27.88 -63.18 51.31
C VAL Q 151 29.23 -63.43 52.00
N LYS Q 152 29.96 -64.43 51.51
CA LYS Q 152 31.28 -64.79 52.01
C LYS Q 152 32.31 -63.80 51.48
N LEU Q 153 32.73 -62.88 52.36
CA LEU Q 153 33.67 -61.81 52.03
C LEU Q 153 35.08 -62.39 51.84
N GLY Q 154 35.36 -63.49 52.57
CA GLY Q 154 36.62 -64.22 52.46
C GLY Q 154 37.01 -64.95 53.74
N THR Q 155 38.30 -65.29 53.85
CA THR Q 155 38.91 -65.90 55.02
C THR Q 155 40.26 -65.25 55.30
N VAL Q 156 40.62 -65.14 56.59
CA VAL Q 156 41.84 -64.50 57.05
C VAL Q 156 42.45 -65.38 58.15
N ASN Q 157 43.61 -65.98 57.85
CA ASN Q 157 44.36 -66.82 58.79
C ASN Q 157 45.03 -65.90 59.81
N SER Q 158 44.50 -65.88 61.04
CA SER Q 158 44.97 -64.98 62.10
C SER Q 158 46.38 -65.36 62.58
N SER Q 159 46.78 -66.61 62.35
CA SER Q 159 48.08 -67.07 62.82
C SER Q 159 49.22 -66.50 61.97
N THR Q 160 48.99 -66.32 60.65
CA THR Q 160 50.06 -66.02 59.72
C THR Q 160 49.79 -64.79 58.86
N GLY Q 161 48.51 -64.56 58.52
CA GLY Q 161 48.11 -63.41 57.72
C GLY Q 161 47.64 -63.75 56.32
N SER Q 162 47.55 -65.05 55.99
CA SER Q 162 47.12 -65.55 54.68
C SER Q 162 45.61 -65.34 54.49
N THR Q 163 45.17 -65.24 53.23
CA THR Q 163 43.76 -65.02 52.89
C THR Q 163 43.34 -65.71 51.60
N THR Q 164 42.03 -66.01 51.47
CA THR Q 164 41.35 -66.24 50.20
C THR Q 164 39.96 -65.58 50.22
N ARG Q 165 39.36 -65.33 49.04
CA ARG Q 165 38.01 -64.80 48.91
C ARG Q 165 37.34 -65.34 47.64
N PRO Q 166 36.29 -66.19 47.76
CA PRO Q 166 35.75 -66.94 46.61
C PRO Q 166 34.58 -66.33 45.81
N ASN Q 167 34.24 -65.06 46.10
CA ASN Q 167 33.11 -64.39 45.47
C ASN Q 167 33.43 -62.91 45.18
N ASP Q 168 34.71 -62.61 44.91
CA ASP Q 168 35.19 -61.23 44.85
C ASP Q 168 34.88 -60.58 43.50
N LEU Q 169 34.42 -61.39 42.53
CA LEU Q 169 33.76 -60.93 41.30
C LEU Q 169 32.65 -61.92 40.93
N ALA Q 170 31.85 -61.57 39.91
CA ALA Q 170 30.60 -62.25 39.59
C ALA Q 170 30.82 -63.67 39.09
N ASP Q 171 29.90 -64.57 39.48
CA ASP Q 171 29.59 -65.78 38.74
C ASP Q 171 28.59 -65.40 37.65
N HIS Q 172 28.63 -66.09 36.50
CA HIS Q 172 27.80 -65.72 35.35
C HIS Q 172 27.48 -66.96 34.51
N SER Q 173 26.27 -66.95 33.91
CA SER Q 173 25.84 -68.02 33.00
C SER Q 173 25.08 -67.43 31.81
N VAL Q 174 25.35 -68.01 30.63
CA VAL Q 174 24.84 -67.55 29.35
C VAL Q 174 24.43 -68.76 28.52
N ASP Q 175 23.68 -68.51 27.44
CA ASP Q 175 23.54 -69.50 26.37
C ASP Q 175 24.77 -69.39 25.47
N ALA Q 176 24.75 -68.39 24.58
CA ALA Q 176 25.88 -68.10 23.71
C ALA Q 176 26.58 -66.82 24.18
N LEU Q 177 27.90 -66.89 24.30
CA LEU Q 177 28.71 -65.67 24.36
C LEU Q 177 29.39 -65.47 23.01
N ASN Q 178 29.25 -64.25 22.48
CA ASN Q 178 30.05 -63.77 21.36
C ASN Q 178 30.95 -62.64 21.87
N ALA Q 179 32.24 -62.66 21.50
CA ALA Q 179 33.24 -61.78 22.08
C ALA Q 179 34.29 -61.37 21.05
N THR Q 180 35.11 -60.37 21.41
CA THR Q 180 36.35 -60.09 20.70
C THR Q 180 37.45 -60.98 21.27
N THR Q 181 37.67 -60.88 22.59
CA THR Q 181 38.76 -61.56 23.29
C THR Q 181 38.24 -62.20 24.58
N ILE Q 182 38.99 -63.20 25.07
CA ILE Q 182 38.72 -63.91 26.32
C ILE Q 182 40.05 -64.05 27.06
N ASP Q 183 40.06 -63.76 28.37
CA ASP Q 183 41.28 -63.63 29.15
C ASP Q 183 41.11 -64.27 30.52
N ALA Q 184 41.60 -65.51 30.66
CA ALA Q 184 41.39 -66.31 31.87
C ALA Q 184 42.68 -66.44 32.68
N SER Q 185 42.57 -66.15 33.99
CA SER Q 185 43.66 -66.32 34.94
C SER Q 185 43.68 -67.74 35.52
N ASP Q 186 42.85 -68.64 34.94
CA ASP Q 186 42.74 -70.04 35.32
C ASP Q 186 42.11 -70.83 34.17
N THR Q 187 41.55 -72.02 34.47
CA THR Q 187 41.16 -73.04 33.50
C THR Q 187 40.05 -72.57 32.56
N VAL Q 188 40.21 -72.93 31.26
CA VAL Q 188 39.19 -72.86 30.22
C VAL Q 188 38.88 -74.29 29.79
N THR Q 189 37.59 -74.60 29.56
CA THR Q 189 37.14 -75.95 29.20
C THR Q 189 35.98 -75.86 28.20
N GLY Q 190 35.81 -76.90 27.36
CA GLY Q 190 34.68 -76.96 26.44
C GLY Q 190 34.61 -78.23 25.60
N ASP Q 191 33.36 -78.60 25.22
CA ASP Q 191 32.98 -79.83 24.54
C ASP Q 191 33.61 -79.92 23.15
N THR Q 192 34.05 -78.76 22.62
CA THR Q 192 34.95 -78.67 21.49
C THR Q 192 35.74 -77.37 21.61
N VAL Q 193 37.04 -77.46 21.88
CA VAL Q 193 37.89 -76.32 21.56
C VAL Q 193 38.08 -76.33 20.05
N ASP Q 194 37.75 -75.18 19.43
CA ASP Q 194 37.67 -75.03 17.99
C ASP Q 194 38.65 -73.93 17.58
N ALA Q 195 39.93 -74.31 17.55
CA ALA Q 195 41.05 -73.38 17.48
C ALA Q 195 41.43 -73.10 16.03
N THR Q 196 40.47 -72.59 15.24
CA THR Q 196 40.68 -72.31 13.82
C THR Q 196 41.82 -71.30 13.64
N THR Q 197 42.57 -71.45 12.53
CA THR Q 197 43.53 -70.48 12.01
C THR Q 197 44.83 -70.45 12.82
N THR Q 198 44.76 -70.40 14.15
CA THR Q 198 45.95 -70.33 15.00
C THR Q 198 45.72 -71.04 16.34
N LEU Q 199 46.61 -72.00 16.63
CA LEU Q 199 46.70 -72.64 17.94
C LEU Q 199 48.11 -72.40 18.49
N THR Q 200 48.19 -71.66 19.60
CA THR Q 200 49.45 -71.33 20.26
C THR Q 200 49.56 -72.13 21.55
N ASP Q 201 50.71 -72.79 21.73
CA ASP Q 201 51.01 -73.62 22.88
C ASP Q 201 51.73 -72.78 23.95
N ALA Q 202 52.15 -73.44 25.05
CA ALA Q 202 52.68 -72.78 26.24
C ALA Q 202 54.03 -72.13 25.97
N ALA Q 203 54.75 -72.62 24.95
CA ALA Q 203 56.06 -72.12 24.58
C ALA Q 203 55.94 -70.88 23.68
N GLY Q 204 54.85 -70.81 22.92
CA GLY Q 204 54.56 -69.68 22.03
C GLY Q 204 54.80 -70.02 20.55
N VAL Q 205 54.52 -71.28 20.18
CA VAL Q 205 54.62 -71.72 18.79
C VAL Q 205 53.22 -71.76 18.20
N SER Q 206 52.99 -70.93 17.17
CA SER Q 206 51.67 -70.71 16.60
C SER Q 206 51.43 -71.62 15.39
N HIS Q 207 50.80 -72.77 15.66
CA HIS Q 207 50.50 -73.77 14.65
C HIS Q 207 49.29 -73.32 13.82
N THR Q 208 49.41 -73.44 12.49
CA THR Q 208 48.32 -73.17 11.56
C THR Q 208 47.93 -74.45 10.83
N GLY Q 209 48.93 -75.30 10.53
CA GLY Q 209 48.69 -76.64 10.04
C GLY Q 209 48.07 -77.53 11.12
N GLU Q 210 47.70 -78.75 10.72
CA GLU Q 210 47.12 -79.72 11.64
C GLU Q 210 48.20 -80.30 12.56
N LEU Q 211 47.78 -80.85 13.71
CA LEU Q 211 48.68 -81.49 14.66
C LEU Q 211 48.51 -83.02 14.58
N GLU Q 212 49.41 -83.77 15.23
CA GLU Q 212 49.49 -85.21 15.06
C GLU Q 212 49.06 -85.95 16.32
N ASP Q 213 48.17 -86.94 16.14
CA ASP Q 213 47.70 -87.84 17.18
C ASP Q 213 48.79 -88.85 17.53
N ILE Q 214 48.53 -89.68 18.56
CA ILE Q 214 49.22 -90.95 18.74
C ILE Q 214 48.84 -91.86 17.58
N ASN Q 215 49.70 -92.87 17.30
CA ASN Q 215 49.49 -93.90 16.29
C ASN Q 215 49.53 -93.32 14.88
N HIS Q 216 50.34 -92.26 14.69
CA HIS Q 216 50.49 -91.58 13.41
C HIS Q 216 51.48 -92.31 12.52
N GLY Q 217 52.48 -92.97 13.13
CA GLY Q 217 53.71 -93.44 12.50
C GLY Q 217 53.50 -94.33 11.27
N SER Q 218 52.32 -94.96 11.19
CA SER Q 218 51.90 -95.81 10.07
C SER Q 218 51.96 -95.06 8.75
N LYS Q 219 51.89 -93.72 8.80
CA LYS Q 219 51.98 -92.85 7.64
C LYS Q 219 53.33 -92.97 6.96
N HIS Q 220 54.40 -93.21 7.75
CA HIS Q 220 55.78 -93.19 7.27
C HIS Q 220 56.10 -94.43 6.42
N GLU Q 221 55.10 -95.31 6.23
CA GLU Q 221 55.25 -96.54 5.45
C GLU Q 221 54.63 -96.32 4.06
N ASP Q 222 54.61 -97.38 3.23
CA ASP Q 222 54.19 -97.36 1.83
C ASP Q 222 52.74 -96.89 1.71
N GLY Q 223 52.52 -95.81 0.95
CA GLY Q 223 51.20 -95.38 0.53
C GLY Q 223 50.55 -94.36 1.49
N GLY Q 224 51.23 -94.05 2.59
CA GLY Q 224 50.80 -93.03 3.54
C GLY Q 224 51.24 -91.64 3.10
N SER Q 225 51.97 -90.95 3.99
CA SER Q 225 52.60 -89.66 3.74
C SER Q 225 53.75 -89.44 4.70
N ASP Q 226 54.74 -88.63 4.29
CA ASP Q 226 55.99 -88.38 5.02
C ASP Q 226 56.74 -89.70 5.25
N GLU Q 227 56.88 -90.48 4.16
CA GLU Q 227 57.55 -91.77 4.13
C GLU Q 227 59.06 -91.53 4.19
N ILE Q 228 59.63 -91.64 5.41
CA ILE Q 228 60.96 -91.13 5.75
C ILE Q 228 62.08 -91.91 5.05
N SER Q 229 63.27 -91.32 5.01
CA SER Q 229 64.49 -91.98 4.57
C SER Q 229 65.35 -92.36 5.77
N VAL Q 230 65.92 -93.57 5.71
CA VAL Q 230 66.70 -94.16 6.79
C VAL Q 230 68.17 -93.79 6.63
N GLY Q 231 68.50 -93.11 5.52
CA GLY Q 231 69.85 -92.67 5.20
C GLY Q 231 70.51 -91.90 6.36
N GLY Q 232 71.62 -92.45 6.87
CA GLY Q 232 72.44 -91.81 7.87
C GLY Q 232 72.10 -92.20 9.30
N LEU Q 233 71.06 -93.04 9.50
CA LEU Q 233 70.63 -93.43 10.83
C LEU Q 233 71.50 -94.57 11.36
N SER Q 234 71.24 -95.01 12.61
CA SER Q 234 72.16 -95.81 13.41
C SER Q 234 71.49 -97.05 14.00
N GLY Q 235 72.32 -98.05 14.37
CA GLY Q 235 71.87 -99.28 14.99
C GLY Q 235 71.77 -100.44 14.00
N ASP Q 236 71.61 -101.67 14.51
CA ASP Q 236 71.58 -102.90 13.72
C ASP Q 236 70.17 -103.48 13.68
N LEU Q 237 69.70 -103.77 12.45
CA LEU Q 237 68.33 -104.21 12.19
C LEU Q 237 68.11 -105.64 12.66
N ALA Q 238 66.87 -105.94 13.07
CA ALA Q 238 66.46 -107.22 13.62
C ALA Q 238 66.39 -108.30 12.53
N ASP Q 239 66.16 -107.86 11.28
CA ASP Q 239 66.26 -108.72 10.11
C ASP Q 239 67.59 -108.47 9.40
N PRO Q 240 68.30 -109.53 8.92
CA PRO Q 240 69.50 -109.33 8.10
C PRO Q 240 69.13 -108.82 6.72
N GLN Q 241 70.03 -108.05 6.10
CA GLN Q 241 69.70 -107.16 5.00
C GLN Q 241 70.37 -107.61 3.70
N ASP Q 242 69.69 -107.36 2.56
CA ASP Q 242 70.22 -107.58 1.23
C ASP Q 242 71.54 -106.82 1.10
N PRO Q 243 72.71 -107.50 0.95
CA PRO Q 243 74.00 -106.81 0.95
C PRO Q 243 74.36 -106.06 -0.34
N LYS Q 244 75.02 -104.91 -0.15
CA LYS Q 244 75.59 -104.02 -1.17
C LYS Q 244 76.78 -104.73 -1.82
N ALA Q 245 77.29 -104.18 -2.94
CA ALA Q 245 78.43 -104.73 -3.66
C ALA Q 245 79.68 -104.69 -2.78
N HIS Q 246 80.38 -105.84 -2.67
CA HIS Q 246 81.34 -106.04 -1.59
C HIS Q 246 82.40 -107.11 -1.87
N ALA Q 247 82.60 -107.48 -3.14
CA ALA Q 247 83.55 -108.53 -3.53
C ALA Q 247 84.95 -108.31 -2.95
N ALA Q 248 85.39 -107.05 -2.90
CA ALA Q 248 86.72 -106.65 -2.48
C ALA Q 248 86.99 -107.03 -1.02
N SER Q 249 85.94 -107.20 -0.23
CA SER Q 249 86.04 -107.55 1.18
C SER Q 249 86.38 -109.03 1.37
N HIS Q 250 86.45 -109.79 0.27
CA HIS Q 250 86.82 -111.19 0.30
C HIS Q 250 88.28 -111.39 -0.13
N SER Q 251 89.07 -110.30 -0.09
CA SER Q 251 90.50 -110.33 -0.34
C SER Q 251 91.24 -110.97 0.84
N ALA Q 252 92.52 -111.27 0.65
CA ALA Q 252 93.36 -111.87 1.68
C ALA Q 252 93.81 -110.82 2.70
N ASP Q 253 93.72 -109.53 2.32
CA ASP Q 253 94.32 -108.43 3.06
C ASP Q 253 93.30 -107.62 3.87
N SER Q 254 91.99 -107.82 3.60
CA SER Q 254 90.92 -107.04 4.20
C SER Q 254 90.62 -107.49 5.63
N ALA Q 255 89.79 -106.70 6.34
CA ALA Q 255 89.36 -106.97 7.70
C ALA Q 255 88.48 -108.23 7.72
N ASP Q 256 87.65 -108.39 6.68
CA ASP Q 256 87.00 -109.65 6.35
C ASP Q 256 88.00 -110.55 5.62
N GLU Q 257 87.89 -111.87 5.85
CA GLU Q 257 88.77 -112.86 5.24
C GLU Q 257 88.05 -114.20 5.09
N ILE Q 258 88.35 -114.90 3.98
CA ILE Q 258 87.94 -116.29 3.74
C ILE Q 258 89.12 -117.04 3.12
N SER Q 259 89.26 -118.33 3.46
CA SER Q 259 90.36 -119.16 2.96
C SER Q 259 89.84 -120.41 2.25
N VAL Q 260 90.62 -120.92 1.30
CA VAL Q 260 90.15 -121.86 0.29
C VAL Q 260 89.90 -123.26 0.88
N GLU Q 261 90.68 -123.63 1.91
CA GLU Q 261 90.53 -124.92 2.59
C GLU Q 261 89.20 -124.99 3.36
N ASN Q 262 88.51 -123.85 3.48
CA ASN Q 262 87.22 -123.77 4.14
C ASN Q 262 86.08 -124.07 3.16
N LEU Q 263 86.35 -123.98 1.85
CA LEU Q 263 85.31 -123.94 0.82
C LEU Q 263 84.88 -125.34 0.39
N SER Q 264 83.67 -125.41 -0.20
CA SER Q 264 83.02 -126.65 -0.60
C SER Q 264 83.45 -127.06 -2.02
N THR Q 265 83.20 -128.32 -2.36
CA THR Q 265 83.18 -128.79 -3.74
C THR Q 265 82.27 -130.01 -3.90
N THR Q 266 81.69 -130.11 -5.10
CA THR Q 266 80.93 -131.28 -5.53
C THR Q 266 81.88 -132.36 -6.06
N GLY Q 267 83.15 -131.99 -6.25
CA GLY Q 267 84.16 -132.89 -6.81
C GLY Q 267 84.52 -134.03 -5.87
N SER Q 268 84.54 -135.25 -6.43
CA SER Q 268 84.86 -136.49 -5.72
C SER Q 268 86.32 -136.47 -5.25
N ALA Q 269 86.72 -137.50 -4.47
CA ALA Q 269 88.07 -137.61 -3.95
C ALA Q 269 89.09 -137.57 -5.09
N ASP Q 270 90.18 -136.83 -4.86
CA ASP Q 270 91.32 -136.63 -5.76
C ASP Q 270 91.02 -135.63 -6.88
N THR Q 271 89.84 -134.98 -6.87
CA THR Q 271 89.55 -133.93 -7.83
C THR Q 271 90.25 -132.64 -7.43
N VAL Q 272 90.55 -131.80 -8.44
CA VAL Q 272 91.31 -130.57 -8.29
C VAL Q 272 90.58 -129.46 -9.05
N PRO Q 273 90.49 -128.21 -8.50
CA PRO Q 273 90.01 -127.06 -9.27
C PRO Q 273 91.05 -126.63 -10.30
N ILE Q 274 90.69 -126.73 -11.59
CA ILE Q 274 91.54 -126.28 -12.68
C ILE Q 274 90.72 -125.42 -13.64
N SER Q 275 91.39 -124.42 -14.23
CA SER Q 275 90.78 -123.50 -15.19
C SER Q 275 90.56 -124.20 -16.53
N GLN Q 276 89.46 -123.81 -17.20
CA GLN Q 276 89.14 -124.29 -18.54
C GLN Q 276 89.25 -123.15 -19.55
N GLY Q 277 89.77 -122.00 -19.10
CA GLY Q 277 89.64 -120.74 -19.83
C GLY Q 277 88.24 -120.15 -19.60
N ASP Q 278 87.96 -119.03 -20.29
CA ASP Q 278 86.66 -118.35 -20.27
C ASP Q 278 86.23 -118.04 -18.83
N GLY Q 279 87.21 -117.69 -17.99
CA GLY Q 279 87.01 -117.28 -16.60
C GLY Q 279 86.56 -118.40 -15.65
N THR Q 280 86.55 -119.65 -16.14
CA THR Q 280 85.77 -120.73 -15.56
C THR Q 280 86.66 -121.81 -14.95
N LEU Q 281 86.35 -122.23 -13.72
CA LEU Q 281 87.00 -123.34 -13.04
C LEU Q 281 86.21 -124.63 -13.24
N SER Q 282 86.87 -125.77 -13.00
CA SER Q 282 86.31 -127.11 -13.17
C SER Q 282 86.99 -128.09 -12.21
N MET Q 283 86.27 -129.17 -11.86
CA MET Q 283 86.85 -130.24 -11.07
C MET Q 283 87.44 -131.31 -11.99
N GLY Q 284 88.70 -131.08 -12.39
CA GLY Q 284 89.52 -132.05 -13.09
C GLY Q 284 90.27 -132.96 -12.11
N SER Q 285 91.23 -133.74 -12.63
CA SER Q 285 92.06 -134.63 -11.83
C SER Q 285 93.50 -134.58 -12.33
N ALA R 2 -5.44 -69.15 19.38
CA ALA R 2 -4.94 -69.62 20.70
C ALA R 2 -4.81 -68.44 21.66
N ASP R 3 -5.21 -68.67 22.92
CA ASP R 3 -5.31 -67.63 23.94
C ASP R 3 -5.24 -68.28 25.33
N THR R 4 -4.62 -67.56 26.28
CA THR R 4 -4.51 -67.94 27.69
C THR R 4 -4.00 -66.74 28.49
N THR R 5 -4.86 -66.18 29.36
CA THR R 5 -4.46 -65.09 30.24
C THR R 5 -3.85 -65.67 31.51
N ILE R 6 -2.62 -65.26 31.82
CA ILE R 6 -1.99 -65.56 33.11
C ILE R 6 -2.42 -64.46 34.07
N ILE R 7 -3.33 -64.80 35.00
CA ILE R 7 -4.04 -63.78 35.77
C ILE R 7 -3.16 -63.15 36.86
N ASP R 8 -2.06 -63.81 37.23
CA ASP R 8 -1.25 -63.35 38.36
C ASP R 8 0.14 -62.89 37.91
N ALA R 9 0.37 -62.81 36.59
CA ALA R 9 1.64 -62.35 36.03
C ALA R 9 1.80 -60.84 36.27
N VAL R 10 3.07 -60.40 36.39
CA VAL R 10 3.37 -58.98 36.50
C VAL R 10 4.46 -58.59 35.49
N VAL R 11 4.36 -57.33 35.01
CA VAL R 11 5.23 -56.76 33.99
C VAL R 11 5.73 -55.41 34.48
N PHE R 12 7.03 -55.13 34.26
CA PHE R 12 7.67 -53.89 34.68
C PHE R 12 8.83 -53.58 33.74
N PRO R 13 9.19 -52.28 33.52
CA PRO R 13 8.37 -51.13 33.90
C PRO R 13 7.39 -50.70 32.81
N GLN R 14 6.27 -50.11 33.23
CA GLN R 14 5.23 -49.65 32.31
C GLN R 14 4.71 -48.27 32.72
N ASP R 15 4.67 -47.35 31.76
CA ASP R 15 4.11 -46.01 31.91
C ASP R 15 3.53 -45.55 30.56
N ASP R 16 3.25 -44.24 30.43
CA ASP R 16 2.62 -43.66 29.25
C ASP R 16 3.50 -43.86 28.01
N GLY R 17 4.82 -43.97 28.22
CA GLY R 17 5.82 -44.07 27.16
C GLY R 17 5.94 -45.48 26.60
N THR R 18 5.73 -46.47 27.48
CA THR R 18 5.30 -47.81 27.07
C THR R 18 3.83 -47.69 26.69
N GLY R 19 3.22 -48.74 26.15
CA GLY R 19 1.81 -48.64 25.83
C GLY R 19 0.93 -48.91 27.05
N VAL R 20 0.66 -47.87 27.87
CA VAL R 20 -0.43 -47.90 28.86
C VAL R 20 -1.03 -46.51 29.01
N SER R 21 -2.30 -46.45 29.46
CA SER R 21 -3.01 -45.19 29.70
C SER R 21 -2.44 -44.49 30.94
N ASN R 22 -2.85 -43.24 31.16
CA ASN R 22 -2.23 -42.36 32.15
C ASN R 22 -2.51 -42.81 33.58
N GLY R 23 -3.57 -43.60 33.77
CA GLY R 23 -3.89 -44.15 35.08
C GLY R 23 -3.08 -45.40 35.44
N ASP R 24 -2.61 -46.11 34.41
CA ASP R 24 -2.23 -47.51 34.50
C ASP R 24 -0.72 -47.70 34.65
N GLU R 25 0.01 -46.68 35.11
CA GLU R 25 1.45 -46.75 35.29
C GLU R 25 1.78 -47.70 36.44
N ASP R 26 2.92 -48.40 36.34
CA ASP R 26 3.40 -49.26 37.43
C ASP R 26 3.88 -48.41 38.60
N TYR R 27 3.91 -49.01 39.79
CA TYR R 27 4.53 -48.41 40.97
C TYR R 27 5.99 -48.83 41.05
N ASP R 28 6.81 -47.94 41.63
CA ASP R 28 8.28 -48.17 41.73
C ASP R 28 8.61 -49.07 42.92
N SER R 29 8.20 -50.33 42.86
CA SER R 29 8.50 -51.29 43.93
C SER R 29 9.96 -51.72 43.86
N ALA R 30 10.54 -52.02 45.03
CA ALA R 30 11.93 -52.42 45.17
C ALA R 30 12.19 -53.74 44.44
N GLY R 31 11.27 -54.70 44.60
CA GLY R 31 11.37 -56.01 43.99
C GLY R 31 11.42 -55.94 42.47
N TYR R 32 10.72 -54.95 41.90
CA TYR R 32 10.71 -54.70 40.47
C TYR R 32 12.07 -54.14 40.02
N LEU R 33 12.64 -53.21 40.80
CA LEU R 33 13.92 -52.61 40.46
C LEU R 33 15.03 -53.66 40.52
N ALA R 34 14.98 -54.54 41.53
CA ALA R 34 15.97 -55.58 41.73
C ALA R 34 15.87 -56.65 40.64
N SER R 35 14.64 -57.02 40.27
CA SER R 35 14.41 -58.05 39.26
C SER R 35 14.77 -57.53 37.87
N LEU R 36 14.58 -56.23 37.63
CA LEU R 36 14.96 -55.62 36.35
C LEU R 36 16.48 -55.50 36.25
N ALA R 37 17.14 -55.18 37.36
CA ALA R 37 18.59 -55.02 37.43
C ALA R 37 19.30 -56.35 37.21
N ARG R 38 18.52 -57.44 37.14
CA ARG R 38 19.03 -58.79 36.91
C ARG R 38 19.35 -59.01 35.42
N TYR R 39 18.96 -58.05 34.56
CA TYR R 39 19.22 -58.15 33.13
C TYR R 39 20.71 -58.02 32.85
N ALA R 40 21.22 -58.87 31.94
CA ALA R 40 22.63 -58.92 31.62
C ALA R 40 22.90 -59.30 30.16
N GLY R 41 21.89 -59.82 29.46
CA GLY R 41 22.05 -60.30 28.08
C GLY R 41 22.04 -59.18 27.05
N ASP R 42 21.58 -59.49 25.83
CA ASP R 42 21.41 -58.48 24.78
C ASP R 42 20.07 -58.63 24.06
N GLY R 43 19.49 -59.85 24.08
CA GLY R 43 18.20 -60.12 23.46
C GLY R 43 17.10 -60.34 24.49
N SER R 44 16.00 -60.99 24.05
CA SER R 44 14.96 -61.51 24.93
C SER R 44 15.37 -62.89 25.41
N TYR R 45 15.23 -63.15 26.72
CA TYR R 45 15.72 -64.40 27.30
C TYR R 45 14.97 -64.76 28.59
N VAL R 46 15.10 -66.04 28.99
CA VAL R 46 14.49 -66.59 30.20
C VAL R 46 15.56 -66.65 31.30
N GLY R 47 15.24 -66.09 32.47
CA GLY R 47 16.21 -65.78 33.52
C GLY R 47 16.63 -67.01 34.34
N GLY R 48 17.77 -66.87 35.04
CA GLY R 48 18.39 -67.93 35.81
C GLY R 48 18.21 -67.76 37.33
N ASP R 49 18.12 -68.89 38.04
CA ASP R 49 17.65 -68.99 39.42
C ASP R 49 18.76 -68.75 40.44
N SER R 50 19.95 -68.33 39.98
CA SER R 50 21.18 -68.17 40.76
C SER R 50 21.97 -69.46 40.91
N THR R 51 21.35 -70.61 40.59
CA THR R 51 22.08 -71.82 40.26
C THR R 51 22.48 -71.74 38.79
N GLY R 52 21.92 -70.75 38.09
CA GLY R 52 22.07 -70.59 36.66
C GLY R 52 21.06 -71.45 35.89
N SER R 53 20.22 -72.20 36.63
CA SER R 53 19.21 -73.05 36.03
C SER R 53 18.13 -72.18 35.39
N PRO R 54 17.78 -72.41 34.10
CA PRO R 54 16.65 -71.71 33.47
C PRO R 54 15.41 -71.84 34.34
N THR R 55 14.80 -70.68 34.66
CA THR R 55 13.49 -70.63 35.27
C THR R 55 12.44 -70.85 34.18
N LEU R 56 11.16 -70.78 34.52
CA LEU R 56 10.03 -70.96 33.59
C LEU R 56 10.18 -72.25 32.78
N GLN R 57 10.57 -73.36 33.44
CA GLN R 57 10.72 -74.66 32.79
C GLN R 57 9.37 -75.26 32.48
N PHE R 58 9.33 -76.21 31.54
CA PHE R 58 8.16 -77.05 31.31
C PHE R 58 8.09 -78.13 32.37
N ALA R 59 6.87 -78.59 32.69
CA ALA R 59 6.64 -79.68 33.62
C ALA R 59 5.35 -80.42 33.27
N ASN R 60 5.27 -81.70 33.70
CA ASN R 60 4.05 -82.50 33.73
C ASN R 60 3.41 -82.59 32.34
N ILE R 61 4.22 -82.92 31.33
CA ILE R 61 3.80 -82.95 29.93
C ILE R 61 2.92 -84.17 29.70
N ASP R 62 1.69 -83.91 29.21
CA ASP R 62 0.72 -84.91 28.80
C ASP R 62 0.87 -85.16 27.29
N THR R 63 0.21 -86.21 26.78
CA THR R 63 0.20 -86.52 25.35
C THR R 63 -1.20 -86.92 24.85
N ALA R 64 -2.17 -87.01 25.77
CA ALA R 64 -3.52 -87.44 25.46
C ALA R 64 -4.55 -86.41 25.91
N ASN R 65 -4.24 -85.72 27.01
CA ASN R 65 -5.02 -84.58 27.49
C ASN R 65 -4.39 -83.26 27.02
N GLU R 66 -3.45 -83.35 26.08
CA GLU R 66 -2.87 -82.23 25.33
C GLU R 66 -1.78 -81.47 26.11
N GLU R 67 -1.96 -81.30 27.43
CA GLU R 67 -1.49 -80.12 28.16
C GLU R 67 -0.05 -80.23 28.68
N VAL R 68 0.53 -79.06 29.02
CA VAL R 68 1.85 -78.89 29.65
C VAL R 68 1.75 -77.81 30.72
N ASP R 69 2.55 -77.93 31.80
CA ASP R 69 2.62 -76.92 32.86
C ASP R 69 3.84 -76.03 32.65
N ILE R 70 3.71 -74.75 33.02
CA ILE R 70 4.81 -73.80 33.06
C ILE R 70 5.15 -73.53 34.53
N GLN R 71 6.43 -73.67 34.89
CA GLN R 71 6.89 -73.50 36.26
C GLN R 71 7.14 -72.02 36.55
N PRO R 72 7.21 -71.58 37.83
CA PRO R 72 7.51 -70.18 38.17
C PRO R 72 8.91 -69.74 37.75
N GLY R 73 9.07 -68.42 37.58
CA GLY R 73 10.31 -67.81 37.13
C GLY R 73 10.07 -66.47 36.44
N HIS R 74 11.07 -66.01 35.67
CA HIS R 74 10.97 -64.72 35.01
C HIS R 74 11.63 -64.75 33.63
N ALA R 75 11.09 -63.90 32.74
CA ALA R 75 11.59 -63.69 31.40
C ALA R 75 11.89 -62.21 31.19
N PHE R 76 12.82 -61.95 30.27
CA PHE R 76 13.06 -60.61 29.75
C PHE R 76 12.59 -60.57 28.30
N ILE R 77 11.73 -59.60 27.98
CA ILE R 77 11.18 -59.43 26.65
C ILE R 77 11.43 -57.99 26.21
N LEU R 78 12.06 -57.82 25.05
CA LEU R 78 12.38 -56.49 24.52
C LEU R 78 11.18 -55.91 23.78
N GLU R 79 11.00 -54.59 23.89
CA GLU R 79 10.05 -53.84 23.06
C GLU R 79 10.71 -52.59 22.50
N SER R 80 10.40 -52.31 21.22
CA SER R 80 10.94 -51.19 20.46
C SER R 80 10.07 -49.95 20.62
N GLY R 81 10.71 -48.78 20.57
CA GLY R 81 10.07 -47.49 20.33
C GLY R 81 9.28 -46.95 21.52
N HIS R 82 9.82 -47.15 22.74
CA HIS R 82 9.28 -46.54 23.95
C HIS R 82 9.59 -45.04 23.93
N ILE R 83 8.73 -44.24 24.58
CA ILE R 83 8.95 -42.82 24.74
C ILE R 83 9.45 -42.55 26.17
N VAL R 84 10.33 -41.56 26.32
CA VAL R 84 10.84 -41.14 27.63
C VAL R 84 10.69 -39.63 27.78
N GLN R 85 10.93 -39.14 29.00
CA GLN R 85 10.76 -37.73 29.37
C GLN R 85 12.11 -37.03 29.29
N SER R 86 12.24 -36.07 28.36
CA SER R 86 13.45 -35.28 28.19
C SER R 86 13.66 -34.38 29.40
N GLY R 87 14.90 -34.34 29.91
CA GLY R 87 15.35 -33.41 30.93
C GLY R 87 14.46 -33.43 32.18
N SER R 88 13.97 -32.23 32.55
CA SER R 88 13.10 -32.05 33.70
C SER R 88 11.66 -31.79 33.26
N GLN R 89 11.33 -32.18 32.02
CA GLN R 89 9.96 -32.04 31.50
C GLN R 89 9.09 -33.18 32.04
N LYS R 90 7.82 -32.86 32.32
CA LYS R 90 6.81 -33.85 32.64
C LYS R 90 6.51 -34.71 31.42
N THR R 91 6.49 -34.09 30.23
CA THR R 91 5.96 -34.69 29.02
C THR R 91 6.92 -35.73 28.44
N TYR R 92 6.34 -36.85 27.97
CA TYR R 92 7.05 -37.87 27.22
C TYR R 92 7.20 -37.38 25.78
N ASP R 93 8.45 -37.31 25.29
CA ASP R 93 8.73 -36.62 24.03
C ASP R 93 9.81 -37.33 23.20
N THR R 94 10.70 -38.08 23.87
CA THR R 94 11.89 -38.63 23.22
C THR R 94 11.68 -40.13 22.95
N ASN R 95 11.74 -40.51 21.66
CA ASN R 95 11.62 -41.90 21.27
C ASN R 95 12.97 -42.60 21.47
N LEU R 96 12.95 -43.77 22.13
CA LEU R 96 14.18 -44.55 22.32
C LEU R 96 14.59 -45.15 20.98
N PRO R 97 15.90 -45.06 20.61
CA PRO R 97 16.39 -45.61 19.34
C PRO R 97 16.42 -47.13 19.30
N ASP R 98 16.73 -47.75 20.45
CA ASP R 98 16.92 -49.19 20.57
C ASP R 98 15.77 -49.81 21.36
N SER R 99 15.66 -51.14 21.29
CA SER R 99 14.69 -51.96 22.02
C SER R 99 15.18 -52.17 23.46
N VAL R 100 14.25 -52.20 24.43
CA VAL R 100 14.61 -52.29 25.85
C VAL R 100 13.75 -53.31 26.59
N PRO R 101 14.27 -53.94 27.68
CA PRO R 101 13.57 -55.05 28.35
C PRO R 101 12.44 -54.70 29.31
N TYR R 102 11.35 -55.47 29.19
CA TYR R 102 10.40 -55.68 30.27
C TYR R 102 10.86 -56.91 31.05
N VAL R 103 10.76 -56.85 32.38
CA VAL R 103 10.83 -58.06 33.18
C VAL R 103 9.40 -58.60 33.35
N VAL R 104 9.19 -59.83 32.90
CA VAL R 104 7.93 -60.53 33.03
C VAL R 104 8.11 -61.60 34.11
N ILE R 105 7.31 -61.49 35.18
CA ILE R 105 7.43 -62.36 36.33
C ILE R 105 6.16 -63.21 36.44
N LEU R 106 6.35 -64.54 36.44
CA LEU R 106 5.27 -65.46 36.79
C LEU R 106 5.54 -65.98 38.20
N PRO R 107 4.77 -65.50 39.21
CA PRO R 107 5.01 -65.88 40.62
C PRO R 107 4.53 -67.27 40.99
N SER R 108 3.68 -67.86 40.14
CA SER R 108 3.13 -69.19 40.37
C SER R 108 3.06 -69.98 39.06
N SER R 109 2.94 -71.31 39.18
CA SER R 109 2.87 -72.22 38.05
C SER R 109 1.60 -71.98 37.24
N VAL R 110 1.72 -72.08 35.92
CA VAL R 110 0.56 -72.17 35.04
C VAL R 110 0.16 -73.63 34.97
N THR R 111 -1.10 -73.91 35.31
CA THR R 111 -1.65 -75.26 35.27
C THR R 111 -2.19 -75.55 33.87
N ASN R 112 -1.59 -76.53 33.19
CA ASN R 112 -2.14 -77.25 32.05
C ASN R 112 -2.49 -76.30 30.89
N VAL R 113 -1.45 -75.84 30.19
CA VAL R 113 -1.54 -75.11 28.94
C VAL R 113 -1.90 -76.11 27.83
N PRO R 114 -3.03 -75.96 27.11
CA PRO R 114 -3.38 -76.89 26.03
C PRO R 114 -2.55 -76.77 24.76
N LEU R 115 -2.48 -77.88 24.00
CA LEU R 115 -1.75 -78.00 22.74
C LEU R 115 -2.66 -78.64 21.69
N ASP R 116 -2.18 -78.69 20.44
CA ASP R 116 -2.75 -79.53 19.40
C ASP R 116 -2.24 -80.97 19.59
N THR R 117 -3.11 -81.95 19.34
CA THR R 117 -2.87 -83.36 19.65
C THR R 117 -1.85 -83.99 18.71
N ASP R 118 -0.94 -84.81 19.27
CA ASP R 118 -0.13 -85.77 18.54
C ASP R 118 0.80 -85.11 17.52
N VAL R 119 1.25 -83.86 17.78
CA VAL R 119 2.02 -83.07 16.83
C VAL R 119 3.06 -82.18 17.54
N ASP R 120 3.95 -81.57 16.74
CA ASP R 120 4.84 -80.50 17.18
C ASP R 120 4.01 -79.25 17.50
N ASN R 121 4.29 -78.62 18.64
CA ASN R 121 3.61 -77.40 19.08
C ASN R 121 4.65 -76.37 19.53
N ASP R 122 4.38 -75.10 19.20
CA ASP R 122 5.15 -73.97 19.71
C ASP R 122 4.44 -73.39 20.93
N VAL R 123 5.23 -72.87 21.89
CA VAL R 123 4.72 -72.15 23.06
C VAL R 123 5.43 -70.80 23.13
N TRP R 124 4.62 -69.71 23.14
CA TRP R 124 5.09 -68.34 23.19
C TRP R 124 4.59 -67.65 24.45
N LEU R 125 5.43 -66.82 25.07
CA LEU R 125 5.05 -65.93 26.15
C LEU R 125 5.01 -64.50 25.63
N ALA R 126 3.88 -63.81 25.81
CA ALA R 126 3.65 -62.51 25.18
C ALA R 126 3.06 -61.50 26.16
N VAL R 127 3.56 -60.26 26.06
CA VAL R 127 3.06 -59.10 26.79
C VAL R 127 2.21 -58.26 25.85
N ASP R 128 0.98 -57.95 26.28
CA ASP R 128 0.15 -56.97 25.61
C ASP R 128 0.50 -55.59 26.18
N PRO R 129 1.23 -54.72 25.42
CA PRO R 129 1.59 -53.40 25.90
C PRO R 129 0.49 -52.39 25.54
N THR R 130 -0.70 -52.62 26.09
CA THR R 130 -1.80 -51.67 26.06
C THR R 130 -2.48 -51.61 27.43
N SER R 131 -2.12 -52.54 28.32
CA SER R 131 -2.65 -52.61 29.67
C SER R 131 -1.56 -53.07 30.63
N ASN R 132 -1.69 -52.67 31.90
CA ASN R 132 -0.72 -53.00 32.92
C ASN R 132 -0.83 -54.48 33.27
N ASP R 133 0.29 -55.20 33.13
CA ASP R 133 0.48 -56.58 33.57
C ASP R 133 -0.41 -57.57 32.81
N SER R 134 -0.73 -57.28 31.55
CA SER R 134 -1.48 -58.22 30.72
C SER R 134 -0.53 -59.15 29.97
N VAL R 135 -0.39 -60.38 30.47
CA VAL R 135 0.48 -61.41 29.91
C VAL R 135 -0.38 -62.56 29.40
N TYR R 136 0.04 -63.17 28.28
CA TYR R 136 -0.70 -64.26 27.67
C TYR R 136 0.22 -65.29 27.03
N ILE R 137 -0.31 -66.51 26.83
CA ILE R 137 0.39 -67.61 26.18
C ILE R 137 -0.34 -68.00 24.89
N ARG R 138 0.40 -67.98 23.78
CA ARG R 138 0.02 -68.69 22.57
C ARG R 138 0.70 -70.06 22.58
N SER R 139 -0.10 -71.11 22.33
CA SER R 139 0.39 -72.47 22.14
C SER R 139 -0.35 -73.12 20.98
N GLY R 140 0.39 -73.85 20.13
CA GLY R 140 -0.23 -74.58 19.03
C GLY R 140 0.76 -74.99 17.93
N ASN R 141 0.25 -75.77 16.98
CA ASN R 141 0.98 -76.20 15.79
C ASN R 141 0.90 -75.10 14.73
N GLY R 142 2.06 -74.63 14.28
CA GLY R 142 2.18 -73.84 13.05
C GLY R 142 1.78 -72.37 13.18
N LEU R 143 1.11 -72.00 14.29
CA LEU R 143 0.58 -70.67 14.50
C LEU R 143 1.72 -69.65 14.60
N SER R 144 1.54 -68.51 13.93
CA SER R 144 2.53 -67.44 13.82
C SER R 144 2.89 -66.90 15.19
N ALA R 145 4.13 -66.39 15.30
CA ALA R 145 4.64 -65.70 16.48
C ALA R 145 3.71 -64.54 16.83
N PRO R 146 3.55 -64.18 18.13
CA PRO R 146 2.75 -63.01 18.52
C PRO R 146 3.28 -61.74 17.86
N SER R 147 2.35 -60.87 17.43
CA SER R 147 2.69 -59.56 16.91
C SER R 147 3.24 -58.67 18.03
N ASP R 148 2.82 -58.99 19.27
CA ASP R 148 3.20 -58.29 20.49
C ASP R 148 4.61 -58.72 20.91
N PRO R 149 5.28 -57.95 21.81
CA PRO R 149 6.57 -58.37 22.40
C PRO R 149 6.45 -59.74 23.05
N SER R 150 7.32 -60.66 22.62
CA SER R 150 7.22 -62.07 22.99
C SER R 150 8.57 -62.78 22.93
N VAL R 151 8.63 -63.93 23.62
CA VAL R 151 9.77 -64.83 23.60
C VAL R 151 9.27 -66.25 23.33
N LYS R 152 10.04 -67.01 22.54
CA LYS R 152 9.74 -68.40 22.23
C LYS R 152 10.06 -69.25 23.46
N LEU R 153 9.01 -69.50 24.28
CA LEU R 153 9.14 -70.18 25.55
C LEU R 153 9.55 -71.63 25.33
N GLY R 154 9.19 -72.18 24.16
CA GLY R 154 9.77 -73.41 23.66
C GLY R 154 8.87 -74.12 22.66
N THR R 155 9.22 -75.38 22.37
CA THR R 155 8.41 -76.29 21.58
C THR R 155 8.29 -77.63 22.29
N VAL R 156 7.06 -78.16 22.26
CA VAL R 156 6.71 -79.44 22.86
C VAL R 156 6.07 -80.29 21.76
N ASN R 157 6.58 -81.52 21.60
CA ASN R 157 5.94 -82.50 20.75
C ASN R 157 4.89 -83.24 21.58
N SER R 158 3.61 -83.07 21.23
CA SER R 158 2.50 -83.58 22.01
C SER R 158 2.26 -85.06 21.76
N SER R 159 3.08 -85.67 20.89
CA SER R 159 3.05 -87.12 20.66
C SER R 159 3.98 -87.82 21.66
N THR R 160 5.23 -87.34 21.76
CA THR R 160 6.30 -88.03 22.45
C THR R 160 6.56 -87.43 23.83
N GLY R 161 6.19 -86.16 23.99
CA GLY R 161 6.50 -85.40 25.21
C GLY R 161 7.91 -84.82 25.18
N SER R 162 8.59 -84.91 24.04
CA SER R 162 9.92 -84.34 23.85
C SER R 162 9.83 -82.84 23.64
N THR R 163 10.89 -82.11 24.05
CA THR R 163 10.88 -80.65 24.03
C THR R 163 12.25 -80.08 23.65
N THR R 164 12.24 -78.87 23.06
CA THR R 164 13.39 -77.98 22.98
C THR R 164 12.94 -76.54 23.24
N ARG R 165 13.89 -75.68 23.68
CA ARG R 165 13.60 -74.30 24.02
C ARG R 165 14.84 -73.42 23.75
N PRO R 166 14.83 -72.56 22.69
CA PRO R 166 16.05 -71.91 22.22
C PRO R 166 16.58 -70.70 22.99
N ASN R 167 15.83 -70.22 24.01
CA ASN R 167 16.08 -68.91 24.60
C ASN R 167 16.32 -69.01 26.12
N ASP R 168 16.89 -70.13 26.59
CA ASP R 168 16.76 -70.53 27.99
C ASP R 168 17.77 -69.85 28.91
N LEU R 169 18.69 -69.05 28.36
CA LEU R 169 19.55 -68.14 29.12
C LEU R 169 19.95 -66.96 28.23
N ALA R 170 20.67 -66.00 28.81
CA ALA R 170 21.12 -64.81 28.11
C ALA R 170 22.06 -65.18 26.96
N ASP R 171 21.63 -64.89 25.73
CA ASP R 171 22.57 -64.61 24.66
C ASP R 171 23.22 -63.27 25.02
N HIS R 172 24.56 -63.21 24.90
CA HIS R 172 25.31 -62.06 25.40
C HIS R 172 26.49 -61.79 24.47
N SER R 173 26.81 -60.51 24.29
CA SER R 173 27.92 -60.08 23.46
C SER R 173 28.72 -58.96 24.12
N VAL R 174 30.05 -59.12 24.06
CA VAL R 174 31.04 -58.30 24.75
C VAL R 174 32.18 -58.01 23.78
N ASP R 175 33.18 -57.24 24.24
CA ASP R 175 34.48 -57.27 23.57
C ASP R 175 35.42 -58.23 24.33
N ALA R 176 35.77 -57.86 25.58
CA ALA R 176 36.74 -58.62 26.35
C ALA R 176 36.09 -59.25 27.58
N LEU R 177 36.18 -60.58 27.68
CA LEU R 177 35.80 -61.30 28.89
C LEU R 177 37.04 -61.52 29.76
N ASN R 178 37.19 -60.71 30.80
CA ASN R 178 38.14 -60.93 31.87
C ASN R 178 37.56 -61.98 32.83
N ALA R 179 38.28 -63.08 33.04
CA ALA R 179 37.77 -64.17 33.86
C ALA R 179 38.88 -64.81 34.70
N THR R 180 38.48 -65.56 35.73
CA THR R 180 39.33 -66.56 36.34
C THR R 180 39.12 -67.89 35.59
N THR R 181 37.91 -68.46 35.68
CA THR R 181 37.61 -69.78 35.14
C THR R 181 36.45 -69.72 34.14
N ILE R 182 36.49 -70.59 33.12
CA ILE R 182 35.51 -70.62 32.03
C ILE R 182 35.15 -72.07 31.68
N ASP R 183 33.89 -72.28 31.27
CA ASP R 183 33.33 -73.58 30.91
C ASP R 183 32.27 -73.44 29.81
N ALA R 184 32.07 -74.50 29.01
CA ALA R 184 31.14 -74.50 27.88
C ALA R 184 30.52 -75.89 27.66
N SER R 185 29.41 -75.93 26.90
CA SER R 185 28.61 -77.14 26.70
C SER R 185 28.56 -77.53 25.22
N ASP R 186 29.25 -76.74 24.39
CA ASP R 186 29.46 -76.93 22.96
C ASP R 186 30.76 -76.18 22.61
N THR R 187 30.92 -75.70 21.37
CA THR R 187 32.18 -75.15 20.89
C THR R 187 32.63 -73.95 21.71
N VAL R 188 33.90 -73.99 22.14
CA VAL R 188 34.70 -72.82 22.44
C VAL R 188 35.53 -72.52 21.20
N THR R 189 35.00 -71.64 20.33
CA THR R 189 35.69 -71.23 19.11
C THR R 189 36.62 -70.06 19.43
N GLY R 190 37.81 -70.11 18.83
CA GLY R 190 38.76 -69.01 18.85
C GLY R 190 39.67 -69.06 17.64
N ASP R 191 39.58 -68.01 16.80
CA ASP R 191 40.40 -67.90 15.60
C ASP R 191 41.86 -67.66 15.97
N THR R 192 42.10 -67.43 17.27
CA THR R 192 43.39 -67.64 17.92
C THR R 192 43.15 -68.24 19.30
N VAL R 193 43.90 -69.31 19.62
CA VAL R 193 43.87 -69.94 20.93
C VAL R 193 45.27 -69.81 21.55
N ASP R 194 45.31 -69.48 22.85
CA ASP R 194 46.52 -69.02 23.52
C ASP R 194 46.60 -69.62 24.93
N ALA R 195 47.29 -70.76 25.04
CA ALA R 195 47.35 -71.55 26.27
C ALA R 195 48.71 -71.38 26.96
N THR R 196 48.79 -70.45 27.92
CA THR R 196 50.07 -69.89 28.35
C THR R 196 50.92 -70.86 29.18
N THR R 197 50.32 -71.76 29.97
CA THR R 197 51.13 -72.62 30.83
C THR R 197 50.71 -74.10 30.81
N THR R 198 49.58 -74.45 30.17
CA THR R 198 49.10 -75.83 30.08
C THR R 198 48.09 -75.99 28.95
N LEU R 199 48.15 -77.12 28.25
CA LEU R 199 47.07 -77.59 27.37
C LEU R 199 46.67 -79.00 27.77
N THR R 200 45.39 -79.35 27.48
CA THR R 200 44.85 -80.69 27.66
C THR R 200 43.95 -81.01 26.46
N ASP R 201 43.96 -82.27 26.03
CA ASP R 201 43.34 -82.70 24.78
C ASP R 201 42.19 -83.66 25.04
N ALA R 202 41.72 -84.31 23.96
CA ALA R 202 40.57 -85.20 23.98
C ALA R 202 40.88 -86.54 24.67
N ALA R 203 42.11 -86.67 25.21
CA ALA R 203 42.49 -87.84 25.98
C ALA R 203 43.26 -87.47 27.25
N GLY R 204 43.18 -86.18 27.65
CA GLY R 204 43.52 -85.75 28.99
C GLY R 204 45.00 -85.47 29.25
N VAL R 205 45.82 -85.40 28.19
CA VAL R 205 47.26 -85.30 28.34
C VAL R 205 47.65 -83.85 28.60
N SER R 206 48.41 -83.64 29.69
CA SER R 206 48.76 -82.32 30.19
C SER R 206 50.04 -81.79 29.54
N HIS R 207 49.95 -81.46 28.24
CA HIS R 207 51.03 -80.86 27.47
C HIS R 207 51.43 -79.52 28.07
N THR R 208 52.75 -79.27 28.23
CA THR R 208 53.26 -78.08 28.90
C THR R 208 54.32 -77.37 28.06
N GLY R 209 54.75 -78.00 26.96
CA GLY R 209 55.70 -77.41 26.02
C GLY R 209 55.11 -77.31 24.61
N GLU R 210 55.99 -77.20 23.60
CA GLU R 210 55.57 -77.10 22.21
C GLU R 210 55.13 -78.47 21.68
N LEU R 211 54.27 -78.44 20.64
CA LEU R 211 53.56 -79.60 20.12
C LEU R 211 54.10 -79.98 18.73
N GLU R 212 53.61 -81.11 18.18
CA GLU R 212 54.10 -81.64 16.92
C GLU R 212 53.08 -81.44 15.79
N ASP R 213 53.56 -80.80 14.72
CA ASP R 213 52.85 -80.54 13.47
C ASP R 213 52.80 -81.82 12.64
N ILE R 214 52.04 -81.78 11.53
CA ILE R 214 52.04 -82.85 10.54
C ILE R 214 53.38 -82.89 9.81
N ASN R 215 53.78 -84.10 9.39
CA ASN R 215 54.91 -84.37 8.50
C ASN R 215 56.22 -83.90 9.13
N HIS R 216 56.37 -84.17 10.43
CA HIS R 216 57.51 -83.74 11.24
C HIS R 216 58.72 -84.65 11.04
N GLY R 217 58.53 -85.78 10.34
CA GLY R 217 59.50 -86.87 10.24
C GLY R 217 60.89 -86.46 9.74
N SER R 218 60.94 -85.34 8.99
CA SER R 218 62.15 -84.72 8.48
C SER R 218 63.19 -84.49 9.60
N LYS R 219 62.71 -84.14 10.80
CA LYS R 219 63.55 -83.80 11.93
C LYS R 219 64.27 -85.04 12.47
N HIS R 220 63.72 -86.23 12.21
CA HIS R 220 64.22 -87.48 12.78
C HIS R 220 65.47 -87.98 12.05
N GLU R 221 65.78 -87.39 10.87
CA GLU R 221 66.87 -87.88 10.03
C GLU R 221 68.22 -87.36 10.54
N ASP R 222 69.31 -87.96 10.03
CA ASP R 222 70.66 -87.94 10.57
C ASP R 222 71.12 -86.52 10.91
N GLY R 223 71.38 -86.28 12.21
CA GLY R 223 71.97 -85.04 12.69
C GLY R 223 70.93 -84.01 13.15
N GLY R 224 69.64 -84.30 12.91
CA GLY R 224 68.56 -83.43 13.36
C GLY R 224 68.32 -83.59 14.86
N SER R 225 67.60 -82.61 15.45
CA SER R 225 67.12 -82.72 16.82
C SER R 225 65.88 -83.63 16.85
N ASP R 226 65.82 -84.50 17.86
CA ASP R 226 64.89 -85.62 17.98
C ASP R 226 65.15 -86.66 16.89
N GLU R 227 66.40 -87.12 16.80
CA GLU R 227 66.84 -88.18 15.89
C GLU R 227 66.43 -89.54 16.45
N ILE R 228 66.12 -90.51 15.56
CA ILE R 228 65.69 -91.84 15.97
C ILE R 228 66.74 -92.89 15.63
N SER R 229 66.92 -93.87 16.52
CA SER R 229 67.71 -95.07 16.29
C SER R 229 66.89 -96.12 15.55
N VAL R 230 67.54 -96.86 14.65
CA VAL R 230 66.90 -97.87 13.82
C VAL R 230 67.27 -99.27 14.34
N GLY R 231 68.14 -99.31 15.36
CA GLY R 231 68.57 -100.55 16.00
C GLY R 231 67.41 -101.33 16.58
N GLY R 232 67.29 -102.59 16.14
CA GLY R 232 66.29 -103.53 16.66
C GLY R 232 64.98 -103.48 15.90
N LEU R 233 64.86 -102.59 14.90
CA LEU R 233 63.65 -102.50 14.10
C LEU R 233 63.59 -103.65 13.09
N SER R 234 62.37 -104.06 12.74
CA SER R 234 62.09 -105.14 11.80
C SER R 234 61.92 -104.56 10.40
N GLY R 235 62.25 -105.37 9.37
CA GLY R 235 61.99 -105.02 7.98
C GLY R 235 63.27 -104.93 7.14
N ASP R 236 63.09 -104.88 5.82
CA ASP R 236 64.17 -104.87 4.83
C ASP R 236 64.19 -103.52 4.10
N LEU R 237 65.38 -102.90 4.08
CA LEU R 237 65.61 -101.61 3.43
C LEU R 237 65.64 -101.79 1.91
N ALA R 238 65.13 -100.77 1.20
CA ALA R 238 64.96 -100.80 -0.25
C ALA R 238 66.31 -100.76 -0.97
N ASP R 239 67.25 -99.98 -0.42
CA ASP R 239 68.64 -99.96 -0.88
C ASP R 239 69.39 -101.13 -0.25
N PRO R 240 70.32 -101.81 -0.97
CA PRO R 240 71.16 -102.84 -0.37
C PRO R 240 72.20 -102.22 0.56
N GLN R 241 72.44 -102.88 1.70
CA GLN R 241 73.09 -102.26 2.85
C GLN R 241 74.58 -102.61 2.91
N ASP R 242 75.37 -101.71 3.52
CA ASP R 242 76.76 -101.96 3.88
C ASP R 242 76.84 -103.25 4.69
N PRO R 243 77.49 -104.32 4.17
CA PRO R 243 77.59 -105.58 4.92
C PRO R 243 78.60 -105.53 6.05
N LYS R 244 78.16 -105.98 7.23
CA LYS R 244 78.96 -106.22 8.42
C LYS R 244 79.83 -107.46 8.17
N ALA R 245 80.81 -107.71 9.07
CA ALA R 245 81.77 -108.80 8.93
C ALA R 245 81.07 -110.15 8.82
N HIS R 246 81.47 -110.96 7.82
CA HIS R 246 80.69 -112.12 7.41
C HIS R 246 81.48 -113.18 6.63
N ALA R 247 82.67 -112.85 6.11
CA ALA R 247 83.33 -113.63 5.06
C ALA R 247 83.53 -115.10 5.43
N ALA R 248 83.71 -115.39 6.74
CA ALA R 248 83.93 -116.74 7.26
C ALA R 248 82.71 -117.64 7.03
N SER R 249 81.52 -117.03 6.87
CA SER R 249 80.26 -117.75 6.74
C SER R 249 80.17 -118.51 5.41
N HIS R 250 81.16 -118.32 4.52
CA HIS R 250 81.20 -119.00 3.24
C HIS R 250 81.87 -120.37 3.36
N SER R 251 82.20 -120.77 4.60
CA SER R 251 82.71 -122.10 4.91
C SER R 251 81.64 -123.15 4.61
N ALA R 252 82.09 -124.38 4.29
CA ALA R 252 81.24 -125.46 3.82
C ALA R 252 80.25 -125.92 4.90
N ASP R 253 80.56 -125.62 6.18
CA ASP R 253 79.75 -126.02 7.32
C ASP R 253 78.56 -125.07 7.51
N SER R 254 78.62 -123.87 6.92
CA SER R 254 77.65 -122.81 7.18
C SER R 254 76.78 -122.52 5.96
N ALA R 255 75.69 -121.76 6.18
CA ALA R 255 74.54 -121.64 5.29
C ALA R 255 74.90 -120.96 3.96
N ASP R 256 75.83 -120.01 3.99
CA ASP R 256 76.24 -119.27 2.80
C ASP R 256 77.32 -120.04 2.03
N GLU R 257 77.02 -121.32 1.73
CA GLU R 257 77.93 -122.25 1.07
C GLU R 257 78.19 -121.79 -0.37
N ILE R 258 79.48 -121.72 -0.71
CA ILE R 258 79.96 -121.55 -2.08
C ILE R 258 80.94 -122.69 -2.39
N SER R 259 80.92 -123.17 -3.63
CA SER R 259 81.85 -124.20 -4.08
C SER R 259 82.88 -123.60 -5.03
N VAL R 260 84.11 -124.13 -5.00
CA VAL R 260 85.25 -123.53 -5.70
C VAL R 260 85.01 -123.52 -7.21
N GLU R 261 84.25 -124.51 -7.71
CA GLU R 261 83.91 -124.62 -9.13
C GLU R 261 82.98 -123.48 -9.59
N ASN R 262 82.45 -122.69 -8.65
CA ASN R 262 81.58 -121.57 -8.94
C ASN R 262 82.41 -120.29 -9.15
N LEU R 263 83.65 -120.26 -8.65
CA LEU R 263 84.45 -119.04 -8.58
C LEU R 263 85.09 -118.71 -9.93
N SER R 264 85.46 -117.43 -10.09
CA SER R 264 86.16 -116.93 -11.27
C SER R 264 87.64 -117.29 -11.20
N THR R 265 88.33 -117.16 -12.34
CA THR R 265 89.80 -117.08 -12.37
C THR R 265 90.28 -116.40 -13.65
N THR R 266 91.42 -115.69 -13.51
CA THR R 266 92.11 -115.05 -14.62
C THR R 266 93.09 -116.03 -15.28
N GLY R 267 93.33 -117.18 -14.65
CA GLY R 267 94.28 -118.17 -15.14
C GLY R 267 93.79 -118.85 -16.43
N SER R 268 94.73 -119.08 -17.36
CA SER R 268 94.48 -119.72 -18.64
C SER R 268 94.06 -121.18 -18.45
N ALA R 269 93.61 -121.82 -19.53
CA ALA R 269 93.18 -123.22 -19.49
C ALA R 269 94.29 -124.11 -18.92
N ASP R 270 93.89 -125.05 -18.05
CA ASP R 270 94.73 -126.01 -17.36
C ASP R 270 95.53 -125.39 -16.21
N THR R 271 95.27 -124.11 -15.85
CA THR R 271 95.96 -123.51 -14.72
C THR R 271 95.33 -123.97 -13.40
N VAL R 272 96.16 -123.99 -12.34
CA VAL R 272 95.85 -124.58 -11.04
C VAL R 272 96.14 -123.55 -9.96
N PRO R 273 95.28 -123.40 -8.91
CA PRO R 273 95.61 -122.57 -7.76
C PRO R 273 96.69 -123.19 -6.87
N ILE R 274 97.92 -122.66 -6.98
CA ILE R 274 99.06 -123.11 -6.19
C ILE R 274 99.42 -122.02 -5.18
N SER R 275 99.80 -122.45 -3.97
CA SER R 275 100.21 -121.55 -2.90
C SER R 275 101.65 -121.10 -3.15
N GLN R 276 101.91 -119.82 -2.85
CA GLN R 276 103.24 -119.23 -2.87
C GLN R 276 103.84 -119.26 -1.47
N GLY R 277 103.05 -119.74 -0.49
CA GLY R 277 103.28 -119.43 0.92
C GLY R 277 102.84 -118.00 1.21
N ASP R 278 103.13 -117.52 2.44
CA ASP R 278 102.86 -116.15 2.87
C ASP R 278 101.39 -115.77 2.60
N GLY R 279 100.49 -116.71 2.91
CA GLY R 279 99.04 -116.53 2.83
C GLY R 279 98.47 -116.47 1.42
N THR R 280 99.31 -116.69 0.39
CA THR R 280 99.02 -116.25 -0.98
C THR R 280 98.84 -117.43 -1.92
N LEU R 281 97.74 -117.43 -2.69
CA LEU R 281 97.50 -118.35 -3.80
C LEU R 281 97.83 -117.67 -5.12
N SER R 282 98.05 -118.49 -6.17
CA SER R 282 98.43 -118.05 -7.50
C SER R 282 98.01 -119.10 -8.54
N MET R 283 97.70 -118.65 -9.77
CA MET R 283 97.38 -119.58 -10.85
C MET R 283 98.64 -120.03 -11.56
N GLY R 284 99.16 -121.19 -11.14
CA GLY R 284 100.33 -121.83 -11.74
C GLY R 284 99.93 -122.94 -12.73
N SER R 285 100.93 -123.72 -13.16
CA SER R 285 100.74 -124.85 -14.07
C SER R 285 101.46 -126.08 -13.55
N ALA S 2 7.19 47.26 -0.98
CA ALA S 2 8.04 46.51 -0.02
C ALA S 2 7.52 46.71 1.40
N ASP S 3 7.01 45.61 1.97
CA ASP S 3 6.13 45.58 3.13
C ASP S 3 6.38 44.27 3.87
N THR S 4 6.27 44.27 5.21
CA THR S 4 6.65 43.13 6.03
C THR S 4 5.88 43.13 7.35
N THR S 5 5.06 42.09 7.57
CA THR S 5 4.35 41.89 8.84
C THR S 5 5.28 41.23 9.85
N ILE S 6 5.24 41.70 11.09
CA ILE S 6 5.93 41.05 12.21
C ILE S 6 4.89 40.27 13.02
N ILE S 7 5.09 38.96 13.14
CA ILE S 7 4.04 38.07 13.65
C ILE S 7 3.91 38.16 15.17
N ASP S 8 4.99 38.52 15.87
CA ASP S 8 5.02 38.43 17.33
C ASP S 8 5.09 39.78 18.02
N ALA S 9 5.00 40.88 17.24
CA ALA S 9 4.94 42.24 17.75
C ALA S 9 3.64 42.47 18.52
N VAL S 10 3.69 43.34 19.53
CA VAL S 10 2.50 43.72 20.30
C VAL S 10 2.42 45.24 20.44
N VAL S 11 1.18 45.75 20.37
CA VAL S 11 0.82 47.17 20.41
C VAL S 11 -0.09 47.39 21.62
N PHE S 12 0.19 48.43 22.42
CA PHE S 12 -0.59 48.75 23.61
C PHE S 12 -0.56 50.26 23.84
N PRO S 13 -1.62 50.92 24.37
CA PRO S 13 -2.94 50.34 24.59
C PRO S 13 -3.97 50.61 23.48
N GLN S 14 -4.99 49.74 23.37
CA GLN S 14 -5.96 49.81 22.27
C GLN S 14 -7.39 49.60 22.77
N ASP S 15 -8.31 50.46 22.29
CA ASP S 15 -9.72 50.52 22.66
C ASP S 15 -10.61 50.67 21.41
N ASP S 16 -11.93 50.64 21.63
CA ASP S 16 -12.94 51.08 20.67
C ASP S 16 -12.64 52.51 20.23
N GLY S 17 -12.02 53.28 21.14
CA GLY S 17 -11.68 54.68 20.95
C GLY S 17 -10.32 54.90 20.29
N THR S 18 -9.52 53.83 20.24
CA THR S 18 -8.44 53.71 19.26
C THR S 18 -9.05 53.09 18.00
N GLY S 19 -8.23 52.51 17.14
CA GLY S 19 -8.77 51.81 15.99
C GLY S 19 -8.81 50.30 16.18
N VAL S 20 -9.80 49.81 16.95
CA VAL S 20 -10.14 48.38 17.02
C VAL S 20 -11.65 48.21 17.22
N SER S 21 -12.18 47.06 16.78
CA SER S 21 -13.58 46.73 16.98
C SER S 21 -13.83 46.27 18.41
N ASN S 22 -15.11 46.10 18.78
CA ASN S 22 -15.54 46.06 20.17
C ASN S 22 -15.04 44.82 20.91
N GLY S 23 -14.92 43.70 20.21
CA GLY S 23 -14.42 42.47 20.83
C GLY S 23 -12.91 42.46 21.03
N ASP S 24 -12.22 43.48 20.47
CA ASP S 24 -10.80 43.37 20.16
C ASP S 24 -9.93 44.36 20.94
N GLU S 25 -10.43 44.89 22.06
CA GLU S 25 -9.66 45.80 22.90
C GLU S 25 -8.56 45.01 23.60
N ASP S 26 -7.41 45.66 23.86
CA ASP S 26 -6.23 45.03 24.46
C ASP S 26 -6.57 44.52 25.86
N TYR S 27 -5.77 43.55 26.33
CA TYR S 27 -5.85 43.06 27.70
C TYR S 27 -4.89 43.85 28.61
N ASP S 28 -5.25 43.84 29.89
CA ASP S 28 -4.81 44.75 30.94
C ASP S 28 -3.61 44.14 31.67
N SER S 29 -2.50 43.91 30.94
CA SER S 29 -1.35 43.22 31.52
C SER S 29 -0.51 44.18 32.37
N ALA S 30 0.16 43.62 33.38
CA ALA S 30 1.08 44.36 34.25
C ALA S 30 2.27 44.86 33.44
N GLY S 31 2.85 43.98 32.62
CA GLY S 31 4.01 44.29 31.80
C GLY S 31 3.76 45.41 30.81
N TYR S 32 2.51 45.50 30.32
CA TYR S 32 2.08 46.56 29.41
C TYR S 32 2.05 47.90 30.12
N LEU S 33 1.55 47.92 31.37
CA LEU S 33 1.47 49.13 32.16
C LEU S 33 2.88 49.62 32.50
N ALA S 34 3.77 48.68 32.83
CA ALA S 34 5.16 48.96 33.17
C ALA S 34 5.92 49.51 31.96
N SER S 35 5.71 48.89 30.79
CA SER S 35 6.39 49.29 29.57
C SER S 35 5.84 50.60 29.02
N LEU S 36 4.54 50.88 29.24
CA LEU S 36 3.94 52.13 28.82
C LEU S 36 4.44 53.28 29.69
N ALA S 37 4.63 53.01 30.99
CA ALA S 37 5.09 53.99 31.96
C ALA S 37 6.55 54.38 31.71
N ARG S 38 7.22 53.63 30.82
CA ARG S 38 8.63 53.84 30.51
C ARG S 38 8.83 55.03 29.57
N TYR S 39 7.72 55.57 29.04
CA TYR S 39 7.73 56.74 28.16
C TYR S 39 8.32 57.94 28.88
N ALA S 40 9.20 58.69 28.20
CA ALA S 40 9.91 59.82 28.79
C ALA S 40 10.41 60.79 27.72
N GLY S 41 9.52 61.19 26.81
CA GLY S 41 9.84 62.12 25.74
C GLY S 41 8.67 63.05 25.39
N ASP S 42 8.66 63.57 24.15
CA ASP S 42 7.59 64.43 23.68
C ASP S 42 7.08 63.99 22.30
N GLY S 43 7.94 63.29 21.55
CA GLY S 43 7.59 62.80 20.21
C GLY S 43 7.49 61.28 20.16
N SER S 44 7.48 60.74 18.92
CA SER S 44 7.70 59.32 18.66
C SER S 44 9.20 59.04 18.77
N TYR S 45 9.57 57.94 19.44
CA TYR S 45 10.98 57.58 19.60
C TYR S 45 11.15 56.09 19.91
N VAL S 46 12.39 55.62 19.77
CA VAL S 46 12.77 54.24 20.03
C VAL S 46 13.39 54.17 21.43
N GLY S 47 12.86 53.27 22.26
CA GLY S 47 13.19 53.17 23.68
C GLY S 47 14.58 52.60 23.94
N GLY S 48 15.11 52.87 25.13
CA GLY S 48 16.42 52.41 25.56
C GLY S 48 16.34 51.36 26.67
N ASP S 49 17.45 50.62 26.85
CA ASP S 49 17.52 49.51 27.79
C ASP S 49 17.81 50.03 29.20
N SER S 50 18.15 49.10 30.11
CA SER S 50 18.44 49.38 31.50
C SER S 50 19.79 50.08 31.68
N THR S 51 20.47 50.35 30.55
CA THR S 51 21.77 51.01 30.51
C THR S 51 21.80 52.09 29.42
N GLY S 52 20.62 52.40 28.86
CA GLY S 52 20.43 53.57 28.02
C GLY S 52 20.79 53.39 26.55
N SER S 53 21.11 52.15 26.13
CA SER S 53 21.38 51.86 24.73
C SER S 53 20.08 51.88 23.94
N PRO S 54 20.04 52.49 22.72
CA PRO S 54 18.86 52.38 21.87
C PRO S 54 18.56 50.92 21.54
N THR S 55 17.33 50.48 21.83
CA THR S 55 16.85 49.16 21.43
C THR S 55 16.48 49.24 19.94
N LEU S 56 16.07 48.10 19.36
CA LEU S 56 15.77 47.95 17.94
C LEU S 56 16.99 48.35 17.11
N GLN S 57 18.16 47.79 17.44
CA GLN S 57 19.39 48.01 16.71
C GLN S 57 19.30 47.36 15.33
N PHE S 58 20.11 47.85 14.39
CA PHE S 58 20.47 47.08 13.21
C PHE S 58 21.63 46.17 13.57
N ALA S 59 21.55 44.91 13.12
CA ALA S 59 22.64 43.95 13.24
C ALA S 59 22.71 43.09 11.99
N ASN S 60 23.88 42.48 11.75
CA ASN S 60 24.16 41.58 10.64
C ASN S 60 23.70 42.19 9.31
N ILE S 61 24.25 43.37 8.99
CA ILE S 61 23.99 44.05 7.73
C ILE S 61 24.72 43.29 6.62
N ASP S 62 23.98 42.81 5.62
CA ASP S 62 24.50 41.88 4.64
C ASP S 62 25.01 42.60 3.39
N THR S 63 25.81 43.67 3.60
CA THR S 63 26.54 44.39 2.56
C THR S 63 25.58 44.85 1.44
N ALA S 64 25.84 44.39 0.21
CA ALA S 64 25.03 44.74 -0.96
C ALA S 64 23.93 43.71 -1.21
N ASN S 65 23.85 42.69 -0.34
CA ASN S 65 23.00 41.52 -0.56
C ASN S 65 21.58 41.74 -0.02
N GLU S 66 21.13 43.01 0.03
CA GLU S 66 19.74 43.43 0.10
C GLU S 66 19.07 43.23 1.48
N GLU S 67 19.80 42.79 2.52
CA GLU S 67 19.13 42.34 3.75
C GLU S 67 19.81 42.85 5.03
N VAL S 68 18.98 43.05 6.09
CA VAL S 68 19.38 43.56 7.41
C VAL S 68 18.47 42.96 8.48
N ASP S 69 19.01 42.81 9.72
CA ASP S 69 18.27 42.28 10.87
C ASP S 69 17.97 43.39 11.88
N ILE S 70 16.70 43.46 12.32
CA ILE S 70 16.28 44.33 13.42
C ILE S 70 16.35 43.50 14.72
N GLN S 71 17.11 44.00 15.70
CA GLN S 71 17.24 43.34 17.00
C GLN S 71 16.02 43.63 17.86
N PRO S 72 15.72 42.84 18.93
CA PRO S 72 14.55 43.09 19.79
C PRO S 72 14.59 44.42 20.53
N GLY S 73 13.40 44.92 20.91
CA GLY S 73 13.29 46.16 21.66
C GLY S 73 11.88 46.75 21.65
N HIS S 74 11.78 48.06 21.91
CA HIS S 74 10.50 48.74 21.99
C HIS S 74 10.57 50.17 21.44
N ALA S 75 9.43 50.61 20.89
CA ALA S 75 9.28 51.91 20.28
C ALA S 75 7.98 52.57 20.75
N PHE S 76 8.04 53.88 20.97
CA PHE S 76 6.88 54.68 21.32
C PHE S 76 6.44 55.46 20.08
N ILE S 77 5.17 55.24 19.68
CA ILE S 77 4.64 55.76 18.44
C ILE S 77 3.40 56.60 18.77
N LEU S 78 3.44 57.89 18.40
CA LEU S 78 2.35 58.81 18.68
C LEU S 78 1.27 58.69 17.61
N GLU S 79 0.01 58.63 18.05
CA GLU S 79 -1.16 58.79 17.20
C GLU S 79 -2.07 59.87 17.78
N SER S 80 -2.62 60.71 16.89
CA SER S 80 -3.59 61.73 17.24
C SER S 80 -4.99 61.34 16.78
N GLY S 81 -6.00 61.71 17.57
CA GLY S 81 -7.40 61.59 17.20
C GLY S 81 -8.17 60.50 17.96
N HIS S 82 -7.67 60.12 19.15
CA HIS S 82 -8.28 59.07 19.96
C HIS S 82 -9.55 59.58 20.65
N ILE S 83 -10.46 58.64 20.96
CA ILE S 83 -11.67 58.90 21.73
C ILE S 83 -11.51 58.24 23.10
N VAL S 84 -11.91 58.97 24.16
CA VAL S 84 -11.92 58.42 25.52
C VAL S 84 -13.34 58.49 26.08
N GLN S 85 -13.53 57.87 27.26
CA GLN S 85 -14.83 57.77 27.92
C GLN S 85 -14.94 58.87 28.96
N SER S 86 -16.01 59.68 28.88
CA SER S 86 -16.37 60.61 29.95
C SER S 86 -16.60 59.81 31.24
N GLY S 87 -16.10 60.34 32.36
CA GLY S 87 -16.01 59.63 33.63
C GLY S 87 -17.31 58.92 34.02
N SER S 88 -17.22 57.59 34.15
CA SER S 88 -18.28 56.67 34.58
C SER S 88 -19.34 56.41 33.50
N GLN S 89 -19.16 57.00 32.31
CA GLN S 89 -19.95 56.62 31.14
C GLN S 89 -19.25 55.45 30.44
N LYS S 90 -20.03 54.51 29.89
CA LYS S 90 -19.45 53.42 29.11
C LYS S 90 -19.05 53.92 27.72
N THR S 91 -19.80 54.91 27.20
CA THR S 91 -19.67 55.39 25.83
C THR S 91 -18.38 56.19 25.64
N TYR S 92 -17.67 55.90 24.54
CA TYR S 92 -16.54 56.69 24.09
C TYR S 92 -17.07 57.94 23.39
N ASP S 93 -16.71 59.14 23.91
CA ASP S 93 -17.37 60.36 23.50
C ASP S 93 -16.47 61.60 23.49
N THR S 94 -15.33 61.53 24.21
CA THR S 94 -14.44 62.67 24.35
C THR S 94 -13.28 62.52 23.37
N ASN S 95 -13.25 63.39 22.34
CA ASN S 95 -12.15 63.43 21.39
C ASN S 95 -10.96 64.14 22.04
N LEU S 96 -9.80 63.47 22.09
CA LEU S 96 -8.60 64.00 22.73
C LEU S 96 -8.05 65.19 21.95
N PRO S 97 -7.44 66.20 22.62
CA PRO S 97 -6.85 67.36 21.94
C PRO S 97 -5.42 67.18 21.41
N ASP S 98 -4.76 66.08 21.81
CA ASP S 98 -3.33 65.90 21.54
C ASP S 98 -3.04 64.46 21.14
N SER S 99 -1.85 64.25 20.54
CA SER S 99 -1.32 62.96 20.14
C SER S 99 -0.81 62.20 21.35
N VAL S 100 -1.09 60.89 21.44
CA VAL S 100 -0.74 60.08 22.60
C VAL S 100 -0.08 58.76 22.17
N PRO S 101 0.93 58.25 22.93
CA PRO S 101 1.74 57.12 22.47
C PRO S 101 1.15 55.71 22.64
N TYR S 102 1.39 54.89 21.62
CA TYR S 102 1.40 53.45 21.74
C TYR S 102 2.80 53.00 22.12
N VAL S 103 2.92 51.89 22.87
CA VAL S 103 4.15 51.13 22.91
C VAL S 103 4.03 50.03 21.85
N VAL S 104 5.08 49.88 21.04
CA VAL S 104 5.24 48.72 20.19
C VAL S 104 6.45 47.94 20.71
N ILE S 105 6.19 46.70 21.15
CA ILE S 105 7.22 45.82 21.63
C ILE S 105 7.49 44.76 20.57
N LEU S 106 8.76 44.66 20.15
CA LEU S 106 9.20 43.58 19.27
C LEU S 106 10.01 42.59 20.12
N PRO S 107 9.40 41.46 20.56
CA PRO S 107 10.05 40.53 21.49
C PRO S 107 11.18 39.68 20.92
N SER S 108 11.28 39.62 19.58
CA SER S 108 12.31 38.85 18.91
C SER S 108 12.89 39.65 17.74
N SER S 109 13.98 39.12 17.14
CA SER S 109 14.61 39.72 15.98
C SER S 109 13.70 39.60 14.76
N VAL S 110 13.61 40.68 13.97
CA VAL S 110 13.03 40.62 12.63
C VAL S 110 14.19 40.41 11.66
N THR S 111 14.24 39.21 11.06
CA THR S 111 15.43 38.76 10.34
C THR S 111 15.28 38.96 8.84
N ASN S 112 16.35 39.48 8.22
CA ASN S 112 16.55 39.58 6.78
C ASN S 112 15.40 40.35 6.14
N VAL S 113 15.27 41.62 6.53
CA VAL S 113 14.29 42.58 6.03
C VAL S 113 14.71 42.96 4.60
N PRO S 114 13.77 42.98 3.61
CA PRO S 114 14.12 43.33 2.22
C PRO S 114 14.43 44.80 2.00
N LEU S 115 15.51 45.05 1.25
CA LEU S 115 15.89 46.37 0.74
C LEU S 115 15.94 46.29 -0.79
N ASP S 116 15.58 47.40 -1.46
CA ASP S 116 15.78 47.55 -2.88
C ASP S 116 17.26 47.72 -3.18
N THR S 117 17.70 47.26 -4.37
CA THR S 117 19.10 47.05 -4.74
C THR S 117 19.82 48.38 -5.02
N ASP S 118 21.04 48.52 -4.48
CA ASP S 118 22.06 49.47 -4.90
C ASP S 118 21.67 50.93 -4.64
N VAL S 119 20.75 51.18 -3.68
CA VAL S 119 20.11 52.50 -3.51
C VAL S 119 19.76 52.79 -2.05
N ASP S 120 19.35 54.04 -1.78
CA ASP S 120 18.81 54.50 -0.51
C ASP S 120 17.42 53.91 -0.27
N ASN S 121 17.20 53.37 0.94
CA ASN S 121 15.94 52.79 1.40
C ASN S 121 15.59 53.36 2.77
N ASP S 122 14.29 53.66 2.99
CA ASP S 122 13.80 54.21 4.25
C ASP S 122 13.16 53.11 5.08
N VAL S 123 13.60 52.94 6.34
CA VAL S 123 13.11 51.89 7.22
C VAL S 123 12.06 52.47 8.16
N TRP S 124 10.78 52.30 7.81
CA TRP S 124 9.65 52.78 8.61
C TRP S 124 9.03 51.62 9.38
N LEU S 125 8.79 51.83 10.69
CA LEU S 125 8.02 50.92 11.53
C LEU S 125 6.62 51.50 11.70
N ALA S 126 5.59 50.70 11.37
CA ALA S 126 4.22 51.22 11.25
C ALA S 126 3.22 50.28 11.92
N VAL S 127 2.19 50.90 12.52
CA VAL S 127 1.09 50.23 13.21
C VAL S 127 -0.16 50.43 12.36
N ASP S 128 -0.98 49.38 12.25
CA ASP S 128 -2.29 49.45 11.62
C ASP S 128 -3.35 49.56 12.72
N PRO S 129 -3.83 50.79 13.05
CA PRO S 129 -4.94 50.95 14.00
C PRO S 129 -6.30 50.71 13.34
N THR S 130 -6.53 49.44 12.96
CA THR S 130 -7.85 48.93 12.60
C THR S 130 -8.06 47.56 13.23
N SER S 131 -6.95 46.92 13.65
CA SER S 131 -6.94 45.59 14.22
C SER S 131 -5.85 45.51 15.30
N ASN S 132 -6.02 44.58 16.26
CA ASN S 132 -5.16 44.51 17.42
C ASN S 132 -3.82 43.89 17.05
N ASP S 133 -2.74 44.62 17.36
CA ASP S 133 -1.34 44.19 17.26
C ASP S 133 -0.88 43.92 15.82
N SER S 134 -1.56 44.50 14.83
CA SER S 134 -1.07 44.43 13.46
C SER S 134 0.02 45.47 13.23
N VAL S 135 1.26 44.98 13.04
CA VAL S 135 2.46 45.81 12.92
C VAL S 135 3.18 45.43 11.63
N TYR S 136 3.74 46.43 10.93
CA TYR S 136 4.46 46.19 9.69
C TYR S 136 5.64 47.14 9.50
N ILE S 137 6.61 46.70 8.69
CA ILE S 137 7.76 47.50 8.27
C ILE S 137 7.64 47.81 6.78
N ARG S 138 7.85 49.08 6.42
CA ARG S 138 8.11 49.49 5.05
C ARG S 138 9.61 49.75 4.90
N SER S 139 10.19 49.17 3.83
CA SER S 139 11.59 49.35 3.49
C SER S 139 11.79 49.19 1.98
N GLY S 140 11.86 50.34 1.29
CA GLY S 140 11.98 50.42 -0.16
C GLY S 140 12.67 51.71 -0.61
N ASN S 141 13.00 51.79 -1.90
CA ASN S 141 13.79 52.88 -2.47
C ASN S 141 13.02 54.19 -2.40
N GLY S 142 13.53 55.12 -1.56
CA GLY S 142 12.95 56.44 -1.35
C GLY S 142 11.47 56.38 -0.98
N LEU S 143 11.05 55.26 -0.36
CA LEU S 143 9.65 54.87 -0.26
C LEU S 143 8.90 55.80 0.69
N SER S 144 7.71 56.21 0.24
CA SER S 144 6.85 57.18 0.94
C SER S 144 6.49 56.67 2.34
N ALA S 145 6.50 57.60 3.30
CA ALA S 145 6.20 57.35 4.70
C ALA S 145 4.80 56.74 4.84
N PRO S 146 4.60 55.75 5.76
CA PRO S 146 3.29 55.16 6.00
C PRO S 146 2.23 56.17 6.40
N SER S 147 0.99 55.93 5.95
CA SER S 147 -0.18 56.74 6.28
C SER S 147 -0.52 56.60 7.76
N ASP S 148 -0.29 55.40 8.30
CA ASP S 148 -0.73 54.98 9.62
C ASP S 148 0.35 55.35 10.66
N PRO S 149 0.04 55.37 11.98
CA PRO S 149 1.01 55.71 13.03
C PRO S 149 2.34 54.97 12.87
N SER S 150 3.43 55.75 12.82
CA SER S 150 4.71 55.25 12.33
C SER S 150 5.88 56.04 12.91
N VAL S 151 7.08 55.42 12.80
CA VAL S 151 8.35 55.99 13.21
C VAL S 151 9.43 55.49 12.24
N LYS S 152 10.47 56.30 12.02
CA LYS S 152 11.56 55.94 11.12
C LYS S 152 12.70 55.34 11.94
N LEU S 153 12.89 54.02 11.78
CA LEU S 153 13.83 53.25 12.57
C LEU S 153 15.26 53.46 12.08
N GLY S 154 15.38 53.90 10.82
CA GLY S 154 16.63 54.25 10.19
C GLY S 154 16.46 54.38 8.67
N THR S 155 17.59 54.56 7.98
CA THR S 155 17.67 54.50 6.52
C THR S 155 18.97 53.80 6.12
N VAL S 156 18.88 52.99 5.07
CA VAL S 156 19.96 52.09 4.64
C VAL S 156 20.22 52.30 3.16
N ASN S 157 21.50 52.41 2.80
CA ASN S 157 21.94 52.41 1.42
C ASN S 157 22.47 51.02 1.08
N SER S 158 21.85 50.37 0.08
CA SER S 158 22.12 48.97 -0.25
C SER S 158 23.24 48.85 -1.28
N SER S 159 23.91 49.97 -1.59
CA SER S 159 25.13 49.97 -2.38
C SER S 159 26.34 49.79 -1.46
N THR S 160 26.45 50.67 -0.45
CA THR S 160 27.61 50.73 0.43
C THR S 160 27.39 49.91 1.69
N GLY S 161 26.11 49.74 2.06
CA GLY S 161 25.73 49.11 3.32
C GLY S 161 25.68 50.11 4.47
N SER S 162 25.73 51.41 4.15
CA SER S 162 25.73 52.47 5.14
C SER S 162 24.34 52.64 5.75
N THR S 163 24.31 52.87 7.07
CA THR S 163 23.07 53.03 7.83
C THR S 163 23.18 54.25 8.75
N THR S 164 22.11 55.07 8.78
CA THR S 164 21.97 56.23 9.65
C THR S 164 20.54 56.30 10.17
N ARG S 165 20.33 56.86 11.37
CA ARG S 165 19.05 56.71 12.05
C ARG S 165 18.67 57.93 12.90
N PRO S 166 17.47 58.51 12.67
CA PRO S 166 16.87 59.46 13.61
C PRO S 166 16.11 58.70 14.71
N ASN S 167 15.51 59.44 15.64
CA ASN S 167 14.45 58.96 16.54
C ASN S 167 14.92 57.87 17.50
N ASP S 168 16.24 57.75 17.76
CA ASP S 168 16.78 56.56 18.41
C ASP S 168 16.75 56.65 19.94
N LEU S 169 16.48 57.83 20.49
CA LEU S 169 16.18 58.06 21.90
C LEU S 169 15.19 59.21 22.01
N ALA S 170 14.77 59.58 23.23
CA ALA S 170 13.71 60.55 23.45
C ALA S 170 14.16 61.98 23.13
N ASP S 171 13.33 62.69 22.35
CA ASP S 171 13.32 64.14 22.31
C ASP S 171 12.41 64.65 23.42
N HIS S 172 12.84 65.71 24.12
CA HIS S 172 12.32 66.02 25.44
C HIS S 172 12.35 67.52 25.70
N SER S 173 11.23 68.19 25.38
CA SER S 173 10.98 69.56 25.79
C SER S 173 10.64 69.59 27.28
N VAL S 174 11.40 70.40 28.01
CA VAL S 174 11.23 70.66 29.44
C VAL S 174 11.32 72.17 29.65
N ASP S 175 10.94 72.64 30.85
CA ASP S 175 11.17 74.02 31.22
C ASP S 175 12.49 74.12 31.99
N ALA S 176 12.58 73.38 33.11
CA ALA S 176 13.73 73.45 33.99
C ALA S 176 14.24 72.03 34.28
N LEU S 177 15.57 71.89 34.32
CA LEU S 177 16.21 70.62 34.67
C LEU S 177 17.33 70.86 35.69
N ASN S 178 17.43 69.94 36.67
CA ASN S 178 18.46 69.92 37.69
C ASN S 178 19.12 68.54 37.70
N ALA S 179 20.45 68.50 37.95
CA ALA S 179 21.21 67.25 37.83
C ALA S 179 22.40 67.21 38.78
N THR S 180 22.98 66.00 38.94
CA THR S 180 24.34 65.84 39.44
C THR S 180 25.30 66.09 38.27
N THR S 181 25.22 65.26 37.22
CA THR S 181 26.09 65.40 36.07
C THR S 181 25.28 65.49 34.78
N ILE S 182 25.85 66.17 33.77
CA ILE S 182 25.30 66.28 32.43
C ILE S 182 26.43 66.06 31.42
N ASP S 183 26.15 65.28 30.38
CA ASP S 183 27.16 64.72 29.50
C ASP S 183 26.58 64.55 28.10
N ALA S 184 26.79 65.54 27.23
CA ALA S 184 26.26 65.55 25.87
C ALA S 184 27.27 64.95 24.89
N SER S 185 26.73 64.44 23.77
CA SER S 185 27.53 63.89 22.69
C SER S 185 28.10 65.01 21.81
N ASP S 186 27.25 65.98 21.49
CA ASP S 186 27.59 67.11 20.63
C ASP S 186 27.51 68.41 21.44
N THR S 187 26.72 69.39 20.96
CA THR S 187 26.68 70.75 21.49
C THR S 187 25.92 70.80 22.81
N VAL S 188 26.60 71.29 23.86
CA VAL S 188 25.98 71.84 25.05
C VAL S 188 25.72 73.32 24.77
N THR S 189 24.46 73.65 24.41
CA THR S 189 24.09 74.97 23.92
C THR S 189 23.36 75.77 25.02
N GLY S 190 23.58 77.09 25.04
CA GLY S 190 22.81 78.00 25.89
C GLY S 190 23.16 79.48 25.71
N ASP S 191 22.19 80.35 26.02
CA ASP S 191 22.31 81.80 25.98
C ASP S 191 23.13 82.32 27.17
N THR S 192 23.57 81.42 28.06
CA THR S 192 24.49 81.70 29.15
C THR S 192 25.13 80.39 29.61
N VAL S 193 26.45 80.44 29.89
CA VAL S 193 27.16 79.36 30.56
C VAL S 193 27.84 79.93 31.80
N ASP S 194 27.52 79.37 32.97
CA ASP S 194 28.07 79.77 34.26
C ASP S 194 28.84 78.59 34.86
N ALA S 195 30.10 78.84 35.23
CA ALA S 195 30.90 77.91 36.02
C ALA S 195 30.98 78.40 37.45
N THR S 196 30.47 77.59 38.39
CA THR S 196 30.38 78.01 39.80
C THR S 196 31.66 77.69 40.58
N THR S 197 32.46 76.70 40.14
CA THR S 197 33.67 76.32 40.86
C THR S 197 34.86 76.06 39.92
N THR S 198 34.61 75.60 38.69
CA THR S 198 35.66 75.42 37.70
C THR S 198 35.08 75.48 36.28
N LEU S 199 35.85 76.08 35.36
CA LEU S 199 35.72 75.83 33.94
C LEU S 199 37.02 75.17 33.44
N THR S 200 36.88 73.94 32.93
CA THR S 200 37.94 73.23 32.24
C THR S 200 37.71 73.38 30.73
N ASP S 201 38.73 73.88 30.03
CA ASP S 201 38.61 74.29 28.64
C ASP S 201 38.76 73.10 27.70
N ALA S 202 38.83 73.39 26.40
CA ALA S 202 38.84 72.40 25.34
C ALA S 202 40.12 71.58 25.31
N ALA S 203 41.20 72.07 25.93
CA ALA S 203 42.47 71.35 25.98
C ALA S 203 42.63 70.59 27.30
N GLY S 204 41.63 70.72 28.18
CA GLY S 204 41.61 70.01 29.46
C GLY S 204 42.46 70.72 30.52
N VAL S 205 42.44 72.06 30.48
CA VAL S 205 43.12 72.88 31.48
C VAL S 205 42.07 73.56 32.34
N SER S 206 42.19 73.38 33.66
CA SER S 206 41.22 73.85 34.63
C SER S 206 41.58 75.26 35.10
N HIS S 207 40.74 76.24 34.73
CA HIS S 207 40.89 77.62 35.17
C HIS S 207 40.12 77.82 36.47
N THR S 208 40.86 78.10 37.55
CA THR S 208 40.31 78.42 38.85
C THR S 208 39.75 79.84 38.84
N GLY S 209 40.42 80.74 38.10
CA GLY S 209 40.13 82.16 38.13
C GLY S 209 39.33 82.64 36.91
N GLU S 210 39.57 83.89 36.51
CA GLU S 210 38.88 84.54 35.39
C GLU S 210 39.42 83.99 34.07
N LEU S 211 38.64 84.20 33.00
CA LEU S 211 39.11 84.08 31.62
C LEU S 211 39.39 85.47 31.06
N GLU S 212 40.07 85.52 29.90
CA GLU S 212 40.53 86.76 29.29
C GLU S 212 39.90 86.94 27.92
N ASP S 213 39.24 88.10 27.71
CA ASP S 213 38.68 88.50 26.43
C ASP S 213 39.79 89.05 25.53
N ILE S 214 39.47 89.27 24.25
CA ILE S 214 40.36 89.91 23.28
C ILE S 214 40.50 91.39 23.61
N ASN S 215 41.41 92.07 22.88
CA ASN S 215 41.75 93.47 23.06
C ASN S 215 42.30 93.72 24.46
N HIS S 216 43.11 92.79 24.98
CA HIS S 216 43.48 92.76 26.39
C HIS S 216 44.69 93.65 26.68
N GLY S 217 45.51 93.93 25.65
CA GLY S 217 46.86 94.46 25.79
C GLY S 217 46.97 95.74 26.63
N SER S 218 45.87 96.49 26.68
CA SER S 218 45.70 97.72 27.46
C SER S 218 46.06 97.52 28.93
N LYS S 219 46.00 96.26 29.41
CA LYS S 219 46.26 95.93 30.81
C LYS S 219 47.77 95.81 31.08
N HIS S 220 48.54 95.39 30.05
CA HIS S 220 49.97 95.13 30.20
C HIS S 220 50.78 96.43 30.25
N GLU S 221 50.14 97.57 29.92
CA GLU S 221 50.78 98.87 29.85
C GLU S 221 51.04 99.41 31.26
N ASP S 222 51.75 100.56 31.33
CA ASP S 222 52.16 101.24 32.55
C ASP S 222 50.95 101.48 33.45
N GLY S 223 50.99 100.88 34.65
CA GLY S 223 50.02 101.14 35.71
C GLY S 223 48.76 100.28 35.62
N GLY S 224 48.69 99.43 34.59
CA GLY S 224 47.58 98.50 34.43
C GLY S 224 47.75 97.26 35.31
N SER S 225 46.68 96.46 35.41
CA SER S 225 46.74 95.17 36.07
C SER S 225 47.50 94.17 35.20
N ASP S 226 48.51 93.52 35.79
CA ASP S 226 49.41 92.58 35.11
C ASP S 226 50.27 93.32 34.08
N GLU S 227 50.98 94.35 34.54
CA GLU S 227 51.94 95.12 33.76
C GLU S 227 53.15 94.24 33.45
N ILE S 228 53.79 94.46 32.29
CA ILE S 228 54.95 93.68 31.87
C ILE S 228 56.22 94.53 31.92
N SER S 229 57.32 93.91 32.36
CA SER S 229 58.66 94.47 32.24
C SER S 229 59.18 94.28 30.82
N VAL S 230 59.95 95.26 30.33
CA VAL S 230 60.54 95.25 29.00
C VAL S 230 62.01 94.83 29.08
N GLY S 231 62.52 94.68 30.32
CA GLY S 231 63.89 94.27 30.56
C GLY S 231 64.19 92.89 29.96
N GLY S 232 65.17 92.87 29.04
CA GLY S 232 65.64 91.63 28.44
C GLY S 232 64.94 91.29 27.13
N LEU S 233 63.95 92.11 26.73
CA LEU S 233 63.23 91.91 25.47
C LEU S 233 64.07 92.40 24.30
N SER S 234 63.59 92.15 23.06
CA SER S 234 64.40 92.23 21.86
C SER S 234 63.71 93.01 20.74
N GLY S 235 64.51 93.53 19.81
CA GLY S 235 64.02 94.29 18.67
C GLY S 235 64.32 95.79 18.80
N ASP S 236 64.05 96.55 17.72
CA ASP S 236 64.31 97.99 17.66
C ASP S 236 62.99 98.76 17.68
N LEU S 237 62.89 99.72 18.60
CA LEU S 237 61.72 100.57 18.79
C LEU S 237 61.59 101.57 17.65
N ALA S 238 60.36 102.07 17.44
CA ALA S 238 60.04 103.02 16.37
C ALA S 238 60.36 104.46 16.80
N ASP S 239 60.60 104.66 18.10
CA ASP S 239 60.77 105.99 18.69
C ASP S 239 62.15 106.13 19.34
N PRO S 240 62.73 107.35 19.38
CA PRO S 240 64.03 107.60 20.02
C PRO S 240 63.97 107.53 21.54
N GLN S 241 64.87 106.72 22.13
CA GLN S 241 64.85 106.43 23.56
C GLN S 241 65.77 107.40 24.30
N ASP S 242 65.56 107.50 25.62
CA ASP S 242 66.49 108.20 26.51
C ASP S 242 67.74 107.35 26.63
N PRO S 243 68.95 107.86 26.27
CA PRO S 243 70.18 107.07 26.35
C PRO S 243 70.66 106.87 27.79
N LYS S 244 71.08 105.64 28.09
CA LYS S 244 71.73 105.22 29.32
C LYS S 244 73.13 105.86 29.38
N ALA S 245 73.74 105.94 30.57
CA ALA S 245 75.02 106.60 30.79
C ALA S 245 76.10 106.01 29.89
N HIS S 246 76.83 106.88 29.14
CA HIS S 246 77.60 106.39 28.00
C HIS S 246 78.73 107.32 27.51
N ALA S 247 79.04 108.41 28.24
CA ALA S 247 79.98 109.41 27.72
C ALA S 247 81.38 108.83 27.48
N ALA S 248 81.75 107.83 28.29
CA ALA S 248 83.06 107.19 28.24
C ALA S 248 83.27 106.44 26.93
N SER S 249 82.16 106.02 26.29
CA SER S 249 82.19 105.25 25.05
C SER S 249 82.59 106.10 23.84
N HIS S 250 82.65 107.43 24.03
CA HIS S 250 83.01 108.37 22.97
C HIS S 250 84.53 108.49 22.83
N SER S 251 85.29 107.73 23.63
CA SER S 251 86.76 107.71 23.56
C SER S 251 87.21 107.03 22.26
N ALA S 252 88.45 107.33 21.83
CA ALA S 252 88.98 106.88 20.56
C ALA S 252 89.13 105.35 20.50
N ASP S 253 89.29 104.71 21.68
CA ASP S 253 89.49 103.28 21.80
C ASP S 253 88.16 102.53 21.83
N SER S 254 87.03 103.25 22.00
CA SER S 254 85.73 102.66 22.24
C SER S 254 84.77 102.90 21.06
N ALA S 255 83.53 102.42 21.18
CA ALA S 255 82.60 102.17 20.09
C ALA S 255 82.14 103.43 19.36
N ASP S 256 82.07 104.57 20.07
CA ASP S 256 81.66 105.83 19.48
C ASP S 256 82.90 106.69 19.20
N GLU S 257 83.10 107.07 17.93
CA GLU S 257 84.23 107.91 17.54
C GLU S 257 83.75 109.16 16.80
N ILE S 258 83.99 110.32 17.44
CA ILE S 258 83.92 111.62 16.79
C ILE S 258 85.30 112.27 16.89
N SER S 259 85.88 112.64 15.74
CA SER S 259 87.15 113.35 15.73
C SER S 259 86.91 114.83 15.96
N VAL S 260 87.91 115.52 16.56
CA VAL S 260 87.74 116.88 17.03
C VAL S 260 87.42 117.83 15.87
N GLU S 261 88.01 117.57 14.69
CA GLU S 261 87.81 118.40 13.51
C GLU S 261 86.39 118.29 12.94
N ASN S 262 85.57 117.39 13.52
CA ASN S 262 84.18 117.22 13.13
C ASN S 262 83.25 118.03 14.04
N LEU S 263 83.73 118.40 15.24
CA LEU S 263 82.93 119.04 16.28
C LEU S 263 82.65 120.50 15.94
N SER S 264 81.62 121.07 16.59
CA SER S 264 81.26 122.48 16.47
C SER S 264 82.19 123.34 17.31
N THR S 265 82.18 124.66 17.04
CA THR S 265 82.69 125.69 17.93
C THR S 265 82.05 127.05 17.61
N THR S 266 81.91 127.87 18.66
CA THR S 266 81.45 129.24 18.56
C THR S 266 82.65 130.20 18.46
N GLY S 267 83.87 129.67 18.63
CA GLY S 267 85.08 130.47 18.56
C GLY S 267 85.35 131.00 17.14
N SER S 268 85.76 132.29 17.06
CA SER S 268 86.05 132.97 15.82
C SER S 268 87.30 132.38 15.15
N ALA S 269 87.61 132.85 13.93
CA ALA S 269 88.72 132.34 13.15
C ALA S 269 90.04 132.48 13.90
N ASP S 270 90.89 131.43 13.78
CA ASP S 270 92.23 131.33 14.35
C ASP S 270 92.23 131.08 15.86
N THR S 271 91.05 130.82 16.45
CA THR S 271 90.98 130.54 17.89
C THR S 271 91.34 129.09 18.19
N VAL S 272 91.91 128.87 19.39
CA VAL S 272 92.41 127.59 19.87
C VAL S 272 91.64 127.23 21.15
N PRO S 273 91.22 125.96 21.35
CA PRO S 273 90.67 125.52 22.63
C PRO S 273 91.80 125.35 23.66
N ILE S 274 91.70 126.10 24.76
CA ILE S 274 92.76 126.15 25.77
C ILE S 274 92.16 125.93 27.16
N SER S 275 92.93 125.27 28.04
CA SER S 275 92.51 124.96 29.39
C SER S 275 92.66 126.19 30.28
N GLN S 276 91.67 126.38 31.16
CA GLN S 276 91.68 127.44 32.16
C GLN S 276 92.08 126.86 33.52
N GLY S 277 92.35 125.55 33.55
CA GLY S 277 92.36 124.78 34.79
C GLY S 277 90.91 124.48 35.22
N ASP S 278 90.76 123.92 36.43
CA ASP S 278 89.46 123.66 37.05
C ASP S 278 88.54 122.90 36.08
N GLY S 279 89.13 121.93 35.37
CA GLY S 279 88.42 121.03 34.47
C GLY S 279 87.95 121.66 33.17
N THR S 280 88.21 122.97 32.97
CA THR S 280 87.44 123.80 32.06
C THR S 280 88.24 124.20 30.83
N LEU S 281 87.64 123.99 29.65
CA LEU S 281 88.15 124.47 28.37
C LEU S 281 87.50 125.82 28.01
N SER S 282 88.17 126.55 27.11
CA SER S 282 87.79 127.87 26.62
C SER S 282 88.35 128.06 25.21
N MET S 283 87.83 129.06 24.48
CA MET S 283 88.37 129.42 23.18
C MET S 283 89.12 130.76 23.26
N GLY S 284 90.40 130.76 22.83
CA GLY S 284 91.28 131.91 22.89
C GLY S 284 92.28 131.96 21.72
N SER S 285 93.22 132.91 21.77
CA SER S 285 94.14 133.17 20.65
C SER S 285 95.59 132.89 21.04
N ALA T 2 -14.95 82.90 42.51
CA ALA T 2 -14.31 82.75 41.17
C ALA T 2 -14.35 81.27 40.76
N ASP T 3 -14.95 81.02 39.60
CA ASP T 3 -15.23 79.68 39.06
C ASP T 3 -15.83 79.83 37.66
N THR T 4 -15.11 79.30 36.65
CA THR T 4 -15.71 78.92 35.38
C THR T 4 -15.61 77.40 35.24
N THR T 5 -16.77 76.73 35.18
CA THR T 5 -16.87 75.28 35.16
C THR T 5 -16.91 74.79 33.72
N ILE T 6 -16.04 73.82 33.39
CA ILE T 6 -15.84 73.36 32.03
C ILE T 6 -16.66 72.08 31.82
N ILE T 7 -17.60 72.12 30.87
CA ILE T 7 -18.60 71.07 30.71
C ILE T 7 -18.04 69.87 29.96
N ASP T 8 -16.84 70.00 29.37
CA ASP T 8 -16.31 68.96 28.49
C ASP T 8 -14.91 68.49 28.91
N ALA T 9 -14.36 69.06 30.00
CA ALA T 9 -13.09 68.65 30.56
C ALA T 9 -13.19 67.24 31.14
N VAL T 10 -12.06 66.51 31.20
CA VAL T 10 -12.03 65.20 31.83
C VAL T 10 -10.79 65.06 32.72
N VAL T 11 -10.93 64.28 33.80
CA VAL T 11 -9.91 64.01 34.80
C VAL T 11 -9.75 62.49 34.97
N PHE T 12 -8.49 62.05 35.05
CA PHE T 12 -8.12 60.64 35.20
C PHE T 12 -6.78 60.57 35.93
N PRO T 13 -6.46 59.53 36.75
CA PRO T 13 -7.40 58.48 37.17
C PRO T 13 -8.13 58.75 38.49
N GLN T 14 -9.34 58.18 38.66
CA GLN T 14 -10.18 58.48 39.81
C GLN T 14 -10.86 57.23 40.37
N ASP T 15 -10.75 57.06 41.71
CA ASP T 15 -11.24 55.93 42.49
C ASP T 15 -11.90 56.42 43.78
N ASP T 16 -12.43 55.45 44.55
CA ASP T 16 -12.77 55.60 45.96
C ASP T 16 -11.57 56.19 46.72
N GLY T 17 -10.36 55.72 46.38
CA GLY T 17 -9.12 56.12 47.03
C GLY T 17 -8.67 57.54 46.66
N THR T 18 -9.31 58.13 45.63
CA THR T 18 -9.00 59.48 45.18
C THR T 18 -10.02 60.48 45.74
N GLY T 19 -11.24 60.00 46.00
CA GLY T 19 -12.26 60.83 46.64
C GLY T 19 -13.68 60.62 46.10
N VAL T 20 -13.80 60.10 44.87
CA VAL T 20 -15.10 59.92 44.23
C VAL T 20 -15.84 58.77 44.89
N SER T 21 -17.17 58.75 44.74
CA SER T 21 -18.02 57.70 45.31
C SER T 21 -17.84 56.40 44.53
N ASN T 22 -18.25 55.27 45.14
CA ASN T 22 -17.95 53.93 44.67
C ASN T 22 -18.70 53.62 43.36
N GLY T 23 -19.69 54.44 43.01
CA GLY T 23 -20.43 54.30 41.77
C GLY T 23 -19.79 55.01 40.59
N ASP T 24 -18.75 55.83 40.85
CA ASP T 24 -18.35 56.89 39.93
C ASP T 24 -16.90 56.80 39.47
N GLU T 25 -16.22 55.66 39.71
CA GLU T 25 -14.81 55.49 39.37
C GLU T 25 -14.63 55.56 37.84
N ASP T 26 -13.48 56.09 37.39
CA ASP T 26 -13.19 56.27 35.96
C ASP T 26 -13.12 54.92 35.25
N TYR T 27 -13.51 54.90 33.97
CA TYR T 27 -13.31 53.75 33.10
C TYR T 27 -11.92 53.84 32.46
N ASP T 28 -11.28 52.68 32.26
CA ASP T 28 -9.87 52.59 31.92
C ASP T 28 -9.67 52.60 30.40
N SER T 29 -9.81 53.78 29.79
CA SER T 29 -9.57 53.97 28.36
C SER T 29 -8.08 53.98 28.07
N ALA T 30 -7.72 53.45 26.88
CA ALA T 30 -6.36 53.48 26.34
C ALA T 30 -5.85 54.91 26.23
N GLY T 31 -6.71 55.82 25.76
CA GLY T 31 -6.40 57.23 25.59
C GLY T 31 -6.01 57.90 26.91
N TYR T 32 -6.62 57.44 28.00
CA TYR T 32 -6.30 57.91 29.34
C TYR T 32 -4.93 57.37 29.78
N LEU T 33 -4.70 56.06 29.58
CA LEU T 33 -3.46 55.42 29.98
C LEU T 33 -2.28 56.06 29.24
N ALA T 34 -2.47 56.29 27.94
CA ALA T 34 -1.45 56.85 27.06
C ALA T 34 -1.12 58.29 27.47
N SER T 35 -2.16 59.08 27.79
CA SER T 35 -1.98 60.48 28.17
C SER T 35 -1.40 60.59 29.58
N LEU T 36 -1.76 59.66 30.49
CA LEU T 36 -1.21 59.64 31.82
C LEU T 36 0.27 59.30 31.80
N ALA T 37 0.66 58.36 30.93
CA ALA T 37 2.03 57.87 30.82
C ALA T 37 2.98 58.98 30.37
N ARG T 38 2.42 60.04 29.75
CA ARG T 38 3.16 61.13 29.14
C ARG T 38 3.86 62.00 30.17
N TYR T 39 3.46 61.89 31.45
CA TYR T 39 4.09 62.60 32.56
C TYR T 39 5.55 62.19 32.68
N ALA T 40 6.41 63.16 33.06
CA ALA T 40 7.85 62.91 33.17
C ALA T 40 8.53 63.81 34.21
N GLY T 41 7.91 64.95 34.56
CA GLY T 41 8.51 65.94 35.45
C GLY T 41 8.56 65.50 36.90
N ASP T 42 8.90 66.43 37.81
CA ASP T 42 8.90 66.16 39.23
C ASP T 42 7.69 66.80 39.93
N GLY T 43 7.24 67.95 39.41
CA GLY T 43 6.11 68.68 39.98
C GLY T 43 4.86 68.62 39.09
N SER T 44 4.03 69.66 39.19
CA SER T 44 2.86 69.87 38.32
C SER T 44 3.25 70.77 37.16
N TYR T 45 2.65 70.54 35.97
CA TYR T 45 2.95 71.32 34.77
C TYR T 45 1.91 71.11 33.68
N VAL T 46 1.90 72.02 32.69
CA VAL T 46 1.10 71.91 31.48
C VAL T 46 1.89 71.11 30.44
N GLY T 47 1.20 70.21 29.74
CA GLY T 47 1.82 69.26 28.81
C GLY T 47 2.10 69.86 27.43
N GLY T 48 3.19 69.39 26.82
CA GLY T 48 3.59 69.76 25.47
C GLY T 48 3.00 68.80 24.43
N ASP T 49 2.76 69.33 23.23
CA ASP T 49 2.20 68.58 22.10
C ASP T 49 3.27 67.66 21.50
N SER T 50 2.94 67.06 20.34
CA SER T 50 3.80 66.16 19.60
C SER T 50 5.08 66.86 19.10
N THR T 51 5.09 68.19 19.11
CA THR T 51 6.19 68.99 18.58
C THR T 51 7.08 69.53 19.71
N GLY T 52 6.62 69.38 20.95
CA GLY T 52 7.31 69.88 22.13
C GLY T 52 6.92 71.33 22.47
N SER T 53 5.75 71.76 21.99
CA SER T 53 5.20 73.08 22.29
C SER T 53 4.06 72.96 23.29
N PRO T 54 4.06 73.73 24.40
CA PRO T 54 2.97 73.70 25.39
C PRO T 54 1.57 73.90 24.82
N THR T 55 0.63 73.11 25.36
CA THR T 55 -0.80 73.23 25.09
C THR T 55 -1.40 74.19 26.12
N LEU T 56 -2.75 74.30 26.14
CA LEU T 56 -3.51 75.16 27.05
C LEU T 56 -3.02 76.62 27.00
N GLN T 57 -2.85 77.16 25.78
CA GLN T 57 -2.34 78.50 25.58
C GLN T 57 -3.43 79.54 25.87
N PHE T 58 -3.00 80.77 26.19
CA PHE T 58 -3.88 81.93 26.23
C PHE T 58 -4.12 82.41 24.79
N ALA T 59 -5.37 82.81 24.49
CA ALA T 59 -5.78 83.25 23.17
C ALA T 59 -6.80 84.37 23.29
N ASN T 60 -6.86 85.22 22.25
CA ASN T 60 -7.77 86.35 22.14
C ASN T 60 -7.70 87.22 23.40
N ILE T 61 -6.47 87.59 23.78
CA ILE T 61 -6.19 88.35 24.99
C ILE T 61 -6.47 89.83 24.70
N ASP T 62 -7.74 90.22 24.86
CA ASP T 62 -8.15 91.62 24.71
C ASP T 62 -7.48 92.45 25.79
N THR T 63 -6.93 93.61 25.39
CA THR T 63 -6.12 94.45 26.25
C THR T 63 -6.96 95.03 27.39
N ALA T 64 -8.23 95.36 27.12
CA ALA T 64 -9.01 96.20 28.03
C ALA T 64 -10.46 95.72 28.21
N ASN T 65 -10.87 94.66 27.49
CA ASN T 65 -12.16 94.03 27.73
C ASN T 65 -12.03 93.06 28.91
N GLU T 66 -13.13 92.36 29.24
CA GLU T 66 -13.26 91.54 30.43
C GLU T 66 -12.70 90.12 30.22
N GLU T 67 -12.60 89.67 28.96
CA GLU T 67 -12.62 88.24 28.67
C GLU T 67 -11.38 87.76 27.91
N VAL T 68 -11.00 86.48 28.15
CA VAL T 68 -9.87 85.79 27.54
C VAL T 68 -10.26 84.35 27.19
N ASP T 69 -9.53 83.72 26.26
CA ASP T 69 -9.77 82.35 25.84
C ASP T 69 -8.58 81.46 26.23
N ILE T 70 -8.88 80.24 26.69
CA ILE T 70 -7.90 79.20 26.95
C ILE T 70 -8.04 78.12 25.88
N GLN T 71 -6.92 77.74 25.26
CA GLN T 71 -6.88 76.78 24.17
C GLN T 71 -7.04 75.36 24.71
N PRO T 72 -7.36 74.35 23.86
CA PRO T 72 -7.37 72.94 24.28
C PRO T 72 -5.98 72.44 24.66
N GLY T 73 -5.94 71.26 25.27
CA GLY T 73 -4.69 70.63 25.69
C GLY T 73 -4.86 69.88 27.01
N HIS T 74 -3.75 69.73 27.75
CA HIS T 74 -3.75 68.95 28.98
C HIS T 74 -2.70 69.46 29.96
N ALA T 75 -2.94 69.18 31.24
CA ALA T 75 -2.02 69.50 32.33
C ALA T 75 -1.98 68.36 33.35
N PHE T 76 -0.88 68.32 34.10
CA PHE T 76 -0.68 67.36 35.18
C PHE T 76 -0.74 68.10 36.52
N ILE T 77 -1.60 67.61 37.42
CA ILE T 77 -1.83 68.22 38.72
C ILE T 77 -1.63 67.16 39.80
N LEU T 78 -0.67 67.40 40.72
CA LEU T 78 -0.36 66.45 41.79
C LEU T 78 -1.35 66.63 42.95
N GLU T 79 -1.70 65.50 43.60
CA GLU T 79 -2.43 65.48 44.87
C GLU T 79 -1.82 64.42 45.80
N SER T 80 -1.81 64.73 47.11
CA SER T 80 -1.31 63.86 48.15
C SER T 80 -2.45 63.25 48.96
N GLY T 81 -2.14 62.20 49.73
CA GLY T 81 -3.08 61.57 50.64
C GLY T 81 -4.07 60.65 49.94
N HIS T 82 -3.69 60.13 48.76
CA HIS T 82 -4.43 59.10 48.06
C HIS T 82 -4.33 57.79 48.83
N ILE T 83 -5.36 56.94 48.69
CA ILE T 83 -5.39 55.60 49.29
C ILE T 83 -5.35 54.58 48.15
N VAL T 84 -4.59 53.49 48.34
CA VAL T 84 -4.51 52.41 47.37
C VAL T 84 -4.82 51.07 48.05
N GLN T 85 -5.06 50.04 47.23
CA GLN T 85 -5.46 48.71 47.67
C GLN T 85 -4.21 47.84 47.82
N SER T 86 -3.95 47.37 49.05
CA SER T 86 -2.83 46.47 49.32
C SER T 86 -3.09 45.10 48.71
N GLY T 87 -2.05 44.51 48.12
CA GLY T 87 -2.06 43.14 47.62
C GLY T 87 -3.26 42.83 46.75
N SER T 88 -4.03 41.80 47.14
CA SER T 88 -5.23 41.39 46.45
C SER T 88 -6.48 41.71 47.28
N GLN T 89 -6.34 42.62 48.25
CA GLN T 89 -7.47 43.12 49.03
C GLN T 89 -8.20 44.18 48.22
N LYS T 90 -9.54 44.11 48.21
CA LYS T 90 -10.36 45.08 47.51
C LYS T 90 -10.44 46.39 48.30
N THR T 91 -10.16 46.31 49.62
CA THR T 91 -10.26 47.46 50.52
C THR T 91 -9.11 48.43 50.28
N TYR T 92 -9.46 49.72 50.10
CA TYR T 92 -8.50 50.81 50.04
C TYR T 92 -7.96 51.04 51.45
N ASP T 93 -6.67 50.76 51.67
CA ASP T 93 -6.14 50.63 53.03
C ASP T 93 -4.74 51.23 53.19
N THR T 94 -4.03 51.51 52.09
CA THR T 94 -2.66 51.97 52.14
C THR T 94 -2.59 53.43 51.67
N ASN T 95 -2.21 54.33 52.58
CA ASN T 95 -2.03 55.74 52.27
C ASN T 95 -0.71 55.91 51.51
N LEU T 96 -0.73 56.73 50.45
CA LEU T 96 0.48 56.96 49.66
C LEU T 96 1.43 57.89 50.44
N PRO T 97 2.76 57.63 50.42
CA PRO T 97 3.73 58.49 51.09
C PRO T 97 4.01 59.81 50.37
N ASP T 98 3.56 59.91 49.11
CA ASP T 98 3.93 61.00 48.23
C ASP T 98 2.75 61.41 47.34
N SER T 99 2.89 62.57 46.68
CA SER T 99 1.90 63.19 45.82
C SER T 99 1.99 62.60 44.40
N VAL T 100 0.84 62.51 43.69
CA VAL T 100 0.77 61.82 42.41
C VAL T 100 -0.15 62.55 41.42
N PRO T 101 0.13 62.50 40.08
CA PRO T 101 -0.61 63.28 39.10
C PRO T 101 -1.95 62.73 38.60
N TYR T 102 -2.96 63.61 38.59
CA TYR T 102 -4.09 63.48 37.68
C TYR T 102 -3.69 64.13 36.36
N VAL T 103 -4.28 63.65 35.26
CA VAL T 103 -4.28 64.36 33.99
C VAL T 103 -5.60 65.12 33.90
N VAL T 104 -5.50 66.41 33.57
CA VAL T 104 -6.67 67.21 33.19
C VAL T 104 -6.58 67.46 31.69
N ILE T 105 -7.65 67.10 30.97
CA ILE T 105 -7.68 67.18 29.52
C ILE T 105 -8.84 68.09 29.09
N LEU T 106 -8.53 69.11 28.27
CA LEU T 106 -9.53 69.99 27.70
C LEU T 106 -9.63 69.72 26.19
N PRO T 107 -10.79 69.22 25.67
CA PRO T 107 -10.92 68.89 24.26
C PRO T 107 -11.25 70.05 23.31
N SER T 108 -11.52 71.22 23.88
CA SER T 108 -11.91 72.40 23.13
C SER T 108 -11.29 73.66 23.75
N SER T 109 -11.34 74.77 23.01
CA SER T 109 -11.01 76.08 23.55
C SER T 109 -12.11 76.52 24.50
N VAL T 110 -11.72 76.94 25.71
CA VAL T 110 -12.62 77.61 26.64
C VAL T 110 -12.83 79.03 26.13
N THR T 111 -14.09 79.38 25.82
CA THR T 111 -14.42 80.64 25.18
C THR T 111 -14.89 81.66 26.23
N ASN T 112 -14.18 82.80 26.27
CA ASN T 112 -14.58 84.01 26.97
C ASN T 112 -14.69 83.78 28.48
N VAL T 113 -13.54 83.47 29.10
CA VAL T 113 -13.35 83.45 30.55
C VAL T 113 -13.27 84.90 31.02
N PRO T 114 -14.14 85.35 31.97
CA PRO T 114 -14.05 86.71 32.51
C PRO T 114 -12.91 86.92 33.52
N LEU T 115 -12.41 88.17 33.58
CA LEU T 115 -11.32 88.60 34.46
C LEU T 115 -11.71 89.88 35.20
N ASP T 116 -10.91 90.27 36.21
CA ASP T 116 -10.95 91.59 36.81
C ASP T 116 -10.32 92.59 35.84
N THR T 117 -10.87 93.81 35.76
CA THR T 117 -10.49 94.79 34.74
C THR T 117 -9.28 95.63 35.17
N ASP T 118 -8.46 96.00 34.17
CA ASP T 118 -7.43 97.05 34.23
C ASP T 118 -6.21 96.65 35.05
N VAL T 119 -6.02 95.35 35.35
CA VAL T 119 -5.00 94.91 36.30
C VAL T 119 -4.41 93.54 35.92
N ASP T 120 -3.37 93.12 36.68
CA ASP T 120 -2.82 91.77 36.65
C ASP T 120 -3.83 90.80 37.26
N ASN T 121 -4.26 89.81 36.47
CA ASN T 121 -5.06 88.71 36.96
C ASN T 121 -4.19 87.45 37.04
N ASP T 122 -4.30 86.72 38.15
CA ASP T 122 -3.85 85.33 38.18
C ASP T 122 -4.92 84.47 37.53
N VAL T 123 -4.48 83.44 36.77
CA VAL T 123 -5.38 82.46 36.19
C VAL T 123 -4.91 81.06 36.60
N TRP T 124 -5.85 80.26 37.12
CA TRP T 124 -5.59 78.92 37.62
C TRP T 124 -6.48 77.90 36.90
N LEU T 125 -5.98 76.67 36.79
CA LEU T 125 -6.78 75.50 36.46
C LEU T 125 -6.81 74.58 37.69
N ALA T 126 -8.01 74.12 38.07
CA ALA T 126 -8.20 73.42 39.33
C ALA T 126 -9.14 72.22 39.17
N VAL T 127 -8.91 71.19 40.00
CA VAL T 127 -9.70 69.97 40.05
C VAL T 127 -10.34 69.86 41.43
N ASP T 128 -11.67 69.68 41.44
CA ASP T 128 -12.40 69.21 42.61
C ASP T 128 -12.30 67.69 42.64
N PRO T 129 -11.57 67.08 43.61
CA PRO T 129 -11.40 65.62 43.62
C PRO T 129 -12.59 64.81 44.16
N THR T 130 -13.65 65.50 44.59
CA THR T 130 -14.78 64.86 45.25
C THR T 130 -15.78 64.27 44.26
N SER T 131 -15.68 64.66 42.98
CA SER T 131 -16.56 64.14 41.95
C SER T 131 -15.80 63.94 40.64
N ASN T 132 -16.36 63.08 39.76
CA ASN T 132 -15.70 62.68 38.53
C ASN T 132 -15.76 63.81 37.51
N ASP T 133 -14.57 64.25 37.06
CA ASP T 133 -14.37 65.17 35.94
C ASP T 133 -14.88 66.59 36.24
N SER T 134 -14.98 66.95 37.53
CA SER T 134 -15.34 68.31 37.92
C SER T 134 -14.11 69.22 37.90
N VAL T 135 -14.00 70.05 36.85
CA VAL T 135 -12.87 70.93 36.59
C VAL T 135 -13.39 72.36 36.49
N TYR T 136 -12.57 73.32 36.96
CA TYR T 136 -12.90 74.74 36.87
C TYR T 136 -11.65 75.59 36.70
N ILE T 137 -11.84 76.78 36.09
CA ILE T 137 -10.83 77.81 35.92
C ILE T 137 -11.14 78.95 36.90
N ARG T 138 -10.08 79.44 37.57
CA ARG T 138 -10.18 80.60 38.44
C ARG T 138 -9.40 81.77 37.85
N SER T 139 -10.01 82.97 37.95
CA SER T 139 -9.45 84.21 37.44
C SER T 139 -9.70 85.35 38.43
N GLY T 140 -8.68 86.20 38.64
CA GLY T 140 -8.81 87.36 39.50
C GLY T 140 -7.48 87.97 39.94
N ASN T 141 -7.54 89.22 40.41
CA ASN T 141 -6.41 89.96 40.94
C ASN T 141 -6.27 89.68 42.44
N GLY T 142 -5.02 89.45 42.88
CA GLY T 142 -4.64 89.46 44.29
C GLY T 142 -5.30 88.38 45.14
N LEU T 143 -5.91 87.38 44.48
CA LEU T 143 -6.75 86.37 45.10
C LEU T 143 -5.89 85.21 45.58
N SER T 144 -6.40 84.47 46.58
CA SER T 144 -5.73 83.29 47.14
C SER T 144 -5.66 82.17 46.09
N ALA T 145 -4.71 81.25 46.27
CA ALA T 145 -4.62 80.04 45.47
C ALA T 145 -5.89 79.21 45.66
N PRO T 146 -6.35 78.45 44.63
CA PRO T 146 -7.50 77.54 44.80
C PRO T 146 -7.23 76.53 45.90
N SER T 147 -8.28 76.18 46.64
CA SER T 147 -8.20 75.34 47.83
C SER T 147 -7.78 73.92 47.49
N ASP T 148 -8.02 73.52 46.24
CA ASP T 148 -7.98 72.15 45.77
C ASP T 148 -6.67 71.89 45.02
N PRO T 149 -6.37 70.63 44.61
CA PRO T 149 -5.28 70.38 43.65
C PRO T 149 -5.47 71.24 42.39
N SER T 150 -4.46 72.07 42.10
CA SER T 150 -4.57 73.14 41.12
C SER T 150 -3.20 73.57 40.62
N VAL T 151 -3.19 74.27 39.49
CA VAL T 151 -1.97 74.70 38.81
C VAL T 151 -2.14 76.15 38.32
N LYS T 152 -1.04 76.92 38.42
CA LYS T 152 -0.98 78.30 37.98
C LYS T 152 -0.78 78.34 36.47
N LEU T 153 -1.91 78.41 35.75
CA LEU T 153 -1.96 78.39 34.29
C LEU T 153 -1.24 79.60 33.71
N GLY T 154 -1.28 80.72 34.45
CA GLY T 154 -0.49 81.91 34.14
C GLY T 154 -1.04 83.19 34.77
N THR T 155 -0.69 84.33 34.16
CA THR T 155 -1.21 85.64 34.50
C THR T 155 -1.58 86.39 33.21
N VAL T 156 -2.67 87.18 33.28
CA VAL T 156 -3.17 87.98 32.17
C VAL T 156 -3.46 89.38 32.69
N ASN T 157 -2.92 90.41 32.02
CA ASN T 157 -3.13 91.79 32.40
C ASN T 157 -4.25 92.39 31.55
N SER T 158 -5.32 92.84 32.21
CA SER T 158 -6.54 93.31 31.57
C SER T 158 -6.48 94.83 31.36
N SER T 159 -5.26 95.37 31.27
CA SER T 159 -5.00 96.74 30.86
C SER T 159 -4.10 96.75 29.62
N THR T 160 -3.10 95.85 29.60
CA THR T 160 -2.01 95.89 28.62
C THR T 160 -2.13 94.74 27.62
N GLY T 161 -2.71 93.62 28.06
CA GLY T 161 -2.83 92.41 27.24
C GLY T 161 -1.63 91.47 27.40
N SER T 162 -0.69 91.85 28.29
CA SER T 162 0.52 91.09 28.56
C SER T 162 0.19 89.82 29.36
N THR T 163 0.98 88.75 29.13
CA THR T 163 0.80 87.47 29.80
C THR T 163 2.15 86.79 30.09
N THR T 164 2.26 86.11 31.25
CA THR T 164 3.35 85.20 31.58
C THR T 164 2.81 83.95 32.28
N ARG T 165 3.64 82.90 32.38
CA ARG T 165 3.25 81.62 32.96
C ARG T 165 4.50 80.85 33.45
N PRO T 166 4.58 80.46 34.74
CA PRO T 166 5.81 79.88 35.31
C PRO T 166 6.03 78.37 35.19
N ASN T 167 4.98 77.62 34.80
CA ASN T 167 5.05 76.16 34.78
C ASN T 167 4.33 75.59 33.55
N ASP T 168 4.53 76.20 32.37
CA ASP T 168 3.84 75.77 31.16
C ASP T 168 4.57 74.61 30.46
N LEU T 169 5.70 74.18 31.03
CA LEU T 169 6.36 72.93 30.67
C LEU T 169 7.03 72.33 31.90
N ALA T 170 7.51 71.09 31.77
CA ALA T 170 7.93 70.25 32.89
C ALA T 170 9.14 70.84 33.61
N ASP T 171 9.02 70.97 34.94
CA ASP T 171 10.17 70.96 35.83
C ASP T 171 10.60 69.50 35.98
N HIS T 172 11.92 69.26 36.00
CA HIS T 172 12.47 67.91 36.00
C HIS T 172 13.78 67.89 36.80
N SER T 173 14.07 66.74 37.41
CA SER T 173 15.32 66.53 38.13
C SER T 173 15.79 65.09 37.98
N VAL T 174 17.13 64.92 37.90
CA VAL T 174 17.77 63.67 37.56
C VAL T 174 19.04 63.53 38.42
N ASP T 175 19.64 62.33 38.38
CA ASP T 175 21.00 62.16 38.87
C ASP T 175 21.97 62.50 37.75
N ALA T 176 21.95 61.69 36.68
CA ALA T 176 22.81 61.90 35.52
C ALA T 176 21.98 61.96 34.25
N LEU T 177 22.25 62.97 33.42
CA LEU T 177 21.71 63.05 32.08
C LEU T 177 22.80 62.73 31.07
N ASN T 178 22.48 61.84 30.12
CA ASN T 178 23.27 61.61 28.92
C ASN T 178 22.41 61.97 27.71
N ALA T 179 23.00 62.64 26.71
CA ALA T 179 22.22 63.23 25.62
C ALA T 179 23.04 63.30 24.33
N THR T 180 22.33 63.48 23.20
CA THR T 180 22.97 63.84 21.93
C THR T 180 23.29 65.34 21.96
N THR T 181 22.24 66.17 22.07
CA THR T 181 22.36 67.62 22.14
C THR T 181 21.53 68.16 23.31
N ILE T 182 21.95 69.34 23.81
CA ILE T 182 21.32 70.03 24.94
C ILE T 182 21.16 71.50 24.56
N ASP T 183 19.95 72.06 24.76
CA ASP T 183 19.59 73.34 24.18
C ASP T 183 18.77 74.19 25.17
N ALA T 184 19.42 75.20 25.75
CA ALA T 184 18.79 76.09 26.73
C ALA T 184 18.47 77.45 26.10
N SER T 185 17.20 77.85 26.22
CA SER T 185 16.72 79.15 25.79
C SER T 185 17.14 80.26 26.77
N ASP T 186 17.69 79.87 27.93
CA ASP T 186 18.19 80.79 28.94
C ASP T 186 19.56 80.31 29.45
N THR T 187 19.65 79.92 30.73
CA THR T 187 20.93 79.75 31.40
C THR T 187 21.29 78.27 31.61
N VAL T 188 22.57 77.96 31.34
CA VAL T 188 23.23 76.73 31.76
C VAL T 188 24.19 77.08 32.90
N THR T 189 24.17 76.27 33.97
CA THR T 189 25.05 76.43 35.12
C THR T 189 25.65 75.07 35.49
N GLY T 190 26.95 75.06 35.84
CA GLY T 190 27.63 73.83 36.23
C GLY T 190 28.73 74.06 37.26
N ASP T 191 28.89 73.10 38.19
CA ASP T 191 29.88 73.18 39.26
C ASP T 191 31.23 72.60 38.83
N THR T 192 31.31 72.16 37.57
CA THR T 192 32.53 71.99 36.79
C THR T 192 32.14 71.88 35.32
N VAL T 193 32.19 73.00 34.60
CA VAL T 193 31.92 72.99 33.16
C VAL T 193 33.16 72.49 32.45
N ASP T 194 32.99 71.60 31.46
CA ASP T 194 34.06 70.77 30.93
C ASP T 194 33.89 70.59 29.42
N ALA T 195 34.56 71.45 28.65
CA ALA T 195 34.25 71.68 27.24
C ALA T 195 35.28 71.02 26.32
N THR T 196 35.56 69.72 26.49
CA THR T 196 36.62 69.03 25.77
C THR T 196 36.50 69.23 24.25
N THR T 197 37.64 69.41 23.58
CA THR T 197 37.79 69.41 22.13
C THR T 197 37.33 70.72 21.47
N THR T 198 36.22 71.32 21.95
CA THR T 198 35.71 72.55 21.38
C THR T 198 35.01 73.39 22.45
N LEU T 199 35.42 74.67 22.56
CA LEU T 199 34.72 75.68 23.34
C LEU T 199 34.41 76.87 22.42
N THR T 200 33.12 77.23 22.32
CA THR T 200 32.62 78.21 21.38
C THR T 200 31.96 79.38 22.12
N ASP T 201 32.34 80.61 21.73
CA ASP T 201 31.96 81.84 22.42
C ASP T 201 30.75 82.50 21.73
N ALA T 202 30.54 83.80 22.00
CA ALA T 202 29.34 84.53 21.60
C ALA T 202 29.31 84.82 20.10
N ALA T 203 30.48 84.73 19.45
CA ALA T 203 30.61 84.81 18.00
C ALA T 203 31.01 83.43 17.46
N GLY T 204 31.21 83.33 16.13
CA GLY T 204 31.35 82.04 15.47
C GLY T 204 32.73 81.39 15.62
N VAL T 205 33.43 81.65 16.73
CA VAL T 205 34.83 81.28 16.89
C VAL T 205 34.95 80.15 17.92
N SER T 206 35.60 79.06 17.51
CA SER T 206 35.72 77.83 18.29
C SER T 206 37.19 77.56 18.64
N HIS T 207 37.46 77.37 19.93
CA HIS T 207 38.80 77.25 20.48
C HIS T 207 39.03 75.83 20.99
N THR T 208 40.20 75.26 20.68
CA THR T 208 40.53 73.85 20.96
C THR T 208 41.71 73.75 21.92
N GLY T 209 42.72 74.61 21.72
CA GLY T 209 43.80 74.77 22.68
C GLY T 209 43.29 75.37 23.99
N GLU T 210 44.18 75.45 24.99
CA GLU T 210 43.85 76.06 26.27
C GLU T 210 43.72 77.58 26.11
N LEU T 211 43.03 78.21 27.08
CA LEU T 211 42.88 79.66 27.11
C LEU T 211 43.86 80.25 28.12
N GLU T 212 44.06 81.58 28.05
CA GLU T 212 45.02 82.28 28.89
C GLU T 212 44.42 82.56 30.26
N ASP T 213 45.25 82.40 31.31
CA ASP T 213 44.89 82.65 32.70
C ASP T 213 44.93 84.14 33.00
N ILE T 214 44.53 84.48 34.24
CA ILE T 214 44.83 85.76 34.88
C ILE T 214 46.35 85.85 35.09
N ASN T 215 46.87 87.09 35.14
CA ASN T 215 48.24 87.41 35.52
C ASN T 215 49.25 86.74 34.58
N HIS T 216 48.90 86.61 33.29
CA HIS T 216 49.66 85.80 32.34
C HIS T 216 50.96 86.47 31.90
N GLY T 217 51.09 87.78 32.15
CA GLY T 217 52.20 88.62 31.68
C GLY T 217 53.58 88.09 32.08
N SER T 218 53.64 87.25 33.10
CA SER T 218 54.85 86.60 33.59
C SER T 218 55.47 85.72 32.50
N LYS T 219 54.67 85.39 31.48
CA LYS T 219 55.11 84.61 30.33
C LYS T 219 55.74 85.51 29.27
N HIS T 220 55.33 86.79 29.21
CA HIS T 220 55.79 87.72 28.20
C HIS T 220 57.18 88.27 28.53
N GLU T 221 57.58 88.19 29.81
CA GLU T 221 58.87 88.71 30.28
C GLU T 221 60.00 87.74 29.90
N ASP T 222 61.25 88.21 30.02
CA ASP T 222 62.48 87.49 29.73
C ASP T 222 62.50 86.16 30.48
N GLY T 223 62.48 85.05 29.73
CA GLY T 223 62.60 83.71 30.28
C GLY T 223 61.26 83.02 30.49
N GLY T 224 60.17 83.70 30.10
CA GLY T 224 58.85 83.08 30.04
C GLY T 224 58.68 82.25 28.77
N SER T 225 57.47 82.29 28.20
CA SER T 225 57.17 81.76 26.87
C SER T 225 56.04 82.56 26.26
N ASP T 226 56.10 82.77 24.93
CA ASP T 226 55.42 83.87 24.25
C ASP T 226 55.95 85.20 24.80
N GLU T 227 57.28 85.26 24.90
CA GLU T 227 58.06 86.44 25.26
C GLU T 227 58.11 87.34 24.02
N ILE T 228 57.42 88.48 24.08
CA ILE T 228 57.08 89.28 22.91
C ILE T 228 58.31 90.01 22.36
N SER T 229 58.29 90.28 21.04
CA SER T 229 59.25 91.16 20.41
C SER T 229 58.80 92.61 20.58
N VAL T 230 59.77 93.48 20.86
CA VAL T 230 59.56 94.90 21.05
C VAL T 230 59.75 95.63 19.71
N GLY T 231 60.28 94.89 18.72
CA GLY T 231 60.55 95.41 17.39
C GLY T 231 59.33 96.07 16.75
N GLY T 232 59.47 97.38 16.48
CA GLY T 232 58.48 98.15 15.74
C GLY T 232 57.38 98.75 16.63
N LEU T 233 57.52 98.61 17.95
CA LEU T 233 56.56 99.20 18.89
C LEU T 233 56.91 100.67 19.13
N SER T 234 55.97 101.41 19.74
CA SER T 234 56.05 102.86 19.92
C SER T 234 55.98 103.24 21.40
N GLY T 235 56.63 104.36 21.75
CA GLY T 235 56.59 104.94 23.09
C GLY T 235 57.98 105.16 23.68
N ASP T 236 58.01 105.79 24.87
CA ASP T 236 59.22 106.16 25.59
C ASP T 236 59.32 105.34 26.88
N LEU T 237 60.47 104.66 27.08
CA LEU T 237 60.67 103.80 28.24
C LEU T 237 61.03 104.62 29.47
N ALA T 238 60.58 104.16 30.64
CA ALA T 238 60.81 104.82 31.92
C ALA T 238 62.26 104.67 32.37
N ASP T 239 62.91 103.57 31.94
CA ASP T 239 64.33 103.36 32.15
C ASP T 239 65.07 103.68 30.85
N PRO T 240 66.24 104.37 30.91
CA PRO T 240 67.02 104.69 29.71
C PRO T 240 67.73 103.46 29.15
N GLN T 241 68.05 103.49 27.85
CA GLN T 241 68.47 102.32 27.11
C GLN T 241 69.90 102.52 26.60
N ASP T 242 70.67 101.41 26.57
CA ASP T 242 72.01 101.39 25.99
C ASP T 242 71.91 101.82 24.53
N PRO T 243 72.51 102.97 24.13
CA PRO T 243 72.30 103.51 22.78
C PRO T 243 73.08 102.79 21.68
N LYS T 244 72.48 102.81 20.49
CA LYS T 244 73.07 102.46 19.21
C LYS T 244 74.25 103.41 18.93
N ALA T 245 75.21 102.97 18.10
CA ALA T 245 76.36 103.77 17.70
C ALA T 245 75.89 105.07 17.04
N HIS T 246 76.38 106.22 17.53
CA HIS T 246 75.70 107.49 17.30
C HIS T 246 76.63 108.71 17.27
N ALA T 247 77.95 108.50 17.28
CA ALA T 247 78.93 109.59 17.33
C ALA T 247 78.72 110.62 16.22
N ALA T 248 78.32 110.17 15.03
CA ALA T 248 78.10 111.01 13.86
C ALA T 248 77.00 112.04 14.09
N SER T 249 76.08 111.76 15.03
CA SER T 249 74.96 112.63 15.35
C SER T 249 75.40 113.80 16.26
N HIS T 250 76.70 113.91 16.52
CA HIS T 250 77.28 114.96 17.35
C HIS T 250 78.13 115.92 16.51
N SER T 251 78.00 115.85 15.17
CA SER T 251 78.76 116.64 14.22
C SER T 251 78.34 118.11 14.26
N ALA T 252 79.11 118.97 13.58
CA ALA T 252 78.79 120.38 13.41
C ALA T 252 77.52 120.57 12.56
N ASP T 253 77.16 119.53 11.78
CA ASP T 253 76.11 119.62 10.77
C ASP T 253 74.85 118.84 11.14
N SER T 254 74.90 118.05 12.24
CA SER T 254 73.82 117.14 12.59
C SER T 254 72.71 117.84 13.38
N ALA T 255 71.59 117.12 13.59
CA ALA T 255 70.35 117.67 14.15
C ALA T 255 70.44 117.87 15.67
N ASP T 256 71.52 117.40 16.30
CA ASP T 256 71.94 117.91 17.59
C ASP T 256 73.45 118.20 17.58
N GLU T 257 73.89 119.03 18.53
CA GLU T 257 75.16 119.73 18.46
C GLU T 257 75.86 119.73 19.82
N ILE T 258 77.19 119.54 19.78
CA ILE T 258 78.11 119.73 20.90
C ILE T 258 79.37 120.43 20.38
N SER T 259 79.98 121.28 21.22
CA SER T 259 81.16 122.04 20.83
C SER T 259 82.30 121.82 21.82
N VAL T 260 83.54 122.10 21.38
CA VAL T 260 84.75 121.77 22.12
C VAL T 260 84.82 122.56 23.43
N GLU T 261 84.32 123.81 23.41
CA GLU T 261 84.34 124.69 24.57
C GLU T 261 83.39 124.21 25.67
N ASN T 262 82.54 123.21 25.36
CA ASN T 262 81.67 122.58 26.35
C ASN T 262 82.41 121.49 27.11
N LEU T 263 83.49 120.96 26.52
CA LEU T 263 84.07 119.68 26.91
C LEU T 263 85.11 119.85 28.02
N SER T 264 85.43 118.73 28.69
CA SER T 264 86.32 118.68 29.84
C SER T 264 87.79 118.58 29.39
N THR T 265 88.70 118.91 30.33
CA THR T 265 90.08 118.44 30.30
C THR T 265 90.65 118.33 31.72
N THR T 266 91.55 117.36 31.90
CA THR T 266 92.30 117.18 33.13
C THR T 266 93.56 118.05 33.11
N GLY T 267 93.90 118.60 31.93
CA GLY T 267 95.11 119.39 31.73
C GLY T 267 95.07 120.72 32.48
N SER T 268 96.24 121.12 33.02
CA SER T 268 96.44 122.34 33.80
C SER T 268 96.22 123.58 32.94
N ALA T 269 96.22 124.76 33.57
CA ALA T 269 95.96 126.03 32.89
C ALA T 269 96.96 126.26 31.76
N ASP T 270 96.45 126.75 30.62
CA ASP T 270 97.17 127.04 29.39
C ASP T 270 97.61 125.78 28.65
N THR T 271 97.13 124.59 29.07
CA THR T 271 97.37 123.38 28.28
C THR T 271 96.47 123.38 27.05
N VAL T 272 97.01 122.81 25.97
CA VAL T 272 96.39 122.80 24.65
C VAL T 272 96.34 121.35 24.16
N PRO T 273 95.21 120.89 23.55
CA PRO T 273 95.20 119.58 22.88
C PRO T 273 96.09 119.59 21.64
N ILE T 274 97.11 118.72 21.66
CA ILE T 274 98.04 118.56 20.53
C ILE T 274 98.11 117.07 20.17
N SER T 275 98.18 116.80 18.85
CA SER T 275 98.22 115.45 18.32
C SER T 275 99.60 114.82 18.53
N GLN T 276 99.61 113.53 18.90
CA GLN T 276 100.82 112.75 19.03
C GLN T 276 101.01 111.87 17.80
N GLY T 277 100.16 112.07 16.79
CA GLY T 277 99.97 111.08 15.73
C GLY T 277 99.14 109.91 16.24
N ASP T 278 99.05 108.84 15.43
CA ASP T 278 98.38 107.60 15.79
C ASP T 278 96.95 107.86 16.28
N GLY T 279 96.30 108.86 15.65
CA GLY T 279 94.89 109.17 15.86
C GLY T 279 94.58 109.90 17.18
N THR T 280 95.63 110.21 17.96
CA THR T 280 95.47 110.45 19.39
C THR T 280 95.91 111.87 19.78
N LEU T 281 95.10 112.52 20.62
CA LEU T 281 95.38 113.84 21.17
C LEU T 281 95.98 113.71 22.58
N SER T 282 96.66 114.79 23.01
CA SER T 282 97.32 114.88 24.31
C SER T 282 97.33 116.34 24.78
N MET T 283 97.43 116.56 26.10
CA MET T 283 97.52 117.90 26.64
C MET T 283 98.98 118.33 26.73
N GLY T 284 99.40 119.18 25.77
CA GLY T 284 100.71 119.81 25.73
C GLY T 284 100.64 121.30 26.10
N SER T 285 101.75 122.01 25.91
CA SER T 285 101.87 123.44 26.21
C SER T 285 102.54 124.17 25.04
N ALA U 2 20.23 36.75 56.65
CA ALA U 2 19.93 38.21 56.57
C ALA U 2 18.50 38.42 56.06
N ASP U 3 17.81 39.38 56.69
CA ASP U 3 16.39 39.64 56.48
C ASP U 3 16.04 41.02 57.04
N THR U 4 15.03 41.65 56.43
CA THR U 4 14.22 42.72 56.99
C THR U 4 12.92 42.78 56.19
N THR U 5 11.94 41.96 56.60
CA THR U 5 10.64 41.89 55.93
C THR U 5 9.85 43.16 56.26
N ILE U 6 9.43 43.89 55.21
CA ILE U 6 8.66 45.12 55.37
C ILE U 6 7.19 44.78 55.20
N ILE U 7 6.40 45.05 56.26
CA ILE U 7 5.06 44.48 56.40
C ILE U 7 3.99 45.35 55.73
N ASP U 8 4.34 46.58 55.31
CA ASP U 8 3.32 47.51 54.83
C ASP U 8 3.61 48.04 53.43
N ALA U 9 4.62 47.47 52.75
CA ALA U 9 5.01 47.89 51.41
C ALA U 9 3.98 47.43 50.38
N VAL U 10 3.86 48.18 49.27
CA VAL U 10 3.04 47.77 48.14
C VAL U 10 3.85 47.87 46.84
N VAL U 11 3.64 46.88 45.96
CA VAL U 11 4.34 46.72 44.69
C VAL U 11 3.31 46.62 43.57
N PHE U 12 3.56 47.38 42.49
CA PHE U 12 2.68 47.45 41.34
C PHE U 12 3.52 47.73 40.08
N PRO U 13 3.15 47.24 38.89
CA PRO U 13 2.03 46.30 38.69
C PRO U 13 2.46 44.82 38.78
N GLN U 14 1.54 43.98 39.29
CA GLN U 14 1.79 42.54 39.40
C GLN U 14 0.57 41.76 38.93
N ASP U 15 0.84 40.80 38.03
CA ASP U 15 -0.10 39.76 37.60
C ASP U 15 0.72 38.51 37.32
N ASP U 16 0.09 37.42 36.85
CA ASP U 16 0.79 36.16 36.68
C ASP U 16 1.75 36.20 35.48
N GLY U 17 1.76 37.32 34.76
CA GLY U 17 2.79 37.62 33.77
C GLY U 17 4.10 38.04 34.43
N THR U 18 3.97 38.76 35.55
CA THR U 18 5.02 38.90 36.54
C THR U 18 5.03 37.61 37.37
N GLY U 19 5.94 37.50 38.33
CA GLY U 19 5.95 36.31 39.18
C GLY U 19 4.94 36.42 40.33
N VAL U 20 3.69 36.00 40.08
CA VAL U 20 2.69 35.74 41.13
C VAL U 20 1.74 34.64 40.67
N SER U 21 1.02 34.02 41.62
CA SER U 21 0.01 33.02 41.33
C SER U 21 -1.25 33.69 40.78
N ASN U 22 -2.21 32.88 40.28
CA ASN U 22 -3.36 33.38 39.54
C ASN U 22 -4.37 34.07 40.46
N GLY U 23 -4.36 33.71 41.75
CA GLY U 23 -5.20 34.37 42.74
C GLY U 23 -4.68 35.76 43.13
N ASP U 24 -3.36 35.95 43.02
CA ASP U 24 -2.64 36.98 43.74
C ASP U 24 -2.31 38.19 42.86
N GLU U 25 -3.16 38.48 41.87
CA GLU U 25 -2.97 39.63 40.99
C GLU U 25 -3.26 40.93 41.75
N ASP U 26 -2.66 42.04 41.30
CA ASP U 26 -2.89 43.35 41.88
C ASP U 26 -4.25 43.90 41.45
N TYR U 27 -4.78 44.85 42.23
CA TYR U 27 -5.96 45.61 41.84
C TYR U 27 -5.58 46.88 41.10
N ASP U 28 -6.56 47.37 40.33
CA ASP U 28 -6.45 48.34 39.25
C ASP U 28 -6.61 49.76 39.80
N SER U 29 -5.86 50.12 40.85
CA SER U 29 -6.08 51.36 41.57
C SER U 29 -5.53 52.57 40.83
N ALA U 30 -6.23 53.71 40.95
CA ALA U 30 -5.87 54.98 40.35
C ALA U 30 -4.54 55.50 40.89
N GLY U 31 -4.36 55.42 42.21
CA GLY U 31 -3.15 55.88 42.89
C GLY U 31 -1.90 55.13 42.42
N TYR U 32 -2.08 53.85 42.07
CA TYR U 32 -1.01 53.01 41.54
C TYR U 32 -0.63 53.46 40.13
N LEU U 33 -1.64 53.71 39.29
CA LEU U 33 -1.43 54.12 37.91
C LEU U 33 -0.69 55.45 37.87
N ALA U 34 -1.06 56.36 38.79
CA ALA U 34 -0.51 57.70 38.86
C ALA U 34 0.93 57.65 39.38
N SER U 35 1.18 56.79 40.38
CA SER U 35 2.52 56.64 40.95
C SER U 35 3.47 55.94 39.99
N LEU U 36 2.92 55.04 39.15
CA LEU U 36 3.70 54.35 38.14
C LEU U 36 4.05 55.30 36.99
N ALA U 37 3.16 56.26 36.73
CA ALA U 37 3.35 57.26 35.67
C ALA U 37 4.46 58.23 36.02
N ARG U 38 4.96 58.17 37.26
CA ARG U 38 6.03 59.03 37.75
C ARG U 38 7.40 58.56 37.24
N TYR U 39 7.44 57.43 36.52
CA TYR U 39 8.70 56.93 35.96
C TYR U 39 9.13 57.76 34.76
N ALA U 40 10.44 58.07 34.71
CA ALA U 40 11.01 58.89 33.65
C ALA U 40 12.47 58.50 33.34
N GLY U 41 13.13 57.78 34.24
CA GLY U 41 14.53 57.41 34.10
C GLY U 41 14.75 56.30 33.07
N ASP U 42 15.90 55.61 33.17
CA ASP U 42 16.17 54.48 32.29
C ASP U 42 16.53 53.22 33.08
N GLY U 43 17.11 53.40 34.28
CA GLY U 43 17.42 52.29 35.17
C GLY U 43 16.46 52.21 36.36
N SER U 44 16.93 51.59 37.46
CA SER U 44 16.26 51.59 38.74
C SER U 44 16.66 52.85 39.51
N TYR U 45 15.69 53.49 40.19
CA TYR U 45 15.99 54.72 40.93
C TYR U 45 15.01 54.99 42.08
N VAL U 46 15.49 55.76 43.06
CA VAL U 46 14.69 56.22 44.18
C VAL U 46 14.01 57.53 43.78
N GLY U 47 12.69 57.59 43.97
CA GLY U 47 11.85 58.66 43.44
C GLY U 47 11.92 59.94 44.27
N GLY U 48 11.76 61.08 43.59
CA GLY U 48 11.76 62.38 44.23
C GLY U 48 10.35 62.85 44.58
N ASP U 49 10.24 63.69 45.62
CA ASP U 49 8.97 64.28 46.02
C ASP U 49 8.54 65.33 44.98
N SER U 50 7.53 66.14 45.33
CA SER U 50 6.93 67.12 44.44
C SER U 50 7.91 68.25 44.10
N THR U 51 9.04 68.32 44.81
CA THR U 51 10.06 69.34 44.63
C THR U 51 11.24 68.80 43.83
N GLY U 52 11.41 67.46 43.85
CA GLY U 52 12.55 66.80 43.24
C GLY U 52 13.55 66.26 44.26
N SER U 53 13.32 66.54 45.55
CA SER U 53 14.18 66.04 46.62
C SER U 53 13.99 64.52 46.76
N PRO U 54 15.08 63.71 46.82
CA PRO U 54 14.97 62.25 46.99
C PRO U 54 14.20 61.79 48.22
N THR U 55 13.35 60.78 48.04
CA THR U 55 12.62 60.13 49.12
C THR U 55 13.43 58.93 49.61
N LEU U 56 12.83 58.10 50.48
CA LEU U 56 13.45 56.95 51.13
C LEU U 56 14.82 57.31 51.72
N GLN U 57 14.87 58.44 52.44
CA GLN U 57 16.10 58.94 53.07
C GLN U 57 16.47 58.05 54.25
N PHE U 58 17.77 57.94 54.54
CA PHE U 58 18.24 57.37 55.79
C PHE U 58 18.09 58.41 56.90
N ALA U 59 17.86 57.93 58.14
CA ALA U 59 17.79 58.78 59.32
C ALA U 59 18.25 58.00 60.56
N ASN U 60 18.68 58.75 61.59
CA ASN U 60 18.79 58.29 62.98
C ASN U 60 19.77 57.11 63.13
N ILE U 61 21.01 57.29 62.65
CA ILE U 61 22.06 56.27 62.73
C ILE U 61 22.55 56.16 64.18
N ASP U 62 22.68 54.92 64.67
CA ASP U 62 23.02 54.65 66.07
C ASP U 62 24.51 54.30 66.23
N THR U 63 25.22 54.12 65.10
CA THR U 63 26.66 53.85 65.02
C THR U 63 27.02 52.54 65.74
N ALA U 64 27.75 52.64 66.87
CA ALA U 64 28.33 51.49 67.56
C ALA U 64 27.25 50.56 68.10
N ASN U 65 26.02 51.08 68.19
CA ASN U 65 24.84 50.32 68.62
C ASN U 65 24.03 49.86 67.42
N GLU U 66 24.68 49.79 66.24
CA GLU U 66 24.20 49.12 65.02
C GLU U 66 23.23 49.98 64.20
N GLU U 67 22.01 50.20 64.73
CA GLU U 67 20.80 50.34 63.93
C GLU U 67 20.65 51.69 63.22
N VAL U 68 19.76 51.73 62.21
CA VAL U 68 19.47 52.87 61.33
C VAL U 68 17.98 52.84 60.91
N ASP U 69 17.44 54.00 60.51
CA ASP U 69 16.03 54.14 60.12
C ASP U 69 15.90 54.60 58.66
N ILE U 70 14.80 54.20 57.99
CA ILE U 70 14.48 54.61 56.62
C ILE U 70 13.17 55.40 56.63
N GLN U 71 13.15 56.54 55.92
CA GLN U 71 11.99 57.41 55.79
C GLN U 71 11.01 56.84 54.75
N PRO U 72 9.74 57.32 54.67
CA PRO U 72 8.81 56.89 53.61
C PRO U 72 9.24 57.36 52.23
N GLY U 73 8.63 56.76 51.19
CA GLY U 73 8.90 57.11 49.81
C GLY U 73 8.70 55.94 48.85
N HIS U 74 9.11 56.14 47.60
CA HIS U 74 8.89 55.16 46.54
C HIS U 74 10.14 54.98 45.69
N ALA U 75 10.40 53.72 45.33
CA ALA U 75 11.50 53.33 44.46
C ALA U 75 10.95 52.67 43.21
N PHE U 76 11.67 52.87 42.09
CA PHE U 76 11.43 52.14 40.87
C PHE U 76 12.51 51.06 40.73
N ILE U 77 12.06 49.80 40.68
CA ILE U 77 12.94 48.66 40.48
C ILE U 77 12.52 47.98 39.18
N LEU U 78 13.51 47.70 38.31
CA LEU U 78 13.25 47.00 37.05
C LEU U 78 13.25 45.49 37.28
N GLU U 79 12.50 44.76 36.43
CA GLU U 79 12.60 43.31 36.32
C GLU U 79 12.49 42.86 34.86
N SER U 80 13.28 41.82 34.53
CA SER U 80 13.39 41.24 33.21
C SER U 80 12.45 40.05 33.04
N GLY U 81 12.00 39.83 31.80
CA GLY U 81 11.38 38.57 31.37
C GLY U 81 9.92 38.42 31.81
N HIS U 82 9.21 39.56 31.94
CA HIS U 82 7.78 39.56 32.19
C HIS U 82 7.05 39.04 30.96
N ILE U 83 5.92 38.35 31.18
CA ILE U 83 5.05 37.87 30.11
C ILE U 83 3.85 38.80 30.02
N VAL U 84 3.39 39.07 28.78
CA VAL U 84 2.20 39.88 28.55
C VAL U 84 1.24 39.11 27.63
N GLN U 85 0.02 39.64 27.49
CA GLN U 85 -1.06 39.00 26.75
C GLN U 85 -1.13 39.60 25.34
N SER U 86 -0.91 38.76 24.32
CA SER U 86 -0.98 39.18 22.92
C SER U 86 -2.42 39.50 22.54
N GLY U 87 -2.61 40.67 21.92
CA GLY U 87 -3.87 41.07 21.29
C GLY U 87 -5.08 40.96 22.22
N SER U 88 -6.07 40.17 21.76
CA SER U 88 -7.35 40.01 22.43
C SER U 88 -7.36 38.78 23.34
N GLN U 89 -6.19 38.15 23.55
CA GLN U 89 -6.11 36.87 24.22
C GLN U 89 -6.15 37.04 25.74
N LYS U 90 -6.76 36.04 26.41
CA LYS U 90 -6.66 35.86 27.85
C LYS U 90 -5.23 35.49 28.23
N THR U 91 -4.58 34.64 27.42
CA THR U 91 -3.37 33.94 27.81
C THR U 91 -2.15 34.87 27.76
N TYR U 92 -1.31 34.77 28.79
CA TYR U 92 0.01 35.38 28.80
C TYR U 92 0.93 34.53 27.92
N ASP U 93 1.45 35.13 26.85
CA ASP U 93 2.11 34.38 25.79
C ASP U 93 3.38 35.08 25.29
N THR U 94 3.47 36.41 25.47
CA THR U 94 4.51 37.22 24.85
C THR U 94 5.52 37.68 25.91
N ASN U 95 6.78 37.25 25.73
CA ASN U 95 7.87 37.63 26.63
C ASN U 95 8.33 39.05 26.26
N LEU U 96 8.48 39.92 27.27
CA LEU U 96 9.00 41.25 27.04
C LEU U 96 10.52 41.17 26.81
N PRO U 97 11.07 41.86 25.79
CA PRO U 97 12.49 41.79 25.47
C PRO U 97 13.39 42.51 26.47
N ASP U 98 12.83 43.54 27.13
CA ASP U 98 13.59 44.45 27.98
C ASP U 98 12.97 44.52 29.38
N SER U 99 13.78 44.93 30.36
CA SER U 99 13.44 45.08 31.77
C SER U 99 12.50 46.26 31.98
N VAL U 100 11.50 46.10 32.85
CA VAL U 100 10.44 47.09 33.02
C VAL U 100 10.16 47.38 34.50
N PRO U 101 9.71 48.60 34.88
CA PRO U 101 9.61 49.00 36.28
C PRO U 101 8.42 48.49 37.11
N TYR U 102 8.72 48.10 38.35
CA TYR U 102 7.76 48.07 39.44
C TYR U 102 7.93 49.37 40.24
N VAL U 103 6.79 50.01 40.58
CA VAL U 103 6.79 51.03 41.61
C VAL U 103 6.65 50.34 42.96
N VAL U 104 7.66 50.54 43.83
CA VAL U 104 7.65 50.03 45.19
C VAL U 104 7.40 51.20 46.13
N ILE U 105 6.30 51.11 46.88
CA ILE U 105 5.84 52.19 47.74
C ILE U 105 5.96 51.73 49.19
N LEU U 106 6.77 52.45 49.98
CA LEU U 106 6.76 52.30 51.43
C LEU U 106 5.94 53.45 52.00
N PRO U 107 4.76 53.18 52.63
CA PRO U 107 3.90 54.25 53.14
C PRO U 107 4.32 54.84 54.49
N SER U 108 5.24 54.16 55.19
CA SER U 108 5.69 54.60 56.51
C SER U 108 7.17 54.26 56.70
N SER U 109 7.78 54.89 57.71
CA SER U 109 9.19 54.73 58.06
C SER U 109 9.46 53.30 58.55
N VAL U 110 10.68 52.81 58.28
CA VAL U 110 11.17 51.55 58.82
C VAL U 110 12.14 51.88 59.96
N THR U 111 11.88 51.28 61.14
CA THR U 111 12.58 51.64 62.36
C THR U 111 13.62 50.58 62.71
N ASN U 112 14.87 51.03 62.89
CA ASN U 112 15.96 50.28 63.49
C ASN U 112 16.26 49.01 62.68
N VAL U 113 16.74 49.21 61.45
CA VAL U 113 17.30 48.18 60.59
C VAL U 113 18.63 47.73 61.20
N PRO U 114 18.87 46.41 61.39
CA PRO U 114 20.17 45.94 61.90
C PRO U 114 21.32 46.11 60.90
N LEU U 115 22.47 46.56 61.41
CA LEU U 115 23.73 46.62 60.68
C LEU U 115 24.80 45.86 61.49
N ASP U 116 25.94 45.58 60.85
CA ASP U 116 27.12 45.07 61.52
C ASP U 116 27.89 46.25 62.13
N THR U 117 28.56 46.02 63.27
CA THR U 117 29.16 47.06 64.09
C THR U 117 30.42 47.64 63.45
N ASP U 118 30.58 48.97 63.56
CA ASP U 118 31.86 49.68 63.42
C ASP U 118 32.45 49.61 62.01
N VAL U 119 31.61 49.45 60.96
CA VAL U 119 32.09 49.23 59.60
C VAL U 119 31.17 49.87 58.56
N ASP U 120 31.63 49.89 57.29
CA ASP U 120 30.81 50.15 56.11
C ASP U 120 29.82 48.99 55.94
N ASN U 121 28.51 49.32 55.89
CA ASN U 121 27.46 48.34 55.69
C ASN U 121 26.63 48.68 54.46
N ASP U 122 26.41 47.67 53.60
CA ASP U 122 25.53 47.79 52.44
C ASP U 122 24.08 47.63 52.88
N VAL U 123 23.17 48.34 52.19
CA VAL U 123 21.72 48.21 52.36
C VAL U 123 21.07 48.14 50.97
N TRP U 124 20.28 47.08 50.75
CA TRP U 124 19.57 46.82 49.50
C TRP U 124 18.07 46.70 49.76
N LEU U 125 17.25 47.22 48.82
CA LEU U 125 15.80 47.06 48.83
C LEU U 125 15.42 46.08 47.72
N ALA U 126 14.62 45.06 48.05
CA ALA U 126 14.34 43.96 47.13
C ALA U 126 12.88 43.52 47.18
N VAL U 127 12.34 43.19 45.99
CA VAL U 127 11.02 42.59 45.82
C VAL U 127 11.20 41.08 45.71
N ASP U 128 10.29 40.32 46.32
CA ASP U 128 10.15 38.90 46.02
C ASP U 128 9.08 38.73 44.95
N PRO U 129 9.44 38.54 43.66
CA PRO U 129 8.45 38.37 42.60
C PRO U 129 7.97 36.92 42.53
N THR U 130 7.32 36.46 43.61
CA THR U 130 6.58 35.21 43.64
C THR U 130 5.24 35.41 44.33
N SER U 131 5.14 36.46 45.16
CA SER U 131 3.96 36.75 45.96
C SER U 131 3.67 38.24 45.93
N ASN U 132 2.38 38.60 46.09
CA ASN U 132 1.95 39.99 45.95
C ASN U 132 2.46 40.81 47.13
N ASP U 133 3.18 41.89 46.81
CA ASP U 133 3.53 42.99 47.71
C ASP U 133 4.50 42.57 48.82
N SER U 134 5.27 41.49 48.61
CA SER U 134 6.28 41.07 49.57
C SER U 134 7.62 41.74 49.26
N VAL U 135 8.05 42.64 50.17
CA VAL U 135 9.25 43.44 50.00
C VAL U 135 10.17 43.21 51.21
N TYR U 136 11.48 43.22 50.98
CA TYR U 136 12.46 43.01 52.03
C TYR U 136 13.73 43.84 51.82
N ILE U 137 14.48 44.04 52.91
CA ILE U 137 15.78 44.71 52.90
C ILE U 137 16.87 43.73 53.32
N ARG U 138 17.95 43.70 52.53
CA ARG U 138 19.21 43.08 52.90
C ARG U 138 20.15 44.16 53.41
N SER U 139 20.76 43.92 54.59
CA SER U 139 21.69 44.86 55.19
C SER U 139 22.84 44.10 55.86
N GLY U 140 24.04 44.69 55.82
CA GLY U 140 25.21 44.14 56.48
C GLY U 140 26.52 44.47 55.75
N ASN U 141 27.63 43.96 56.30
CA ASN U 141 28.95 44.09 55.71
C ASN U 141 29.29 42.79 54.96
N GLY U 142 29.67 42.93 53.68
CA GLY U 142 30.14 41.80 52.88
C GLY U 142 29.01 40.92 52.35
N LEU U 143 27.77 41.22 52.72
CA LEU U 143 26.58 40.50 52.29
C LEU U 143 26.35 40.76 50.79
N SER U 144 26.24 39.67 50.03
CA SER U 144 26.03 39.71 48.57
C SER U 144 24.71 40.39 48.25
N ALA U 145 24.66 41.03 47.07
CA ALA U 145 23.46 41.66 46.54
C ALA U 145 22.33 40.65 46.41
N PRO U 146 21.04 41.07 46.53
CA PRO U 146 19.92 40.16 46.28
C PRO U 146 19.92 39.61 44.85
N SER U 147 19.48 38.35 44.72
CA SER U 147 19.28 37.72 43.43
C SER U 147 17.99 38.23 42.79
N ASP U 148 17.04 38.65 43.63
CA ASP U 148 15.73 39.16 43.23
C ASP U 148 15.87 40.60 42.73
N PRO U 149 14.86 41.17 42.03
CA PRO U 149 14.88 42.58 41.62
C PRO U 149 15.11 43.52 42.80
N SER U 150 16.15 44.35 42.69
CA SER U 150 16.64 45.13 43.82
C SER U 150 17.21 46.49 43.37
N VAL U 151 17.36 47.39 44.35
CA VAL U 151 18.08 48.64 44.18
C VAL U 151 19.02 48.81 45.38
N LYS U 152 20.24 49.29 45.11
CA LYS U 152 21.23 49.56 46.14
C LYS U 152 20.82 50.83 46.88
N LEU U 153 20.07 50.63 47.97
CA LEU U 153 19.46 51.70 48.74
C LEU U 153 20.54 52.61 49.33
N GLY U 154 21.69 52.02 49.67
CA GLY U 154 22.91 52.76 49.94
C GLY U 154 23.91 51.96 50.78
N THR U 155 24.90 52.68 51.32
CA THR U 155 25.78 52.17 52.36
C THR U 155 25.86 53.17 53.51
N VAL U 156 25.80 52.62 54.73
CA VAL U 156 25.89 53.37 55.97
C VAL U 156 27.10 52.83 56.75
N ASN U 157 27.96 53.74 57.20
CA ASN U 157 29.12 53.37 58.00
C ASN U 157 28.74 53.44 59.48
N SER U 158 28.74 52.26 60.13
CA SER U 158 28.32 52.11 61.51
C SER U 158 29.42 52.52 62.50
N SER U 159 30.58 52.94 61.97
CA SER U 159 31.59 53.60 62.77
C SER U 159 31.38 55.11 62.70
N THR U 160 31.54 55.68 61.50
CA THR U 160 31.72 57.12 61.29
C THR U 160 30.38 57.85 61.20
N GLY U 161 29.33 57.13 60.75
CA GLY U 161 28.03 57.74 60.52
C GLY U 161 27.93 58.43 59.16
N SER U 162 28.95 58.24 58.31
CA SER U 162 28.92 58.70 56.93
C SER U 162 28.13 57.71 56.08
N THR U 163 27.53 58.18 54.98
CA THR U 163 26.69 57.36 54.11
C THR U 163 26.90 57.70 52.64
N THR U 164 26.55 56.75 51.75
CA THR U 164 26.40 57.02 50.33
C THR U 164 25.13 56.36 49.79
N ARG U 165 24.62 56.90 48.68
CA ARG U 165 23.45 56.38 47.97
C ARG U 165 23.62 56.61 46.47
N PRO U 166 24.12 55.60 45.70
CA PRO U 166 24.45 55.78 44.28
C PRO U 166 23.28 55.79 43.29
N ASN U 167 22.05 55.63 43.80
CA ASN U 167 20.89 55.42 42.95
C ASN U 167 19.75 56.39 43.28
N ASP U 168 20.09 57.55 43.87
CA ASP U 168 19.13 58.34 44.62
C ASP U 168 18.26 59.25 43.75
N LEU U 169 18.47 59.23 42.43
CA LEU U 169 17.53 59.80 41.47
C LEU U 169 17.78 59.17 40.10
N ALA U 170 16.94 59.55 39.13
CA ALA U 170 16.91 58.93 37.81
C ALA U 170 18.17 59.27 37.01
N ASP U 171 18.92 58.23 36.63
CA ASP U 171 19.75 58.30 35.44
C ASP U 171 18.80 58.34 34.24
N HIS U 172 19.08 59.19 33.26
CA HIS U 172 18.15 59.44 32.16
C HIS U 172 18.94 59.72 30.87
N SER U 173 18.40 59.25 29.74
CA SER U 173 19.07 59.38 28.45
C SER U 173 18.08 59.74 27.34
N VAL U 174 18.50 60.70 26.50
CA VAL U 174 17.68 61.37 25.50
C VAL U 174 18.50 61.54 24.23
N ASP U 175 17.87 62.07 23.16
CA ASP U 175 18.63 62.67 22.07
C ASP U 175 18.72 64.18 22.30
N ALA U 176 17.57 64.85 22.29
CA ALA U 176 17.51 66.30 22.31
C ALA U 176 16.74 66.82 23.52
N LEU U 177 17.47 67.40 24.47
CA LEU U 177 16.88 68.13 25.59
C LEU U 177 16.69 69.58 25.18
N ASN U 178 15.43 70.03 25.20
CA ASN U 178 15.06 71.41 24.88
C ASN U 178 14.52 72.07 26.14
N ALA U 179 15.22 73.11 26.63
CA ALA U 179 14.99 73.61 27.99
C ALA U 179 15.02 75.14 28.04
N THR U 180 14.57 75.68 29.18
CA THR U 180 14.81 77.07 29.55
C THR U 180 16.10 77.14 30.37
N THR U 181 16.15 76.45 31.51
CA THR U 181 17.30 76.51 32.41
C THR U 181 17.78 75.11 32.79
N ILE U 182 19.11 75.00 32.93
CA ILE U 182 19.81 73.77 33.26
C ILE U 182 20.88 74.08 34.32
N ASP U 183 21.01 73.21 35.33
CA ASP U 183 21.74 73.50 36.55
C ASP U 183 22.26 72.20 37.17
N ALA U 184 23.59 72.08 37.34
CA ALA U 184 24.22 70.81 37.71
C ALA U 184 25.22 70.95 38.85
N SER U 185 25.20 69.96 39.76
CA SER U 185 25.92 69.95 41.03
C SER U 185 27.24 69.19 40.94
N ASP U 186 27.64 68.82 39.71
CA ASP U 186 28.94 68.26 39.36
C ASP U 186 29.20 68.60 37.89
N THR U 187 29.92 67.74 37.15
CA THR U 187 30.42 68.09 35.82
C THR U 187 29.30 68.28 34.80
N VAL U 188 29.42 69.36 34.01
CA VAL U 188 28.67 69.56 32.78
C VAL U 188 29.67 69.41 31.62
N THR U 189 29.84 68.15 31.18
CA THR U 189 30.79 67.81 30.14
C THR U 189 30.11 67.87 28.77
N GLY U 190 30.89 68.21 27.74
CA GLY U 190 30.50 68.08 26.35
C GLY U 190 31.72 68.22 25.44
N ASP U 191 31.75 67.42 24.36
CA ASP U 191 32.85 67.47 23.41
C ASP U 191 32.70 68.68 22.50
N THR U 192 31.71 69.53 22.80
CA THR U 192 31.49 70.86 22.23
C THR U 192 30.59 71.64 23.18
N VAL U 193 31.08 72.77 23.70
CA VAL U 193 30.27 73.68 24.51
C VAL U 193 30.09 74.99 23.74
N ASP U 194 28.83 75.42 23.63
CA ASP U 194 28.43 76.55 22.80
C ASP U 194 27.69 77.57 23.66
N ALA U 195 28.31 78.73 23.86
CA ALA U 195 27.75 79.80 24.68
C ALA U 195 27.44 81.02 23.83
N THR U 196 26.21 81.06 23.28
CA THR U 196 25.68 82.30 22.73
C THR U 196 25.43 83.26 23.89
N THR U 197 25.58 84.57 23.61
CA THR U 197 24.99 85.65 24.39
C THR U 197 25.75 85.97 25.69
N THR U 198 26.33 84.98 26.40
CA THR U 198 27.05 85.22 27.66
C THR U 198 27.92 84.02 28.05
N LEU U 199 29.06 84.29 28.71
CA LEU U 199 29.81 83.31 29.48
C LEU U 199 30.29 83.94 30.79
N THR U 200 30.02 83.26 31.92
CA THR U 200 30.48 83.66 33.24
C THR U 200 31.47 82.61 33.75
N ASP U 201 32.69 83.05 34.05
CA ASP U 201 33.82 82.18 34.36
C ASP U 201 33.80 81.76 35.83
N ALA U 202 34.89 81.11 36.27
CA ALA U 202 35.01 80.51 37.59
C ALA U 202 35.22 81.58 38.68
N ALA U 203 35.61 82.79 38.28
CA ALA U 203 35.79 83.90 39.20
C ALA U 203 34.51 84.73 39.29
N GLY U 204 33.86 84.96 38.14
CA GLY U 204 32.55 85.61 38.08
C GLY U 204 32.50 86.77 37.08
N VAL U 205 33.35 86.75 36.06
CA VAL U 205 33.36 87.78 35.02
C VAL U 205 32.53 87.30 33.84
N SER U 206 31.59 88.16 33.39
CA SER U 206 30.58 87.81 32.40
C SER U 206 30.94 88.34 31.01
N HIS U 207 31.69 87.52 30.26
CA HIS U 207 32.16 87.79 28.90
C HIS U 207 30.98 87.76 27.92
N THR U 208 31.10 88.53 26.81
CA THR U 208 30.10 88.58 25.74
C THR U 208 30.80 88.81 24.38
N GLY U 209 32.03 88.31 24.26
CA GLY U 209 32.82 88.36 23.04
C GLY U 209 33.91 87.29 23.04
N GLU U 210 34.77 87.29 22.00
CA GLU U 210 35.77 86.24 21.81
C GLU U 210 36.90 86.37 22.82
N LEU U 211 37.69 85.29 22.95
CA LEU U 211 38.55 85.03 24.09
C LEU U 211 40.01 84.83 23.64
N GLU U 212 40.95 84.94 24.60
CA GLU U 212 42.37 84.89 24.33
C GLU U 212 42.87 83.44 24.30
N ASP U 213 43.27 83.02 23.09
CA ASP U 213 44.07 81.83 22.82
C ASP U 213 45.42 81.97 23.52
N ILE U 214 46.02 80.84 23.93
CA ILE U 214 47.38 80.88 24.45
C ILE U 214 48.34 81.20 23.30
N ASN U 215 49.45 81.87 23.63
CA ASN U 215 50.57 82.18 22.73
C ASN U 215 50.13 83.15 21.63
N HIS U 216 49.41 84.21 22.05
CA HIS U 216 48.73 85.17 21.20
C HIS U 216 49.62 86.37 20.87
N GLY U 217 50.70 86.55 21.66
CA GLY U 217 51.46 87.79 21.82
C GLY U 217 51.87 88.48 20.52
N SER U 218 52.05 87.69 19.45
CA SER U 218 52.42 88.14 18.12
C SER U 218 51.49 89.24 17.60
N LYS U 219 50.22 89.21 18.05
CA LYS U 219 49.18 90.15 17.65
C LYS U 219 49.56 91.58 18.05
N HIS U 220 50.30 91.73 19.15
CA HIS U 220 50.62 93.03 19.73
C HIS U 220 51.70 93.77 18.93
N GLU U 221 52.47 93.00 18.14
CA GLU U 221 53.65 93.51 17.44
C GLU U 221 53.23 94.35 16.23
N ASP U 222 54.16 95.20 15.77
CA ASP U 222 53.97 96.35 14.88
C ASP U 222 52.84 96.15 13.86
N GLY U 223 51.77 96.93 14.02
CA GLY U 223 50.69 97.03 13.04
C GLY U 223 49.60 95.98 13.21
N GLY U 224 49.83 94.99 14.09
CA GLY U 224 48.87 93.94 14.36
C GLY U 224 47.68 94.43 15.19
N SER U 225 46.62 93.59 15.26
CA SER U 225 45.43 93.90 16.03
C SER U 225 45.70 93.77 17.53
N ASP U 226 45.26 94.77 18.29
CA ASP U 226 45.54 94.96 19.71
C ASP U 226 47.04 95.23 19.95
N GLU U 227 47.55 96.30 19.32
CA GLU U 227 48.89 96.82 19.52
C GLU U 227 48.96 97.57 20.85
N ILE U 228 50.12 97.49 21.55
CA ILE U 228 50.30 98.08 22.87
C ILE U 228 51.36 99.20 22.81
N SER U 229 51.22 100.18 23.71
CA SER U 229 52.20 101.25 23.89
C SER U 229 53.29 100.81 24.86
N VAL U 230 54.54 101.19 24.54
CA VAL U 230 55.71 100.90 25.36
C VAL U 230 55.94 102.07 26.33
N GLY U 231 55.16 103.15 26.15
CA GLY U 231 55.25 104.35 26.96
C GLY U 231 55.14 104.06 28.46
N GLY U 232 56.23 104.33 29.19
CA GLY U 232 56.28 104.22 30.64
C GLY U 232 56.68 102.84 31.16
N LEU U 233 57.01 101.91 30.25
CA LEU U 233 57.42 100.57 30.66
C LEU U 233 58.88 100.58 31.15
N SER U 234 59.26 99.53 31.91
CA SER U 234 60.47 99.50 32.71
C SER U 234 61.45 98.43 32.20
N GLY U 235 62.74 98.59 32.57
CA GLY U 235 63.81 97.67 32.22
C GLY U 235 64.56 98.09 30.96
N ASP U 236 65.75 97.48 30.74
CA ASP U 236 66.58 97.76 29.57
C ASP U 236 66.61 96.55 28.63
N LEU U 237 66.50 96.86 27.32
CA LEU U 237 66.41 95.89 26.23
C LEU U 237 67.75 95.21 26.02
N ALA U 238 67.70 93.97 25.48
CA ALA U 238 68.89 93.20 25.12
C ALA U 238 69.55 93.79 23.88
N ASP U 239 68.76 94.51 23.06
CA ASP U 239 69.23 95.14 21.83
C ASP U 239 69.36 96.65 22.03
N PRO U 240 70.45 97.30 21.54
CA PRO U 240 70.60 98.76 21.65
C PRO U 240 69.66 99.51 20.73
N GLN U 241 69.31 100.75 21.12
CA GLN U 241 68.20 101.49 20.52
C GLN U 241 68.69 102.82 19.95
N ASP U 242 67.97 103.33 18.95
CA ASP U 242 68.12 104.70 18.49
C ASP U 242 67.75 105.63 19.64
N PRO U 243 68.70 106.48 20.13
CA PRO U 243 68.38 107.45 21.17
C PRO U 243 67.80 108.73 20.58
N LYS U 244 67.50 109.71 21.45
CA LYS U 244 67.27 111.09 21.03
C LYS U 244 68.52 111.60 20.33
N ALA U 245 68.36 112.67 19.54
CA ALA U 245 69.51 113.48 19.15
C ALA U 245 69.95 114.26 20.40
N HIS U 246 71.11 113.90 20.97
CA HIS U 246 71.38 114.17 22.37
C HIS U 246 72.82 114.62 22.65
N ALA U 247 73.50 115.17 21.63
CA ALA U 247 74.85 115.74 21.78
C ALA U 247 74.90 116.74 22.93
N ALA U 248 73.78 117.47 23.13
CA ALA U 248 73.63 118.54 24.10
C ALA U 248 73.62 118.02 25.55
N SER U 249 73.63 116.70 25.75
CA SER U 249 73.57 116.09 27.07
C SER U 249 74.95 116.04 27.75
N HIS U 250 76.02 116.25 26.97
CA HIS U 250 77.39 116.17 27.47
C HIS U 250 77.93 117.58 27.77
N SER U 251 78.70 117.69 28.86
CA SER U 251 79.41 118.90 29.28
C SER U 251 80.43 118.55 30.36
N ALA U 252 81.29 119.54 30.70
CA ALA U 252 82.32 119.38 31.71
C ALA U 252 81.71 119.32 33.12
N ASP U 253 80.46 119.78 33.27
CA ASP U 253 79.79 119.89 34.55
C ASP U 253 79.03 118.60 34.91
N SER U 254 78.69 117.79 33.90
CA SER U 254 77.78 116.67 34.03
C SER U 254 78.50 115.40 34.47
N ALA U 255 77.73 114.45 35.03
CA ALA U 255 78.20 113.15 35.49
C ALA U 255 78.67 112.29 34.31
N ASP U 256 77.92 112.36 33.21
CA ASP U 256 78.41 111.91 31.91
C ASP U 256 79.48 112.89 31.42
N GLU U 257 80.73 112.43 31.34
CA GLU U 257 81.88 113.27 31.06
C GLU U 257 82.75 112.67 29.95
N ILE U 258 83.18 113.54 29.02
CA ILE U 258 84.21 113.25 28.02
C ILE U 258 85.21 114.41 28.00
N SER U 259 86.51 114.09 27.83
CA SER U 259 87.57 115.08 27.79
C SER U 259 88.32 115.01 26.47
N VAL U 260 88.90 116.13 26.03
CA VAL U 260 89.43 116.27 24.68
C VAL U 260 90.66 115.37 24.48
N GLU U 261 91.37 115.07 25.59
CA GLU U 261 92.51 114.16 25.57
C GLU U 261 92.08 112.71 25.31
N ASN U 262 90.76 112.46 25.29
CA ASN U 262 90.20 111.15 24.97
C ASN U 262 89.86 111.05 23.48
N LEU U 263 89.79 112.20 22.79
CA LEU U 263 89.16 112.30 21.48
C LEU U 263 90.15 112.03 20.34
N SER U 264 89.59 111.67 19.18
CA SER U 264 90.32 111.29 17.98
C SER U 264 90.66 112.52 17.13
N THR U 265 91.70 112.37 16.29
CA THR U 265 92.00 113.29 15.20
C THR U 265 92.74 112.58 14.07
N THR U 266 92.60 113.12 12.85
CA THR U 266 93.32 112.66 11.67
C THR U 266 94.68 113.36 11.56
N GLY U 267 94.88 114.44 12.34
CA GLY U 267 96.04 115.30 12.24
C GLY U 267 97.34 114.60 12.64
N SER U 268 98.42 114.95 11.92
CA SER U 268 99.78 114.45 12.17
C SER U 268 100.30 114.97 13.51
N ALA U 269 101.45 114.46 13.95
CA ALA U 269 102.07 114.88 15.20
C ALA U 269 102.28 116.39 15.24
N ASP U 270 102.01 116.99 16.41
CA ASP U 270 102.15 118.41 16.71
C ASP U 270 101.03 119.26 16.08
N THR U 271 100.00 118.64 15.49
CA THR U 271 98.85 119.39 14.99
C THR U 271 97.93 119.77 16.15
N VAL U 272 97.16 120.85 15.96
CA VAL U 272 96.34 121.47 16.99
C VAL U 272 94.95 121.73 16.40
N PRO U 273 93.83 121.49 17.13
CA PRO U 273 92.51 121.93 16.68
C PRO U 273 92.35 123.45 16.79
N ILE U 274 92.06 124.09 15.64
CA ILE U 274 91.86 125.54 15.59
C ILE U 274 90.63 125.85 14.74
N SER U 275 89.94 126.96 15.07
CA SER U 275 88.71 127.37 14.41
C SER U 275 89.03 128.09 13.09
N GLN U 276 88.22 127.77 12.07
CA GLN U 276 88.27 128.41 10.76
C GLN U 276 87.28 129.57 10.70
N GLY U 277 86.51 129.76 11.78
CA GLY U 277 85.25 130.47 11.72
C GLY U 277 84.19 129.57 11.08
N ASP U 278 83.00 130.13 10.81
CA ASP U 278 81.90 129.43 10.16
C ASP U 278 81.58 128.11 10.89
N GLY U 279 81.70 128.14 12.23
CA GLY U 279 81.36 127.04 13.11
C GLY U 279 82.33 125.85 13.07
N THR U 280 83.43 125.97 12.31
CA THR U 280 84.19 124.83 11.82
C THR U 280 85.58 124.76 12.46
N LEU U 281 85.97 123.57 12.93
CA LEU U 281 87.30 123.30 13.44
C LEU U 281 88.19 122.69 12.36
N SER U 282 89.51 122.74 12.58
CA SER U 282 90.53 122.28 11.64
C SER U 282 91.81 121.91 12.37
N MET U 283 92.62 121.03 11.76
CA MET U 283 93.94 120.72 12.28
C MET U 283 94.96 121.71 11.70
N GLY U 284 95.34 122.69 12.53
CA GLY U 284 96.41 123.61 12.22
C GLY U 284 97.74 123.14 12.81
N SER U 285 98.81 123.89 12.51
CA SER U 285 100.12 123.72 13.14
C SER U 285 100.60 125.06 13.68
N ASN V 316 -11.94 -8.82 14.92
CA ASN V 316 -11.68 -9.89 13.91
C ASN V 316 -11.94 -9.33 12.52
N ALA V 317 -10.88 -9.25 11.69
CA ALA V 317 -10.95 -8.60 10.39
C ALA V 317 -10.31 -9.47 9.31
N THR V 318 -10.93 -9.47 8.11
CA THR V 318 -10.48 -10.30 7.00
C THR V 318 -10.33 -9.47 5.72
N ILE V 319 -9.32 -9.83 4.91
CA ILE V 319 -9.21 -9.43 3.51
C ILE V 319 -9.23 -10.71 2.67
N ASP V 320 -10.25 -10.84 1.81
CA ASP V 320 -10.50 -12.00 0.95
C ASP V 320 -10.54 -13.28 1.78
N GLY V 321 -11.14 -13.21 2.98
CA GLY V 321 -11.40 -14.38 3.82
C GLY V 321 -10.21 -14.79 4.68
N ARG V 322 -9.07 -14.08 4.55
CA ARG V 322 -7.87 -14.37 5.34
C ARG V 322 -7.72 -13.31 6.43
N GLN V 323 -7.34 -13.76 7.64
CA GLN V 323 -7.33 -12.92 8.83
C GLN V 323 -6.10 -12.02 8.85
N ILE V 324 -6.33 -10.74 9.16
CA ILE V 324 -5.27 -9.74 9.26
C ILE V 324 -4.98 -9.41 10.72
N SER V 325 -5.75 -9.98 11.65
CA SER V 325 -5.47 -9.89 13.07
C SER V 325 -4.21 -10.69 13.39
N GLU V 326 -3.27 -10.05 14.10
CA GLU V 326 -2.03 -10.71 14.50
C GLU V 326 -2.33 -11.67 15.64
N SER V 327 -1.83 -12.91 15.49
CA SER V 327 -1.91 -13.91 16.54
C SER V 327 -0.81 -13.66 17.58
N THR V 328 -0.86 -12.46 18.18
CA THR V 328 -0.13 -12.16 19.40
C THR V 328 -0.65 -13.10 20.49
N GLY V 329 0.26 -13.86 21.10
CA GLY V 329 -0.14 -14.86 22.08
C GLY V 329 -0.42 -14.26 23.46
N ARG V 330 -1.04 -13.08 23.48
CA ARG V 330 -1.23 -12.34 24.72
C ARG V 330 -2.61 -12.63 25.31
N TYR V 331 -2.60 -12.95 26.60
CA TYR V 331 -3.81 -13.21 27.35
C TYR V 331 -4.44 -11.89 27.79
N ARG V 332 -5.76 -11.91 27.89
CA ARG V 332 -6.54 -10.94 28.67
C ARG V 332 -7.58 -11.72 29.46
N SER V 333 -7.93 -11.21 30.65
CA SER V 333 -8.84 -11.89 31.57
C SER V 333 -9.73 -10.88 32.30
N ASP V 334 -10.91 -11.34 32.73
CA ASP V 334 -12.03 -10.51 33.16
C ASP V 334 -11.59 -9.38 34.11
N PRO V 335 -11.98 -8.11 33.85
CA PRO V 335 -11.69 -6.99 34.76
C PRO V 335 -12.31 -7.14 36.15
N SER V 336 -11.68 -6.45 37.12
CA SER V 336 -12.13 -6.31 38.50
C SER V 336 -13.59 -5.86 38.53
N ARG V 337 -14.41 -6.51 39.36
CA ARG V 337 -15.86 -6.60 39.17
C ARG V 337 -16.59 -5.28 39.44
N ARG V 338 -16.29 -4.64 40.58
CA ARG V 338 -16.91 -3.40 41.07
C ARG V 338 -18.45 -3.48 41.03
N ALA W 317 -15.61 -8.06 10.53
CA ALA W 317 -15.51 -7.02 9.47
C ALA W 317 -14.75 -7.58 8.27
N THR W 318 -15.29 -7.32 7.07
CA THR W 318 -14.65 -7.68 5.81
C THR W 318 -14.15 -6.40 5.14
N ILE W 319 -12.86 -6.39 4.81
CA ILE W 319 -12.20 -5.21 4.24
C ILE W 319 -11.93 -5.47 2.76
N ASP W 320 -12.30 -4.50 1.93
CA ASP W 320 -12.09 -4.55 0.48
C ASP W 320 -10.65 -4.16 0.18
N GLY W 321 -9.89 -5.13 -0.36
CA GLY W 321 -8.49 -4.97 -0.69
C GLY W 321 -8.25 -3.92 -1.77
N ARG W 322 -9.19 -3.80 -2.70
CA ARG W 322 -9.14 -2.79 -3.74
C ARG W 322 -9.24 -1.39 -3.13
N GLN W 323 -10.08 -1.26 -2.10
CA GLN W 323 -10.33 0.04 -1.48
C GLN W 323 -9.14 0.50 -0.66
N ILE W 324 -8.50 -0.43 0.07
CA ILE W 324 -7.32 -0.10 0.86
C ILE W 324 -6.18 0.32 -0.07
N SER W 325 -5.97 -0.44 -1.14
CA SER W 325 -4.85 -0.21 -2.05
C SER W 325 -5.06 1.06 -2.88
N GLU W 326 -6.31 1.34 -3.25
CA GLU W 326 -6.70 2.52 -4.01
C GLU W 326 -6.58 3.77 -3.15
N SER W 327 -7.00 3.67 -1.88
CA SER W 327 -7.02 4.80 -0.97
C SER W 327 -5.61 5.17 -0.51
N THR W 328 -4.71 4.18 -0.40
CA THR W 328 -3.41 4.41 0.20
C THR W 328 -2.34 4.73 -0.84
N GLY W 329 -2.65 4.53 -2.13
CA GLY W 329 -1.70 4.73 -3.23
C GLY W 329 -1.05 6.11 -3.21
N ARG W 330 -1.87 7.11 -2.90
CA ARG W 330 -1.51 8.49 -2.61
C ARG W 330 -0.24 8.55 -1.74
N TYR W 331 -0.25 7.77 -0.66
CA TYR W 331 0.75 7.86 0.40
C TYR W 331 1.93 6.92 0.12
N ARG W 332 1.70 5.90 -0.70
CA ARG W 332 2.74 4.95 -1.08
C ARG W 332 3.72 5.61 -2.06
N SER W 333 3.24 6.62 -2.80
CA SER W 333 4.03 7.26 -3.85
C SER W 333 4.77 8.50 -3.34
N ASP W 334 4.35 9.01 -2.17
CA ASP W 334 4.88 10.27 -1.63
C ASP W 334 6.35 10.16 -1.26
N PRO W 335 6.82 9.10 -0.52
CA PRO W 335 8.25 8.96 -0.22
C PRO W 335 9.18 9.04 -1.43
N SER W 336 8.73 8.48 -2.57
CA SER W 336 9.50 8.47 -3.80
C SER W 336 9.43 9.83 -4.50
N ARG W 337 8.28 10.52 -4.38
CA ARG W 337 8.09 11.85 -4.94
C ARG W 337 8.94 12.88 -4.19
N ARG W 338 9.14 12.65 -2.89
CA ARG W 338 10.00 13.46 -2.04
C ARG W 338 11.46 13.37 -2.47
N ARG W 339 11.82 12.24 -3.11
CA ARG W 339 13.20 11.94 -3.48
C ARG W 339 13.47 12.22 -4.95
N GLY W 340 12.53 12.92 -5.60
CA GLY W 340 12.54 13.12 -7.04
C GLY W 340 11.56 12.18 -7.72
N ILE W 341 12.09 11.06 -8.25
CA ILE W 341 11.30 9.95 -8.75
C ILE W 341 11.95 8.64 -8.26
N ASN X 316 -17.65 -0.67 10.22
CA ASN X 316 -17.62 0.35 9.13
C ASN X 316 -16.41 1.27 9.35
N ALA X 317 -15.46 1.22 8.42
CA ALA X 317 -14.19 1.93 8.54
C ALA X 317 -13.90 2.75 7.28
N THR X 318 -13.20 3.89 7.45
CA THR X 318 -12.95 4.83 6.37
C THR X 318 -11.50 5.33 6.37
N ILE X 319 -10.92 5.40 5.17
CA ILE X 319 -9.69 6.14 4.89
C ILE X 319 -10.06 7.35 4.03
N ASP X 320 -9.83 8.55 4.57
CA ASP X 320 -10.10 9.82 3.90
C ASP X 320 -11.54 9.92 3.42
N GLY X 321 -12.47 9.34 4.19
CA GLY X 321 -13.89 9.47 3.92
C GLY X 321 -14.47 8.37 3.04
N ARG X 322 -13.61 7.61 2.34
CA ARG X 322 -14.03 6.49 1.52
C ARG X 322 -14.12 5.24 2.40
N GLN X 323 -15.21 4.46 2.25
CA GLN X 323 -15.43 3.24 3.01
C GLN X 323 -14.51 2.13 2.49
N ILE X 324 -13.79 1.48 3.42
CA ILE X 324 -12.91 0.37 3.09
C ILE X 324 -13.59 -0.97 3.37
N SER X 325 -14.77 -0.94 3.99
CA SER X 325 -15.57 -2.14 4.22
C SER X 325 -16.14 -2.64 2.90
N GLU X 326 -16.07 -3.96 2.69
CA GLU X 326 -16.58 -4.56 1.46
C GLU X 326 -18.10 -4.64 1.52
N SER X 327 -18.74 -4.24 0.42
CA SER X 327 -20.17 -4.41 0.25
C SER X 327 -20.47 -5.86 -0.15
N THR X 328 -20.10 -6.80 0.73
CA THR X 328 -20.58 -8.17 0.66
C THR X 328 -22.09 -8.12 0.88
N GLY X 329 -22.84 -8.62 -0.11
CA GLY X 329 -24.30 -8.56 -0.05
C GLY X 329 -24.87 -9.64 0.85
N ARG X 330 -24.22 -9.84 1.99
CA ARG X 330 -24.43 -11.02 2.80
C ARG X 330 -25.21 -10.67 4.06
N TYR X 331 -26.21 -11.48 4.35
CA TYR X 331 -27.17 -11.20 5.41
C TYR X 331 -26.66 -11.74 6.73
N ARG X 332 -26.93 -10.96 7.78
CA ARG X 332 -26.95 -11.45 9.16
C ARG X 332 -28.30 -11.08 9.77
N SER X 333 -28.82 -11.97 10.61
CA SER X 333 -30.09 -11.79 11.31
C SER X 333 -29.93 -12.27 12.75
N ASP X 334 -30.85 -11.84 13.62
CA ASP X 334 -30.71 -11.96 15.07
C ASP X 334 -30.53 -13.42 15.50
N PRO X 335 -29.67 -13.72 16.51
CA PRO X 335 -29.52 -15.07 17.03
C PRO X 335 -30.69 -15.51 17.91
N SER X 336 -30.82 -16.82 18.06
CA SER X 336 -31.71 -17.50 18.99
C SER X 336 -31.58 -16.87 20.39
N ARG X 337 -32.72 -16.60 21.02
CA ARG X 337 -32.86 -15.61 22.10
C ARG X 337 -32.05 -15.98 23.35
N ARG X 338 -32.31 -17.18 23.89
CA ARG X 338 -31.76 -17.72 25.14
C ARG X 338 -31.82 -16.69 26.28
N ALA Y 317 -14.84 4.71 12.85
CA ALA Y 317 -13.40 4.35 12.89
C ALA Y 317 -12.67 5.00 11.69
N THR Y 318 -11.91 6.06 11.99
CA THR Y 318 -11.17 6.81 10.98
C THR Y 318 -9.72 6.34 10.95
N ILE Y 319 -9.29 5.85 9.78
CA ILE Y 319 -7.99 5.24 9.59
C ILE Y 319 -7.09 6.22 8.83
N ASP Y 320 -5.86 6.39 9.34
CA ASP Y 320 -4.86 7.29 8.79
C ASP Y 320 -4.06 6.56 7.71
N GLY Y 321 -4.14 7.10 6.48
CA GLY Y 321 -3.51 6.51 5.30
C GLY Y 321 -1.99 6.60 5.32
N ARG Y 322 -1.46 7.69 5.90
CA ARG Y 322 -0.02 7.87 6.02
C ARG Y 322 0.55 6.84 7.00
N GLN Y 323 -0.18 6.61 8.10
CA GLN Y 323 0.21 5.69 9.14
C GLN Y 323 0.25 4.26 8.59
N ILE Y 324 -0.79 3.86 7.84
CA ILE Y 324 -0.87 2.52 7.28
C ILE Y 324 0.27 2.31 6.27
N SER Y 325 0.44 3.26 5.35
CA SER Y 325 1.39 3.12 4.25
C SER Y 325 2.83 3.15 4.76
N GLU Y 326 3.09 3.92 5.82
CA GLU Y 326 4.41 4.07 6.40
C GLU Y 326 4.75 2.84 7.25
N SER Y 327 3.73 2.26 7.91
CA SER Y 327 3.91 1.10 8.77
C SER Y 327 4.13 -0.17 7.94
N THR Y 328 3.50 -0.25 6.77
CA THR Y 328 3.49 -1.47 5.98
C THR Y 328 4.69 -1.54 5.02
N GLY Y 329 5.43 -0.43 4.89
CA GLY Y 329 6.53 -0.30 3.93
C GLY Y 329 7.59 -1.38 4.06
N ARG Y 330 7.89 -1.76 5.30
CA ARG Y 330 8.85 -2.79 5.67
C ARG Y 330 8.49 -4.11 4.99
N TYR Y 331 7.18 -4.40 4.98
CA TYR Y 331 6.65 -5.67 4.50
C TYR Y 331 6.45 -5.63 2.98
N ARG Y 332 6.19 -4.44 2.44
CA ARG Y 332 5.97 -4.26 1.00
C ARG Y 332 7.27 -4.48 0.23
N SER Y 333 8.40 -4.09 0.83
CA SER Y 333 9.70 -4.14 0.18
C SER Y 333 10.38 -5.50 0.36
N ASP Y 334 9.91 -6.29 1.34
CA ASP Y 334 10.56 -7.54 1.75
C ASP Y 334 10.56 -8.59 0.64
N PRO Y 335 9.44 -8.86 -0.09
CA PRO Y 335 9.46 -9.79 -1.23
C PRO Y 335 10.54 -9.48 -2.26
N SER Y 336 10.80 -8.18 -2.48
CA SER Y 336 11.79 -7.70 -3.43
C SER Y 336 13.21 -7.96 -2.92
N ARG Y 337 13.41 -7.74 -1.61
CA ARG Y 337 14.70 -7.93 -0.95
C ARG Y 337 15.09 -9.41 -0.94
N ARG Y 338 14.08 -10.28 -0.85
CA ARG Y 338 14.22 -11.73 -0.90
C ARG Y 338 14.71 -12.17 -2.28
N ARG Y 339 14.43 -11.35 -3.32
CA ARG Y 339 14.68 -11.73 -4.70
C ARG Y 339 15.90 -11.02 -5.27
N GLY Y 340 16.63 -10.29 -4.40
CA GLY Y 340 17.74 -9.45 -4.81
C GLY Y 340 17.38 -7.98 -4.63
N ILE Y 341 17.11 -7.31 -5.76
CA ILE Y 341 16.48 -5.99 -5.79
C ILE Y 341 15.34 -6.03 -6.82
N ASN Z 316 -9.66 2.12 18.08
CA ASN Z 316 -8.20 2.18 18.37
C ASN Z 316 -7.54 0.90 17.86
N ALA Z 317 -6.67 1.06 16.84
CA ALA Z 317 -6.05 -0.06 16.15
C ALA Z 317 -4.56 0.22 15.90
N THR Z 318 -3.73 -0.84 15.98
CA THR Z 318 -2.28 -0.70 15.89
C THR Z 318 -1.67 -1.70 14.91
N ILE Z 319 -0.62 -1.24 14.20
CA ILE Z 319 0.34 -2.07 13.49
C ILE Z 319 1.70 -1.86 14.14
N ASP Z 320 2.29 -2.94 14.66
CA ASP Z 320 3.60 -2.94 15.31
C ASP Z 320 3.65 -1.93 16.47
N GLY Z 321 2.49 -1.72 17.11
CA GLY Z 321 2.41 -0.88 18.30
C GLY Z 321 2.19 0.60 18.00
N ARG Z 322 2.29 1.00 16.72
CA ARG Z 322 1.93 2.36 16.32
C ARG Z 322 0.45 2.39 15.96
N GLN Z 323 -0.22 3.50 16.31
CA GLN Z 323 -1.64 3.66 16.03
C GLN Z 323 -1.85 4.06 14.58
N ILE Z 324 -2.86 3.42 13.96
CA ILE Z 324 -3.27 3.70 12.60
C ILE Z 324 -4.59 4.48 12.59
N SER Z 325 -5.13 4.76 13.79
CA SER Z 325 -6.28 5.64 13.95
C SER Z 325 -5.83 7.09 13.74
N GLU Z 326 -6.64 7.86 13.01
CA GLU Z 326 -6.32 9.26 12.77
C GLU Z 326 -6.69 10.10 13.98
N SER Z 327 -5.82 11.07 14.30
CA SER Z 327 -6.10 12.05 15.35
C SER Z 327 -6.93 13.18 14.77
N THR Z 328 -8.11 12.83 14.25
CA THR Z 328 -9.15 13.79 13.93
C THR Z 328 -9.69 14.37 15.23
N GLY Z 329 -9.56 15.68 15.40
CA GLY Z 329 -9.99 16.34 16.63
C GLY Z 329 -11.50 16.57 16.66
N ARG Z 330 -12.27 15.57 16.22
CA ARG Z 330 -13.71 15.67 16.12
C ARG Z 330 -14.36 15.03 17.34
N TYR Z 331 -15.26 15.80 17.95
CA TYR Z 331 -15.88 15.46 19.20
C TYR Z 331 -17.06 14.53 18.95
N ARG Z 332 -17.27 13.61 19.91
CA ARG Z 332 -18.57 12.98 20.12
C ARG Z 332 -19.02 13.31 21.53
N SER Z 333 -20.34 13.43 21.71
CA SER Z 333 -20.98 13.65 23.00
C SER Z 333 -22.29 12.87 23.02
N ASP Z 334 -22.60 12.27 24.18
CA ASP Z 334 -23.55 11.16 24.25
C ASP Z 334 -24.94 11.57 23.76
N PRO Z 335 -25.66 10.66 23.04
CA PRO Z 335 -26.94 11.00 22.43
C PRO Z 335 -28.10 11.19 23.40
N SER Z 336 -29.21 11.72 22.86
CA SER Z 336 -30.49 11.96 23.52
C SER Z 336 -30.95 10.69 24.25
N ARG Z 337 -31.37 10.85 25.51
CA ARG Z 337 -31.42 9.77 26.50
C ARG Z 337 -32.50 8.74 26.18
N ARG Z 338 -33.73 9.21 25.90
CA ARG Z 338 -34.93 8.42 25.66
C ARG Z 338 -35.14 7.33 26.73
N ALA AA 317 -7.18 -4.15 19.06
CA ALA AA 317 -6.87 -5.00 17.88
C ALA AA 317 -5.46 -4.70 17.37
N THR AA 318 -4.64 -5.75 17.26
CA THR AA 318 -3.31 -5.65 16.67
C THR AA 318 -3.34 -6.28 15.28
N ILE AA 319 -2.88 -5.51 14.29
CA ILE AA 319 -2.98 -5.88 12.89
C ILE AA 319 -1.60 -6.33 12.40
N ASP AA 320 -1.59 -7.47 11.68
CA ASP AA 320 -0.37 -8.03 11.12
C ASP AA 320 -0.06 -7.32 9.80
N GLY AA 321 1.06 -6.61 9.79
CA GLY AA 321 1.53 -5.87 8.62
C GLY AA 321 1.91 -6.78 7.46
N ARG AA 322 2.41 -7.99 7.78
CA ARG AA 322 2.76 -8.98 6.76
C ARG AA 322 1.50 -9.43 6.02
N GLN AA 323 0.42 -9.65 6.77
CA GLN AA 323 -0.81 -10.15 6.17
C GLN AA 323 -1.56 -9.07 5.41
N ILE AA 324 -1.47 -7.80 5.86
CA ILE AA 324 -2.08 -6.71 5.11
C ILE AA 324 -1.38 -6.57 3.77
N SER AA 325 -0.03 -6.52 3.80
CA SER AA 325 0.76 -6.27 2.61
C SER AA 325 0.69 -7.44 1.64
N GLU AA 326 0.61 -8.66 2.17
CA GLU AA 326 0.56 -9.88 1.38
C GLU AA 326 -0.81 -10.02 0.71
N SER AA 327 -1.88 -9.67 1.44
CA SER AA 327 -3.24 -9.76 0.94
C SER AA 327 -3.50 -8.73 -0.17
N THR AA 328 -2.90 -7.54 -0.03
CA THR AA 328 -3.23 -6.41 -0.90
C THR AA 328 -2.31 -6.35 -2.13
N GLY AA 329 -1.34 -7.27 -2.22
CA GLY AA 329 -0.35 -7.30 -3.29
C GLY AA 329 -0.98 -7.38 -4.68
N ARG AA 330 -2.04 -8.20 -4.81
CA ARG AA 330 -2.77 -8.41 -6.05
C ARG AA 330 -3.38 -7.09 -6.55
N TYR AA 331 -3.76 -6.21 -5.61
CA TYR AA 331 -4.47 -4.98 -5.91
C TYR AA 331 -3.50 -3.81 -6.12
N ARG AA 332 -2.31 -3.88 -5.52
CA ARG AA 332 -1.29 -2.85 -5.68
C ARG AA 332 -0.67 -2.93 -7.06
N SER AA 333 -0.58 -4.16 -7.61
CA SER AA 333 0.09 -4.43 -8.87
C SER AA 333 -0.85 -4.24 -10.07
N ASP AA 334 -2.16 -4.36 -9.83
CA ASP AA 334 -3.18 -4.34 -10.87
C ASP AA 334 -3.17 -3.03 -11.67
N PRO AA 335 -3.12 -1.82 -11.05
CA PRO AA 335 -2.98 -0.57 -11.80
C PRO AA 335 -1.89 -0.52 -12.86
N SER AA 336 -0.80 -1.27 -12.63
CA SER AA 336 0.32 -1.31 -13.56
C SER AA 336 0.11 -2.38 -14.64
N ARG AA 337 -0.52 -3.50 -14.27
CA ARG AA 337 -0.86 -4.55 -15.21
C ARG AA 337 -1.90 -4.05 -16.21
N ARG AA 338 -2.76 -3.12 -15.76
CA ARG AA 338 -3.75 -2.45 -16.58
C ARG AA 338 -3.09 -1.57 -17.64
N ARG AA 339 -1.82 -1.21 -17.44
CA ARG AA 339 -1.10 -0.28 -18.30
C ARG AA 339 0.05 -0.99 -19.02
N GLY AA 340 0.02 -2.33 -19.03
CA GLY AA 340 1.10 -3.13 -19.59
C GLY AA 340 2.09 -3.55 -18.51
N ILE AA 341 3.17 -2.76 -18.38
CA ILE AA 341 4.23 -3.01 -17.41
C ILE AA 341 4.54 -1.70 -16.68
MG MG BA . 35.51 5.24 32.21
MG MG CA . 13.45 -24.62 -0.92
MG MG DA . 13.31 -20.35 -2.71
MG MG EA . 54.64 12.12 27.15
MG MG FA . 88.47 2.56 -45.50
MG MG GA . 65.93 13.87 -51.10
MG MG HA . 87.19 -4.48 -61.35
K K IA . 57.74 3.68 21.85
K K JA . 58.92 3.23 -33.54
K K KA . 34.30 8.36 4.35
K K LA . 11.05 -26.77 -21.26
MG MG MA . -9.48 -44.72 -16.17
MG MG NA . -13.51 3.35 -22.28
MG MG OA . -8.73 3.46 -20.80
MG MG PA . 2.72 -55.35 -29.87
MG MG QA . 49.10 -3.86 -77.09
MG MG RA . 54.23 1.45 -52.71
MG MG SA . 53.85 12.36 -78.98
MG MG TA . -56.62 -14.49 -15.25
K K UA . -1.36 20.43 -27.70
K K VA . 0.65 -49.20 -38.06
K K WA . 33.98 -5.42 -49.34
MG MG XA . -22.07 36.75 -18.60
MG MG YA . 16.66 19.04 6.77
MG MG ZA . 16.60 16.39 3.77
MG MG AB . -17.81 44.63 -37.45
MG MG BB . -9.61 47.15 34.76
K K CB . -8.16 48.65 -35.99
MG MG DB . -48.26 -24.62 -15.88
MG MG EB . -42.46 -15.47 -23.18
MG MG FB . -22.15 -1.16 -37.47
ZN ZN GB . -61.35 1.88 -84.65
MG MG HB . -66.90 -15.50 -12.17
MG MG IB . -65.07 -22.78 -22.73
MG MG JB . -66.79 -41.07 -41.69
ZN ZN KB . -63.64 8.27 -120.58
MG MG LB . -49.72 -4.10 -11.07
MG MG MB . -59.80 -0.24 -18.07
MG MG NB . -79.35 15.24 -28.85
MG MG OB . 16.66 -32.12 44.51
MG MG PB . 18.95 -36.31 32.20
MG MG QB . 26.40 -36.51 4.65
ZN ZN RB . 55.94 -89.68 15.79
MG MG SB . 5.30 -48.34 51.36
MG MG TB . 18.25 -48.47 52.52
MG MG UB . 43.22 -50.21 60.37
ZN ZN VB . 79.56 -111.35 1.28
MG MG WB . 8.85 -43.16 42.40
MG MG XB . 1.32 -40.73 32.80
MG MG YB . 3.09 -53.63 35.12
MG MG ZB . -0.40 -79.66 35.14
MG MG AC . -15.82 47.62 24.69
MG MG BC . -2.69 45.59 21.04
MG MG CC . 20.94 37.43 7.82
ZN ZN DC . 75.23 109.63 23.27
MG MG EC . -14.75 51.90 44.19
MG MG FC . -12.65 61.26 35.69
MG MG GC . -13.08 84.32 23.15
ZN ZN HC . 49.64 89.08 27.57
MG MG IC . -4.28 35.55 36.03
MG MG JC . 1.26 44.08 44.33
MG MG KC . 16.50 54.37 65.39
#